data_3W3A
#
_entry.id   3W3A
#
_cell.length_a   382.144
_cell.length_b   382.144
_cell.length_c   148.248
_cell.angle_alpha   90.00
_cell.angle_beta   90.00
_cell.angle_gamma   120.00
#
_symmetry.space_group_name_H-M   'P 3 2 1'
#
loop_
_entity.id
_entity.type
_entity.pdbx_description
1 polymer 'V-type ATP synthase alpha chain'
2 polymer 'V-type ATP synthase beta chain'
3 polymer 'V-type ATP synthase subunit D'
4 polymer 'V-type ATP synthase subunit F'
5 non-polymer "ADENOSINE-5'-DIPHOSPHATE"
#
loop_
_entity_poly.entity_id
_entity_poly.type
_entity_poly.pdbx_seq_one_letter_code
_entity_poly.pdbx_strand_id
1 'polypeptide(L)'
;MIQGVIQKIAGPAVIAKGMLGARMYDICKVGEEGLVGEIIRLDGDTAFVQVYEDTSGLKVGEPVVSTGLPLAVELGPGML
NGIYDGIQRPLERIREKTGIYITRGVVVHALDREKKWAWTPMVKPGDEVRGGMVLGTVPEFGFTHKILVPPDVRGRVKEV
KPAGEYTVEEPVVVLEDGTELKMYHTWPVRRARPVQRKLDPNTPFLTGMRILDVLFPVAMGGTAAIPGPFGSGKTVTQQS
LAKWSNADVVVYVGCGERGNEMTDVLVEFPELTDPKTGGPLMHRTVLIANTSNMPVAAREASIYVGVTIAEYFRDQGFSV
ALMADSTSRWAEALREISSRLEEMPAEEGYPPYLAARLAAFYERAGKVITLGGEEGAVTIVGAVSPPGGDMSEPVTQSTL
RIVGAFWRLDASLAFRRHFPAINWNGSYSLFTSALDPWYRENVAEDYPELRDAISELLQREAGLQEIVQLVGPDALQDAE
RLVIEVGRIIREDFLQQNAYHEVDAYCSMKKAYGIMKMILAFYKEAEAAIKRGVSIDEILQLPVLERIGRARYVSEEEFP
AYFEEAMKEIQGAFKAL
;
A,B,C,I,J,K
2 'polypeptide(L)'
;EYTGITYISGPLLFVENAKDLAYGAIVDIKDGTGRVRGGQVIEVSEEYAVIQVFEETTGLDLATTSVSLVEDVARLGVSK
EMLGRRFNGIGKPIDGLPPITPEKRLPITGLPLNPVARRKPEQFIQTGISTIDVMNTLVRGQKLPIFSGSGLPANEIAAQ
IARQATVRPDLSGEGEKEEPFAVVFAAMGITQRELSYFIQEFERTGALSRSVLFLNKADDPTIERILTPRMALTVAEYLA
FEHDYHVLVILTDMTNYCEALREIGAAREEIPGRRGYPGYMYTDLATIYERAGVVEGKKGSVTQIPILSMPDDDRTHPIP
DLTGYITEGQIQLSRELHRKGIYPPIDPLPSLSRLMNNGVGKGKTREDHKQVSDQLYSAYANGVDIRKLVAIIGEDALTE
NDRRYLQFADAFERFFINQGQQNRSIEESLQIAWALLSMLPQGELKRISKDHIGKYY
;
D,E,F,L,M,N
3 'polypeptide(L)'
;SQVSPTRMNLLQRRGQLRLAQKGVDLLKKKRDALVAEFFGLVREAMEARKALDQAAKEAYAALLLAQAFDGPEVVAGAAL
GVPPLEGVEAEVENVWGSKVPRLKATFPDGALLSPVGTPAYTLEASRAFRRYAEALIRVANTETRLKKIGEEIKKTTRRV
NALEQVVIPGIRAQIRFIQQVLEQREREDTFRLKRIKGKIEAREAEEEGG
;
G,O
4 'polypeptide(L)'
;MAVIADPETAQGFRLAGLEGYGASSAEEAQSLLETLVERGGYALVAVDEALLPDPERAVERLMRGRDLPVLLPIAGLKEA
FQGHDVEGYMRELVRKTIGF
;
H,P
#
loop_
_chem_comp.id
_chem_comp.type
_chem_comp.name
_chem_comp.formula
ADP non-polymer ADENOSINE-5'-DIPHOSPHATE 'C10 H15 N5 O10 P2'
#
# COMPACT_ATOMS: atom_id res chain seq x y z
N MET A 1 24.82 -37.92 -69.78
CA MET A 1 24.03 -36.74 -69.32
C MET A 1 24.42 -35.47 -70.05
N ILE A 2 23.85 -34.35 -69.59
CA ILE A 2 24.14 -33.06 -70.19
C ILE A 2 25.13 -32.31 -69.31
N GLN A 3 25.94 -31.47 -69.94
CA GLN A 3 26.98 -30.70 -69.28
C GLN A 3 26.79 -29.19 -69.40
N GLY A 4 26.47 -28.54 -68.29
CA GLY A 4 26.26 -27.10 -68.28
C GLY A 4 26.30 -26.52 -66.88
N VAL A 5 25.88 -25.27 -66.74
CA VAL A 5 25.91 -24.60 -65.45
C VAL A 5 24.63 -23.82 -65.19
N ILE A 6 24.58 -23.19 -64.02
CA ILE A 6 23.43 -22.39 -63.64
C ILE A 6 23.30 -21.20 -64.58
N GLN A 7 22.13 -21.07 -65.22
CA GLN A 7 21.88 -19.97 -66.15
C GLN A 7 21.26 -18.79 -65.40
N LYS A 8 20.17 -19.03 -64.69
CA LYS A 8 19.49 -17.98 -63.94
C LYS A 8 19.17 -18.37 -62.50
N ILE A 9 19.93 -17.81 -61.57
CA ILE A 9 19.78 -18.09 -60.15
C ILE A 9 18.39 -17.71 -59.60
N ALA A 10 17.86 -18.55 -58.72
CA ALA A 10 16.55 -18.27 -58.15
C ALA A 10 16.49 -18.88 -56.76
N GLY A 11 15.59 -18.39 -55.90
CA GLY A 11 15.45 -18.94 -54.56
C GLY A 11 16.01 -20.34 -54.37
N PRO A 12 15.17 -21.35 -54.15
CA PRO A 12 15.65 -22.73 -53.97
C PRO A 12 15.64 -23.58 -55.25
N ALA A 13 15.09 -23.04 -56.32
CA ALA A 13 15.07 -23.73 -57.61
C ALA A 13 15.63 -22.73 -58.61
N VAL A 14 16.64 -23.15 -59.36
CA VAL A 14 17.25 -22.25 -60.33
C VAL A 14 16.94 -22.67 -61.76
N ILE A 15 17.54 -21.98 -62.73
CA ILE A 15 17.33 -22.26 -64.14
C ILE A 15 18.67 -22.54 -64.81
N ALA A 16 18.83 -23.77 -65.32
CA ALA A 16 20.07 -24.14 -65.99
C ALA A 16 19.96 -23.84 -67.47
N LYS A 17 21.08 -23.92 -68.17
CA LYS A 17 21.07 -23.67 -69.60
C LYS A 17 21.99 -24.63 -70.33
N GLY A 18 21.94 -24.58 -71.66
CA GLY A 18 22.77 -25.45 -72.46
C GLY A 18 22.24 -26.87 -72.37
N MET A 19 20.99 -27.00 -71.92
CA MET A 19 20.37 -28.31 -71.79
C MET A 19 19.75 -28.77 -73.09
N LEU A 20 20.18 -29.93 -73.55
CA LEU A 20 19.74 -30.56 -74.79
C LEU A 20 19.13 -31.95 -74.55
N GLY A 21 17.85 -32.10 -74.88
CA GLY A 21 17.18 -33.39 -74.68
C GLY A 21 17.01 -33.73 -73.21
N ALA A 22 16.94 -32.70 -72.38
CA ALA A 22 16.78 -32.90 -70.94
C ALA A 22 15.38 -33.42 -70.73
N ARG A 23 15.18 -34.68 -71.05
CA ARG A 23 13.87 -35.29 -70.90
C ARG A 23 13.24 -35.11 -69.53
N MET A 24 11.92 -34.93 -69.52
CA MET A 24 11.12 -34.74 -68.29
C MET A 24 11.34 -35.89 -67.30
N TYR A 25 11.55 -35.53 -66.03
CA TYR A 25 11.77 -36.51 -64.97
C TYR A 25 13.10 -37.24 -65.14
N ASP A 26 14.20 -36.53 -64.87
CA ASP A 26 15.54 -37.08 -64.99
C ASP A 26 16.46 -36.54 -63.88
N ILE A 27 17.20 -37.44 -63.26
CA ILE A 27 18.13 -37.05 -62.19
C ILE A 27 19.27 -36.25 -62.81
N CYS A 28 19.84 -35.31 -62.06
CA CYS A 28 20.94 -34.51 -62.57
C CYS A 28 21.84 -34.05 -61.44
N LYS A 29 22.79 -33.18 -61.74
CA LYS A 29 23.71 -32.66 -60.74
C LYS A 29 23.74 -31.14 -60.80
N VAL A 30 23.53 -30.51 -59.65
CA VAL A 30 23.57 -29.06 -59.57
C VAL A 30 24.36 -28.63 -58.34
N GLY A 31 25.01 -27.48 -58.47
CA GLY A 31 25.79 -26.97 -57.36
C GLY A 31 27.06 -27.76 -57.16
N GLU A 32 28.15 -27.05 -56.94
CA GLU A 32 29.45 -27.67 -56.74
C GLU A 32 29.53 -28.52 -55.49
N GLU A 33 28.42 -29.15 -55.12
CA GLU A 33 28.41 -29.99 -53.94
C GLU A 33 27.85 -31.36 -54.25
N GLY A 34 26.57 -31.40 -54.64
CA GLY A 34 25.92 -32.66 -54.97
C GLY A 34 24.43 -32.58 -54.79
N LEU A 35 23.89 -31.36 -54.77
CA LEU A 35 22.46 -31.14 -54.60
C LEU A 35 21.69 -31.69 -55.80
N VAL A 36 22.02 -32.91 -56.19
CA VAL A 36 21.38 -33.59 -57.32
C VAL A 36 20.05 -32.96 -57.71
N GLY A 37 19.89 -32.68 -59.00
CA GLY A 37 18.67 -32.07 -59.50
C GLY A 37 17.85 -32.97 -60.41
N GLU A 38 16.68 -32.49 -60.84
CA GLU A 38 15.79 -33.25 -61.71
C GLU A 38 15.10 -32.38 -62.77
N ILE A 39 15.08 -32.89 -64.01
CA ILE A 39 14.43 -32.18 -65.11
C ILE A 39 12.95 -32.33 -64.86
N ILE A 40 12.33 -31.23 -64.48
CA ILE A 40 10.92 -31.26 -64.16
C ILE A 40 10.14 -30.30 -65.06
N ARG A 41 10.73 -29.93 -66.19
CA ARG A 41 10.11 -29.02 -67.15
C ARG A 41 11.15 -28.66 -68.19
N LEU A 42 10.68 -28.26 -69.37
CA LEU A 42 11.58 -27.92 -70.48
C LEU A 42 11.17 -26.64 -71.21
N ASP A 43 12.16 -25.99 -71.82
CA ASP A 43 11.92 -24.76 -72.58
C ASP A 43 13.00 -24.51 -73.63
N GLY A 44 13.12 -25.42 -74.59
CA GLY A 44 14.12 -25.27 -75.62
C GLY A 44 15.48 -25.81 -75.22
N ASP A 45 16.29 -24.97 -74.59
CA ASP A 45 17.62 -25.39 -74.14
C ASP A 45 17.69 -25.36 -72.63
N THR A 46 16.81 -24.60 -71.99
CA THR A 46 16.79 -24.51 -70.53
C THR A 46 15.69 -25.39 -69.94
N ALA A 47 15.95 -25.96 -68.76
CA ALA A 47 15.00 -26.83 -68.06
C ALA A 47 14.86 -26.43 -66.60
N PHE A 48 13.62 -26.39 -66.10
CA PHE A 48 13.37 -26.01 -64.72
C PHE A 48 14.16 -26.84 -63.71
N VAL A 49 15.17 -26.20 -63.14
CA VAL A 49 16.02 -26.82 -62.15
C VAL A 49 15.23 -27.31 -60.98
N GLN A 50 15.38 -28.58 -60.67
CA GLN A 50 14.70 -29.18 -59.53
C GLN A 50 15.71 -29.38 -58.41
N VAL A 51 15.39 -28.94 -57.21
CA VAL A 51 16.30 -29.10 -56.08
C VAL A 51 15.62 -29.90 -54.97
N TYR A 52 16.17 -31.08 -54.71
CA TYR A 52 15.64 -31.97 -53.68
C TYR A 52 15.80 -31.37 -52.28
N GLU A 53 17.02 -31.34 -51.77
CA GLU A 53 17.29 -30.80 -50.44
C GLU A 53 17.32 -29.28 -50.46
N ASP A 54 17.03 -28.68 -49.33
CA ASP A 54 17.02 -27.22 -49.21
C ASP A 54 18.40 -26.68 -49.60
N THR A 55 18.39 -25.57 -50.32
CA THR A 55 19.63 -24.98 -50.77
C THR A 55 19.94 -23.62 -50.14
N SER A 56 20.98 -23.60 -49.30
CA SER A 56 21.39 -22.36 -48.63
C SER A 56 22.88 -22.10 -48.87
N GLY A 57 23.49 -22.91 -49.75
CA GLY A 57 24.90 -22.77 -50.07
C GLY A 57 25.21 -23.13 -51.52
N LEU A 58 24.92 -22.18 -52.41
CA LEU A 58 25.12 -22.38 -53.83
C LEU A 58 25.20 -20.99 -54.45
N LYS A 59 25.79 -20.89 -55.63
CA LYS A 59 25.92 -19.62 -56.33
C LYS A 59 25.32 -19.64 -57.75
N VAL A 60 25.25 -18.46 -58.35
CA VAL A 60 24.71 -18.28 -59.68
C VAL A 60 25.66 -18.84 -60.73
N GLY A 61 25.50 -20.11 -61.07
CA GLY A 61 26.37 -20.72 -62.06
C GLY A 61 27.08 -21.90 -61.44
N GLU A 62 26.38 -23.03 -61.33
CA GLU A 62 26.97 -24.21 -60.74
C GLU A 62 26.43 -25.49 -61.39
N PRO A 63 27.03 -26.65 -61.08
CA PRO A 63 26.64 -27.95 -61.62
C PRO A 63 25.25 -28.04 -62.23
N VAL A 64 25.18 -28.77 -63.34
CA VAL A 64 23.95 -28.98 -64.08
C VAL A 64 24.18 -30.19 -64.99
N VAL A 65 24.05 -31.40 -64.44
CA VAL A 65 24.26 -32.58 -65.26
C VAL A 65 23.20 -33.66 -65.08
N SER A 66 22.53 -34.00 -66.17
CA SER A 66 21.44 -34.98 -66.15
C SER A 66 21.81 -36.47 -66.06
N THR A 67 21.32 -37.25 -67.02
CA THR A 67 21.51 -38.71 -67.08
C THR A 67 21.16 -39.22 -68.50
N GLY A 68 20.04 -38.73 -69.02
CA GLY A 68 19.57 -39.14 -70.32
C GLY A 68 18.42 -40.12 -70.18
N LEU A 69 18.33 -40.77 -69.02
CA LEU A 69 17.28 -41.74 -68.69
C LEU A 69 16.51 -41.33 -67.44
N PRO A 70 15.37 -41.98 -67.17
CA PRO A 70 14.54 -41.68 -66.00
C PRO A 70 15.15 -42.15 -64.69
N LEU A 71 16.02 -41.31 -64.13
CA LEU A 71 16.67 -41.62 -62.88
C LEU A 71 17.40 -42.95 -62.89
N ALA A 72 17.58 -43.53 -61.70
CA ALA A 72 18.27 -44.80 -61.56
C ALA A 72 18.56 -45.15 -60.09
N VAL A 73 17.71 -45.99 -59.50
CA VAL A 73 17.88 -46.44 -58.13
C VAL A 73 18.66 -47.75 -58.18
N GLU A 74 19.71 -47.86 -57.36
CA GLU A 74 20.54 -49.06 -57.34
C GLU A 74 20.02 -50.12 -56.35
N LEU A 75 19.35 -51.14 -56.88
CA LEU A 75 18.77 -52.23 -56.08
C LEU A 75 19.68 -53.45 -55.98
N GLY A 76 19.83 -53.98 -54.77
CA GLY A 76 20.66 -55.16 -54.58
C GLY A 76 20.91 -55.46 -53.12
N PRO A 77 21.35 -56.67 -52.79
CA PRO A 77 21.62 -57.08 -51.41
C PRO A 77 22.46 -56.07 -50.65
N GLY A 78 22.28 -56.06 -49.32
CA GLY A 78 23.01 -55.12 -48.50
C GLY A 78 22.18 -53.91 -48.14
N MET A 79 20.94 -53.91 -48.58
CA MET A 79 20.04 -52.80 -48.31
C MET A 79 19.30 -53.02 -46.99
N LEU A 80 19.28 -54.28 -46.55
CA LEU A 80 18.57 -54.63 -45.33
C LEU A 80 19.28 -54.23 -44.05
N ASN A 81 18.50 -54.06 -42.98
CA ASN A 81 19.01 -53.66 -41.68
C ASN A 81 19.87 -52.42 -41.83
N GLY A 82 19.25 -51.25 -41.72
CA GLY A 82 19.96 -50.00 -41.86
C GLY A 82 19.00 -48.90 -42.26
N ILE A 83 19.24 -47.68 -41.78
CA ILE A 83 18.40 -46.53 -42.09
C ILE A 83 18.70 -46.03 -43.50
N TYR A 84 17.66 -45.62 -44.21
CA TYR A 84 17.81 -45.12 -45.57
C TYR A 84 16.75 -44.06 -45.90
N ASP A 85 17.21 -42.88 -46.32
CA ASP A 85 16.32 -41.77 -46.63
C ASP A 85 15.40 -42.06 -47.79
N GLY A 86 14.55 -41.09 -48.11
CA GLY A 86 13.63 -41.26 -49.21
C GLY A 86 14.38 -41.26 -50.52
N ILE A 87 15.70 -41.42 -50.45
CA ILE A 87 16.54 -41.45 -51.65
C ILE A 87 17.47 -42.65 -51.64
N GLN A 88 17.12 -43.65 -50.84
CA GLN A 88 17.90 -44.87 -50.75
C GLN A 88 19.28 -44.57 -50.18
N ARG A 89 19.40 -43.46 -49.47
CA ARG A 89 20.68 -43.09 -48.88
C ARG A 89 20.71 -43.48 -47.40
N PRO A 90 21.69 -44.31 -47.01
CA PRO A 90 21.84 -44.77 -45.62
C PRO A 90 22.31 -43.67 -44.69
N LEU A 91 21.41 -43.17 -43.84
CA LEU A 91 21.77 -42.12 -42.90
C LEU A 91 22.76 -42.65 -41.87
N GLU A 92 22.86 -43.97 -41.79
CA GLU A 92 23.81 -44.59 -40.88
C GLU A 92 25.19 -44.06 -41.24
N ARG A 93 25.54 -44.24 -42.51
CA ARG A 93 26.83 -43.80 -43.02
C ARG A 93 27.00 -42.28 -42.79
N ILE A 94 25.89 -41.56 -42.80
CA ILE A 94 25.93 -40.10 -42.61
C ILE A 94 26.36 -39.80 -41.20
N ARG A 95 25.63 -40.39 -40.26
CA ARG A 95 25.91 -40.17 -38.85
C ARG A 95 27.33 -40.62 -38.54
N GLU A 96 27.79 -41.65 -39.24
CA GLU A 96 29.12 -42.19 -39.02
C GLU A 96 30.28 -41.36 -39.61
N LYS A 97 29.97 -40.58 -40.64
CA LYS A 97 30.99 -39.77 -41.32
C LYS A 97 30.86 -38.27 -41.06
N THR A 98 29.73 -37.85 -40.48
CA THR A 98 29.53 -36.44 -40.18
C THR A 98 29.58 -36.23 -38.67
N GLY A 99 28.44 -36.40 -38.01
CA GLY A 99 28.39 -36.22 -36.56
C GLY A 99 27.00 -36.47 -36.01
N ILE A 100 26.57 -35.58 -35.11
CA ILE A 100 25.26 -35.70 -34.50
C ILE A 100 24.14 -35.16 -35.39
N TYR A 101 24.45 -34.16 -36.21
CA TYR A 101 23.46 -33.57 -37.12
C TYR A 101 23.62 -34.21 -38.50
N ILE A 102 22.69 -33.91 -39.40
CA ILE A 102 22.75 -34.48 -40.75
C ILE A 102 23.41 -33.51 -41.73
N THR A 103 24.63 -33.81 -42.12
CA THR A 103 25.36 -32.97 -43.07
C THR A 103 25.01 -33.38 -44.50
N ARG A 104 24.82 -32.39 -45.36
CA ARG A 104 24.48 -32.60 -46.76
C ARG A 104 25.75 -32.88 -47.57
N GLY A 105 25.57 -33.16 -48.86
CA GLY A 105 26.70 -33.41 -49.74
C GLY A 105 27.30 -34.79 -49.60
N VAL A 106 27.02 -35.44 -48.47
CA VAL A 106 27.52 -36.78 -48.21
C VAL A 106 26.58 -37.83 -48.80
N VAL A 107 27.08 -38.56 -49.80
CA VAL A 107 26.31 -39.60 -50.45
C VAL A 107 27.16 -40.82 -50.80
N VAL A 108 26.80 -41.98 -50.25
CA VAL A 108 27.54 -43.21 -50.51
C VAL A 108 26.64 -44.25 -51.19
N HIS A 109 27.24 -45.31 -51.70
CA HIS A 109 26.49 -46.36 -52.37
C HIS A 109 25.40 -46.89 -51.45
N ALA A 110 24.24 -47.20 -52.03
CA ALA A 110 23.13 -47.72 -51.25
C ALA A 110 23.24 -49.24 -51.10
N LEU A 111 24.15 -49.84 -51.86
CA LEU A 111 24.34 -51.28 -51.81
C LEU A 111 25.71 -51.55 -51.18
N ASP A 112 25.92 -52.79 -50.74
CA ASP A 112 27.19 -53.14 -50.10
C ASP A 112 28.27 -53.61 -51.07
N ARG A 113 29.08 -52.66 -51.56
CA ARG A 113 30.16 -52.97 -52.48
C ARG A 113 31.33 -53.58 -51.69
N GLU A 114 31.55 -53.03 -50.50
CA GLU A 114 32.60 -53.46 -49.59
C GLU A 114 32.34 -54.89 -49.10
N LYS A 115 31.25 -55.03 -48.34
CA LYS A 115 30.84 -56.33 -47.78
C LYS A 115 30.75 -57.40 -48.86
N LYS A 116 31.13 -58.62 -48.49
CA LYS A 116 31.09 -59.74 -49.42
C LYS A 116 29.98 -60.72 -49.05
N TRP A 117 28.88 -60.68 -49.81
CA TRP A 117 27.74 -61.56 -49.58
C TRP A 117 27.92 -62.86 -50.36
N ALA A 118 27.88 -63.98 -49.64
CA ALA A 118 28.07 -65.29 -50.25
C ALA A 118 27.09 -65.46 -51.39
N TRP A 119 27.60 -65.25 -52.60
CA TRP A 119 26.80 -65.36 -53.79
C TRP A 119 26.84 -66.78 -54.32
N THR A 120 25.71 -67.22 -54.87
CA THR A 120 25.61 -68.56 -55.42
C THR A 120 24.97 -68.57 -56.81
N PRO A 121 25.80 -68.65 -57.87
CA PRO A 121 25.41 -68.68 -59.28
C PRO A 121 24.99 -70.08 -59.74
N MET A 122 23.79 -70.17 -60.32
CA MET A 122 23.28 -71.45 -60.80
C MET A 122 22.78 -71.28 -62.23
N VAL A 123 23.37 -70.30 -62.93
CA VAL A 123 23.01 -70.00 -64.30
C VAL A 123 23.87 -70.81 -65.28
N LYS A 124 23.24 -71.78 -65.93
CA LYS A 124 23.92 -72.64 -66.90
C LYS A 124 24.52 -71.83 -68.06
N PRO A 125 25.85 -71.68 -68.09
CA PRO A 125 26.57 -70.95 -69.14
C PRO A 125 26.33 -71.53 -70.55
N GLY A 126 25.36 -70.97 -71.27
CA GLY A 126 25.08 -71.46 -72.60
C GLY A 126 23.62 -71.23 -72.94
N ASP A 127 22.96 -70.45 -72.10
CA ASP A 127 21.55 -70.15 -72.28
C ASP A 127 21.33 -68.65 -72.26
N GLU A 128 20.07 -68.23 -72.40
CA GLU A 128 19.70 -66.82 -72.39
C GLU A 128 18.85 -66.46 -71.16
N VAL A 129 19.16 -65.32 -70.54
CA VAL A 129 18.43 -64.85 -69.35
C VAL A 129 17.46 -63.72 -69.71
N ARG A 130 16.51 -63.45 -68.82
CA ARG A 130 15.54 -62.40 -69.06
C ARG A 130 15.32 -61.59 -67.80
N GLY A 131 15.29 -60.28 -67.95
CA GLY A 131 15.07 -59.43 -66.80
C GLY A 131 13.86 -59.84 -66.01
N GLY A 132 14.09 -60.36 -64.81
CA GLY A 132 12.99 -60.79 -63.97
C GLY A 132 13.15 -62.23 -63.53
N MET A 133 14.10 -62.93 -64.13
CA MET A 133 14.32 -64.33 -63.76
C MET A 133 15.34 -64.46 -62.63
N VAL A 134 15.20 -65.52 -61.85
CA VAL A 134 16.08 -65.78 -60.71
C VAL A 134 17.50 -66.05 -61.18
N LEU A 135 18.47 -65.68 -60.33
CA LEU A 135 19.88 -65.88 -60.63
C LEU A 135 20.60 -66.81 -59.66
N GLY A 136 19.92 -67.18 -58.57
CA GLY A 136 20.51 -68.07 -57.60
C GLY A 136 19.89 -67.88 -56.23
N THR A 137 20.51 -68.44 -55.20
CA THR A 137 20.02 -68.32 -53.84
C THR A 137 21.04 -67.63 -52.91
N VAL A 138 20.74 -66.40 -52.52
CA VAL A 138 21.62 -65.62 -51.65
C VAL A 138 21.27 -65.73 -50.18
N PRO A 139 22.27 -65.93 -49.32
CA PRO A 139 22.10 -66.06 -47.87
C PRO A 139 21.79 -64.69 -47.28
N GLU A 140 20.73 -64.64 -46.49
CA GLU A 140 20.32 -63.38 -45.88
C GLU A 140 19.29 -63.66 -44.80
N PHE A 141 19.72 -64.35 -43.76
CA PHE A 141 18.89 -64.73 -42.61
C PHE A 141 17.89 -65.84 -42.89
N GLY A 142 16.85 -65.92 -42.06
CA GLY A 142 15.85 -66.96 -42.22
C GLY A 142 14.98 -66.91 -43.46
N PHE A 143 15.23 -65.93 -44.34
CA PHE A 143 14.43 -65.79 -45.56
C PHE A 143 15.25 -66.00 -46.83
N THR A 144 14.59 -65.96 -47.97
CA THR A 144 15.24 -66.15 -49.27
C THR A 144 15.26 -64.86 -50.13
N HIS A 145 16.45 -64.43 -50.50
CA HIS A 145 16.64 -63.21 -51.31
C HIS A 145 17.38 -63.47 -52.61
N LYS A 146 16.63 -63.74 -53.67
CA LYS A 146 17.26 -64.00 -54.96
C LYS A 146 17.78 -62.71 -55.59
N ILE A 147 18.33 -62.82 -56.79
CA ILE A 147 18.86 -61.66 -57.51
C ILE A 147 18.33 -61.64 -58.94
N LEU A 148 17.34 -60.79 -59.18
CA LEU A 148 16.75 -60.71 -60.51
C LEU A 148 17.67 -60.06 -61.53
N VAL A 149 17.69 -60.66 -62.71
CA VAL A 149 18.47 -60.19 -63.85
C VAL A 149 17.89 -58.84 -64.22
N PRO A 150 18.71 -57.77 -64.30
CA PRO A 150 18.08 -56.51 -64.68
C PRO A 150 17.27 -56.70 -65.97
N PRO A 151 15.99 -56.33 -65.95
CA PRO A 151 15.11 -56.44 -67.11
C PRO A 151 15.70 -55.87 -68.40
N ASP A 152 15.43 -56.55 -69.50
CA ASP A 152 15.92 -56.16 -70.82
C ASP A 152 17.41 -56.44 -71.00
N VAL A 153 18.07 -56.89 -69.93
CA VAL A 153 19.49 -57.22 -70.00
C VAL A 153 19.58 -58.70 -70.36
N ARG A 154 18.62 -59.15 -71.17
CA ARG A 154 18.56 -60.54 -71.59
C ARG A 154 19.63 -60.81 -72.66
N GLY A 155 20.63 -61.62 -72.29
CA GLY A 155 21.70 -61.94 -73.20
C GLY A 155 21.96 -63.44 -73.29
N ARG A 156 23.16 -63.85 -72.89
CA ARG A 156 23.53 -65.26 -72.92
C ARG A 156 24.65 -65.52 -71.92
N VAL A 157 24.37 -66.25 -70.85
CA VAL A 157 25.40 -66.52 -69.85
C VAL A 157 26.58 -67.22 -70.53
N LYS A 158 27.74 -67.19 -69.89
CA LYS A 158 28.91 -67.86 -70.45
C LYS A 158 29.81 -68.46 -69.37
N GLU A 159 29.64 -68.01 -68.13
CA GLU A 159 30.42 -68.53 -67.01
C GLU A 159 29.67 -68.40 -65.69
N VAL A 160 30.21 -69.03 -64.65
CA VAL A 160 29.62 -69.02 -63.32
C VAL A 160 30.69 -69.25 -62.24
N LYS A 161 30.99 -68.20 -61.47
CA LYS A 161 31.99 -68.26 -60.40
C LYS A 161 31.62 -69.29 -59.32
N PRO A 162 32.58 -69.64 -58.44
CA PRO A 162 32.35 -70.60 -57.36
C PRO A 162 31.45 -70.02 -56.27
N ALA A 163 30.84 -70.90 -55.49
CA ALA A 163 29.95 -70.48 -54.40
C ALA A 163 30.76 -70.09 -53.17
N GLY A 164 31.18 -68.83 -53.12
CA GLY A 164 31.95 -68.37 -51.98
C GLY A 164 31.39 -67.10 -51.40
N GLU A 165 32.09 -65.99 -51.64
CA GLU A 165 31.66 -64.70 -51.13
C GLU A 165 31.94 -63.65 -52.18
N TYR A 166 30.89 -63.07 -52.71
CA TYR A 166 31.02 -62.06 -53.74
C TYR A 166 30.16 -60.84 -53.44
N THR A 167 30.80 -59.66 -53.42
CA THR A 167 30.10 -58.42 -53.14
C THR A 167 29.11 -58.10 -54.26
N VAL A 168 28.32 -57.06 -54.06
CA VAL A 168 27.34 -56.65 -55.06
C VAL A 168 28.02 -55.91 -56.20
N GLU A 169 29.35 -55.86 -56.15
CA GLU A 169 30.14 -55.20 -57.20
C GLU A 169 30.99 -56.23 -57.94
N GLU A 170 31.41 -57.27 -57.24
CA GLU A 170 32.22 -58.32 -57.83
C GLU A 170 31.42 -59.11 -58.86
N PRO A 171 32.11 -59.83 -59.76
CA PRO A 171 31.44 -60.64 -60.79
C PRO A 171 30.80 -61.90 -60.22
N VAL A 172 29.48 -61.95 -60.21
CA VAL A 172 28.76 -63.10 -59.68
C VAL A 172 28.18 -63.96 -60.80
N VAL A 173 27.85 -63.33 -61.92
CA VAL A 173 27.33 -64.03 -63.08
C VAL A 173 27.71 -63.24 -64.33
N VAL A 174 28.08 -63.93 -65.40
CA VAL A 174 28.49 -63.26 -66.62
C VAL A 174 27.69 -63.73 -67.83
N LEU A 175 27.61 -62.88 -68.85
CA LEU A 175 26.88 -63.20 -70.06
C LEU A 175 27.73 -62.84 -71.27
N GLU A 176 27.36 -63.37 -72.44
CA GLU A 176 28.08 -63.09 -73.67
C GLU A 176 27.70 -61.73 -74.20
N ASP A 177 28.32 -60.67 -73.68
CA ASP A 177 28.03 -59.32 -74.13
C ASP A 177 28.94 -58.33 -73.43
N GLY A 178 29.78 -58.84 -72.52
CA GLY A 178 30.68 -57.97 -71.80
C GLY A 178 30.00 -57.42 -70.56
N THR A 179 28.86 -58.02 -70.23
CA THR A 179 28.08 -57.61 -69.08
C THR A 179 28.32 -58.56 -67.91
N GLU A 180 27.81 -58.20 -66.74
CA GLU A 180 27.93 -59.01 -65.54
C GLU A 180 26.70 -58.87 -64.66
N LEU A 181 26.03 -59.98 -64.39
CA LEU A 181 24.83 -59.98 -63.55
C LEU A 181 25.15 -60.05 -62.08
N LYS A 182 25.70 -58.97 -61.53
CA LYS A 182 26.07 -58.88 -60.13
C LYS A 182 24.88 -59.13 -59.21
N MET A 183 25.13 -59.09 -57.90
CA MET A 183 24.09 -59.29 -56.91
C MET A 183 23.08 -58.14 -56.98
N TYR A 184 23.44 -57.09 -57.71
CA TYR A 184 22.59 -55.93 -57.86
C TYR A 184 22.24 -55.69 -59.33
N HIS A 185 21.24 -54.87 -59.56
CA HIS A 185 20.83 -54.57 -60.92
C HIS A 185 20.15 -53.20 -60.98
N THR A 186 20.61 -52.37 -61.92
CA THR A 186 20.08 -51.03 -62.11
C THR A 186 18.66 -51.02 -62.66
N TRP A 187 17.78 -50.24 -62.04
CA TRP A 187 16.39 -50.14 -62.44
C TRP A 187 15.80 -48.77 -62.07
N PRO A 188 15.12 -48.09 -63.01
CA PRO A 188 14.54 -46.79 -62.74
C PRO A 188 13.36 -46.91 -61.78
N VAL A 189 13.08 -45.84 -61.03
CA VAL A 189 11.98 -45.87 -60.09
C VAL A 189 10.68 -45.43 -60.73
N ARG A 190 10.74 -44.44 -61.61
CA ARG A 190 9.52 -43.96 -62.27
C ARG A 190 8.89 -45.04 -63.13
N ARG A 191 9.58 -46.16 -63.28
CA ARG A 191 9.07 -47.26 -64.09
C ARG A 191 8.91 -48.54 -63.25
N ALA A 192 7.79 -49.23 -63.44
CA ALA A 192 7.50 -50.45 -62.71
C ALA A 192 8.23 -51.66 -63.27
N ARG A 193 8.04 -52.80 -62.63
CA ARG A 193 8.70 -54.01 -63.08
C ARG A 193 7.82 -54.98 -63.84
N PRO A 194 8.15 -55.20 -65.12
CA PRO A 194 7.40 -56.10 -66.00
C PRO A 194 7.38 -57.48 -65.38
N VAL A 195 6.23 -57.88 -64.85
CA VAL A 195 6.09 -59.17 -64.23
C VAL A 195 5.53 -60.14 -65.25
N GLN A 196 5.39 -61.40 -64.88
CA GLN A 196 4.88 -62.42 -65.79
C GLN A 196 3.42 -62.19 -66.22
N ARG A 197 2.54 -61.90 -65.25
CA ARG A 197 1.12 -61.66 -65.55
C ARG A 197 0.31 -61.17 -64.36
N LYS A 198 -0.89 -60.66 -64.63
CA LYS A 198 -1.78 -60.12 -63.59
C LYS A 198 -2.61 -61.20 -62.87
N LEU A 199 -2.73 -61.10 -61.55
CA LEU A 199 -3.50 -62.09 -60.79
C LEU A 199 -4.58 -61.53 -59.85
N ASP A 200 -5.63 -62.32 -59.71
CA ASP A 200 -6.79 -61.97 -58.88
C ASP A 200 -6.52 -62.13 -57.39
N PRO A 201 -7.05 -61.20 -56.59
CA PRO A 201 -6.88 -61.22 -55.13
C PRO A 201 -8.02 -61.98 -54.44
N ASN A 202 -7.73 -63.19 -53.98
CA ASN A 202 -8.71 -64.01 -53.30
C ASN A 202 -8.23 -64.42 -51.91
N THR A 203 -7.02 -64.02 -51.56
CA THR A 203 -6.42 -64.36 -50.26
C THR A 203 -6.35 -63.16 -49.32
N PRO A 204 -7.06 -63.22 -48.19
CA PRO A 204 -7.10 -62.15 -47.19
C PRO A 204 -5.77 -61.98 -46.47
N PHE A 205 -5.49 -60.75 -46.02
CA PHE A 205 -4.25 -60.45 -45.33
C PHE A 205 -4.49 -60.26 -43.82
N LEU A 206 -3.57 -60.76 -43.01
CA LEU A 206 -3.69 -60.66 -41.56
C LEU A 206 -2.56 -59.86 -40.91
N THR A 207 -2.91 -59.05 -39.91
CA THR A 207 -1.95 -58.21 -39.18
C THR A 207 -2.24 -58.17 -37.68
N GLY A 208 -3.24 -58.92 -37.25
CA GLY A 208 -3.58 -58.92 -35.83
C GLY A 208 -4.81 -58.08 -35.55
N MET A 209 -5.08 -57.15 -36.44
CA MET A 209 -6.23 -56.28 -36.29
C MET A 209 -7.52 -57.04 -36.50
N ARG A 210 -8.32 -57.09 -35.44
CA ARG A 210 -9.58 -57.80 -35.43
C ARG A 210 -10.65 -57.00 -36.15
N ILE A 211 -10.27 -55.87 -36.72
CA ILE A 211 -11.22 -55.02 -37.40
C ILE A 211 -10.99 -55.08 -38.90
N LEU A 212 -9.90 -55.72 -39.29
CA LEU A 212 -9.60 -55.86 -40.69
C LEU A 212 -9.88 -57.27 -41.09
N ASP A 213 -8.90 -58.13 -40.85
CA ASP A 213 -8.99 -59.53 -41.19
C ASP A 213 -10.28 -60.16 -40.68
N VAL A 214 -10.88 -59.58 -39.66
CA VAL A 214 -12.11 -60.15 -39.15
C VAL A 214 -13.29 -59.95 -40.08
N LEU A 215 -13.60 -58.71 -40.40
CA LEU A 215 -14.71 -58.43 -41.29
C LEU A 215 -14.29 -57.45 -42.36
N PHE A 216 -13.41 -56.54 -41.97
CA PHE A 216 -12.94 -55.53 -42.89
C PHE A 216 -11.55 -55.77 -43.43
N PRO A 217 -11.36 -56.89 -44.15
CA PRO A 217 -10.04 -57.17 -44.71
C PRO A 217 -9.97 -56.81 -46.19
N VAL A 218 -8.75 -56.78 -46.73
CA VAL A 218 -8.54 -56.47 -48.14
C VAL A 218 -8.02 -57.65 -48.93
N ALA A 219 -6.83 -57.50 -49.50
CA ALA A 219 -6.24 -58.55 -50.31
C ALA A 219 -4.79 -58.86 -49.94
N MET A 220 -4.29 -60.00 -50.46
CA MET A 220 -2.93 -60.42 -50.21
C MET A 220 -1.98 -59.53 -51.01
N GLY A 221 -2.43 -58.30 -51.25
CA GLY A 221 -1.64 -57.33 -52.00
C GLY A 221 -2.53 -56.37 -52.77
N GLY A 222 -3.74 -56.14 -52.28
CA GLY A 222 -4.67 -55.24 -52.95
C GLY A 222 -4.30 -53.77 -52.82
N THR A 223 -5.26 -52.96 -52.35
CA THR A 223 -5.05 -51.53 -52.15
C THR A 223 -6.02 -51.07 -51.07
N ALA A 224 -5.59 -50.11 -50.25
CA ALA A 224 -6.42 -49.58 -49.17
C ALA A 224 -5.96 -48.20 -48.70
N ALA A 225 -6.67 -47.62 -47.73
CA ALA A 225 -6.32 -46.29 -47.21
C ALA A 225 -7.03 -45.94 -45.92
N ILE A 226 -6.40 -45.11 -45.10
CA ILE A 226 -6.98 -44.68 -43.83
C ILE A 226 -6.46 -43.31 -43.39
N PRO A 227 -7.37 -42.32 -43.26
CA PRO A 227 -7.07 -40.93 -42.85
C PRO A 227 -6.37 -40.85 -41.52
N GLY A 228 -6.65 -39.76 -40.80
CA GLY A 228 -6.04 -39.57 -39.49
C GLY A 228 -5.81 -38.11 -39.11
N PRO A 229 -6.61 -37.57 -38.19
CA PRO A 229 -6.42 -36.16 -37.80
C PRO A 229 -5.05 -35.91 -37.15
N PHE A 230 -4.77 -34.63 -36.88
CA PHE A 230 -3.53 -34.19 -36.24
C PHE A 230 -3.19 -35.03 -35.03
N GLY A 231 -2.46 -36.11 -35.26
CA GLY A 231 -2.09 -36.99 -34.16
C GLY A 231 -3.17 -38.02 -33.92
N SER A 232 -3.23 -39.04 -34.76
CA SER A 232 -4.26 -40.05 -34.60
C SER A 232 -3.67 -41.45 -34.61
N GLY A 233 -2.47 -41.58 -34.09
CA GLY A 233 -1.82 -42.86 -34.04
C GLY A 233 -1.57 -43.49 -35.38
N LYS A 234 -1.92 -42.78 -36.44
CA LYS A 234 -1.70 -43.31 -37.76
C LYS A 234 -0.23 -43.56 -38.04
N THR A 235 0.66 -42.74 -37.49
CA THR A 235 2.10 -42.90 -37.68
C THR A 235 2.61 -44.17 -37.03
N VAL A 236 2.40 -44.26 -35.73
CA VAL A 236 2.84 -45.40 -34.96
C VAL A 236 2.00 -46.62 -35.30
N THR A 237 0.78 -46.40 -35.81
CA THR A 237 -0.09 -47.54 -36.09
C THR A 237 0.45 -48.45 -37.15
N GLN A 238 1.71 -48.22 -37.52
CA GLN A 238 2.42 -48.99 -38.53
C GLN A 238 3.46 -49.90 -37.87
N GLN A 239 3.52 -49.87 -36.55
CA GLN A 239 4.46 -50.69 -35.79
C GLN A 239 4.00 -52.15 -35.87
N SER A 240 2.93 -52.46 -35.14
CA SER A 240 2.35 -53.79 -35.06
C SER A 240 1.68 -54.27 -36.34
N LEU A 241 1.98 -53.60 -37.44
CA LEU A 241 1.41 -53.98 -38.73
C LEU A 241 2.31 -55.02 -39.42
N ALA A 242 3.55 -54.65 -39.70
CA ALA A 242 4.47 -55.56 -40.37
C ALA A 242 5.25 -56.42 -39.38
N LYS A 243 5.41 -55.91 -38.15
CA LYS A 243 6.13 -56.65 -37.12
C LYS A 243 5.36 -57.90 -36.75
N TRP A 244 4.16 -57.69 -36.19
CA TRP A 244 3.32 -58.79 -35.75
C TRP A 244 2.79 -59.63 -36.92
N SER A 245 2.20 -58.98 -37.91
CA SER A 245 1.66 -59.68 -39.06
C SER A 245 2.75 -60.23 -39.96
N ASN A 246 2.37 -61.20 -40.79
CA ASN A 246 3.30 -61.80 -41.72
C ASN A 246 3.44 -60.89 -42.93
N ALA A 247 4.68 -60.71 -43.39
CA ALA A 247 4.95 -59.86 -44.54
C ALA A 247 6.20 -60.36 -45.24
N ASP A 248 6.03 -61.10 -46.34
CA ASP A 248 7.17 -61.63 -47.11
C ASP A 248 8.34 -60.65 -47.02
N VAL A 249 8.03 -59.38 -47.21
CA VAL A 249 9.05 -58.34 -47.15
C VAL A 249 8.44 -57.03 -46.63
N VAL A 250 9.00 -56.50 -45.54
CA VAL A 250 8.52 -55.25 -44.95
C VAL A 250 9.23 -54.05 -45.59
N VAL A 251 8.49 -52.96 -45.80
CA VAL A 251 9.07 -51.75 -46.40
C VAL A 251 8.39 -50.48 -45.88
N TYR A 252 8.96 -49.87 -44.84
CA TYR A 252 8.41 -48.65 -44.24
C TYR A 252 9.00 -47.36 -44.80
N VAL A 253 8.12 -46.49 -45.27
CA VAL A 253 8.54 -45.21 -45.81
C VAL A 253 7.47 -44.18 -45.50
N GLY A 254 7.89 -42.99 -45.09
CA GLY A 254 6.92 -41.96 -44.77
C GLY A 254 7.30 -40.62 -45.35
N CYS A 255 6.32 -39.84 -45.78
CA CYS A 255 6.57 -38.51 -46.37
C CYS A 255 6.63 -37.44 -45.29
N GLY A 256 7.78 -36.78 -45.20
CA GLY A 256 7.97 -35.73 -44.22
C GLY A 256 7.32 -36.02 -42.88
N GLU A 257 7.71 -37.12 -42.27
CA GLU A 257 7.15 -37.46 -40.99
C GLU A 257 7.87 -36.79 -39.86
N ARG A 258 7.17 -35.86 -39.24
CA ARG A 258 7.66 -35.11 -38.11
C ARG A 258 8.69 -35.93 -37.34
N GLY A 259 9.93 -35.43 -37.28
CA GLY A 259 11.00 -36.12 -36.58
C GLY A 259 10.51 -36.87 -35.35
N ASN A 260 9.67 -36.21 -34.57
CA ASN A 260 9.12 -36.81 -33.37
C ASN A 260 8.08 -37.88 -33.72
N GLU A 261 7.35 -37.72 -34.82
CA GLU A 261 6.34 -38.70 -35.24
C GLU A 261 7.03 -39.81 -36.05
N MET A 262 8.29 -39.59 -36.36
CA MET A 262 9.07 -40.56 -37.10
C MET A 262 9.98 -41.36 -36.16
N THR A 263 10.26 -40.82 -34.99
CA THR A 263 11.10 -41.57 -34.07
C THR A 263 10.28 -42.50 -33.19
N ASP A 264 9.13 -42.93 -33.72
CA ASP A 264 8.26 -43.83 -32.97
C ASP A 264 8.52 -45.30 -33.33
N VAL A 265 9.04 -45.53 -34.52
CA VAL A 265 9.33 -46.88 -34.95
C VAL A 265 10.82 -46.99 -35.22
N LEU A 266 11.51 -45.85 -35.17
CA LEU A 266 12.93 -45.84 -35.45
C LEU A 266 13.76 -46.80 -34.62
N VAL A 267 13.51 -46.84 -33.32
CA VAL A 267 14.28 -47.67 -32.43
C VAL A 267 13.43 -48.80 -31.86
N GLU A 268 12.12 -48.65 -31.98
CA GLU A 268 11.25 -49.69 -31.46
C GLU A 268 11.31 -50.91 -32.36
N PHE A 269 11.09 -50.72 -33.67
CA PHE A 269 11.12 -51.83 -34.61
C PHE A 269 12.35 -52.71 -34.44
N PRO A 270 13.47 -52.12 -33.97
CA PRO A 270 14.67 -52.92 -33.78
C PRO A 270 14.52 -54.11 -32.83
N GLU A 271 13.81 -53.95 -31.71
CA GLU A 271 13.69 -55.09 -30.81
C GLU A 271 12.45 -55.90 -31.05
N LEU A 272 12.13 -56.17 -32.31
CA LEU A 272 10.92 -56.92 -32.60
C LEU A 272 11.10 -58.39 -32.88
N THR A 273 10.43 -59.20 -32.07
CA THR A 273 10.43 -60.65 -32.21
C THR A 273 10.03 -61.00 -33.63
N ASP A 274 10.77 -61.91 -34.23
CA ASP A 274 10.45 -62.32 -35.58
C ASP A 274 10.16 -63.81 -35.56
N PRO A 275 8.94 -64.22 -35.95
CA PRO A 275 8.56 -65.64 -35.97
C PRO A 275 9.16 -66.53 -37.09
N LYS A 276 10.05 -65.97 -37.93
CA LYS A 276 10.67 -66.74 -39.02
C LYS A 276 12.19 -66.77 -38.90
N THR A 277 12.78 -65.57 -38.87
CA THR A 277 14.22 -65.43 -38.75
C THR A 277 14.60 -65.47 -37.28
N GLY A 278 13.72 -64.93 -36.41
CA GLY A 278 13.98 -64.94 -34.97
C GLY A 278 14.10 -63.59 -34.29
N GLY A 279 15.28 -62.97 -34.41
CA GLY A 279 15.52 -61.70 -33.77
C GLY A 279 14.67 -60.55 -34.29
N PRO A 280 15.17 -59.32 -34.15
CA PRO A 280 14.50 -58.10 -34.60
C PRO A 280 13.87 -58.26 -35.96
N LEU A 281 12.77 -57.57 -36.19
CA LEU A 281 12.14 -57.64 -37.50
C LEU A 281 13.10 -56.98 -38.46
N MET A 282 14.00 -56.18 -37.91
CA MET A 282 14.99 -55.46 -38.68
C MET A 282 15.78 -56.38 -39.60
N HIS A 283 15.37 -57.65 -39.65
CA HIS A 283 16.02 -58.63 -40.50
C HIS A 283 15.57 -58.49 -41.95
N ARG A 284 14.29 -58.22 -42.16
CA ARG A 284 13.76 -58.05 -43.52
C ARG A 284 13.34 -56.60 -43.76
N THR A 285 13.04 -55.90 -42.68
CA THR A 285 12.62 -54.51 -42.77
C THR A 285 13.67 -53.63 -43.42
N VAL A 286 13.21 -52.64 -44.18
CA VAL A 286 14.10 -51.72 -44.89
C VAL A 286 14.24 -50.35 -44.18
N LEU A 287 13.12 -49.80 -43.71
CA LEU A 287 13.10 -48.51 -43.02
C LEU A 287 13.49 -47.38 -43.98
N ILE A 288 12.48 -46.66 -44.47
CA ILE A 288 12.70 -45.58 -45.43
C ILE A 288 12.05 -44.31 -44.92
N ALA A 289 11.87 -44.23 -43.61
CA ALA A 289 11.25 -43.08 -42.96
C ALA A 289 11.80 -41.72 -43.40
N ASN A 290 10.92 -40.73 -43.52
CA ASN A 290 11.38 -39.41 -43.91
C ASN A 290 10.76 -38.29 -43.08
N THR A 291 11.54 -37.71 -42.18
CA THR A 291 11.03 -36.63 -41.33
C THR A 291 10.56 -35.46 -42.16
N SER A 292 9.56 -34.78 -41.63
CA SER A 292 9.03 -33.64 -42.31
C SER A 292 10.14 -32.64 -42.62
N ASN A 293 10.76 -32.09 -41.58
CA ASN A 293 11.80 -31.08 -41.76
C ASN A 293 12.82 -31.50 -42.79
N MET A 294 12.71 -32.75 -43.22
CA MET A 294 13.60 -33.27 -44.25
C MET A 294 13.40 -32.43 -45.48
N PRO A 295 14.36 -32.47 -46.42
CA PRO A 295 14.20 -31.67 -47.63
C PRO A 295 12.77 -31.83 -48.12
N VAL A 296 12.08 -30.69 -48.26
CA VAL A 296 10.70 -30.70 -48.70
C VAL A 296 10.49 -31.61 -49.92
N ALA A 297 11.49 -31.70 -50.80
CA ALA A 297 11.39 -32.55 -52.00
C ALA A 297 11.77 -34.01 -51.70
N ALA A 298 12.54 -34.21 -50.62
CA ALA A 298 12.93 -35.55 -50.25
C ALA A 298 11.62 -36.21 -49.94
N ARG A 299 10.74 -35.43 -49.31
CA ARG A 299 9.43 -35.92 -48.95
C ARG A 299 8.81 -36.63 -50.16
N GLU A 300 9.24 -36.27 -51.36
CA GLU A 300 8.72 -36.88 -52.58
C GLU A 300 9.50 -38.13 -52.93
N ALA A 301 10.82 -38.04 -52.81
CA ALA A 301 11.63 -39.19 -53.12
C ALA A 301 11.04 -40.40 -52.40
N SER A 302 11.03 -40.30 -51.08
CA SER A 302 10.49 -41.31 -50.14
C SER A 302 9.55 -42.31 -50.82
N ILE A 303 8.48 -41.77 -51.40
CA ILE A 303 7.47 -42.60 -52.04
C ILE A 303 8.00 -43.38 -53.24
N TYR A 304 8.24 -42.66 -54.33
CA TYR A 304 8.72 -43.28 -55.55
C TYR A 304 9.98 -44.10 -55.26
N VAL A 305 10.40 -44.07 -54.01
CA VAL A 305 11.58 -44.80 -53.61
C VAL A 305 11.26 -46.16 -53.00
N GLY A 306 10.14 -46.24 -52.27
CA GLY A 306 9.75 -47.49 -51.64
C GLY A 306 8.85 -48.32 -52.54
N VAL A 307 8.37 -47.70 -53.61
CA VAL A 307 7.50 -48.36 -54.57
C VAL A 307 8.24 -49.44 -55.36
N THR A 308 9.43 -49.10 -55.86
CA THR A 308 10.20 -50.04 -56.66
C THR A 308 10.84 -51.17 -55.80
N ILE A 309 11.32 -50.86 -54.59
CA ILE A 309 11.89 -51.89 -53.73
C ILE A 309 10.83 -52.96 -53.42
N ALA A 310 9.59 -52.51 -53.24
CA ALA A 310 8.49 -53.42 -52.96
C ALA A 310 8.31 -54.36 -54.14
N GLU A 311 8.60 -53.84 -55.33
CA GLU A 311 8.48 -54.60 -56.57
C GLU A 311 9.65 -55.54 -56.76
N TYR A 312 10.85 -55.00 -56.72
CA TYR A 312 12.06 -55.81 -56.89
C TYR A 312 11.94 -57.13 -56.12
N PHE A 313 11.19 -57.13 -55.03
CA PHE A 313 10.99 -58.33 -54.24
C PHE A 313 9.74 -59.10 -54.66
N ARG A 314 8.66 -58.36 -54.86
CA ARG A 314 7.37 -58.92 -55.30
C ARG A 314 7.44 -59.77 -56.56
N ASP A 315 8.10 -59.26 -57.60
CA ASP A 315 8.20 -60.00 -58.85
C ASP A 315 8.59 -61.44 -58.52
N GLN A 316 9.74 -61.58 -57.86
CA GLN A 316 10.25 -62.88 -57.48
C GLN A 316 9.16 -63.71 -56.78
N GLY A 317 7.99 -63.12 -56.62
CA GLY A 317 6.92 -63.82 -55.95
C GLY A 317 6.92 -63.52 -54.46
N PHE A 318 7.24 -62.27 -54.11
CA PHE A 318 7.29 -61.83 -52.72
C PHE A 318 6.19 -60.84 -52.42
N SER A 319 5.20 -61.27 -51.64
CA SER A 319 4.08 -60.44 -51.26
C SER A 319 4.51 -59.23 -50.43
N VAL A 320 5.38 -58.39 -51.01
CA VAL A 320 5.87 -57.20 -50.32
C VAL A 320 4.75 -56.41 -49.67
N ALA A 321 4.96 -56.03 -48.41
CA ALA A 321 3.97 -55.25 -47.68
C ALA A 321 4.58 -53.90 -47.34
N LEU A 322 4.18 -52.88 -48.08
CA LEU A 322 4.69 -51.54 -47.87
C LEU A 322 3.64 -50.66 -47.20
N MET A 323 4.06 -49.78 -46.29
CA MET A 323 3.14 -48.87 -45.63
C MET A 323 3.76 -47.49 -45.51
N ALA A 324 3.03 -46.50 -46.02
CA ALA A 324 3.48 -45.12 -46.02
C ALA A 324 3.06 -44.36 -44.77
N ASP A 325 4.04 -43.82 -44.05
CA ASP A 325 3.73 -43.05 -42.85
C ASP A 325 3.17 -41.70 -43.30
N SER A 326 1.86 -41.53 -43.11
CA SER A 326 1.13 -40.33 -43.51
C SER A 326 1.41 -39.92 -44.94
N THR A 327 0.68 -40.51 -45.88
CA THR A 327 0.84 -40.23 -47.29
C THR A 327 0.48 -38.79 -47.64
N SER A 328 -0.20 -38.13 -46.72
CA SER A 328 -0.62 -36.75 -46.95
C SER A 328 0.50 -35.73 -47.08
N ARG A 329 1.61 -35.95 -46.37
CA ARG A 329 2.70 -35.00 -46.42
C ARG A 329 3.30 -34.92 -47.82
N TRP A 330 3.22 -36.02 -48.55
CA TRP A 330 3.71 -36.03 -49.90
C TRP A 330 2.98 -34.92 -50.63
N ALA A 331 1.68 -34.86 -50.40
CA ALA A 331 0.85 -33.85 -51.04
C ALA A 331 1.30 -32.42 -50.76
N GLU A 332 1.52 -32.10 -49.48
CA GLU A 332 1.93 -30.73 -49.15
C GLU A 332 3.19 -30.36 -49.92
N ALA A 333 3.99 -31.37 -50.26
CA ALA A 333 5.21 -31.15 -51.00
C ALA A 333 4.89 -31.06 -52.49
N LEU A 334 4.10 -32.02 -52.96
CA LEU A 334 3.71 -32.09 -54.35
C LEU A 334 3.01 -30.80 -54.83
N ARG A 335 2.10 -30.27 -54.03
CA ARG A 335 1.39 -29.06 -54.43
C ARG A 335 2.27 -27.86 -54.16
N GLU A 336 3.30 -28.07 -53.36
CA GLU A 336 4.22 -27.01 -53.04
C GLU A 336 4.98 -26.68 -54.31
N ILE A 337 4.96 -27.63 -55.24
CA ILE A 337 5.65 -27.46 -56.51
C ILE A 337 5.14 -26.19 -57.14
N SER A 338 3.82 -26.04 -57.13
CA SER A 338 3.18 -24.89 -57.71
C SER A 338 3.80 -23.56 -57.25
N SER A 339 3.87 -23.36 -55.94
CA SER A 339 4.44 -22.11 -55.39
C SER A 339 5.79 -21.73 -55.96
N ARG A 340 6.66 -22.72 -56.02
CA ARG A 340 7.98 -22.50 -56.52
C ARG A 340 8.00 -22.52 -58.04
N LEU A 341 6.98 -23.11 -58.65
CA LEU A 341 6.94 -23.19 -60.12
C LEU A 341 5.90 -22.25 -60.77
N GLU A 342 5.13 -21.55 -59.95
CA GLU A 342 4.11 -20.62 -60.44
C GLU A 342 3.29 -21.27 -61.56
N GLU A 343 3.04 -22.56 -61.42
CA GLU A 343 2.26 -23.32 -62.39
C GLU A 343 0.78 -22.99 -62.22
N MET A 344 0.05 -23.01 -63.33
CA MET A 344 -1.38 -22.69 -63.30
C MET A 344 -2.10 -23.65 -62.35
N PRO A 345 -2.45 -23.17 -61.16
CA PRO A 345 -3.15 -23.94 -60.13
C PRO A 345 -4.21 -24.82 -60.71
N ALA A 346 -4.20 -26.09 -60.31
CA ALA A 346 -5.19 -27.05 -60.78
C ALA A 346 -6.43 -26.89 -59.92
N GLU A 347 -7.38 -27.80 -60.06
CA GLU A 347 -8.62 -27.71 -59.29
C GLU A 347 -8.44 -28.14 -57.83
N GLU A 348 -9.37 -27.71 -56.97
CA GLU A 348 -9.33 -28.01 -55.55
C GLU A 348 -8.06 -27.45 -54.88
N GLY A 349 -7.51 -26.40 -55.49
CA GLY A 349 -6.32 -25.74 -54.96
C GLY A 349 -5.09 -26.60 -55.00
N TYR A 350 -5.25 -27.82 -55.49
CA TYR A 350 -4.13 -28.75 -55.56
C TYR A 350 -3.65 -28.95 -56.99
N PRO A 351 -2.54 -29.70 -57.16
CA PRO A 351 -1.98 -29.97 -58.49
C PRO A 351 -2.88 -30.85 -59.33
N PRO A 352 -2.75 -30.75 -60.65
CA PRO A 352 -3.54 -31.51 -61.64
C PRO A 352 -3.24 -33.01 -61.72
N TYR A 353 -2.00 -33.35 -61.45
CA TYR A 353 -1.56 -34.72 -61.50
C TYR A 353 -2.32 -35.56 -60.46
N LEU A 354 -3.63 -35.37 -60.36
CA LEU A 354 -4.40 -36.11 -59.39
C LEU A 354 -4.37 -37.57 -59.72
N ALA A 355 -5.17 -37.94 -60.70
CA ALA A 355 -5.22 -39.32 -61.10
C ALA A 355 -3.85 -39.74 -61.63
N ALA A 356 -3.29 -38.97 -62.56
CA ALA A 356 -2.01 -39.32 -63.15
C ALA A 356 -1.05 -39.90 -62.12
N ARG A 357 -0.90 -39.23 -60.98
CA ARG A 357 0.03 -39.67 -59.94
C ARG A 357 -0.60 -40.24 -58.71
N LEU A 358 -1.91 -40.48 -58.75
CA LEU A 358 -2.60 -41.04 -57.61
C LEU A 358 -2.89 -42.49 -57.90
N ALA A 359 -3.72 -42.70 -58.89
CA ALA A 359 -4.09 -44.06 -59.24
C ALA A 359 -2.90 -44.84 -59.78
N ALA A 360 -2.09 -44.17 -60.59
CA ALA A 360 -0.91 -44.81 -61.16
C ALA A 360 0.01 -45.27 -60.06
N PHE A 361 0.26 -44.37 -59.11
CA PHE A 361 1.13 -44.66 -57.98
C PHE A 361 0.46 -45.55 -56.93
N TYR A 362 -0.87 -45.43 -56.79
CA TYR A 362 -1.64 -46.21 -55.82
C TYR A 362 -2.06 -47.57 -56.39
N GLU A 363 -1.53 -47.88 -57.55
CA GLU A 363 -1.83 -49.15 -58.18
C GLU A 363 -0.61 -49.68 -58.90
N ARG A 364 0.51 -49.00 -58.71
CA ARG A 364 1.76 -49.40 -59.35
C ARG A 364 1.94 -50.89 -59.19
N ALA A 365 2.02 -51.35 -57.94
CA ALA A 365 2.21 -52.77 -57.65
C ALA A 365 1.11 -53.32 -56.74
N GLY A 366 0.56 -54.46 -57.13
CA GLY A 366 -0.49 -55.05 -56.32
C GLY A 366 -0.81 -56.47 -56.73
N LYS A 367 -0.41 -57.41 -55.89
CA LYS A 367 -0.66 -58.81 -56.15
C LYS A 367 -0.43 -59.21 -57.60
N VAL A 368 0.83 -59.40 -57.94
CA VAL A 368 1.20 -59.81 -59.29
C VAL A 368 2.29 -60.88 -59.36
N ILE A 369 1.98 -62.00 -60.02
CA ILE A 369 2.94 -63.08 -60.18
C ILE A 369 3.93 -62.64 -61.22
N THR A 370 5.17 -63.08 -61.08
CA THR A 370 6.17 -62.71 -62.05
C THR A 370 7.14 -63.85 -62.30
N LEU A 371 8.10 -63.62 -63.18
CA LEU A 371 9.10 -64.62 -63.56
C LEU A 371 9.75 -65.35 -62.40
N GLY A 372 9.72 -64.71 -61.23
CA GLY A 372 10.32 -65.29 -60.04
C GLY A 372 9.99 -66.76 -59.78
N GLY A 373 8.71 -67.10 -59.90
CA GLY A 373 8.28 -68.45 -59.65
C GLY A 373 7.09 -68.40 -58.74
N GLU A 374 7.23 -67.65 -57.64
CA GLU A 374 6.16 -67.47 -56.67
C GLU A 374 5.27 -66.33 -57.13
N GLU A 375 4.25 -66.03 -56.34
CA GLU A 375 3.30 -64.96 -56.65
C GLU A 375 3.55 -63.74 -55.75
N GLY A 376 4.14 -62.68 -56.32
CA GLY A 376 4.43 -61.49 -55.54
C GLY A 376 3.33 -60.46 -55.59
N ALA A 377 2.78 -60.12 -54.42
CA ALA A 377 1.71 -59.15 -54.35
C ALA A 377 2.14 -57.88 -53.65
N VAL A 378 1.30 -56.85 -53.67
CA VAL A 378 1.66 -55.60 -53.01
C VAL A 378 0.50 -54.97 -52.28
N THR A 379 0.64 -54.90 -50.95
CA THR A 379 -0.36 -54.33 -50.04
C THR A 379 0.20 -53.05 -49.38
N ILE A 380 -0.34 -51.89 -49.75
CA ILE A 380 0.12 -50.62 -49.17
C ILE A 380 -1.05 -49.70 -48.82
N VAL A 381 -0.93 -48.98 -47.71
CA VAL A 381 -2.02 -48.09 -47.27
C VAL A 381 -1.54 -46.75 -46.77
N GLY A 382 -1.70 -45.73 -47.61
CA GLY A 382 -1.29 -44.40 -47.24
C GLY A 382 -2.31 -43.75 -46.33
N ALA A 383 -1.87 -43.32 -45.15
CA ALA A 383 -2.78 -42.69 -44.22
C ALA A 383 -2.84 -41.17 -44.39
N VAL A 384 -3.88 -40.74 -45.08
CA VAL A 384 -4.08 -39.34 -45.33
C VAL A 384 -4.17 -38.59 -44.03
N SER A 385 -3.59 -37.41 -44.03
CA SER A 385 -3.55 -36.54 -42.89
C SER A 385 -4.29 -35.25 -43.21
N PRO A 386 -5.63 -35.23 -43.11
CA PRO A 386 -6.36 -33.99 -43.40
C PRO A 386 -6.13 -32.87 -42.35
N PRO A 387 -5.40 -31.79 -42.71
CA PRO A 387 -5.11 -30.67 -41.79
C PRO A 387 -6.23 -30.42 -40.78
N GLY A 388 -7.39 -29.98 -41.25
CA GLY A 388 -8.48 -29.76 -40.32
C GLY A 388 -9.07 -31.11 -39.96
N GLY A 389 -8.69 -32.13 -40.70
CA GLY A 389 -9.21 -33.46 -40.45
C GLY A 389 -10.40 -33.68 -41.35
N ASP A 390 -10.74 -32.62 -42.10
CA ASP A 390 -11.88 -32.64 -43.00
C ASP A 390 -11.77 -33.84 -43.89
N MET A 391 -12.83 -34.65 -43.89
CA MET A 391 -12.90 -35.87 -44.70
C MET A 391 -13.15 -35.59 -46.17
N SER A 392 -13.35 -34.34 -46.51
CA SER A 392 -13.60 -33.99 -47.89
C SER A 392 -12.43 -33.23 -48.45
N GLU A 393 -11.25 -33.45 -47.87
CA GLU A 393 -10.09 -32.74 -48.37
C GLU A 393 -9.61 -33.38 -49.64
N PRO A 394 -8.90 -32.61 -50.46
CA PRO A 394 -8.39 -33.15 -51.71
C PRO A 394 -7.86 -34.58 -51.56
N VAL A 395 -7.02 -34.78 -50.55
CA VAL A 395 -6.41 -36.08 -50.30
C VAL A 395 -7.38 -37.18 -49.94
N THR A 396 -8.52 -36.80 -49.40
CA THR A 396 -9.51 -37.78 -49.00
C THR A 396 -10.17 -38.43 -50.19
N GLN A 397 -10.75 -37.58 -51.03
CA GLN A 397 -11.43 -38.06 -52.21
C GLN A 397 -10.40 -38.55 -53.18
N SER A 398 -9.33 -37.79 -53.32
CA SER A 398 -8.27 -38.14 -54.24
C SER A 398 -7.81 -39.61 -54.12
N THR A 399 -8.14 -40.24 -53.00
CA THR A 399 -7.72 -41.61 -52.82
C THR A 399 -8.90 -42.53 -52.97
N LEU A 400 -10.07 -41.92 -53.07
CA LEU A 400 -11.32 -42.65 -53.24
C LEU A 400 -11.58 -43.22 -54.61
N ARG A 401 -12.33 -44.32 -54.63
CA ARG A 401 -12.66 -45.00 -55.87
C ARG A 401 -11.42 -45.74 -56.32
N ILE A 402 -10.27 -45.32 -55.80
CA ILE A 402 -8.99 -45.93 -56.14
C ILE A 402 -8.69 -47.13 -55.25
N VAL A 403 -8.87 -46.96 -53.94
CA VAL A 403 -8.59 -48.00 -52.98
C VAL A 403 -9.81 -48.40 -52.14
N GLY A 404 -10.20 -49.67 -52.21
CA GLY A 404 -11.33 -50.16 -51.46
C GLY A 404 -11.11 -50.32 -49.96
N ALA A 405 -12.16 -50.74 -49.26
CA ALA A 405 -12.09 -50.92 -47.83
C ALA A 405 -11.53 -49.64 -47.21
N PHE A 406 -12.27 -48.55 -47.34
CA PHE A 406 -11.86 -47.27 -46.80
C PHE A 406 -12.19 -47.24 -45.30
N TRP A 407 -11.47 -46.43 -44.52
CA TRP A 407 -11.73 -46.33 -43.09
C TRP A 407 -11.58 -44.92 -42.62
N ARG A 408 -12.19 -44.60 -41.49
CA ARG A 408 -12.16 -43.25 -40.94
C ARG A 408 -11.57 -43.21 -39.53
N LEU A 409 -10.97 -42.08 -39.18
CA LEU A 409 -10.38 -41.88 -37.87
C LEU A 409 -11.03 -40.71 -37.13
N ASP A 410 -11.80 -41.03 -36.10
CA ASP A 410 -12.50 -40.01 -35.30
C ASP A 410 -11.46 -39.39 -34.33
N ALA A 411 -11.86 -38.36 -33.57
CA ALA A 411 -10.93 -37.68 -32.66
C ALA A 411 -10.96 -38.14 -31.20
N SER A 412 -12.16 -38.45 -30.72
CA SER A 412 -12.34 -38.90 -29.36
C SER A 412 -12.25 -40.41 -29.30
N LEU A 413 -12.16 -41.01 -30.47
CA LEU A 413 -12.07 -42.47 -30.58
C LEU A 413 -10.85 -43.05 -29.82
N ALA A 414 -9.64 -42.72 -30.25
CA ALA A 414 -8.40 -43.21 -29.63
C ALA A 414 -8.09 -42.44 -28.34
N PHE A 415 -8.56 -41.20 -28.27
CA PHE A 415 -8.36 -40.38 -27.09
C PHE A 415 -9.13 -41.04 -25.96
N ARG A 416 -10.31 -41.59 -26.29
CA ARG A 416 -11.14 -42.26 -25.30
C ARG A 416 -10.55 -43.65 -25.06
N ARG A 417 -11.34 -44.70 -25.26
CA ARG A 417 -10.84 -46.04 -25.06
C ARG A 417 -10.90 -46.93 -26.30
N HIS A 418 -11.26 -46.33 -27.44
CA HIS A 418 -11.40 -47.10 -28.68
C HIS A 418 -10.16 -47.26 -29.52
N PHE A 419 -9.74 -48.50 -29.69
CA PHE A 419 -8.58 -48.79 -30.50
C PHE A 419 -8.77 -50.12 -31.20
N PRO A 420 -8.60 -50.11 -32.51
CA PRO A 420 -8.27 -48.89 -33.25
C PRO A 420 -9.37 -47.83 -33.20
N ALA A 421 -9.00 -46.58 -33.40
CA ALA A 421 -9.94 -45.47 -33.38
C ALA A 421 -10.42 -45.11 -34.79
N ILE A 422 -11.37 -45.88 -35.30
CA ILE A 422 -11.91 -45.65 -36.64
C ILE A 422 -13.40 -45.50 -36.65
N ASN A 423 -13.94 -45.08 -37.79
CA ASN A 423 -15.37 -44.93 -37.83
C ASN A 423 -16.05 -46.27 -37.99
N TRP A 424 -17.06 -46.47 -37.16
CA TRP A 424 -17.83 -47.71 -37.17
C TRP A 424 -18.43 -47.98 -38.55
N ASN A 425 -19.44 -47.21 -38.88
CA ASN A 425 -20.13 -47.34 -40.16
C ASN A 425 -19.29 -46.77 -41.29
N GLY A 426 -18.84 -45.52 -41.12
CA GLY A 426 -18.05 -44.84 -42.12
C GLY A 426 -16.98 -45.70 -42.74
N SER A 427 -16.69 -46.81 -42.07
CA SER A 427 -15.71 -47.77 -42.53
C SER A 427 -16.39 -49.05 -42.97
N TYR A 428 -16.47 -49.26 -44.29
CA TYR A 428 -17.06 -50.46 -44.86
C TYR A 428 -16.01 -51.18 -45.69
N SER A 429 -16.32 -52.39 -46.15
CA SER A 429 -15.36 -53.12 -46.96
C SER A 429 -16.05 -53.96 -48.03
N LEU A 430 -15.45 -54.02 -49.21
CA LEU A 430 -16.01 -54.77 -50.33
C LEU A 430 -15.15 -55.97 -50.72
N PHE A 431 -13.92 -56.01 -50.24
CA PHE A 431 -13.03 -57.12 -50.55
C PHE A 431 -13.42 -58.35 -49.73
N THR A 432 -13.97 -58.13 -48.55
CA THR A 432 -14.41 -59.21 -47.67
C THR A 432 -15.37 -60.18 -48.34
N SER A 433 -15.99 -59.75 -49.43
CA SER A 433 -16.93 -60.59 -50.16
C SER A 433 -16.19 -61.77 -50.77
N ALA A 434 -15.17 -61.48 -51.57
CA ALA A 434 -14.38 -62.51 -52.22
C ALA A 434 -13.25 -62.99 -51.31
N LEU A 435 -13.26 -62.49 -50.08
CA LEU A 435 -12.24 -62.87 -49.10
C LEU A 435 -12.71 -64.05 -48.28
N ASP A 436 -13.90 -64.53 -48.61
CA ASP A 436 -14.46 -65.65 -47.88
C ASP A 436 -13.77 -66.99 -48.19
N PRO A 437 -13.41 -67.27 -49.46
CA PRO A 437 -12.75 -68.54 -49.78
C PRO A 437 -11.73 -68.96 -48.72
N TRP A 438 -10.66 -68.19 -48.60
CA TRP A 438 -9.60 -68.48 -47.64
C TRP A 438 -10.16 -68.64 -46.23
N TYR A 439 -11.08 -67.74 -45.87
CA TYR A 439 -11.69 -67.79 -44.54
C TYR A 439 -12.50 -69.05 -44.32
N ARG A 440 -13.39 -69.35 -45.27
CA ARG A 440 -14.24 -70.53 -45.17
C ARG A 440 -13.44 -71.75 -44.74
N GLU A 441 -12.36 -72.05 -45.46
CA GLU A 441 -11.55 -73.21 -45.10
C GLU A 441 -10.76 -72.98 -43.82
N ASN A 442 -9.89 -71.97 -43.81
CA ASN A 442 -9.08 -71.69 -42.64
C ASN A 442 -9.93 -71.54 -41.40
N VAL A 443 -10.87 -70.62 -41.45
CA VAL A 443 -11.72 -70.42 -40.30
C VAL A 443 -12.71 -71.56 -40.22
N ALA A 444 -13.76 -71.52 -41.03
CA ALA A 444 -14.77 -72.57 -41.02
C ALA A 444 -15.64 -72.41 -42.25
N GLU A 445 -16.36 -73.46 -42.63
CA GLU A 445 -17.22 -73.41 -43.80
C GLU A 445 -18.43 -72.50 -43.58
N ASP A 446 -18.68 -72.13 -42.32
CA ASP A 446 -19.81 -71.26 -42.01
C ASP A 446 -19.35 -70.00 -41.28
N TYR A 447 -18.04 -69.75 -41.32
CA TYR A 447 -17.47 -68.58 -40.66
C TYR A 447 -18.02 -67.26 -41.23
N PRO A 448 -18.08 -67.14 -42.57
CA PRO A 448 -18.59 -65.89 -43.12
C PRO A 448 -20.04 -65.68 -42.71
N GLU A 449 -20.63 -66.72 -42.09
CA GLU A 449 -22.00 -66.69 -41.63
C GLU A 449 -22.06 -66.12 -40.22
N LEU A 450 -21.17 -66.58 -39.36
CA LEU A 450 -21.13 -66.09 -38.00
C LEU A 450 -20.56 -64.67 -37.97
N ARG A 451 -19.89 -64.28 -39.04
CA ARG A 451 -19.32 -62.93 -39.09
C ARG A 451 -20.23 -61.91 -39.77
N ASP A 452 -21.04 -62.40 -40.72
CA ASP A 452 -21.98 -61.51 -41.44
C ASP A 452 -23.25 -61.27 -40.60
N ALA A 453 -23.69 -62.25 -39.82
CA ALA A 453 -24.88 -62.10 -38.99
C ALA A 453 -24.62 -61.14 -37.83
N ILE A 454 -23.35 -61.01 -37.45
CA ILE A 454 -22.95 -60.13 -36.36
C ILE A 454 -22.89 -58.71 -36.88
N SER A 455 -22.21 -58.51 -38.01
CA SER A 455 -22.09 -57.18 -38.60
C SER A 455 -23.52 -56.70 -38.82
N GLU A 456 -24.42 -57.68 -38.87
CA GLU A 456 -25.85 -57.44 -39.05
C GLU A 456 -26.28 -56.51 -37.93
N LEU A 457 -25.82 -56.80 -36.72
CA LEU A 457 -26.17 -55.99 -35.54
C LEU A 457 -25.34 -54.71 -35.45
N LEU A 458 -24.03 -54.84 -35.60
CA LEU A 458 -23.11 -53.72 -35.49
C LEU A 458 -23.52 -52.54 -36.33
N GLN A 459 -24.16 -52.86 -37.46
CA GLN A 459 -24.65 -51.84 -38.38
C GLN A 459 -26.18 -51.68 -38.29
N ARG A 460 -26.89 -52.69 -37.79
CA ARG A 460 -28.35 -52.56 -37.67
C ARG A 460 -28.73 -51.95 -36.33
N GLU A 461 -27.87 -52.21 -35.35
CA GLU A 461 -28.04 -51.69 -34.00
C GLU A 461 -28.31 -50.20 -34.09
N ALA A 462 -27.77 -49.56 -35.13
CA ALA A 462 -27.94 -48.14 -35.32
C ALA A 462 -29.43 -47.83 -35.35
N GLY A 463 -30.22 -48.82 -35.78
CA GLY A 463 -31.65 -48.65 -35.85
C GLY A 463 -32.17 -47.99 -34.59
N LEU A 464 -31.58 -48.36 -33.47
CA LEU A 464 -31.97 -47.83 -32.18
C LEU A 464 -31.06 -46.64 -31.81
N GLN A 465 -29.77 -46.80 -32.11
CA GLN A 465 -28.77 -45.77 -31.86
C GLN A 465 -29.40 -44.45 -32.19
N GLU A 466 -29.98 -44.41 -33.39
CA GLU A 466 -30.55 -43.15 -33.78
C GLU A 466 -31.62 -42.70 -32.82
N ILE A 467 -32.60 -43.55 -32.53
CA ILE A 467 -33.67 -43.16 -31.62
C ILE A 467 -33.10 -42.80 -30.27
N VAL A 468 -31.94 -43.38 -29.99
CA VAL A 468 -31.30 -43.11 -28.72
C VAL A 468 -31.02 -41.63 -28.65
N GLN A 469 -30.38 -41.12 -29.70
CA GLN A 469 -30.04 -39.70 -29.77
C GLN A 469 -31.30 -38.89 -30.00
N LEU A 470 -32.44 -39.57 -29.95
CA LEU A 470 -33.72 -38.92 -30.15
C LEU A 470 -34.53 -38.96 -28.86
N VAL A 471 -34.07 -39.73 -27.90
CA VAL A 471 -34.78 -39.83 -26.64
C VAL A 471 -33.95 -40.46 -25.52
N GLY A 472 -33.38 -41.61 -25.79
CA GLY A 472 -32.57 -42.28 -24.78
C GLY A 472 -33.22 -43.54 -24.25
N PRO A 473 -32.73 -44.10 -23.14
CA PRO A 473 -33.29 -45.33 -22.55
C PRO A 473 -34.66 -45.14 -21.93
N ASP A 474 -35.18 -43.92 -22.01
CA ASP A 474 -36.48 -43.65 -21.45
C ASP A 474 -37.52 -44.63 -21.97
N ALA A 475 -37.89 -44.44 -23.23
CA ALA A 475 -38.91 -45.28 -23.86
C ALA A 475 -38.36 -46.59 -24.37
N LEU A 476 -37.48 -47.19 -23.60
CA LEU A 476 -36.93 -48.45 -24.02
C LEU A 476 -37.92 -49.55 -23.70
N GLN A 477 -37.99 -50.50 -24.61
CA GLN A 477 -38.85 -51.68 -24.51
C GLN A 477 -37.85 -52.81 -24.25
N ASP A 478 -38.24 -54.04 -24.57
CA ASP A 478 -37.38 -55.20 -24.35
C ASP A 478 -36.28 -55.50 -25.36
N ALA A 479 -36.51 -55.26 -26.65
CA ALA A 479 -35.45 -55.49 -27.61
C ALA A 479 -34.46 -54.33 -27.47
N GLU A 480 -34.91 -53.28 -26.81
CA GLU A 480 -34.09 -52.09 -26.71
C GLU A 480 -32.68 -52.25 -26.23
N ARG A 481 -32.40 -52.17 -24.93
CA ARG A 481 -31.02 -52.36 -24.46
C ARG A 481 -30.44 -53.71 -24.94
N LEU A 482 -31.27 -54.49 -25.61
CA LEU A 482 -30.82 -55.77 -26.12
C LEU A 482 -29.61 -55.46 -26.95
N VAL A 483 -29.88 -54.75 -28.04
CA VAL A 483 -28.86 -54.38 -28.99
C VAL A 483 -27.90 -53.34 -28.46
N ILE A 484 -28.43 -52.17 -28.08
CA ILE A 484 -27.62 -51.07 -27.56
C ILE A 484 -26.37 -51.49 -26.81
N GLU A 485 -26.60 -52.14 -25.68
CA GLU A 485 -25.51 -52.59 -24.85
C GLU A 485 -24.73 -53.64 -25.63
N VAL A 486 -25.43 -54.61 -26.20
CA VAL A 486 -24.74 -55.63 -26.96
C VAL A 486 -23.63 -54.96 -27.74
N GLY A 487 -24.04 -54.20 -28.74
CA GLY A 487 -23.07 -53.51 -29.57
C GLY A 487 -22.11 -52.76 -28.68
N ARG A 488 -22.62 -52.25 -27.58
CA ARG A 488 -21.81 -51.47 -26.65
C ARG A 488 -20.59 -52.24 -26.17
N ILE A 489 -20.81 -53.33 -25.47
CA ILE A 489 -19.69 -54.10 -24.99
C ILE A 489 -18.86 -54.44 -26.21
N ILE A 490 -19.55 -54.86 -27.27
CA ILE A 490 -18.91 -55.26 -28.51
C ILE A 490 -17.80 -54.32 -28.96
N ARG A 491 -17.83 -53.08 -28.49
CA ARG A 491 -16.80 -52.12 -28.88
C ARG A 491 -15.80 -51.84 -27.76
N GLU A 492 -16.20 -52.10 -26.53
CA GLU A 492 -15.34 -51.86 -25.38
C GLU A 492 -14.30 -52.97 -25.18
N ASP A 493 -14.71 -54.21 -25.44
CA ASP A 493 -13.84 -55.37 -25.28
C ASP A 493 -13.75 -56.21 -26.56
N PHE A 494 -14.81 -56.16 -27.36
CA PHE A 494 -14.88 -56.93 -28.60
C PHE A 494 -14.15 -56.23 -29.73
N LEU A 495 -14.38 -54.95 -29.90
CA LEU A 495 -13.75 -54.20 -30.98
C LEU A 495 -12.43 -53.59 -30.59
N GLN A 496 -12.44 -52.82 -29.53
CA GLN A 496 -11.21 -52.21 -29.09
C GLN A 496 -10.23 -53.29 -28.76
N GLN A 497 -9.05 -53.18 -29.36
CA GLN A 497 -8.01 -54.16 -29.17
C GLN A 497 -6.75 -53.42 -28.70
N ASN A 498 -6.24 -53.73 -27.52
CA ASN A 498 -5.06 -53.05 -27.04
C ASN A 498 -3.82 -53.57 -27.76
N ALA A 499 -3.50 -52.90 -28.87
CA ALA A 499 -2.35 -53.29 -29.68
C ALA A 499 -1.08 -53.07 -28.89
N TYR A 500 -1.22 -52.45 -27.73
CA TYR A 500 -0.10 -52.20 -26.85
C TYR A 500 -0.11 -53.15 -25.65
N HIS A 501 -0.79 -54.28 -25.79
CA HIS A 501 -0.87 -55.27 -24.70
C HIS A 501 0.09 -56.42 -24.97
N GLU A 502 0.19 -57.33 -24.02
CA GLU A 502 1.08 -58.48 -24.16
C GLU A 502 0.84 -59.22 -25.46
N VAL A 503 -0.24 -60.00 -25.51
CA VAL A 503 -0.56 -60.77 -26.71
C VAL A 503 -1.72 -60.21 -27.53
N ASP A 504 -2.72 -59.67 -26.85
CA ASP A 504 -3.90 -59.14 -27.55
C ASP A 504 -3.52 -58.34 -28.81
N ALA A 505 -2.29 -57.84 -28.84
CA ALA A 505 -1.79 -57.10 -29.98
C ALA A 505 -2.06 -57.86 -31.28
N TYR A 506 -2.29 -59.16 -31.15
CA TYR A 506 -2.54 -60.02 -32.30
C TYR A 506 -3.58 -61.08 -31.95
N CYS A 507 -4.39 -61.46 -32.93
CA CYS A 507 -5.41 -62.48 -32.73
C CYS A 507 -5.65 -63.27 -34.01
N SER A 508 -5.58 -64.59 -33.92
CA SER A 508 -5.77 -65.39 -35.11
C SER A 508 -7.25 -65.65 -35.33
N MET A 509 -7.54 -66.54 -36.28
CA MET A 509 -8.91 -66.93 -36.61
C MET A 509 -9.59 -67.44 -35.35
N LYS A 510 -9.16 -68.63 -34.94
CA LYS A 510 -9.72 -69.30 -33.76
C LYS A 510 -9.89 -68.29 -32.63
N LYS A 511 -9.13 -67.20 -32.69
CA LYS A 511 -9.17 -66.14 -31.71
C LYS A 511 -10.26 -65.18 -32.10
N ALA A 512 -10.13 -64.66 -33.30
CA ALA A 512 -11.11 -63.72 -33.82
C ALA A 512 -12.44 -64.45 -33.89
N TYR A 513 -12.42 -65.61 -34.52
CA TYR A 513 -13.60 -66.46 -34.71
C TYR A 513 -14.38 -66.81 -33.45
N GLY A 514 -13.70 -67.38 -32.48
CA GLY A 514 -14.39 -67.75 -31.26
C GLY A 514 -15.14 -66.60 -30.63
N ILE A 515 -14.41 -65.66 -30.06
CA ILE A 515 -15.01 -64.51 -29.41
C ILE A 515 -16.30 -64.08 -30.04
N MET A 516 -16.25 -63.84 -31.34
CA MET A 516 -17.41 -63.41 -32.06
C MET A 516 -18.60 -64.31 -31.74
N LYS A 517 -18.35 -65.37 -31.00
CA LYS A 517 -19.41 -66.30 -30.63
C LYS A 517 -19.73 -66.17 -29.17
N MET A 518 -18.72 -65.88 -28.37
CA MET A 518 -18.88 -65.74 -26.93
C MET A 518 -20.16 -64.98 -26.60
N ILE A 519 -20.26 -63.77 -27.13
CA ILE A 519 -21.42 -62.96 -26.87
C ILE A 519 -22.65 -63.61 -27.49
N LEU A 520 -22.53 -63.96 -28.76
CA LEU A 520 -23.60 -64.58 -29.51
C LEU A 520 -24.47 -65.48 -28.66
N ALA A 521 -23.81 -66.36 -27.92
CA ALA A 521 -24.52 -67.28 -27.06
C ALA A 521 -25.44 -66.49 -26.16
N PHE A 522 -24.85 -65.65 -25.33
CA PHE A 522 -25.64 -64.83 -24.42
C PHE A 522 -26.79 -64.25 -25.20
N TYR A 523 -26.49 -63.80 -26.41
CA TYR A 523 -27.51 -63.23 -27.27
C TYR A 523 -28.59 -64.26 -27.46
N LYS A 524 -28.18 -65.44 -27.90
CA LYS A 524 -29.11 -66.52 -28.11
C LYS A 524 -29.92 -66.71 -26.84
N GLU A 525 -29.23 -66.93 -25.72
CA GLU A 525 -29.92 -67.13 -24.44
C GLU A 525 -30.64 -65.87 -23.98
N ALA A 526 -30.19 -64.71 -24.45
CA ALA A 526 -30.82 -63.45 -24.09
C ALA A 526 -32.18 -63.39 -24.76
N GLU A 527 -32.24 -63.91 -25.98
CA GLU A 527 -33.46 -63.93 -26.79
C GLU A 527 -34.65 -64.65 -26.16
N ALA A 528 -34.35 -65.66 -25.34
CA ALA A 528 -35.39 -66.46 -24.67
C ALA A 528 -35.48 -66.11 -23.20
N ALA A 529 -34.50 -65.37 -22.71
CA ALA A 529 -34.51 -64.96 -21.33
C ALA A 529 -35.54 -63.86 -21.23
N ILE A 530 -35.30 -62.76 -21.93
CA ILE A 530 -36.23 -61.65 -21.88
C ILE A 530 -37.58 -61.97 -22.53
N LYS A 531 -37.56 -62.68 -23.66
CA LYS A 531 -38.79 -63.03 -24.35
C LYS A 531 -39.69 -63.92 -23.49
N ARG A 532 -39.07 -64.80 -22.72
CA ARG A 532 -39.80 -65.70 -21.83
C ARG A 532 -40.45 -64.82 -20.78
N GLY A 533 -39.78 -63.70 -20.49
CA GLY A 533 -40.28 -62.78 -19.49
C GLY A 533 -39.17 -62.21 -18.63
N VAL A 534 -38.02 -62.88 -18.62
CA VAL A 534 -36.89 -62.43 -17.83
C VAL A 534 -36.64 -60.96 -18.04
N SER A 535 -36.48 -60.25 -16.93
CA SER A 535 -36.22 -58.83 -16.96
C SER A 535 -34.75 -58.61 -17.28
N ILE A 536 -34.51 -57.75 -18.25
CA ILE A 536 -33.17 -57.44 -18.67
C ILE A 536 -32.36 -56.94 -17.49
N ASP A 537 -33.08 -56.49 -16.48
CA ASP A 537 -32.46 -55.93 -15.30
C ASP A 537 -31.47 -56.87 -14.57
N GLU A 538 -31.83 -58.13 -14.38
CA GLU A 538 -30.93 -59.08 -13.71
C GLU A 538 -29.96 -59.58 -14.77
N ILE A 539 -30.44 -59.51 -16.00
CA ILE A 539 -29.67 -59.93 -17.14
C ILE A 539 -28.47 -59.01 -17.28
N LEU A 540 -28.67 -57.75 -16.93
CA LEU A 540 -27.64 -56.74 -17.03
C LEU A 540 -26.43 -57.05 -16.15
N GLN A 541 -26.66 -57.28 -14.86
CA GLN A 541 -25.57 -57.56 -13.93
C GLN A 541 -25.13 -59.01 -13.87
N LEU A 542 -25.31 -59.75 -14.96
CA LEU A 542 -24.88 -61.14 -14.95
C LEU A 542 -23.36 -61.13 -14.79
N PRO A 543 -22.84 -61.88 -13.80
CA PRO A 543 -21.41 -61.95 -13.53
C PRO A 543 -20.61 -62.54 -14.69
N VAL A 544 -21.24 -63.47 -15.40
CA VAL A 544 -20.61 -64.13 -16.53
C VAL A 544 -20.43 -63.15 -17.68
N LEU A 545 -21.18 -62.06 -17.65
CA LEU A 545 -21.08 -61.05 -18.68
C LEU A 545 -19.69 -60.45 -18.61
N GLU A 546 -19.19 -60.33 -17.38
CA GLU A 546 -17.88 -59.75 -17.13
C GLU A 546 -16.78 -60.68 -17.64
N ARG A 547 -17.15 -61.94 -17.85
CA ARG A 547 -16.24 -62.96 -18.33
C ARG A 547 -16.04 -62.82 -19.83
N ILE A 548 -17.11 -62.47 -20.51
CA ILE A 548 -17.06 -62.32 -21.96
C ILE A 548 -16.15 -61.18 -22.38
N GLY A 549 -15.84 -60.29 -21.44
CA GLY A 549 -14.99 -59.15 -21.75
C GLY A 549 -13.54 -59.28 -21.33
N ARG A 550 -13.17 -60.46 -20.87
CA ARG A 550 -11.79 -60.67 -20.48
C ARG A 550 -11.20 -61.69 -21.43
N ALA A 551 -11.88 -61.86 -22.56
CA ALA A 551 -11.47 -62.79 -23.60
C ALA A 551 -10.47 -62.18 -24.58
N ARG A 552 -10.51 -60.87 -24.75
CA ARG A 552 -9.61 -60.18 -25.67
C ARG A 552 -8.14 -60.31 -25.26
N TYR A 553 -7.88 -60.25 -23.95
CA TYR A 553 -6.52 -60.33 -23.40
C TYR A 553 -5.89 -61.71 -23.45
N VAL A 554 -6.69 -62.73 -23.71
CA VAL A 554 -6.19 -64.10 -23.75
C VAL A 554 -5.38 -64.38 -25.01
N SER A 555 -4.41 -65.28 -24.89
CA SER A 555 -3.55 -65.66 -26.01
C SER A 555 -4.16 -66.83 -26.78
N GLU A 556 -3.63 -67.09 -27.97
CA GLU A 556 -4.09 -68.17 -28.82
C GLU A 556 -3.92 -69.51 -28.11
N GLU A 557 -2.98 -69.54 -27.15
CA GLU A 557 -2.74 -70.77 -26.41
C GLU A 557 -3.84 -71.05 -25.40
N GLU A 558 -4.01 -70.14 -24.44
CA GLU A 558 -5.01 -70.26 -23.38
C GLU A 558 -6.45 -70.07 -23.85
N PHE A 559 -6.62 -69.24 -24.85
CA PHE A 559 -7.92 -68.91 -25.40
C PHE A 559 -8.86 -70.10 -25.64
N PRO A 560 -8.46 -71.03 -26.53
CA PRO A 560 -9.26 -72.22 -26.84
C PRO A 560 -10.07 -72.75 -25.68
N ALA A 561 -9.35 -73.30 -24.70
CA ALA A 561 -9.99 -73.86 -23.53
C ALA A 561 -10.57 -72.78 -22.64
N TYR A 562 -9.91 -71.63 -22.60
CA TYR A 562 -10.39 -70.55 -21.74
C TYR A 562 -11.86 -70.19 -21.94
N PHE A 563 -12.25 -69.92 -23.19
CA PHE A 563 -13.62 -69.52 -23.49
C PHE A 563 -14.63 -70.64 -23.31
N GLU A 564 -14.23 -71.84 -23.72
CA GLU A 564 -15.08 -73.00 -23.62
C GLU A 564 -15.54 -73.25 -22.20
N GLU A 565 -14.81 -72.71 -21.22
CA GLU A 565 -15.24 -72.98 -19.86
C GLU A 565 -16.39 -72.05 -19.48
N ALA A 566 -16.39 -70.87 -20.08
CA ALA A 566 -17.44 -69.91 -19.80
C ALA A 566 -18.63 -70.21 -20.67
N MET A 567 -18.40 -70.83 -21.83
CA MET A 567 -19.52 -71.13 -22.72
C MET A 567 -20.55 -72.00 -22.01
N LYS A 568 -20.12 -72.62 -20.91
CA LYS A 568 -21.01 -73.44 -20.12
C LYS A 568 -21.66 -72.57 -19.05
N GLU A 569 -20.84 -71.79 -18.35
CA GLU A 569 -21.36 -70.93 -17.30
C GLU A 569 -22.44 -69.99 -17.82
N ILE A 570 -22.41 -69.73 -19.12
CA ILE A 570 -23.37 -68.85 -19.80
C ILE A 570 -24.79 -69.38 -19.73
N GLN A 571 -25.06 -70.41 -20.51
CA GLN A 571 -26.38 -71.03 -20.54
C GLN A 571 -26.80 -71.32 -19.11
N GLY A 572 -25.84 -71.38 -18.20
CA GLY A 572 -26.15 -71.69 -16.81
C GLY A 572 -26.43 -70.51 -15.92
N ALA A 573 -25.69 -69.43 -16.11
CA ALA A 573 -25.89 -68.24 -15.29
C ALA A 573 -26.82 -67.26 -16.00
N PHE A 574 -27.72 -67.79 -16.84
CA PHE A 574 -28.67 -66.94 -17.56
C PHE A 574 -30.02 -67.65 -17.67
N LYS A 575 -30.07 -68.75 -18.40
CA LYS A 575 -31.30 -69.50 -18.57
C LYS A 575 -31.93 -69.66 -17.19
N ALA A 576 -31.06 -69.73 -16.20
CA ALA A 576 -31.45 -69.89 -14.82
C ALA A 576 -32.24 -68.68 -14.33
N LEU A 577 -31.63 -67.51 -14.46
CA LEU A 577 -32.28 -66.28 -14.02
C LEU A 577 -33.25 -65.76 -15.08
N MET B 1 -21.99 -6.57 -93.09
CA MET B 1 -21.28 -7.86 -93.39
C MET B 1 -19.78 -7.70 -93.21
N ILE B 2 -19.34 -7.68 -91.94
CA ILE B 2 -17.93 -7.54 -91.56
C ILE B 2 -17.20 -8.90 -91.59
N GLN B 3 -16.14 -9.00 -92.37
CA GLN B 3 -15.36 -10.25 -92.50
C GLN B 3 -14.07 -10.21 -91.68
N GLY B 4 -13.30 -11.30 -91.71
CA GLY B 4 -12.05 -11.36 -90.96
C GLY B 4 -11.24 -12.66 -91.01
N VAL B 5 -10.16 -12.68 -90.22
CA VAL B 5 -9.23 -13.82 -90.15
C VAL B 5 -8.89 -14.29 -88.73
N ILE B 6 -8.87 -15.60 -88.52
CA ILE B 6 -8.58 -16.16 -87.21
C ILE B 6 -7.14 -15.99 -86.76
N GLN B 7 -6.96 -15.73 -85.47
CA GLN B 7 -5.63 -15.57 -84.92
C GLN B 7 -5.34 -16.72 -83.98
N LYS B 8 -6.31 -17.05 -83.14
CA LYS B 8 -6.13 -18.14 -82.19
C LYS B 8 -7.35 -19.05 -82.10
N ILE B 9 -7.14 -20.23 -81.52
CA ILE B 9 -8.22 -21.24 -81.34
C ILE B 9 -8.07 -21.95 -79.99
N ALA B 10 -8.86 -21.53 -79.01
CA ALA B 10 -8.83 -22.11 -77.66
C ALA B 10 -10.08 -22.93 -77.38
N GLY B 11 -10.15 -24.12 -77.96
CA GLY B 11 -11.31 -24.99 -77.76
C GLY B 11 -12.53 -24.21 -78.17
N PRO B 12 -13.45 -23.93 -77.23
CA PRO B 12 -14.68 -23.18 -77.53
C PRO B 12 -14.50 -21.67 -77.90
N ALA B 13 -13.69 -20.94 -77.13
CA ALA B 13 -13.46 -19.50 -77.36
C ALA B 13 -12.54 -19.25 -78.56
N VAL B 14 -12.76 -18.15 -79.27
CA VAL B 14 -11.95 -17.84 -80.45
C VAL B 14 -11.53 -16.38 -80.51
N ILE B 15 -10.48 -16.12 -81.28
CA ILE B 15 -9.93 -14.78 -81.48
C ILE B 15 -9.58 -14.62 -82.96
N ALA B 16 -9.82 -13.43 -83.51
CA ALA B 16 -9.51 -13.21 -84.93
C ALA B 16 -9.35 -11.73 -85.27
N LYS B 17 -8.35 -11.43 -86.08
CA LYS B 17 -8.11 -10.04 -86.45
C LYS B 17 -8.62 -9.71 -87.84
N GLY B 18 -8.19 -8.56 -88.34
CA GLY B 18 -8.61 -8.13 -89.65
C GLY B 18 -10.03 -7.61 -89.62
N MET B 19 -10.58 -7.38 -88.42
CA MET B 19 -11.96 -6.89 -88.27
C MET B 19 -11.94 -5.82 -87.17
N LEU B 20 -12.11 -4.57 -87.53
CA LEU B 20 -12.00 -3.51 -86.54
C LEU B 20 -13.09 -2.48 -86.55
N GLY B 21 -13.79 -2.37 -85.44
CA GLY B 21 -14.85 -1.39 -85.34
C GLY B 21 -16.20 -2.07 -85.37
N ALA B 22 -16.21 -3.38 -85.17
CA ALA B 22 -17.45 -4.13 -85.17
C ALA B 22 -18.14 -3.98 -83.81
N ARG B 23 -19.49 -3.98 -83.79
CA ARG B 23 -20.25 -3.85 -82.53
C ARG B 23 -19.98 -5.03 -81.59
N MET B 24 -20.53 -4.99 -80.38
CA MET B 24 -20.30 -6.06 -79.41
C MET B 24 -21.44 -7.05 -79.47
N TYR B 25 -21.14 -8.35 -79.38
CA TYR B 25 -22.19 -9.40 -79.43
C TYR B 25 -22.93 -9.21 -80.76
N ASP B 26 -22.68 -10.04 -81.77
CA ASP B 26 -23.36 -9.82 -83.03
C ASP B 26 -23.73 -11.09 -83.77
N ILE B 27 -23.28 -11.23 -85.00
CA ILE B 27 -23.59 -12.46 -85.70
C ILE B 27 -22.46 -13.45 -85.45
N CYS B 28 -21.22 -13.05 -85.72
CA CYS B 28 -20.07 -13.92 -85.45
C CYS B 28 -20.17 -15.36 -86.05
N LYS B 29 -19.96 -15.44 -87.36
CA LYS B 29 -19.96 -16.72 -88.09
C LYS B 29 -18.53 -17.15 -88.44
N VAL B 30 -17.74 -17.50 -87.42
CA VAL B 30 -16.35 -17.94 -87.61
C VAL B 30 -16.38 -19.32 -88.31
N GLY B 31 -15.22 -19.96 -88.43
CA GLY B 31 -15.17 -21.28 -89.04
C GLY B 31 -15.52 -21.28 -90.50
N GLU B 32 -14.66 -21.91 -91.30
CA GLU B 32 -14.85 -22.02 -92.73
C GLU B 32 -16.33 -22.21 -93.01
N GLU B 33 -16.93 -23.10 -92.23
CA GLU B 33 -18.33 -23.46 -92.36
C GLU B 33 -19.30 -22.50 -91.69
N GLY B 34 -18.88 -21.24 -91.60
CA GLY B 34 -19.71 -20.21 -90.99
C GLY B 34 -20.40 -20.76 -89.76
N LEU B 35 -19.65 -20.91 -88.68
CA LEU B 35 -20.24 -21.44 -87.48
C LEU B 35 -20.90 -20.40 -86.57
N VAL B 36 -21.43 -20.92 -85.47
CA VAL B 36 -22.13 -20.16 -84.45
C VAL B 36 -21.19 -19.44 -83.46
N GLY B 37 -21.21 -18.11 -83.41
CA GLY B 37 -20.35 -17.41 -82.47
C GLY B 37 -20.91 -16.12 -81.87
N GLU B 38 -20.09 -15.38 -81.12
CA GLU B 38 -20.54 -14.10 -80.54
C GLU B 38 -19.37 -13.16 -80.29
N ILE B 39 -19.53 -11.90 -80.71
CA ILE B 39 -18.47 -10.92 -80.55
C ILE B 39 -18.46 -10.38 -79.13
N ILE B 40 -17.26 -10.27 -78.56
CA ILE B 40 -17.14 -9.83 -77.18
C ILE B 40 -16.08 -8.76 -77.02
N ARG B 41 -15.40 -8.77 -75.87
CA ARG B 41 -14.33 -7.81 -75.53
C ARG B 41 -13.28 -7.76 -76.64
N LEU B 42 -13.29 -6.70 -77.44
CA LEU B 42 -12.32 -6.55 -78.53
C LEU B 42 -10.96 -6.12 -78.03
N ASP B 43 -9.97 -6.22 -78.92
CA ASP B 43 -8.60 -5.83 -78.59
C ASP B 43 -7.86 -5.42 -79.86
N GLY B 44 -7.39 -4.17 -79.91
CA GLY B 44 -6.64 -3.72 -81.07
C GLY B 44 -7.40 -3.98 -82.36
N ASP B 45 -6.79 -4.70 -83.32
CA ASP B 45 -7.45 -5.01 -84.61
C ASP B 45 -8.26 -6.32 -84.60
N THR B 46 -8.33 -6.96 -83.43
CA THR B 46 -9.06 -8.20 -83.25
C THR B 46 -10.00 -8.12 -82.05
N ALA B 47 -10.85 -9.12 -81.89
CA ALA B 47 -11.80 -9.17 -80.79
C ALA B 47 -12.00 -10.61 -80.39
N PHE B 48 -12.66 -10.80 -79.27
CA PHE B 48 -12.90 -12.14 -78.75
C PHE B 48 -14.22 -12.73 -79.27
N VAL B 49 -14.21 -14.00 -79.66
CA VAL B 49 -15.41 -14.64 -80.15
C VAL B 49 -15.68 -15.89 -79.36
N GLN B 50 -16.93 -16.05 -78.97
CA GLN B 50 -17.25 -17.23 -78.22
C GLN B 50 -17.91 -18.25 -79.09
N VAL B 51 -17.22 -19.35 -79.35
CA VAL B 51 -17.75 -20.41 -80.19
C VAL B 51 -18.23 -21.62 -79.43
N TYR B 52 -19.53 -21.76 -79.39
CA TYR B 52 -20.19 -22.84 -78.69
C TYR B 52 -20.00 -24.11 -79.48
N GLU B 53 -20.41 -24.09 -80.73
CA GLU B 53 -20.27 -25.23 -81.62
C GLU B 53 -18.98 -26.00 -81.37
N ASP B 54 -18.99 -27.30 -81.68
CA ASP B 54 -17.79 -28.12 -81.48
C ASP B 54 -16.63 -27.38 -82.11
N THR B 55 -15.68 -26.99 -81.29
CA THR B 55 -14.53 -26.27 -81.77
C THR B 55 -13.43 -27.17 -82.27
N SER B 56 -13.82 -28.38 -82.68
CA SER B 56 -12.89 -29.39 -83.19
C SER B 56 -12.59 -29.14 -84.67
N GLY B 57 -11.33 -29.30 -85.06
CA GLY B 57 -10.95 -29.07 -86.46
C GLY B 57 -11.06 -27.61 -86.87
N LEU B 58 -10.29 -26.74 -86.21
CA LEU B 58 -10.30 -25.31 -86.49
C LEU B 58 -8.89 -24.80 -86.79
N LYS B 59 -8.62 -24.47 -88.05
CA LYS B 59 -7.31 -23.98 -88.47
C LYS B 59 -7.23 -22.46 -88.29
N VAL B 60 -6.29 -21.98 -87.48
CA VAL B 60 -6.18 -20.54 -87.25
C VAL B 60 -6.35 -19.80 -88.57
N GLY B 61 -6.96 -18.63 -88.47
CA GLY B 61 -7.22 -17.80 -89.64
C GLY B 61 -8.31 -18.36 -90.53
N GLU B 62 -9.41 -18.85 -89.96
CA GLU B 62 -10.43 -19.37 -90.84
C GLU B 62 -11.40 -18.29 -91.30
N PRO B 63 -12.45 -18.68 -92.07
CA PRO B 63 -13.45 -17.76 -92.59
C PRO B 63 -14.17 -17.01 -91.50
N VAL B 64 -13.40 -16.12 -90.90
CA VAL B 64 -13.86 -15.29 -89.82
C VAL B 64 -14.82 -14.23 -90.36
N VAL B 65 -16.12 -14.55 -90.37
CA VAL B 65 -17.12 -13.61 -90.87
C VAL B 65 -18.28 -13.28 -89.92
N SER B 66 -18.39 -12.02 -89.50
CA SER B 66 -19.48 -11.60 -88.63
C SER B 66 -20.22 -10.48 -89.31
N THR B 67 -21.28 -9.99 -88.67
CA THR B 67 -22.03 -8.89 -89.23
C THR B 67 -21.88 -7.68 -88.33
N GLY B 68 -21.30 -7.87 -87.15
CA GLY B 68 -21.15 -6.75 -86.24
C GLY B 68 -22.56 -6.24 -85.93
N LEU B 69 -23.50 -7.17 -86.05
CA LEU B 69 -24.91 -6.93 -85.85
C LEU B 69 -25.46 -7.94 -84.80
N PRO B 70 -26.01 -7.42 -83.66
CA PRO B 70 -26.57 -8.23 -82.56
C PRO B 70 -27.40 -9.42 -82.98
N LEU B 71 -27.51 -10.42 -82.11
CA LEU B 71 -28.33 -11.56 -82.48
C LEU B 71 -29.74 -11.13 -82.22
N ALA B 72 -30.49 -11.05 -83.30
CA ALA B 72 -31.86 -10.62 -83.24
C ALA B 72 -32.76 -11.61 -83.93
N VAL B 73 -34.05 -11.36 -83.74
CA VAL B 73 -35.10 -12.21 -84.28
C VAL B 73 -35.68 -11.78 -85.62
N GLU B 74 -36.04 -12.76 -86.43
CA GLU B 74 -36.63 -12.56 -87.76
C GLU B 74 -38.13 -12.28 -87.63
N LEU B 75 -38.48 -11.00 -87.52
CA LEU B 75 -39.87 -10.56 -87.39
C LEU B 75 -40.68 -10.85 -88.65
N GLY B 76 -42.00 -10.77 -88.51
CA GLY B 76 -42.89 -11.03 -89.63
C GLY B 76 -43.87 -12.15 -89.39
N PRO B 77 -44.92 -12.22 -90.20
CA PRO B 77 -45.91 -13.29 -90.02
C PRO B 77 -45.20 -14.65 -89.96
N GLY B 78 -45.94 -15.69 -90.30
CA GLY B 78 -45.39 -17.03 -90.37
C GLY B 78 -45.03 -17.89 -89.18
N MET B 79 -44.18 -17.35 -88.33
CA MET B 79 -43.74 -18.06 -87.14
C MET B 79 -44.83 -18.97 -86.53
N LEU B 80 -46.06 -18.47 -86.37
CA LEU B 80 -47.15 -19.29 -85.82
C LEU B 80 -47.17 -20.65 -86.50
N ASN B 81 -47.56 -21.67 -85.76
CA ASN B 81 -47.58 -23.01 -86.28
C ASN B 81 -46.16 -23.40 -86.71
N GLY B 82 -45.31 -22.40 -86.85
CA GLY B 82 -43.94 -22.63 -87.26
C GLY B 82 -43.09 -23.20 -86.16
N ILE B 83 -42.15 -24.07 -86.54
CA ILE B 83 -41.23 -24.76 -85.64
C ILE B 83 -39.88 -24.05 -85.50
N TYR B 84 -39.47 -23.76 -84.26
CA TYR B 84 -38.17 -23.09 -83.99
C TYR B 84 -37.48 -23.63 -82.74
N ASP B 85 -36.23 -23.24 -82.55
CA ASP B 85 -35.42 -23.71 -81.44
C ASP B 85 -34.85 -22.64 -80.54
N GLY B 86 -33.87 -23.08 -79.76
CA GLY B 86 -33.16 -22.22 -78.83
C GLY B 86 -33.04 -20.79 -79.33
N ILE B 87 -32.36 -20.58 -80.45
CA ILE B 87 -32.16 -19.24 -81.01
C ILE B 87 -33.35 -18.82 -81.86
N GLN B 88 -33.60 -19.53 -82.95
CA GLN B 88 -34.71 -19.22 -83.84
C GLN B 88 -34.60 -20.09 -85.04
N ARG B 89 -34.08 -21.29 -84.85
CA ARG B 89 -33.93 -22.18 -85.97
C ARG B 89 -35.03 -23.23 -86.09
N PRO B 90 -35.80 -23.19 -87.19
CA PRO B 90 -36.91 -24.11 -87.47
C PRO B 90 -36.49 -25.59 -87.45
N LEU B 91 -36.49 -26.15 -86.26
CA LEU B 91 -36.09 -27.53 -86.06
C LEU B 91 -36.72 -28.48 -87.04
N GLU B 92 -37.76 -28.02 -87.71
CA GLU B 92 -38.38 -28.88 -88.70
C GLU B 92 -37.79 -28.70 -90.10
N ARG B 93 -37.41 -27.46 -90.46
CA ARG B 93 -36.78 -27.21 -91.77
C ARG B 93 -35.40 -27.89 -91.62
N ILE B 94 -35.10 -28.29 -90.40
CA ILE B 94 -33.86 -28.96 -90.08
C ILE B 94 -33.95 -30.46 -90.34
N ARG B 95 -34.97 -31.10 -89.78
CA ARG B 95 -35.20 -32.55 -89.94
C ARG B 95 -35.28 -32.90 -91.39
N GLU B 96 -35.85 -31.98 -92.15
CA GLU B 96 -36.04 -32.12 -93.59
C GLU B 96 -34.74 -31.96 -94.39
N LYS B 97 -33.77 -31.23 -93.82
CA LYS B 97 -32.47 -30.99 -94.47
C LYS B 97 -31.33 -31.84 -93.86
N THR B 98 -31.45 -32.17 -92.58
CA THR B 98 -30.47 -33.02 -91.91
C THR B 98 -30.92 -34.44 -92.19
N GLY B 99 -32.24 -34.62 -92.17
CA GLY B 99 -32.81 -35.93 -92.38
C GLY B 99 -33.08 -36.50 -91.03
N ILE B 100 -32.04 -37.06 -90.42
CA ILE B 100 -32.09 -37.70 -89.10
C ILE B 100 -31.27 -36.91 -88.03
N TYR B 101 -29.95 -36.86 -88.20
CA TYR B 101 -29.08 -36.16 -87.24
C TYR B 101 -29.11 -34.63 -87.30
N ILE B 102 -28.27 -34.00 -86.46
CA ILE B 102 -28.16 -32.55 -86.38
C ILE B 102 -26.87 -32.06 -87.02
N THR B 103 -27.00 -31.35 -88.12
CA THR B 103 -25.83 -30.84 -88.80
C THR B 103 -25.43 -29.48 -88.18
N ARG B 104 -24.14 -29.20 -88.10
CA ARG B 104 -23.64 -27.95 -87.51
C ARG B 104 -23.45 -26.83 -88.52
N GLY B 105 -23.31 -25.60 -88.03
CA GLY B 105 -23.12 -24.45 -88.89
C GLY B 105 -24.14 -24.34 -90.00
N VAL B 106 -25.15 -25.18 -89.97
CA VAL B 106 -26.21 -25.17 -90.99
C VAL B 106 -27.07 -23.94 -90.74
N VAL B 107 -27.94 -23.60 -91.69
CA VAL B 107 -28.85 -22.46 -91.53
C VAL B 107 -30.01 -22.47 -92.54
N VAL B 108 -31.16 -22.06 -92.06
CA VAL B 108 -32.38 -21.97 -92.85
C VAL B 108 -33.22 -20.85 -92.30
N HIS B 109 -33.64 -20.00 -93.21
CA HIS B 109 -34.43 -18.84 -92.86
C HIS B 109 -35.73 -19.22 -92.14
N ALA B 110 -36.02 -18.46 -91.10
CA ALA B 110 -37.22 -18.66 -90.30
C ALA B 110 -38.44 -18.79 -91.20
N LEU B 111 -38.42 -18.05 -92.30
CA LEU B 111 -39.53 -18.06 -93.22
C LEU B 111 -39.08 -18.05 -94.68
N ASP B 112 -38.71 -19.23 -95.20
CA ASP B 112 -38.26 -19.35 -96.59
C ASP B 112 -39.27 -18.58 -97.47
N ARG B 113 -38.77 -17.92 -98.51
CA ARG B 113 -39.62 -17.16 -99.42
C ARG B 113 -40.58 -18.12 -100.11
N GLU B 114 -40.36 -19.41 -99.88
CA GLU B 114 -41.18 -20.49 -100.45
C GLU B 114 -42.63 -20.30 -100.01
N LYS B 115 -42.80 -19.44 -99.02
CA LYS B 115 -44.11 -19.16 -98.48
C LYS B 115 -44.75 -18.00 -99.24
N LYS B 116 -45.87 -18.25 -99.90
CA LYS B 116 -46.55 -17.20 -100.64
C LYS B 116 -47.73 -16.61 -99.87
N TRP B 117 -47.55 -15.35 -99.44
CA TRP B 117 -48.56 -14.62 -98.66
C TRP B 117 -49.44 -13.73 -99.55
N ALA B 118 -50.68 -13.50 -99.12
CA ALA B 118 -51.58 -12.65 -99.89
C ALA B 118 -52.00 -11.45 -99.07
N TRP B 119 -51.14 -10.44 -98.95
CA TRP B 119 -51.51 -9.30 -98.16
C TRP B 119 -52.58 -8.44 -98.82
N THR B 120 -52.80 -7.27 -98.26
CA THR B 120 -53.76 -6.31 -98.76
C THR B 120 -53.12 -4.99 -98.36
N PRO B 121 -52.88 -4.12 -99.35
CA PRO B 121 -52.27 -2.79 -99.20
C PRO B 121 -53.20 -1.74 -98.63
N MET B 122 -53.45 -1.82 -97.32
CA MET B 122 -54.35 -0.90 -96.62
C MET B 122 -53.80 0.51 -96.53
N VAL B 123 -52.71 0.74 -97.24
CA VAL B 123 -52.06 2.04 -97.27
C VAL B 123 -52.08 2.67 -98.64
N LYS B 124 -51.25 3.68 -98.79
CA LYS B 124 -51.18 4.41 -100.03
C LYS B 124 -49.80 5.00 -100.20
N PRO B 125 -49.34 5.19 -101.44
CA PRO B 125 -48.00 5.78 -101.56
C PRO B 125 -48.11 7.29 -101.31
N GLY B 126 -47.14 7.88 -100.60
CA GLY B 126 -47.17 9.30 -100.34
C GLY B 126 -47.97 9.67 -99.11
N ASP B 127 -48.05 8.74 -98.18
CA ASP B 127 -48.77 8.96 -96.94
C ASP B 127 -47.80 9.23 -95.78
N GLU B 128 -48.36 9.50 -94.59
CA GLU B 128 -47.56 9.77 -93.40
C GLU B 128 -47.28 8.49 -92.62
N VAL B 129 -46.01 8.26 -92.28
CA VAL B 129 -45.64 7.07 -91.50
C VAL B 129 -45.22 7.45 -90.10
N ARG B 130 -45.42 6.55 -89.15
CA ARG B 130 -45.02 6.78 -87.77
C ARG B 130 -44.24 5.55 -87.32
N GLY B 131 -43.07 5.79 -86.69
CA GLY B 131 -42.21 4.73 -86.22
C GLY B 131 -42.97 3.42 -86.19
N GLY B 132 -42.97 2.71 -87.31
CA GLY B 132 -43.70 1.48 -87.36
C GLY B 132 -45.15 1.87 -87.23
N MET B 133 -45.96 1.58 -88.21
CA MET B 133 -47.32 2.02 -88.11
C MET B 133 -48.17 1.01 -88.82
N VAL B 134 -49.24 1.48 -89.43
CA VAL B 134 -50.17 0.65 -90.20
C VAL B 134 -49.38 0.19 -91.44
N LEU B 135 -49.80 -0.92 -92.05
CA LEU B 135 -49.09 -1.43 -93.22
C LEU B 135 -49.99 -2.27 -94.14
N GLY B 136 -50.16 -3.54 -93.82
CA GLY B 136 -51.00 -4.37 -94.66
C GLY B 136 -51.28 -5.65 -93.94
N THR B 137 -52.34 -6.34 -94.32
CA THR B 137 -52.67 -7.58 -93.62
C THR B 137 -52.57 -8.83 -94.48
N VAL B 138 -52.45 -9.98 -93.81
CA VAL B 138 -52.37 -11.26 -94.51
C VAL B 138 -53.31 -12.26 -93.91
N PRO B 139 -53.91 -13.10 -94.76
CA PRO B 139 -54.84 -14.10 -94.26
C PRO B 139 -54.08 -15.24 -93.58
N GLU B 140 -53.75 -15.07 -92.30
CA GLU B 140 -53.01 -16.09 -91.58
C GLU B 140 -54.00 -17.11 -91.04
N PHE B 141 -53.59 -18.38 -91.07
CA PHE B 141 -54.37 -19.52 -90.62
C PHE B 141 -55.83 -19.29 -90.32
N GLY B 142 -56.11 -18.78 -89.13
CA GLY B 142 -57.47 -18.50 -88.71
C GLY B 142 -57.60 -16.99 -88.55
N PHE B 143 -56.52 -16.37 -88.06
CA PHE B 143 -56.49 -14.94 -87.86
C PHE B 143 -55.75 -14.15 -88.93
N THR B 144 -56.29 -13.00 -89.29
CA THR B 144 -55.70 -12.15 -90.32
C THR B 144 -54.45 -11.41 -89.80
N HIS B 145 -53.28 -11.99 -90.00
CA HIS B 145 -52.03 -11.37 -89.55
C HIS B 145 -51.94 -9.91 -89.98
N LYS B 146 -51.77 -9.02 -89.03
CA LYS B 146 -51.66 -7.59 -89.33
C LYS B 146 -50.17 -7.27 -89.48
N ILE B 147 -49.72 -7.07 -90.72
CA ILE B 147 -48.31 -6.76 -90.98
C ILE B 147 -48.10 -5.27 -90.87
N LEU B 148 -47.36 -4.83 -89.85
CA LEU B 148 -47.17 -3.40 -89.67
C LEU B 148 -45.71 -2.98 -89.73
N VAL B 149 -45.49 -1.71 -90.03
CA VAL B 149 -44.12 -1.25 -90.14
C VAL B 149 -43.44 -1.09 -88.82
N PRO B 150 -42.13 -1.45 -88.76
CA PRO B 150 -41.29 -1.36 -87.58
C PRO B 150 -40.87 0.09 -87.39
N PRO B 151 -40.08 0.38 -86.36
CA PRO B 151 -39.60 1.71 -85.99
C PRO B 151 -38.74 2.53 -86.92
N ASP B 152 -38.48 3.73 -86.44
CA ASP B 152 -37.62 4.70 -87.09
C ASP B 152 -38.26 5.22 -88.35
N VAL B 153 -39.40 4.64 -88.69
CA VAL B 153 -40.10 4.94 -89.93
C VAL B 153 -41.02 6.15 -89.94
N ARG B 154 -40.47 7.34 -90.17
CA ARG B 154 -41.30 8.54 -90.20
C ARG B 154 -41.12 9.39 -91.49
N GLY B 155 -42.19 9.56 -92.29
CA GLY B 155 -42.07 10.34 -93.52
C GLY B 155 -43.04 10.06 -94.66
N ARG B 156 -42.49 9.71 -95.85
CA ARG B 156 -43.23 9.41 -97.09
C ARG B 156 -43.17 7.94 -97.57
N VAL B 157 -44.23 7.49 -98.23
CA VAL B 157 -44.31 6.13 -98.74
C VAL B 157 -44.29 6.22 -100.23
N LYS B 158 -43.67 5.27 -100.90
CA LYS B 158 -43.65 5.34 -102.35
C LYS B 158 -44.03 3.94 -102.81
N GLU B 159 -44.61 3.85 -104.00
CA GLU B 159 -45.00 2.56 -104.58
C GLU B 159 -45.60 1.54 -103.62
N VAL B 160 -46.84 1.15 -103.90
CA VAL B 160 -47.56 0.20 -103.08
C VAL B 160 -48.09 -0.95 -103.90
N LYS B 161 -47.47 -2.12 -103.78
CA LYS B 161 -47.97 -3.27 -104.53
C LYS B 161 -49.32 -3.70 -104.02
N PRO B 162 -50.36 -3.52 -104.85
CA PRO B 162 -51.72 -3.89 -104.49
C PRO B 162 -51.82 -5.36 -104.09
N ALA B 163 -53.05 -5.85 -103.89
CA ALA B 163 -53.26 -7.25 -103.51
C ALA B 163 -52.55 -8.22 -104.48
N GLY B 164 -52.54 -9.50 -104.11
CA GLY B 164 -51.90 -10.52 -104.94
C GLY B 164 -51.02 -11.44 -104.12
N GLU B 165 -50.60 -12.55 -104.72
CA GLU B 165 -49.74 -13.48 -104.01
C GLU B 165 -48.31 -12.96 -104.00
N TYR B 166 -47.75 -12.83 -102.80
CA TYR B 166 -46.38 -12.35 -102.58
C TYR B 166 -45.83 -12.98 -101.28
N THR B 167 -44.56 -13.39 -101.27
CA THR B 167 -43.99 -14.00 -100.05
C THR B 167 -43.56 -12.93 -99.09
N VAL B 168 -43.23 -13.35 -97.88
CA VAL B 168 -42.78 -12.40 -96.89
C VAL B 168 -41.60 -11.58 -97.38
N GLU B 169 -40.94 -12.04 -98.44
CA GLU B 169 -39.79 -11.32 -98.95
C GLU B 169 -40.16 -10.21 -99.93
N GLU B 170 -41.25 -10.44 -100.66
CA GLU B 170 -41.73 -9.49 -101.66
C GLU B 170 -41.86 -8.10 -101.08
N PRO B 171 -40.98 -7.16 -101.48
CA PRO B 171 -41.08 -5.81 -100.93
C PRO B 171 -42.37 -5.11 -101.32
N VAL B 172 -43.46 -5.41 -100.63
CA VAL B 172 -44.78 -4.81 -100.89
C VAL B 172 -44.77 -3.31 -101.18
N VAL B 173 -44.15 -2.56 -100.28
CA VAL B 173 -44.11 -1.11 -100.37
C VAL B 173 -42.64 -0.64 -100.30
N VAL B 174 -42.42 0.67 -100.28
CA VAL B 174 -41.10 1.29 -100.19
C VAL B 174 -41.26 2.70 -99.68
N LEU B 175 -40.19 3.28 -99.19
CA LEU B 175 -40.29 4.64 -98.73
C LEU B 175 -39.69 5.57 -99.74
N GLU B 176 -40.28 6.77 -99.79
CA GLU B 176 -39.87 7.88 -100.67
C GLU B 176 -38.64 8.59 -100.03
N ASP B 177 -37.71 7.72 -99.65
CA ASP B 177 -36.45 8.12 -99.05
C ASP B 177 -35.44 7.00 -99.32
N GLY B 178 -35.94 5.85 -99.76
CA GLY B 178 -35.08 4.71 -100.05
C GLY B 178 -35.52 3.46 -99.31
N THR B 179 -34.77 2.39 -99.50
CA THR B 179 -35.05 1.09 -98.91
C THR B 179 -36.29 0.48 -99.45
N GLU B 180 -37.12 -0.20 -98.69
CA GLU B 180 -38.34 -0.81 -99.20
C GLU B 180 -39.20 -1.26 -98.06
N LEU B 181 -39.19 -2.51 -97.67
CA LEU B 181 -40.04 -2.98 -96.57
C LEU B 181 -40.84 -4.17 -97.06
N LYS B 182 -40.95 -5.19 -96.23
CA LYS B 182 -41.68 -6.42 -96.55
C LYS B 182 -42.67 -6.77 -95.43
N MET B 183 -43.05 -8.04 -95.39
CA MET B 183 -43.96 -8.54 -94.37
C MET B 183 -43.23 -8.84 -93.05
N TYR B 184 -42.13 -9.59 -93.15
CA TYR B 184 -41.35 -9.96 -91.99
C TYR B 184 -40.19 -8.97 -91.78
N HIS B 185 -39.55 -9.02 -90.62
CA HIS B 185 -38.43 -8.12 -90.35
C HIS B 185 -37.47 -8.83 -89.43
N THR B 186 -36.56 -8.07 -88.84
CA THR B 186 -35.56 -8.65 -87.96
C THR B 186 -35.37 -7.75 -86.75
N TRP B 187 -35.50 -8.31 -85.56
CA TRP B 187 -35.37 -7.52 -84.34
C TRP B 187 -34.54 -8.20 -83.26
N PRO B 188 -33.64 -7.43 -82.61
CA PRO B 188 -32.77 -7.95 -81.56
C PRO B 188 -33.49 -8.41 -80.29
N VAL B 189 -33.14 -9.59 -79.79
CA VAL B 189 -33.76 -10.12 -78.57
C VAL B 189 -33.54 -9.21 -77.38
N ARG B 190 -32.30 -8.80 -77.19
CA ARG B 190 -31.93 -7.93 -76.09
C ARG B 190 -32.89 -6.74 -75.92
N ARG B 191 -33.54 -6.30 -77.00
CA ARG B 191 -34.46 -5.17 -76.89
C ARG B 191 -35.93 -5.57 -77.02
N ALA B 192 -36.78 -4.76 -76.39
CA ALA B 192 -38.22 -4.95 -76.37
C ALA B 192 -38.84 -4.09 -77.47
N ARG B 193 -40.07 -4.40 -77.85
CA ARG B 193 -40.75 -3.65 -78.90
C ARG B 193 -41.67 -2.57 -78.34
N PRO B 194 -41.12 -1.36 -78.09
CA PRO B 194 -41.89 -0.25 -77.56
C PRO B 194 -43.22 -0.07 -78.30
N VAL B 195 -44.30 0.13 -77.55
CA VAL B 195 -45.61 0.28 -78.17
C VAL B 195 -46.08 1.74 -78.16
N GLN B 196 -45.92 2.37 -76.99
CA GLN B 196 -46.30 3.75 -76.75
C GLN B 196 -46.54 3.85 -75.26
N ARG B 197 -47.65 3.27 -74.78
CA ARG B 197 -47.97 3.28 -73.36
C ARG B 197 -48.44 1.93 -72.78
N LYS B 198 -47.93 1.66 -71.59
CA LYS B 198 -48.19 0.45 -70.83
C LYS B 198 -49.55 0.44 -70.16
N LEU B 199 -50.06 1.63 -69.89
CA LEU B 199 -51.40 1.76 -69.31
C LEU B 199 -51.61 1.08 -67.93
N ASP B 200 -52.81 1.26 -67.37
CA ASP B 200 -53.16 0.71 -66.07
C ASP B 200 -53.74 -0.68 -66.16
N PRO B 201 -52.99 -1.68 -65.66
CA PRO B 201 -53.39 -3.09 -65.65
C PRO B 201 -54.75 -3.30 -65.02
N ASN B 202 -55.77 -2.65 -65.55
CA ASN B 202 -57.13 -2.78 -65.02
C ASN B 202 -57.91 -3.96 -65.59
N THR B 203 -57.84 -4.11 -66.90
CA THR B 203 -58.55 -5.18 -67.59
C THR B 203 -58.12 -6.52 -67.04
N PRO B 204 -59.04 -7.22 -66.40
CA PRO B 204 -58.82 -8.54 -65.80
C PRO B 204 -58.63 -9.66 -66.85
N PHE B 205 -57.72 -10.60 -66.59
CA PHE B 205 -57.39 -11.72 -67.47
C PHE B 205 -58.02 -13.04 -67.01
N LEU B 206 -58.88 -13.59 -67.85
CA LEU B 206 -59.54 -14.86 -67.52
C LEU B 206 -58.81 -16.05 -68.12
N THR B 207 -57.82 -16.56 -67.40
CA THR B 207 -57.08 -17.71 -67.88
C THR B 207 -57.98 -18.94 -67.96
N GLY B 208 -59.25 -18.76 -67.63
CA GLY B 208 -60.22 -19.84 -67.71
C GLY B 208 -60.01 -20.92 -66.68
N MET B 209 -58.83 -20.93 -66.10
CA MET B 209 -58.53 -21.92 -65.10
C MET B 209 -59.03 -21.38 -63.80
N ARG B 210 -60.02 -22.08 -63.24
CA ARG B 210 -60.64 -21.71 -61.95
C ARG B 210 -59.71 -21.12 -60.86
N ILE B 211 -59.08 -22.01 -60.09
CA ILE B 211 -58.15 -21.67 -59.01
C ILE B 211 -57.19 -20.57 -59.48
N LEU B 212 -56.80 -20.72 -60.73
CA LEU B 212 -55.88 -19.77 -61.26
C LEU B 212 -56.33 -18.33 -61.13
N ASP B 213 -57.35 -17.98 -61.91
CA ASP B 213 -57.90 -16.64 -62.05
C ASP B 213 -58.96 -16.16 -61.09
N VAL B 214 -59.80 -17.07 -60.61
CA VAL B 214 -60.86 -16.69 -59.69
C VAL B 214 -60.27 -16.23 -58.35
N LEU B 215 -59.15 -16.84 -58.01
CA LEU B 215 -58.42 -16.65 -56.77
C LEU B 215 -57.43 -15.56 -56.92
N PHE B 216 -56.65 -15.68 -57.98
CA PHE B 216 -55.65 -14.69 -58.24
C PHE B 216 -55.43 -14.68 -59.74
N PRO B 217 -55.75 -13.58 -60.42
CA PRO B 217 -55.59 -13.47 -61.87
C PRO B 217 -54.47 -12.51 -62.30
N VAL B 218 -54.52 -12.07 -63.55
CA VAL B 218 -53.56 -11.10 -64.07
C VAL B 218 -54.12 -10.27 -65.24
N ALA B 219 -54.47 -9.01 -64.91
CA ALA B 219 -55.06 -8.06 -65.87
C ALA B 219 -54.97 -8.72 -67.21
N MET B 220 -53.79 -8.56 -67.77
CA MET B 220 -53.46 -9.14 -69.04
C MET B 220 -52.01 -8.77 -69.20
N GLY B 221 -51.25 -9.71 -69.70
CA GLY B 221 -49.85 -9.44 -69.87
C GLY B 221 -49.15 -9.20 -68.56
N GLY B 222 -49.62 -9.84 -67.49
CA GLY B 222 -48.93 -9.66 -66.22
C GLY B 222 -47.62 -10.44 -66.19
N THR B 223 -47.26 -10.97 -65.03
CA THR B 223 -46.03 -11.75 -64.88
C THR B 223 -46.29 -12.68 -63.71
N ALA B 224 -46.24 -13.98 -63.92
CA ALA B 224 -46.50 -14.93 -62.85
C ALA B 224 -45.33 -15.91 -62.61
N ALA B 225 -45.54 -16.93 -61.76
CA ALA B 225 -44.51 -17.94 -61.47
C ALA B 225 -45.05 -19.12 -60.62
N ILE B 226 -44.45 -20.30 -60.76
CA ILE B 226 -44.89 -21.47 -60.02
C ILE B 226 -43.75 -22.46 -59.74
N PRO B 227 -43.86 -23.27 -58.68
CA PRO B 227 -42.85 -24.28 -58.29
C PRO B 227 -43.09 -25.66 -58.93
N GLY B 228 -43.46 -26.63 -58.10
CA GLY B 228 -43.71 -27.97 -58.60
C GLY B 228 -42.44 -28.76 -58.71
N PRO B 229 -42.47 -30.08 -58.55
CA PRO B 229 -41.20 -30.77 -58.67
C PRO B 229 -40.80 -30.71 -60.12
N PHE B 230 -39.81 -31.50 -60.50
CA PHE B 230 -39.43 -31.48 -61.89
C PHE B 230 -40.34 -32.46 -62.58
N GLY B 231 -41.03 -31.97 -63.61
CA GLY B 231 -41.93 -32.82 -64.38
C GLY B 231 -43.37 -32.82 -63.88
N SER B 232 -43.68 -33.80 -63.04
CA SER B 232 -45.01 -33.98 -62.46
C SER B 232 -46.15 -33.41 -63.31
N GLY B 233 -46.17 -33.80 -64.58
CA GLY B 233 -47.19 -33.32 -65.47
C GLY B 233 -47.35 -31.86 -65.15
N LYS B 234 -46.24 -31.19 -64.88
CA LYS B 234 -46.27 -29.78 -64.54
C LYS B 234 -46.80 -29.09 -65.74
N THR B 235 -46.45 -29.67 -66.85
CA THR B 235 -46.86 -29.18 -68.14
C THR B 235 -48.39 -29.00 -68.19
N VAL B 236 -49.11 -29.75 -67.37
CA VAL B 236 -50.57 -29.67 -67.34
C VAL B 236 -51.06 -28.21 -67.38
N THR B 237 -50.81 -27.48 -66.29
CA THR B 237 -51.22 -26.09 -66.17
C THR B 237 -50.92 -25.25 -67.40
N GLN B 238 -49.64 -25.08 -67.70
CA GLN B 238 -49.22 -24.29 -68.84
C GLN B 238 -49.94 -24.67 -70.12
N GLN B 239 -50.21 -25.96 -70.27
CA GLN B 239 -50.93 -26.44 -71.45
C GLN B 239 -52.37 -25.90 -71.43
N SER B 240 -53.18 -26.42 -70.50
CA SER B 240 -54.58 -26.00 -70.37
C SER B 240 -54.61 -24.50 -70.40
N LEU B 241 -53.59 -23.89 -69.82
CA LEU B 241 -53.50 -22.46 -69.84
C LEU B 241 -53.96 -21.87 -71.17
N ALA B 242 -53.20 -22.12 -72.23
CA ALA B 242 -53.54 -21.54 -73.53
C ALA B 242 -54.89 -21.98 -74.07
N LYS B 243 -55.27 -23.19 -73.70
CA LYS B 243 -56.53 -23.76 -74.12
C LYS B 243 -57.67 -22.88 -73.72
N TRP B 244 -57.75 -22.63 -72.43
CA TRP B 244 -58.79 -21.78 -71.95
C TRP B 244 -58.32 -20.36 -72.14
N SER B 245 -57.21 -20.02 -71.46
CA SER B 245 -56.63 -18.68 -71.48
C SER B 245 -57.32 -17.74 -72.43
N ASN B 246 -57.51 -16.51 -71.99
CA ASN B 246 -58.18 -15.53 -72.84
C ASN B 246 -57.19 -14.79 -73.71
N ALA B 247 -56.13 -15.50 -74.09
CA ALA B 247 -55.13 -14.94 -74.96
C ALA B 247 -55.19 -15.66 -76.32
N ASP B 248 -55.22 -14.91 -77.41
CA ASP B 248 -55.27 -15.52 -78.72
C ASP B 248 -53.87 -16.03 -79.09
N VAL B 249 -52.86 -15.44 -78.48
CA VAL B 249 -51.46 -15.79 -78.76
C VAL B 249 -50.75 -16.70 -77.78
N VAL B 250 -50.26 -17.80 -78.33
CA VAL B 250 -49.57 -18.80 -77.54
C VAL B 250 -48.09 -18.86 -77.90
N VAL B 251 -47.27 -18.59 -76.90
CA VAL B 251 -45.82 -18.64 -77.06
C VAL B 251 -45.44 -19.96 -76.37
N TYR B 252 -44.15 -20.16 -76.11
CA TYR B 252 -43.66 -21.34 -75.40
C TYR B 252 -42.22 -21.54 -75.69
N VAL B 253 -41.40 -21.38 -74.66
CA VAL B 253 -39.94 -21.55 -74.79
C VAL B 253 -39.23 -22.62 -73.94
N GLY B 254 -39.66 -23.88 -74.07
CA GLY B 254 -39.00 -24.95 -73.33
C GLY B 254 -37.51 -24.67 -73.46
N CYS B 255 -36.76 -24.81 -72.37
CA CYS B 255 -35.35 -24.52 -72.45
C CYS B 255 -34.54 -25.56 -71.70
N GLY B 256 -33.30 -25.76 -72.15
CA GLY B 256 -32.43 -26.74 -71.52
C GLY B 256 -33.24 -27.83 -70.85
N GLU B 257 -34.13 -28.48 -71.60
CA GLU B 257 -34.98 -29.53 -71.07
C GLU B 257 -34.48 -30.94 -71.23
N ARG B 258 -34.81 -31.77 -70.27
CA ARG B 258 -34.36 -33.14 -70.29
C ARG B 258 -34.70 -33.79 -71.64
N GLY B 259 -33.66 -34.08 -72.41
CA GLY B 259 -33.82 -34.72 -73.70
C GLY B 259 -35.25 -35.12 -74.00
N ASN B 260 -35.58 -36.38 -73.73
CA ASN B 260 -36.91 -36.93 -73.98
C ASN B 260 -38.05 -36.21 -73.26
N GLU B 261 -37.73 -35.64 -72.10
CA GLU B 261 -38.73 -34.92 -71.31
C GLU B 261 -39.00 -33.62 -72.05
N MET B 262 -37.98 -33.19 -72.80
CA MET B 262 -38.05 -31.99 -73.61
C MET B 262 -38.98 -32.29 -74.80
N THR B 263 -39.48 -33.51 -74.89
CA THR B 263 -40.30 -33.83 -76.03
C THR B 263 -41.73 -34.28 -75.84
N ASP B 264 -42.00 -34.94 -74.73
CA ASP B 264 -43.35 -35.40 -74.44
C ASP B 264 -44.30 -34.27 -74.78
N VAL B 265 -43.90 -33.06 -74.42
CA VAL B 265 -44.72 -31.90 -74.69
C VAL B 265 -44.96 -31.87 -76.19
N LEU B 266 -43.83 -31.78 -76.89
CA LEU B 266 -43.80 -31.68 -78.33
C LEU B 266 -44.75 -32.62 -79.05
N VAL B 267 -44.86 -33.86 -78.57
CA VAL B 267 -45.73 -34.84 -79.23
C VAL B 267 -47.19 -34.67 -78.84
N GLU B 268 -47.43 -34.30 -77.58
CA GLU B 268 -48.78 -34.12 -77.09
C GLU B 268 -49.25 -32.70 -77.33
N PHE B 269 -48.33 -31.81 -77.68
CA PHE B 269 -48.70 -30.43 -77.92
C PHE B 269 -49.72 -30.25 -79.06
N PRO B 270 -49.39 -30.79 -80.26
CA PRO B 270 -50.25 -30.71 -81.45
C PRO B 270 -51.69 -31.02 -81.12
N GLU B 271 -51.87 -31.93 -80.19
CA GLU B 271 -53.21 -32.29 -79.80
C GLU B 271 -53.91 -31.15 -79.09
N LEU B 272 -54.36 -30.16 -79.87
CA LEU B 272 -55.08 -29.00 -79.32
C LEU B 272 -56.57 -29.25 -79.38
N THR B 273 -57.31 -28.75 -78.40
CA THR B 273 -58.76 -28.92 -78.40
C THR B 273 -59.41 -27.53 -78.41
N ASP B 274 -58.68 -26.56 -78.99
CA ASP B 274 -59.13 -25.17 -79.08
C ASP B 274 -60.64 -25.04 -78.93
N PRO B 275 -61.05 -24.28 -77.92
CA PRO B 275 -62.44 -23.99 -77.58
C PRO B 275 -63.07 -22.84 -78.35
N LYS B 276 -62.25 -22.06 -79.05
CA LYS B 276 -62.77 -20.94 -79.84
C LYS B 276 -63.00 -21.39 -81.29
N THR B 277 -61.93 -21.84 -81.93
CA THR B 277 -62.04 -22.30 -83.32
C THR B 277 -62.58 -23.72 -83.32
N GLY B 278 -62.74 -24.29 -82.13
CA GLY B 278 -63.25 -25.64 -82.05
C GLY B 278 -62.42 -26.54 -82.94
N GLY B 279 -61.21 -26.89 -82.48
CA GLY B 279 -60.31 -27.76 -83.23
C GLY B 279 -58.83 -27.57 -82.90
N PRO B 280 -57.90 -27.91 -83.81
CA PRO B 280 -56.50 -27.69 -83.43
C PRO B 280 -56.25 -26.23 -83.12
N LEU B 281 -55.91 -25.99 -81.87
CA LEU B 281 -55.59 -24.66 -81.42
C LEU B 281 -54.24 -24.32 -82.05
N MET B 282 -53.64 -25.29 -82.72
CA MET B 282 -52.33 -25.08 -83.34
C MET B 282 -52.25 -23.79 -84.15
N HIS B 283 -53.42 -23.31 -84.56
CA HIS B 283 -53.51 -22.09 -85.36
C HIS B 283 -52.81 -20.87 -84.75
N ARG B 284 -53.11 -20.60 -83.49
CA ARG B 284 -52.56 -19.46 -82.80
C ARG B 284 -51.54 -19.91 -81.78
N THR B 285 -50.51 -20.59 -82.27
CA THR B 285 -49.47 -21.14 -81.44
C THR B 285 -48.06 -20.99 -81.96
N VAL B 286 -47.10 -20.90 -81.04
CA VAL B 286 -45.68 -20.75 -81.37
C VAL B 286 -44.82 -21.80 -80.62
N LEU B 287 -43.93 -22.44 -81.34
CA LEU B 287 -43.10 -23.46 -80.77
C LEU B 287 -41.65 -23.03 -80.71
N ILE B 288 -40.94 -23.46 -79.67
CA ILE B 288 -39.52 -23.13 -79.53
C ILE B 288 -38.67 -24.16 -78.76
N ALA B 289 -39.34 -24.99 -77.95
CA ALA B 289 -38.71 -26.04 -77.15
C ALA B 289 -37.25 -26.24 -77.49
N ASN B 290 -36.41 -26.34 -76.46
CA ASN B 290 -34.98 -26.47 -76.66
C ASN B 290 -34.35 -27.48 -75.70
N THR B 291 -33.86 -28.61 -76.21
CA THR B 291 -33.25 -29.64 -75.35
C THR B 291 -32.16 -29.01 -74.48
N SER B 292 -31.83 -29.72 -73.41
CA SER B 292 -30.84 -29.20 -72.49
C SER B 292 -29.48 -29.14 -73.16
N ASN B 293 -28.97 -30.30 -73.51
CA ASN B 293 -27.67 -30.38 -74.13
C ASN B 293 -27.55 -29.50 -75.35
N MET B 294 -28.52 -28.63 -75.61
CA MET B 294 -28.42 -27.80 -76.80
C MET B 294 -27.25 -26.86 -76.74
N PRO B 295 -26.96 -26.17 -77.85
CA PRO B 295 -25.84 -25.23 -77.91
C PRO B 295 -25.67 -24.41 -76.65
N VAL B 296 -24.44 -23.94 -76.43
CA VAL B 296 -24.17 -23.16 -75.24
C VAL B 296 -25.25 -22.12 -74.98
N ALA B 297 -25.26 -21.02 -75.74
CA ALA B 297 -26.26 -19.97 -75.50
C ALA B 297 -27.66 -20.32 -76.00
N ALA B 298 -27.78 -21.49 -76.66
CA ALA B 298 -29.04 -21.99 -77.20
C ALA B 298 -30.11 -21.83 -76.13
N ARG B 299 -29.90 -22.54 -75.04
CA ARG B 299 -30.83 -22.49 -73.94
C ARG B 299 -30.97 -21.09 -73.39
N GLU B 300 -29.89 -20.31 -73.47
CA GLU B 300 -29.87 -18.95 -72.94
C GLU B 300 -30.64 -17.97 -73.77
N ALA B 301 -30.78 -18.24 -75.05
CA ALA B 301 -31.55 -17.34 -75.89
C ALA B 301 -32.97 -17.82 -75.86
N SER B 302 -33.17 -19.14 -75.75
CA SER B 302 -34.52 -19.71 -75.69
C SER B 302 -35.55 -18.71 -75.19
N ILE B 303 -35.56 -18.47 -73.89
CA ILE B 303 -36.47 -17.50 -73.29
C ILE B 303 -36.52 -16.33 -74.25
N TYR B 304 -35.63 -15.36 -74.11
CA TYR B 304 -35.59 -14.18 -75.00
C TYR B 304 -36.41 -14.33 -76.27
N VAL B 305 -36.35 -15.53 -76.81
CA VAL B 305 -37.11 -15.89 -78.02
C VAL B 305 -38.55 -15.48 -77.88
N GLY B 306 -39.39 -16.37 -77.35
CA GLY B 306 -40.79 -16.05 -77.16
C GLY B 306 -41.03 -14.60 -76.74
N VAL B 307 -40.38 -14.14 -75.64
CA VAL B 307 -40.57 -12.74 -75.16
C VAL B 307 -40.37 -11.71 -76.25
N THR B 308 -39.15 -11.64 -76.77
CA THR B 308 -38.86 -10.70 -77.80
C THR B 308 -40.03 -10.78 -78.76
N ILE B 309 -40.10 -11.91 -79.46
CA ILE B 309 -41.14 -12.14 -80.46
C ILE B 309 -42.54 -11.78 -80.01
N ALA B 310 -42.92 -12.20 -78.83
CA ALA B 310 -44.24 -11.86 -78.35
C ALA B 310 -44.55 -10.41 -78.70
N GLU B 311 -43.55 -9.57 -78.53
CA GLU B 311 -43.67 -8.14 -78.78
C GLU B 311 -44.16 -7.72 -80.15
N TYR B 312 -43.72 -8.47 -81.15
CA TYR B 312 -44.07 -8.23 -82.54
C TYR B 312 -45.58 -8.25 -82.63
N PHE B 313 -46.15 -9.43 -82.40
CA PHE B 313 -47.59 -9.58 -82.46
C PHE B 313 -48.27 -8.71 -81.43
N ARG B 314 -47.78 -8.77 -80.22
CA ARG B 314 -48.38 -7.95 -79.21
C ARG B 314 -48.48 -6.56 -79.75
N ASP B 315 -47.35 -5.97 -80.11
CA ASP B 315 -47.37 -4.61 -80.60
C ASP B 315 -48.53 -4.27 -81.54
N GLN B 316 -49.09 -5.32 -82.15
CA GLN B 316 -50.19 -5.23 -83.11
C GLN B 316 -51.56 -5.27 -82.41
N GLY B 317 -51.55 -5.50 -81.11
CA GLY B 317 -52.79 -5.59 -80.38
C GLY B 317 -53.21 -7.05 -80.29
N PHE B 318 -52.27 -7.91 -79.94
CA PHE B 318 -52.58 -9.31 -79.83
C PHE B 318 -52.31 -9.76 -78.42
N SER B 319 -53.09 -10.75 -77.98
CA SER B 319 -53.00 -11.33 -76.62
C SER B 319 -51.96 -12.45 -76.43
N VAL B 320 -50.67 -12.10 -76.52
CA VAL B 320 -49.56 -13.03 -76.36
C VAL B 320 -49.56 -13.69 -75.00
N ALA B 321 -49.08 -14.91 -74.93
CA ALA B 321 -49.04 -15.58 -73.66
C ALA B 321 -47.85 -16.53 -73.62
N LEU B 322 -46.72 -16.07 -73.11
CA LEU B 322 -45.57 -16.94 -73.06
C LEU B 322 -45.41 -17.67 -71.77
N MET B 323 -44.83 -18.86 -71.85
CA MET B 323 -44.59 -19.68 -70.68
C MET B 323 -43.18 -20.26 -70.62
N ALA B 324 -43.05 -21.46 -71.17
CA ALA B 324 -41.80 -22.21 -71.24
C ALA B 324 -41.47 -22.99 -69.96
N ASP B 325 -41.81 -24.28 -69.93
CA ASP B 325 -41.53 -25.18 -68.78
C ASP B 325 -40.02 -25.29 -68.66
N SER B 326 -39.52 -25.86 -67.59
CA SER B 326 -38.08 -25.99 -67.44
C SER B 326 -37.34 -24.65 -67.55
N THR B 327 -38.04 -23.59 -67.21
CA THR B 327 -37.42 -22.29 -67.23
C THR B 327 -36.37 -22.24 -66.13
N SER B 328 -36.76 -22.70 -64.95
CA SER B 328 -35.88 -22.72 -63.77
C SER B 328 -34.48 -23.23 -64.09
N ARG B 329 -34.37 -24.22 -64.98
CA ARG B 329 -33.07 -24.78 -65.32
C ARG B 329 -32.39 -23.82 -66.27
N TRP B 330 -33.22 -23.04 -66.93
CA TRP B 330 -32.77 -22.04 -67.87
C TRP B 330 -31.48 -21.36 -67.45
N ALA B 331 -31.47 -20.94 -66.22
CA ALA B 331 -30.33 -20.22 -65.75
C ALA B 331 -29.09 -21.01 -65.96
N GLU B 332 -29.26 -22.32 -65.95
CA GLU B 332 -28.16 -23.25 -66.12
C GLU B 332 -27.13 -22.71 -67.09
N ALA B 333 -27.62 -22.41 -68.26
CA ALA B 333 -26.79 -21.90 -69.30
C ALA B 333 -26.09 -20.64 -68.85
N LEU B 334 -26.84 -19.74 -68.22
CA LEU B 334 -26.22 -18.49 -67.83
C LEU B 334 -24.99 -18.69 -66.99
N ARG B 335 -25.04 -19.64 -66.08
CA ARG B 335 -23.87 -19.91 -65.29
C ARG B 335 -22.76 -20.32 -66.28
N GLU B 336 -23.03 -21.30 -67.16
CA GLU B 336 -22.04 -21.81 -68.13
C GLU B 336 -21.32 -20.70 -68.91
N ILE B 337 -22.12 -19.78 -69.44
CA ILE B 337 -21.61 -18.66 -70.21
C ILE B 337 -20.82 -17.70 -69.34
N SER B 338 -21.45 -17.17 -68.30
CA SER B 338 -20.81 -16.23 -67.39
C SER B 338 -19.73 -16.92 -66.56
N SER B 339 -19.80 -18.24 -66.51
CA SER B 339 -18.79 -18.94 -65.77
C SER B 339 -17.50 -18.68 -66.51
N ARG B 340 -17.36 -19.23 -67.71
CA ARG B 340 -16.16 -19.06 -68.51
C ARG B 340 -15.69 -17.63 -68.63
N LEU B 341 -16.33 -16.72 -67.94
CA LEU B 341 -15.88 -15.36 -68.01
C LEU B 341 -15.64 -14.89 -66.62
N GLU B 342 -14.65 -13.99 -66.51
CA GLU B 342 -14.24 -13.39 -65.24
C GLU B 342 -15.48 -12.90 -64.51
N GLU B 343 -16.10 -13.85 -63.80
CA GLU B 343 -17.32 -13.62 -63.04
C GLU B 343 -17.42 -14.60 -61.86
N MET B 344 -17.59 -14.06 -60.67
CA MET B 344 -17.73 -14.90 -59.48
C MET B 344 -19.20 -15.10 -59.17
N PRO B 345 -19.70 -16.32 -59.35
CA PRO B 345 -21.11 -16.61 -59.07
C PRO B 345 -21.57 -16.01 -57.76
N ALA B 346 -22.11 -14.80 -57.84
CA ALA B 346 -22.60 -14.06 -56.67
C ALA B 346 -23.73 -14.78 -55.94
N GLU B 347 -24.31 -14.09 -54.95
CA GLU B 347 -25.39 -14.66 -54.13
C GLU B 347 -25.15 -16.17 -54.06
N GLU B 348 -26.16 -16.97 -54.35
CA GLU B 348 -26.00 -18.42 -54.31
C GLU B 348 -25.30 -18.93 -55.57
N GLY B 349 -24.05 -19.36 -55.41
CA GLY B 349 -23.28 -19.87 -56.52
C GLY B 349 -24.00 -19.75 -57.85
N TYR B 350 -23.96 -18.56 -58.42
CA TYR B 350 -24.60 -18.30 -59.71
C TYR B 350 -24.22 -16.91 -60.15
N PRO B 351 -24.20 -16.66 -61.45
CA PRO B 351 -23.86 -15.31 -61.86
C PRO B 351 -24.70 -14.26 -61.14
N PRO B 352 -24.10 -13.11 -60.79
CA PRO B 352 -24.79 -12.02 -60.07
C PRO B 352 -26.06 -11.54 -60.79
N TYR B 353 -26.06 -11.69 -62.11
CA TYR B 353 -27.18 -11.27 -62.91
C TYR B 353 -28.48 -11.82 -62.36
N LEU B 354 -29.37 -10.93 -61.96
CA LEU B 354 -30.66 -11.36 -61.46
C LEU B 354 -31.69 -10.32 -61.85
N ALA B 355 -31.79 -9.26 -61.05
CA ALA B 355 -32.73 -8.17 -61.35
C ALA B 355 -32.19 -7.61 -62.65
N ALA B 356 -31.28 -8.39 -63.19
CA ALA B 356 -30.62 -8.13 -64.41
C ALA B 356 -31.65 -8.30 -65.50
N ARG B 357 -31.35 -9.24 -66.39
CA ARG B 357 -32.20 -9.51 -67.52
C ARG B 357 -33.54 -10.09 -67.05
N LEU B 358 -33.54 -10.65 -65.87
CA LEU B 358 -34.74 -11.27 -65.31
C LEU B 358 -35.78 -10.18 -65.07
N ALA B 359 -35.34 -9.14 -64.38
CA ALA B 359 -36.20 -8.03 -64.07
C ALA B 359 -36.81 -7.57 -65.39
N ALA B 360 -36.04 -6.82 -66.17
CA ALA B 360 -36.53 -6.29 -67.42
C ALA B 360 -37.31 -7.33 -68.16
N PHE B 361 -36.90 -8.59 -67.98
CA PHE B 361 -37.54 -9.69 -68.68
C PHE B 361 -39.05 -9.61 -68.56
N TYR B 362 -39.49 -8.94 -67.51
CA TYR B 362 -40.93 -8.83 -67.31
C TYR B 362 -41.53 -7.53 -67.76
N GLU B 363 -40.79 -6.45 -67.53
CA GLU B 363 -41.24 -5.13 -67.88
C GLU B 363 -41.83 -5.06 -69.27
N ARG B 364 -41.66 -6.11 -70.05
CA ARG B 364 -42.21 -6.16 -71.40
C ARG B 364 -43.64 -6.69 -71.33
N ALA B 365 -44.23 -6.58 -70.14
CA ALA B 365 -45.61 -7.05 -69.91
C ALA B 365 -46.66 -6.00 -69.55
N GLY B 366 -47.86 -6.48 -69.23
CA GLY B 366 -48.96 -5.62 -68.84
C GLY B 366 -49.91 -5.21 -69.98
N LYS B 367 -50.42 -3.99 -69.88
CA LYS B 367 -51.33 -3.42 -70.86
C LYS B 367 -50.60 -2.55 -71.88
N VAL B 368 -49.78 -3.21 -72.67
CA VAL B 368 -49.03 -2.53 -73.70
C VAL B 368 -50.06 -1.83 -74.59
N ILE B 369 -49.68 -0.76 -75.24
CA ILE B 369 -50.57 -0.10 -76.18
C ILE B 369 -50.06 -0.72 -77.50
N THR B 370 -50.20 -0.04 -78.65
CA THR B 370 -49.65 -0.59 -79.89
C THR B 370 -49.05 0.53 -80.69
N LEU B 371 -48.34 0.17 -81.75
CA LEU B 371 -47.75 1.14 -82.64
C LEU B 371 -48.92 1.98 -83.10
N GLY B 372 -50.02 1.30 -83.44
CA GLY B 372 -51.23 1.97 -83.90
C GLY B 372 -52.14 2.40 -82.76
N GLY B 373 -51.76 2.04 -81.54
CA GLY B 373 -52.56 2.42 -80.39
C GLY B 373 -53.71 1.48 -80.08
N GLU B 374 -53.40 0.35 -79.43
CA GLU B 374 -54.38 -0.66 -79.05
C GLU B 374 -53.85 -1.46 -77.85
N GLU B 375 -54.74 -2.17 -77.18
CA GLU B 375 -54.42 -3.02 -76.02
C GLU B 375 -53.84 -4.37 -76.49
N GLY B 376 -52.82 -4.89 -75.79
CA GLY B 376 -52.25 -6.16 -76.18
C GLY B 376 -51.81 -6.99 -75.01
N ALA B 377 -52.42 -8.16 -74.84
CA ALA B 377 -52.08 -9.07 -73.74
C ALA B 377 -50.69 -9.65 -73.87
N VAL B 378 -49.85 -9.38 -72.87
CA VAL B 378 -48.49 -9.86 -72.87
C VAL B 378 -48.23 -10.56 -71.58
N THR B 379 -49.06 -11.55 -71.25
CA THR B 379 -48.88 -12.26 -70.00
C THR B 379 -47.64 -13.16 -70.08
N ILE B 380 -46.88 -13.14 -68.97
CA ILE B 380 -45.63 -13.89 -68.78
C ILE B 380 -45.87 -14.86 -67.65
N VAL B 381 -45.40 -16.08 -67.82
CA VAL B 381 -45.50 -17.01 -66.74
C VAL B 381 -44.13 -17.62 -66.57
N GLY B 382 -43.62 -17.53 -65.34
CA GLY B 382 -42.32 -18.09 -65.04
C GLY B 382 -42.47 -19.58 -64.81
N ALA B 383 -42.52 -20.35 -65.88
CA ALA B 383 -42.61 -21.78 -65.70
C ALA B 383 -41.28 -22.14 -65.02
N VAL B 384 -41.00 -21.53 -63.89
CA VAL B 384 -39.75 -21.82 -63.26
C VAL B 384 -39.99 -22.84 -62.16
N SER B 385 -39.61 -24.09 -62.41
CA SER B 385 -39.87 -25.14 -61.43
C SER B 385 -38.68 -25.95 -61.00
N PRO B 386 -38.02 -25.55 -59.90
CA PRO B 386 -36.87 -26.32 -59.47
C PRO B 386 -37.14 -27.83 -59.35
N PRO B 387 -36.35 -28.67 -60.08
CA PRO B 387 -36.37 -30.14 -60.15
C PRO B 387 -35.97 -30.82 -58.85
N GLY B 388 -35.81 -30.01 -57.80
CA GLY B 388 -35.42 -30.54 -56.50
C GLY B 388 -36.31 -30.02 -55.37
N GLY B 389 -37.47 -29.49 -55.75
CA GLY B 389 -38.46 -28.97 -54.81
C GLY B 389 -37.96 -28.00 -53.76
N ASP B 390 -37.25 -26.97 -54.23
CA ASP B 390 -36.67 -25.97 -53.34
C ASP B 390 -37.55 -24.74 -53.11
N MET B 391 -37.39 -24.15 -51.93
CA MET B 391 -38.13 -22.98 -51.50
C MET B 391 -37.26 -21.73 -51.52
N SER B 392 -36.03 -21.85 -51.06
CA SER B 392 -35.17 -20.70 -51.10
C SER B 392 -34.08 -21.20 -51.99
N GLU B 393 -33.78 -20.40 -53.01
CA GLU B 393 -32.75 -20.70 -54.02
C GLU B 393 -32.72 -19.48 -54.91
N PRO B 394 -31.60 -19.22 -55.58
CA PRO B 394 -31.58 -18.04 -56.45
C PRO B 394 -32.82 -18.00 -57.33
N VAL B 395 -32.86 -18.89 -58.29
CA VAL B 395 -33.97 -18.94 -59.18
C VAL B 395 -35.22 -18.44 -58.49
N THR B 396 -35.56 -19.01 -57.34
CA THR B 396 -36.79 -18.60 -56.68
C THR B 396 -36.85 -17.26 -55.96
N GLN B 397 -36.31 -17.18 -54.75
CA GLN B 397 -36.31 -15.94 -53.98
C GLN B 397 -35.90 -14.75 -54.85
N SER B 398 -35.52 -15.00 -56.11
CA SER B 398 -35.12 -13.93 -57.00
C SER B 398 -36.42 -13.56 -57.69
N THR B 399 -37.00 -14.53 -58.38
CA THR B 399 -38.22 -14.29 -59.13
C THR B 399 -39.13 -13.53 -58.24
N LEU B 400 -39.38 -14.11 -57.09
CA LEU B 400 -40.23 -13.43 -56.16
C LEU B 400 -39.85 -11.94 -56.17
N ARG B 401 -38.55 -11.64 -56.29
CA ARG B 401 -38.10 -10.23 -56.24
C ARG B 401 -39.10 -9.36 -56.97
N ILE B 402 -39.45 -9.82 -58.18
CA ILE B 402 -40.44 -9.15 -59.01
C ILE B 402 -41.26 -10.16 -59.79
N VAL B 403 -42.57 -9.99 -59.75
CA VAL B 403 -43.53 -10.84 -60.44
C VAL B 403 -44.82 -10.06 -60.41
N GLY B 404 -45.89 -10.77 -60.06
CA GLY B 404 -47.21 -10.19 -59.94
C GLY B 404 -48.13 -11.21 -59.31
N ALA B 405 -48.00 -12.44 -59.77
CA ALA B 405 -48.81 -13.52 -59.26
C ALA B 405 -47.94 -14.77 -59.04
N PHE B 406 -48.23 -15.50 -57.96
CA PHE B 406 -47.51 -16.73 -57.68
C PHE B 406 -48.47 -17.88 -57.47
N TRP B 407 -48.31 -18.91 -58.28
CA TRP B 407 -49.15 -20.08 -58.22
C TRP B 407 -48.37 -21.32 -57.77
N ARG B 408 -48.05 -21.36 -56.48
CA ARG B 408 -47.34 -22.47 -55.89
C ARG B 408 -48.10 -23.77 -55.94
N LEU B 409 -47.43 -24.82 -56.37
CA LEU B 409 -48.03 -26.12 -56.41
C LEU B 409 -47.35 -26.82 -55.22
N ASP B 410 -48.08 -27.68 -54.51
CA ASP B 410 -47.50 -28.43 -53.36
C ASP B 410 -47.38 -29.90 -53.78
N ALA B 411 -46.18 -30.45 -53.61
CA ALA B 411 -45.82 -31.83 -53.97
C ALA B 411 -46.71 -32.85 -53.27
N SER B 412 -47.03 -32.54 -52.02
CA SER B 412 -47.91 -33.40 -51.24
C SER B 412 -49.32 -33.29 -51.85
N LEU B 413 -49.93 -32.11 -51.75
CA LEU B 413 -51.28 -31.85 -52.29
C LEU B 413 -51.51 -32.56 -53.63
N ALA B 414 -50.41 -32.82 -54.30
CA ALA B 414 -50.46 -33.49 -55.57
C ALA B 414 -50.26 -34.97 -55.35
N PHE B 415 -49.25 -35.31 -54.55
CA PHE B 415 -48.94 -36.68 -54.23
C PHE B 415 -50.21 -37.47 -53.87
N ARG B 416 -51.27 -36.76 -53.50
CA ARG B 416 -52.54 -37.37 -53.13
C ARG B 416 -53.36 -37.70 -54.35
N ARG B 417 -52.94 -37.13 -55.47
CA ARG B 417 -53.61 -37.28 -56.76
C ARG B 417 -54.64 -36.15 -56.86
N HIS B 418 -54.29 -35.00 -56.30
CA HIS B 418 -55.21 -33.88 -56.36
C HIS B 418 -54.90 -32.95 -57.52
N PHE B 419 -55.89 -32.66 -58.36
CA PHE B 419 -55.70 -31.78 -59.52
C PHE B 419 -56.93 -30.83 -59.62
N PRO B 420 -56.70 -29.52 -59.49
CA PRO B 420 -55.35 -29.00 -59.26
C PRO B 420 -54.93 -29.18 -57.80
N ALA B 421 -53.63 -29.36 -57.57
CA ALA B 421 -53.13 -29.48 -56.20
C ALA B 421 -52.27 -28.24 -55.88
N ILE B 422 -52.72 -27.12 -56.41
CA ILE B 422 -52.06 -25.85 -56.17
C ILE B 422 -52.14 -25.52 -54.70
N ASN B 423 -51.00 -25.41 -54.04
CA ASN B 423 -50.99 -25.06 -52.61
C ASN B 423 -51.09 -23.55 -52.44
N TRP B 424 -52.24 -23.13 -51.92
CA TRP B 424 -52.58 -21.73 -51.73
C TRP B 424 -51.92 -20.96 -50.59
N ASN B 425 -51.85 -21.57 -49.42
CA ASN B 425 -51.22 -20.87 -48.33
C ASN B 425 -49.88 -20.41 -48.86
N GLY B 426 -49.50 -20.96 -50.00
CA GLY B 426 -48.22 -20.61 -50.60
C GLY B 426 -48.34 -19.93 -51.94
N SER B 427 -49.52 -19.37 -52.27
CA SER B 427 -49.73 -18.69 -53.56
C SER B 427 -50.19 -17.24 -53.41
N TYR B 428 -49.97 -16.44 -54.44
CA TYR B 428 -50.37 -15.04 -54.35
C TYR B 428 -50.46 -14.40 -55.73
N SER B 429 -51.13 -13.25 -55.78
CA SER B 429 -51.26 -12.41 -56.99
C SER B 429 -51.65 -10.97 -56.61
N LEU B 430 -50.70 -10.03 -56.72
CA LEU B 430 -50.92 -8.61 -56.37
C LEU B 430 -51.92 -7.91 -57.28
N PHE B 431 -52.12 -8.49 -58.45
CA PHE B 431 -53.07 -7.97 -59.44
C PHE B 431 -54.45 -7.79 -58.79
N THR B 432 -54.98 -8.88 -58.21
CA THR B 432 -56.31 -8.84 -57.59
C THR B 432 -56.62 -7.49 -57.01
N SER B 433 -55.67 -6.94 -56.28
CA SER B 433 -55.82 -5.64 -55.66
C SER B 433 -56.58 -4.68 -56.57
N ALA B 434 -55.95 -4.31 -57.67
CA ALA B 434 -56.54 -3.37 -58.60
C ALA B 434 -57.55 -3.99 -59.53
N LEU B 435 -57.59 -5.33 -59.58
CA LEU B 435 -58.53 -5.98 -60.46
C LEU B 435 -59.86 -6.19 -59.76
N ASP B 436 -59.80 -6.18 -58.44
CA ASP B 436 -61.00 -6.31 -57.65
C ASP B 436 -62.00 -5.25 -58.11
N PRO B 437 -61.56 -4.00 -58.22
CA PRO B 437 -62.45 -2.92 -58.66
C PRO B 437 -63.34 -3.34 -59.82
N TRP B 438 -62.72 -3.72 -60.93
CA TRP B 438 -63.44 -4.14 -62.12
C TRP B 438 -64.28 -5.40 -61.84
N TYR B 439 -63.83 -6.21 -60.90
CA TYR B 439 -64.52 -7.44 -60.58
C TYR B 439 -66.04 -7.31 -60.47
N ARG B 440 -66.48 -6.53 -59.50
CA ARG B 440 -67.90 -6.28 -59.23
C ARG B 440 -68.50 -5.32 -60.25
N GLU B 441 -67.61 -4.51 -60.83
CA GLU B 441 -67.97 -3.52 -61.84
C GLU B 441 -68.68 -4.21 -63.00
N ASN B 442 -67.94 -5.08 -63.67
CA ASN B 442 -68.47 -5.79 -64.82
C ASN B 442 -69.11 -7.09 -64.41
N VAL B 443 -68.41 -7.92 -63.64
CA VAL B 443 -69.05 -9.17 -63.28
C VAL B 443 -70.26 -8.94 -62.39
N ALA B 444 -70.08 -8.90 -61.07
CA ALA B 444 -71.18 -8.67 -60.15
C ALA B 444 -70.69 -7.84 -58.98
N GLU B 445 -71.42 -6.76 -58.69
CA GLU B 445 -71.05 -5.88 -57.59
C GLU B 445 -70.69 -6.66 -56.34
N ASP B 446 -71.39 -7.77 -56.11
CA ASP B 446 -71.14 -8.58 -54.91
C ASP B 446 -70.21 -9.76 -55.19
N TYR B 447 -69.64 -9.82 -56.39
CA TYR B 447 -68.76 -10.91 -56.74
C TYR B 447 -67.56 -11.04 -55.81
N PRO B 448 -66.68 -10.01 -55.75
CA PRO B 448 -65.49 -10.04 -54.88
C PRO B 448 -65.82 -10.38 -53.44
N GLU B 449 -66.77 -9.62 -52.91
CA GLU B 449 -67.16 -9.80 -51.54
C GLU B 449 -67.38 -11.29 -51.24
N LEU B 450 -67.65 -12.12 -52.24
CA LEU B 450 -67.81 -13.54 -51.99
C LEU B 450 -66.43 -14.16 -51.85
N ARG B 451 -65.59 -14.02 -52.87
CA ARG B 451 -64.22 -14.58 -52.87
C ARG B 451 -63.38 -14.20 -51.65
N ASP B 452 -63.29 -12.91 -51.39
CA ASP B 452 -62.50 -12.47 -50.25
C ASP B 452 -63.15 -13.06 -49.02
N ALA B 453 -64.47 -13.20 -49.07
CA ALA B 453 -65.30 -13.71 -47.97
C ALA B 453 -65.12 -15.18 -47.63
N ILE B 454 -65.16 -15.99 -48.65
CA ILE B 454 -64.99 -17.41 -48.45
C ILE B 454 -63.56 -17.69 -48.03
N SER B 455 -62.63 -16.88 -48.52
CA SER B 455 -61.21 -17.07 -48.22
C SER B 455 -60.98 -17.37 -46.74
N GLU B 456 -61.92 -16.96 -45.90
CA GLU B 456 -61.76 -17.16 -44.47
C GLU B 456 -61.41 -18.60 -44.14
N LEU B 457 -61.75 -19.49 -45.07
CA LEU B 457 -61.47 -20.90 -44.91
C LEU B 457 -60.07 -21.02 -44.38
N LEU B 458 -59.12 -20.62 -45.21
CA LEU B 458 -57.73 -20.68 -44.84
C LEU B 458 -57.51 -19.96 -43.52
N GLN B 459 -58.09 -18.77 -43.40
CA GLN B 459 -57.93 -17.99 -42.18
C GLN B 459 -58.32 -18.82 -40.95
N ARG B 460 -59.54 -19.36 -40.95
CA ARG B 460 -60.02 -20.16 -39.83
C ARG B 460 -59.65 -21.63 -40.01
N GLU B 461 -58.80 -21.90 -41.01
CA GLU B 461 -58.36 -23.26 -41.28
C GLU B 461 -56.88 -23.43 -40.96
N ALA B 462 -56.07 -22.49 -41.44
CA ALA B 462 -54.63 -22.53 -41.21
C ALA B 462 -54.30 -22.94 -39.79
N GLY B 463 -54.82 -22.17 -38.84
CA GLY B 463 -54.57 -22.46 -37.43
C GLY B 463 -55.62 -23.38 -36.81
N LEU B 464 -56.52 -23.87 -37.64
CA LEU B 464 -57.56 -24.76 -37.15
C LEU B 464 -57.09 -26.17 -37.39
N GLN B 465 -56.66 -26.46 -38.61
CA GLN B 465 -56.22 -27.80 -38.88
C GLN B 465 -55.10 -28.05 -37.85
N GLU B 466 -54.05 -27.26 -37.95
CA GLU B 466 -52.88 -27.38 -37.09
C GLU B 466 -53.03 -28.38 -35.95
N ILE B 467 -53.62 -27.94 -34.85
CA ILE B 467 -53.81 -28.81 -33.71
C ILE B 467 -54.86 -29.88 -33.99
N VAL B 468 -55.95 -29.44 -34.59
CA VAL B 468 -57.02 -30.35 -34.89
C VAL B 468 -56.72 -31.36 -35.99
N GLN B 469 -55.54 -31.31 -36.60
CA GLN B 469 -55.25 -32.28 -37.67
C GLN B 469 -55.18 -33.72 -37.17
N LEU B 470 -54.52 -33.89 -36.02
CA LEU B 470 -54.40 -35.20 -35.41
C LEU B 470 -55.69 -35.53 -34.64
N VAL B 471 -56.00 -34.71 -33.64
CA VAL B 471 -57.16 -34.89 -32.80
C VAL B 471 -58.43 -35.11 -33.63
N GLY B 472 -58.75 -34.16 -34.49
CA GLY B 472 -59.92 -34.32 -35.34
C GLY B 472 -61.27 -34.12 -34.69
N PRO B 473 -62.36 -34.51 -35.37
CA PRO B 473 -63.72 -34.37 -34.85
C PRO B 473 -63.85 -35.08 -33.52
N ASP B 474 -63.56 -34.39 -32.43
CA ASP B 474 -63.65 -35.02 -31.12
C ASP B 474 -64.05 -34.10 -29.96
N ALA B 475 -63.08 -33.50 -29.27
CA ALA B 475 -63.40 -32.61 -28.14
C ALA B 475 -64.06 -31.32 -28.63
N LEU B 476 -64.27 -31.29 -29.94
CA LEU B 476 -64.88 -30.16 -30.61
C LEU B 476 -66.29 -29.94 -30.16
N GLN B 477 -66.66 -28.67 -29.95
CA GLN B 477 -68.01 -28.35 -29.56
C GLN B 477 -68.91 -28.98 -30.61
N ASP B 478 -68.94 -28.35 -31.77
CA ASP B 478 -69.72 -28.80 -32.91
C ASP B 478 -69.36 -27.94 -34.09
N ALA B 479 -69.62 -26.63 -33.99
CA ALA B 479 -69.29 -25.69 -35.06
C ALA B 479 -67.83 -25.87 -35.45
N GLU B 480 -67.07 -26.52 -34.59
CA GLU B 480 -65.67 -26.79 -34.82
C GLU B 480 -65.46 -27.48 -36.15
N ARG B 481 -66.15 -28.62 -36.32
CA ARG B 481 -66.05 -29.40 -37.54
C ARG B 481 -66.61 -28.67 -38.75
N LEU B 482 -67.83 -28.14 -38.62
CA LEU B 482 -68.47 -27.43 -39.71
C LEU B 482 -67.48 -26.53 -40.47
N VAL B 483 -66.51 -25.97 -39.76
CA VAL B 483 -65.52 -25.11 -40.37
C VAL B 483 -64.61 -25.84 -41.36
N ILE B 484 -64.19 -27.05 -40.99
CA ILE B 484 -63.32 -27.83 -41.87
C ILE B 484 -64.14 -28.73 -42.75
N GLU B 485 -65.41 -28.88 -42.40
CA GLU B 485 -66.28 -29.72 -43.20
C GLU B 485 -66.47 -29.03 -44.55
N VAL B 486 -66.77 -27.74 -44.49
CA VAL B 486 -66.99 -26.92 -45.69
C VAL B 486 -65.72 -26.92 -46.54
N GLY B 487 -64.57 -26.66 -45.89
CA GLY B 487 -63.30 -26.65 -46.59
C GLY B 487 -63.25 -27.89 -47.46
N ARG B 488 -63.67 -29.00 -46.87
CA ARG B 488 -63.69 -30.28 -47.58
C ARG B 488 -64.34 -30.20 -48.96
N ILE B 489 -65.53 -29.58 -49.02
CA ILE B 489 -66.26 -29.43 -50.28
C ILE B 489 -65.55 -28.38 -51.12
N ILE B 490 -65.16 -27.30 -50.46
CA ILE B 490 -64.45 -26.21 -51.10
C ILE B 490 -63.13 -26.67 -51.72
N ARG B 491 -62.57 -27.74 -51.15
CA ARG B 491 -61.28 -28.29 -51.56
C ARG B 491 -61.41 -29.59 -52.34
N GLU B 492 -62.56 -30.26 -52.24
CA GLU B 492 -62.75 -31.51 -52.99
C GLU B 492 -63.76 -31.26 -54.10
N ASP B 493 -64.49 -30.15 -54.01
CA ASP B 493 -65.47 -29.82 -55.03
C ASP B 493 -65.06 -28.51 -55.70
N PHE B 494 -65.06 -27.44 -54.93
CA PHE B 494 -64.72 -26.12 -55.43
C PHE B 494 -63.27 -25.95 -55.83
N LEU B 495 -62.37 -26.23 -54.89
CA LEU B 495 -60.94 -26.11 -55.15
C LEU B 495 -60.54 -26.96 -56.34
N GLN B 496 -60.61 -28.28 -56.16
CA GLN B 496 -60.25 -29.24 -57.20
C GLN B 496 -61.08 -28.94 -58.44
N GLN B 497 -60.40 -28.78 -59.57
CA GLN B 497 -61.04 -28.48 -60.82
C GLN B 497 -60.43 -29.36 -61.91
N ASN B 498 -60.12 -30.61 -61.57
CA ASN B 498 -59.51 -31.53 -62.54
C ASN B 498 -59.55 -30.93 -63.95
N ALA B 499 -58.54 -30.11 -64.24
CA ALA B 499 -58.42 -29.43 -65.51
C ALA B 499 -58.32 -30.45 -66.65
N TYR B 500 -58.31 -31.73 -66.26
CA TYR B 500 -58.21 -32.83 -67.21
C TYR B 500 -59.54 -33.07 -67.92
N HIS B 501 -60.63 -33.17 -67.16
CA HIS B 501 -61.94 -33.41 -67.76
C HIS B 501 -62.48 -32.20 -68.49
N GLU B 502 -63.35 -32.45 -69.46
CA GLU B 502 -63.96 -31.40 -70.30
C GLU B 502 -65.07 -30.64 -69.57
N VAL B 503 -65.75 -31.32 -68.66
CA VAL B 503 -66.84 -30.72 -67.91
C VAL B 503 -66.45 -29.50 -67.07
N ASP B 504 -65.64 -29.72 -66.05
CA ASP B 504 -65.22 -28.64 -65.18
C ASP B 504 -63.94 -28.04 -65.68
N ALA B 505 -63.42 -28.59 -66.76
CA ALA B 505 -62.18 -28.05 -67.27
C ALA B 505 -62.43 -26.57 -67.57
N TYR B 506 -63.14 -26.29 -68.66
CA TYR B 506 -63.43 -24.91 -69.10
C TYR B 506 -64.45 -24.28 -68.18
N CYS B 507 -64.22 -23.01 -67.88
CA CYS B 507 -65.12 -22.29 -67.03
C CYS B 507 -64.83 -20.82 -67.02
N SER B 508 -65.89 -20.06 -66.83
CA SER B 508 -65.76 -18.62 -66.79
C SER B 508 -66.15 -18.18 -65.40
N MET B 509 -65.68 -16.99 -65.03
CA MET B 509 -65.95 -16.45 -63.70
C MET B 509 -67.39 -16.70 -63.24
N LYS B 510 -68.35 -15.99 -63.83
CA LYS B 510 -69.78 -16.10 -63.48
C LYS B 510 -70.27 -17.55 -63.23
N LYS B 511 -69.43 -18.53 -63.61
CA LYS B 511 -69.71 -19.95 -63.44
C LYS B 511 -69.17 -20.31 -62.09
N ALA B 512 -67.86 -20.21 -61.94
CA ALA B 512 -67.24 -20.54 -60.67
C ALA B 512 -67.96 -19.82 -59.54
N TYR B 513 -68.36 -18.58 -59.79
CA TYR B 513 -69.04 -17.73 -58.81
C TYR B 513 -70.25 -18.37 -58.16
N GLY B 514 -71.09 -18.97 -58.99
CA GLY B 514 -72.29 -19.60 -58.48
C GLY B 514 -71.83 -20.72 -57.59
N ILE B 515 -70.82 -21.44 -58.05
CA ILE B 515 -70.26 -22.54 -57.30
C ILE B 515 -69.95 -22.06 -55.87
N MET B 516 -68.93 -21.20 -55.75
CA MET B 516 -68.56 -20.71 -54.43
C MET B 516 -69.79 -20.24 -53.66
N LYS B 517 -70.70 -19.60 -54.37
CA LYS B 517 -71.91 -19.13 -53.74
C LYS B 517 -72.70 -20.28 -53.16
N MET B 518 -73.15 -21.20 -54.02
CA MET B 518 -73.96 -22.34 -53.59
C MET B 518 -73.46 -22.93 -52.30
N ILE B 519 -72.17 -22.78 -52.03
CA ILE B 519 -71.61 -23.32 -50.80
C ILE B 519 -71.72 -22.30 -49.68
N LEU B 520 -71.86 -21.05 -50.06
CA LEU B 520 -72.00 -19.97 -49.11
C LEU B 520 -73.40 -19.88 -48.52
N ALA B 521 -74.38 -19.65 -49.40
CA ALA B 521 -75.80 -19.52 -49.01
C ALA B 521 -76.29 -20.74 -48.23
N PHE B 522 -75.51 -21.82 -48.31
CA PHE B 522 -75.80 -23.06 -47.62
C PHE B 522 -75.01 -23.03 -46.31
N TYR B 523 -74.02 -22.17 -46.25
CA TYR B 523 -73.23 -22.08 -45.04
C TYR B 523 -73.80 -21.09 -44.03
N LYS B 524 -74.25 -19.92 -44.50
CA LYS B 524 -74.81 -18.87 -43.64
C LYS B 524 -75.97 -19.38 -42.78
N GLU B 525 -76.57 -20.49 -43.24
CA GLU B 525 -77.69 -21.14 -42.56
C GLU B 525 -77.25 -22.46 -41.92
N ALA B 526 -76.21 -23.07 -42.47
CA ALA B 526 -75.70 -24.34 -41.96
C ALA B 526 -75.16 -24.19 -40.56
N GLU B 527 -74.47 -23.09 -40.31
CA GLU B 527 -73.92 -22.83 -38.99
C GLU B 527 -74.98 -22.28 -38.07
N ALA B 528 -75.99 -21.67 -38.67
CA ALA B 528 -77.08 -21.10 -37.91
C ALA B 528 -77.96 -22.24 -37.43
N ALA B 529 -77.76 -23.41 -38.03
CA ALA B 529 -78.52 -24.60 -37.71
C ALA B 529 -77.98 -25.31 -36.46
N ILE B 530 -76.69 -25.65 -36.46
CA ILE B 530 -76.08 -26.32 -35.31
C ILE B 530 -76.01 -25.39 -34.11
N LYS B 531 -76.13 -24.09 -34.37
CA LYS B 531 -76.09 -23.07 -33.32
C LYS B 531 -77.48 -22.84 -32.76
N ARG B 532 -78.49 -23.25 -33.53
CA ARG B 532 -79.89 -23.09 -33.12
C ARG B 532 -80.37 -24.43 -32.53
N GLY B 533 -79.73 -25.52 -32.92
CA GLY B 533 -80.11 -26.82 -32.40
C GLY B 533 -80.00 -28.02 -33.31
N VAL B 534 -79.72 -27.82 -34.60
CA VAL B 534 -79.63 -28.93 -35.54
C VAL B 534 -78.32 -29.74 -35.44
N SER B 535 -78.42 -31.02 -35.77
CA SER B 535 -77.30 -31.96 -35.72
C SER B 535 -76.14 -31.54 -36.60
N ILE B 536 -74.95 -32.08 -36.31
CA ILE B 536 -73.74 -31.81 -37.10
C ILE B 536 -73.57 -32.95 -38.09
N ASP B 537 -73.40 -34.15 -37.56
CA ASP B 537 -73.22 -35.36 -38.38
C ASP B 537 -74.54 -35.79 -39.04
N GLU B 538 -75.43 -34.82 -39.25
CA GLU B 538 -76.73 -35.05 -39.89
C GLU B 538 -76.80 -34.11 -41.10
N ILE B 539 -76.66 -32.81 -40.86
CA ILE B 539 -76.68 -31.85 -41.94
C ILE B 539 -75.83 -32.45 -43.02
N LEU B 540 -74.69 -33.02 -42.60
CA LEU B 540 -73.71 -33.63 -43.49
C LEU B 540 -74.14 -34.88 -44.27
N GLN B 541 -75.43 -35.21 -44.28
CA GLN B 541 -75.85 -36.40 -45.01
C GLN B 541 -76.93 -36.04 -46.00
N LEU B 542 -77.03 -34.75 -46.29
CA LEU B 542 -78.01 -34.19 -47.22
C LEU B 542 -77.53 -34.23 -48.69
N PRO B 543 -78.24 -34.99 -49.55
CA PRO B 543 -77.87 -35.10 -50.97
C PRO B 543 -77.96 -33.77 -51.70
N VAL B 544 -78.66 -32.81 -51.09
CA VAL B 544 -78.80 -31.48 -51.69
C VAL B 544 -77.43 -30.83 -51.85
N LEU B 545 -76.59 -30.98 -50.83
CA LEU B 545 -75.24 -30.41 -50.84
C LEU B 545 -74.33 -31.12 -51.83
N GLU B 546 -74.56 -32.41 -52.00
CA GLU B 546 -73.72 -33.17 -52.91
C GLU B 546 -73.87 -32.64 -54.33
N ARG B 547 -75.00 -32.01 -54.60
CA ARG B 547 -75.26 -31.46 -55.92
C ARG B 547 -74.32 -30.29 -56.16
N ILE B 548 -73.66 -29.86 -55.10
CA ILE B 548 -72.72 -28.76 -55.17
C ILE B 548 -71.40 -29.24 -55.74
N GLY B 549 -70.93 -30.37 -55.26
CA GLY B 549 -69.67 -30.91 -55.71
C GLY B 549 -69.55 -30.94 -57.21
N ARG B 550 -70.69 -31.10 -57.87
CA ARG B 550 -70.72 -31.15 -59.32
C ARG B 550 -70.89 -29.80 -59.99
N ALA B 551 -71.32 -28.80 -59.24
CA ALA B 551 -71.54 -27.46 -59.79
C ALA B 551 -70.41 -27.04 -60.73
N ARG B 552 -69.20 -27.47 -60.40
CA ARG B 552 -68.02 -27.16 -61.19
C ARG B 552 -68.10 -27.96 -62.48
N TYR B 553 -68.44 -29.23 -62.33
CA TYR B 553 -68.59 -30.16 -63.44
C TYR B 553 -69.76 -29.74 -64.33
N VAL B 554 -70.63 -28.91 -63.79
CA VAL B 554 -71.81 -28.44 -64.52
C VAL B 554 -71.42 -27.64 -65.76
N SER B 555 -72.23 -27.74 -66.82
CA SER B 555 -71.95 -27.00 -68.05
C SER B 555 -72.27 -25.52 -67.78
N GLU B 556 -71.33 -24.67 -68.19
CA GLU B 556 -71.41 -23.24 -68.04
C GLU B 556 -72.76 -22.64 -68.46
N GLU B 557 -73.53 -23.39 -69.22
CA GLU B 557 -74.82 -22.94 -69.72
C GLU B 557 -76.01 -23.37 -68.85
N GLU B 558 -75.94 -24.59 -68.32
CA GLU B 558 -77.01 -25.10 -67.48
C GLU B 558 -76.70 -24.65 -66.07
N PHE B 559 -75.46 -24.25 -65.83
CA PHE B 559 -75.06 -23.79 -64.52
C PHE B 559 -76.13 -22.84 -63.98
N PRO B 560 -76.50 -21.84 -64.79
CA PRO B 560 -77.52 -20.86 -64.39
C PRO B 560 -78.81 -21.56 -63.99
N ALA B 561 -79.34 -22.32 -64.94
CA ALA B 561 -80.58 -23.05 -64.70
C ALA B 561 -80.36 -24.01 -63.54
N TYR B 562 -79.18 -24.62 -63.50
CA TYR B 562 -78.80 -25.56 -62.46
C TYR B 562 -78.70 -24.83 -61.12
N PHE B 563 -78.56 -23.52 -61.21
CA PHE B 563 -78.44 -22.67 -60.05
C PHE B 563 -79.81 -22.33 -59.49
N GLU B 564 -80.70 -21.95 -60.38
CA GLU B 564 -82.07 -21.59 -60.01
C GLU B 564 -82.66 -22.59 -59.03
N GLU B 565 -82.69 -23.86 -59.43
CA GLU B 565 -83.25 -24.91 -58.57
C GLU B 565 -82.34 -25.26 -57.40
N ALA B 566 -81.13 -25.68 -57.71
CA ALA B 566 -80.14 -26.06 -56.71
C ALA B 566 -80.10 -25.08 -55.54
N MET B 567 -79.85 -23.81 -55.86
CA MET B 567 -79.78 -22.79 -54.83
C MET B 567 -81.03 -22.82 -53.96
N LYS B 568 -82.15 -22.39 -54.53
CA LYS B 568 -83.42 -22.38 -53.81
C LYS B 568 -83.73 -23.75 -53.23
N GLU B 569 -83.08 -24.77 -53.77
CA GLU B 569 -83.28 -26.13 -53.29
C GLU B 569 -82.79 -26.21 -51.86
N ILE B 570 -81.77 -25.42 -51.54
CA ILE B 570 -81.22 -25.39 -50.20
C ILE B 570 -82.21 -24.81 -49.20
N GLN B 571 -82.70 -23.61 -49.50
CA GLN B 571 -83.65 -22.92 -48.62
C GLN B 571 -84.70 -23.89 -48.11
N GLY B 572 -85.06 -24.86 -48.95
CA GLY B 572 -86.06 -25.84 -48.58
C GLY B 572 -85.49 -27.21 -48.22
N ALA B 573 -84.25 -27.46 -48.61
CA ALA B 573 -83.62 -28.75 -48.31
C ALA B 573 -83.05 -28.70 -46.91
N PHE B 574 -83.01 -27.49 -46.36
CA PHE B 574 -82.49 -27.25 -45.02
C PHE B 574 -83.63 -27.19 -44.02
N LYS B 575 -84.82 -26.77 -44.47
CA LYS B 575 -85.97 -26.70 -43.58
C LYS B 575 -86.49 -28.09 -43.25
N ALA B 576 -85.88 -28.71 -42.24
CA ALA B 576 -86.26 -30.05 -41.81
C ALA B 576 -85.88 -30.25 -40.34
N LEU B 577 -85.27 -29.23 -39.73
CA LEU B 577 -84.86 -29.32 -38.33
C LEU B 577 -84.95 -27.97 -37.63
N MET C 1 14.48 18.89 -51.09
CA MET C 1 13.07 18.55 -51.45
C MET C 1 12.98 17.83 -52.80
N ILE C 2 12.38 16.63 -52.77
CA ILE C 2 12.21 15.76 -53.95
C ILE C 2 10.96 16.10 -54.77
N GLN C 3 11.09 17.05 -55.71
CA GLN C 3 9.97 17.48 -56.53
C GLN C 3 9.44 16.43 -57.54
N GLY C 4 8.45 16.83 -58.34
CA GLY C 4 7.84 15.94 -59.32
C GLY C 4 6.39 16.34 -59.57
N VAL C 5 5.65 15.51 -60.28
CA VAL C 5 4.26 15.86 -60.53
C VAL C 5 3.48 14.58 -60.58
N ILE C 6 2.35 14.66 -61.26
CA ILE C 6 1.42 13.54 -61.42
C ILE C 6 1.64 12.70 -62.68
N GLN C 7 1.13 11.47 -62.69
CA GLN C 7 1.25 10.55 -63.84
C GLN C 7 -0.08 9.93 -64.20
N LYS C 8 -0.67 9.25 -63.21
CA LYS C 8 -1.92 8.57 -63.38
C LYS C 8 -2.82 8.82 -62.18
N ILE C 9 -4.07 8.40 -62.31
CA ILE C 9 -5.00 8.54 -61.22
C ILE C 9 -5.68 7.21 -61.02
N ALA C 10 -6.01 6.93 -59.76
CA ALA C 10 -6.66 5.68 -59.38
C ALA C 10 -7.76 5.94 -58.36
N GLY C 11 -8.94 6.28 -58.85
CA GLY C 11 -10.06 6.57 -57.96
C GLY C 11 -9.55 7.51 -56.88
N PRO C 12 -9.74 7.17 -55.59
CA PRO C 12 -9.28 8.02 -54.47
C PRO C 12 -7.74 8.03 -54.33
N ALA C 13 -7.10 6.97 -54.79
CA ALA C 13 -5.65 6.88 -54.73
C ALA C 13 -5.11 7.66 -55.91
N VAL C 14 -3.84 8.03 -55.85
CA VAL C 14 -3.22 8.78 -56.92
C VAL C 14 -1.74 8.50 -57.01
N ILE C 15 -1.20 8.57 -58.22
CA ILE C 15 0.22 8.32 -58.40
C ILE C 15 0.91 9.59 -58.94
N ALA C 16 2.25 9.61 -58.90
CA ALA C 16 3.04 10.76 -59.35
C ALA C 16 4.42 10.39 -59.94
N LYS C 17 4.98 11.23 -60.82
CA LYS C 17 6.29 10.95 -61.45
C LYS C 17 7.33 12.04 -61.34
N GLY C 18 8.58 11.67 -61.65
CA GLY C 18 9.71 12.58 -61.59
C GLY C 18 10.16 12.78 -60.16
N MET C 19 9.82 11.81 -59.31
CA MET C 19 10.11 11.85 -57.88
C MET C 19 10.99 10.67 -57.43
N LEU C 20 12.22 10.67 -57.92
CA LEU C 20 13.22 9.63 -57.64
C LEU C 20 13.84 9.76 -56.26
N GLY C 21 14.32 8.64 -55.73
CA GLY C 21 14.95 8.64 -54.42
C GLY C 21 14.20 9.43 -53.35
N ALA C 22 12.89 9.55 -53.54
CA ALA C 22 12.05 10.26 -52.59
C ALA C 22 11.95 9.40 -51.35
N ARG C 23 11.73 10.04 -50.21
CA ARG C 23 11.63 9.31 -48.96
C ARG C 23 10.33 8.51 -48.98
N MET C 24 10.16 7.60 -48.04
CA MET C 24 8.95 6.76 -48.04
C MET C 24 7.87 7.19 -47.04
N TYR C 25 6.61 7.18 -47.49
CA TYR C 25 5.47 7.56 -46.66
C TYR C 25 5.69 8.92 -46.03
N ASP C 26 5.31 9.99 -46.72
CA ASP C 26 5.51 11.35 -46.21
C ASP C 26 4.40 12.31 -46.63
N ILE C 27 4.54 13.57 -46.23
CA ILE C 27 3.57 14.60 -46.58
C ILE C 27 3.63 14.85 -48.09
N CYS C 28 2.56 14.50 -48.81
CA CYS C 28 2.53 14.69 -50.27
C CYS C 28 1.34 15.55 -50.77
N LYS C 29 1.59 16.81 -51.11
CA LYS C 29 0.53 17.71 -51.58
C LYS C 29 0.40 17.68 -53.11
N VAL C 30 -0.19 16.60 -53.62
CA VAL C 30 -0.38 16.36 -55.04
C VAL C 30 -1.53 17.21 -55.57
N GLY C 31 -1.67 17.26 -56.89
CA GLY C 31 -2.72 18.06 -57.48
C GLY C 31 -2.30 19.52 -57.37
N GLU C 32 -3.00 20.40 -58.07
CA GLU C 32 -2.71 21.83 -58.03
C GLU C 32 -3.17 22.48 -56.72
N GLU C 33 -3.65 21.66 -55.79
CA GLU C 33 -4.15 22.15 -54.51
C GLU C 33 -3.43 21.47 -53.32
N GLY C 34 -2.85 20.30 -53.57
CA GLY C 34 -2.12 19.59 -52.52
C GLY C 34 -3.02 19.02 -51.46
N LEU C 35 -3.94 18.16 -51.87
CA LEU C 35 -4.88 17.54 -50.94
C LEU C 35 -4.15 16.59 -49.97
N VAL C 36 -2.82 16.63 -50.01
CA VAL C 36 -2.01 15.80 -49.14
C VAL C 36 -2.22 14.28 -49.32
N GLY C 37 -1.28 13.66 -50.02
CA GLY C 37 -1.31 12.24 -50.30
C GLY C 37 -0.33 11.48 -49.43
N GLU C 38 0.27 10.40 -49.96
CA GLU C 38 1.21 9.59 -49.18
C GLU C 38 2.10 8.73 -50.07
N ILE C 39 3.40 8.69 -49.76
CA ILE C 39 4.32 7.89 -50.56
C ILE C 39 4.19 6.40 -50.19
N ILE C 40 3.52 5.66 -51.06
CA ILE C 40 3.30 4.23 -50.86
C ILE C 40 4.51 3.44 -51.36
N ARG C 41 4.33 2.81 -52.50
CA ARG C 41 5.33 2.00 -53.17
C ARG C 41 6.28 2.90 -53.97
N LEU C 42 7.57 2.57 -53.99
CA LEU C 42 8.52 3.38 -54.75
C LEU C 42 9.24 2.56 -55.82
N ASP C 43 8.86 2.79 -57.08
CA ASP C 43 9.46 2.08 -58.21
C ASP C 43 10.01 3.10 -59.21
N GLY C 44 11.33 3.07 -59.44
CA GLY C 44 11.95 4.01 -60.37
C GLY C 44 11.86 5.45 -59.92
N ASP C 45 11.13 6.26 -60.69
CA ASP C 45 10.94 7.68 -60.39
C ASP C 45 9.47 7.99 -60.07
N THR C 46 8.67 6.95 -59.95
CA THR C 46 7.24 7.09 -59.66
C THR C 46 6.88 6.51 -58.28
N ALA C 47 6.68 7.37 -57.29
CA ALA C 47 6.32 6.93 -55.95
C ALA C 47 4.81 6.98 -55.79
N PHE C 48 4.17 5.83 -55.60
CA PHE C 48 2.71 5.80 -55.45
C PHE C 48 2.23 6.68 -54.30
N VAL C 49 1.51 7.72 -54.66
CA VAL C 49 1.00 8.66 -53.69
C VAL C 49 -0.33 8.18 -53.17
N GLN C 50 -0.71 8.67 -52.00
CA GLN C 50 -1.98 8.28 -51.43
C GLN C 50 -2.74 9.43 -50.85
N VAL C 51 -3.55 10.02 -51.72
CA VAL C 51 -4.38 11.15 -51.40
C VAL C 51 -5.18 10.98 -50.10
N TYR C 52 -5.49 12.09 -49.43
CA TYR C 52 -6.27 12.03 -48.20
C TYR C 52 -7.65 12.67 -48.37
N GLU C 53 -7.85 13.31 -49.51
CA GLU C 53 -9.14 13.92 -49.82
C GLU C 53 -9.67 13.30 -51.10
N ASP C 54 -10.85 13.71 -51.54
CA ASP C 54 -11.45 13.14 -52.74
C ASP C 54 -10.63 13.50 -54.00
N THR C 55 -9.98 12.49 -54.56
CA THR C 55 -9.19 12.68 -55.77
C THR C 55 -10.09 13.01 -56.95
N SER C 56 -11.29 12.46 -56.92
CA SER C 56 -12.27 12.68 -57.98
C SER C 56 -12.42 14.17 -58.27
N GLY C 57 -12.02 14.58 -59.47
CA GLY C 57 -12.14 15.98 -59.85
C GLY C 57 -10.83 16.63 -60.22
N LEU C 58 -9.79 15.82 -60.32
CA LEU C 58 -8.49 16.34 -60.67
C LEU C 58 -7.87 15.57 -61.82
N LYS C 59 -7.38 16.33 -62.80
CA LYS C 59 -6.76 15.76 -63.99
C LYS C 59 -5.42 15.08 -63.72
N VAL C 60 -4.65 14.87 -64.78
CA VAL C 60 -3.36 14.21 -64.67
C VAL C 60 -2.16 15.16 -64.72
N GLY C 61 -1.06 14.75 -64.06
CA GLY C 61 0.17 15.52 -64.06
C GLY C 61 0.34 16.70 -63.11
N GLU C 62 -0.70 17.04 -62.37
CA GLU C 62 -0.59 18.18 -61.49
C GLU C 62 0.60 18.13 -60.57
N PRO C 63 0.87 19.24 -59.87
CA PRO C 63 2.00 19.37 -58.95
C PRO C 63 1.95 18.42 -57.77
N VAL C 64 3.00 17.64 -57.63
CA VAL C 64 3.13 16.68 -56.54
C VAL C 64 4.36 17.09 -55.74
N VAL C 65 4.45 16.65 -54.48
CA VAL C 65 5.60 16.98 -53.61
C VAL C 65 5.83 15.84 -52.59
N SER C 66 7.10 15.59 -52.23
CA SER C 66 7.46 14.51 -51.29
C SER C 66 8.32 14.96 -50.10
N THR C 67 7.66 15.45 -49.04
CA THR C 67 8.36 15.96 -47.86
C THR C 67 9.53 15.07 -47.40
N GLY C 68 9.37 13.76 -47.53
CA GLY C 68 10.44 12.89 -47.11
C GLY C 68 10.16 12.39 -45.70
N LEU C 69 9.08 12.91 -45.10
CA LEU C 69 8.64 12.54 -43.75
C LEU C 69 7.09 12.55 -43.70
N PRO C 70 6.46 11.59 -43.00
CA PRO C 70 5.00 11.52 -42.90
C PRO C 70 4.42 12.85 -42.42
N LEU C 71 3.11 12.92 -42.25
CA LEU C 71 2.50 14.16 -41.76
C LEU C 71 2.49 14.17 -40.25
N ALA C 72 2.37 15.36 -39.67
CA ALA C 72 2.35 15.51 -38.22
C ALA C 72 1.36 16.61 -37.82
N VAL C 73 0.61 16.37 -36.74
CA VAL C 73 -0.35 17.37 -36.28
C VAL C 73 0.28 18.24 -35.21
N GLU C 74 0.12 19.55 -35.36
CA GLU C 74 0.68 20.52 -34.41
C GLU C 74 0.13 20.29 -33.00
N LEU C 75 1.03 20.08 -32.05
CA LEU C 75 0.64 19.86 -30.66
C LEU C 75 1.08 21.01 -29.78
N GLY C 76 0.32 21.25 -28.71
CA GLY C 76 0.65 22.33 -27.79
C GLY C 76 -0.57 23.01 -27.17
N PRO C 77 -0.40 24.19 -26.57
CA PRO C 77 -1.52 24.91 -25.95
C PRO C 77 -2.50 25.46 -27.00
N GLY C 78 -3.80 25.22 -26.78
CA GLY C 78 -4.78 25.72 -27.73
C GLY C 78 -5.66 24.67 -28.40
N MET C 79 -5.76 23.50 -27.78
CA MET C 79 -6.57 22.44 -28.34
C MET C 79 -7.91 22.35 -27.65
N LEU C 80 -7.92 22.39 -26.32
CA LEU C 80 -9.16 22.31 -25.56
C LEU C 80 -10.20 23.23 -26.18
N ASN C 81 -11.47 22.88 -26.01
CA ASN C 81 -12.56 23.68 -26.56
C ASN C 81 -12.25 24.17 -27.97
N GLY C 82 -12.08 23.23 -28.90
CA GLY C 82 -11.78 23.57 -30.28
C GLY C 82 -11.71 22.35 -31.17
N ILE C 83 -12.71 22.16 -32.04
CA ILE C 83 -12.72 20.99 -32.92
C ILE C 83 -11.53 20.92 -33.85
N TYR C 84 -10.60 20.07 -33.47
CA TYR C 84 -9.38 19.88 -34.23
C TYR C 84 -9.42 18.70 -35.15
N ASP C 85 -10.61 18.10 -35.36
CA ASP C 85 -10.75 16.96 -36.27
C ASP C 85 -9.66 15.91 -36.03
N GLY C 86 -9.56 14.93 -36.93
CA GLY C 86 -8.53 13.89 -36.80
C GLY C 86 -7.57 13.92 -37.99
N ILE C 87 -7.18 15.12 -38.40
CA ILE C 87 -6.29 15.32 -39.54
C ILE C 87 -5.71 16.75 -39.60
N GLN C 88 -5.36 17.29 -38.44
CA GLN C 88 -4.79 18.62 -38.36
C GLN C 88 -5.60 19.65 -39.14
N ARG C 89 -6.92 19.52 -39.13
CA ARG C 89 -7.76 20.46 -39.86
C ARG C 89 -8.90 21.01 -39.01
N PRO C 90 -8.56 21.76 -37.94
CA PRO C 90 -9.59 22.32 -37.04
C PRO C 90 -10.83 22.81 -37.81
N LEU C 91 -11.89 21.99 -37.78
CA LEU C 91 -13.11 22.34 -38.48
C LEU C 91 -13.62 23.74 -38.14
N GLU C 92 -13.38 24.18 -36.91
CA GLU C 92 -13.80 25.50 -36.47
C GLU C 92 -13.58 26.54 -37.58
N ARG C 93 -12.33 26.77 -37.94
CA ARG C 93 -11.99 27.74 -38.99
C ARG C 93 -12.46 27.24 -40.36
N ILE C 94 -12.26 25.95 -40.64
CA ILE C 94 -12.69 25.38 -41.91
C ILE C 94 -14.15 25.73 -42.09
N ARG C 95 -14.93 25.42 -41.07
CA ARG C 95 -16.37 25.71 -41.05
C ARG C 95 -16.69 27.05 -41.66
N GLU C 96 -15.89 28.05 -41.33
CA GLU C 96 -16.09 29.41 -41.80
C GLU C 96 -15.51 29.72 -43.18
N LYS C 97 -14.21 29.47 -43.34
CA LYS C 97 -13.55 29.73 -44.62
C LYS C 97 -14.01 28.80 -45.73
N THR C 98 -14.27 27.53 -45.39
CA THR C 98 -14.72 26.56 -46.37
C THR C 98 -16.25 26.60 -46.46
N GLY C 99 -16.78 27.80 -46.72
CA GLY C 99 -18.21 28.01 -46.83
C GLY C 99 -18.98 27.49 -45.63
N ILE C 100 -19.47 26.26 -45.78
CA ILE C 100 -20.23 25.63 -44.72
C ILE C 100 -20.18 24.11 -44.83
N TYR C 101 -19.67 23.58 -45.95
CA TYR C 101 -19.59 22.13 -46.13
C TYR C 101 -18.15 21.64 -46.05
N ILE C 102 -18.00 20.32 -45.95
CA ILE C 102 -16.70 19.69 -45.87
C ILE C 102 -15.96 19.91 -47.19
N THR C 103 -15.25 21.02 -47.27
CA THR C 103 -14.51 21.33 -48.48
C THR C 103 -13.29 20.42 -48.59
N ARG C 104 -12.78 20.26 -49.81
CA ARG C 104 -11.59 19.45 -50.07
C ARG C 104 -10.51 20.35 -50.66
N GLY C 105 -9.27 20.17 -50.23
CA GLY C 105 -8.19 21.00 -50.73
C GLY C 105 -7.86 22.13 -49.78
N VAL C 106 -8.84 22.98 -49.51
CA VAL C 106 -8.64 24.11 -48.60
C VAL C 106 -8.19 23.60 -47.24
N VAL C 107 -7.12 24.21 -46.75
CA VAL C 107 -6.54 23.86 -45.47
C VAL C 107 -6.36 25.15 -44.67
N VAL C 108 -7.09 25.26 -43.56
CA VAL C 108 -6.99 26.45 -42.71
C VAL C 108 -5.86 26.31 -41.69
N HIS C 109 -5.53 27.41 -41.01
CA HIS C 109 -4.45 27.45 -40.00
C HIS C 109 -4.43 26.22 -39.08
N ALA C 110 -3.56 25.26 -39.41
CA ALA C 110 -3.42 24.02 -38.64
C ALA C 110 -3.57 24.29 -37.14
N LEU C 111 -2.74 25.18 -36.64
CA LEU C 111 -2.76 25.55 -35.24
C LEU C 111 -2.48 27.03 -35.14
N ASP C 112 -3.12 27.65 -34.17
CA ASP C 112 -2.96 29.07 -33.94
C ASP C 112 -1.48 29.34 -33.69
N ARG C 113 -0.92 30.29 -34.43
CA ARG C 113 0.48 30.68 -34.32
C ARG C 113 0.60 32.09 -33.72
N GLU C 114 -0.51 32.82 -33.71
CA GLU C 114 -0.55 34.19 -33.20
C GLU C 114 -1.44 34.30 -31.96
N LYS C 115 -1.89 33.15 -31.47
CA LYS C 115 -2.78 33.09 -30.32
C LYS C 115 -2.10 33.12 -28.95
N LYS C 116 -2.35 34.19 -28.22
CA LYS C 116 -1.75 34.39 -26.92
C LYS C 116 -2.16 33.32 -25.89
N TRP C 117 -1.16 32.71 -25.26
CA TRP C 117 -1.40 31.69 -24.24
C TRP C 117 -0.45 31.88 -23.06
N ALA C 118 -0.99 31.75 -21.85
CA ALA C 118 -0.19 31.91 -20.63
C ALA C 118 0.93 30.88 -20.56
N TRP C 119 2.07 31.29 -20.03
CA TRP C 119 3.20 30.39 -19.91
C TRP C 119 4.11 30.81 -18.75
N THR C 120 4.53 29.84 -17.95
CA THR C 120 5.38 30.10 -16.81
C THR C 120 6.76 29.48 -17.07
N PRO C 121 7.73 30.31 -17.45
CA PRO C 121 9.09 29.83 -17.73
C PRO C 121 9.77 29.27 -16.49
N MET C 122 10.49 28.17 -16.66
CA MET C 122 11.18 27.53 -15.55
C MET C 122 12.64 27.18 -15.90
N VAL C 123 13.18 27.85 -16.92
CA VAL C 123 14.56 27.62 -17.35
C VAL C 123 15.25 28.92 -17.76
N LYS C 124 16.57 28.87 -17.98
CA LYS C 124 17.34 30.04 -18.38
C LYS C 124 18.68 29.67 -19.01
N PRO C 125 19.40 30.65 -19.58
CA PRO C 125 20.70 30.41 -20.20
C PRO C 125 21.57 29.47 -19.39
N GLY C 126 21.87 28.31 -19.97
CA GLY C 126 22.69 27.33 -19.27
C GLY C 126 21.84 26.42 -18.41
N ASP C 127 20.61 26.20 -18.85
CA ASP C 127 19.69 25.34 -18.12
C ASP C 127 19.56 23.96 -18.76
N GLU C 128 19.49 22.92 -17.91
CA GLU C 128 19.38 21.55 -18.39
C GLU C 128 17.92 21.17 -18.69
N VAL C 129 17.73 20.44 -19.76
CA VAL C 129 16.40 20.00 -20.16
C VAL C 129 16.45 18.67 -20.90
N ARG C 130 15.95 17.63 -20.26
CA ARG C 130 15.95 16.28 -20.85
C ARG C 130 14.83 16.12 -21.87
N GLY C 131 15.11 15.36 -22.91
CA GLY C 131 14.11 15.14 -23.94
C GLY C 131 12.83 14.55 -23.41
N GLY C 132 11.73 15.31 -23.54
CA GLY C 132 10.45 14.83 -23.07
C GLY C 132 9.90 15.62 -21.91
N MET C 133 10.78 16.29 -21.17
CA MET C 133 10.39 17.06 -20.00
C MET C 133 9.69 18.36 -20.33
N VAL C 134 9.20 19.05 -19.32
CA VAL C 134 8.52 20.31 -19.52
C VAL C 134 9.41 21.53 -19.22
N LEU C 135 9.18 22.58 -20.00
CA LEU C 135 9.90 23.86 -19.89
C LEU C 135 9.04 24.90 -19.17
N GLY C 136 7.72 24.80 -19.33
CA GLY C 136 6.82 25.72 -18.70
C GLY C 136 5.38 25.22 -18.67
N THR C 137 4.58 25.78 -17.75
CA THR C 137 3.19 25.39 -17.62
C THR C 137 2.26 26.40 -18.28
N VAL C 138 1.00 26.05 -18.41
CA VAL C 138 0.02 26.93 -19.01
C VAL C 138 -1.35 26.77 -18.36
N PRO C 139 -1.68 27.65 -17.43
CA PRO C 139 -2.96 27.60 -16.74
C PRO C 139 -4.09 27.70 -17.73
N GLU C 140 -4.75 26.61 -18.05
CA GLU C 140 -5.88 26.67 -18.98
C GLU C 140 -7.04 25.96 -18.31
N PHE C 141 -8.19 26.61 -18.31
CA PHE C 141 -9.41 26.12 -17.69
C PHE C 141 -9.15 25.57 -16.29
N GLY C 142 -8.60 24.37 -16.18
CA GLY C 142 -8.32 23.80 -14.87
C GLY C 142 -7.32 22.67 -14.95
N PHE C 143 -6.34 22.83 -15.83
CA PHE C 143 -5.30 21.83 -16.05
C PHE C 143 -3.93 22.47 -16.21
N THR C 144 -2.94 21.90 -15.55
CA THR C 144 -1.57 22.39 -15.63
C THR C 144 -0.97 22.07 -17.00
N HIS C 145 -1.58 22.61 -18.05
CA HIS C 145 -1.11 22.38 -19.41
C HIS C 145 0.34 22.80 -19.56
N LYS C 146 1.25 21.90 -19.20
CA LYS C 146 2.67 22.18 -19.29
C LYS C 146 3.12 22.17 -20.75
N ILE C 147 4.35 22.58 -20.98
CA ILE C 147 4.92 22.64 -22.33
C ILE C 147 5.97 21.55 -22.46
N LEU C 148 5.62 20.43 -23.08
CA LEU C 148 6.58 19.34 -23.24
C LEU C 148 7.66 19.63 -24.26
N VAL C 149 8.91 19.57 -23.81
CA VAL C 149 10.06 19.81 -24.66
C VAL C 149 10.16 18.65 -25.65
N PRO C 150 10.53 18.94 -26.91
CA PRO C 150 10.66 17.88 -27.92
C PRO C 150 11.61 16.78 -27.45
N PRO C 151 11.07 15.63 -27.04
CA PRO C 151 11.84 14.48 -26.55
C PRO C 151 12.94 13.98 -27.49
N ASP C 152 13.63 12.93 -27.04
CA ASP C 152 14.71 12.31 -27.81
C ASP C 152 15.83 13.26 -28.18
N VAL C 153 15.71 14.52 -27.76
CA VAL C 153 16.72 15.51 -28.07
C VAL C 153 17.22 16.21 -26.82
N ARG C 154 18.50 16.55 -26.79
CA ARG C 154 19.09 17.24 -25.65
C ARG C 154 20.20 18.22 -26.05
N GLY C 155 20.20 19.39 -25.41
CA GLY C 155 21.20 20.40 -25.72
C GLY C 155 21.22 21.53 -24.72
N ARG C 156 22.18 22.44 -24.87
CA ARG C 156 22.29 23.57 -23.96
C ARG C 156 21.15 24.56 -24.16
N VAL C 157 21.12 25.58 -23.31
CA VAL C 157 20.09 26.62 -23.37
C VAL C 157 20.69 27.99 -23.65
N LYS C 158 20.14 28.69 -24.63
CA LYS C 158 20.66 30.03 -24.97
C LYS C 158 19.96 31.16 -24.27
N GLU C 159 18.63 31.17 -24.30
CA GLU C 159 17.86 32.24 -23.66
C GLU C 159 16.52 31.71 -23.15
N VAL C 160 15.79 32.57 -22.45
CA VAL C 160 14.47 32.22 -21.89
C VAL C 160 13.58 33.44 -21.69
N LYS C 161 12.47 33.45 -22.43
CA LYS C 161 11.48 34.53 -22.36
C LYS C 161 10.82 34.63 -20.99
N PRO C 162 10.39 35.85 -20.61
CA PRO C 162 9.74 36.07 -19.31
C PRO C 162 8.36 35.42 -19.19
N ALA C 163 7.63 35.85 -18.17
CA ALA C 163 6.28 35.36 -17.97
C ALA C 163 5.40 36.44 -18.56
N GLY C 164 5.26 36.42 -19.89
CA GLY C 164 4.45 37.40 -20.57
C GLY C 164 3.24 36.71 -21.19
N GLU C 165 3.11 36.81 -22.51
CA GLU C 165 1.99 36.18 -23.22
C GLU C 165 2.42 35.64 -24.61
N TYR C 166 3.54 34.92 -24.63
CA TYR C 166 4.07 34.34 -25.87
C TYR C 166 3.23 33.15 -26.33
N THR C 167 2.45 33.36 -27.39
CA THR C 167 1.61 32.32 -27.95
C THR C 167 2.44 31.07 -28.17
N VAL C 168 1.80 30.05 -28.73
CA VAL C 168 2.48 28.78 -29.01
C VAL C 168 3.59 28.90 -30.05
N GLU C 169 3.37 29.76 -31.04
CA GLU C 169 4.36 29.96 -32.09
C GLU C 169 5.55 30.65 -31.50
N GLU C 170 5.32 31.72 -30.75
CA GLU C 170 6.40 32.45 -30.14
C GLU C 170 7.16 31.53 -29.21
N PRO C 171 8.48 31.42 -29.42
CA PRO C 171 9.37 30.58 -28.61
C PRO C 171 9.67 31.26 -27.29
N VAL C 172 9.46 30.54 -26.19
CA VAL C 172 9.73 31.06 -24.85
C VAL C 172 11.09 30.63 -24.34
N VAL C 173 11.55 29.49 -24.83
CA VAL C 173 12.85 28.95 -24.44
C VAL C 173 13.67 28.54 -25.65
N VAL C 174 14.72 29.28 -25.94
CA VAL C 174 15.57 28.97 -27.07
C VAL C 174 16.83 28.26 -26.57
N LEU C 175 17.16 27.15 -27.22
CA LEU C 175 18.34 26.37 -26.85
C LEU C 175 19.64 27.00 -27.34
N GLU C 176 20.73 26.75 -26.62
CA GLU C 176 22.03 27.28 -27.00
C GLU C 176 22.42 26.71 -28.36
N ASP C 177 21.79 25.59 -28.71
CA ASP C 177 22.04 24.91 -29.98
C ASP C 177 21.34 25.64 -31.13
N GLY C 178 20.81 26.81 -30.83
CA GLY C 178 20.11 27.59 -31.84
C GLY C 178 18.79 26.96 -32.20
N THR C 179 18.01 26.62 -31.17
CA THR C 179 16.72 25.97 -31.35
C THR C 179 15.63 26.63 -30.50
N GLU C 180 14.74 27.37 -31.15
CA GLU C 180 13.65 28.04 -30.46
C GLU C 180 12.52 27.05 -30.19
N LEU C 181 12.62 26.33 -29.07
CA LEU C 181 11.60 25.36 -28.70
C LEU C 181 10.27 26.03 -28.39
N LYS C 182 9.44 26.18 -29.43
CA LYS C 182 8.14 26.81 -29.30
C LYS C 182 7.20 25.92 -28.50
N MET C 183 6.18 26.52 -27.90
CA MET C 183 5.23 25.78 -27.10
C MET C 183 4.78 24.51 -27.80
N TYR C 184 4.67 24.57 -29.12
CA TYR C 184 4.26 23.41 -29.92
C TYR C 184 5.53 22.67 -30.36
N HIS C 185 5.36 21.41 -30.77
CA HIS C 185 6.50 20.63 -31.22
C HIS C 185 6.12 19.68 -32.35
N THR C 186 7.13 19.28 -33.12
CA THR C 186 6.93 18.38 -34.26
C THR C 186 6.53 16.98 -33.76
N TRP C 187 5.25 16.64 -33.92
CA TRP C 187 4.77 15.33 -33.48
C TRP C 187 3.71 14.71 -34.41
N PRO C 188 4.11 13.71 -35.23
CA PRO C 188 3.19 13.05 -36.14
C PRO C 188 2.23 12.12 -35.40
N VAL C 189 2.29 10.83 -35.72
CA VAL C 189 1.43 9.83 -35.11
C VAL C 189 1.99 8.43 -35.31
N ARG C 190 2.89 8.30 -36.29
CA ARG C 190 3.49 7.02 -36.58
C ARG C 190 4.62 6.65 -35.63
N ARG C 191 4.55 7.22 -34.43
CA ARG C 191 5.55 6.96 -33.39
C ARG C 191 5.00 7.32 -32.02
N ALA C 192 5.12 6.37 -31.09
CA ALA C 192 4.65 6.57 -29.72
C ALA C 192 5.35 7.75 -29.07
N ARG C 193 4.72 8.35 -28.06
CA ARG C 193 5.35 9.49 -27.40
C ARG C 193 6.36 9.03 -26.39
N PRO C 194 7.59 9.50 -26.53
CA PRO C 194 8.68 9.14 -25.63
C PRO C 194 8.23 8.99 -24.20
N VAL C 195 8.61 7.86 -23.61
CA VAL C 195 8.25 7.54 -22.25
C VAL C 195 9.42 6.87 -21.54
N GLN C 196 9.97 7.58 -20.56
CA GLN C 196 11.11 7.09 -19.77
C GLN C 196 11.08 5.58 -19.78
N ARG C 197 10.03 5.01 -19.19
CA ARG C 197 9.91 3.57 -19.20
C ARG C 197 8.45 3.19 -19.07
N LYS C 198 8.13 1.98 -19.54
CA LYS C 198 6.78 1.48 -19.49
C LYS C 198 6.45 1.13 -18.04
N LEU C 199 5.16 1.04 -17.75
CA LEU C 199 4.73 0.74 -16.40
C LEU C 199 3.45 -0.12 -16.43
N ASP C 200 3.38 -1.09 -15.55
CA ASP C 200 2.23 -1.99 -15.46
C ASP C 200 0.94 -1.31 -14.99
N PRO C 201 -0.16 -2.07 -14.90
CA PRO C 201 -1.46 -1.56 -14.46
C PRO C 201 -1.39 -1.09 -13.00
N ASN C 202 -2.17 -0.06 -12.68
CA ASN C 202 -2.21 0.48 -11.32
C ASN C 202 -3.52 1.13 -10.88
N THR C 203 -3.92 2.23 -11.51
CA THR C 203 -5.17 2.92 -11.18
C THR C 203 -6.35 2.33 -11.93
N PRO C 204 -7.46 2.06 -11.22
CA PRO C 204 -8.65 1.48 -11.83
C PRO C 204 -9.33 2.48 -12.75
N PHE C 205 -10.12 1.99 -13.70
CA PHE C 205 -10.82 2.87 -14.61
C PHE C 205 -12.30 2.47 -14.63
N LEU C 206 -13.13 3.38 -14.15
CA LEU C 206 -14.55 3.12 -14.10
C LEU C 206 -15.35 4.34 -14.56
N THR C 207 -16.05 4.19 -15.68
CA THR C 207 -16.85 5.27 -16.28
C THR C 207 -18.09 5.69 -15.49
N GLY C 208 -18.51 4.88 -14.53
CA GLY C 208 -19.69 5.23 -13.76
C GLY C 208 -20.84 4.35 -14.18
N MET C 209 -20.47 3.21 -14.77
CA MET C 209 -21.47 2.28 -15.18
C MET C 209 -21.51 1.13 -14.21
N ARG C 210 -22.73 0.81 -13.80
CA ARG C 210 -22.95 -0.25 -12.85
C ARG C 210 -22.16 -1.45 -13.28
N ILE C 211 -22.76 -2.24 -14.17
CA ILE C 211 -22.13 -3.44 -14.66
C ILE C 211 -20.83 -3.23 -15.44
N LEU C 212 -20.88 -2.45 -16.51
CA LEU C 212 -19.71 -2.18 -17.34
C LEU C 212 -18.44 -2.07 -16.54
N ASP C 213 -18.57 -1.39 -15.42
CA ASP C 213 -17.47 -1.16 -14.57
C ASP C 213 -17.27 -2.27 -13.59
N VAL C 214 -18.35 -2.59 -12.86
CA VAL C 214 -18.35 -3.62 -11.83
C VAL C 214 -17.90 -5.02 -12.25
N LEU C 215 -18.18 -5.40 -13.49
CA LEU C 215 -17.80 -6.71 -13.99
C LEU C 215 -16.45 -6.70 -14.72
N PHE C 216 -16.34 -5.81 -15.70
CA PHE C 216 -15.13 -5.73 -16.47
C PHE C 216 -14.51 -4.34 -16.37
N PRO C 217 -13.88 -4.06 -15.24
CA PRO C 217 -13.28 -2.74 -15.15
C PRO C 217 -11.92 -2.89 -15.79
N VAL C 218 -11.30 -1.76 -16.07
CA VAL C 218 -9.97 -1.79 -16.69
C VAL C 218 -9.10 -0.69 -16.11
N ALA C 219 -7.80 -0.80 -16.33
CA ALA C 219 -6.87 0.21 -15.82
C ALA C 219 -6.41 1.17 -16.90
N MET C 220 -5.52 2.06 -16.54
CA MET C 220 -5.03 3.02 -17.49
C MET C 220 -4.14 2.29 -18.48
N GLY C 221 -3.48 1.24 -18.02
CA GLY C 221 -2.63 0.45 -18.90
C GLY C 221 -3.41 -0.69 -19.52
N GLY C 222 -3.76 -0.57 -20.80
CA GLY C 222 -4.51 -1.63 -21.46
C GLY C 222 -5.70 -1.13 -22.25
N THR C 223 -6.25 -1.98 -23.12
CA THR C 223 -7.39 -1.60 -23.94
C THR C 223 -8.40 -2.73 -24.06
N ALA C 224 -9.51 -2.43 -24.71
CA ALA C 224 -10.59 -3.40 -24.92
C ALA C 224 -11.44 -2.98 -26.15
N ALA C 225 -12.09 -3.95 -26.81
CA ALA C 225 -12.91 -3.65 -27.98
C ALA C 225 -14.40 -3.57 -27.67
N ILE C 226 -15.16 -2.94 -28.57
CA ILE C 226 -16.59 -2.80 -28.36
C ILE C 226 -17.34 -3.55 -29.42
N PRO C 227 -17.66 -4.83 -29.19
CA PRO C 227 -18.41 -5.63 -30.16
C PRO C 227 -19.79 -5.01 -30.37
N GLY C 228 -20.61 -5.60 -31.24
CA GLY C 228 -21.93 -5.04 -31.49
C GLY C 228 -22.28 -4.72 -32.93
N PRO C 229 -23.30 -5.40 -33.47
CA PRO C 229 -23.65 -5.14 -34.86
C PRO C 229 -24.13 -3.70 -34.92
N PHE C 230 -25.12 -3.53 -35.77
CA PHE C 230 -25.78 -2.28 -36.05
C PHE C 230 -26.57 -1.89 -34.80
N GLY C 231 -26.83 -0.60 -34.64
CA GLY C 231 -27.62 -0.13 -33.50
C GLY C 231 -27.02 -0.48 -32.15
N SER C 232 -26.00 -1.32 -32.18
CA SER C 232 -25.29 -1.77 -30.98
C SER C 232 -24.67 -0.60 -30.25
N GLY C 233 -25.12 -0.36 -29.03
CA GLY C 233 -24.63 0.75 -28.22
C GLY C 233 -23.38 1.48 -28.65
N LYS C 234 -22.44 0.71 -29.16
CA LYS C 234 -21.16 1.24 -29.60
C LYS C 234 -21.08 2.63 -30.21
N THR C 235 -21.76 2.83 -31.32
CA THR C 235 -21.66 4.12 -32.01
C THR C 235 -21.93 5.36 -31.19
N VAL C 236 -22.64 5.20 -30.09
CA VAL C 236 -22.95 6.34 -29.25
C VAL C 236 -22.64 6.02 -27.77
N THR C 237 -22.25 4.79 -27.49
CA THR C 237 -21.91 4.49 -26.12
C THR C 237 -20.80 5.47 -25.75
N GLN C 238 -20.04 5.89 -26.76
CA GLN C 238 -18.95 6.81 -26.53
C GLN C 238 -19.53 8.09 -25.96
N GLN C 239 -20.83 8.23 -26.12
CA GLN C 239 -21.58 9.38 -25.63
C GLN C 239 -22.04 9.05 -24.20
N SER C 240 -21.73 7.83 -23.78
CA SER C 240 -22.08 7.35 -22.45
C SER C 240 -20.83 7.15 -21.61
N LEU C 241 -19.67 7.25 -22.26
CA LEU C 241 -18.40 7.05 -21.59
C LEU C 241 -17.54 8.30 -21.52
N ALA C 242 -18.02 9.38 -22.11
CA ALA C 242 -17.28 10.63 -22.11
C ALA C 242 -17.93 11.62 -21.16
N LYS C 243 -19.27 11.56 -21.11
CA LYS C 243 -20.05 12.45 -20.27
C LYS C 243 -19.48 12.49 -18.84
N TRP C 244 -19.46 11.33 -18.19
CA TRP C 244 -18.92 11.22 -16.84
C TRP C 244 -18.18 9.91 -16.68
N SER C 245 -16.89 10.03 -16.35
CA SER C 245 -16.05 8.85 -16.17
C SER C 245 -14.73 9.23 -15.48
N ASN C 246 -13.79 8.30 -15.49
CA ASN C 246 -12.48 8.49 -14.87
C ASN C 246 -11.45 8.97 -15.89
N ALA C 247 -10.89 10.16 -15.65
CA ALA C 247 -9.87 10.77 -16.51
C ALA C 247 -9.94 12.28 -16.41
N ASP C 248 -8.86 12.94 -16.82
CA ASP C 248 -8.82 14.40 -16.78
C ASP C 248 -9.10 14.97 -18.17
N VAL C 249 -8.30 14.59 -19.16
CA VAL C 249 -8.50 15.07 -20.53
C VAL C 249 -9.58 14.22 -21.21
N VAL C 250 -10.12 14.73 -22.31
CA VAL C 250 -11.14 14.00 -23.04
C VAL C 250 -10.83 14.10 -24.52
N VAL C 251 -10.49 12.97 -25.12
CA VAL C 251 -10.15 12.93 -26.53
C VAL C 251 -10.93 11.81 -27.23
N TYR C 252 -11.71 12.18 -28.25
CA TYR C 252 -12.50 11.20 -29.02
C TYR C 252 -12.24 11.27 -30.51
N VAL C 253 -11.82 10.16 -31.08
CA VAL C 253 -11.55 10.06 -32.52
C VAL C 253 -12.41 8.94 -33.12
N GLY C 254 -13.57 9.31 -33.66
CA GLY C 254 -14.46 8.33 -34.25
C GLY C 254 -14.07 7.91 -35.66
N CYS C 255 -13.16 6.94 -35.74
CA CYS C 255 -12.69 6.42 -37.01
C CYS C 255 -13.82 6.10 -37.96
N GLY C 256 -13.61 6.38 -39.25
CA GLY C 256 -14.60 6.11 -40.28
C GLY C 256 -16.06 6.20 -39.86
N GLU C 257 -16.35 6.99 -38.84
CA GLU C 257 -17.70 7.18 -38.32
C GLU C 257 -18.56 7.94 -39.33
N ARG C 258 -19.76 7.44 -39.61
CA ARG C 258 -20.67 8.08 -40.55
C ARG C 258 -21.11 9.46 -40.08
N GLY C 259 -21.90 10.14 -40.91
CA GLY C 259 -22.36 11.45 -40.56
C GLY C 259 -23.25 11.43 -39.33
N ASN C 260 -24.43 10.83 -39.47
CA ASN C 260 -25.36 10.75 -38.37
C ASN C 260 -24.94 9.85 -37.19
N GLU C 261 -24.09 8.86 -37.47
CA GLU C 261 -23.55 7.95 -36.45
C GLU C 261 -22.73 8.80 -35.47
N MET C 262 -22.74 10.12 -35.69
CA MET C 262 -21.96 11.02 -34.87
C MET C 262 -22.47 12.46 -34.97
N THR C 263 -23.52 12.67 -35.76
CA THR C 263 -24.11 14.00 -35.92
C THR C 263 -24.36 14.60 -34.55
N ASP C 264 -25.37 14.08 -33.88
CA ASP C 264 -25.71 14.57 -32.55
C ASP C 264 -24.53 14.35 -31.61
N VAL C 265 -23.96 13.16 -31.64
CA VAL C 265 -22.82 12.86 -30.79
C VAL C 265 -21.90 14.08 -30.70
N LEU C 266 -21.32 14.48 -31.82
CA LEU C 266 -20.41 15.61 -31.87
C LEU C 266 -21.02 16.92 -31.39
N VAL C 267 -22.16 17.28 -31.96
CA VAL C 267 -22.83 18.51 -31.58
C VAL C 267 -23.38 18.45 -30.15
N GLU C 268 -23.58 17.24 -29.66
CA GLU C 268 -24.14 17.05 -28.31
C GLU C 268 -23.09 17.34 -27.27
N PHE C 269 -21.84 17.04 -27.60
CA PHE C 269 -20.76 17.30 -26.67
C PHE C 269 -20.85 18.73 -26.15
N PRO C 270 -21.00 19.72 -27.04
CA PRO C 270 -21.11 21.13 -26.68
C PRO C 270 -22.20 21.37 -25.64
N GLU C 271 -22.87 20.32 -25.22
CA GLU C 271 -23.94 20.48 -24.25
C GLU C 271 -23.53 19.82 -22.95
N LEU C 272 -22.57 18.91 -23.04
CA LEU C 272 -22.07 18.16 -21.89
C LEU C 272 -21.68 19.03 -20.69
N THR C 273 -21.42 18.39 -19.56
CA THR C 273 -21.04 19.10 -18.36
C THR C 273 -19.56 18.90 -18.09
N ASP C 274 -18.91 19.98 -17.63
CA ASP C 274 -17.50 19.92 -17.34
C ASP C 274 -17.28 19.87 -15.85
N PRO C 275 -16.70 18.75 -15.35
CA PRO C 275 -16.44 18.59 -13.92
C PRO C 275 -15.57 19.73 -13.36
N LYS C 276 -14.78 20.35 -14.24
CA LYS C 276 -13.91 21.46 -13.84
C LYS C 276 -14.63 22.80 -13.78
N THR C 277 -15.32 23.18 -14.87
CA THR C 277 -16.06 24.44 -14.88
C THR C 277 -17.57 24.19 -14.72
N GLY C 278 -18.15 23.34 -15.56
CA GLY C 278 -19.57 23.03 -15.48
C GLY C 278 -20.25 22.94 -16.82
N GLY C 279 -19.77 23.76 -17.76
CA GLY C 279 -20.34 23.78 -19.09
C GLY C 279 -19.98 22.58 -19.92
N PRO C 280 -20.28 22.61 -21.24
CA PRO C 280 -19.95 21.48 -22.09
C PRO C 280 -18.57 20.96 -21.80
N LEU C 281 -18.38 19.68 -22.09
CA LEU C 281 -17.10 19.05 -21.86
C LEU C 281 -15.99 19.68 -22.71
N MET C 282 -16.37 20.54 -23.66
CA MET C 282 -15.41 21.23 -24.54
C MET C 282 -14.48 22.14 -23.77
N HIS C 283 -14.86 22.46 -22.54
CA HIS C 283 -14.08 23.35 -21.70
C HIS C 283 -12.80 22.66 -21.20
N ARG C 284 -12.39 21.58 -21.88
CA ARG C 284 -11.19 20.81 -21.54
C ARG C 284 -11.09 19.61 -22.46
N THR C 285 -11.88 19.61 -23.53
CA THR C 285 -11.88 18.48 -24.43
C THR C 285 -11.66 18.94 -25.86
N VAL C 286 -11.30 18.00 -26.71
CA VAL C 286 -11.05 18.25 -28.12
C VAL C 286 -11.56 17.08 -28.94
N LEU C 287 -12.34 17.42 -29.97
CA LEU C 287 -12.96 16.44 -30.86
C LEU C 287 -12.11 16.00 -32.03
N ILE C 288 -11.75 14.73 -32.04
CA ILE C 288 -10.94 14.12 -33.11
C ILE C 288 -11.77 13.13 -33.92
N ALA C 289 -13.06 13.40 -34.08
CA ALA C 289 -13.95 12.50 -34.83
C ALA C 289 -13.54 12.34 -36.30
N ASN C 290 -14.00 11.25 -36.91
CA ASN C 290 -13.70 10.94 -38.30
C ASN C 290 -15.04 10.68 -39.00
N THR C 291 -15.31 11.42 -40.06
CA THR C 291 -16.56 11.23 -40.78
C THR C 291 -16.48 10.07 -41.77
N SER C 292 -17.58 9.34 -41.90
CA SER C 292 -17.64 8.19 -42.78
C SER C 292 -17.11 8.58 -44.15
N ASN C 293 -17.60 9.69 -44.67
CA ASN C 293 -17.22 10.16 -45.98
C ASN C 293 -15.75 10.56 -46.11
N MET C 294 -15.02 10.64 -45.00
CA MET C 294 -13.62 10.99 -45.08
C MET C 294 -12.95 9.94 -45.95
N PRO C 295 -12.14 10.36 -46.92
CA PRO C 295 -11.50 9.35 -47.76
C PRO C 295 -10.83 8.25 -46.93
N VAL C 296 -10.57 7.12 -47.58
CA VAL C 296 -9.93 5.98 -46.93
C VAL C 296 -8.70 6.37 -46.10
N ALA C 297 -7.83 7.20 -46.69
CA ALA C 297 -6.62 7.65 -46.02
C ALA C 297 -6.90 8.72 -44.96
N ALA C 298 -8.02 9.42 -45.08
CA ALA C 298 -8.35 10.45 -44.09
C ALA C 298 -8.87 9.77 -42.86
N ARG C 299 -9.04 8.46 -42.95
CA ARG C 299 -9.56 7.68 -41.83
C ARG C 299 -8.51 6.76 -41.27
N GLU C 300 -7.57 6.33 -42.11
CA GLU C 300 -6.50 5.41 -41.70
C GLU C 300 -5.40 6.13 -40.91
N ALA C 301 -5.65 7.39 -40.57
CA ALA C 301 -4.67 8.16 -39.81
C ALA C 301 -5.37 9.02 -38.79
N SER C 302 -6.57 9.46 -39.15
CA SER C 302 -7.38 10.27 -38.29
C SER C 302 -7.26 9.79 -36.85
N ILE C 303 -7.13 8.49 -36.68
CA ILE C 303 -7.02 7.88 -35.38
C ILE C 303 -5.68 8.10 -34.70
N TYR C 304 -4.59 7.85 -35.42
CA TYR C 304 -3.25 8.01 -34.86
C TYR C 304 -3.07 9.36 -34.21
N VAL C 305 -3.93 10.28 -34.58
CA VAL C 305 -3.90 11.62 -34.05
C VAL C 305 -4.30 11.57 -32.59
N GLY C 306 -5.32 10.78 -32.30
CA GLY C 306 -5.82 10.66 -30.94
C GLY C 306 -4.81 10.20 -29.92
N VAL C 307 -4.36 8.95 -30.05
CA VAL C 307 -3.40 8.36 -29.12
C VAL C 307 -2.15 9.21 -28.94
N THR C 308 -1.76 9.94 -29.98
CA THR C 308 -0.56 10.76 -29.90
C THR C 308 -0.84 12.06 -29.16
N ILE C 309 -2.12 12.35 -28.98
CA ILE C 309 -2.53 13.52 -28.23
C ILE C 309 -2.54 13.12 -26.77
N ALA C 310 -3.13 11.97 -26.49
CA ALA C 310 -3.20 11.45 -25.14
C ALA C 310 -1.84 11.46 -24.47
N GLU C 311 -0.83 11.04 -25.22
CA GLU C 311 0.52 10.99 -24.67
C GLU C 311 1.04 12.37 -24.28
N TYR C 312 0.90 13.35 -25.16
CA TYR C 312 1.37 14.70 -24.85
C TYR C 312 0.85 15.10 -23.47
N PHE C 313 -0.46 14.99 -23.25
CA PHE C 313 -1.07 15.34 -21.97
C PHE C 313 -0.61 14.39 -20.89
N ARG C 314 -0.52 13.11 -21.28
CA ARG C 314 -0.07 12.07 -20.37
C ARG C 314 1.39 12.36 -20.00
N ASP C 315 2.18 12.74 -20.99
CA ASP C 315 3.60 13.06 -20.80
C ASP C 315 3.82 14.15 -19.77
N GLN C 316 2.76 14.89 -19.46
CA GLN C 316 2.84 15.98 -18.50
C GLN C 316 2.43 15.53 -17.10
N GLY C 317 1.85 14.32 -17.02
CA GLY C 317 1.41 13.79 -15.74
C GLY C 317 -0.10 13.77 -15.56
N PHE C 318 -0.83 13.71 -16.67
CA PHE C 318 -2.28 13.70 -16.64
C PHE C 318 -2.82 12.47 -17.34
N SER C 319 -3.75 11.77 -16.68
CA SER C 319 -4.31 10.56 -17.24
C SER C 319 -5.21 10.92 -18.43
N VAL C 320 -4.91 10.35 -19.59
CA VAL C 320 -5.69 10.62 -20.80
C VAL C 320 -6.48 9.41 -21.29
N ALA C 321 -7.75 9.64 -21.66
CA ALA C 321 -8.65 8.58 -22.15
C ALA C 321 -9.02 8.72 -23.63
N LEU C 322 -8.87 7.63 -24.37
CA LEU C 322 -9.18 7.59 -25.80
C LEU C 322 -10.15 6.43 -26.08
N MET C 323 -11.25 6.72 -26.78
CA MET C 323 -12.21 5.67 -27.10
C MET C 323 -12.83 5.81 -28.51
N ALA C 324 -12.21 5.12 -29.48
CA ALA C 324 -12.62 5.12 -30.89
C ALA C 324 -13.84 4.24 -31.17
N ASP C 325 -14.93 4.85 -31.63
CA ASP C 325 -16.15 4.11 -31.95
C ASP C 325 -15.89 3.11 -33.09
N SER C 326 -16.95 2.51 -33.63
CA SER C 326 -16.82 1.54 -34.72
C SER C 326 -15.47 1.57 -35.42
N THR C 327 -14.53 0.75 -35.00
CA THR C 327 -13.25 0.79 -35.67
C THR C 327 -13.31 0.00 -36.95
N SER C 328 -14.46 -0.59 -37.22
CA SER C 328 -14.64 -1.36 -38.43
C SER C 328 -14.60 -0.47 -39.69
N ARG C 329 -14.78 0.84 -39.51
CA ARG C 329 -14.75 1.82 -40.62
C ARG C 329 -13.28 1.94 -41.09
N TRP C 330 -12.45 2.46 -40.19
CA TRP C 330 -11.02 2.65 -40.40
C TRP C 330 -10.43 1.40 -41.03
N ALA C 331 -10.66 0.29 -40.36
CA ALA C 331 -10.18 -0.98 -40.83
C ALA C 331 -10.36 -0.97 -42.32
N GLU C 332 -11.63 -1.09 -42.71
CA GLU C 332 -12.02 -1.13 -44.11
C GLU C 332 -11.12 -0.22 -44.89
N ALA C 333 -10.78 0.91 -44.31
CA ALA C 333 -9.91 1.84 -44.99
C ALA C 333 -8.69 1.07 -45.50
N LEU C 334 -7.85 0.62 -44.57
CA LEU C 334 -6.66 -0.10 -44.99
C LEU C 334 -7.04 -1.45 -45.56
N ARG C 335 -8.07 -2.01 -44.97
CA ARG C 335 -8.59 -3.30 -45.36
C ARG C 335 -8.92 -3.32 -46.86
N GLU C 336 -9.06 -2.13 -47.41
CA GLU C 336 -9.38 -2.01 -48.80
C GLU C 336 -8.15 -1.68 -49.62
N ILE C 337 -7.41 -0.63 -49.22
CA ILE C 337 -6.23 -0.22 -49.98
C ILE C 337 -5.46 -1.40 -50.46
N SER C 338 -5.58 -2.51 -49.73
CA SER C 338 -4.90 -3.75 -50.07
C SER C 338 -5.24 -4.13 -51.52
N SER C 339 -6.52 -4.00 -51.86
CA SER C 339 -6.98 -4.32 -53.20
C SER C 339 -6.39 -3.32 -54.20
N ARG C 340 -6.50 -2.03 -53.85
CA ARG C 340 -6.01 -0.94 -54.69
C ARG C 340 -4.64 -1.12 -55.32
N LEU C 341 -3.61 -1.16 -54.48
CA LEU C 341 -2.24 -1.30 -54.94
C LEU C 341 -1.84 -2.73 -55.29
N GLU C 342 -2.83 -3.64 -55.24
CA GLU C 342 -2.66 -5.08 -55.56
C GLU C 342 -2.09 -5.94 -54.43
N GLU C 343 -2.23 -5.47 -53.20
CA GLU C 343 -1.73 -6.21 -52.05
C GLU C 343 -2.22 -7.65 -52.13
N MET C 344 -1.59 -8.55 -51.39
CA MET C 344 -2.00 -9.94 -51.46
C MET C 344 -2.75 -10.35 -50.18
N PRO C 345 -4.07 -10.54 -50.27
CA PRO C 345 -4.99 -10.93 -49.20
C PRO C 345 -4.58 -12.18 -48.44
N ALA C 346 -5.13 -12.31 -47.24
CA ALA C 346 -4.83 -13.44 -46.38
C ALA C 346 -6.07 -14.27 -46.13
N GLU C 347 -6.37 -14.43 -44.84
CA GLU C 347 -7.51 -15.19 -44.39
C GLU C 347 -8.78 -14.39 -44.63
N GLU C 348 -9.86 -15.12 -44.92
CA GLU C 348 -11.19 -14.55 -45.12
C GLU C 348 -11.29 -13.28 -45.99
N GLY C 349 -10.64 -13.31 -47.14
CA GLY C 349 -10.70 -12.19 -48.06
C GLY C 349 -10.37 -10.83 -47.48
N TYR C 350 -9.24 -10.74 -46.79
CA TYR C 350 -8.85 -9.46 -46.21
C TYR C 350 -7.38 -9.19 -46.46
N PRO C 351 -6.95 -7.97 -46.17
CA PRO C 351 -5.55 -7.59 -46.38
C PRO C 351 -4.69 -8.35 -45.38
N PRO C 352 -3.41 -8.54 -45.71
CA PRO C 352 -2.42 -9.24 -44.89
C PRO C 352 -1.95 -8.44 -43.65
N TYR C 353 -2.03 -7.11 -43.74
CA TYR C 353 -1.60 -6.26 -42.62
C TYR C 353 -2.77 -6.16 -41.65
N LEU C 354 -3.00 -7.20 -40.85
CA LEU C 354 -4.10 -7.19 -39.90
C LEU C 354 -3.68 -6.49 -38.61
N ALA C 355 -3.58 -7.26 -37.54
CA ALA C 355 -3.18 -6.66 -36.30
C ALA C 355 -1.77 -6.08 -36.41
N ALA C 356 -1.23 -6.00 -37.62
CA ALA C 356 0.12 -5.49 -37.84
C ALA C 356 0.45 -4.21 -37.07
N ARG C 357 -0.39 -3.19 -37.22
CA ARG C 357 -0.13 -1.95 -36.52
C ARG C 357 -0.93 -1.93 -35.25
N LEU C 358 -2.11 -2.52 -35.30
CA LEU C 358 -3.00 -2.60 -34.15
C LEU C 358 -2.27 -3.09 -32.92
N ALA C 359 -1.71 -4.29 -33.03
CA ALA C 359 -0.98 -4.90 -31.94
C ALA C 359 -0.09 -3.91 -31.20
N ALA C 360 0.68 -3.11 -31.96
CA ALA C 360 1.59 -2.13 -31.38
C ALA C 360 0.85 -0.96 -30.76
N PHE C 361 -0.28 -0.60 -31.37
CA PHE C 361 -1.09 0.49 -30.86
C PHE C 361 -1.50 0.21 -29.41
N TYR C 362 -1.73 -1.07 -29.12
CA TYR C 362 -2.15 -1.49 -27.78
C TYR C 362 -1.00 -1.40 -26.77
N GLU C 363 0.21 -1.68 -27.23
CA GLU C 363 1.39 -1.62 -26.37
C GLU C 363 1.59 -0.21 -25.83
N ARG C 364 1.73 0.74 -26.74
CA ARG C 364 1.93 2.15 -26.38
C ARG C 364 0.92 2.56 -25.33
N ALA C 365 -0.29 2.03 -25.48
CA ALA C 365 -1.36 2.28 -24.55
C ALA C 365 -0.87 1.89 -23.17
N GLY C 366 -1.42 2.52 -22.14
CA GLY C 366 -1.03 2.19 -20.78
C GLY C 366 -0.35 3.31 -20.01
N LYS C 367 -0.51 3.31 -18.69
CA LYS C 367 0.11 4.32 -17.84
C LYS C 367 1.61 4.03 -17.84
N VAL C 368 2.36 4.93 -18.45
CA VAL C 368 3.81 4.78 -18.58
C VAL C 368 4.61 6.04 -18.24
N ILE C 369 5.49 5.93 -17.25
CA ILE C 369 6.31 7.05 -16.84
C ILE C 369 7.10 7.59 -18.02
N THR C 370 6.75 8.80 -18.47
CA THR C 370 7.41 9.44 -19.60
C THR C 370 8.80 10.00 -19.29
N LEU C 371 9.64 10.05 -20.33
CA LEU C 371 11.00 10.56 -20.19
C LEU C 371 10.85 12.07 -20.21
N GLY C 372 9.70 12.51 -19.73
CA GLY C 372 9.41 13.93 -19.65
C GLY C 372 9.38 14.34 -18.20
N GLY C 373 10.14 13.62 -17.37
CA GLY C 373 10.18 13.92 -15.96
C GLY C 373 8.96 13.36 -15.25
N GLU C 374 7.78 13.71 -15.74
CA GLU C 374 6.51 13.27 -15.16
C GLU C 374 5.95 12.03 -15.85
N GLU C 375 5.62 11.02 -15.07
CA GLU C 375 5.08 9.75 -15.57
C GLU C 375 3.89 9.94 -16.51
N GLY C 376 2.80 10.45 -15.95
CA GLY C 376 1.59 10.66 -16.72
C GLY C 376 0.59 9.53 -16.55
N ALA C 377 -0.18 9.23 -17.61
CA ALA C 377 -1.17 8.16 -17.60
C ALA C 377 -2.02 8.05 -18.89
N VAL C 378 -1.47 7.43 -19.93
CA VAL C 378 -2.22 7.29 -21.15
C VAL C 378 -3.02 5.99 -21.15
N THR C 379 -4.34 6.13 -21.21
CA THR C 379 -5.27 4.99 -21.20
C THR C 379 -5.84 4.87 -22.63
N ILE C 380 -6.04 3.65 -23.13
CA ILE C 380 -6.58 3.41 -24.48
C ILE C 380 -7.75 2.40 -24.47
N VAL C 381 -8.75 2.66 -25.29
CA VAL C 381 -9.94 1.82 -25.36
C VAL C 381 -10.57 1.91 -26.77
N GLY C 382 -10.26 0.95 -27.64
CA GLY C 382 -10.83 0.98 -28.99
C GLY C 382 -12.15 0.26 -29.17
N ALA C 383 -13.04 0.82 -29.98
CA ALA C 383 -14.34 0.20 -30.21
C ALA C 383 -14.40 -0.45 -31.56
N VAL C 384 -14.23 -1.77 -31.57
CA VAL C 384 -14.31 -2.54 -32.80
C VAL C 384 -15.77 -2.90 -33.00
N SER C 385 -16.37 -2.42 -34.09
CA SER C 385 -17.77 -2.72 -34.33
C SER C 385 -17.99 -3.79 -35.39
N PRO C 386 -18.57 -4.94 -35.00
CA PRO C 386 -18.78 -5.98 -36.02
C PRO C 386 -19.96 -5.66 -36.86
N PRO C 387 -19.66 -5.24 -38.08
CA PRO C 387 -20.72 -4.90 -39.01
C PRO C 387 -22.00 -5.74 -38.89
N GLY C 388 -22.00 -6.91 -39.51
CA GLY C 388 -23.19 -7.73 -39.47
C GLY C 388 -23.37 -8.68 -38.31
N GLY C 389 -22.81 -8.32 -37.15
CA GLY C 389 -22.92 -9.20 -36.00
C GLY C 389 -21.95 -10.34 -36.21
N ASP C 390 -20.91 -10.06 -36.97
CA ASP C 390 -19.85 -11.00 -37.30
C ASP C 390 -18.81 -11.18 -36.20
N MET C 391 -18.96 -12.26 -35.45
CA MET C 391 -18.03 -12.54 -34.39
C MET C 391 -16.76 -13.03 -35.05
N SER C 392 -16.93 -14.01 -35.94
CA SER C 392 -15.84 -14.62 -36.69
C SER C 392 -14.93 -13.56 -37.26
N GLU C 393 -15.39 -12.31 -37.11
CA GLU C 393 -14.66 -11.16 -37.60
C GLU C 393 -13.28 -11.11 -37.05
N PRO C 394 -12.31 -10.89 -37.93
CA PRO C 394 -10.90 -10.81 -37.55
C PRO C 394 -10.54 -9.59 -36.75
N VAL C 395 -11.18 -8.48 -37.04
CA VAL C 395 -10.92 -7.25 -36.33
C VAL C 395 -11.40 -7.51 -34.93
N THR C 396 -12.03 -8.66 -34.75
CA THR C 396 -12.57 -9.03 -33.44
C THR C 396 -11.81 -10.22 -32.85
N GLN C 397 -11.34 -11.08 -33.74
CA GLN C 397 -10.62 -12.27 -33.33
C GLN C 397 -9.13 -12.01 -33.03
N SER C 398 -8.53 -11.07 -33.76
CA SER C 398 -7.12 -10.78 -33.54
C SER C 398 -6.92 -9.59 -32.60
N THR C 399 -7.95 -8.76 -32.48
CA THR C 399 -7.89 -7.61 -31.60
C THR C 399 -7.59 -8.04 -30.19
N LEU C 400 -8.26 -9.08 -29.73
CA LEU C 400 -8.01 -9.53 -28.38
C LEU C 400 -6.98 -10.63 -28.39
N ARG C 401 -5.95 -10.46 -29.20
CA ARG C 401 -4.92 -11.47 -29.26
C ARG C 401 -3.76 -11.00 -28.39
N ILE C 402 -3.55 -9.69 -28.39
CA ILE C 402 -2.47 -9.05 -27.64
C ILE C 402 -2.99 -7.95 -26.72
N VAL C 403 -4.31 -7.83 -26.60
CA VAL C 403 -4.87 -6.78 -25.74
C VAL C 403 -5.34 -7.28 -24.37
N GLY C 404 -5.85 -6.35 -23.57
CA GLY C 404 -6.31 -6.72 -22.25
C GLY C 404 -7.57 -7.55 -22.35
N ALA C 405 -8.70 -6.94 -22.02
CA ALA C 405 -9.98 -7.63 -22.05
C ALA C 405 -10.94 -7.02 -23.07
N PHE C 406 -12.13 -7.60 -23.18
CA PHE C 406 -13.12 -7.11 -24.13
C PHE C 406 -14.53 -7.16 -23.56
N TRP C 407 -15.42 -6.39 -24.17
CA TRP C 407 -16.80 -6.33 -23.72
C TRP C 407 -17.80 -6.65 -24.82
N ARG C 408 -18.33 -7.86 -24.73
CA ARG C 408 -19.30 -8.35 -25.70
C ARG C 408 -20.70 -7.79 -25.47
N LEU C 409 -21.25 -7.14 -26.50
CA LEU C 409 -22.58 -6.53 -26.44
C LEU C 409 -23.62 -7.36 -27.21
N ASP C 410 -24.56 -8.00 -26.51
CA ASP C 410 -25.54 -8.80 -27.22
C ASP C 410 -26.51 -7.95 -28.01
N ALA C 411 -26.65 -8.30 -29.28
CA ALA C 411 -27.55 -7.59 -30.16
C ALA C 411 -28.96 -7.61 -29.60
N SER C 412 -29.40 -8.79 -29.20
CA SER C 412 -30.73 -8.98 -28.65
C SER C 412 -30.98 -8.31 -27.33
N LEU C 413 -29.97 -8.34 -26.46
CA LEU C 413 -30.13 -7.72 -25.16
C LEU C 413 -30.41 -6.23 -25.25
N ALA C 414 -29.87 -5.62 -26.29
CA ALA C 414 -30.03 -4.20 -26.53
C ALA C 414 -31.50 -3.77 -26.55
N PHE C 415 -32.39 -4.76 -26.72
CA PHE C 415 -33.81 -4.52 -26.84
C PHE C 415 -34.56 -4.06 -25.60
N ARG C 416 -34.38 -4.78 -24.50
CA ARG C 416 -35.04 -4.43 -23.26
C ARG C 416 -34.26 -3.35 -22.52
N ARG C 417 -33.96 -2.28 -23.23
CA ARG C 417 -33.24 -1.15 -22.67
C ARG C 417 -32.08 -1.67 -21.84
N HIS C 418 -31.44 -2.73 -22.31
CA HIS C 418 -30.32 -3.23 -21.54
C HIS C 418 -29.15 -2.32 -21.87
N PHE C 419 -29.23 -1.03 -21.51
CA PHE C 419 -28.13 -0.10 -21.80
C PHE C 419 -27.19 -0.21 -20.62
N PRO C 420 -25.94 -0.63 -20.84
CA PRO C 420 -25.36 -0.99 -22.14
C PRO C 420 -25.73 -2.38 -22.65
N ALA C 421 -25.78 -2.54 -23.97
CA ALA C 421 -26.13 -3.83 -24.62
C ALA C 421 -25.04 -4.86 -24.43
N ILE C 422 -24.42 -4.84 -23.26
CA ILE C 422 -23.35 -5.77 -22.94
C ILE C 422 -23.89 -7.19 -22.68
N ASN C 423 -22.98 -8.15 -22.48
CA ASN C 423 -23.36 -9.52 -22.16
C ASN C 423 -22.28 -10.28 -21.44
N TRP C 424 -22.71 -11.04 -20.46
CA TRP C 424 -21.81 -11.83 -19.64
C TRP C 424 -21.50 -13.18 -20.24
N ASN C 425 -22.47 -13.75 -20.93
CA ASN C 425 -22.30 -15.05 -21.58
C ASN C 425 -20.86 -15.17 -22.05
N GLY C 426 -20.43 -14.24 -22.89
CA GLY C 426 -19.08 -14.31 -23.40
C GLY C 426 -18.28 -13.07 -23.17
N SER C 427 -18.29 -12.57 -21.95
CA SER C 427 -17.52 -11.39 -21.66
C SER C 427 -16.68 -11.65 -20.43
N TYR C 428 -15.36 -11.51 -20.57
CA TYR C 428 -14.42 -11.70 -19.47
C TYR C 428 -13.50 -10.48 -19.31
N SER C 429 -12.86 -10.35 -18.15
CA SER C 429 -12.01 -9.20 -17.83
C SER C 429 -10.73 -9.60 -17.09
N LEU C 430 -9.57 -9.24 -17.63
CA LEU C 430 -8.31 -9.56 -16.97
C LEU C 430 -7.78 -8.43 -16.10
N PHE C 431 -8.22 -7.20 -16.38
CA PHE C 431 -7.79 -6.04 -15.61
C PHE C 431 -8.56 -5.91 -14.32
N THR C 432 -9.21 -6.99 -13.92
CA THR C 432 -10.00 -7.01 -12.70
C THR C 432 -9.21 -7.62 -11.56
N SER C 433 -7.90 -7.71 -11.76
CA SER C 433 -7.00 -8.29 -10.76
C SER C 433 -5.97 -7.27 -10.31
N ALA C 434 -5.98 -6.09 -10.94
CA ALA C 434 -5.06 -5.03 -10.60
C ALA C 434 -5.80 -3.80 -10.05
N LEU C 435 -7.11 -3.92 -9.89
CA LEU C 435 -7.93 -2.83 -9.37
C LEU C 435 -8.45 -3.10 -7.95
N ASP C 436 -8.18 -4.29 -7.44
CA ASP C 436 -8.64 -4.64 -6.10
C ASP C 436 -8.03 -3.71 -5.04
N PRO C 437 -6.77 -3.25 -5.24
CA PRO C 437 -6.13 -2.36 -4.28
C PRO C 437 -6.99 -1.14 -3.95
N TRP C 438 -7.49 -0.46 -4.97
CA TRP C 438 -8.32 0.73 -4.76
C TRP C 438 -9.75 0.31 -4.41
N TYR C 439 -10.07 -0.94 -4.74
CA TYR C 439 -11.39 -1.47 -4.47
C TYR C 439 -11.66 -1.51 -2.98
N ARG C 440 -11.05 -2.48 -2.32
CA ARG C 440 -11.20 -2.67 -0.89
C ARG C 440 -10.45 -1.57 -0.15
N GLU C 441 -10.04 -0.52 -0.86
CA GLU C 441 -9.30 0.54 -0.19
C GLU C 441 -10.18 1.72 0.13
N ASN C 442 -11.11 2.02 -0.77
CA ASN C 442 -11.99 3.14 -0.53
C ASN C 442 -13.41 2.62 -0.33
N VAL C 443 -13.91 1.86 -1.29
CA VAL C 443 -15.28 1.35 -1.17
C VAL C 443 -15.47 0.55 0.10
N ALA C 444 -14.96 -0.67 0.08
CA ALA C 444 -15.06 -1.53 1.24
C ALA C 444 -14.31 -2.80 0.95
N GLU C 445 -14.15 -3.61 1.99
CA GLU C 445 -13.45 -4.89 1.90
C GLU C 445 -14.40 -6.04 1.58
N ASP C 446 -15.62 -5.99 2.13
CA ASP C 446 -16.61 -7.03 1.88
C ASP C 446 -17.38 -6.77 0.58
N TYR C 447 -16.74 -6.02 -0.33
CA TYR C 447 -17.32 -5.68 -1.63
C TYR C 447 -16.65 -6.44 -2.77
N PRO C 448 -15.31 -6.41 -2.83
CA PRO C 448 -14.59 -7.12 -3.90
C PRO C 448 -14.86 -8.60 -3.88
N GLU C 449 -15.60 -9.05 -2.88
CA GLU C 449 -15.90 -10.46 -2.76
C GLU C 449 -17.38 -10.71 -3.02
N LEU C 450 -18.25 -10.06 -2.27
CA LEU C 450 -19.67 -10.26 -2.47
C LEU C 450 -20.05 -10.05 -3.93
N ARG C 451 -19.31 -9.23 -4.63
CA ARG C 451 -19.53 -8.96 -6.04
C ARG C 451 -19.32 -10.24 -6.84
N ASP C 452 -18.16 -10.84 -6.64
CA ASP C 452 -17.83 -12.07 -7.34
C ASP C 452 -18.91 -13.10 -7.08
N ALA C 453 -19.37 -13.14 -5.83
CA ALA C 453 -20.40 -14.10 -5.42
C ALA C 453 -21.76 -13.83 -6.05
N ILE C 454 -21.82 -12.83 -6.93
CA ILE C 454 -23.07 -12.51 -7.60
C ILE C 454 -23.10 -13.02 -9.06
N SER C 455 -21.93 -12.99 -9.73
CA SER C 455 -21.82 -13.44 -11.12
C SER C 455 -22.29 -14.89 -11.22
N GLU C 456 -22.03 -15.65 -10.18
CA GLU C 456 -22.43 -17.04 -10.14
C GLU C 456 -23.95 -17.11 -10.33
N LEU C 457 -24.66 -16.14 -9.76
CA LEU C 457 -26.11 -16.09 -9.84
C LEU C 457 -26.63 -16.42 -11.21
N LEU C 458 -26.17 -15.67 -12.20
CA LEU C 458 -26.58 -15.89 -13.58
C LEU C 458 -25.69 -16.96 -14.21
N GLN C 459 -24.53 -17.21 -13.58
CA GLN C 459 -23.55 -18.22 -14.05
C GLN C 459 -24.18 -19.59 -13.94
N ARG C 460 -24.43 -19.96 -12.69
CA ARG C 460 -25.02 -21.23 -12.30
C ARG C 460 -26.46 -21.23 -12.80
N GLU C 461 -26.92 -20.06 -13.20
CA GLU C 461 -28.28 -19.87 -13.69
C GLU C 461 -28.55 -20.45 -15.06
N ALA C 462 -27.56 -20.41 -15.94
CA ALA C 462 -27.73 -20.93 -17.28
C ALA C 462 -28.15 -22.40 -17.23
N GLY C 463 -27.23 -23.27 -16.81
CA GLY C 463 -27.52 -24.70 -16.74
C GLY C 463 -28.94 -25.06 -16.37
N LEU C 464 -29.61 -24.17 -15.66
CA LEU C 464 -30.97 -24.42 -15.25
C LEU C 464 -31.89 -23.84 -16.32
N GLN C 465 -31.52 -22.68 -16.83
CA GLN C 465 -32.27 -21.98 -17.84
C GLN C 465 -32.78 -22.82 -19.00
N GLU C 466 -31.89 -23.61 -19.57
CA GLU C 466 -32.25 -24.46 -20.70
C GLU C 466 -33.55 -25.21 -20.40
N ILE C 467 -33.55 -26.01 -19.34
CA ILE C 467 -34.73 -26.77 -18.97
C ILE C 467 -35.80 -25.82 -18.45
N VAL C 468 -35.37 -24.79 -17.74
CA VAL C 468 -36.29 -23.78 -17.21
C VAL C 468 -37.21 -23.38 -18.31
N GLN C 469 -36.61 -23.13 -19.46
CA GLN C 469 -37.35 -22.70 -20.61
C GLN C 469 -37.95 -23.89 -21.37
N LEU C 470 -37.48 -25.09 -21.07
CA LEU C 470 -37.97 -26.30 -21.73
C LEU C 470 -39.27 -26.87 -21.15
N VAL C 471 -39.47 -26.62 -19.86
CA VAL C 471 -40.67 -27.11 -19.19
C VAL C 471 -41.54 -25.97 -18.67
N GLY C 472 -41.28 -25.53 -17.45
CA GLY C 472 -42.07 -24.46 -16.87
C GLY C 472 -41.31 -23.88 -15.69
N PRO C 473 -41.42 -22.56 -15.47
CA PRO C 473 -40.74 -21.87 -14.37
C PRO C 473 -41.39 -22.17 -13.01
N ASP C 474 -41.66 -23.44 -12.75
CA ASP C 474 -42.30 -23.82 -11.50
C ASP C 474 -41.89 -25.20 -10.98
N ALA C 475 -41.38 -26.06 -11.87
CA ALA C 475 -40.97 -27.41 -11.50
C ALA C 475 -39.61 -27.49 -10.83
N LEU C 476 -39.50 -26.91 -9.64
CA LEU C 476 -38.26 -26.91 -8.89
C LEU C 476 -38.51 -26.97 -7.42
N GLN C 477 -37.49 -27.39 -6.67
CA GLN C 477 -37.59 -27.47 -5.23
C GLN C 477 -37.42 -26.05 -4.69
N ASP C 478 -37.52 -25.88 -3.38
CA ASP C 478 -37.39 -24.54 -2.78
C ASP C 478 -36.04 -23.89 -3.07
N ALA C 479 -34.94 -24.55 -2.70
CA ALA C 479 -33.61 -24.01 -2.94
C ALA C 479 -33.38 -23.75 -4.44
N GLU C 480 -34.18 -24.39 -5.28
CA GLU C 480 -34.08 -24.23 -6.72
C GLU C 480 -34.55 -22.85 -7.15
N ARG C 481 -35.79 -22.52 -6.80
CA ARG C 481 -36.35 -21.24 -7.18
C ARG C 481 -35.59 -20.10 -6.56
N LEU C 482 -34.67 -20.45 -5.67
CA LEU C 482 -33.87 -19.45 -5.02
C LEU C 482 -33.35 -18.52 -6.09
N VAL C 483 -32.36 -18.99 -6.85
CA VAL C 483 -31.74 -18.16 -7.88
C VAL C 483 -32.59 -18.10 -9.11
N ILE C 484 -33.80 -18.64 -9.03
CA ILE C 484 -34.69 -18.61 -10.17
C ILE C 484 -35.00 -17.18 -10.63
N GLU C 485 -35.63 -16.39 -9.76
CA GLU C 485 -35.96 -15.02 -10.15
C GLU C 485 -34.94 -14.04 -9.52
N VAL C 486 -33.85 -14.59 -9.01
CA VAL C 486 -32.80 -13.78 -8.41
C VAL C 486 -32.10 -12.96 -9.49
N GLY C 487 -31.51 -13.68 -10.43
CA GLY C 487 -30.79 -13.06 -11.50
C GLY C 487 -31.57 -11.95 -12.17
N ARG C 488 -32.85 -12.19 -12.42
CA ARG C 488 -33.67 -11.18 -13.09
C ARG C 488 -33.45 -9.82 -12.45
N ILE C 489 -33.39 -9.78 -11.13
CA ILE C 489 -33.15 -8.53 -10.45
C ILE C 489 -31.68 -8.17 -10.54
N ILE C 490 -30.83 -9.19 -10.57
CA ILE C 490 -29.39 -8.92 -10.63
C ILE C 490 -29.05 -8.11 -11.88
N ARG C 491 -30.09 -7.76 -12.64
CA ARG C 491 -29.92 -7.00 -13.88
C ARG C 491 -30.95 -5.89 -13.95
N GLU C 492 -32.21 -6.30 -13.88
CA GLU C 492 -33.35 -5.40 -13.92
C GLU C 492 -33.03 -4.13 -13.15
N ASP C 493 -32.28 -4.33 -12.07
CA ASP C 493 -31.90 -3.26 -11.18
C ASP C 493 -30.38 -3.24 -11.00
N PHE C 494 -29.64 -3.32 -12.11
CA PHE C 494 -28.18 -3.30 -12.08
C PHE C 494 -27.62 -3.17 -13.50
N LEU C 495 -27.91 -4.15 -14.34
CA LEU C 495 -27.44 -4.12 -15.71
C LEU C 495 -28.23 -3.11 -16.51
N GLN C 496 -29.54 -3.16 -16.35
CA GLN C 496 -30.45 -2.27 -17.05
C GLN C 496 -30.41 -0.87 -16.45
N GLN C 497 -29.75 0.05 -17.15
CA GLN C 497 -29.59 1.45 -16.71
C GLN C 497 -29.76 2.45 -17.86
N ASN C 498 -30.41 3.58 -17.61
CA ASN C 498 -30.58 4.59 -18.66
C ASN C 498 -29.40 5.57 -18.63
N ALA C 499 -28.59 5.50 -19.68
CA ALA C 499 -27.41 6.33 -19.83
C ALA C 499 -27.77 7.80 -19.94
N TYR C 500 -29.07 8.06 -19.97
CA TYR C 500 -29.61 9.42 -20.09
C TYR C 500 -30.28 9.92 -18.82
N HIS C 501 -30.51 9.04 -17.85
CA HIS C 501 -31.17 9.47 -16.62
C HIS C 501 -30.23 10.09 -15.61
N GLU C 502 -30.29 11.41 -15.56
CA GLU C 502 -29.47 12.23 -14.66
C GLU C 502 -28.99 11.44 -13.44
N VAL C 503 -29.92 10.75 -12.79
CA VAL C 503 -29.58 9.99 -11.63
C VAL C 503 -28.87 8.74 -12.10
N ASP C 504 -29.66 7.75 -12.46
CA ASP C 504 -29.19 6.47 -12.94
C ASP C 504 -28.03 6.51 -13.93
N ALA C 505 -28.18 7.26 -15.02
CA ALA C 505 -27.15 7.39 -16.04
C ALA C 505 -25.73 7.48 -15.43
N TYR C 506 -25.66 7.83 -14.16
CA TYR C 506 -24.39 7.91 -13.45
C TYR C 506 -24.44 7.10 -12.17
N CYS C 507 -23.61 6.07 -12.09
CA CYS C 507 -23.59 5.25 -10.90
C CYS C 507 -22.18 4.82 -10.61
N SER C 508 -21.55 5.50 -9.67
CA SER C 508 -20.19 5.19 -9.30
C SER C 508 -20.17 4.02 -8.33
N MET C 509 -19.04 3.88 -7.66
CA MET C 509 -18.86 2.81 -6.69
C MET C 509 -19.88 2.84 -5.57
N LYS C 510 -20.30 4.04 -5.20
CA LYS C 510 -21.28 4.21 -4.13
C LYS C 510 -22.58 3.50 -4.53
N LYS C 511 -22.96 3.66 -5.79
CA LYS C 511 -24.17 3.04 -6.31
C LYS C 511 -23.95 1.54 -6.48
N ALA C 512 -22.71 1.15 -6.75
CA ALA C 512 -22.38 -0.25 -6.93
C ALA C 512 -22.52 -1.07 -5.65
N TYR C 513 -21.41 -1.26 -4.95
CA TYR C 513 -21.41 -2.01 -3.70
C TYR C 513 -22.70 -1.77 -2.97
N GLY C 514 -23.10 -0.50 -2.95
CA GLY C 514 -24.31 -0.13 -2.26
C GLY C 514 -25.44 -1.12 -2.43
N ILE C 515 -26.09 -1.05 -3.57
CA ILE C 515 -27.21 -1.93 -3.82
C ILE C 515 -26.73 -3.34 -3.96
N MET C 516 -25.43 -3.50 -4.07
CA MET C 516 -24.83 -4.80 -4.25
C MET C 516 -25.09 -5.72 -3.06
N LYS C 517 -25.43 -5.12 -1.93
CA LYS C 517 -25.67 -5.90 -0.73
C LYS C 517 -27.15 -6.12 -0.48
N MET C 518 -27.98 -5.21 -0.99
CA MET C 518 -29.41 -5.27 -0.76
C MET C 518 -30.03 -6.62 -1.12
N ILE C 519 -29.61 -7.15 -2.24
CA ILE C 519 -30.13 -8.41 -2.67
C ILE C 519 -29.51 -9.51 -1.84
N LEU C 520 -28.21 -9.39 -1.58
CA LEU C 520 -27.51 -10.38 -0.80
C LEU C 520 -28.42 -10.87 0.29
N ALA C 521 -28.88 -9.91 1.06
CA ALA C 521 -29.77 -10.20 2.17
C ALA C 521 -30.83 -11.21 1.77
N PHE C 522 -31.55 -10.92 0.70
CA PHE C 522 -32.60 -11.84 0.28
C PHE C 522 -32.14 -13.27 0.20
N TYR C 523 -30.95 -13.46 -0.36
CA TYR C 523 -30.40 -14.79 -0.48
C TYR C 523 -30.49 -15.45 0.87
N LYS C 524 -29.64 -15.01 1.80
CA LYS C 524 -29.60 -15.56 3.14
C LYS C 524 -30.98 -15.57 3.84
N GLU C 525 -31.84 -14.63 3.46
CA GLU C 525 -33.16 -14.53 4.07
C GLU C 525 -34.17 -15.48 3.46
N ALA C 526 -34.30 -15.41 2.15
CA ALA C 526 -35.24 -16.27 1.47
C ALA C 526 -34.92 -17.74 1.60
N GLU C 527 -33.64 -18.10 1.71
CA GLU C 527 -33.23 -19.51 1.80
C GLU C 527 -33.82 -20.26 3.00
N ALA C 528 -34.18 -19.53 4.05
CA ALA C 528 -34.76 -20.12 5.23
C ALA C 528 -36.23 -19.71 5.29
N ALA C 529 -36.49 -18.44 5.03
CA ALA C 529 -37.85 -17.90 5.05
C ALA C 529 -38.81 -18.79 4.26
N ILE C 530 -38.41 -19.13 3.05
CA ILE C 530 -39.23 -19.97 2.19
C ILE C 530 -39.00 -21.44 2.55
N LYS C 531 -38.01 -21.65 3.41
CA LYS C 531 -37.65 -22.98 3.85
C LYS C 531 -38.39 -23.29 5.16
N ARG C 532 -39.16 -22.32 5.62
CA ARG C 532 -39.93 -22.42 6.86
C ARG C 532 -41.33 -22.94 6.54
N GLY C 533 -41.41 -23.81 5.54
CA GLY C 533 -42.70 -24.38 5.16
C GLY C 533 -43.43 -23.51 4.15
N VAL C 534 -43.29 -22.20 4.31
CA VAL C 534 -43.92 -21.24 3.42
C VAL C 534 -43.32 -21.35 2.02
N SER C 535 -44.13 -21.09 1.00
CA SER C 535 -43.66 -21.13 -0.39
C SER C 535 -43.17 -19.74 -0.74
N ILE C 536 -42.23 -19.67 -1.67
CA ILE C 536 -41.64 -18.39 -2.07
C ILE C 536 -42.68 -17.42 -2.64
N ASP C 537 -43.81 -17.94 -3.10
CA ASP C 537 -44.85 -17.11 -3.68
C ASP C 537 -45.12 -15.92 -2.78
N GLU C 538 -45.36 -16.19 -1.50
CA GLU C 538 -45.62 -15.12 -0.57
C GLU C 538 -44.45 -14.16 -0.65
N ILE C 539 -43.26 -14.70 -0.92
CA ILE C 539 -42.07 -13.90 -1.01
C ILE C 539 -42.04 -13.15 -2.35
N LEU C 540 -42.83 -13.63 -3.31
CA LEU C 540 -42.89 -13.00 -4.64
C LEU C 540 -43.64 -11.67 -4.62
N GLN C 541 -44.62 -11.56 -3.72
CA GLN C 541 -45.41 -10.34 -3.60
C GLN C 541 -44.69 -9.29 -2.78
N LEU C 542 -43.68 -9.72 -2.02
CA LEU C 542 -42.91 -8.82 -1.17
C LEU C 542 -42.83 -7.41 -1.69
N PRO C 543 -43.81 -6.57 -1.32
CA PRO C 543 -43.79 -5.18 -1.78
C PRO C 543 -42.45 -4.54 -1.41
N VAL C 544 -41.66 -5.25 -0.61
CA VAL C 544 -40.35 -4.77 -0.16
C VAL C 544 -39.31 -4.82 -1.27
N LEU C 545 -39.61 -5.58 -2.31
CA LEU C 545 -38.71 -5.73 -3.43
C LEU C 545 -38.67 -4.47 -4.28
N GLU C 546 -39.86 -3.90 -4.51
CA GLU C 546 -40.01 -2.68 -5.28
C GLU C 546 -39.12 -1.52 -4.79
N ARG C 547 -38.94 -1.42 -3.47
CA ARG C 547 -38.12 -0.37 -2.87
C ARG C 547 -36.68 -0.48 -3.34
N ILE C 548 -36.17 -1.70 -3.35
CA ILE C 548 -34.81 -1.99 -3.79
C ILE C 548 -34.74 -1.70 -5.29
N GLY C 549 -35.90 -1.50 -5.90
CA GLY C 549 -35.98 -1.26 -7.33
C GLY C 549 -35.64 0.18 -7.69
N ARG C 550 -35.37 0.98 -6.66
CA ARG C 550 -35.01 2.37 -6.87
C ARG C 550 -33.50 2.49 -6.72
N ALA C 551 -32.83 1.34 -6.78
CA ALA C 551 -31.38 1.27 -6.68
C ALA C 551 -30.67 2.10 -7.74
N ARG C 552 -31.42 2.50 -8.75
CA ARG C 552 -30.90 3.27 -9.87
C ARG C 552 -31.66 4.59 -10.06
N TYR C 553 -32.93 4.58 -9.66
CA TYR C 553 -33.76 5.76 -9.80
C TYR C 553 -33.61 6.69 -8.61
N VAL C 554 -32.72 6.32 -7.69
CA VAL C 554 -32.47 7.13 -6.49
C VAL C 554 -31.31 8.12 -6.69
N SER C 555 -31.52 9.35 -6.20
CA SER C 555 -30.54 10.43 -6.29
C SER C 555 -29.17 9.93 -5.91
N GLU C 556 -28.22 10.05 -6.83
CA GLU C 556 -26.86 9.60 -6.58
C GLU C 556 -26.32 10.16 -5.26
N GLU C 557 -26.86 11.30 -4.86
CA GLU C 557 -26.45 11.96 -3.62
C GLU C 557 -27.27 11.46 -2.44
N GLU C 558 -28.59 11.48 -2.58
CA GLU C 558 -29.49 11.02 -1.53
C GLU C 558 -29.60 9.51 -1.59
N PHE C 559 -28.53 8.88 -2.04
CA PHE C 559 -28.47 7.43 -2.17
C PHE C 559 -28.43 6.73 -0.82
N PRO C 560 -27.55 7.20 0.08
CA PRO C 560 -27.54 6.51 1.37
C PRO C 560 -28.81 6.66 2.16
N ALA C 561 -29.82 7.28 1.56
CA ALA C 561 -31.09 7.47 2.26
C ALA C 561 -31.93 6.21 2.33
N TYR C 562 -31.83 5.37 1.32
CA TYR C 562 -32.60 4.13 1.25
C TYR C 562 -31.66 2.96 1.53
N PHE C 563 -30.37 3.22 1.32
CA PHE C 563 -29.31 2.27 1.54
C PHE C 563 -29.54 1.59 2.89
N GLU C 564 -29.28 2.35 3.95
CA GLU C 564 -29.43 1.89 5.32
C GLU C 564 -30.91 1.81 5.71
N GLU C 565 -31.69 2.82 5.32
CA GLU C 565 -33.11 2.87 5.64
C GLU C 565 -33.79 1.52 5.54
N ALA C 566 -33.97 1.06 4.30
CA ALA C 566 -34.63 -0.20 4.05
C ALA C 566 -33.69 -1.33 4.37
N MET C 567 -32.39 -1.05 4.35
CA MET C 567 -31.39 -2.07 4.65
C MET C 567 -31.88 -3.01 5.74
N LYS C 568 -32.44 -2.42 6.79
CA LYS C 568 -32.94 -3.17 7.93
C LYS C 568 -34.28 -3.85 7.59
N GLU C 569 -35.12 -3.12 6.90
CA GLU C 569 -36.43 -3.64 6.54
C GLU C 569 -36.30 -4.97 5.81
N ILE C 570 -35.07 -5.29 5.40
CA ILE C 570 -34.80 -6.53 4.66
C ILE C 570 -34.70 -7.75 5.56
N GLN C 571 -33.88 -7.61 6.61
CA GLN C 571 -33.64 -8.68 7.56
C GLN C 571 -34.72 -8.72 8.64
N GLY C 572 -35.55 -7.68 8.66
CA GLY C 572 -36.60 -7.60 9.66
C GLY C 572 -37.94 -8.21 9.35
N ALA C 573 -38.77 -7.48 8.62
CA ALA C 573 -40.10 -7.95 8.24
C ALA C 573 -40.02 -9.35 7.65
N PHE C 574 -38.96 -9.63 6.90
CA PHE C 574 -38.74 -10.93 6.25
C PHE C 574 -38.26 -11.99 7.26
N LYS C 575 -37.96 -11.57 8.48
CA LYS C 575 -37.49 -12.52 9.48
C LYS C 575 -38.69 -13.29 10.02
N ALA C 576 -39.81 -13.15 9.34
CA ALA C 576 -41.03 -13.82 9.75
C ALA C 576 -41.75 -14.55 8.62
N LEU C 577 -41.95 -15.86 8.80
CA LEU C 577 -42.63 -16.73 7.84
C LEU C 577 -42.71 -18.18 8.37
N GLU D 1 4.86 -32.14 -87.44
CA GLU D 1 6.05 -33.04 -87.30
C GLU D 1 7.23 -32.19 -86.85
N TYR D 2 6.95 -30.90 -86.61
CA TYR D 2 7.96 -29.91 -86.19
C TYR D 2 8.75 -30.29 -84.95
N THR D 3 9.50 -29.32 -84.44
CA THR D 3 10.33 -29.53 -83.27
C THR D 3 10.22 -28.41 -82.24
N GLY D 4 11.36 -27.78 -81.94
CA GLY D 4 11.43 -26.70 -80.98
C GLY D 4 10.27 -26.57 -80.02
N ILE D 5 10.25 -27.40 -78.99
CA ILE D 5 9.17 -27.36 -78.02
C ILE D 5 9.45 -26.44 -76.84
N THR D 6 8.57 -25.47 -76.64
CA THR D 6 8.71 -24.54 -75.54
C THR D 6 7.45 -24.60 -74.73
N TYR D 7 7.64 -24.60 -73.42
CA TYR D 7 6.56 -24.69 -72.47
C TYR D 7 6.00 -26.14 -72.46
N ILE D 8 6.38 -26.89 -71.43
CA ILE D 8 5.97 -28.29 -71.22
C ILE D 8 5.50 -28.55 -69.78
N SER D 9 4.25 -28.99 -69.64
CA SER D 9 3.70 -29.28 -68.33
C SER D 9 3.13 -30.71 -68.28
N GLY D 10 3.75 -31.58 -67.49
CA GLY D 10 3.26 -32.96 -67.39
C GLY D 10 3.10 -33.59 -68.76
N PRO D 11 1.90 -34.13 -69.11
CA PRO D 11 1.63 -34.77 -70.41
C PRO D 11 1.21 -33.73 -71.46
N LEU D 12 1.64 -32.48 -71.25
CA LEU D 12 1.32 -31.40 -72.18
C LEU D 12 2.59 -31.06 -72.96
N LEU D 13 2.40 -30.43 -74.11
CA LEU D 13 3.52 -30.03 -74.95
C LEU D 13 3.11 -28.97 -75.96
N PHE D 14 3.90 -27.91 -76.06
CA PHE D 14 3.61 -26.85 -76.99
C PHE D 14 4.55 -26.99 -78.18
N VAL D 15 4.10 -26.48 -79.33
CA VAL D 15 4.86 -26.50 -80.58
C VAL D 15 4.40 -25.34 -81.50
N GLU D 16 5.36 -24.63 -82.09
CA GLU D 16 5.05 -23.49 -82.96
C GLU D 16 4.42 -23.89 -84.28
N ASN D 17 4.12 -22.89 -85.11
CA ASN D 17 3.50 -23.11 -86.42
C ASN D 17 2.34 -24.09 -86.23
N ALA D 18 1.32 -23.64 -85.52
CA ALA D 18 0.16 -24.47 -85.26
C ALA D 18 -1.04 -24.10 -86.14
N LYS D 19 -0.76 -23.51 -87.30
CA LYS D 19 -1.81 -23.10 -88.23
C LYS D 19 -2.25 -24.27 -89.16
N ASP D 20 -1.56 -25.41 -89.04
CA ASP D 20 -1.82 -26.64 -89.81
C ASP D 20 -2.65 -27.60 -88.96
N LEU D 21 -2.71 -27.28 -87.67
CA LEU D 21 -3.42 -28.08 -86.68
C LEU D 21 -4.73 -27.41 -86.32
N ALA D 22 -5.42 -27.95 -85.32
CA ALA D 22 -6.70 -27.38 -84.92
C ALA D 22 -7.19 -28.05 -83.67
N TYR D 23 -7.69 -27.26 -82.74
CA TYR D 23 -8.20 -27.85 -81.52
C TYR D 23 -9.14 -28.99 -81.97
N GLY D 24 -9.11 -30.14 -81.27
CA GLY D 24 -9.94 -31.28 -81.62
C GLY D 24 -9.16 -32.37 -82.33
N ALA D 25 -7.84 -32.18 -82.37
CA ALA D 25 -6.94 -33.10 -83.04
C ALA D 25 -5.92 -33.82 -82.14
N ILE D 26 -5.28 -34.84 -82.69
CA ILE D 26 -4.29 -35.61 -81.94
C ILE D 26 -3.26 -36.22 -82.88
N VAL D 27 -2.02 -36.28 -82.43
CA VAL D 27 -0.95 -36.85 -83.22
C VAL D 27 0.08 -37.50 -82.30
N ASP D 28 0.83 -38.47 -82.83
CA ASP D 28 1.84 -39.15 -82.04
C ASP D 28 3.17 -38.39 -82.04
N ILE D 29 3.66 -38.09 -80.82
CA ILE D 29 4.90 -37.33 -80.65
C ILE D 29 6.12 -38.19 -80.32
N LYS D 30 7.26 -37.82 -80.88
CA LYS D 30 8.50 -38.54 -80.67
C LYS D 30 9.63 -37.67 -80.16
N ASP D 31 10.09 -37.98 -78.95
CA ASP D 31 11.17 -37.24 -78.35
C ASP D 31 12.49 -37.62 -79.01
N GLY D 32 13.45 -38.00 -78.19
CA GLY D 32 14.76 -38.38 -78.69
C GLY D 32 14.79 -39.85 -79.09
N THR D 33 14.53 -40.74 -78.13
CA THR D 33 14.53 -42.17 -78.39
C THR D 33 13.64 -42.52 -79.58
N GLY D 34 12.80 -41.57 -79.99
CA GLY D 34 11.91 -41.79 -81.11
C GLY D 34 10.69 -42.55 -80.66
N ARG D 35 10.52 -42.66 -79.34
CA ARG D 35 9.39 -43.36 -78.77
C ARG D 35 8.08 -42.76 -79.25
N VAL D 36 7.15 -43.62 -79.68
CA VAL D 36 5.85 -43.19 -80.17
C VAL D 36 4.83 -43.11 -79.04
N ARG D 37 4.38 -41.89 -78.74
CA ARG D 37 3.41 -41.68 -77.67
C ARG D 37 2.09 -41.07 -78.17
N GLY D 38 1.96 -39.74 -78.07
CA GLY D 38 0.74 -39.08 -78.53
C GLY D 38 0.53 -37.67 -77.99
N GLY D 39 -0.68 -37.14 -78.15
CA GLY D 39 -0.99 -35.80 -77.67
C GLY D 39 -2.14 -35.07 -78.36
N GLN D 40 -3.09 -34.53 -77.59
CA GLN D 40 -4.22 -33.84 -78.24
C GLN D 40 -3.82 -32.45 -78.71
N VAL D 41 -4.49 -31.98 -79.77
CA VAL D 41 -4.26 -30.66 -80.38
C VAL D 41 -5.12 -29.56 -79.78
N ILE D 42 -4.52 -28.72 -78.95
CA ILE D 42 -5.23 -27.65 -78.31
C ILE D 42 -4.50 -26.36 -78.67
N GLU D 43 -5.10 -25.21 -78.35
CA GLU D 43 -4.54 -23.87 -78.60
C GLU D 43 -3.53 -23.80 -79.73
N VAL D 44 -4.03 -23.81 -80.97
CA VAL D 44 -3.23 -23.77 -82.18
C VAL D 44 -2.91 -22.34 -82.59
N SER D 45 -2.58 -21.48 -81.64
CA SER D 45 -2.31 -20.09 -82.00
C SER D 45 -1.12 -19.91 -82.94
N GLU D 46 -0.86 -18.65 -83.28
CA GLU D 46 0.22 -18.26 -84.19
C GLU D 46 1.57 -18.67 -83.67
N GLU D 47 1.84 -18.23 -82.45
CA GLU D 47 3.10 -18.53 -81.79
C GLU D 47 3.25 -20.04 -81.69
N TYR D 48 2.51 -20.63 -80.75
CA TYR D 48 2.55 -22.05 -80.51
C TYR D 48 1.20 -22.73 -80.35
N ALA D 49 1.24 -24.06 -80.24
CA ALA D 49 0.06 -24.91 -80.10
C ALA D 49 0.06 -25.60 -78.73
N VAL D 50 -0.98 -26.40 -78.47
CA VAL D 50 -1.09 -27.14 -77.22
C VAL D 50 -1.46 -28.59 -77.50
N ILE D 51 -0.63 -29.50 -76.99
CA ILE D 51 -0.86 -30.92 -77.21
C ILE D 51 -0.91 -31.65 -75.89
N GLN D 52 -1.60 -32.78 -75.84
CA GLN D 52 -1.66 -33.50 -74.57
C GLN D 52 -1.26 -34.94 -74.75
N VAL D 53 -0.04 -35.26 -74.33
CA VAL D 53 0.50 -36.62 -74.46
C VAL D 53 -0.39 -37.70 -73.83
N PHE D 54 -0.60 -38.78 -74.58
CA PHE D 54 -1.41 -39.89 -74.09
C PHE D 54 -0.90 -40.28 -72.71
N GLU D 55 0.34 -40.75 -72.65
CA GLU D 55 0.96 -41.17 -71.40
C GLU D 55 1.05 -40.05 -70.38
N GLU D 56 1.57 -40.38 -69.21
CA GLU D 56 1.74 -39.44 -68.12
C GLU D 56 2.62 -38.27 -68.57
N THR D 57 3.87 -38.53 -68.99
CA THR D 57 4.77 -37.47 -69.45
C THR D 57 6.22 -37.84 -69.80
N THR D 58 6.95 -38.38 -68.82
CA THR D 58 8.35 -38.73 -69.00
C THR D 58 8.69 -39.30 -70.38
N GLY D 59 9.41 -38.51 -71.16
CA GLY D 59 9.77 -38.94 -72.49
C GLY D 59 9.74 -37.78 -73.47
N LEU D 60 9.78 -36.57 -72.94
CA LEU D 60 9.80 -35.38 -73.79
C LEU D 60 11.16 -34.70 -73.66
N ASP D 61 11.81 -34.43 -74.80
CA ASP D 61 13.11 -33.78 -74.76
C ASP D 61 13.11 -32.44 -75.48
N LEU D 62 14.17 -31.68 -75.22
CA LEU D 62 14.36 -30.36 -75.80
C LEU D 62 14.84 -30.40 -77.24
N ALA D 63 15.83 -31.25 -77.49
CA ALA D 63 16.39 -31.39 -78.82
C ALA D 63 15.32 -31.78 -79.83
N THR D 64 14.95 -33.07 -79.85
CA THR D 64 13.93 -33.57 -80.76
C THR D 64 12.56 -33.64 -80.11
N THR D 65 11.52 -33.55 -80.93
CA THR D 65 10.13 -33.58 -80.49
C THR D 65 9.22 -33.51 -81.70
N SER D 66 9.67 -34.12 -82.78
CA SER D 66 8.89 -34.15 -84.01
C SER D 66 7.59 -34.87 -83.73
N VAL D 67 6.63 -34.76 -84.63
CA VAL D 67 5.37 -35.43 -84.43
C VAL D 67 4.71 -35.96 -85.71
N SER D 68 4.26 -37.21 -85.66
CA SER D 68 3.59 -37.81 -86.82
C SER D 68 2.09 -37.49 -86.81
N LEU D 69 1.66 -36.61 -87.72
CA LEU D 69 0.26 -36.19 -87.83
C LEU D 69 -0.66 -37.40 -88.08
N VAL D 70 -1.47 -37.74 -87.08
CA VAL D 70 -2.40 -38.86 -87.18
C VAL D 70 -3.68 -38.45 -87.91
N GLU D 71 -4.39 -37.49 -87.35
CA GLU D 71 -5.63 -36.99 -87.93
C GLU D 71 -6.36 -36.08 -86.96
N ASP D 72 -6.59 -34.85 -87.39
CA ASP D 72 -7.30 -33.86 -86.58
C ASP D 72 -8.20 -34.63 -85.61
N VAL D 73 -9.24 -35.28 -86.12
CA VAL D 73 -10.08 -36.04 -85.20
C VAL D 73 -10.00 -37.53 -85.50
N ALA D 74 -9.59 -38.31 -84.50
CA ALA D 74 -9.48 -39.75 -84.68
C ALA D 74 -10.72 -40.40 -84.10
N ARG D 75 -11.10 -41.54 -84.66
CA ARG D 75 -12.28 -42.24 -84.18
C ARG D 75 -12.09 -43.71 -84.49
N LEU D 76 -12.40 -44.57 -83.52
CA LEU D 76 -12.24 -46.02 -83.74
C LEU D 76 -13.20 -46.50 -84.81
N GLY D 77 -12.87 -47.65 -85.40
CA GLY D 77 -13.69 -48.22 -86.46
C GLY D 77 -14.95 -48.90 -85.96
N VAL D 78 -16.07 -48.54 -86.54
CA VAL D 78 -17.34 -49.11 -86.14
C VAL D 78 -17.78 -50.26 -87.01
N SER D 79 -18.59 -51.14 -86.43
CA SER D 79 -19.19 -52.26 -87.11
C SER D 79 -19.89 -53.27 -86.24
N LYS D 80 -20.71 -54.09 -86.87
CA LYS D 80 -21.47 -55.14 -86.21
C LYS D 80 -20.56 -56.32 -85.87
N GLU D 81 -19.30 -56.22 -86.30
CA GLU D 81 -18.32 -57.28 -86.10
C GLU D 81 -17.76 -57.29 -84.69
N MET D 82 -18.36 -56.53 -83.80
CA MET D 82 -17.90 -56.45 -82.43
C MET D 82 -18.87 -57.05 -81.40
N LEU D 83 -19.04 -58.37 -81.41
CA LEU D 83 -19.96 -59.05 -80.49
C LEU D 83 -19.25 -59.79 -79.33
N GLY D 84 -18.13 -59.23 -78.88
CA GLY D 84 -17.38 -59.86 -77.82
C GLY D 84 -15.99 -59.29 -77.75
N ARG D 85 -15.74 -58.32 -78.61
CA ARG D 85 -14.44 -57.68 -78.68
C ARG D 85 -14.19 -57.08 -77.32
N ARG D 86 -12.97 -56.58 -77.13
CA ARG D 86 -12.58 -55.95 -75.86
C ARG D 86 -11.57 -54.81 -76.08
N PHE D 87 -11.82 -53.67 -75.43
CA PHE D 87 -10.95 -52.48 -75.54
C PHE D 87 -10.97 -51.67 -74.26
N ASN D 88 -9.92 -50.88 -74.02
CA ASN D 88 -9.84 -50.08 -72.80
C ASN D 88 -9.72 -48.57 -73.07
N GLY D 89 -10.26 -47.76 -72.16
CA GLY D 89 -10.22 -46.33 -72.32
C GLY D 89 -10.42 -45.99 -73.78
N ILE D 90 -9.35 -45.58 -74.44
CA ILE D 90 -9.40 -45.26 -75.86
C ILE D 90 -10.22 -46.32 -76.58
N GLY D 91 -9.96 -47.58 -76.24
CA GLY D 91 -10.67 -48.67 -76.87
C GLY D 91 -9.83 -49.32 -77.96
N LYS D 92 -8.70 -49.90 -77.57
CA LYS D 92 -7.83 -50.56 -78.53
C LYS D 92 -7.72 -52.07 -78.28
N PRO D 93 -7.59 -52.87 -79.36
CA PRO D 93 -7.47 -54.33 -79.30
C PRO D 93 -6.61 -54.93 -78.20
N ILE D 94 -7.27 -55.39 -77.14
CA ILE D 94 -6.59 -56.01 -76.01
C ILE D 94 -7.23 -57.37 -75.77
N ASP D 95 -8.33 -57.64 -76.47
CA ASP D 95 -9.01 -58.92 -76.32
C ASP D 95 -8.30 -59.99 -77.13
N GLY D 96 -7.30 -59.58 -77.91
CA GLY D 96 -6.54 -60.51 -78.71
C GLY D 96 -7.03 -60.63 -80.14
N LEU D 97 -8.34 -60.55 -80.33
CA LEU D 97 -8.94 -60.65 -81.66
C LEU D 97 -8.46 -59.53 -82.57
N PRO D 98 -8.55 -59.73 -83.89
CA PRO D 98 -8.15 -58.79 -84.96
C PRO D 98 -8.76 -57.40 -84.86
N PRO D 99 -8.00 -56.37 -85.22
CA PRO D 99 -8.53 -55.01 -85.16
C PRO D 99 -9.92 -55.02 -85.74
N ILE D 100 -10.85 -54.43 -85.00
CA ILE D 100 -12.24 -54.36 -85.40
C ILE D 100 -12.39 -53.81 -86.82
N THR D 101 -13.29 -54.41 -87.59
CA THR D 101 -13.51 -53.96 -88.95
C THR D 101 -14.13 -52.58 -88.94
N PRO D 102 -13.41 -51.60 -89.50
CA PRO D 102 -13.97 -50.26 -89.51
C PRO D 102 -15.00 -50.11 -90.62
N GLU D 103 -16.20 -49.69 -90.24
CA GLU D 103 -17.28 -49.46 -91.20
C GLU D 103 -17.32 -47.97 -91.55
N LYS D 104 -17.33 -47.14 -90.50
CA LYS D 104 -17.35 -45.69 -90.65
C LYS D 104 -16.64 -45.06 -89.44
N ARG D 105 -15.67 -44.19 -89.72
CA ARG D 105 -14.90 -43.54 -88.67
C ARG D 105 -15.63 -42.33 -88.07
N LEU D 106 -16.89 -42.51 -87.70
CA LEU D 106 -17.69 -41.42 -87.13
C LEU D 106 -17.07 -40.76 -85.91
N PRO D 107 -17.31 -39.46 -85.74
CA PRO D 107 -16.78 -38.71 -84.61
C PRO D 107 -17.32 -39.36 -83.34
N ILE D 108 -16.47 -39.50 -82.32
CA ILE D 108 -16.90 -40.10 -81.07
C ILE D 108 -18.00 -39.27 -80.42
N THR D 109 -18.39 -38.19 -81.08
CA THR D 109 -19.45 -37.30 -80.58
C THR D 109 -20.26 -36.71 -81.73
N GLY D 110 -21.28 -37.44 -82.17
CA GLY D 110 -22.11 -36.96 -83.25
C GLY D 110 -23.21 -36.04 -82.79
N LEU D 111 -23.11 -35.59 -81.53
CA LEU D 111 -24.11 -34.71 -80.94
C LEU D 111 -25.51 -35.25 -81.15
N PRO D 112 -26.49 -34.74 -80.39
CA PRO D 112 -27.89 -35.16 -80.47
C PRO D 112 -28.54 -35.03 -81.83
N LEU D 113 -29.60 -35.82 -82.02
CA LEU D 113 -30.36 -35.81 -83.27
C LEU D 113 -31.48 -34.79 -83.20
N ASN D 114 -32.24 -34.70 -84.29
CA ASN D 114 -33.32 -33.73 -84.34
C ASN D 114 -34.31 -33.92 -83.22
N PRO D 115 -34.32 -32.95 -82.32
CA PRO D 115 -35.23 -32.99 -81.17
C PRO D 115 -36.68 -33.25 -81.53
N VAL D 116 -37.02 -33.03 -82.79
CA VAL D 116 -38.39 -33.23 -83.27
C VAL D 116 -38.66 -34.70 -83.47
N ALA D 117 -37.57 -35.45 -83.70
CA ALA D 117 -37.64 -36.88 -83.93
C ALA D 117 -37.84 -37.63 -82.63
N ARG D 118 -37.07 -37.24 -81.64
CA ARG D 118 -37.13 -37.85 -80.33
C ARG D 118 -38.56 -38.17 -79.89
N ARG D 119 -38.80 -39.39 -79.43
CA ARG D 119 -40.11 -39.80 -78.97
C ARG D 119 -39.99 -40.31 -77.54
N LYS D 120 -41.13 -40.48 -76.87
CA LYS D 120 -41.13 -40.95 -75.49
C LYS D 120 -40.89 -42.45 -75.38
N PRO D 121 -39.73 -42.84 -74.82
CA PRO D 121 -39.40 -44.25 -74.65
C PRO D 121 -40.43 -44.93 -73.75
N GLU D 122 -41.16 -45.90 -74.28
CA GLU D 122 -42.15 -46.62 -73.48
C GLU D 122 -42.24 -48.13 -73.75
N GLN D 123 -41.17 -48.72 -74.27
CA GLN D 123 -41.15 -50.16 -74.52
C GLN D 123 -40.67 -50.85 -73.25
N PHE D 124 -41.59 -51.51 -72.55
CA PHE D 124 -41.24 -52.18 -71.31
C PHE D 124 -40.04 -53.10 -71.48
N ILE D 125 -39.27 -53.27 -70.40
CA ILE D 125 -38.07 -54.09 -70.42
C ILE D 125 -37.81 -54.77 -69.07
N GLN D 126 -37.46 -56.05 -69.11
CA GLN D 126 -37.16 -56.81 -67.90
C GLN D 126 -35.66 -56.71 -67.61
N THR D 127 -35.24 -57.25 -66.48
CA THR D 127 -33.84 -57.25 -66.07
C THR D 127 -33.54 -58.45 -65.20
N GLY D 128 -34.46 -59.42 -65.20
CA GLY D 128 -34.27 -60.62 -64.41
C GLY D 128 -34.53 -60.35 -62.95
N ILE D 129 -35.22 -59.26 -62.66
CA ILE D 129 -35.52 -58.92 -61.28
C ILE D 129 -36.99 -58.66 -61.12
N SER D 130 -37.41 -58.60 -59.87
CA SER D 130 -38.79 -58.31 -59.52
C SER D 130 -38.82 -56.83 -59.20
N THR D 131 -38.42 -56.46 -58.00
CA THR D 131 -38.44 -55.07 -57.58
C THR D 131 -37.91 -54.04 -58.55
N ILE D 132 -36.99 -54.45 -59.41
CA ILE D 132 -36.43 -53.48 -60.31
C ILE D 132 -37.02 -53.65 -61.66
N ASP D 133 -38.21 -54.20 -61.68
CA ASP D 133 -38.89 -54.37 -62.95
C ASP D 133 -40.38 -54.13 -62.70
N VAL D 134 -40.80 -54.29 -61.45
CA VAL D 134 -42.20 -54.12 -61.10
C VAL D 134 -42.51 -52.73 -60.60
N MET D 135 -41.85 -52.35 -59.53
CA MET D 135 -42.10 -51.05 -58.97
C MET D 135 -41.38 -50.03 -59.81
N ASN D 136 -40.31 -50.45 -60.45
CA ASN D 136 -39.59 -49.53 -61.31
C ASN D 136 -38.95 -50.25 -62.46
N THR D 137 -39.61 -50.20 -63.60
CA THR D 137 -39.07 -50.84 -64.77
C THR D 137 -38.19 -49.85 -65.54
N LEU D 138 -37.73 -50.27 -66.71
CA LEU D 138 -36.92 -49.39 -67.54
C LEU D 138 -37.36 -49.47 -69.01
N VAL D 139 -37.78 -48.32 -69.55
CA VAL D 139 -38.24 -48.23 -70.94
C VAL D 139 -37.09 -47.98 -71.91
N ARG D 140 -37.21 -48.58 -73.09
CA ARG D 140 -36.19 -48.48 -74.12
C ARG D 140 -35.80 -47.06 -74.49
N GLY D 141 -34.54 -46.73 -74.28
CA GLY D 141 -34.09 -45.39 -74.61
C GLY D 141 -34.16 -44.49 -73.41
N GLN D 142 -34.79 -44.98 -72.34
CA GLN D 142 -34.94 -44.19 -71.12
C GLN D 142 -33.63 -44.10 -70.36
N LYS D 143 -33.13 -42.89 -70.19
CA LYS D 143 -31.89 -42.66 -69.48
C LYS D 143 -32.12 -42.64 -67.95
N LEU D 144 -31.92 -43.81 -67.34
CA LEU D 144 -32.11 -43.98 -65.90
C LEU D 144 -30.85 -43.99 -65.07
N PRO D 145 -30.72 -43.03 -64.16
CA PRO D 145 -29.58 -42.87 -63.27
C PRO D 145 -29.59 -43.87 -62.10
N ILE D 146 -28.39 -44.15 -61.55
CA ILE D 146 -28.25 -45.08 -60.43
C ILE D 146 -27.31 -44.57 -59.33
N PHE D 147 -27.90 -43.90 -58.34
CA PHE D 147 -27.16 -43.35 -57.24
C PHE D 147 -26.55 -44.48 -56.42
N SER D 148 -25.25 -44.67 -56.59
CA SER D 148 -24.58 -45.73 -55.89
C SER D 148 -23.75 -45.16 -54.77
N GLY D 149 -23.12 -46.04 -53.99
CA GLY D 149 -22.26 -45.59 -52.91
C GLY D 149 -20.81 -45.78 -53.29
N SER D 150 -19.97 -44.79 -52.98
CA SER D 150 -18.55 -44.86 -53.29
C SER D 150 -17.80 -45.90 -52.47
N GLY D 151 -18.14 -47.17 -52.65
CA GLY D 151 -17.50 -48.22 -51.90
C GLY D 151 -18.52 -49.26 -51.51
N LEU D 152 -19.68 -49.18 -52.15
CA LEU D 152 -20.78 -50.10 -51.91
C LEU D 152 -20.67 -51.23 -52.93
N PRO D 153 -21.49 -52.28 -52.77
CA PRO D 153 -21.51 -53.45 -53.67
C PRO D 153 -21.87 -53.07 -55.11
N ALA D 154 -21.66 -51.80 -55.42
CA ALA D 154 -21.94 -51.22 -56.72
C ALA D 154 -21.29 -52.01 -57.82
N ASN D 155 -19.97 -51.97 -57.84
CA ASN D 155 -19.18 -52.68 -58.83
C ASN D 155 -19.84 -54.00 -59.16
N GLU D 156 -20.34 -54.69 -58.13
CA GLU D 156 -20.98 -55.99 -58.34
C GLU D 156 -22.41 -55.88 -58.86
N ILE D 157 -23.28 -55.36 -58.02
CA ILE D 157 -24.67 -55.22 -58.39
C ILE D 157 -24.80 -54.56 -59.75
N ALA D 158 -23.71 -53.96 -60.17
CA ALA D 158 -23.67 -53.32 -61.46
C ALA D 158 -23.78 -54.45 -62.48
N ALA D 159 -22.63 -54.99 -62.86
CA ALA D 159 -22.54 -56.08 -63.83
C ALA D 159 -23.41 -57.29 -63.51
N GLN D 160 -23.92 -57.36 -62.28
CA GLN D 160 -24.77 -58.49 -61.87
C GLN D 160 -26.05 -58.55 -62.71
N ILE D 161 -26.85 -57.50 -62.63
CA ILE D 161 -28.09 -57.46 -63.37
C ILE D 161 -27.82 -57.09 -64.82
N ALA D 162 -26.58 -56.69 -65.08
CA ALA D 162 -26.16 -56.32 -66.42
C ALA D 162 -26.65 -57.42 -67.34
N ARG D 163 -25.97 -58.55 -67.32
CA ARG D 163 -26.34 -59.68 -68.15
C ARG D 163 -27.79 -60.13 -67.95
N GLN D 164 -28.30 -60.01 -66.73
CA GLN D 164 -29.66 -60.42 -66.43
C GLN D 164 -30.69 -59.82 -67.37
N ALA D 165 -30.47 -58.55 -67.70
CA ALA D 165 -31.37 -57.84 -68.59
C ALA D 165 -31.70 -58.66 -69.84
N THR D 166 -32.94 -58.55 -70.30
CA THR D 166 -33.38 -59.26 -71.50
C THR D 166 -34.63 -58.58 -72.03
N VAL D 167 -34.53 -58.09 -73.28
CA VAL D 167 -35.64 -57.40 -73.93
C VAL D 167 -36.73 -58.39 -74.38
N ARG D 168 -37.99 -58.12 -73.99
CA ARG D 168 -39.11 -58.99 -74.36
C ARG D 168 -40.20 -58.29 -75.17
N PRO D 169 -40.10 -58.34 -76.50
CA PRO D 169 -41.12 -57.70 -77.33
C PRO D 169 -42.32 -58.66 -77.43
N ASP D 170 -41.99 -59.94 -77.36
CA ASP D 170 -42.96 -61.02 -77.43
C ASP D 170 -44.26 -60.72 -76.70
N LEU D 171 -44.14 -60.36 -75.42
CA LEU D 171 -45.30 -60.05 -74.60
C LEU D 171 -46.11 -58.88 -75.14
N SER D 172 -45.49 -58.07 -76.00
CA SER D 172 -46.15 -56.91 -76.60
C SER D 172 -46.83 -57.31 -77.91
N GLY D 173 -46.28 -58.32 -78.56
CA GLY D 173 -46.87 -58.78 -79.81
C GLY D 173 -45.91 -58.69 -80.98
N GLU D 174 -44.61 -58.83 -80.71
CA GLU D 174 -43.61 -58.75 -81.76
C GLU D 174 -42.47 -59.77 -81.54
N GLY D 175 -41.59 -59.90 -82.52
CA GLY D 175 -40.48 -60.84 -82.40
C GLY D 175 -39.15 -60.16 -82.14
N GLU D 176 -38.06 -60.91 -82.25
CA GLU D 176 -36.72 -60.38 -82.03
C GLU D 176 -36.01 -60.11 -83.37
N LYS D 177 -36.80 -59.94 -84.43
CA LYS D 177 -36.28 -59.69 -85.78
C LYS D 177 -35.58 -58.34 -85.89
N GLU D 178 -36.26 -57.30 -85.42
CA GLU D 178 -35.74 -55.94 -85.44
C GLU D 178 -35.25 -55.57 -84.04
N GLU D 179 -35.58 -56.40 -83.06
CA GLU D 179 -35.20 -56.18 -81.67
C GLU D 179 -34.11 -57.13 -81.20
N PRO D 180 -32.85 -56.79 -81.50
CA PRO D 180 -31.70 -57.59 -81.14
C PRO D 180 -31.21 -57.18 -79.76
N PHE D 181 -30.34 -57.99 -79.18
CA PHE D 181 -29.79 -57.68 -77.86
C PHE D 181 -28.31 -57.33 -78.00
N ALA D 182 -27.98 -56.09 -77.67
CA ALA D 182 -26.61 -55.59 -77.74
C ALA D 182 -26.22 -55.01 -76.38
N VAL D 183 -25.21 -55.61 -75.76
CA VAL D 183 -24.74 -55.19 -74.45
C VAL D 183 -23.40 -54.42 -74.56
N VAL D 184 -23.39 -53.14 -74.15
CA VAL D 184 -22.15 -52.36 -74.19
C VAL D 184 -21.87 -51.81 -72.79
N PHE D 185 -20.68 -52.08 -72.27
CA PHE D 185 -20.35 -51.57 -70.93
C PHE D 185 -18.98 -50.90 -70.94
N ALA D 186 -18.91 -49.75 -70.28
CA ALA D 186 -17.67 -48.99 -70.23
C ALA D 186 -17.44 -48.31 -68.91
N ALA D 187 -16.38 -48.72 -68.21
CA ALA D 187 -16.02 -48.14 -66.92
C ALA D 187 -14.75 -47.29 -67.06
N MET D 188 -14.21 -46.88 -65.93
CA MET D 188 -13.01 -46.08 -65.91
C MET D 188 -12.48 -46.16 -64.50
N GLY D 189 -11.33 -45.55 -64.27
CA GLY D 189 -10.71 -45.54 -62.96
C GLY D 189 -10.90 -46.79 -62.12
N ILE D 190 -10.68 -47.96 -62.72
CA ILE D 190 -10.84 -49.23 -62.05
C ILE D 190 -9.58 -49.81 -61.43
N THR D 191 -9.74 -50.39 -60.24
CA THR D 191 -8.65 -51.03 -59.51
C THR D 191 -8.16 -52.19 -60.36
N GLN D 192 -6.91 -52.60 -60.16
CA GLN D 192 -6.41 -53.72 -60.92
C GLN D 192 -7.27 -54.94 -60.55
N ARG D 193 -7.72 -54.97 -59.30
CA ARG D 193 -8.57 -56.05 -58.79
C ARG D 193 -9.88 -56.08 -59.59
N GLU D 194 -10.62 -54.98 -59.50
CA GLU D 194 -11.90 -54.87 -60.17
C GLU D 194 -11.76 -55.07 -61.67
N LEU D 195 -10.73 -54.48 -62.28
CA LEU D 195 -10.52 -54.60 -63.72
C LEU D 195 -10.60 -56.08 -64.07
N SER D 196 -10.43 -56.90 -63.05
CA SER D 196 -10.50 -58.34 -63.24
C SER D 196 -11.84 -58.91 -62.82
N TYR D 197 -12.59 -58.23 -61.96
CA TYR D 197 -13.89 -58.77 -61.55
C TYR D 197 -14.92 -58.66 -62.67
N PHE D 198 -14.67 -57.69 -63.54
CA PHE D 198 -15.54 -57.41 -64.66
C PHE D 198 -15.49 -58.55 -65.66
N ILE D 199 -14.34 -58.64 -66.31
CA ILE D 199 -14.03 -59.62 -67.33
C ILE D 199 -14.64 -60.98 -66.99
N GLN D 200 -14.94 -61.17 -65.71
CA GLN D 200 -15.51 -62.39 -65.16
C GLN D 200 -16.99 -62.63 -65.53
N GLU D 201 -17.80 -61.62 -65.31
CA GLU D 201 -19.22 -61.74 -65.60
C GLU D 201 -19.46 -62.13 -67.06
N PHE D 202 -18.76 -61.48 -67.99
CA PHE D 202 -18.95 -61.77 -69.41
C PHE D 202 -18.67 -63.22 -69.71
N GLU D 203 -17.54 -63.72 -69.22
CA GLU D 203 -17.14 -65.10 -69.44
C GLU D 203 -18.09 -66.10 -68.80
N ARG D 204 -18.85 -65.64 -67.83
CA ARG D 204 -19.81 -66.46 -67.11
C ARG D 204 -20.65 -67.27 -68.10
N THR D 205 -21.75 -66.70 -68.58
CA THR D 205 -22.62 -67.39 -69.53
C THR D 205 -22.99 -66.50 -70.71
N GLY D 206 -22.66 -66.94 -71.93
CA GLY D 206 -22.96 -66.18 -73.12
C GLY D 206 -23.19 -64.70 -72.88
N ALA D 207 -22.19 -64.03 -72.33
CA ALA D 207 -22.29 -62.61 -72.03
C ALA D 207 -21.42 -61.77 -72.96
N LEU D 208 -20.15 -62.15 -73.07
CA LEU D 208 -19.20 -61.45 -73.92
C LEU D 208 -19.47 -61.76 -75.39
N SER D 209 -20.11 -62.88 -75.66
CA SER D 209 -20.39 -63.29 -77.03
C SER D 209 -21.52 -62.46 -77.61
N ARG D 210 -21.51 -61.17 -77.30
CA ARG D 210 -22.55 -60.27 -77.79
C ARG D 210 -22.35 -58.89 -77.19
N SER D 211 -21.10 -58.55 -76.86
CA SER D 211 -20.78 -57.26 -76.24
C SER D 211 -19.33 -56.79 -76.41
N VAL D 212 -19.10 -55.50 -76.18
CA VAL D 212 -17.75 -54.95 -76.26
C VAL D 212 -17.40 -54.19 -75.02
N LEU D 213 -16.13 -54.28 -74.66
CA LEU D 213 -15.63 -53.67 -73.46
C LEU D 213 -14.91 -52.38 -73.68
N PHE D 214 -14.84 -51.61 -72.61
CA PHE D 214 -14.20 -50.31 -72.58
C PHE D 214 -14.08 -49.88 -71.11
N LEU D 215 -12.87 -49.54 -70.66
CA LEU D 215 -12.64 -49.09 -69.27
C LEU D 215 -11.19 -48.66 -69.02
N ASN D 216 -10.99 -47.36 -68.85
CA ASN D 216 -9.66 -46.81 -68.61
C ASN D 216 -9.36 -46.72 -67.14
N LYS D 217 -8.56 -47.66 -66.62
CA LYS D 217 -8.17 -47.69 -65.20
C LYS D 217 -7.79 -46.28 -64.77
N ALA D 218 -7.89 -46.00 -63.48
CA ALA D 218 -7.54 -44.68 -62.99
C ALA D 218 -6.04 -44.48 -63.00
N ASP D 219 -5.29 -45.57 -62.97
CA ASP D 219 -3.81 -45.52 -62.99
C ASP D 219 -3.30 -45.33 -64.42
N ASP D 220 -4.16 -45.69 -65.38
CA ASP D 220 -3.86 -45.57 -66.80
C ASP D 220 -3.72 -44.09 -67.12
N PRO D 221 -3.76 -43.73 -68.40
CA PRO D 221 -3.63 -42.32 -68.72
C PRO D 221 -4.97 -41.61 -68.56
N THR D 222 -4.89 -40.41 -68.04
CA THR D 222 -6.06 -39.62 -67.78
C THR D 222 -6.72 -39.04 -69.02
N ILE D 223 -6.09 -39.19 -70.18
CA ILE D 223 -6.64 -38.60 -71.39
C ILE D 223 -7.80 -39.39 -72.03
N GLU D 224 -7.57 -40.65 -72.29
CA GLU D 224 -8.60 -41.49 -72.90
C GLU D 224 -9.72 -41.65 -71.93
N ARG D 225 -9.35 -41.57 -70.66
CA ARG D 225 -10.32 -41.72 -69.58
C ARG D 225 -11.60 -40.91 -69.90
N ILE D 226 -11.50 -39.59 -69.97
CA ILE D 226 -12.65 -38.70 -70.22
C ILE D 226 -13.51 -39.15 -71.37
N LEU D 227 -12.87 -39.23 -72.52
CA LEU D 227 -13.54 -39.60 -73.72
C LEU D 227 -13.94 -41.05 -73.65
N THR D 228 -13.16 -41.85 -72.92
CA THR D 228 -13.41 -43.29 -72.77
C THR D 228 -14.85 -43.70 -73.07
N PRO D 229 -15.85 -43.11 -72.36
CA PRO D 229 -17.28 -43.42 -72.55
C PRO D 229 -17.82 -43.08 -73.95
N ARG D 230 -17.56 -41.83 -74.36
CA ARG D 230 -17.97 -41.31 -75.67
C ARG D 230 -17.68 -42.28 -76.83
N MET D 231 -16.64 -43.10 -76.66
CA MET D 231 -16.25 -44.08 -77.68
C MET D 231 -17.38 -45.03 -78.03
N ALA D 232 -17.59 -46.06 -77.22
CA ALA D 232 -18.65 -47.04 -77.47
C ALA D 232 -20.01 -46.34 -77.40
N LEU D 233 -20.02 -45.16 -76.78
CA LEU D 233 -21.24 -44.38 -76.66
C LEU D 233 -21.69 -43.98 -78.06
N THR D 234 -20.80 -43.29 -78.76
CA THR D 234 -21.05 -42.84 -80.12
C THR D 234 -21.22 -44.09 -81.01
N VAL D 235 -20.58 -45.18 -80.61
CA VAL D 235 -20.65 -46.41 -81.37
C VAL D 235 -21.97 -47.19 -81.20
N ALA D 236 -22.55 -47.15 -80.03
CA ALA D 236 -23.81 -47.86 -79.85
C ALA D 236 -24.82 -47.34 -80.89
N GLU D 237 -24.74 -46.05 -81.20
CA GLU D 237 -25.61 -45.38 -82.15
C GLU D 237 -25.74 -46.14 -83.46
N TYR D 238 -24.59 -46.47 -84.06
CA TYR D 238 -24.56 -47.21 -85.32
C TYR D 238 -25.31 -48.54 -85.20
N LEU D 239 -25.52 -48.97 -83.95
CA LEU D 239 -26.22 -50.22 -83.73
C LEU D 239 -27.73 -50.11 -83.84
N ALA D 240 -28.35 -49.49 -82.85
CA ALA D 240 -29.81 -49.35 -82.85
C ALA D 240 -30.30 -48.20 -83.71
N PHE D 241 -29.51 -47.14 -83.76
CA PHE D 241 -29.87 -45.95 -84.50
C PHE D 241 -29.57 -46.03 -85.99
N GLU D 242 -28.51 -46.73 -86.36
CA GLU D 242 -28.16 -46.83 -87.78
C GLU D 242 -28.76 -48.05 -88.46
N HIS D 243 -28.71 -49.18 -87.77
CA HIS D 243 -29.28 -50.41 -88.32
C HIS D 243 -30.69 -50.78 -87.74
N ASP D 244 -31.01 -50.26 -86.55
CA ASP D 244 -32.28 -50.50 -85.84
C ASP D 244 -32.21 -51.63 -84.85
N TYR D 245 -31.02 -51.86 -84.33
CA TYR D 245 -30.79 -52.88 -83.32
C TYR D 245 -31.23 -52.28 -82.00
N HIS D 246 -30.96 -52.95 -80.89
CA HIS D 246 -31.32 -52.40 -79.59
C HIS D 246 -30.15 -52.46 -78.62
N VAL D 247 -29.62 -51.29 -78.32
CA VAL D 247 -28.46 -51.19 -77.46
C VAL D 247 -28.79 -50.72 -76.05
N LEU D 248 -27.84 -50.98 -75.15
CA LEU D 248 -27.98 -50.61 -73.76
C LEU D 248 -26.67 -49.98 -73.30
N VAL D 249 -26.70 -48.67 -73.11
CA VAL D 249 -25.52 -47.95 -72.66
C VAL D 249 -25.56 -47.91 -71.14
N ILE D 250 -24.45 -48.26 -70.49
CA ILE D 250 -24.41 -48.23 -69.05
C ILE D 250 -23.12 -47.63 -68.52
N LEU D 251 -23.25 -46.41 -68.01
CA LEU D 251 -22.15 -45.64 -67.47
C LEU D 251 -21.53 -46.42 -66.34
N THR D 252 -20.66 -45.77 -65.58
CA THR D 252 -20.00 -46.40 -64.43
C THR D 252 -19.16 -45.43 -63.62
N ASP D 253 -19.65 -45.07 -62.44
CA ASP D 253 -18.92 -44.18 -61.56
C ASP D 253 -18.41 -42.98 -62.35
N MET D 254 -19.15 -41.88 -62.37
CA MET D 254 -18.65 -40.75 -63.13
C MET D 254 -17.54 -40.07 -62.41
N THR D 255 -17.17 -40.66 -61.28
CA THR D 255 -16.08 -40.16 -60.45
C THR D 255 -15.00 -39.81 -61.45
N ASN D 256 -14.84 -40.69 -62.41
CA ASN D 256 -13.84 -40.47 -63.43
C ASN D 256 -14.26 -39.29 -64.26
N TYR D 257 -15.48 -39.33 -64.75
CA TYR D 257 -15.92 -38.25 -65.58
C TYR D 257 -15.48 -36.90 -65.02
N CYS D 258 -15.40 -36.78 -63.72
CA CYS D 258 -15.03 -35.46 -63.21
C CYS D 258 -13.62 -35.30 -62.75
N GLU D 259 -13.11 -36.34 -62.13
CA GLU D 259 -11.74 -36.29 -61.65
C GLU D 259 -11.00 -35.87 -62.92
N ALA D 260 -11.06 -36.75 -63.91
CA ALA D 260 -10.40 -36.54 -65.19
C ALA D 260 -10.66 -35.12 -65.69
N LEU D 261 -11.90 -34.68 -65.50
CA LEU D 261 -12.29 -33.37 -65.93
C LEU D 261 -11.36 -32.32 -65.37
N ARG D 262 -11.39 -32.18 -64.07
CA ARG D 262 -10.56 -31.22 -63.36
C ARG D 262 -9.23 -30.92 -64.09
N GLU D 263 -8.60 -31.94 -64.64
CA GLU D 263 -7.32 -31.76 -65.33
C GLU D 263 -7.44 -30.89 -66.55
N ILE D 264 -8.49 -31.13 -67.31
CA ILE D 264 -8.71 -30.37 -68.53
C ILE D 264 -8.74 -28.87 -68.22
N GLY D 265 -9.53 -28.46 -67.22
CA GLY D 265 -9.59 -27.06 -66.89
C GLY D 265 -8.39 -26.63 -66.09
N ALA D 266 -7.97 -27.50 -65.18
CA ALA D 266 -6.83 -27.23 -64.31
C ALA D 266 -5.59 -26.84 -65.11
N ALA D 267 -5.58 -27.24 -66.37
CA ALA D 267 -4.48 -26.93 -67.25
C ALA D 267 -4.99 -25.92 -68.27
N ARG D 268 -6.09 -26.26 -68.92
CA ARG D 268 -6.69 -25.41 -69.94
C ARG D 268 -7.01 -24.02 -69.39
N GLU D 269 -6.85 -23.86 -68.09
CA GLU D 269 -7.12 -22.59 -67.43
C GLU D 269 -8.63 -22.49 -67.19
N GLU D 270 -9.37 -23.54 -67.56
CA GLU D 270 -10.82 -23.50 -67.39
C GLU D 270 -11.23 -23.42 -65.94
N ILE D 271 -11.44 -22.16 -65.55
CA ILE D 271 -11.84 -21.77 -64.22
C ILE D 271 -13.01 -22.63 -63.74
N PRO D 272 -12.87 -23.24 -62.55
CA PRO D 272 -13.90 -24.09 -61.95
C PRO D 272 -14.87 -23.26 -61.12
N GLY D 273 -16.11 -23.20 -61.58
CA GLY D 273 -17.15 -22.44 -60.91
C GLY D 273 -17.51 -23.03 -59.56
N ARG D 274 -18.67 -23.68 -59.48
CA ARG D 274 -19.10 -24.29 -58.23
C ARG D 274 -18.47 -25.64 -57.91
N ARG D 275 -18.30 -25.90 -56.62
CA ARG D 275 -17.72 -27.17 -56.13
C ARG D 275 -16.34 -27.48 -56.70
N GLY D 276 -15.61 -26.45 -57.10
CA GLY D 276 -14.28 -26.65 -57.63
C GLY D 276 -14.33 -27.58 -58.83
N TYR D 277 -15.09 -27.17 -59.83
CA TYR D 277 -15.22 -27.92 -61.06
C TYR D 277 -15.66 -26.96 -62.17
N PRO D 278 -15.29 -27.24 -63.44
CA PRO D 278 -15.59 -26.48 -64.66
C PRO D 278 -16.98 -25.88 -64.82
N GLY D 279 -17.01 -24.56 -65.03
CA GLY D 279 -18.27 -23.86 -65.19
C GLY D 279 -19.04 -24.17 -66.46
N TYR D 280 -18.90 -25.39 -66.97
CA TYR D 280 -19.62 -25.78 -68.18
C TYR D 280 -19.83 -27.29 -68.19
N MET D 281 -20.03 -27.88 -67.01
CA MET D 281 -20.26 -29.29 -66.95
C MET D 281 -21.62 -29.62 -67.44
N TYR D 282 -22.66 -28.96 -66.91
CA TYR D 282 -24.04 -29.25 -67.32
C TYR D 282 -24.13 -29.56 -68.81
N THR D 283 -23.62 -28.62 -69.60
CA THR D 283 -23.60 -28.71 -71.06
C THR D 283 -22.87 -29.98 -71.51
N ASP D 284 -21.55 -29.96 -71.39
CA ASP D 284 -20.70 -31.09 -71.79
C ASP D 284 -21.26 -32.44 -71.29
N LEU D 285 -21.88 -32.41 -70.12
CA LEU D 285 -22.44 -33.61 -69.51
C LEU D 285 -23.80 -33.95 -70.14
N ALA D 286 -24.53 -32.90 -70.45
CA ALA D 286 -25.81 -33.08 -71.08
C ALA D 286 -25.62 -34.02 -72.29
N THR D 287 -24.80 -33.61 -73.26
CA THR D 287 -24.49 -34.39 -74.48
C THR D 287 -24.40 -35.87 -74.25
N ILE D 288 -24.41 -36.23 -72.98
CA ILE D 288 -24.31 -37.60 -72.56
C ILE D 288 -25.63 -38.33 -72.60
N TYR D 289 -26.52 -37.97 -71.68
CA TYR D 289 -27.84 -38.59 -71.59
C TYR D 289 -28.68 -38.18 -72.81
N GLU D 290 -28.00 -37.89 -73.91
CA GLU D 290 -28.73 -37.50 -75.09
C GLU D 290 -28.70 -38.59 -76.13
N ARG D 291 -27.71 -39.47 -76.02
CA ARG D 291 -27.57 -40.56 -76.97
C ARG D 291 -28.65 -41.63 -76.76
N ALA D 292 -29.72 -41.32 -76.03
CA ALA D 292 -30.78 -42.30 -75.81
C ALA D 292 -32.17 -41.76 -76.06
N GLY D 293 -32.99 -42.57 -76.72
CA GLY D 293 -34.35 -42.15 -77.02
C GLY D 293 -34.93 -42.90 -78.21
N VAL D 294 -35.66 -42.17 -79.06
CA VAL D 294 -36.28 -42.75 -80.24
C VAL D 294 -36.67 -41.69 -81.26
N VAL D 295 -36.63 -42.07 -82.52
CA VAL D 295 -36.97 -41.17 -83.61
C VAL D 295 -38.22 -41.67 -84.33
N GLU D 296 -38.87 -40.75 -85.02
CA GLU D 296 -40.09 -41.03 -85.78
C GLU D 296 -39.78 -41.95 -86.95
N GLY D 297 -40.28 -43.18 -86.89
CA GLY D 297 -40.05 -44.12 -87.97
C GLY D 297 -39.12 -45.28 -87.63
N LYS D 298 -38.16 -45.06 -86.73
CA LYS D 298 -37.22 -46.12 -86.34
C LYS D 298 -37.66 -46.79 -85.03
N LYS D 299 -37.74 -48.12 -85.04
CA LYS D 299 -38.10 -48.87 -83.86
C LYS D 299 -36.84 -49.08 -83.05
N GLY D 300 -35.72 -49.20 -83.75
CA GLY D 300 -34.44 -49.38 -83.09
C GLY D 300 -34.18 -48.31 -82.04
N SER D 301 -34.03 -48.72 -80.78
CA SER D 301 -33.79 -47.78 -79.69
C SER D 301 -32.80 -48.26 -78.63
N VAL D 302 -31.84 -47.40 -78.32
CA VAL D 302 -30.83 -47.70 -77.35
C VAL D 302 -31.26 -47.15 -76.00
N THR D 303 -31.12 -47.96 -74.95
CA THR D 303 -31.50 -47.48 -73.64
C THR D 303 -30.25 -47.06 -72.87
N GLN D 304 -30.34 -45.88 -72.25
CA GLN D 304 -29.24 -45.26 -71.49
C GLN D 304 -29.35 -45.39 -69.97
N ILE D 305 -28.23 -45.70 -69.31
CA ILE D 305 -28.15 -45.89 -67.86
C ILE D 305 -26.94 -45.28 -67.17
N PRO D 306 -27.14 -44.24 -66.37
CA PRO D 306 -26.01 -43.63 -65.68
C PRO D 306 -25.80 -44.40 -64.38
N ILE D 307 -24.58 -44.37 -63.85
CA ILE D 307 -24.26 -45.06 -62.59
C ILE D 307 -23.02 -44.47 -61.93
N LEU D 308 -23.20 -43.74 -60.83
CA LEU D 308 -22.05 -43.14 -60.16
C LEU D 308 -22.19 -43.08 -58.66
N SER D 309 -21.11 -42.64 -58.03
CA SER D 309 -21.02 -42.50 -56.58
C SER D 309 -20.65 -41.06 -56.22
N MET D 310 -21.16 -40.59 -55.09
CA MET D 310 -20.89 -39.22 -54.67
C MET D 310 -19.61 -39.22 -53.85
N PRO D 311 -19.16 -38.04 -53.39
CA PRO D 311 -17.95 -37.94 -52.58
C PRO D 311 -18.19 -38.53 -51.21
N ASP D 312 -19.33 -38.25 -50.61
CA ASP D 312 -19.63 -38.77 -49.29
C ASP D 312 -21.11 -39.07 -49.29
N ASP D 313 -21.60 -39.39 -50.49
CA ASP D 313 -23.00 -39.68 -50.73
C ASP D 313 -23.77 -38.37 -50.55
N ASP D 314 -23.21 -37.29 -51.06
CA ASP D 314 -23.85 -36.00 -50.97
C ASP D 314 -24.50 -35.67 -52.30
N ARG D 315 -25.80 -35.43 -52.27
CA ARG D 315 -26.52 -35.11 -53.48
C ARG D 315 -26.31 -33.64 -53.82
N THR D 316 -25.57 -32.93 -52.97
CA THR D 316 -25.33 -31.50 -53.21
C THR D 316 -24.17 -31.32 -54.15
N HIS D 317 -23.51 -32.42 -54.48
CA HIS D 317 -22.38 -32.34 -55.38
C HIS D 317 -22.86 -32.38 -56.83
N PRO D 318 -21.95 -32.11 -57.79
CA PRO D 318 -22.29 -32.11 -59.21
C PRO D 318 -22.65 -33.52 -59.63
N ILE D 319 -21.79 -34.45 -59.27
CA ILE D 319 -21.98 -35.85 -59.59
C ILE D 319 -23.44 -36.25 -59.39
N PRO D 320 -24.11 -35.65 -58.40
CA PRO D 320 -25.51 -36.05 -58.23
C PRO D 320 -26.45 -34.99 -58.86
N ASP D 321 -26.23 -33.73 -58.48
CA ASP D 321 -27.07 -32.66 -58.98
C ASP D 321 -27.26 -32.80 -60.47
N LEU D 322 -26.19 -32.71 -61.24
CA LEU D 322 -26.25 -32.80 -62.71
C LEU D 322 -27.31 -33.80 -63.15
N THR D 323 -27.00 -35.05 -62.85
CA THR D 323 -27.85 -36.15 -63.18
C THR D 323 -29.28 -35.90 -62.75
N GLY D 324 -29.48 -35.82 -61.42
CA GLY D 324 -30.79 -35.60 -60.82
C GLY D 324 -31.53 -34.43 -61.45
N TYR D 325 -30.92 -33.93 -62.54
CA TYR D 325 -31.44 -32.82 -63.32
C TYR D 325 -31.75 -33.23 -64.76
N ILE D 326 -30.93 -34.08 -65.37
CA ILE D 326 -31.20 -34.48 -66.75
C ILE D 326 -31.75 -35.89 -66.75
N THR D 327 -31.32 -36.70 -65.80
CA THR D 327 -31.77 -38.07 -65.75
C THR D 327 -33.23 -38.18 -65.45
N GLU D 328 -33.87 -39.18 -66.04
CA GLU D 328 -35.29 -39.38 -65.85
C GLU D 328 -35.57 -40.52 -64.88
N GLY D 329 -35.17 -40.31 -63.62
CA GLY D 329 -35.40 -41.32 -62.61
C GLY D 329 -34.52 -41.11 -61.40
N GLN D 330 -34.24 -42.20 -60.70
CA GLN D 330 -33.42 -42.14 -59.51
C GLN D 330 -33.42 -43.52 -58.92
N ILE D 331 -32.23 -44.04 -58.60
CA ILE D 331 -32.10 -45.38 -58.03
C ILE D 331 -30.83 -45.47 -57.18
N GLN D 332 -30.92 -45.24 -55.88
CA GLN D 332 -29.75 -45.29 -55.01
C GLN D 332 -29.64 -46.57 -54.21
N LEU D 333 -28.55 -46.69 -53.46
CA LEU D 333 -28.29 -47.83 -52.61
C LEU D 333 -27.90 -47.33 -51.24
N SER D 334 -28.49 -47.93 -50.20
CA SER D 334 -28.19 -47.52 -48.83
C SER D 334 -27.38 -48.50 -48.01
N ARG D 335 -26.54 -47.95 -47.13
CA ARG D 335 -25.68 -48.74 -46.25
C ARG D 335 -26.58 -49.70 -45.46
N GLU D 336 -27.63 -49.14 -44.89
CA GLU D 336 -28.60 -49.88 -44.10
C GLU D 336 -29.00 -51.17 -44.83
N LEU D 337 -29.72 -51.00 -45.92
CA LEU D 337 -30.16 -52.11 -46.73
C LEU D 337 -29.16 -53.25 -46.78
N HIS D 338 -27.95 -52.94 -47.26
CA HIS D 338 -26.91 -53.95 -47.40
C HIS D 338 -26.32 -54.49 -46.10
N ARG D 339 -26.28 -53.65 -45.08
CA ARG D 339 -25.74 -54.03 -43.78
C ARG D 339 -26.41 -55.30 -43.23
N LYS D 340 -27.73 -55.36 -43.32
CA LYS D 340 -28.50 -56.50 -42.82
C LYS D 340 -28.34 -57.74 -43.68
N GLY D 341 -27.77 -57.54 -44.87
CA GLY D 341 -27.54 -58.61 -45.80
C GLY D 341 -28.35 -58.46 -47.08
N ILE D 342 -29.25 -57.50 -47.12
CA ILE D 342 -30.06 -57.28 -48.30
C ILE D 342 -29.16 -57.10 -49.50
N TYR D 343 -29.46 -57.86 -50.55
CA TYR D 343 -28.69 -57.83 -51.78
C TYR D 343 -29.59 -58.32 -52.89
N PRO D 344 -29.90 -57.46 -53.86
CA PRO D 344 -29.43 -56.07 -53.96
C PRO D 344 -30.05 -55.10 -52.98
N PRO D 345 -29.21 -54.40 -52.20
CA PRO D 345 -29.66 -53.42 -51.22
C PRO D 345 -30.11 -52.13 -51.93
N ILE D 346 -31.36 -52.10 -52.34
CA ILE D 346 -31.94 -50.95 -53.04
C ILE D 346 -33.20 -50.50 -52.29
N ASP D 347 -33.21 -49.25 -51.85
CA ASP D 347 -34.35 -48.69 -51.14
C ASP D 347 -35.62 -48.75 -51.97
N PRO D 348 -36.75 -48.26 -51.42
CA PRO D 348 -38.05 -48.24 -52.11
C PRO D 348 -38.24 -46.97 -52.92
N LEU D 349 -39.08 -46.08 -52.42
CA LEU D 349 -39.35 -44.82 -53.11
C LEU D 349 -38.07 -44.09 -53.54
N PRO D 350 -37.00 -44.13 -52.70
CA PRO D 350 -35.81 -43.41 -53.15
C PRO D 350 -35.34 -43.73 -54.58
N SER D 351 -35.66 -44.92 -55.06
CA SER D 351 -35.31 -45.36 -56.41
C SER D 351 -36.54 -45.50 -57.28
N LEU D 352 -36.47 -45.02 -58.52
CA LEU D 352 -37.60 -45.12 -59.42
C LEU D 352 -37.36 -44.49 -60.77
N SER D 353 -37.73 -45.22 -61.81
CA SER D 353 -37.60 -44.77 -63.19
C SER D 353 -38.77 -43.85 -63.53
N ARG D 354 -38.48 -42.56 -63.63
CA ARG D 354 -39.50 -41.57 -63.94
C ARG D 354 -40.40 -41.92 -65.12
N LEU D 355 -39.82 -42.46 -66.18
CA LEU D 355 -40.63 -42.77 -67.36
C LEU D 355 -40.95 -44.23 -67.63
N MET D 356 -40.98 -45.02 -66.58
CA MET D 356 -41.29 -46.45 -66.70
C MET D 356 -42.69 -46.66 -66.15
N ASN D 357 -43.34 -45.56 -65.82
CA ASN D 357 -44.67 -45.61 -65.25
C ASN D 357 -45.75 -45.65 -66.34
N ASN D 358 -45.39 -45.32 -67.58
CA ASN D 358 -46.34 -45.32 -68.70
C ASN D 358 -46.13 -46.54 -69.62
N GLY D 359 -44.89 -46.96 -69.77
CA GLY D 359 -44.58 -48.09 -70.62
C GLY D 359 -44.79 -49.43 -69.94
N VAL D 360 -45.80 -49.49 -69.09
CA VAL D 360 -46.12 -50.71 -68.35
C VAL D 360 -47.62 -50.86 -68.17
N GLY D 361 -48.06 -52.09 -67.94
CA GLY D 361 -49.48 -52.34 -67.75
C GLY D 361 -50.12 -53.01 -68.96
N LYS D 362 -51.24 -52.44 -69.40
CA LYS D 362 -51.98 -52.95 -70.55
C LYS D 362 -51.11 -52.99 -71.79
N GLY D 363 -51.18 -54.11 -72.51
CA GLY D 363 -50.41 -54.24 -73.73
C GLY D 363 -48.93 -54.43 -73.44
N LYS D 364 -48.33 -53.49 -72.71
CA LYS D 364 -46.92 -53.63 -72.39
C LYS D 364 -46.70 -54.89 -71.58
N THR D 365 -46.48 -54.73 -70.29
CA THR D 365 -46.23 -55.87 -69.41
C THR D 365 -47.35 -56.05 -68.38
N ARG D 366 -48.01 -57.21 -68.42
CA ARG D 366 -49.09 -57.56 -67.51
C ARG D 366 -50.11 -56.43 -67.40
N GLU D 367 -51.27 -56.60 -68.02
CA GLU D 367 -52.30 -55.58 -68.00
C GLU D 367 -52.49 -54.94 -66.62
N ASP D 368 -52.86 -55.73 -65.62
CA ASP D 368 -53.07 -55.23 -64.27
C ASP D 368 -51.84 -54.58 -63.69
N HIS D 369 -50.72 -54.63 -64.41
CA HIS D 369 -49.50 -54.01 -63.92
C HIS D 369 -49.77 -52.55 -63.70
N LYS D 370 -50.64 -51.99 -64.54
CA LYS D 370 -50.98 -50.58 -64.44
C LYS D 370 -51.11 -50.15 -62.98
N GLN D 371 -52.07 -50.74 -62.26
CA GLN D 371 -52.29 -50.39 -60.85
C GLN D 371 -51.36 -51.17 -59.92
N VAL D 372 -50.86 -52.29 -60.40
CA VAL D 372 -49.95 -53.12 -59.63
C VAL D 372 -48.69 -52.34 -59.32
N SER D 373 -48.30 -51.50 -60.27
CA SER D 373 -47.09 -50.70 -60.17
C SER D 373 -47.17 -49.63 -59.09
N ASP D 374 -48.36 -49.11 -58.81
CA ASP D 374 -48.53 -48.09 -57.78
C ASP D 374 -49.12 -48.69 -56.51
N GLN D 375 -49.23 -50.01 -56.45
CA GLN D 375 -49.78 -50.65 -55.28
C GLN D 375 -48.69 -50.80 -54.23
N LEU D 376 -47.86 -51.80 -54.46
CA LEU D 376 -46.76 -52.15 -53.59
C LEU D 376 -45.93 -50.95 -53.20
N TYR D 377 -46.11 -49.84 -53.89
CA TYR D 377 -45.34 -48.65 -53.57
C TYR D 377 -45.84 -48.00 -52.29
N SER D 378 -47.07 -47.52 -52.33
CA SER D 378 -47.72 -46.86 -51.20
C SER D 378 -48.12 -47.85 -50.12
N ALA D 379 -48.30 -49.09 -50.53
CA ALA D 379 -48.69 -50.11 -49.59
C ALA D 379 -47.49 -50.55 -48.80
N TYR D 380 -46.38 -50.78 -49.50
CA TYR D 380 -45.16 -51.22 -48.86
C TYR D 380 -44.62 -50.20 -47.88
N ALA D 381 -44.23 -49.05 -48.41
CA ALA D 381 -43.67 -48.00 -47.56
C ALA D 381 -44.54 -47.77 -46.31
N ASN D 382 -45.84 -48.01 -46.45
CA ASN D 382 -46.79 -47.81 -45.36
C ASN D 382 -46.36 -48.62 -44.14
N GLY D 383 -45.76 -49.77 -44.38
CA GLY D 383 -45.31 -50.61 -43.29
C GLY D 383 -44.02 -50.16 -42.64
N VAL D 384 -43.19 -49.46 -43.42
CA VAL D 384 -41.92 -48.98 -42.96
C VAL D 384 -42.05 -48.06 -41.78
N ASP D 385 -43.27 -47.85 -41.34
CA ASP D 385 -43.51 -47.00 -40.18
C ASP D 385 -43.43 -47.84 -38.90
N ILE D 386 -44.21 -48.89 -38.85
CA ILE D 386 -44.20 -49.76 -37.69
C ILE D 386 -42.91 -50.54 -37.73
N ARG D 387 -41.91 -50.04 -38.46
CA ARG D 387 -40.61 -50.74 -38.59
C ARG D 387 -39.52 -50.21 -37.64
N LYS D 388 -39.62 -48.94 -37.28
CA LYS D 388 -38.66 -48.34 -36.37
C LYS D 388 -39.34 -48.00 -35.04
N LEU D 389 -40.65 -48.30 -34.96
CA LEU D 389 -41.41 -48.02 -33.76
C LEU D 389 -41.59 -49.21 -32.82
N VAL D 390 -40.66 -50.15 -32.80
CA VAL D 390 -40.84 -51.29 -31.91
C VAL D 390 -40.64 -50.80 -30.48
N ALA D 391 -39.48 -50.17 -30.26
CA ALA D 391 -39.04 -49.64 -28.97
C ALA D 391 -40.04 -48.74 -28.30
N ILE D 392 -41.06 -48.38 -29.05
CA ILE D 392 -42.10 -47.51 -28.53
C ILE D 392 -43.07 -48.31 -27.63
N ILE D 393 -43.78 -49.25 -28.25
CA ILE D 393 -44.75 -50.06 -27.55
C ILE D 393 -44.32 -51.50 -27.54
N GLY D 394 -44.00 -52.03 -28.72
CA GLY D 394 -43.59 -53.41 -28.80
C GLY D 394 -44.24 -54.14 -29.96
N GLU D 395 -44.06 -55.46 -30.00
CA GLU D 395 -44.62 -56.31 -31.05
C GLU D 395 -46.13 -56.42 -30.93
N ASP D 396 -46.61 -57.05 -29.85
CA ASP D 396 -48.05 -57.19 -29.64
C ASP D 396 -48.70 -55.90 -29.09
N ALA D 397 -47.88 -54.91 -28.77
CA ALA D 397 -48.37 -53.66 -28.25
C ALA D 397 -49.06 -52.87 -29.36
N LEU D 398 -48.99 -53.38 -30.58
CA LEU D 398 -49.62 -52.72 -31.70
C LEU D 398 -50.80 -53.52 -32.26
N THR D 399 -51.75 -52.78 -32.82
CA THR D 399 -52.95 -53.36 -33.40
C THR D 399 -52.60 -54.42 -34.41
N GLU D 400 -53.59 -55.25 -34.69
CA GLU D 400 -53.42 -56.34 -35.65
C GLU D 400 -53.33 -55.82 -37.08
N ASN D 401 -54.32 -55.02 -37.48
CA ASN D 401 -54.36 -54.48 -38.83
C ASN D 401 -53.07 -53.77 -39.22
N ASP D 402 -52.60 -52.84 -38.38
CA ASP D 402 -51.37 -52.13 -38.73
C ASP D 402 -50.11 -52.93 -38.41
N ARG D 403 -50.16 -53.76 -37.38
CA ARG D 403 -49.00 -54.57 -37.02
C ARG D 403 -48.70 -55.47 -38.20
N ARG D 404 -49.75 -55.98 -38.81
CA ARG D 404 -49.59 -56.86 -39.95
C ARG D 404 -48.78 -56.18 -41.04
N TYR D 405 -48.97 -54.87 -41.17
CA TYR D 405 -48.26 -54.11 -42.20
C TYR D 405 -46.78 -54.18 -41.89
N LEU D 406 -46.41 -54.98 -40.91
CA LEU D 406 -45.02 -55.08 -40.54
C LEU D 406 -44.32 -56.27 -41.16
N GLN D 407 -44.81 -57.45 -40.79
CA GLN D 407 -44.25 -58.71 -41.26
C GLN D 407 -43.96 -58.62 -42.75
N PHE D 408 -44.72 -57.77 -43.40
CA PHE D 408 -44.60 -57.58 -44.81
C PHE D 408 -43.24 -57.01 -45.16
N ALA D 409 -42.90 -55.90 -44.52
CA ALA D 409 -41.65 -55.23 -44.76
C ALA D 409 -40.45 -56.15 -44.65
N ASP D 410 -40.42 -56.95 -43.59
CA ASP D 410 -39.29 -57.86 -43.40
C ASP D 410 -39.21 -58.93 -44.46
N ALA D 411 -40.37 -59.48 -44.84
CA ALA D 411 -40.44 -60.54 -45.84
C ALA D 411 -40.26 -59.89 -47.18
N PHE D 412 -40.33 -58.57 -47.16
CA PHE D 412 -40.19 -57.80 -48.37
C PHE D 412 -38.74 -57.43 -48.70
N GLU D 413 -37.98 -57.04 -47.69
CA GLU D 413 -36.60 -56.65 -47.97
C GLU D 413 -35.69 -57.86 -48.08
N ARG D 414 -35.83 -58.75 -47.11
CA ARG D 414 -35.03 -59.96 -47.05
C ARG D 414 -35.22 -60.79 -48.30
N PHE D 415 -36.47 -61.05 -48.68
CA PHE D 415 -36.75 -61.89 -49.86
C PHE D 415 -37.09 -61.14 -51.14
N PHE D 416 -37.93 -60.13 -51.02
CA PHE D 416 -38.34 -59.35 -52.17
C PHE D 416 -37.21 -58.50 -52.77
N ILE D 417 -36.53 -57.73 -51.94
CA ILE D 417 -35.46 -56.89 -52.48
C ILE D 417 -34.12 -57.62 -52.64
N ASN D 418 -33.71 -58.35 -51.61
CA ASN D 418 -32.46 -59.09 -51.69
C ASN D 418 -32.73 -60.28 -52.60
N GLN D 419 -32.30 -60.17 -53.85
CA GLN D 419 -32.51 -61.23 -54.80
C GLN D 419 -31.17 -61.68 -55.40
N GLY D 420 -30.07 -61.18 -54.83
CA GLY D 420 -28.74 -61.53 -55.31
C GLY D 420 -28.57 -61.68 -56.81
N GLN D 421 -27.94 -62.76 -57.24
CA GLN D 421 -27.67 -63.07 -58.66
C GLN D 421 -28.87 -63.65 -59.42
N GLN D 422 -29.89 -64.08 -58.67
CA GLN D 422 -31.11 -64.65 -59.25
C GLN D 422 -31.53 -63.84 -60.47
N ASN D 423 -32.26 -64.48 -61.38
CA ASN D 423 -32.77 -63.80 -62.55
C ASN D 423 -34.24 -64.12 -62.68
N ARG D 424 -35.10 -63.19 -62.29
CA ARG D 424 -36.53 -63.41 -62.37
C ARG D 424 -37.12 -62.80 -63.61
N SER D 425 -37.68 -63.66 -64.45
CA SER D 425 -38.29 -63.21 -65.68
C SER D 425 -39.30 -62.13 -65.34
N ILE D 426 -39.51 -61.23 -66.27
CA ILE D 426 -40.44 -60.12 -66.10
C ILE D 426 -41.75 -60.63 -65.55
N GLU D 427 -42.10 -61.87 -65.84
CA GLU D 427 -43.36 -62.43 -65.34
C GLU D 427 -43.17 -63.13 -64.00
N GLU D 428 -42.05 -63.82 -63.85
CA GLU D 428 -41.78 -64.51 -62.59
C GLU D 428 -41.57 -63.44 -61.53
N SER D 429 -41.27 -62.23 -61.97
CA SER D 429 -41.03 -61.13 -61.06
C SER D 429 -42.30 -60.42 -60.56
N LEU D 430 -43.32 -60.39 -61.41
CA LEU D 430 -44.57 -59.74 -61.04
C LEU D 430 -45.36 -60.55 -60.04
N GLN D 431 -45.33 -61.86 -60.21
CA GLN D 431 -46.05 -62.77 -59.32
C GLN D 431 -45.70 -62.47 -57.87
N ILE D 432 -44.42 -62.49 -57.54
CA ILE D 432 -43.96 -62.26 -56.19
C ILE D 432 -44.78 -61.18 -55.48
N ALA D 433 -44.90 -60.01 -56.10
CA ALA D 433 -45.66 -58.92 -55.52
C ALA D 433 -46.97 -59.44 -54.95
N TRP D 434 -47.76 -60.03 -55.84
CA TRP D 434 -49.03 -60.61 -55.47
C TRP D 434 -48.84 -61.38 -54.19
N ALA D 435 -48.06 -62.45 -54.29
CA ALA D 435 -47.76 -63.32 -53.16
C ALA D 435 -47.61 -62.57 -51.85
N LEU D 436 -46.79 -61.53 -51.86
CA LEU D 436 -46.59 -60.78 -50.64
C LEU D 436 -47.87 -60.11 -50.19
N LEU D 437 -48.61 -59.55 -51.14
CA LEU D 437 -49.86 -58.85 -50.87
C LEU D 437 -50.88 -59.70 -50.14
N SER D 438 -50.74 -61.02 -50.21
CA SER D 438 -51.67 -61.91 -49.56
C SER D 438 -51.73 -61.69 -48.04
N MET D 439 -50.69 -61.07 -47.50
CA MET D 439 -50.63 -60.80 -46.07
C MET D 439 -51.96 -60.21 -45.63
N LEU D 440 -52.35 -59.13 -46.29
CA LEU D 440 -53.58 -58.43 -45.97
C LEU D 440 -54.77 -59.01 -46.74
N PRO D 441 -55.77 -59.51 -46.00
CA PRO D 441 -56.96 -60.11 -46.61
C PRO D 441 -57.45 -59.28 -47.80
N GLN D 442 -57.88 -59.96 -48.86
CA GLN D 442 -58.36 -59.28 -50.04
C GLN D 442 -59.41 -58.26 -49.64
N GLY D 443 -59.02 -56.98 -49.65
CA GLY D 443 -59.94 -55.93 -49.29
C GLY D 443 -59.27 -54.80 -48.55
N GLU D 444 -58.00 -54.99 -48.21
CA GLU D 444 -57.24 -53.97 -47.49
C GLU D 444 -56.41 -53.10 -48.42
N LEU D 445 -56.13 -53.59 -49.63
CA LEU D 445 -55.34 -52.81 -50.58
C LEU D 445 -56.24 -51.74 -51.23
N LYS D 446 -55.91 -50.47 -51.00
CA LYS D 446 -56.69 -49.38 -51.55
C LYS D 446 -56.08 -48.87 -52.85
N ARG D 447 -54.91 -49.40 -53.20
CA ARG D 447 -54.24 -48.96 -54.42
C ARG D 447 -54.78 -49.57 -55.71
N ILE D 448 -54.70 -50.88 -55.85
CA ILE D 448 -55.20 -51.52 -57.07
C ILE D 448 -56.71 -51.71 -56.97
N SER D 449 -57.34 -52.03 -58.09
CA SER D 449 -58.77 -52.23 -58.14
C SER D 449 -59.17 -53.62 -57.68
N LYS D 450 -60.36 -53.73 -57.11
CA LYS D 450 -60.88 -55.00 -56.63
C LYS D 450 -60.85 -56.00 -57.77
N ASP D 451 -61.01 -55.48 -58.98
CA ASP D 451 -61.03 -56.30 -60.16
C ASP D 451 -59.75 -57.12 -60.34
N HIS D 452 -58.61 -56.44 -60.29
CA HIS D 452 -57.33 -57.09 -60.49
C HIS D 452 -56.91 -57.95 -59.31
N ILE D 453 -57.13 -57.43 -58.11
CA ILE D 453 -56.74 -58.15 -56.91
C ILE D 453 -57.66 -59.34 -56.65
N GLY D 454 -58.93 -59.17 -56.99
CA GLY D 454 -59.88 -60.24 -56.79
C GLY D 454 -59.56 -61.42 -57.67
N LYS D 455 -58.51 -61.29 -58.47
CA LYS D 455 -58.09 -62.34 -59.39
C LYS D 455 -56.67 -62.83 -59.10
N TYR D 456 -55.68 -62.01 -59.45
CA TYR D 456 -54.28 -62.38 -59.23
C TYR D 456 -53.99 -62.57 -57.75
N TYR D 457 -54.21 -61.50 -56.99
CA TYR D 457 -53.99 -61.48 -55.55
C TYR D 457 -52.83 -62.36 -55.07
N GLU E 1 -12.42 16.30 -78.36
CA GLU E 1 -12.88 15.04 -79.01
C GLU E 1 -11.66 14.17 -79.33
N TYR E 2 -11.66 12.90 -78.88
CA TYR E 2 -10.52 12.03 -79.14
C TYR E 2 -10.94 10.60 -79.47
N THR E 3 -10.38 10.03 -80.54
CA THR E 3 -10.73 8.68 -80.93
C THR E 3 -9.61 7.74 -80.53
N GLY E 4 -9.40 7.67 -79.23
CA GLY E 4 -8.40 6.78 -78.68
C GLY E 4 -9.13 5.56 -78.16
N ILE E 5 -9.23 4.54 -79.01
CA ILE E 5 -9.94 3.30 -78.68
C ILE E 5 -9.07 2.09 -79.07
N THR E 6 -8.34 1.49 -78.13
CA THR E 6 -7.50 0.35 -78.49
C THR E 6 -7.88 -0.95 -77.74
N TYR E 7 -8.63 -0.81 -76.64
CA TYR E 7 -9.11 -1.98 -75.91
C TYR E 7 -10.57 -1.80 -75.63
N ILE E 8 -11.26 -2.93 -75.47
CA ILE E 8 -12.68 -2.89 -75.25
C ILE E 8 -13.15 -3.99 -74.33
N SER E 9 -13.79 -3.58 -73.25
CA SER E 9 -14.34 -4.52 -72.28
C SER E 9 -15.78 -4.13 -71.93
N GLY E 10 -16.56 -5.11 -71.48
CA GLY E 10 -17.93 -4.83 -71.10
C GLY E 10 -18.08 -3.55 -70.27
N PRO E 11 -17.08 -3.24 -69.41
CA PRO E 11 -17.10 -2.04 -68.57
C PRO E 11 -16.52 -0.89 -69.34
N LEU E 12 -15.38 -0.42 -68.90
CA LEU E 12 -14.72 0.67 -69.57
C LEU E 12 -13.71 0.02 -70.47
N LEU E 13 -12.92 0.84 -71.17
CA LEU E 13 -11.90 0.30 -72.05
C LEU E 13 -10.79 1.31 -72.33
N PHE E 14 -9.65 0.80 -72.81
CA PHE E 14 -8.46 1.59 -73.11
C PHE E 14 -8.75 2.82 -73.96
N VAL E 15 -8.27 3.97 -73.49
CA VAL E 15 -8.43 5.26 -74.15
C VAL E 15 -7.29 6.21 -73.75
N GLU E 16 -6.48 6.60 -74.74
CA GLU E 16 -5.34 7.49 -74.53
C GLU E 16 -5.58 8.84 -75.17
N ASN E 17 -4.58 9.71 -75.11
CA ASN E 17 -4.69 11.05 -75.70
C ASN E 17 -5.80 11.85 -75.02
N ALA E 18 -6.58 11.18 -74.16
CA ALA E 18 -7.67 11.82 -73.42
C ALA E 18 -7.17 12.02 -72.00
N LYS E 19 -5.84 12.02 -71.88
CA LYS E 19 -5.17 12.17 -70.61
C LYS E 19 -5.19 13.63 -70.12
N ASP E 20 -5.54 14.56 -71.00
CA ASP E 20 -5.61 15.96 -70.62
C ASP E 20 -7.04 16.34 -70.28
N LEU E 21 -7.97 15.43 -70.56
CA LEU E 21 -9.38 15.66 -70.29
C LEU E 21 -9.61 15.60 -68.79
N ALA E 22 -10.62 16.33 -68.31
CA ALA E 22 -10.92 16.33 -66.90
C ALA E 22 -10.98 14.88 -66.42
N TYR E 23 -10.78 14.67 -65.14
CA TYR E 23 -10.81 13.32 -64.59
C TYR E 23 -12.18 13.00 -64.03
N GLY E 24 -12.69 11.81 -64.38
CA GLY E 24 -14.00 11.39 -63.92
C GLY E 24 -15.08 12.35 -64.37
N ALA E 25 -14.90 12.90 -65.56
CA ALA E 25 -15.84 13.85 -66.12
C ALA E 25 -16.97 13.17 -66.87
N ILE E 26 -17.84 13.98 -67.45
CA ILE E 26 -18.94 13.43 -68.21
C ILE E 26 -18.56 13.45 -69.67
N VAL E 27 -18.44 12.28 -70.24
CA VAL E 27 -18.07 12.16 -71.63
C VAL E 27 -19.17 11.45 -72.40
N ASP E 28 -19.29 11.76 -73.68
CA ASP E 28 -20.28 11.13 -74.55
C ASP E 28 -19.63 10.37 -75.71
N ILE E 29 -20.22 9.22 -76.03
CA ILE E 29 -19.67 8.36 -77.08
C ILE E 29 -20.69 7.82 -78.10
N LYS E 30 -20.51 8.21 -79.36
CA LYS E 30 -21.37 7.82 -80.51
C LYS E 30 -20.93 6.47 -81.06
N ASP E 31 -21.76 5.44 -80.95
CA ASP E 31 -21.37 4.11 -81.41
C ASP E 31 -20.86 4.07 -82.83
N GLY E 32 -20.82 5.22 -83.49
CA GLY E 32 -20.38 5.18 -84.87
C GLY E 32 -21.58 4.54 -85.54
N THR E 33 -22.67 5.29 -85.38
CA THR E 33 -24.04 5.08 -85.86
C THR E 33 -24.75 6.41 -85.59
N GLY E 34 -24.26 7.10 -84.58
CA GLY E 34 -24.85 8.35 -84.19
C GLY E 34 -25.25 8.06 -82.76
N ARG E 35 -25.56 6.80 -82.46
CA ARG E 35 -25.95 6.39 -81.09
C ARG E 35 -24.82 6.85 -80.14
N VAL E 36 -25.17 7.59 -79.09
CA VAL E 36 -24.20 8.14 -78.12
C VAL E 36 -24.64 7.94 -76.67
N ARG E 37 -23.66 7.79 -75.78
CA ARG E 37 -23.93 7.57 -74.36
C ARG E 37 -22.85 8.22 -73.50
N GLY E 38 -23.03 8.10 -72.18
CA GLY E 38 -22.06 8.67 -71.25
C GLY E 38 -21.18 7.69 -70.46
N GLY E 39 -20.60 8.20 -69.39
CA GLY E 39 -19.73 7.39 -68.57
C GLY E 39 -18.85 8.31 -67.76
N GLN E 40 -18.07 7.75 -66.83
CA GLN E 40 -17.18 8.56 -66.00
C GLN E 40 -15.73 8.40 -66.47
N VAL E 41 -14.85 9.32 -66.07
CA VAL E 41 -13.46 9.25 -66.51
C VAL E 41 -12.56 8.74 -65.41
N ILE E 42 -12.61 7.43 -65.16
CA ILE E 42 -11.80 6.83 -64.09
C ILE E 42 -10.51 6.12 -64.55
N GLU E 43 -9.40 6.43 -63.86
CA GLU E 43 -8.06 5.86 -64.10
C GLU E 43 -7.45 6.58 -65.30
N VAL E 44 -7.53 7.90 -65.30
CA VAL E 44 -7.06 8.76 -66.38
C VAL E 44 -5.55 8.71 -66.57
N SER E 45 -4.95 7.69 -65.99
CA SER E 45 -3.52 7.48 -66.06
C SER E 45 -2.99 7.78 -67.46
N GLU E 46 -1.80 8.36 -67.53
CA GLU E 46 -1.20 8.59 -68.83
C GLU E 46 -1.08 7.19 -69.43
N GLU E 47 -0.75 6.20 -68.60
CA GLU E 47 -0.57 4.81 -69.03
C GLU E 47 -1.73 4.26 -69.85
N TYR E 48 -2.91 4.80 -69.61
CA TYR E 48 -4.12 4.44 -70.33
C TYR E 48 -5.35 4.82 -69.51
N ALA E 49 -6.13 5.77 -70.04
CA ALA E 49 -7.37 6.23 -69.38
C ALA E 49 -8.51 5.23 -69.68
N VAL E 50 -9.40 5.01 -68.71
CA VAL E 50 -10.55 4.10 -68.90
C VAL E 50 -11.91 4.75 -68.62
N ILE E 51 -12.89 4.44 -69.47
CA ILE E 51 -14.23 5.01 -69.36
C ILE E 51 -15.45 4.18 -68.98
N GLN E 52 -16.24 4.73 -68.06
CA GLN E 52 -17.44 4.12 -67.50
C GLN E 52 -18.59 3.74 -68.44
N VAL E 53 -18.71 2.46 -68.80
CA VAL E 53 -19.79 2.01 -69.68
C VAL E 53 -21.11 2.14 -68.95
N PHE E 54 -22.05 2.87 -69.55
CA PHE E 54 -23.37 3.09 -68.96
C PHE E 54 -24.24 1.86 -69.10
N GLU E 55 -24.43 1.47 -70.36
CA GLU E 55 -25.29 0.35 -70.64
C GLU E 55 -24.83 -0.34 -71.90
N GLU E 56 -25.72 -1.20 -72.40
CA GLU E 56 -25.51 -1.97 -73.60
C GLU E 56 -24.05 -1.92 -74.00
N THR E 57 -23.23 -2.65 -73.27
CA THR E 57 -21.80 -2.70 -73.54
C THR E 57 -21.54 -2.86 -75.05
N THR E 58 -22.59 -3.21 -75.80
CA THR E 58 -22.50 -3.41 -77.26
C THR E 58 -22.53 -2.12 -78.06
N GLY E 59 -22.57 -2.28 -79.39
CA GLY E 59 -22.62 -1.14 -80.28
C GLY E 59 -21.30 -0.42 -80.38
N LEU E 60 -20.59 -0.36 -79.25
CA LEU E 60 -19.31 0.31 -79.20
C LEU E 60 -18.34 -0.34 -80.17
N ASP E 61 -17.49 0.47 -80.81
CA ASP E 61 -16.54 -0.11 -81.75
C ASP E 61 -15.19 0.63 -81.75
N LEU E 62 -14.14 -0.08 -82.19
CA LEU E 62 -12.76 0.44 -82.22
C LEU E 62 -12.52 1.55 -83.24
N ALA E 63 -13.28 1.51 -84.32
CA ALA E 63 -13.17 2.52 -85.35
C ALA E 63 -13.88 3.83 -84.94
N THR E 64 -15.20 3.89 -85.15
CA THR E 64 -15.95 5.07 -84.79
C THR E 64 -16.02 5.12 -83.27
N THR E 65 -17.01 5.83 -82.75
CA THR E 65 -17.14 5.93 -81.34
C THR E 65 -16.01 6.74 -80.81
N SER E 66 -16.36 7.97 -80.51
CA SER E 66 -15.40 8.82 -79.93
C SER E 66 -16.10 9.54 -78.80
N VAL E 67 -15.29 10.08 -77.89
CA VAL E 67 -15.75 10.75 -76.69
C VAL E 67 -15.85 12.25 -76.77
N SER E 68 -16.59 12.83 -75.84
CA SER E 68 -16.77 14.27 -75.81
C SER E 68 -16.81 14.80 -74.38
N LEU E 69 -15.82 15.62 -74.02
CA LEU E 69 -15.79 16.18 -72.68
C LEU E 69 -16.90 17.21 -72.59
N VAL E 70 -17.86 16.95 -71.70
CA VAL E 70 -19.00 17.84 -71.53
C VAL E 70 -18.91 18.64 -70.24
N GLU E 71 -18.52 17.96 -69.16
CA GLU E 71 -18.35 18.57 -67.85
C GLU E 71 -17.25 17.80 -67.15
N ASP E 72 -16.59 18.45 -66.19
CA ASP E 72 -15.50 17.81 -65.46
C ASP E 72 -16.05 16.81 -64.45
N VAL E 73 -17.22 17.11 -63.89
CA VAL E 73 -17.80 16.23 -62.91
C VAL E 73 -19.32 16.27 -62.86
N ALA E 74 -19.87 15.33 -62.09
CA ALA E 74 -21.31 15.21 -61.90
C ALA E 74 -21.92 16.59 -61.76
N ARG E 75 -22.80 16.93 -62.68
CA ARG E 75 -23.44 18.23 -62.66
C ARG E 75 -24.73 18.20 -63.47
N LEU E 76 -25.64 19.10 -63.08
CA LEU E 76 -26.93 19.33 -63.71
C LEU E 76 -27.65 20.44 -62.93
N GLY E 77 -28.52 21.18 -63.62
CA GLY E 77 -29.21 22.29 -62.99
C GLY E 77 -30.49 22.01 -62.24
N VAL E 78 -30.80 22.88 -61.28
CA VAL E 78 -32.00 22.73 -60.49
C VAL E 78 -32.71 24.07 -60.26
N SER E 79 -33.85 24.25 -60.92
CA SER E 79 -34.64 25.48 -60.79
C SER E 79 -35.85 25.15 -59.91
N LYS E 80 -36.65 26.15 -59.58
CA LYS E 80 -37.82 25.93 -58.73
C LYS E 80 -39.00 25.29 -59.46
N GLU E 81 -39.08 25.53 -60.77
CA GLU E 81 -40.15 24.95 -61.61
C GLU E 81 -40.25 23.44 -61.38
N MET E 82 -39.16 22.83 -60.93
CA MET E 82 -39.07 21.39 -60.68
C MET E 82 -40.09 20.82 -59.70
N LEU E 83 -41.06 21.65 -59.31
CA LEU E 83 -42.10 21.23 -58.41
C LEU E 83 -43.14 20.39 -59.16
N GLY E 84 -43.26 19.13 -58.75
CA GLY E 84 -44.22 18.25 -59.38
C GLY E 84 -43.88 17.88 -60.81
N ARG E 85 -42.59 17.80 -61.09
CA ARG E 85 -42.09 17.44 -62.43
C ARG E 85 -41.60 15.99 -62.33
N ARG E 86 -41.19 15.41 -63.46
CA ARG E 86 -40.75 14.02 -63.42
C ARG E 86 -39.57 13.73 -64.35
N PHE E 87 -38.40 13.50 -63.78
CA PHE E 87 -37.23 13.25 -64.58
C PHE E 87 -36.67 11.82 -64.41
N ASN E 88 -37.37 10.80 -64.90
CA ASN E 88 -36.86 9.43 -64.75
C ASN E 88 -35.46 9.29 -65.31
N GLY E 89 -34.68 8.47 -64.63
CA GLY E 89 -33.32 8.17 -65.03
C GLY E 89 -32.38 9.30 -65.25
N ILE E 90 -31.24 9.25 -64.57
CA ILE E 90 -30.20 10.27 -64.65
C ILE E 90 -30.80 11.66 -64.46
N GLY E 91 -32.09 11.68 -64.16
CA GLY E 91 -32.79 12.94 -63.95
C GLY E 91 -33.22 13.61 -65.25
N LYS E 92 -33.84 12.85 -66.15
CA LYS E 92 -34.29 13.45 -67.40
C LYS E 92 -35.83 13.47 -67.41
N PRO E 93 -36.42 14.65 -67.58
CA PRO E 93 -37.88 14.85 -67.62
C PRO E 93 -38.43 14.11 -68.82
N ILE E 94 -38.20 12.80 -68.81
CA ILE E 94 -38.64 11.94 -69.90
C ILE E 94 -40.16 11.94 -69.95
N ASP E 95 -40.79 11.73 -68.80
CA ASP E 95 -42.25 11.72 -68.69
C ASP E 95 -43.01 11.94 -70.00
N GLY E 96 -43.19 13.21 -70.33
CA GLY E 96 -43.88 13.60 -71.55
C GLY E 96 -43.87 15.12 -71.54
N LEU E 97 -43.70 15.68 -70.35
CA LEU E 97 -43.65 17.14 -70.12
C LEU E 97 -42.28 17.71 -70.52
N PRO E 98 -42.25 18.75 -71.38
CA PRO E 98 -41.01 19.40 -71.83
C PRO E 98 -39.98 19.70 -70.74
N PRO E 99 -38.80 19.07 -70.83
CA PRO E 99 -37.71 19.26 -69.88
C PRO E 99 -37.32 20.73 -69.78
N ILE E 100 -37.90 21.41 -68.79
CA ILE E 100 -37.61 22.82 -68.60
C ILE E 100 -36.13 23.02 -68.39
N THR E 101 -35.71 24.24 -68.67
CA THR E 101 -34.34 24.59 -68.48
C THR E 101 -34.14 24.98 -67.02
N PRO E 102 -33.21 24.29 -66.38
CA PRO E 102 -32.81 24.48 -64.99
C PRO E 102 -32.31 25.90 -64.69
N GLU E 103 -32.70 26.44 -63.55
CA GLU E 103 -32.28 27.77 -63.13
C GLU E 103 -30.78 27.75 -62.95
N LYS E 104 -30.32 26.95 -61.99
CA LYS E 104 -28.91 26.85 -61.66
C LYS E 104 -28.29 25.47 -61.84
N ARG E 105 -27.29 25.38 -62.71
CA ARG E 105 -26.58 24.13 -63.00
C ARG E 105 -25.35 23.99 -62.12
N LEU E 106 -25.41 22.97 -61.26
CA LEU E 106 -24.34 22.69 -60.31
C LEU E 106 -24.10 21.19 -60.30
N PRO E 107 -23.07 20.76 -59.57
CA PRO E 107 -22.72 19.33 -59.45
C PRO E 107 -23.74 18.57 -58.56
N ILE E 108 -23.82 17.25 -58.70
CA ILE E 108 -24.79 16.47 -57.91
C ILE E 108 -24.15 15.68 -56.78
N THR E 109 -22.93 15.24 -57.02
CA THR E 109 -22.23 14.46 -56.02
C THR E 109 -22.26 15.18 -54.71
N GLY E 110 -21.65 16.37 -54.70
CA GLY E 110 -21.60 17.16 -53.49
C GLY E 110 -21.15 16.35 -52.30
N LEU E 111 -20.74 17.06 -51.25
CA LEU E 111 -20.27 16.43 -50.02
C LEU E 111 -20.98 17.10 -48.81
N PRO E 112 -21.31 16.31 -47.78
CA PRO E 112 -21.98 16.75 -46.56
C PRO E 112 -21.55 18.14 -46.12
N LEU E 113 -22.46 18.84 -45.48
CA LEU E 113 -22.14 20.18 -45.02
C LEU E 113 -21.06 20.01 -43.96
N ASN E 114 -20.77 21.08 -43.23
CA ASN E 114 -19.74 21.00 -42.21
C ASN E 114 -20.31 20.42 -40.92
N PRO E 115 -19.66 19.36 -40.42
CA PRO E 115 -20.08 18.69 -39.19
C PRO E 115 -20.13 19.70 -38.05
N VAL E 116 -19.78 20.94 -38.37
CA VAL E 116 -19.76 22.02 -37.38
C VAL E 116 -21.04 22.81 -37.39
N ALA E 117 -21.60 23.02 -38.59
CA ALA E 117 -22.84 23.77 -38.69
C ALA E 117 -24.05 22.84 -38.69
N ARG E 118 -23.90 21.63 -38.17
CA ARG E 118 -25.00 20.69 -38.15
C ARG E 118 -25.79 20.69 -36.83
N ARG E 119 -26.95 21.34 -36.86
CA ARG E 119 -27.82 21.43 -35.68
C ARG E 119 -28.34 20.06 -35.19
N LYS E 120 -28.94 20.09 -34.00
CA LYS E 120 -29.54 18.91 -33.37
C LYS E 120 -31.04 19.02 -33.59
N PRO E 121 -31.71 17.91 -33.94
CA PRO E 121 -33.16 17.93 -34.16
C PRO E 121 -34.01 18.09 -32.89
N GLU E 122 -35.02 18.96 -32.99
CA GLU E 122 -35.93 19.27 -31.89
C GLU E 122 -37.36 18.90 -32.27
N GLN E 123 -37.79 19.35 -33.45
CA GLN E 123 -39.12 19.09 -33.97
C GLN E 123 -39.39 17.61 -34.01
N PHE E 124 -40.67 17.25 -33.92
CA PHE E 124 -41.05 15.86 -33.95
C PHE E 124 -42.00 15.53 -35.09
N ILE E 125 -41.62 14.56 -35.92
CA ILE E 125 -42.45 14.11 -37.03
C ILE E 125 -43.73 13.48 -36.45
N GLN E 126 -44.82 14.26 -36.44
CA GLN E 126 -46.11 13.80 -35.92
C GLN E 126 -46.95 13.18 -37.03
N THR E 127 -47.20 11.89 -36.97
CA THR E 127 -47.98 11.28 -38.02
C THR E 127 -49.19 10.57 -37.49
N GLY E 128 -50.22 10.52 -38.33
CA GLY E 128 -51.42 9.83 -37.93
C GLY E 128 -51.15 8.33 -37.76
N ILE E 129 -50.09 8.00 -37.02
CA ILE E 129 -49.71 6.61 -36.78
C ILE E 129 -48.97 6.41 -35.45
N SER E 130 -49.76 6.07 -34.44
CA SER E 130 -49.24 5.85 -33.11
C SER E 130 -48.03 4.94 -33.18
N THR E 131 -48.31 3.68 -33.45
CA THR E 131 -47.29 2.67 -33.53
C THR E 131 -45.92 3.29 -33.71
N ILE E 132 -45.80 4.25 -34.62
CA ILE E 132 -44.53 4.89 -34.92
C ILE E 132 -44.05 5.87 -33.89
N ASP E 133 -44.76 6.97 -33.89
CA ASP E 133 -44.47 8.07 -33.03
C ASP E 133 -44.49 7.69 -31.53
N VAL E 134 -44.84 6.43 -31.25
CA VAL E 134 -44.88 5.97 -29.87
C VAL E 134 -43.50 5.50 -29.41
N MET E 135 -43.14 4.32 -29.87
CA MET E 135 -41.86 3.69 -29.55
C MET E 135 -40.71 4.48 -30.14
N ASN E 136 -40.78 4.70 -31.43
CA ASN E 136 -39.71 5.36 -32.12
C ASN E 136 -40.19 6.18 -33.28
N THR E 137 -39.77 7.43 -33.30
CA THR E 137 -40.18 8.29 -34.38
C THR E 137 -39.07 9.17 -34.88
N LEU E 138 -39.41 10.33 -35.41
CA LEU E 138 -38.39 11.19 -35.92
C LEU E 138 -38.57 12.67 -35.68
N VAL E 139 -37.44 13.36 -35.77
CA VAL E 139 -37.33 14.81 -35.57
C VAL E 139 -37.23 15.50 -36.94
N ARG E 140 -37.68 14.83 -38.00
CA ARG E 140 -37.62 15.35 -39.38
C ARG E 140 -36.18 15.66 -39.81
N GLY E 141 -35.21 15.12 -39.07
CA GLY E 141 -33.80 15.34 -39.36
C GLY E 141 -32.87 14.17 -39.08
N GLN E 142 -33.45 12.98 -38.91
CA GLN E 142 -32.72 11.74 -38.63
C GLN E 142 -33.20 10.65 -39.58
N LYS E 143 -32.27 9.89 -40.13
CA LYS E 143 -32.63 8.84 -41.05
C LYS E 143 -32.73 7.49 -40.34
N LEU E 144 -33.79 6.74 -40.61
CA LEU E 144 -33.96 5.41 -39.99
C LEU E 144 -34.20 4.35 -41.08
N PRO E 145 -33.48 3.22 -40.97
CA PRO E 145 -33.55 2.07 -41.87
C PRO E 145 -34.83 1.24 -41.75
N ILE E 146 -35.63 1.27 -42.82
CA ILE E 146 -36.89 0.51 -42.89
C ILE E 146 -36.66 -0.75 -43.69
N PHE E 147 -36.84 -1.92 -43.08
CA PHE E 147 -36.64 -3.16 -43.81
C PHE E 147 -37.97 -3.86 -44.06
N SER E 148 -38.25 -4.12 -45.32
CA SER E 148 -39.49 -4.77 -45.68
C SER E 148 -39.27 -6.21 -46.12
N GLY E 149 -39.37 -6.45 -47.41
CA GLY E 149 -39.18 -7.78 -47.95
C GLY E 149 -39.66 -7.87 -49.39
N SER E 150 -39.26 -8.93 -50.07
CA SER E 150 -39.66 -9.14 -51.46
C SER E 150 -41.15 -9.43 -51.50
N GLY E 151 -41.90 -8.49 -52.06
CA GLY E 151 -43.35 -8.64 -52.14
C GLY E 151 -44.02 -8.28 -50.82
N LEU E 152 -43.30 -7.58 -49.96
CA LEU E 152 -43.85 -7.19 -48.67
C LEU E 152 -44.39 -5.78 -48.64
N PRO E 153 -45.40 -5.56 -47.78
CA PRO E 153 -46.07 -4.25 -47.59
C PRO E 153 -45.12 -3.11 -47.31
N ALA E 154 -44.26 -2.83 -48.26
CA ALA E 154 -43.31 -1.76 -48.08
C ALA E 154 -43.91 -0.45 -48.58
N ASN E 155 -44.74 -0.55 -49.62
CA ASN E 155 -45.35 0.63 -50.23
C ASN E 155 -46.42 1.18 -49.30
N GLU E 156 -47.36 0.32 -48.93
CA GLU E 156 -48.47 0.70 -48.06
C GLU E 156 -47.98 1.39 -46.79
N ILE E 157 -47.03 0.72 -46.14
CA ILE E 157 -46.48 1.20 -44.91
C ILE E 157 -45.83 2.59 -45.03
N ALA E 158 -44.86 2.73 -45.93
CA ALA E 158 -44.13 3.99 -46.13
C ALA E 158 -45.11 4.99 -46.66
N ALA E 159 -46.15 4.44 -47.25
CA ALA E 159 -47.17 5.28 -47.81
C ALA E 159 -48.01 5.86 -46.70
N GLN E 160 -48.63 4.98 -45.96
CA GLN E 160 -49.48 5.45 -44.90
C GLN E 160 -48.98 6.80 -44.39
N ILE E 161 -47.92 6.75 -43.61
CA ILE E 161 -47.32 7.94 -43.01
C ILE E 161 -46.84 8.96 -44.05
N ALA E 162 -46.84 8.55 -45.30
CA ALA E 162 -46.40 9.45 -46.36
C ALA E 162 -46.98 10.86 -46.22
N ARG E 163 -48.30 10.97 -46.34
CA ARG E 163 -48.99 12.25 -46.24
C ARG E 163 -49.55 12.42 -44.84
N GLN E 164 -49.97 11.31 -44.25
CA GLN E 164 -50.56 11.31 -42.91
C GLN E 164 -49.58 11.79 -41.86
N ALA E 165 -48.48 12.35 -42.31
CA ALA E 165 -47.47 12.87 -41.41
C ALA E 165 -47.52 14.39 -41.38
N THR E 166 -47.47 14.96 -40.18
CA THR E 166 -47.48 16.40 -39.98
C THR E 166 -46.44 16.82 -38.93
N VAL E 167 -46.23 18.13 -38.79
CA VAL E 167 -45.26 18.66 -37.82
C VAL E 167 -45.93 19.52 -36.73
N ARG E 168 -45.57 19.25 -35.47
CA ARG E 168 -46.12 20.00 -34.35
C ARG E 168 -45.06 20.83 -33.64
N PRO E 169 -45.16 22.16 -33.76
CA PRO E 169 -44.23 23.09 -33.14
C PRO E 169 -44.70 23.59 -31.78
N ASP E 170 -46.01 23.68 -31.59
CA ASP E 170 -46.61 24.15 -30.35
C ASP E 170 -45.98 23.62 -29.07
N LEU E 171 -45.59 22.36 -29.07
CA LEU E 171 -44.97 21.72 -27.93
C LEU E 171 -43.45 21.78 -28.10
N SER E 172 -43.01 21.83 -29.35
CA SER E 172 -41.58 21.86 -29.67
C SER E 172 -40.88 23.20 -29.41
N GLY E 173 -41.38 24.27 -30.02
CA GLY E 173 -40.77 25.58 -29.83
C GLY E 173 -41.00 26.47 -31.03
N GLU E 174 -40.47 26.07 -32.18
CA GLU E 174 -40.62 26.86 -33.39
C GLU E 174 -42.09 26.99 -33.78
N GLY E 175 -42.39 27.86 -34.75
CA GLY E 175 -43.76 28.06 -35.16
C GLY E 175 -43.95 27.63 -36.60
N GLU E 176 -45.08 28.01 -37.20
CA GLU E 176 -45.34 27.65 -38.59
C GLU E 176 -45.18 28.85 -39.52
N LYS E 177 -43.93 29.12 -39.89
CA LYS E 177 -43.61 30.23 -40.77
C LYS E 177 -42.84 29.77 -42.01
N GLU E 178 -41.82 28.94 -41.80
CA GLU E 178 -41.01 28.45 -42.90
C GLU E 178 -40.92 26.92 -42.93
N GLU E 179 -42.04 26.26 -43.21
CA GLU E 179 -42.06 24.79 -43.27
C GLU E 179 -42.69 24.21 -44.54
N PRO E 180 -41.86 23.94 -45.56
CA PRO E 180 -42.28 23.38 -46.85
C PRO E 180 -41.98 21.88 -46.90
N PHE E 181 -43.03 21.06 -46.77
CA PHE E 181 -42.83 19.61 -46.78
C PHE E 181 -42.45 19.04 -48.13
N ALA E 182 -42.01 19.90 -49.03
CA ALA E 182 -41.58 19.48 -50.37
C ALA E 182 -40.73 18.21 -50.31
N VAL E 183 -41.21 17.16 -50.99
CA VAL E 183 -40.50 15.89 -51.05
C VAL E 183 -40.49 15.33 -52.47
N VAL E 184 -39.29 15.29 -53.06
CA VAL E 184 -39.06 14.80 -54.40
C VAL E 184 -39.35 13.31 -54.53
N PHE E 185 -38.29 12.52 -54.68
CA PHE E 185 -38.36 11.08 -54.81
C PHE E 185 -37.47 10.57 -55.93
N ALA E 186 -36.77 9.48 -55.67
CA ALA E 186 -35.89 8.89 -56.67
C ALA E 186 -36.17 7.40 -56.82
N ALA E 187 -36.43 6.97 -58.04
CA ALA E 187 -36.73 5.56 -58.31
C ALA E 187 -35.45 4.76 -58.54
N MET E 188 -35.12 3.91 -57.57
CA MET E 188 -33.93 3.10 -57.68
C MET E 188 -34.36 1.68 -57.94
N GLY E 189 -34.17 1.26 -59.19
CA GLY E 189 -34.56 -0.07 -59.59
C GLY E 189 -35.94 -0.37 -59.12
N ILE E 190 -36.89 0.42 -59.58
CA ILE E 190 -38.29 0.25 -59.24
C ILE E 190 -38.85 -0.86 -60.09
N THR E 191 -40.09 -1.25 -59.83
CA THR E 191 -40.72 -2.32 -60.61
C THR E 191 -42.04 -1.81 -61.19
N GLN E 192 -42.78 -2.68 -61.85
CA GLN E 192 -44.07 -2.35 -62.46
C GLN E 192 -45.07 -1.74 -61.47
N ARG E 193 -45.64 -2.60 -60.64
CA ARG E 193 -46.63 -2.19 -59.65
C ARG E 193 -46.06 -1.22 -58.62
N GLU E 194 -44.98 -1.63 -57.97
CA GLU E 194 -44.36 -0.78 -56.98
C GLU E 194 -44.13 0.62 -57.56
N LEU E 195 -43.95 0.74 -58.88
CA LEU E 195 -43.75 2.06 -59.49
C LEU E 195 -45.06 2.76 -59.71
N SER E 196 -45.92 2.13 -60.52
CA SER E 196 -47.22 2.67 -60.84
C SER E 196 -48.03 2.89 -59.57
N TYR E 197 -47.51 2.37 -58.46
CA TYR E 197 -48.19 2.47 -57.19
C TYR E 197 -48.09 3.79 -56.45
N PHE E 198 -46.88 4.29 -56.24
CA PHE E 198 -46.78 5.55 -55.53
C PHE E 198 -47.26 6.71 -56.42
N ILE E 199 -47.59 6.35 -57.64
CA ILE E 199 -48.08 7.29 -58.62
C ILE E 199 -49.17 8.19 -58.07
N GLN E 200 -50.30 7.53 -57.73
CA GLN E 200 -51.50 8.19 -57.22
C GLN E 200 -51.37 8.78 -55.85
N GLU E 201 -50.58 8.15 -54.99
CA GLU E 201 -50.38 8.67 -53.65
C GLU E 201 -50.01 10.16 -53.67
N PHE E 202 -49.63 10.67 -54.82
CA PHE E 202 -49.32 12.08 -54.93
C PHE E 202 -50.52 12.75 -55.58
N GLU E 203 -50.89 12.26 -56.77
CA GLU E 203 -52.02 12.80 -57.54
C GLU E 203 -53.29 12.84 -56.72
N ARG E 204 -53.24 12.17 -55.57
CA ARG E 204 -54.35 12.13 -54.65
C ARG E 204 -54.15 13.18 -53.55
N THR E 205 -52.91 13.41 -53.14
CA THR E 205 -52.62 14.40 -52.11
C THR E 205 -52.09 15.68 -52.73
N GLY E 206 -51.71 15.60 -53.99
CA GLY E 206 -51.19 16.78 -54.66
C GLY E 206 -49.68 16.81 -54.55
N ALA E 207 -49.10 15.84 -53.86
CA ALA E 207 -47.64 15.72 -53.65
C ALA E 207 -46.84 15.77 -54.94
N LEU E 208 -47.56 15.62 -56.05
CA LEU E 208 -47.01 15.63 -57.40
C LEU E 208 -46.96 17.05 -57.98
N SER E 209 -47.30 18.05 -57.16
CA SER E 209 -47.30 19.45 -57.58
C SER E 209 -46.21 20.23 -56.85
N ARG E 210 -45.15 19.55 -56.46
CA ARG E 210 -44.10 20.19 -55.68
C ARG E 210 -42.95 19.23 -55.42
N SER E 211 -42.73 18.31 -56.34
CA SER E 211 -41.68 17.34 -56.12
C SER E 211 -41.07 16.94 -57.43
N VAL E 212 -39.83 16.46 -57.36
CA VAL E 212 -39.16 16.01 -58.56
C VAL E 212 -39.39 14.50 -58.58
N LEU E 213 -39.37 13.91 -59.78
CA LEU E 213 -39.65 12.49 -59.92
C LEU E 213 -38.58 11.75 -60.69
N PHE E 214 -37.55 11.35 -59.95
CA PHE E 214 -36.45 10.62 -60.52
C PHE E 214 -36.91 9.19 -60.57
N LEU E 215 -36.54 8.50 -61.63
CA LEU E 215 -36.95 7.12 -61.71
C LEU E 215 -35.78 6.29 -62.20
N ASN E 216 -35.90 4.98 -62.19
CA ASN E 216 -34.80 4.14 -62.64
C ASN E 216 -35.18 3.20 -63.77
N LYS E 217 -36.47 2.95 -63.94
CA LYS E 217 -36.94 2.03 -64.95
C LYS E 217 -36.56 0.60 -64.58
N ALA E 218 -35.56 0.44 -63.71
CA ALA E 218 -35.14 -0.89 -63.30
C ALA E 218 -34.59 -1.71 -64.47
N ASP E 219 -34.50 -1.10 -65.65
CA ASP E 219 -33.97 -1.80 -66.83
C ASP E 219 -33.22 -0.80 -67.65
N ASP E 220 -33.40 0.47 -67.28
CA ASP E 220 -32.73 1.57 -67.94
C ASP E 220 -31.25 1.29 -67.63
N PRO E 221 -30.33 2.24 -67.89
CA PRO E 221 -28.91 2.01 -67.63
C PRO E 221 -28.56 1.50 -66.22
N THR E 222 -28.11 0.25 -66.14
CA THR E 222 -27.76 -0.31 -64.84
C THR E 222 -27.04 0.75 -64.01
N ILE E 223 -26.03 1.38 -64.59
CA ILE E 223 -25.30 2.41 -63.88
C ILE E 223 -26.21 3.51 -63.39
N GLU E 224 -27.29 3.79 -64.14
CA GLU E 224 -28.25 4.86 -63.77
C GLU E 224 -28.68 4.74 -62.33
N ARG E 225 -28.79 3.51 -61.87
CA ARG E 225 -29.19 3.27 -60.51
C ARG E 225 -28.22 3.94 -59.54
N ILE E 226 -26.97 4.14 -59.96
CA ILE E 226 -25.99 4.76 -59.09
C ILE E 226 -25.80 6.22 -59.41
N LEU E 227 -26.64 6.70 -60.29
CA LEU E 227 -26.56 8.07 -60.72
C LEU E 227 -27.63 8.91 -60.07
N THR E 228 -28.88 8.46 -60.20
CA THR E 228 -29.98 9.21 -59.60
C THR E 228 -29.73 9.40 -58.12
N PRO E 229 -28.96 8.46 -57.49
CA PRO E 229 -28.67 8.57 -56.06
C PRO E 229 -28.04 9.90 -55.66
N ARG E 230 -26.78 10.11 -56.06
CA ARG E 230 -26.09 11.33 -55.71
C ARG E 230 -26.73 12.58 -56.32
N MET E 231 -27.59 12.36 -57.31
CA MET E 231 -28.29 13.44 -57.99
C MET E 231 -29.43 13.84 -57.09
N ALA E 232 -30.29 12.86 -56.86
CA ALA E 232 -31.44 13.05 -56.01
C ALA E 232 -30.99 13.82 -54.80
N LEU E 233 -29.86 13.42 -54.26
CA LEU E 233 -29.37 14.07 -53.08
C LEU E 233 -29.24 15.56 -53.26
N THR E 234 -28.10 16.03 -53.77
CA THR E 234 -27.95 17.49 -53.93
C THR E 234 -29.30 18.21 -54.14
N VAL E 235 -30.21 17.58 -54.89
CA VAL E 235 -31.55 18.15 -55.17
C VAL E 235 -32.10 18.93 -53.96
N ALA E 236 -32.25 18.21 -52.85
CA ALA E 236 -32.75 18.81 -51.61
C ALA E 236 -31.84 19.96 -51.20
N GLU E 237 -30.53 19.77 -51.39
CA GLU E 237 -29.50 20.76 -51.02
C GLU E 237 -29.80 22.17 -51.51
N TYR E 238 -30.35 22.24 -52.72
CA TYR E 238 -30.66 23.53 -53.28
C TYR E 238 -31.80 24.16 -52.48
N LEU E 239 -32.96 23.51 -52.50
CA LEU E 239 -34.15 24.03 -51.83
C LEU E 239 -34.14 23.90 -50.31
N ALA E 240 -33.38 22.94 -49.80
CA ALA E 240 -33.34 22.75 -48.38
C ALA E 240 -32.64 23.86 -47.66
N PHE E 241 -31.37 24.02 -47.94
CA PHE E 241 -30.59 25.02 -47.26
C PHE E 241 -30.60 26.35 -47.94
N GLU E 242 -30.43 26.33 -49.26
CA GLU E 242 -30.37 27.57 -50.03
C GLU E 242 -31.62 28.39 -49.87
N HIS E 243 -32.77 27.75 -49.96
CA HIS E 243 -34.01 28.47 -49.81
C HIS E 243 -34.54 28.31 -48.40
N ASP E 244 -33.79 27.59 -47.57
CA ASP E 244 -34.14 27.35 -46.18
C ASP E 244 -35.31 26.37 -46.08
N TYR E 245 -35.69 25.80 -47.21
CA TYR E 245 -36.79 24.85 -47.24
C TYR E 245 -36.35 23.51 -46.66
N HIS E 246 -37.14 22.98 -45.73
CA HIS E 246 -36.83 21.71 -45.09
C HIS E 246 -36.89 20.58 -46.07
N VAL E 247 -36.97 20.91 -47.35
CA VAL E 247 -37.06 19.91 -48.41
C VAL E 247 -36.57 18.54 -47.98
N LEU E 248 -37.51 17.60 -47.81
CA LEU E 248 -37.16 16.23 -47.41
C LEU E 248 -37.38 15.25 -48.57
N VAL E 249 -36.31 14.62 -49.06
CA VAL E 249 -36.47 13.66 -50.15
C VAL E 249 -36.12 12.25 -49.70
N ILE E 250 -37.05 11.33 -49.90
CA ILE E 250 -36.85 9.94 -49.53
C ILE E 250 -36.86 9.09 -50.79
N LEU E 251 -35.75 8.44 -51.07
CA LEU E 251 -35.64 7.59 -52.25
C LEU E 251 -36.49 6.34 -52.07
N THR E 252 -36.55 5.50 -53.10
CA THR E 252 -37.36 4.28 -53.03
C THR E 252 -36.62 2.96 -53.21
N ASP E 253 -37.20 1.94 -52.59
CA ASP E 253 -36.65 0.60 -52.62
C ASP E 253 -35.21 0.68 -53.04
N MET E 254 -34.39 1.23 -52.13
CA MET E 254 -32.94 1.40 -52.31
C MET E 254 -32.27 0.06 -52.48
N THR E 255 -33.06 -1.00 -52.47
CA THR E 255 -32.58 -2.36 -52.63
C THR E 255 -31.90 -2.48 -53.99
N ASN E 256 -32.63 -2.14 -55.05
CA ASN E 256 -32.05 -2.23 -56.37
C ASN E 256 -30.81 -1.34 -56.48
N TYR E 257 -30.58 -0.48 -55.47
CA TYR E 257 -29.39 0.40 -55.48
C TYR E 257 -28.22 -0.47 -55.12
N CYS E 258 -28.21 -0.96 -53.90
CA CYS E 258 -27.13 -1.85 -53.55
C CYS E 258 -27.14 -2.92 -54.66
N GLU E 259 -28.26 -3.62 -54.79
CA GLU E 259 -28.44 -4.68 -55.76
C GLU E 259 -27.60 -4.53 -57.00
N ALA E 260 -27.90 -3.50 -57.75
CA ALA E 260 -27.15 -3.28 -58.96
C ALA E 260 -25.76 -2.79 -58.60
N LEU E 261 -25.70 -1.73 -57.82
CA LEU E 261 -24.42 -1.12 -57.43
C LEU E 261 -23.33 -2.12 -57.09
N ARG E 262 -23.71 -3.20 -56.43
CA ARG E 262 -22.74 -4.20 -56.02
C ARG E 262 -22.16 -4.94 -57.21
N GLU E 263 -22.97 -5.19 -58.22
CA GLU E 263 -22.49 -5.91 -59.35
C GLU E 263 -21.44 -5.13 -60.08
N ILE E 264 -21.36 -3.84 -59.82
CA ILE E 264 -20.36 -2.98 -60.47
C ILE E 264 -18.94 -3.56 -60.44
N GLY E 265 -18.31 -3.44 -59.28
CA GLY E 265 -16.97 -3.93 -59.13
C GLY E 265 -16.77 -5.34 -59.70
N ALA E 266 -17.87 -6.04 -59.96
CA ALA E 266 -17.79 -7.41 -60.48
C ALA E 266 -16.66 -7.51 -61.51
N ALA E 267 -17.01 -7.41 -62.76
CA ALA E 267 -16.01 -7.50 -63.80
C ALA E 267 -15.05 -6.35 -63.55
N ARG E 268 -15.43 -5.45 -62.66
CA ARG E 268 -14.57 -4.30 -62.33
C ARG E 268 -13.41 -4.75 -61.46
N GLU E 269 -13.29 -6.06 -61.28
CA GLU E 269 -12.23 -6.63 -60.47
C GLU E 269 -12.08 -5.86 -59.15
N GLU E 270 -13.15 -5.80 -58.37
CA GLU E 270 -13.10 -5.11 -57.08
C GLU E 270 -12.74 -6.06 -55.95
N ILE E 271 -12.69 -7.35 -56.25
CA ILE E 271 -12.31 -8.33 -55.26
C ILE E 271 -13.20 -8.17 -54.03
N PRO E 272 -14.41 -8.72 -54.09
CA PRO E 272 -15.32 -8.60 -52.94
C PRO E 272 -14.65 -9.22 -51.73
N GLY E 273 -15.09 -8.83 -50.55
CA GLY E 273 -14.53 -9.40 -49.34
C GLY E 273 -15.66 -9.97 -48.49
N ARG E 274 -16.76 -9.20 -48.41
CA ARG E 274 -17.90 -9.62 -47.61
C ARG E 274 -18.58 -10.84 -48.23
N ARG E 275 -19.85 -11.03 -47.90
CA ARG E 275 -20.56 -12.17 -48.42
C ARG E 275 -20.80 -12.03 -49.90
N GLY E 276 -19.83 -12.46 -50.70
CA GLY E 276 -19.99 -12.35 -52.14
C GLY E 276 -20.10 -10.91 -52.60
N TYR E 277 -20.18 -9.99 -51.65
CA TYR E 277 -20.31 -8.58 -51.97
C TYR E 277 -19.00 -7.80 -51.98
N PRO E 278 -18.96 -6.70 -52.77
CA PRO E 278 -17.81 -5.81 -52.92
C PRO E 278 -17.05 -5.45 -51.64
N GLY E 279 -15.75 -5.72 -51.61
CA GLY E 279 -14.93 -5.43 -50.45
C GLY E 279 -14.83 -3.94 -50.11
N TYR E 280 -15.73 -3.17 -50.69
CA TYR E 280 -15.75 -1.75 -50.44
C TYR E 280 -17.18 -1.29 -50.37
N MET E 281 -18.12 -2.23 -50.19
CA MET E 281 -19.56 -1.88 -50.04
C MET E 281 -19.78 -0.61 -49.16
N TYR E 282 -19.48 -0.69 -47.88
CA TYR E 282 -19.64 0.46 -47.00
C TYR E 282 -19.05 1.70 -47.63
N THR E 283 -17.90 1.54 -48.31
CA THR E 283 -17.19 2.64 -48.94
C THR E 283 -18.13 3.60 -49.71
N ASP E 284 -19.11 3.05 -50.43
CA ASP E 284 -20.08 3.86 -51.19
C ASP E 284 -21.17 4.43 -50.28
N LEU E 285 -21.65 3.60 -49.37
CA LEU E 285 -22.67 3.98 -48.44
C LEU E 285 -22.26 5.25 -47.73
N ALA E 286 -21.07 5.75 -48.02
CA ALA E 286 -20.58 6.95 -47.39
C ALA E 286 -21.45 8.14 -47.72
N THR E 287 -21.40 8.58 -48.98
CA THR E 287 -22.19 9.73 -49.37
C THR E 287 -23.65 9.39 -49.24
N ILE E 288 -23.94 8.12 -49.07
CA ILE E 288 -25.31 7.67 -48.91
C ILE E 288 -26.07 8.60 -47.97
N TYR E 289 -25.88 8.45 -46.66
CA TYR E 289 -26.61 9.30 -45.74
C TYR E 289 -25.73 10.36 -45.16
N GLU E 290 -24.43 10.27 -45.44
CA GLU E 290 -23.46 11.22 -44.94
C GLU E 290 -23.87 12.64 -45.31
N ARG E 291 -24.94 12.77 -46.07
CA ARG E 291 -25.43 14.05 -46.53
C ARG E 291 -26.72 14.48 -45.83
N ALA E 292 -27.27 13.57 -45.03
CA ALA E 292 -28.49 13.85 -44.29
C ALA E 292 -28.13 14.47 -42.94
N GLY E 293 -29.11 15.12 -42.30
CA GLY E 293 -28.87 15.76 -41.01
C GLY E 293 -29.60 17.09 -40.83
N VAL E 294 -29.14 17.92 -39.91
CA VAL E 294 -29.71 19.25 -39.66
C VAL E 294 -28.60 20.27 -39.41
N VAL E 295 -28.85 21.53 -39.77
CA VAL E 295 -27.85 22.58 -39.61
C VAL E 295 -28.10 23.57 -38.46
N GLU E 296 -27.01 24.07 -37.88
CA GLU E 296 -27.08 25.02 -36.77
C GLU E 296 -27.63 26.37 -37.20
N GLY E 297 -28.74 26.75 -36.58
CA GLY E 297 -29.36 28.01 -36.92
C GLY E 297 -30.03 28.01 -38.28
N LYS E 298 -29.49 27.28 -39.26
CA LYS E 298 -30.08 27.22 -40.60
C LYS E 298 -31.39 26.41 -40.59
N LYS E 299 -32.41 26.96 -41.23
CA LYS E 299 -33.73 26.33 -41.28
C LYS E 299 -33.82 25.13 -42.25
N GLY E 300 -32.75 24.90 -43.01
CA GLY E 300 -32.75 23.78 -43.94
C GLY E 300 -32.58 22.48 -43.18
N SER E 301 -33.54 21.55 -43.37
CA SER E 301 -33.50 20.26 -42.69
C SER E 301 -33.88 19.13 -43.64
N VAL E 302 -32.87 18.49 -44.22
CA VAL E 302 -33.05 17.37 -45.14
C VAL E 302 -32.77 16.08 -44.39
N THR E 303 -33.49 15.01 -44.73
CA THR E 303 -33.27 13.72 -44.08
C THR E 303 -34.01 12.62 -44.86
N GLN E 304 -33.21 11.71 -45.40
CA GLN E 304 -33.64 10.57 -46.21
C GLN E 304 -34.18 9.42 -45.38
N ILE E 305 -35.35 8.91 -45.76
CA ILE E 305 -35.94 7.79 -45.04
C ILE E 305 -35.70 6.49 -45.76
N PRO E 306 -34.65 5.77 -45.37
CA PRO E 306 -34.30 4.49 -45.96
C PRO E 306 -35.45 3.49 -45.86
N ILE E 307 -35.95 3.08 -47.00
CA ILE E 307 -37.02 2.11 -47.02
C ILE E 307 -36.70 1.14 -48.12
N LEU E 308 -36.21 -0.04 -47.75
CA LEU E 308 -35.90 -1.06 -48.73
C LEU E 308 -35.92 -2.43 -48.11
N SER E 309 -36.45 -3.37 -48.88
CA SER E 309 -36.57 -4.74 -48.45
C SER E 309 -35.24 -5.47 -48.43
N MET E 310 -35.06 -6.32 -47.42
CA MET E 310 -33.83 -7.08 -47.33
C MET E 310 -34.02 -8.35 -48.15
N PRO E 311 -32.92 -9.04 -48.46
CA PRO E 311 -32.86 -10.27 -49.24
C PRO E 311 -34.10 -11.13 -49.07
N ASP E 312 -33.92 -12.30 -48.48
CA ASP E 312 -35.06 -13.17 -48.25
C ASP E 312 -35.84 -12.51 -47.16
N ASP E 313 -35.22 -12.37 -46.00
CA ASP E 313 -35.85 -11.75 -44.85
C ASP E 313 -34.87 -11.69 -43.69
N ASP E 314 -33.58 -11.91 -43.96
CA ASP E 314 -32.57 -11.88 -42.90
C ASP E 314 -31.73 -10.59 -42.90
N ARG E 315 -31.50 -10.04 -41.72
CA ARG E 315 -30.70 -8.83 -41.63
C ARG E 315 -29.22 -9.21 -41.67
N THR E 316 -28.93 -10.50 -41.54
CA THR E 316 -27.56 -11.02 -41.57
C THR E 316 -26.86 -10.38 -42.73
N HIS E 317 -27.58 -10.26 -43.84
CA HIS E 317 -27.04 -9.67 -45.05
C HIS E 317 -26.57 -8.25 -44.81
N PRO E 318 -25.50 -7.83 -45.50
CA PRO E 318 -25.02 -6.47 -45.31
C PRO E 318 -26.04 -5.44 -45.81
N ILE E 319 -26.86 -5.87 -46.76
CA ILE E 319 -27.89 -5.01 -47.33
C ILE E 319 -28.46 -4.22 -46.17
N PRO E 320 -28.93 -4.91 -45.13
CA PRO E 320 -29.49 -4.23 -43.96
C PRO E 320 -28.46 -3.94 -42.89
N ASP E 321 -27.49 -4.85 -42.79
CA ASP E 321 -26.43 -4.77 -41.81
C ASP E 321 -25.65 -3.48 -41.88
N LEU E 322 -25.03 -3.26 -43.03
CA LEU E 322 -24.23 -2.06 -43.22
C LEU E 322 -25.12 -0.89 -42.93
N THR E 323 -26.41 -1.09 -43.15
CA THR E 323 -27.41 -0.06 -42.93
C THR E 323 -27.48 0.33 -41.46
N GLY E 324 -27.43 -0.66 -40.60
CA GLY E 324 -27.49 -0.41 -39.16
C GLY E 324 -26.61 0.70 -38.61
N TYR E 325 -25.29 0.57 -38.78
CA TYR E 325 -24.38 1.61 -38.30
C TYR E 325 -24.66 2.92 -39.00
N ILE E 326 -24.45 2.94 -40.31
CA ILE E 326 -24.66 4.15 -41.11
C ILE E 326 -25.92 4.85 -40.63
N THR E 327 -27.07 4.31 -41.02
CA THR E 327 -28.36 4.85 -40.65
C THR E 327 -28.50 4.90 -39.12
N GLU E 328 -29.25 5.87 -38.64
CA GLU E 328 -29.47 6.00 -37.21
C GLU E 328 -30.62 5.07 -36.85
N GLY E 329 -30.35 4.15 -35.93
CA GLY E 329 -31.38 3.23 -35.49
C GLY E 329 -31.59 2.05 -36.42
N GLN E 330 -32.83 1.57 -36.47
CA GLN E 330 -33.21 0.44 -37.31
C GLN E 330 -34.65 -0.05 -37.02
N ILE E 331 -35.53 0.09 -38.01
CA ILE E 331 -36.90 -0.36 -37.83
C ILE E 331 -37.30 -1.37 -38.89
N GLN E 332 -38.13 -2.32 -38.48
CA GLN E 332 -38.57 -3.34 -39.39
C GLN E 332 -40.04 -3.63 -39.19
N LEU E 333 -40.52 -4.62 -39.92
CA LEU E 333 -41.91 -5.03 -39.88
C LEU E 333 -42.01 -6.53 -39.51
N SER E 334 -40.88 -7.23 -39.46
CA SER E 334 -40.85 -8.67 -39.14
C SER E 334 -41.76 -9.54 -39.98
N ARG E 335 -42.33 -8.95 -41.03
CA ARG E 335 -43.20 -9.64 -41.97
C ARG E 335 -44.17 -10.56 -41.26
N GLU E 336 -44.32 -10.37 -39.96
CA GLU E 336 -45.19 -11.21 -39.16
C GLU E 336 -46.52 -10.50 -38.88
N LEU E 337 -46.43 -9.19 -38.89
CA LEU E 337 -47.58 -8.39 -38.60
C LEU E 337 -48.56 -8.48 -39.75
N HIS E 338 -48.16 -7.96 -40.92
CA HIS E 338 -49.03 -7.96 -42.11
C HIS E 338 -49.39 -9.36 -42.58
N ARG E 339 -48.42 -10.25 -42.63
CA ARG E 339 -48.69 -11.62 -43.05
C ARG E 339 -49.85 -12.19 -42.24
N LYS E 340 -50.14 -11.55 -41.10
CA LYS E 340 -51.20 -12.00 -40.19
C LYS E 340 -52.42 -11.07 -40.11
N GLY E 341 -52.20 -9.77 -40.27
CA GLY E 341 -53.30 -8.80 -40.22
C GLY E 341 -52.94 -7.49 -39.53
N ILE E 342 -51.67 -7.34 -39.18
CA ILE E 342 -51.22 -6.13 -38.49
C ILE E 342 -50.78 -5.05 -39.47
N TYR E 343 -51.45 -3.90 -39.36
CA TYR E 343 -51.18 -2.82 -40.26
C TYR E 343 -51.36 -1.51 -39.49
N PRO E 344 -50.28 -0.71 -39.33
CA PRO E 344 -48.93 -0.98 -39.83
C PRO E 344 -48.34 -2.24 -39.22
N PRO E 345 -47.75 -3.09 -40.07
CA PRO E 345 -47.12 -4.35 -39.70
C PRO E 345 -45.68 -4.19 -39.21
N ILE E 346 -45.42 -3.13 -38.45
CA ILE E 346 -44.07 -2.87 -37.94
C ILE E 346 -43.84 -3.56 -36.59
N ASP E 347 -42.65 -4.13 -36.44
CA ASP E 347 -42.30 -4.83 -35.22
C ASP E 347 -41.35 -4.04 -34.35
N PRO E 348 -41.50 -4.17 -33.03
CA PRO E 348 -40.66 -3.48 -32.06
C PRO E 348 -39.30 -4.15 -31.81
N LEU E 349 -39.07 -5.31 -32.42
CA LEU E 349 -37.81 -6.00 -32.21
C LEU E 349 -36.62 -5.07 -32.47
N PRO E 350 -36.40 -4.67 -33.72
CA PRO E 350 -35.25 -3.79 -33.87
C PRO E 350 -35.59 -2.32 -33.80
N SER E 351 -36.84 -1.98 -34.00
CA SER E 351 -37.24 -0.59 -33.97
C SER E 351 -36.70 0.14 -32.75
N LEU E 352 -36.09 1.29 -33.01
CA LEU E 352 -35.49 2.15 -31.98
C LEU E 352 -34.52 3.13 -32.66
N SER E 353 -34.90 4.40 -32.79
CA SER E 353 -34.05 5.40 -33.46
C SER E 353 -32.91 6.07 -32.65
N ARG E 354 -31.88 6.55 -33.36
CA ARG E 354 -30.70 7.17 -32.73
C ARG E 354 -30.86 8.65 -32.37
N LEU E 355 -31.89 9.30 -32.90
CA LEU E 355 -32.10 10.70 -32.62
C LEU E 355 -33.46 10.86 -31.98
N MET E 356 -34.02 9.75 -31.51
CA MET E 356 -35.31 9.81 -30.86
C MET E 356 -35.14 10.33 -29.45
N ASN E 357 -34.00 10.01 -28.83
CA ASN E 357 -33.72 10.45 -27.46
C ASN E 357 -33.72 11.98 -27.28
N ASN E 358 -32.84 12.68 -27.98
CA ASN E 358 -32.78 14.15 -27.87
C ASN E 358 -33.85 14.84 -28.72
N GLY E 359 -34.89 15.33 -28.06
CA GLY E 359 -35.97 16.00 -28.77
C GLY E 359 -37.32 15.34 -28.58
N VAL E 360 -37.47 14.64 -27.46
CA VAL E 360 -38.71 13.95 -27.13
C VAL E 360 -38.90 13.93 -25.63
N GLY E 361 -39.87 13.15 -25.19
CA GLY E 361 -40.15 13.06 -23.77
C GLY E 361 -40.90 14.26 -23.27
N LYS E 362 -40.21 15.16 -22.57
CA LYS E 362 -40.86 16.35 -22.06
C LYS E 362 -40.59 17.57 -22.93
N GLY E 363 -41.47 18.56 -22.82
CA GLY E 363 -41.34 19.76 -23.61
C GLY E 363 -41.82 19.50 -25.03
N LYS E 364 -40.99 18.79 -25.80
CA LYS E 364 -41.28 18.44 -27.18
C LYS E 364 -42.64 17.76 -27.29
N THR E 365 -42.94 16.88 -26.35
CA THR E 365 -44.19 16.13 -26.35
C THR E 365 -44.60 15.77 -24.92
N ARG E 366 -45.60 14.89 -24.80
CA ARG E 366 -46.07 14.45 -23.49
C ARG E 366 -44.89 14.01 -22.63
N GLU E 367 -44.75 14.66 -21.48
CA GLU E 367 -43.66 14.39 -20.54
C GLU E 367 -43.61 12.96 -20.02
N ASP E 368 -44.72 12.23 -20.14
CA ASP E 368 -44.70 10.85 -19.68
C ASP E 368 -44.37 9.87 -20.80
N HIS E 369 -44.13 10.40 -22.00
CA HIS E 369 -43.75 9.59 -23.16
C HIS E 369 -42.34 9.08 -22.85
N LYS E 370 -41.44 10.01 -22.51
CA LYS E 370 -40.05 9.68 -22.16
C LYS E 370 -39.98 8.60 -21.08
N GLN E 371 -40.95 8.60 -20.17
CA GLN E 371 -40.97 7.63 -19.09
C GLN E 371 -41.57 6.31 -19.53
N VAL E 372 -42.69 6.35 -20.24
CA VAL E 372 -43.31 5.11 -20.70
C VAL E 372 -42.56 4.49 -21.87
N SER E 373 -41.51 5.15 -22.32
CA SER E 373 -40.68 4.68 -23.43
C SER E 373 -40.37 3.20 -23.26
N ASP E 374 -39.51 2.95 -22.28
CA ASP E 374 -39.02 1.64 -21.92
C ASP E 374 -40.05 0.74 -21.23
N GLN E 375 -40.88 1.34 -20.37
CA GLN E 375 -41.88 0.56 -19.64
C GLN E 375 -42.45 -0.50 -20.57
N LEU E 376 -43.05 -0.04 -21.67
CA LEU E 376 -43.62 -0.91 -22.68
C LEU E 376 -42.60 -1.93 -23.15
N TYR E 377 -41.37 -1.46 -23.41
CA TYR E 377 -40.33 -2.35 -23.90
C TYR E 377 -40.20 -3.69 -23.16
N SER E 378 -39.79 -3.66 -21.90
CA SER E 378 -39.63 -4.90 -21.13
C SER E 378 -40.93 -5.64 -20.88
N ALA E 379 -42.04 -4.92 -21.05
CA ALA E 379 -43.35 -5.49 -20.82
C ALA E 379 -43.82 -6.37 -21.95
N TYR E 380 -43.81 -5.83 -23.16
CA TYR E 380 -44.25 -6.60 -24.30
C TYR E 380 -43.32 -7.78 -24.54
N ALA E 381 -42.03 -7.48 -24.67
CA ALA E 381 -40.98 -8.47 -24.94
C ALA E 381 -41.15 -9.79 -24.22
N ASN E 382 -41.04 -9.71 -22.90
CA ASN E 382 -41.19 -10.88 -22.06
C ASN E 382 -42.60 -11.39 -22.21
N GLY E 383 -43.40 -10.65 -22.98
CA GLY E 383 -44.75 -11.05 -23.24
C GLY E 383 -44.72 -12.25 -24.15
N VAL E 384 -44.18 -12.07 -25.35
CA VAL E 384 -44.14 -13.18 -26.28
C VAL E 384 -43.29 -14.31 -25.72
N ASP E 385 -42.16 -13.93 -25.14
CA ASP E 385 -41.22 -14.87 -24.51
C ASP E 385 -42.07 -16.00 -23.93
N ILE E 386 -43.10 -15.59 -23.21
CA ILE E 386 -44.01 -16.49 -22.56
C ILE E 386 -44.70 -17.41 -23.57
N ARG E 387 -45.46 -16.81 -24.47
CA ARG E 387 -46.21 -17.57 -25.46
C ARG E 387 -45.37 -18.66 -26.09
N LYS E 388 -44.06 -18.52 -25.96
CA LYS E 388 -43.13 -19.48 -26.51
C LYS E 388 -43.20 -20.82 -25.79
N LEU E 389 -42.84 -20.81 -24.52
CA LEU E 389 -42.84 -22.02 -23.73
C LEU E 389 -44.25 -22.51 -23.50
N VAL E 390 -45.24 -21.69 -23.80
CA VAL E 390 -46.63 -22.10 -23.56
C VAL E 390 -47.01 -23.37 -24.30
N ALA E 391 -46.79 -23.36 -25.61
CA ALA E 391 -47.12 -24.54 -26.40
C ALA E 391 -46.07 -25.59 -26.08
N ILE E 392 -45.12 -25.23 -25.21
CA ILE E 392 -44.03 -26.13 -24.82
C ILE E 392 -44.29 -26.99 -23.60
N ILE E 393 -45.27 -26.62 -22.79
CA ILE E 393 -45.59 -27.35 -21.56
C ILE E 393 -47.10 -27.42 -21.36
N GLY E 394 -47.80 -26.49 -22.00
CA GLY E 394 -49.25 -26.41 -21.88
C GLY E 394 -49.61 -25.00 -21.49
N GLU E 395 -50.65 -24.47 -22.12
CA GLU E 395 -51.12 -23.12 -21.85
C GLU E 395 -51.21 -22.89 -20.35
N ASP E 396 -51.20 -23.98 -19.59
CA ASP E 396 -51.28 -23.89 -18.15
C ASP E 396 -50.08 -24.58 -17.52
N ALA E 397 -49.23 -23.77 -16.90
CA ALA E 397 -48.02 -24.24 -16.24
C ALA E 397 -47.36 -22.97 -15.77
N LEU E 398 -48.15 -21.90 -15.71
CA LEU E 398 -47.66 -20.59 -15.33
C LEU E 398 -48.47 -19.97 -14.18
N THR E 399 -48.01 -18.82 -13.69
CA THR E 399 -48.66 -18.11 -12.58
C THR E 399 -49.03 -16.63 -12.90
N GLU E 400 -49.42 -15.87 -11.88
CA GLU E 400 -49.80 -14.46 -12.05
C GLU E 400 -48.62 -13.69 -12.64
N ASN E 401 -47.44 -14.29 -12.55
CA ASN E 401 -46.20 -13.70 -13.04
C ASN E 401 -46.18 -13.73 -14.56
N ASP E 402 -47.05 -14.52 -15.15
CA ASP E 402 -47.09 -14.63 -16.60
C ASP E 402 -48.46 -14.24 -17.15
N ARG E 403 -49.52 -14.68 -16.47
CA ARG E 403 -50.87 -14.37 -16.94
C ARG E 403 -51.07 -12.89 -17.18
N ARG E 404 -50.14 -12.08 -16.69
CA ARG E 404 -50.26 -10.65 -16.88
C ARG E 404 -49.41 -10.13 -18.05
N TYR E 405 -48.19 -10.63 -18.19
CA TYR E 405 -47.30 -10.20 -19.28
C TYR E 405 -47.88 -10.75 -20.58
N LEU E 406 -48.63 -11.83 -20.44
CA LEU E 406 -49.27 -12.50 -21.58
C LEU E 406 -50.17 -11.53 -22.31
N GLN E 407 -51.32 -11.26 -21.70
CA GLN E 407 -52.27 -10.34 -22.30
C GLN E 407 -51.55 -9.08 -22.78
N PHE E 408 -50.33 -8.87 -22.29
CA PHE E 408 -49.56 -7.69 -22.69
C PHE E 408 -49.06 -7.85 -24.10
N ALA E 409 -49.03 -9.07 -24.58
CA ALA E 409 -48.56 -9.34 -25.92
C ALA E 409 -49.68 -9.22 -26.94
N ASP E 410 -50.91 -9.36 -26.50
CA ASP E 410 -52.04 -9.26 -27.41
C ASP E 410 -52.41 -7.81 -27.57
N ALA E 411 -52.58 -7.16 -26.44
CA ALA E 411 -52.94 -5.76 -26.44
C ALA E 411 -52.00 -4.98 -27.34
N PHE E 412 -50.72 -5.28 -27.22
CA PHE E 412 -49.76 -4.56 -28.01
C PHE E 412 -49.87 -5.00 -29.46
N GLU E 413 -50.21 -6.28 -29.65
CA GLU E 413 -50.31 -6.87 -30.98
C GLU E 413 -51.14 -6.04 -31.96
N ARG E 414 -52.10 -6.66 -32.65
CA ARG E 414 -52.94 -5.95 -33.62
C ARG E 414 -53.78 -4.91 -32.93
N PHE E 415 -53.75 -4.95 -31.61
CA PHE E 415 -54.53 -4.02 -30.86
C PHE E 415 -53.89 -2.65 -30.99
N PHE E 416 -52.61 -2.52 -30.67
CA PHE E 416 -51.94 -1.23 -30.79
C PHE E 416 -51.28 -0.99 -32.14
N ILE E 417 -50.34 -1.86 -32.48
CA ILE E 417 -49.60 -1.74 -33.74
C ILE E 417 -50.46 -1.60 -34.98
N ASN E 418 -51.34 -2.57 -35.22
CA ASN E 418 -52.21 -2.49 -36.36
C ASN E 418 -53.20 -1.37 -36.10
N GLN E 419 -53.85 -0.94 -37.18
CA GLN E 419 -54.84 0.11 -37.14
C GLN E 419 -55.25 0.49 -38.57
N GLY E 420 -54.47 0.07 -39.57
CA GLY E 420 -54.80 0.37 -40.96
C GLY E 420 -54.34 1.78 -41.34
N GLN E 421 -55.05 2.41 -42.25
CA GLN E 421 -54.68 3.76 -42.65
C GLN E 421 -55.05 4.75 -41.55
N GLN E 422 -55.62 4.24 -40.46
CA GLN E 422 -56.01 5.08 -39.33
C GLN E 422 -55.00 6.20 -39.15
N ASN E 423 -55.48 7.42 -38.90
CA ASN E 423 -54.59 8.55 -38.70
C ASN E 423 -54.45 8.92 -37.21
N ARG E 424 -53.84 8.02 -36.44
CA ARG E 424 -53.63 8.23 -34.99
C ARG E 424 -52.55 9.27 -34.69
N SER E 425 -52.92 10.36 -34.02
CA SER E 425 -51.96 11.40 -33.68
C SER E 425 -51.24 11.06 -32.39
N ILE E 426 -50.20 11.82 -32.07
CA ILE E 426 -49.41 11.60 -30.87
C ILE E 426 -50.25 11.72 -29.60
N GLU E 427 -51.37 12.40 -29.72
CA GLU E 427 -52.26 12.59 -28.60
C GLU E 427 -53.06 11.30 -28.34
N GLU E 428 -53.90 10.97 -29.32
CA GLU E 428 -54.78 9.81 -29.30
C GLU E 428 -53.96 8.55 -29.03
N SER E 429 -52.79 8.49 -29.65
CA SER E 429 -51.90 7.36 -29.47
C SER E 429 -51.61 7.09 -28.00
N LEU E 430 -50.74 7.90 -27.41
CA LEU E 430 -50.34 7.77 -26.01
C LEU E 430 -51.47 7.80 -24.99
N GLN E 431 -52.42 8.68 -25.22
CA GLN E 431 -53.58 8.83 -24.34
C GLN E 431 -54.06 7.46 -23.87
N ILE E 432 -54.23 6.57 -24.83
CA ILE E 432 -54.68 5.23 -24.54
C ILE E 432 -53.50 4.28 -24.38
N ALA E 433 -52.31 4.73 -24.80
CA ALA E 433 -51.12 3.89 -24.68
C ALA E 433 -51.02 3.35 -23.26
N TRP E 434 -51.69 4.04 -22.34
CA TRP E 434 -51.70 3.66 -20.95
C TRP E 434 -52.84 2.67 -20.67
N ALA E 435 -53.94 2.81 -21.38
CA ALA E 435 -55.10 1.95 -21.19
C ALA E 435 -54.68 0.48 -21.31
N LEU E 436 -53.44 0.27 -21.74
CA LEU E 436 -52.89 -1.07 -21.91
C LEU E 436 -52.17 -1.51 -20.65
N LEU E 437 -51.64 -0.55 -19.91
CA LEU E 437 -50.91 -0.83 -18.69
C LEU E 437 -51.84 -0.77 -17.48
N SER E 438 -53.13 -0.70 -17.74
CA SER E 438 -54.16 -0.64 -16.70
C SER E 438 -54.09 -1.88 -15.78
N MET E 439 -53.84 -3.03 -16.39
CA MET E 439 -53.77 -4.29 -15.64
C MET E 439 -52.50 -4.37 -14.82
N LEU E 440 -51.39 -4.05 -15.47
CA LEU E 440 -50.10 -4.09 -14.80
C LEU E 440 -50.09 -3.09 -13.66
N PRO E 441 -49.77 -3.56 -12.45
CA PRO E 441 -49.72 -2.70 -11.26
C PRO E 441 -48.49 -1.80 -11.28
N GLN E 442 -48.46 -0.83 -10.38
CA GLN E 442 -47.35 0.10 -10.28
C GLN E 442 -46.12 -0.58 -9.68
N GLY E 443 -46.31 -1.77 -9.12
CA GLY E 443 -45.22 -2.52 -8.53
C GLY E 443 -44.48 -3.38 -9.53
N GLU E 444 -45.22 -4.08 -10.38
CA GLU E 444 -44.64 -4.95 -11.39
C GLU E 444 -43.75 -4.18 -12.36
N LEU E 445 -43.92 -2.85 -12.39
CA LEU E 445 -43.14 -1.99 -13.26
C LEU E 445 -42.15 -1.20 -12.41
N LYS E 446 -40.98 -0.93 -12.94
CA LYS E 446 -39.97 -0.16 -12.22
C LYS E 446 -39.21 0.75 -13.16
N ARG E 447 -39.72 0.89 -14.38
CA ARG E 447 -39.07 1.74 -15.38
C ARG E 447 -39.34 3.22 -15.15
N ILE E 448 -40.61 3.57 -14.90
CA ILE E 448 -41.02 4.95 -14.66
C ILE E 448 -41.10 5.23 -13.15
N SER E 449 -41.19 6.50 -12.79
CA SER E 449 -41.29 6.89 -11.38
C SER E 449 -42.61 6.39 -10.78
N LYS E 450 -43.03 7.07 -9.71
CA LYS E 450 -44.27 6.73 -9.02
C LYS E 450 -45.26 7.87 -9.26
N ASP E 451 -44.81 8.91 -9.93
CA ASP E 451 -45.66 10.07 -10.21
C ASP E 451 -46.35 9.97 -11.57
N HIS E 452 -45.57 9.63 -12.59
CA HIS E 452 -46.13 9.52 -13.93
C HIS E 452 -46.96 8.26 -14.08
N ILE E 453 -46.72 7.28 -13.22
CA ILE E 453 -47.47 6.03 -13.27
C ILE E 453 -48.92 6.26 -12.83
N GLY E 454 -49.13 7.25 -11.96
CA GLY E 454 -50.46 7.56 -11.50
C GLY E 454 -51.08 8.70 -12.29
N LYS E 455 -50.30 9.27 -13.21
CA LYS E 455 -50.76 10.39 -14.04
C LYS E 455 -51.95 10.03 -14.94
N TYR E 456 -51.73 9.10 -15.87
CA TYR E 456 -52.78 8.66 -16.78
C TYR E 456 -52.85 7.14 -16.80
N TYR E 457 -53.18 6.57 -15.64
CA TYR E 457 -53.28 5.13 -15.43
C TYR E 457 -54.56 4.53 -16.02
N GLU F 1 29.20 -3.42 -51.73
CA GLU F 1 28.27 -2.26 -51.71
C GLU F 1 27.20 -2.40 -52.80
N TYR F 2 25.96 -2.08 -52.44
CA TYR F 2 24.82 -2.17 -53.36
C TYR F 2 23.90 -0.96 -53.26
N THR F 3 24.16 0.06 -54.08
CA THR F 3 23.33 1.27 -54.08
C THR F 3 22.34 1.27 -55.22
N GLY F 4 22.67 0.53 -56.29
CA GLY F 4 21.80 0.44 -57.44
C GLY F 4 20.42 -0.01 -57.01
N ILE F 5 19.62 0.93 -56.55
CA ILE F 5 18.28 0.67 -56.08
C ILE F 5 17.28 0.48 -57.22
N THR F 6 16.13 -0.09 -56.92
CA THR F 6 15.10 -0.32 -57.93
C THR F 6 13.65 -0.26 -57.43
N TYR F 7 13.44 -0.64 -56.16
CA TYR F 7 12.09 -0.64 -55.59
C TYR F 7 12.07 -0.68 -54.06
N ILE F 8 11.26 0.18 -53.47
CA ILE F 8 11.11 0.22 -52.02
C ILE F 8 9.66 0.49 -51.66
N SER F 9 9.15 -0.25 -50.66
CA SER F 9 7.77 -0.10 -50.21
C SER F 9 7.34 -1.26 -49.31
N GLY F 10 7.27 -1.01 -48.01
CA GLY F 10 6.89 -2.04 -47.08
C GLY F 10 8.07 -2.94 -46.74
N PRO F 11 7.85 -4.01 -45.95
CA PRO F 11 8.94 -4.93 -45.59
C PRO F 11 9.47 -5.69 -46.79
N LEU F 12 9.16 -5.18 -47.98
CA LEU F 12 9.58 -5.80 -49.23
C LEU F 12 10.54 -4.88 -49.99
N LEU F 13 11.71 -5.39 -50.36
CA LEU F 13 12.68 -4.59 -51.10
C LEU F 13 13.11 -5.26 -52.41
N PHE F 14 13.68 -4.46 -53.29
CA PHE F 14 14.13 -4.95 -54.59
C PHE F 14 15.25 -4.08 -55.16
N VAL F 15 16.28 -4.72 -55.72
CA VAL F 15 17.42 -3.98 -56.28
C VAL F 15 18.28 -4.78 -57.27
N GLU F 16 18.79 -4.11 -58.29
CA GLU F 16 19.65 -4.75 -59.29
C GLU F 16 21.12 -4.41 -59.00
N ASN F 17 22.01 -4.85 -59.89
CA ASN F 17 23.45 -4.63 -59.71
C ASN F 17 24.07 -5.70 -58.84
N ALA F 18 23.40 -6.85 -58.72
CA ALA F 18 23.91 -7.94 -57.89
C ALA F 18 23.78 -9.30 -58.61
N LYS F 19 24.76 -9.60 -59.46
CA LYS F 19 24.78 -10.86 -60.22
C LYS F 19 25.41 -12.00 -59.41
N ASP F 20 25.60 -11.76 -58.11
CA ASP F 20 26.18 -12.76 -57.25
C ASP F 20 25.59 -12.67 -55.86
N LEU F 21 25.21 -13.83 -55.35
CA LEU F 21 24.66 -13.96 -54.02
C LEU F 21 24.01 -15.33 -53.89
N ALA F 22 23.87 -15.77 -52.64
CA ALA F 22 23.29 -17.06 -52.34
C ALA F 22 22.01 -16.88 -51.55
N TYR F 23 21.36 -17.98 -51.22
CA TYR F 23 20.13 -17.91 -50.45
C TYR F 23 20.46 -17.72 -48.97
N GLY F 24 19.89 -16.69 -48.38
CA GLY F 24 20.11 -16.40 -46.98
C GLY F 24 21.40 -15.68 -46.68
N ALA F 25 21.37 -14.36 -46.71
CA ALA F 25 22.55 -13.53 -46.42
C ALA F 25 22.17 -12.24 -45.70
N ILE F 26 22.88 -11.92 -44.62
CA ILE F 26 22.60 -10.71 -43.84
C ILE F 26 23.28 -9.49 -44.44
N VAL F 27 22.46 -8.53 -44.88
CA VAL F 27 22.94 -7.28 -45.48
C VAL F 27 22.45 -6.12 -44.62
N ASP F 28 22.85 -4.91 -45.00
CA ASP F 28 22.41 -3.74 -44.28
C ASP F 28 21.67 -2.83 -45.24
N ILE F 29 21.07 -1.78 -44.71
CA ILE F 29 20.28 -0.88 -45.53
C ILE F 29 20.44 0.58 -45.13
N LYS F 30 21.50 1.21 -45.60
CA LYS F 30 21.73 2.61 -45.30
C LYS F 30 20.58 3.43 -45.88
N ASP F 31 19.99 4.28 -45.05
CA ASP F 31 18.88 5.12 -45.48
C ASP F 31 19.35 6.56 -45.61
N GLY F 32 18.43 7.44 -45.97
CA GLY F 32 18.77 8.84 -46.12
C GLY F 32 18.79 9.58 -44.79
N THR F 33 18.05 9.05 -43.83
CA THR F 33 17.97 9.66 -42.50
C THR F 33 19.13 9.19 -41.59
N GLY F 34 20.02 8.37 -42.15
CA GLY F 34 21.15 7.85 -41.41
C GLY F 34 20.78 6.63 -40.57
N ARG F 35 19.69 5.97 -40.97
CA ARG F 35 19.18 4.82 -40.24
C ARG F 35 19.33 3.55 -41.07
N VAL F 36 20.31 2.73 -40.74
CA VAL F 36 20.57 1.50 -41.47
C VAL F 36 19.75 0.33 -40.90
N ARG F 37 19.55 -0.69 -41.74
CA ARG F 37 18.82 -1.88 -41.34
C ARG F 37 19.58 -3.13 -41.80
N GLY F 38 19.08 -4.32 -41.43
CA GLY F 38 19.74 -5.55 -41.81
C GLY F 38 19.25 -6.03 -43.16
N GLY F 39 18.47 -7.12 -43.16
CA GLY F 39 17.92 -7.64 -44.39
C GLY F 39 18.48 -8.98 -44.85
N GLN F 40 17.62 -9.97 -45.07
CA GLN F 40 18.09 -11.27 -45.52
C GLN F 40 17.95 -11.43 -47.03
N VAL F 41 18.98 -12.04 -47.60
CA VAL F 41 19.04 -12.31 -49.03
C VAL F 41 18.16 -13.51 -49.43
N ILE F 42 16.86 -13.29 -49.33
CA ILE F 42 15.84 -14.28 -49.64
C ILE F 42 16.07 -14.96 -50.98
N GLU F 43 15.16 -14.74 -51.92
CA GLU F 43 15.30 -15.31 -53.26
C GLU F 43 16.18 -14.38 -54.08
N VAL F 44 17.24 -14.93 -54.64
CA VAL F 44 18.19 -14.16 -55.43
C VAL F 44 17.98 -14.33 -56.94
N SER F 45 18.36 -13.32 -57.70
CA SER F 45 18.22 -13.37 -59.14
C SER F 45 19.51 -12.81 -59.73
N GLU F 46 19.68 -13.02 -61.03
CA GLU F 46 20.83 -12.57 -61.78
C GLU F 46 21.00 -11.05 -61.75
N GLU F 47 20.10 -10.33 -62.40
CA GLU F 47 20.18 -8.88 -62.47
C GLU F 47 19.93 -8.21 -61.12
N TYR F 48 18.96 -8.74 -60.40
CA TYR F 48 18.56 -8.23 -59.10
C TYR F 48 18.14 -9.39 -58.22
N ALA F 49 17.53 -9.06 -57.08
CA ALA F 49 17.07 -10.08 -56.15
C ALA F 49 16.11 -9.52 -55.11
N VAL F 50 15.56 -10.42 -54.29
CA VAL F 50 14.60 -10.07 -53.26
C VAL F 50 15.25 -9.81 -51.91
N ILE F 51 14.90 -8.68 -51.29
CA ILE F 51 15.46 -8.29 -50.00
C ILE F 51 14.48 -8.52 -48.87
N GLN F 52 15.00 -8.73 -47.67
CA GLN F 52 14.15 -8.94 -46.50
C GLN F 52 14.46 -7.98 -45.35
N VAL F 53 13.69 -6.91 -45.23
CA VAL F 53 13.93 -5.96 -44.15
C VAL F 53 13.24 -6.40 -42.87
N PHE F 54 13.88 -6.10 -41.74
CA PHE F 54 13.35 -6.48 -40.44
C PHE F 54 12.18 -5.60 -40.03
N GLU F 55 12.42 -4.30 -40.01
CA GLU F 55 11.39 -3.33 -39.64
C GLU F 55 10.81 -2.69 -40.89
N GLU F 56 9.66 -2.03 -40.73
CA GLU F 56 8.97 -1.34 -41.82
C GLU F 56 9.80 -0.19 -42.41
N THR F 57 10.05 -0.26 -43.73
CA THR F 57 10.85 0.77 -44.41
C THR F 57 10.25 2.17 -44.28
N THR F 58 10.34 2.75 -43.09
CA THR F 58 9.81 4.08 -42.83
C THR F 58 10.76 5.16 -43.31
N GLY F 59 10.20 6.12 -44.05
CA GLY F 59 11.00 7.22 -44.56
C GLY F 59 12.22 6.77 -45.33
N LEU F 60 12.06 5.70 -46.10
CA LEU F 60 13.15 5.18 -46.89
C LEU F 60 13.00 5.56 -48.36
N ASP F 61 14.14 5.69 -49.03
CA ASP F 61 14.18 6.06 -50.44
C ASP F 61 15.29 5.32 -51.16
N LEU F 62 14.97 4.83 -52.35
CA LEU F 62 15.90 4.08 -53.18
C LEU F 62 17.20 4.82 -53.47
N ALA F 63 17.09 6.00 -54.06
CA ALA F 63 18.28 6.80 -54.39
C ALA F 63 19.34 6.70 -53.29
N THR F 64 18.94 7.05 -52.06
CA THR F 64 19.85 7.04 -50.90
C THR F 64 19.88 5.75 -50.08
N THR F 65 19.33 4.68 -50.65
CA THR F 65 19.31 3.38 -49.99
C THR F 65 20.64 2.69 -50.19
N SER F 66 21.18 2.11 -49.12
CA SER F 66 22.45 1.41 -49.22
C SER F 66 22.43 0.09 -48.49
N VAL F 67 22.84 -0.95 -49.19
CA VAL F 67 22.87 -2.28 -48.61
C VAL F 67 24.30 -2.76 -48.54
N SER F 68 24.56 -3.73 -47.69
CA SER F 68 25.89 -4.27 -47.57
C SER F 68 25.86 -5.73 -47.17
N LEU F 69 26.26 -6.63 -48.08
CA LEU F 69 26.29 -8.06 -47.76
C LEU F 69 27.31 -8.26 -46.66
N VAL F 70 26.82 -8.66 -45.50
CA VAL F 70 27.64 -8.87 -44.34
C VAL F 70 28.06 -10.34 -44.30
N GLU F 71 27.08 -11.22 -44.50
CA GLU F 71 27.34 -12.65 -44.45
C GLU F 71 26.55 -13.38 -45.51
N ASP F 72 27.00 -14.59 -45.87
CA ASP F 72 26.31 -15.37 -46.87
C ASP F 72 25.27 -16.33 -46.31
N VAL F 73 25.24 -16.47 -44.98
CA VAL F 73 24.29 -17.33 -44.25
C VAL F 73 24.29 -16.86 -42.78
N ALA F 74 23.11 -16.84 -42.15
CA ALA F 74 22.96 -16.35 -40.77
C ALA F 74 23.61 -17.18 -39.65
N ARG F 75 23.91 -16.51 -38.54
CA ARG F 75 24.59 -17.15 -37.41
C ARG F 75 24.34 -16.61 -35.98
N LEU F 76 24.67 -15.34 -35.77
CA LEU F 76 24.54 -14.68 -34.47
C LEU F 76 25.35 -15.41 -33.39
N GLY F 77 25.53 -14.75 -32.26
CA GLY F 77 26.25 -15.34 -31.16
C GLY F 77 25.67 -16.70 -30.85
N VAL F 78 26.24 -17.41 -29.89
CA VAL F 78 25.72 -18.73 -29.54
C VAL F 78 26.40 -19.38 -28.33
N SER F 79 27.09 -18.57 -27.53
CA SER F 79 27.74 -19.09 -26.33
C SER F 79 26.73 -18.99 -25.17
N LYS F 80 27.00 -19.72 -24.09
CA LYS F 80 26.13 -19.69 -22.93
C LYS F 80 26.58 -18.56 -22.00
N GLU F 81 27.54 -17.77 -22.49
CA GLU F 81 28.10 -16.64 -21.75
C GLU F 81 27.01 -15.69 -21.24
N MET F 82 26.13 -15.29 -22.15
CA MET F 82 25.07 -14.36 -21.81
C MET F 82 23.83 -14.99 -21.20
N LEU F 83 23.98 -15.65 -20.05
CA LEU F 83 22.84 -16.27 -19.40
C LEU F 83 22.10 -15.35 -18.45
N GLY F 84 20.79 -15.23 -18.67
CA GLY F 84 19.96 -14.38 -17.82
C GLY F 84 19.75 -13.01 -18.43
N ARG F 85 20.37 -12.80 -19.58
CA ARG F 85 20.28 -11.51 -20.28
C ARG F 85 18.97 -11.29 -21.05
N ARG F 86 18.73 -10.05 -21.46
CA ARG F 86 17.51 -9.66 -22.19
C ARG F 86 17.87 -9.26 -23.64
N PHE F 87 17.12 -9.81 -24.60
CA PHE F 87 17.34 -9.51 -26.02
C PHE F 87 15.98 -9.37 -26.70
N ASN F 88 16.00 -9.12 -28.01
CA ASN F 88 14.76 -8.97 -28.77
C ASN F 88 14.73 -9.97 -29.93
N GLY F 89 13.65 -9.94 -30.70
CA GLY F 89 13.52 -10.84 -31.84
C GLY F 89 14.86 -11.25 -32.41
N ILE F 90 15.63 -10.27 -32.86
CA ILE F 90 16.94 -10.53 -33.42
C ILE F 90 17.77 -11.36 -32.44
N GLY F 91 18.22 -10.70 -31.37
CA GLY F 91 19.03 -11.38 -30.38
C GLY F 91 20.28 -10.58 -30.07
N LYS F 92 20.10 -9.43 -29.41
CA LYS F 92 21.20 -8.56 -29.03
C LYS F 92 20.82 -7.70 -27.83
N PRO F 93 21.83 -7.13 -27.15
CA PRO F 93 21.63 -6.28 -25.96
C PRO F 93 20.53 -5.21 -26.07
N ILE F 94 19.42 -5.46 -25.39
CA ILE F 94 18.29 -4.53 -25.39
C ILE F 94 17.85 -4.31 -23.94
N ASP F 95 18.68 -4.76 -23.01
CA ASP F 95 18.40 -4.65 -21.59
C ASP F 95 19.23 -3.55 -20.95
N GLY F 96 20.25 -3.08 -21.66
CA GLY F 96 21.10 -2.03 -21.14
C GLY F 96 22.52 -2.47 -20.85
N LEU F 97 22.67 -3.74 -20.47
CA LEU F 97 23.99 -4.30 -20.15
C LEU F 97 24.81 -4.47 -21.43
N PRO F 98 26.05 -3.95 -21.44
CA PRO F 98 26.96 -4.03 -22.59
C PRO F 98 27.03 -5.41 -23.25
N PRO F 99 27.31 -5.43 -24.57
CA PRO F 99 27.43 -6.66 -25.37
C PRO F 99 28.52 -7.59 -24.86
N ILE F 100 28.60 -8.76 -25.47
CA ILE F 100 29.59 -9.76 -25.06
C ILE F 100 29.95 -10.68 -26.21
N THR F 101 31.11 -11.33 -26.12
CA THR F 101 31.55 -12.22 -27.19
C THR F 101 31.08 -13.65 -26.97
N PRO F 102 30.54 -14.27 -28.03
CA PRO F 102 30.05 -15.64 -27.98
C PRO F 102 31.13 -16.64 -28.36
N GLU F 103 30.73 -17.85 -28.75
CA GLU F 103 31.68 -18.88 -29.14
C GLU F 103 31.92 -18.92 -30.65
N LYS F 104 30.90 -19.32 -31.41
CA LYS F 104 30.98 -19.38 -32.86
C LYS F 104 29.59 -19.13 -33.45
N ARG F 105 29.48 -18.11 -34.30
CA ARG F 105 28.21 -17.79 -34.90
C ARG F 105 27.74 -18.92 -35.82
N LEU F 106 26.61 -19.54 -35.47
CA LEU F 106 26.05 -20.65 -36.26
C LEU F 106 24.60 -20.39 -36.65
N PRO F 107 24.17 -20.96 -37.80
CA PRO F 107 22.79 -20.78 -38.25
C PRO F 107 21.81 -21.46 -37.32
N ILE F 108 21.15 -20.64 -36.51
CA ILE F 108 20.16 -21.09 -35.54
C ILE F 108 18.94 -21.69 -36.23
N THR F 109 18.97 -21.69 -37.56
CA THR F 109 17.90 -22.20 -38.40
C THR F 109 17.23 -23.44 -37.81
N GLY F 110 18.05 -24.40 -37.39
CA GLY F 110 17.48 -25.63 -36.84
C GLY F 110 17.52 -26.66 -37.93
N LEU F 111 18.71 -27.15 -38.21
CA LEU F 111 18.91 -28.16 -39.23
C LEU F 111 18.40 -29.49 -38.68
N PRO F 112 18.20 -30.50 -39.56
CA PRO F 112 17.72 -31.83 -39.16
C PRO F 112 18.76 -32.69 -38.44
N LEU F 113 18.30 -33.60 -37.59
CA LEU F 113 19.20 -34.47 -36.83
C LEU F 113 19.08 -35.94 -37.18
N ASN F 114 20.18 -36.65 -36.97
CA ASN F 114 20.26 -38.07 -37.24
C ASN F 114 19.17 -38.86 -36.55
N PRO F 115 18.87 -40.07 -37.05
CA PRO F 115 17.85 -40.96 -36.48
C PRO F 115 18.30 -41.61 -35.17
N VAL F 116 19.62 -41.68 -34.97
CA VAL F 116 20.20 -42.27 -33.76
C VAL F 116 20.04 -41.31 -32.59
N ALA F 117 20.05 -40.02 -32.88
CA ALA F 117 19.91 -38.99 -31.84
C ALA F 117 18.46 -38.90 -31.37
N ARG F 118 17.54 -39.40 -32.17
CA ARG F 118 16.13 -39.36 -31.81
C ARG F 118 15.89 -40.49 -30.79
N ARG F 119 14.88 -40.33 -29.94
CA ARG F 119 14.59 -41.34 -28.94
C ARG F 119 13.15 -41.25 -28.45
N LYS F 120 12.81 -42.11 -27.50
CA LYS F 120 11.48 -42.18 -26.93
C LYS F 120 11.43 -41.38 -25.64
N PRO F 121 10.56 -40.36 -25.59
CA PRO F 121 10.42 -39.52 -24.40
C PRO F 121 9.88 -40.29 -23.20
N GLU F 122 10.73 -41.11 -22.60
CA GLU F 122 10.33 -41.89 -21.43
C GLU F 122 10.68 -41.20 -20.11
N GLN F 123 11.67 -40.32 -20.16
CA GLN F 123 12.16 -39.57 -19.01
C GLN F 123 11.15 -38.59 -18.40
N PHE F 124 10.00 -39.07 -17.94
CA PHE F 124 8.93 -38.24 -17.36
C PHE F 124 9.39 -37.25 -16.29
N ILE F 125 8.73 -36.10 -16.20
CA ILE F 125 9.07 -35.06 -15.24
C ILE F 125 7.83 -34.67 -14.44
N GLN F 126 8.04 -33.98 -13.33
CA GLN F 126 6.94 -33.50 -12.54
C GLN F 126 6.57 -32.11 -13.06
N THR F 127 5.31 -32.00 -13.48
CA THR F 127 4.76 -30.78 -14.04
C THR F 127 4.17 -29.96 -12.91
N GLY F 128 4.56 -30.26 -11.69
CA GLY F 128 4.03 -29.51 -10.57
C GLY F 128 2.53 -29.59 -10.47
N ILE F 129 1.92 -30.42 -11.29
CA ILE F 129 0.49 -30.62 -11.21
C ILE F 129 0.11 -31.96 -11.74
N SER F 130 -1.06 -32.41 -11.30
CA SER F 130 -1.59 -33.70 -11.68
C SER F 130 -2.17 -33.73 -13.08
N THR F 131 -3.17 -32.89 -13.35
CA THR F 131 -3.76 -32.89 -14.67
C THR F 131 -2.74 -33.43 -15.65
N ILE F 132 -1.55 -32.84 -15.64
CA ILE F 132 -0.50 -33.27 -16.55
C ILE F 132 0.21 -34.56 -16.21
N ASP F 133 0.93 -34.53 -15.09
CA ASP F 133 1.72 -35.66 -14.60
C ASP F 133 0.97 -36.96 -14.38
N VAL F 134 0.02 -37.28 -15.26
CA VAL F 134 -0.73 -38.52 -15.13
C VAL F 134 -1.32 -38.93 -16.46
N MET F 135 -2.14 -38.05 -16.99
CA MET F 135 -2.80 -38.29 -18.24
C MET F 135 -1.81 -38.13 -19.36
N ASN F 136 -1.11 -36.99 -19.36
CA ASN F 136 -0.14 -36.64 -20.39
C ASN F 136 1.30 -36.74 -19.90
N THR F 137 1.50 -36.40 -18.65
CA THR F 137 2.81 -36.45 -18.04
C THR F 137 3.88 -35.82 -18.92
N LEU F 138 4.51 -34.76 -18.41
CA LEU F 138 5.55 -34.11 -19.20
C LEU F 138 6.57 -35.15 -19.62
N VAL F 139 7.24 -34.88 -20.73
CA VAL F 139 8.27 -35.76 -21.28
C VAL F 139 9.26 -34.92 -22.10
N ARG F 140 10.55 -35.02 -21.79
CA ARG F 140 11.58 -34.28 -22.51
C ARG F 140 11.86 -34.94 -23.86
N GLY F 141 11.56 -34.21 -24.93
CA GLY F 141 11.77 -34.71 -26.27
C GLY F 141 10.51 -34.82 -27.11
N GLN F 142 9.36 -34.60 -26.47
CA GLN F 142 8.07 -34.70 -27.14
C GLN F 142 7.56 -33.29 -27.40
N LYS F 143 6.33 -33.18 -27.91
CA LYS F 143 5.73 -31.88 -28.17
C LYS F 143 4.20 -31.90 -28.09
N LEU F 144 3.66 -31.18 -27.12
CA LEU F 144 2.22 -31.11 -26.90
C LEU F 144 1.75 -29.67 -26.77
N PRO F 145 1.69 -28.94 -27.88
CA PRO F 145 1.25 -27.54 -27.88
C PRO F 145 -0.05 -27.33 -27.11
N ILE F 146 -0.31 -26.07 -26.74
CA ILE F 146 -1.49 -25.72 -25.95
C ILE F 146 -2.57 -24.91 -26.70
N PHE F 147 -3.66 -25.57 -27.11
CA PHE F 147 -4.73 -24.90 -27.82
C PHE F 147 -5.47 -23.89 -26.96
N SER F 148 -5.57 -22.67 -27.45
CA SER F 148 -6.23 -21.60 -26.71
C SER F 148 -7.09 -20.82 -27.67
N GLY F 149 -8.04 -20.07 -27.12
CA GLY F 149 -8.90 -19.27 -27.97
C GLY F 149 -8.45 -17.83 -27.92
N SER F 150 -9.07 -17.07 -27.02
CA SER F 150 -8.74 -15.67 -26.83
C SER F 150 -8.89 -15.30 -25.37
N GLY F 151 -7.86 -14.69 -24.81
CA GLY F 151 -7.90 -14.32 -23.41
C GLY F 151 -7.88 -15.54 -22.49
N LEU F 152 -8.04 -16.72 -23.07
CA LEU F 152 -8.04 -17.98 -22.34
C LEU F 152 -6.81 -18.09 -21.43
N PRO F 153 -6.87 -18.93 -20.37
CA PRO F 153 -5.75 -19.10 -19.44
C PRO F 153 -4.52 -19.72 -20.12
N ALA F 154 -4.19 -19.19 -21.29
CA ALA F 154 -3.04 -19.67 -22.05
C ALA F 154 -1.75 -19.22 -21.37
N ASN F 155 -1.75 -18.01 -20.85
CA ASN F 155 -0.59 -17.44 -20.17
C ASN F 155 -0.65 -17.62 -18.66
N GLU F 156 -1.80 -17.29 -18.07
CA GLU F 156 -1.96 -17.42 -16.63
C GLU F 156 -1.55 -18.79 -16.12
N ILE F 157 -2.20 -19.83 -16.61
CA ILE F 157 -1.91 -21.20 -16.22
C ILE F 157 -0.52 -21.63 -16.66
N ALA F 158 -0.14 -21.23 -17.87
CA ALA F 158 1.17 -21.58 -18.41
C ALA F 158 2.23 -21.36 -17.36
N ALA F 159 2.03 -20.35 -16.52
CA ALA F 159 2.97 -20.03 -15.47
C ALA F 159 3.02 -21.12 -14.39
N GLN F 160 1.89 -21.78 -14.18
CA GLN F 160 1.79 -22.83 -13.18
C GLN F 160 3.01 -23.73 -13.23
N ILE F 161 3.58 -23.84 -14.42
CA ILE F 161 4.76 -24.67 -14.64
C ILE F 161 6.03 -23.95 -14.22
N ALA F 162 6.02 -22.64 -14.43
CA ALA F 162 7.17 -21.82 -14.07
C ALA F 162 7.47 -21.95 -12.59
N ARG F 163 6.55 -22.53 -11.82
CA ARG F 163 6.72 -22.70 -10.39
C ARG F 163 6.58 -24.15 -9.94
N GLN F 164 6.10 -24.98 -10.87
CA GLN F 164 5.87 -26.38 -10.57
C GLN F 164 6.45 -27.28 -11.66
N ALA F 165 7.69 -27.01 -12.06
CA ALA F 165 8.34 -27.80 -13.09
C ALA F 165 9.67 -28.36 -12.62
N THR F 166 9.71 -29.68 -12.43
CA THR F 166 10.93 -30.32 -11.97
C THR F 166 10.91 -31.82 -12.21
N VAL F 167 12.01 -32.35 -12.73
CA VAL F 167 12.12 -33.77 -13.01
C VAL F 167 12.06 -34.57 -11.71
N ARG F 168 11.92 -35.89 -11.83
CA ARG F 168 11.85 -36.76 -10.65
C ARG F 168 12.81 -37.95 -10.77
N PRO F 169 14.14 -37.70 -10.65
CA PRO F 169 15.15 -38.77 -10.75
C PRO F 169 14.99 -39.90 -9.74
N ASP F 170 14.87 -39.53 -8.47
CA ASP F 170 14.74 -40.50 -7.38
C ASP F 170 13.90 -41.73 -7.74
N LEU F 171 12.74 -41.50 -8.35
CA LEU F 171 11.87 -42.60 -8.71
C LEU F 171 12.45 -43.54 -9.74
N SER F 172 13.19 -42.98 -10.69
CA SER F 172 13.80 -43.77 -11.75
C SER F 172 15.08 -44.44 -11.28
N GLY F 173 16.20 -44.03 -11.88
CA GLY F 173 17.49 -44.58 -11.53
C GLY F 173 18.66 -43.61 -11.54
N GLU F 174 18.76 -42.79 -12.59
CA GLU F 174 19.86 -41.84 -12.68
C GLU F 174 19.77 -40.82 -11.56
N GLY F 175 20.91 -40.30 -11.12
CA GLY F 175 20.91 -39.32 -10.06
C GLY F 175 21.13 -37.91 -10.57
N GLU F 176 21.14 -36.94 -9.66
CA GLU F 176 21.36 -35.53 -9.98
C GLU F 176 22.84 -35.26 -10.19
N LYS F 177 23.50 -36.11 -10.96
CA LYS F 177 24.93 -35.97 -11.20
C LYS F 177 25.24 -35.17 -12.47
N GLU F 178 24.60 -35.52 -13.58
CA GLU F 178 24.84 -34.84 -14.84
C GLU F 178 23.54 -34.31 -15.46
N GLU F 179 22.90 -33.35 -14.79
CA GLU F 179 21.66 -32.78 -15.32
C GLU F 179 21.49 -31.28 -15.08
N PRO F 180 22.12 -30.46 -15.94
CA PRO F 180 22.03 -29.01 -15.81
C PRO F 180 20.80 -28.47 -16.53
N PHE F 181 20.18 -27.45 -15.94
CA PHE F 181 19.02 -26.84 -16.54
C PHE F 181 19.30 -25.46 -17.12
N ALA F 182 19.01 -25.31 -18.41
CA ALA F 182 19.22 -24.06 -19.13
C ALA F 182 18.02 -23.76 -20.04
N VAL F 183 17.32 -22.66 -19.74
CA VAL F 183 16.12 -22.25 -20.47
C VAL F 183 16.39 -21.21 -21.55
N VAL F 184 15.72 -21.35 -22.69
CA VAL F 184 15.90 -20.39 -23.79
C VAL F 184 14.58 -19.80 -24.28
N PHE F 185 14.05 -18.85 -23.51
CA PHE F 185 12.80 -18.21 -23.86
C PHE F 185 12.89 -17.38 -25.14
N ALA F 186 11.80 -17.32 -25.89
CA ALA F 186 11.77 -16.57 -27.14
C ALA F 186 10.36 -16.10 -27.44
N ALA F 187 10.15 -14.80 -27.29
CA ALA F 187 8.85 -14.22 -27.54
C ALA F 187 8.72 -13.77 -28.99
N MET F 188 7.48 -13.53 -29.42
CA MET F 188 7.17 -13.08 -30.78
C MET F 188 5.84 -12.32 -30.89
N GLY F 189 5.86 -11.10 -30.37
CA GLY F 189 4.70 -10.24 -30.37
C GLY F 189 4.01 -10.31 -29.03
N ILE F 190 4.66 -9.83 -27.96
CA ILE F 190 4.03 -9.89 -26.64
C ILE F 190 3.55 -8.54 -26.16
N THR F 191 2.44 -8.55 -25.42
CA THR F 191 1.84 -7.33 -24.91
C THR F 191 2.78 -6.62 -23.95
N GLN F 192 2.23 -5.61 -23.29
CA GLN F 192 2.97 -4.79 -22.33
C GLN F 192 2.69 -5.35 -20.95
N ARG F 193 1.44 -5.75 -20.73
CA ARG F 193 1.01 -6.32 -19.46
C ARG F 193 1.67 -7.68 -19.34
N GLU F 194 1.74 -8.38 -20.45
CA GLU F 194 2.34 -9.71 -20.53
C GLU F 194 3.85 -9.62 -20.29
N LEU F 195 4.41 -8.44 -20.53
CA LEU F 195 5.84 -8.26 -20.36
C LEU F 195 6.32 -8.48 -18.93
N SER F 196 5.89 -7.60 -18.03
CA SER F 196 6.29 -7.64 -16.62
C SER F 196 5.78 -8.83 -15.81
N TYR F 197 4.56 -9.29 -16.07
CA TYR F 197 4.00 -10.44 -15.34
C TYR F 197 4.96 -11.62 -15.47
N PHE F 198 5.49 -11.83 -16.68
CA PHE F 198 6.42 -12.91 -16.94
C PHE F 198 7.69 -12.78 -16.10
N ILE F 199 8.38 -11.65 -16.24
CA ILE F 199 9.61 -11.39 -15.49
C ILE F 199 9.39 -11.57 -14.00
N GLN F 200 8.23 -11.14 -13.52
CA GLN F 200 7.93 -11.26 -12.10
C GLN F 200 7.76 -12.74 -11.70
N GLU F 201 7.71 -13.62 -12.70
CA GLU F 201 7.60 -15.07 -12.47
C GLU F 201 8.98 -15.69 -12.57
N PHE F 202 9.97 -14.84 -12.85
CA PHE F 202 11.38 -15.22 -12.96
C PHE F 202 12.09 -14.90 -11.64
N GLU F 203 11.54 -13.94 -10.90
CA GLU F 203 12.12 -13.50 -9.62
C GLU F 203 11.53 -14.28 -8.45
N ARG F 204 10.36 -14.88 -8.65
CA ARG F 204 9.69 -15.64 -7.59
C ARG F 204 9.93 -17.15 -7.68
N THR F 205 10.31 -17.62 -8.87
CA THR F 205 10.61 -19.04 -9.09
C THR F 205 12.12 -19.24 -9.18
N GLY F 206 12.81 -18.21 -9.65
CA GLY F 206 14.24 -18.30 -9.82
C GLY F 206 14.49 -18.64 -11.27
N ALA F 207 13.64 -18.07 -12.13
CA ALA F 207 13.72 -18.29 -13.57
C ALA F 207 14.61 -17.24 -14.24
N LEU F 208 14.64 -16.05 -13.65
CA LEU F 208 15.45 -14.95 -14.17
C LEU F 208 16.90 -15.37 -14.24
N SER F 209 17.15 -16.58 -13.74
CA SER F 209 18.48 -17.16 -13.72
C SER F 209 18.67 -18.21 -14.82
N ARG F 210 19.86 -18.22 -15.38
CA ARG F 210 20.26 -19.17 -16.43
C ARG F 210 19.35 -19.06 -17.65
N SER F 211 18.95 -17.83 -17.99
CA SER F 211 18.05 -17.63 -19.13
C SER F 211 18.64 -16.79 -20.27
N VAL F 212 18.83 -17.42 -21.42
CA VAL F 212 19.33 -16.75 -22.63
C VAL F 212 18.20 -16.69 -23.67
N LEU F 213 17.37 -15.66 -23.54
CA LEU F 213 16.19 -15.45 -24.38
C LEU F 213 16.24 -14.29 -25.39
N PHE F 214 15.37 -14.35 -26.40
CA PHE F 214 15.26 -13.30 -27.42
C PHE F 214 13.83 -12.81 -27.45
N LEU F 215 13.46 -12.02 -26.44
CA LEU F 215 12.12 -11.49 -26.34
C LEU F 215 11.67 -10.64 -27.53
N ASN F 216 10.54 -11.02 -28.14
CA ASN F 216 9.98 -10.26 -29.26
C ASN F 216 8.64 -9.66 -28.82
N LYS F 217 8.69 -8.49 -28.22
CA LYS F 217 7.47 -7.84 -27.77
C LYS F 217 6.58 -7.57 -28.97
N ALA F 218 5.30 -7.44 -28.71
CA ALA F 218 4.37 -7.19 -29.78
C ALA F 218 4.77 -5.97 -30.61
N ASP F 219 5.26 -4.91 -29.98
CA ASP F 219 5.64 -3.71 -30.73
C ASP F 219 6.88 -3.92 -31.57
N ASP F 220 7.34 -5.15 -31.58
CA ASP F 220 8.50 -5.56 -32.37
C ASP F 220 7.99 -5.83 -33.79
N PRO F 221 8.81 -5.54 -34.83
CA PRO F 221 8.37 -5.79 -36.21
C PRO F 221 8.01 -7.27 -36.36
N THR F 222 7.08 -7.56 -37.24
CA THR F 222 6.65 -8.95 -37.42
C THR F 222 7.70 -9.78 -38.13
N ILE F 223 8.92 -9.25 -38.25
CA ILE F 223 10.00 -9.95 -38.95
C ILE F 223 10.57 -11.05 -38.08
N GLU F 224 10.40 -10.92 -36.78
CA GLU F 224 10.95 -11.90 -35.86
C GLU F 224 9.96 -12.93 -35.33
N ARG F 225 8.76 -13.00 -35.88
CA ARG F 225 7.79 -13.96 -35.37
C ARG F 225 8.13 -15.41 -35.72
N ILE F 226 8.79 -15.62 -36.85
CA ILE F 226 9.19 -16.96 -37.28
C ILE F 226 10.71 -17.01 -37.29
N LEU F 227 11.33 -15.84 -37.28
CA LEU F 227 12.78 -15.73 -37.30
C LEU F 227 13.43 -15.96 -35.94
N THR F 228 12.98 -15.26 -34.89
CA THR F 228 13.59 -15.51 -33.59
C THR F 228 13.59 -16.97 -33.22
N PRO F 229 12.47 -17.68 -33.46
CA PRO F 229 12.39 -19.12 -33.11
C PRO F 229 13.68 -19.90 -33.43
N ARG F 230 14.11 -19.84 -34.68
CA ARG F 230 15.31 -20.53 -35.12
C ARG F 230 16.51 -20.06 -34.28
N MET F 231 16.56 -18.75 -34.04
CA MET F 231 17.66 -18.17 -33.26
C MET F 231 17.79 -18.86 -31.90
N ALA F 232 16.69 -18.91 -31.16
CA ALA F 232 16.65 -19.52 -29.83
C ALA F 232 16.79 -21.05 -29.79
N LEU F 233 16.04 -21.74 -30.65
CA LEU F 233 16.09 -23.19 -30.70
C LEU F 233 17.51 -23.71 -30.87
N THR F 234 18.42 -22.82 -31.24
CA THR F 234 19.80 -23.22 -31.46
C THR F 234 20.70 -22.89 -30.28
N VAL F 235 20.32 -21.92 -29.45
CA VAL F 235 21.12 -21.59 -28.28
C VAL F 235 21.07 -22.81 -27.33
N ALA F 236 20.35 -23.85 -27.76
CA ALA F 236 20.22 -25.09 -26.97
C ALA F 236 21.12 -26.18 -27.53
N GLU F 237 20.94 -26.49 -28.81
CA GLU F 237 21.73 -27.51 -29.52
C GLU F 237 23.23 -27.47 -29.20
N TYR F 238 23.69 -26.33 -28.71
CA TYR F 238 25.11 -26.15 -28.40
C TYR F 238 25.47 -26.48 -26.96
N LEU F 239 24.57 -26.14 -26.04
CA LEU F 239 24.79 -26.40 -24.61
C LEU F 239 24.15 -27.72 -24.19
N ALA F 240 23.11 -28.10 -24.90
CA ALA F 240 22.39 -29.32 -24.59
C ALA F 240 23.04 -30.57 -25.16
N PHE F 241 23.36 -30.53 -26.44
CA PHE F 241 23.94 -31.68 -27.12
C PHE F 241 25.46 -31.85 -26.95
N GLU F 242 26.22 -30.78 -27.13
CA GLU F 242 27.68 -30.88 -26.99
C GLU F 242 28.19 -30.54 -25.59
N HIS F 243 27.33 -29.92 -24.78
CA HIS F 243 27.69 -29.58 -23.41
C HIS F 243 26.90 -30.44 -22.44
N ASP F 244 25.97 -31.23 -22.97
CA ASP F 244 25.15 -32.16 -22.18
C ASP F 244 24.04 -31.51 -21.34
N TYR F 245 23.62 -30.30 -21.70
CA TYR F 245 22.58 -29.61 -20.96
C TYR F 245 21.20 -30.04 -21.39
N HIS F 246 20.45 -30.70 -20.50
CA HIS F 246 19.11 -31.11 -20.84
C HIS F 246 18.24 -29.86 -20.86
N VAL F 247 18.43 -29.10 -21.94
CA VAL F 247 17.74 -27.83 -22.16
C VAL F 247 16.35 -27.91 -22.76
N LEU F 248 15.35 -27.49 -21.98
CA LEU F 248 13.96 -27.50 -22.42
C LEU F 248 13.61 -26.07 -22.87
N VAL F 249 13.16 -25.94 -24.12
CA VAL F 249 12.81 -24.63 -24.65
C VAL F 249 11.38 -24.56 -25.18
N ILE F 250 10.68 -23.45 -24.89
CA ILE F 250 9.32 -23.27 -25.39
C ILE F 250 9.01 -21.81 -25.75
N LEU F 251 8.27 -21.64 -26.84
CA LEU F 251 7.91 -20.32 -27.36
C LEU F 251 6.56 -19.82 -26.87
N THR F 252 6.37 -18.50 -26.90
CA THR F 252 5.11 -17.90 -26.47
C THR F 252 4.50 -17.00 -27.54
N ASP F 253 3.20 -16.74 -27.38
CA ASP F 253 2.48 -15.88 -28.31
C ASP F 253 2.75 -16.29 -29.76
N MET F 254 2.53 -17.57 -30.05
CA MET F 254 2.72 -18.12 -31.38
C MET F 254 1.51 -17.85 -32.23
N THR F 255 0.63 -17.02 -31.68
CA THR F 255 -0.59 -16.66 -32.35
C THR F 255 -0.21 -15.66 -33.43
N ASN F 256 0.92 -14.96 -33.24
CA ASN F 256 1.38 -13.99 -34.21
C ASN F 256 2.22 -14.62 -35.33
N TYR F 257 2.75 -15.81 -35.05
CA TYR F 257 3.57 -16.51 -36.03
C TYR F 257 2.97 -16.57 -37.43
N CYS F 258 1.97 -17.41 -37.58
CA CYS F 258 1.32 -17.60 -38.86
C CYS F 258 0.98 -16.31 -39.53
N GLU F 259 0.85 -15.23 -38.75
CA GLU F 259 0.56 -13.95 -39.36
C GLU F 259 1.76 -13.61 -40.23
N ALA F 260 2.93 -13.47 -39.60
CA ALA F 260 4.12 -13.14 -40.36
C ALA F 260 4.32 -14.19 -41.44
N LEU F 261 4.00 -15.43 -41.09
CA LEU F 261 4.10 -16.56 -41.99
C LEU F 261 3.25 -16.22 -43.21
N ARG F 262 1.96 -16.02 -42.96
CA ARG F 262 1.01 -15.68 -44.00
C ARG F 262 1.55 -14.72 -45.07
N GLU F 263 2.08 -13.58 -44.64
CA GLU F 263 2.62 -12.57 -45.57
C GLU F 263 3.34 -13.20 -46.74
N ILE F 264 4.27 -14.09 -46.46
CA ILE F 264 5.04 -14.75 -47.51
C ILE F 264 4.16 -15.57 -48.46
N GLY F 265 3.11 -16.18 -47.91
CA GLY F 265 2.20 -16.99 -48.69
C GLY F 265 1.85 -16.36 -50.04
N ALA F 266 1.33 -15.15 -50.00
CA ALA F 266 0.96 -14.44 -51.22
C ALA F 266 1.64 -13.08 -51.31
N ALA F 267 1.73 -12.36 -50.19
CA ALA F 267 2.35 -11.04 -50.17
C ALA F 267 3.72 -11.10 -50.85
N ARG F 268 4.14 -12.30 -51.22
CA ARG F 268 5.42 -12.54 -51.88
C ARG F 268 5.24 -12.82 -53.38
N GLU F 269 4.65 -13.98 -53.68
CA GLU F 269 4.44 -14.40 -55.07
C GLU F 269 4.04 -15.86 -55.13
N GLU F 270 4.09 -16.54 -54.00
CA GLU F 270 3.76 -17.93 -54.03
C GLU F 270 2.29 -18.22 -53.76
N ILE F 271 1.96 -19.50 -53.82
CA ILE F 271 0.59 -19.93 -53.63
C ILE F 271 0.24 -20.10 -52.15
N PRO F 272 -0.91 -19.57 -51.73
CA PRO F 272 -1.37 -19.67 -50.35
C PRO F 272 -1.40 -21.13 -49.96
N GLY F 273 -2.31 -21.89 -50.58
CA GLY F 273 -2.38 -23.31 -50.27
C GLY F 273 -3.60 -23.66 -49.45
N ARG F 274 -3.64 -23.21 -48.20
CA ARG F 274 -4.77 -23.49 -47.32
C ARG F 274 -5.05 -22.37 -46.30
N ARG F 275 -6.34 -22.15 -46.07
CA ARG F 275 -6.89 -21.16 -45.14
C ARG F 275 -6.19 -19.81 -45.16
N GLY F 276 -5.60 -19.48 -46.30
CA GLY F 276 -4.92 -18.20 -46.41
C GLY F 276 -3.57 -18.24 -45.76
N TYR F 277 -2.85 -19.32 -45.98
CA TYR F 277 -1.55 -19.39 -45.38
C TYR F 277 -0.60 -20.10 -46.27
N PRO F 278 0.65 -19.60 -46.32
CA PRO F 278 1.78 -20.09 -47.09
C PRO F 278 1.74 -21.59 -47.30
N GLY F 279 1.89 -21.99 -48.56
CA GLY F 279 1.84 -23.41 -48.89
C GLY F 279 2.82 -24.25 -48.09
N TYR F 280 4.06 -23.79 -48.00
CA TYR F 280 5.05 -24.55 -47.26
C TYR F 280 4.94 -24.46 -45.73
N MET F 281 3.90 -23.85 -45.19
CA MET F 281 3.75 -23.73 -43.73
C MET F 281 4.09 -25.00 -42.93
N TYR F 282 3.69 -26.16 -43.47
CA TYR F 282 3.94 -27.44 -42.83
C TYR F 282 5.40 -27.61 -42.49
N THR F 283 6.25 -27.32 -43.46
CA THR F 283 7.67 -27.46 -43.25
C THR F 283 8.16 -26.33 -42.33
N ASP F 284 7.83 -25.09 -42.65
CA ASP F 284 8.29 -23.96 -41.84
C ASP F 284 8.02 -24.18 -40.38
N LEU F 285 7.17 -25.17 -40.09
CA LEU F 285 6.84 -25.51 -38.71
C LEU F 285 7.32 -26.92 -38.39
N ALA F 286 8.23 -27.43 -39.20
CA ALA F 286 8.80 -28.75 -38.99
C ALA F 286 10.24 -28.67 -38.43
N THR F 287 11.11 -27.96 -39.16
CA THR F 287 12.50 -27.80 -38.73
C THR F 287 12.56 -27.16 -37.35
N ILE F 288 11.53 -26.40 -37.01
CA ILE F 288 11.44 -25.70 -35.73
C ILE F 288 10.97 -26.67 -34.63
N TYR F 289 9.76 -27.20 -34.80
CA TYR F 289 9.21 -28.14 -33.83
C TYR F 289 9.97 -29.48 -33.83
N GLU F 290 10.43 -29.91 -35.01
CA GLU F 290 11.18 -31.17 -35.13
C GLU F 290 12.42 -31.17 -34.26
N ARG F 291 12.85 -29.98 -33.84
CA ARG F 291 14.04 -29.86 -32.97
C ARG F 291 13.65 -30.27 -31.55
N ALA F 292 12.88 -31.35 -31.44
CA ALA F 292 12.44 -31.88 -30.14
C ALA F 292 12.78 -33.37 -30.07
N GLY F 293 13.07 -33.84 -28.87
CA GLY F 293 13.42 -35.24 -28.71
C GLY F 293 14.71 -35.41 -27.94
N VAL F 294 14.80 -36.48 -27.14
CA VAL F 294 16.03 -36.70 -26.38
C VAL F 294 17.08 -37.21 -27.36
N VAL F 295 18.31 -37.33 -26.87
CA VAL F 295 19.41 -37.78 -27.70
C VAL F 295 20.23 -38.85 -26.97
N GLU F 296 20.53 -39.90 -27.71
CA GLU F 296 21.31 -41.01 -27.16
C GLU F 296 22.77 -40.71 -27.53
N GLY F 297 23.70 -41.18 -26.71
CA GLY F 297 25.10 -40.90 -26.98
C GLY F 297 25.51 -39.51 -26.55
N LYS F 298 24.52 -38.71 -26.15
CA LYS F 298 24.73 -37.34 -25.69
C LYS F 298 23.57 -36.99 -24.77
N LYS F 299 23.85 -36.72 -23.50
CA LYS F 299 22.78 -36.36 -22.59
C LYS F 299 22.43 -34.89 -22.82
N GLY F 300 21.65 -34.65 -23.87
CA GLY F 300 21.22 -33.32 -24.22
C GLY F 300 19.90 -33.45 -24.95
N SER F 301 18.80 -33.10 -24.28
CA SER F 301 17.47 -33.19 -24.90
C SER F 301 16.74 -31.86 -24.84
N VAL F 302 16.13 -31.48 -25.96
CA VAL F 302 15.41 -30.22 -26.02
C VAL F 302 13.91 -30.50 -26.22
N THR F 303 13.09 -30.00 -25.29
CA THR F 303 11.63 -30.19 -25.41
C THR F 303 10.96 -28.90 -25.86
N GLN F 304 10.32 -28.97 -27.02
CA GLN F 304 9.62 -27.83 -27.59
C GLN F 304 8.12 -28.08 -27.51
N ILE F 305 7.36 -27.07 -27.10
CA ILE F 305 5.90 -27.15 -27.01
C ILE F 305 5.36 -25.76 -26.76
N PRO F 306 5.47 -24.90 -27.77
CA PRO F 306 4.99 -23.52 -27.67
C PRO F 306 3.52 -23.47 -27.28
N ILE F 307 2.93 -22.29 -27.42
CA ILE F 307 1.53 -22.09 -27.07
C ILE F 307 0.83 -21.18 -28.09
N LEU F 308 0.08 -21.78 -29.01
CA LEU F 308 -0.64 -21.03 -30.05
C LEU F 308 -2.12 -20.77 -29.73
N SER F 309 -2.55 -19.52 -29.88
CA SER F 309 -3.94 -19.18 -29.60
C SER F 309 -4.70 -19.12 -30.91
N MET F 310 -5.92 -19.65 -30.93
CA MET F 310 -6.73 -19.61 -32.15
C MET F 310 -8.10 -19.02 -31.86
N PRO F 311 -8.47 -17.95 -32.60
CA PRO F 311 -9.76 -17.30 -32.43
C PRO F 311 -10.83 -18.31 -32.15
N ASP F 312 -11.70 -17.98 -31.19
CA ASP F 312 -12.79 -18.85 -30.81
C ASP F 312 -12.29 -20.28 -30.70
N ASP F 313 -13.17 -21.17 -30.25
CA ASP F 313 -12.80 -22.57 -30.13
C ASP F 313 -12.67 -23.10 -31.55
N ASP F 314 -11.51 -22.91 -32.16
CA ASP F 314 -11.31 -23.42 -33.50
C ASP F 314 -10.20 -24.47 -33.45
N ARG F 315 -10.56 -25.75 -33.47
CA ARG F 315 -9.53 -26.81 -33.44
C ARG F 315 -9.00 -27.09 -34.83
N THR F 316 -9.83 -26.79 -35.82
CA THR F 316 -9.43 -27.02 -37.19
C THR F 316 -8.78 -25.75 -37.71
N HIS F 317 -8.37 -24.87 -36.80
CA HIS F 317 -7.79 -23.63 -37.26
C HIS F 317 -6.54 -23.99 -38.03
N PRO F 318 -6.18 -23.14 -39.00
CA PRO F 318 -5.00 -23.35 -39.84
C PRO F 318 -3.80 -23.78 -39.01
N ILE F 319 -3.75 -23.23 -37.80
CA ILE F 319 -2.66 -23.48 -36.86
C ILE F 319 -2.62 -24.95 -36.39
N PRO F 320 -3.62 -25.37 -35.58
CA PRO F 320 -3.63 -26.76 -35.09
C PRO F 320 -3.58 -27.83 -36.13
N ASP F 321 -3.95 -27.50 -37.36
CA ASP F 321 -3.93 -28.47 -38.45
C ASP F 321 -2.66 -29.30 -38.43
N LEU F 322 -1.69 -28.86 -39.20
CA LEU F 322 -0.43 -29.59 -39.29
C LEU F 322 0.29 -29.65 -37.94
N THR F 323 0.14 -28.60 -37.13
CA THR F 323 0.84 -28.60 -35.86
C THR F 323 0.55 -29.87 -35.09
N GLY F 324 -0.72 -30.30 -35.11
CA GLY F 324 -1.09 -31.52 -34.44
C GLY F 324 -0.14 -32.61 -34.88
N TYR F 325 -0.14 -32.92 -36.17
CA TYR F 325 0.73 -33.94 -36.72
C TYR F 325 2.15 -33.73 -36.27
N ILE F 326 2.66 -32.56 -36.62
CA ILE F 326 4.01 -32.19 -36.28
C ILE F 326 4.29 -32.54 -34.84
N THR F 327 3.63 -31.84 -33.93
CA THR F 327 3.86 -32.10 -32.52
C THR F 327 3.46 -33.52 -32.21
N GLU F 328 4.24 -34.16 -31.35
CA GLU F 328 3.98 -35.53 -30.94
C GLU F 328 2.63 -35.60 -30.25
N GLY F 329 2.52 -34.82 -29.20
CA GLY F 329 1.28 -34.78 -28.46
C GLY F 329 0.70 -33.39 -28.39
N GLN F 330 -0.30 -33.20 -27.54
CA GLN F 330 -0.92 -31.91 -27.40
C GLN F 330 -1.77 -31.77 -26.16
N ILE F 331 -2.19 -30.55 -25.90
CA ILE F 331 -2.99 -30.23 -24.74
C ILE F 331 -4.12 -29.31 -25.16
N GLN F 332 -5.31 -29.46 -24.59
CA GLN F 332 -6.40 -28.55 -24.96
C GLN F 332 -6.93 -27.74 -23.78
N LEU F 333 -7.38 -26.52 -24.05
CA LEU F 333 -7.92 -25.63 -23.01
C LEU F 333 -9.39 -25.32 -23.26
N SER F 334 -10.20 -25.27 -22.19
CA SER F 334 -11.62 -24.95 -22.34
C SER F 334 -12.00 -23.65 -21.65
N ARG F 335 -12.76 -22.84 -22.37
CA ARG F 335 -13.21 -21.54 -21.89
C ARG F 335 -14.28 -21.74 -20.82
N GLU F 336 -15.12 -22.74 -21.06
CA GLU F 336 -16.23 -23.12 -20.19
C GLU F 336 -15.84 -23.20 -18.70
N LEU F 337 -14.59 -23.55 -18.46
CA LEU F 337 -14.05 -23.70 -17.11
C LEU F 337 -13.27 -22.47 -16.65
N HIS F 338 -12.70 -21.74 -17.59
CA HIS F 338 -11.94 -20.54 -17.25
C HIS F 338 -12.86 -19.36 -17.01
N ARG F 339 -14.15 -19.57 -17.24
CA ARG F 339 -15.13 -18.51 -17.04
C ARG F 339 -16.14 -18.90 -15.97
N LYS F 340 -16.14 -20.17 -15.58
CA LYS F 340 -17.07 -20.62 -14.55
C LYS F 340 -16.40 -20.68 -13.19
N GLY F 341 -15.08 -20.87 -13.19
CA GLY F 341 -14.34 -20.92 -11.93
C GLY F 341 -13.15 -21.87 -11.96
N ILE F 342 -13.38 -23.10 -12.41
CA ILE F 342 -12.34 -24.11 -12.49
C ILE F 342 -11.01 -23.49 -12.87
N TYR F 343 -10.14 -23.31 -11.88
CA TYR F 343 -8.85 -22.68 -12.10
C TYR F 343 -7.73 -23.40 -11.35
N PRO F 344 -6.68 -23.81 -12.07
CA PRO F 344 -6.51 -23.64 -13.52
C PRO F 344 -7.56 -24.41 -14.32
N PRO F 345 -8.10 -23.79 -15.38
CA PRO F 345 -9.08 -24.45 -16.23
C PRO F 345 -8.40 -25.12 -17.42
N ILE F 346 -8.06 -26.39 -17.27
CA ILE F 346 -7.38 -27.12 -18.32
C ILE F 346 -7.99 -28.49 -18.58
N ASP F 347 -8.33 -28.75 -19.84
CA ASP F 347 -8.93 -30.03 -20.24
C ASP F 347 -8.57 -30.47 -21.67
N PRO F 348 -7.89 -31.60 -21.80
CA PRO F 348 -7.47 -32.16 -23.08
C PRO F 348 -8.52 -33.13 -23.56
N LEU F 349 -9.71 -32.65 -23.88
CA LEU F 349 -10.73 -33.57 -24.35
C LEU F 349 -10.16 -34.38 -25.51
N PRO F 350 -9.31 -33.76 -26.33
CA PRO F 350 -8.79 -34.58 -27.43
C PRO F 350 -7.29 -34.81 -27.26
N SER F 351 -6.66 -33.94 -26.47
CA SER F 351 -5.23 -34.04 -26.24
C SER F 351 -4.91 -35.27 -25.43
N LEU F 352 -4.01 -36.07 -25.96
CA LEU F 352 -3.60 -37.30 -25.31
C LEU F 352 -2.16 -37.58 -25.79
N SER F 353 -1.38 -36.52 -25.95
CA SER F 353 0.01 -36.59 -26.42
C SER F 353 0.29 -37.61 -27.53
N ARG F 354 1.36 -38.39 -27.35
CA ARG F 354 1.77 -39.37 -28.34
C ARG F 354 2.52 -40.49 -27.62
N LEU F 355 3.76 -40.19 -27.20
CA LEU F 355 4.55 -41.19 -26.51
C LEU F 355 4.61 -40.95 -25.00
N MET F 356 3.46 -40.57 -24.46
CA MET F 356 3.31 -40.35 -23.04
C MET F 356 2.95 -41.70 -22.44
N ASN F 357 2.24 -42.52 -23.22
CA ASN F 357 1.84 -43.85 -22.79
C ASN F 357 3.04 -44.74 -22.50
N ASN F 358 4.13 -44.56 -23.24
CA ASN F 358 5.35 -45.34 -23.03
C ASN F 358 6.45 -44.47 -22.43
N GLY F 359 6.72 -44.66 -21.14
CA GLY F 359 7.74 -43.88 -20.46
C GLY F 359 7.55 -43.82 -18.96
N VAL F 360 6.40 -44.29 -18.49
CA VAL F 360 6.09 -44.31 -17.06
C VAL F 360 5.18 -45.49 -16.71
N GLY F 361 5.19 -45.90 -15.45
CA GLY F 361 4.36 -47.02 -15.03
C GLY F 361 5.14 -48.20 -14.49
N LYS F 362 6.22 -48.57 -15.17
CA LYS F 362 7.06 -49.67 -14.71
C LYS F 362 8.47 -49.15 -14.42
N GLY F 363 8.89 -49.29 -13.17
CA GLY F 363 10.22 -48.86 -12.76
C GLY F 363 10.30 -47.51 -12.07
N LYS F 364 10.53 -46.47 -12.87
CA LYS F 364 10.64 -45.11 -12.38
C LYS F 364 9.40 -44.71 -11.61
N THR F 365 8.24 -44.80 -12.26
CA THR F 365 6.97 -44.46 -11.62
C THR F 365 6.47 -45.66 -10.85
N ARG F 366 5.18 -45.63 -10.51
CA ARG F 366 4.57 -46.72 -9.75
C ARG F 366 4.00 -47.75 -10.72
N GLU F 367 4.04 -49.02 -10.32
CA GLU F 367 3.54 -50.14 -11.13
C GLU F 367 2.29 -49.72 -11.88
N ASP F 368 1.25 -49.39 -11.12
CA ASP F 368 -0.02 -48.96 -11.69
C ASP F 368 0.13 -47.58 -12.28
N HIS F 369 -0.24 -47.44 -13.55
CA HIS F 369 -0.18 -46.17 -14.24
C HIS F 369 -0.49 -46.35 -15.71
N LYS F 370 0.14 -47.33 -16.34
CA LYS F 370 -0.07 -47.64 -17.75
C LYS F 370 -1.57 -47.79 -18.06
N GLN F 371 -2.23 -48.68 -17.32
CA GLN F 371 -3.65 -48.95 -17.50
C GLN F 371 -4.52 -47.93 -16.78
N VAL F 372 -3.90 -47.17 -15.87
CA VAL F 372 -4.61 -46.14 -15.12
C VAL F 372 -5.08 -44.98 -16.01
N SER F 373 -4.13 -44.31 -16.64
CA SER F 373 -4.46 -43.19 -17.49
C SER F 373 -5.56 -43.61 -18.45
N ASP F 374 -5.32 -44.64 -19.23
CA ASP F 374 -6.31 -45.13 -20.18
C ASP F 374 -7.61 -45.41 -19.44
N GLN F 375 -7.51 -45.76 -18.17
CA GLN F 375 -8.70 -46.06 -17.41
C GLN F 375 -9.49 -44.79 -17.25
N LEU F 376 -8.88 -43.81 -16.60
CA LEU F 376 -9.54 -42.54 -16.35
C LEU F 376 -10.12 -41.93 -17.61
N TYR F 377 -9.45 -42.13 -18.72
CA TYR F 377 -9.93 -41.55 -19.95
C TYR F 377 -11.37 -41.96 -20.31
N SER F 378 -11.57 -43.17 -20.82
CA SER F 378 -12.89 -43.63 -21.21
C SER F 378 -13.82 -43.64 -20.03
N ALA F 379 -13.25 -43.85 -18.86
CA ALA F 379 -14.05 -43.88 -17.64
C ALA F 379 -14.83 -42.60 -17.51
N TYR F 380 -14.20 -41.48 -17.82
CA TYR F 380 -14.81 -40.16 -17.71
C TYR F 380 -15.70 -39.84 -18.89
N ALA F 381 -15.21 -40.24 -20.04
CA ALA F 381 -15.93 -40.01 -21.27
C ALA F 381 -17.37 -40.43 -21.08
N ASN F 382 -17.58 -41.72 -20.84
CA ASN F 382 -18.92 -42.24 -20.65
C ASN F 382 -19.71 -41.27 -19.80
N GLY F 383 -19.02 -40.61 -18.89
CA GLY F 383 -19.69 -39.67 -18.02
C GLY F 383 -20.36 -38.52 -18.72
N VAL F 384 -19.67 -37.38 -18.74
CA VAL F 384 -20.22 -36.19 -19.33
C VAL F 384 -21.05 -36.49 -20.54
N ASP F 385 -20.84 -37.65 -21.12
CA ASP F 385 -21.61 -38.02 -22.27
C ASP F 385 -23.08 -37.69 -22.08
N ILE F 386 -23.62 -37.97 -20.90
CA ILE F 386 -25.02 -37.70 -20.66
C ILE F 386 -25.27 -36.24 -20.37
N ARG F 387 -24.19 -35.49 -20.32
CA ARG F 387 -24.28 -34.07 -20.04
C ARG F 387 -25.28 -33.39 -20.98
N LYS F 388 -25.55 -34.03 -22.09
CA LYS F 388 -26.45 -33.50 -23.11
C LYS F 388 -27.85 -34.08 -23.01
N LEU F 389 -27.89 -35.39 -23.21
CA LEU F 389 -29.12 -36.16 -23.20
C LEU F 389 -29.89 -35.81 -21.96
N VAL F 390 -29.14 -35.38 -20.96
CA VAL F 390 -29.70 -34.97 -19.69
C VAL F 390 -30.51 -33.72 -19.84
N ALA F 391 -29.90 -32.75 -20.51
CA ALA F 391 -30.50 -31.45 -20.70
C ALA F 391 -31.60 -31.51 -21.74
N ILE F 392 -31.97 -32.71 -22.16
CA ILE F 392 -32.99 -32.85 -23.19
C ILE F 392 -34.24 -33.60 -22.77
N ILE F 393 -34.02 -34.81 -22.29
CA ILE F 393 -35.10 -35.68 -21.89
C ILE F 393 -35.79 -35.19 -20.62
N GLY F 394 -34.99 -34.96 -19.59
CA GLY F 394 -35.53 -34.50 -18.33
C GLY F 394 -34.44 -34.12 -17.37
N GLU F 395 -34.56 -34.55 -16.11
CA GLU F 395 -33.58 -34.26 -15.08
C GLU F 395 -33.03 -35.54 -14.49
N ASP F 396 -33.93 -36.40 -14.05
CA ASP F 396 -33.55 -37.67 -13.47
C ASP F 396 -33.71 -38.80 -14.48
N ALA F 397 -34.54 -38.59 -15.50
CA ALA F 397 -34.75 -39.60 -16.52
C ALA F 397 -33.45 -40.34 -16.88
N LEU F 398 -33.38 -41.62 -16.50
CA LEU F 398 -32.21 -42.45 -16.79
C LEU F 398 -32.12 -43.62 -15.80
N THR F 399 -31.56 -44.74 -16.28
CA THR F 399 -31.40 -45.94 -15.46
C THR F 399 -30.61 -45.58 -14.19
N GLU F 400 -30.82 -46.37 -13.14
CA GLU F 400 -30.18 -46.15 -11.86
C GLU F 400 -28.66 -46.31 -11.86
N ASN F 401 -28.12 -47.10 -12.78
CA ASN F 401 -26.67 -47.33 -12.88
C ASN F 401 -25.86 -46.20 -13.55
N ASP F 402 -26.20 -45.89 -14.80
CA ASP F 402 -25.54 -44.82 -15.55
C ASP F 402 -25.71 -43.51 -14.79
N ARG F 403 -26.71 -43.48 -13.90
CA ARG F 403 -26.98 -42.30 -13.08
C ARG F 403 -25.65 -41.89 -12.45
N ARG F 404 -24.89 -42.91 -12.06
CA ARG F 404 -23.60 -42.72 -11.43
C ARG F 404 -22.62 -42.08 -12.37
N TYR F 405 -22.66 -42.52 -13.63
CA TYR F 405 -21.79 -41.97 -14.64
C TYR F 405 -21.79 -40.44 -14.56
N LEU F 406 -22.95 -39.84 -14.77
CA LEU F 406 -23.09 -38.38 -14.75
C LEU F 406 -22.90 -37.81 -13.35
N GLN F 407 -23.38 -38.56 -12.38
CA GLN F 407 -23.28 -38.14 -11.00
C GLN F 407 -21.82 -37.83 -10.64
N PHE F 408 -20.89 -38.46 -11.35
CA PHE F 408 -19.48 -38.24 -11.05
C PHE F 408 -18.79 -37.25 -11.97
N ALA F 409 -19.36 -37.07 -13.16
CA ALA F 409 -18.79 -36.15 -14.11
C ALA F 409 -18.37 -34.88 -13.38
N ASP F 410 -19.37 -34.10 -12.99
CA ASP F 410 -19.13 -32.85 -12.29
C ASP F 410 -18.02 -33.05 -11.26
N ALA F 411 -17.97 -34.25 -10.70
CA ALA F 411 -16.99 -34.59 -9.70
C ALA F 411 -15.61 -34.56 -10.32
N PHE F 412 -15.34 -35.59 -11.09
CA PHE F 412 -14.06 -35.69 -11.69
C PHE F 412 -13.60 -34.31 -12.13
N GLU F 413 -14.34 -33.71 -13.05
CA GLU F 413 -13.98 -32.39 -13.57
C GLU F 413 -13.80 -31.33 -12.50
N ARG F 414 -14.87 -30.99 -11.82
CA ARG F 414 -14.83 -29.99 -10.79
C ARG F 414 -13.60 -30.13 -9.92
N PHE F 415 -13.50 -31.28 -9.30
CA PHE F 415 -12.40 -31.58 -8.41
C PHE F 415 -11.06 -31.62 -9.14
N PHE F 416 -10.84 -32.69 -9.90
CA PHE F 416 -9.59 -32.85 -10.61
C PHE F 416 -8.98 -31.57 -11.14
N ILE F 417 -9.74 -30.80 -11.91
CA ILE F 417 -9.22 -29.57 -12.47
C ILE F 417 -9.19 -28.42 -11.48
N ASN F 418 -9.73 -28.66 -10.30
CA ASN F 418 -9.74 -27.64 -9.26
C ASN F 418 -8.34 -27.51 -8.60
N GLN F 419 -7.30 -27.75 -9.39
CA GLN F 419 -5.90 -27.64 -8.95
C GLN F 419 -5.55 -26.18 -8.70
N GLY F 420 -4.58 -25.90 -7.84
CA GLY F 420 -4.20 -24.51 -7.63
C GLY F 420 -2.71 -24.39 -7.74
N GLN F 421 -2.12 -23.58 -6.88
CA GLN F 421 -0.67 -23.43 -6.87
C GLN F 421 -0.10 -24.79 -6.45
N GLN F 422 -1.01 -25.77 -6.31
CA GLN F 422 -0.71 -27.15 -5.92
C GLN F 422 0.49 -27.68 -6.68
N ASN F 423 1.55 -28.08 -5.96
CA ASN F 423 2.73 -28.62 -6.63
C ASN F 423 2.41 -30.00 -7.20
N ARG F 424 1.31 -30.57 -6.73
CA ARG F 424 0.86 -31.89 -7.19
C ARG F 424 1.99 -32.80 -7.69
N SER F 425 2.48 -33.67 -6.82
CA SER F 425 3.55 -34.58 -7.18
C SER F 425 3.00 -35.76 -7.98
N ILE F 426 3.90 -36.48 -8.65
CA ILE F 426 3.53 -37.65 -9.44
C ILE F 426 2.57 -38.56 -8.67
N GLU F 427 2.79 -38.64 -7.36
CA GLU F 427 1.99 -39.47 -6.46
C GLU F 427 0.68 -38.80 -6.00
N GLU F 428 0.77 -37.59 -5.43
CA GLU F 428 -0.41 -36.87 -4.97
C GLU F 428 -1.49 -37.01 -6.02
N SER F 429 -1.04 -37.32 -7.22
CA SER F 429 -1.91 -37.52 -8.33
C SER F 429 -2.60 -38.86 -8.18
N LEU F 430 -1.88 -39.90 -8.61
CA LEU F 430 -2.37 -41.27 -8.57
C LEU F 430 -3.45 -41.43 -7.53
N GLN F 431 -3.18 -40.95 -6.33
CA GLN F 431 -4.12 -41.02 -5.23
C GLN F 431 -5.50 -40.56 -5.66
N ILE F 432 -5.65 -39.26 -5.83
CA ILE F 432 -6.93 -38.68 -6.22
C ILE F 432 -7.65 -39.63 -7.16
N ALA F 433 -6.94 -40.02 -8.21
CA ALA F 433 -7.48 -40.91 -9.22
C ALA F 433 -8.19 -42.12 -8.63
N TRP F 434 -7.58 -42.69 -7.59
CA TRP F 434 -8.14 -43.86 -6.94
C TRP F 434 -9.29 -43.45 -6.04
N ALA F 435 -9.34 -42.17 -5.68
CA ALA F 435 -10.37 -41.65 -4.81
C ALA F 435 -11.65 -41.32 -5.56
N LEU F 436 -11.53 -41.11 -6.86
CA LEU F 436 -12.72 -40.80 -7.63
C LEU F 436 -13.26 -42.04 -8.30
N LEU F 437 -12.38 -43.00 -8.58
CA LEU F 437 -12.78 -44.25 -9.21
C LEU F 437 -13.58 -45.12 -8.26
N SER F 438 -13.44 -44.86 -6.97
CA SER F 438 -14.14 -45.63 -5.95
C SER F 438 -15.66 -45.53 -5.99
N MET F 439 -16.21 -44.68 -6.85
CA MET F 439 -17.66 -44.53 -6.89
C MET F 439 -18.41 -45.64 -7.63
N LEU F 440 -17.64 -46.50 -8.30
CA LEU F 440 -18.21 -47.64 -8.99
C LEU F 440 -17.15 -48.74 -8.95
N PRO F 441 -17.35 -49.71 -8.04
CA PRO F 441 -16.43 -50.84 -7.88
C PRO F 441 -16.08 -51.50 -9.21
N GLN F 442 -15.06 -52.37 -9.17
CA GLN F 442 -14.59 -53.08 -10.35
C GLN F 442 -15.76 -53.64 -11.16
N GLY F 443 -16.21 -52.89 -12.15
CA GLY F 443 -17.32 -53.36 -12.95
C GLY F 443 -17.28 -52.75 -14.33
N GLU F 444 -17.05 -51.45 -14.38
CA GLU F 444 -16.99 -50.73 -15.64
C GLU F 444 -15.52 -50.57 -16.03
N LEU F 445 -14.66 -50.70 -15.04
CA LEU F 445 -13.22 -50.57 -15.22
C LEU F 445 -12.69 -51.76 -16.01
N LYS F 446 -12.85 -51.71 -17.32
CA LYS F 446 -12.43 -52.79 -18.21
C LYS F 446 -11.10 -52.52 -18.87
N ARG F 447 -10.41 -51.49 -18.42
CA ARG F 447 -9.12 -51.12 -18.99
C ARG F 447 -7.98 -51.71 -18.18
N ILE F 448 -7.99 -51.47 -16.88
CA ILE F 448 -6.94 -51.98 -16.02
C ILE F 448 -7.24 -53.43 -15.63
N SER F 449 -6.22 -54.15 -15.16
CA SER F 449 -6.36 -55.55 -14.74
C SER F 449 -6.97 -55.71 -13.33
N LYS F 450 -7.50 -56.90 -13.06
CA LYS F 450 -8.15 -57.22 -11.78
C LYS F 450 -7.27 -56.96 -10.54
N ASP F 451 -5.99 -57.30 -10.62
CA ASP F 451 -5.09 -57.06 -9.49
C ASP F 451 -4.93 -55.56 -9.25
N HIS F 452 -4.23 -54.88 -10.16
CA HIS F 452 -4.02 -53.44 -10.05
C HIS F 452 -5.30 -52.70 -9.69
N ILE F 453 -6.39 -53.06 -10.36
CA ILE F 453 -7.68 -52.40 -10.16
C ILE F 453 -8.06 -52.34 -8.69
N GLY F 454 -8.05 -53.47 -7.99
CA GLY F 454 -8.40 -53.43 -6.59
C GLY F 454 -7.20 -52.89 -5.84
N LYS F 455 -6.02 -53.19 -6.38
CA LYS F 455 -4.76 -52.80 -5.77
C LYS F 455 -4.80 -51.51 -5.01
N TYR F 456 -5.33 -50.47 -5.62
CA TYR F 456 -5.43 -49.20 -4.93
C TYR F 456 -6.90 -48.87 -4.82
N TYR F 457 -7.69 -49.82 -4.35
CA TYR F 457 -9.11 -49.57 -4.21
C TYR F 457 -9.50 -49.34 -2.76
N SER G 1 -19.94 -16.11 -30.25
CA SER G 1 -19.39 -16.62 -28.96
C SER G 1 -18.31 -17.67 -29.22
N GLN G 2 -18.75 -18.90 -29.49
CA GLN G 2 -17.84 -20.03 -29.75
C GLN G 2 -18.65 -21.33 -29.87
N VAL G 3 -18.85 -21.81 -31.10
CA VAL G 3 -19.62 -23.03 -31.33
C VAL G 3 -18.87 -24.23 -31.94
N SER G 4 -18.66 -24.23 -33.26
CA SER G 4 -17.99 -25.33 -33.92
C SER G 4 -17.09 -24.87 -35.09
N PRO G 5 -16.29 -25.79 -35.67
CA PRO G 5 -15.41 -25.48 -36.79
C PRO G 5 -16.24 -24.98 -37.97
N THR G 6 -15.80 -25.27 -39.19
CA THR G 6 -16.56 -24.81 -40.33
C THR G 6 -16.78 -25.92 -41.35
N ARG G 7 -15.67 -26.43 -41.87
CA ARG G 7 -15.73 -27.47 -42.88
C ARG G 7 -15.88 -28.86 -42.29
N MET G 8 -16.39 -29.77 -43.11
CA MET G 8 -16.61 -31.18 -42.76
C MET G 8 -17.87 -31.45 -41.95
N ASN G 9 -18.25 -30.48 -41.13
CA ASN G 9 -19.44 -30.60 -40.30
C ASN G 9 -20.66 -30.52 -41.16
N LEU G 10 -20.51 -29.76 -42.23
CA LEU G 10 -21.59 -29.58 -43.14
C LEU G 10 -22.34 -30.89 -43.33
N LEU G 11 -21.64 -31.99 -43.60
CA LEU G 11 -22.31 -33.26 -43.87
C LEU G 11 -22.94 -33.94 -42.67
N GLN G 12 -22.30 -33.75 -41.52
CA GLN G 12 -22.76 -34.37 -40.27
C GLN G 12 -23.95 -33.59 -39.69
N ARG G 13 -23.79 -32.30 -39.55
CA ARG G 13 -24.85 -31.48 -39.03
C ARG G 13 -26.04 -31.56 -39.97
N ARG G 14 -25.78 -32.14 -41.13
CA ARG G 14 -26.84 -32.29 -42.08
C ARG G 14 -27.70 -33.44 -41.69
N GLY G 15 -27.08 -34.51 -41.19
CA GLY G 15 -27.82 -35.68 -40.79
C GLY G 15 -28.66 -35.45 -39.55
N GLN G 16 -28.59 -34.22 -39.05
CA GLN G 16 -29.34 -33.83 -37.88
C GLN G 16 -30.84 -33.78 -38.16
N LEU G 17 -31.22 -33.05 -39.16
CA LEU G 17 -32.63 -32.94 -39.47
C LEU G 17 -33.23 -34.34 -39.66
N ARG G 18 -32.57 -35.13 -40.49
CA ARG G 18 -33.05 -36.47 -40.76
C ARG G 18 -33.33 -37.17 -39.43
N LEU G 19 -32.38 -37.05 -38.51
CA LEU G 19 -32.53 -37.66 -37.20
C LEU G 19 -33.60 -36.96 -36.38
N ALA G 20 -33.40 -35.67 -36.13
CA ALA G 20 -34.37 -34.93 -35.34
C ALA G 20 -35.63 -34.89 -36.13
N GLN G 21 -35.59 -34.02 -37.13
CA GLN G 21 -36.70 -33.81 -38.01
C GLN G 21 -37.55 -35.06 -38.27
N LYS G 22 -36.92 -36.19 -38.52
CA LYS G 22 -37.70 -37.39 -38.79
C LYS G 22 -38.21 -38.11 -37.55
N GLY G 23 -37.34 -38.21 -36.56
CA GLY G 23 -37.75 -38.88 -35.33
C GLY G 23 -39.07 -38.31 -34.85
N VAL G 24 -39.13 -36.98 -34.80
CA VAL G 24 -40.30 -36.25 -34.35
C VAL G 24 -41.38 -36.10 -35.42
N ASP G 25 -41.00 -36.26 -36.67
CA ASP G 25 -41.98 -36.12 -37.74
C ASP G 25 -43.26 -36.88 -37.39
N LEU G 26 -43.13 -38.17 -37.10
CA LEU G 26 -44.31 -38.97 -36.78
C LEU G 26 -44.61 -39.06 -35.28
N LEU G 27 -43.55 -38.98 -34.49
CA LEU G 27 -43.63 -39.03 -33.03
C LEU G 27 -44.78 -38.18 -32.47
N LYS G 28 -45.25 -37.25 -33.28
CA LYS G 28 -46.34 -36.36 -32.89
C LYS G 28 -47.68 -37.11 -32.78
N LYS G 29 -48.04 -37.79 -33.86
CA LYS G 29 -49.30 -38.54 -33.91
C LYS G 29 -49.05 -39.87 -33.27
N LYS G 30 -47.87 -39.98 -32.69
CA LYS G 30 -47.49 -41.19 -32.07
C LYS G 30 -48.26 -41.37 -30.79
N ARG G 31 -48.08 -40.46 -29.86
CA ARG G 31 -48.79 -40.57 -28.60
C ARG G 31 -50.28 -40.30 -28.80
N ASP G 32 -50.60 -39.49 -29.80
CA ASP G 32 -51.98 -39.12 -30.11
C ASP G 32 -52.93 -40.31 -30.06
N ALA G 33 -52.42 -41.48 -30.42
CA ALA G 33 -53.27 -42.66 -30.43
C ALA G 33 -53.75 -43.10 -29.04
N LEU G 34 -52.80 -43.34 -28.12
CA LEU G 34 -53.17 -43.80 -26.78
C LEU G 34 -54.11 -42.81 -26.06
N VAL G 35 -53.97 -41.52 -26.36
CA VAL G 35 -54.83 -40.52 -25.74
C VAL G 35 -56.22 -40.54 -26.36
N ALA G 36 -56.29 -40.76 -27.68
CA ALA G 36 -57.56 -40.81 -28.41
C ALA G 36 -58.48 -41.93 -27.87
N GLU G 37 -57.97 -43.16 -27.84
CA GLU G 37 -58.72 -44.32 -27.34
C GLU G 37 -58.79 -44.26 -25.81
N PHE G 38 -57.78 -43.65 -25.18
CA PHE G 38 -57.69 -43.52 -23.72
C PHE G 38 -58.97 -42.99 -23.15
N PHE G 39 -59.55 -42.02 -23.83
CA PHE G 39 -60.78 -41.45 -23.35
C PHE G 39 -61.85 -42.53 -23.14
N GLY G 40 -61.92 -43.48 -24.05
CA GLY G 40 -62.90 -44.55 -23.93
C GLY G 40 -63.04 -45.11 -22.53
N LEU G 41 -61.92 -45.17 -21.80
CA LEU G 41 -61.92 -45.67 -20.43
C LEU G 41 -62.33 -44.57 -19.46
N VAL G 42 -62.00 -43.31 -19.79
CA VAL G 42 -62.32 -42.18 -18.95
C VAL G 42 -63.81 -41.87 -18.86
N ARG G 43 -64.45 -41.84 -20.02
CA ARG G 43 -65.88 -41.57 -20.06
C ARG G 43 -66.51 -42.54 -19.08
N GLU G 44 -66.26 -43.82 -19.31
CA GLU G 44 -66.76 -44.90 -18.49
C GLU G 44 -66.40 -44.72 -17.01
N ALA G 45 -65.31 -44.01 -16.74
CA ALA G 45 -64.88 -43.80 -15.37
C ALA G 45 -66.07 -43.42 -14.49
N MET G 46 -66.82 -42.42 -14.91
CA MET G 46 -67.96 -41.98 -14.14
C MET G 46 -69.18 -42.86 -14.40
N GLU G 47 -69.04 -43.79 -15.34
CA GLU G 47 -70.10 -44.72 -15.67
C GLU G 47 -70.62 -45.28 -14.35
N ALA G 48 -69.74 -45.99 -13.66
CA ALA G 48 -70.07 -46.61 -12.38
C ALA G 48 -70.09 -45.62 -11.21
N ARG G 49 -69.15 -44.68 -11.21
CA ARG G 49 -69.05 -43.68 -10.15
C ARG G 49 -70.39 -43.01 -9.89
N LYS G 50 -70.91 -42.35 -10.91
CA LYS G 50 -72.20 -41.67 -10.80
C LYS G 50 -73.30 -42.68 -10.56
N ALA G 51 -73.21 -43.82 -11.22
CA ALA G 51 -74.21 -44.87 -11.10
C ALA G 51 -74.44 -45.36 -9.68
N LEU G 52 -73.35 -45.79 -9.04
CA LEU G 52 -73.41 -46.33 -7.70
C LEU G 52 -73.15 -45.25 -6.65
N ASP G 53 -72.76 -44.08 -7.12
CA ASP G 53 -72.49 -42.95 -6.25
C ASP G 53 -73.79 -42.53 -5.59
N GLN G 54 -74.87 -42.52 -6.36
CA GLN G 54 -76.15 -42.11 -5.83
C GLN G 54 -76.85 -43.26 -5.11
N ALA G 55 -76.53 -44.49 -5.47
CA ALA G 55 -77.14 -45.64 -4.81
C ALA G 55 -76.34 -46.02 -3.56
N ALA G 56 -75.24 -45.31 -3.35
CA ALA G 56 -74.35 -45.55 -2.21
C ALA G 56 -75.09 -45.35 -0.90
N LYS G 57 -75.79 -44.22 -0.80
CA LYS G 57 -76.54 -43.91 0.40
C LYS G 57 -77.73 -44.81 0.49
N GLU G 58 -78.18 -45.27 -0.67
CA GLU G 58 -79.33 -46.16 -0.81
C GLU G 58 -79.56 -47.05 0.41
N ALA G 59 -78.55 -47.81 0.79
CA ALA G 59 -78.70 -48.68 1.95
C ALA G 59 -78.24 -47.95 3.20
N TYR G 60 -77.09 -47.28 3.09
CA TYR G 60 -76.54 -46.58 4.24
C TYR G 60 -77.65 -45.93 5.06
N ALA G 61 -78.38 -45.00 4.46
CA ALA G 61 -79.47 -44.35 5.17
C ALA G 61 -80.68 -45.27 5.19
N ALA G 62 -80.71 -46.20 4.25
CA ALA G 62 -81.83 -47.13 4.15
C ALA G 62 -82.10 -47.86 5.43
N LEU G 63 -81.05 -48.30 6.10
CA LEU G 63 -81.28 -49.04 7.32
C LEU G 63 -81.30 -48.13 8.54
N LEU G 64 -81.39 -46.82 8.31
CA LEU G 64 -81.40 -45.85 9.41
C LEU G 64 -82.66 -45.90 10.27
N LEU G 65 -83.43 -46.96 10.06
CA LEU G 65 -84.68 -47.15 10.77
C LEU G 65 -84.50 -47.92 12.05
N ALA G 66 -84.23 -49.21 11.91
CA ALA G 66 -84.03 -50.06 13.05
C ALA G 66 -82.57 -50.39 13.19
N GLN G 67 -81.77 -49.93 12.25
CA GLN G 67 -80.36 -50.22 12.33
C GLN G 67 -79.53 -48.98 12.52
N ALA G 68 -80.12 -47.82 12.24
CA ALA G 68 -79.40 -46.55 12.35
C ALA G 68 -78.82 -46.28 13.72
N PHE G 69 -79.70 -46.36 14.72
CA PHE G 69 -79.32 -46.14 16.12
C PHE G 69 -78.67 -47.40 16.68
N ASP G 70 -78.80 -48.48 15.93
CA ASP G 70 -78.27 -49.77 16.30
C ASP G 70 -77.15 -50.25 15.36
N GLY G 71 -76.70 -49.36 14.50
CA GLY G 71 -75.64 -49.71 13.58
C GLY G 71 -74.40 -50.03 14.37
N PRO G 72 -73.82 -49.06 15.09
CA PRO G 72 -72.61 -49.27 15.88
C PRO G 72 -72.52 -50.72 16.35
N GLU G 73 -73.61 -51.21 16.92
CA GLU G 73 -73.68 -52.58 17.45
C GLU G 73 -73.70 -53.62 16.33
N VAL G 74 -74.59 -53.47 15.36
CA VAL G 74 -74.65 -54.42 14.26
C VAL G 74 -73.26 -54.52 13.63
N VAL G 75 -72.54 -53.40 13.65
CA VAL G 75 -71.20 -53.32 13.06
C VAL G 75 -70.17 -54.04 13.86
N ALA G 76 -70.30 -54.03 15.18
CA ALA G 76 -69.31 -54.71 16.00
C ALA G 76 -69.13 -56.14 15.48
N GLY G 77 -70.19 -56.95 15.59
CA GLY G 77 -70.15 -58.36 15.18
C GLY G 77 -69.77 -58.74 13.75
N ALA G 78 -70.01 -57.81 12.83
CA ALA G 78 -69.71 -58.01 11.44
C ALA G 78 -69.17 -56.72 10.91
N ALA G 79 -68.00 -56.34 11.43
CA ALA G 79 -67.34 -55.11 11.01
C ALA G 79 -65.97 -55.55 10.61
N LEU G 80 -65.60 -55.30 9.36
CA LEU G 80 -64.28 -55.69 8.91
C LEU G 80 -64.27 -57.20 9.06
N GLY G 81 -65.35 -57.83 8.63
CA GLY G 81 -65.44 -59.28 8.72
C GLY G 81 -64.36 -59.95 7.92
N VAL G 82 -64.26 -59.62 6.64
CA VAL G 82 -63.26 -60.20 5.75
C VAL G 82 -62.51 -59.06 5.07
N PRO G 83 -61.96 -58.13 5.88
CA PRO G 83 -61.21 -56.99 5.39
C PRO G 83 -59.78 -57.46 5.15
N PRO G 84 -59.53 -58.11 4.00
CA PRO G 84 -58.19 -58.63 3.67
C PRO G 84 -57.11 -57.55 3.75
N LEU G 85 -57.32 -56.49 2.96
CA LEU G 85 -56.41 -55.35 2.87
C LEU G 85 -55.29 -55.62 1.86
N GLU G 86 -55.64 -55.39 0.60
CA GLU G 86 -54.79 -55.55 -0.56
C GLU G 86 -54.84 -56.92 -1.21
N GLY G 87 -55.85 -57.70 -0.84
CA GLY G 87 -56.03 -59.00 -1.44
C GLY G 87 -56.25 -58.70 -2.90
N VAL G 88 -56.38 -57.41 -3.16
CA VAL G 88 -56.56 -56.82 -4.47
C VAL G 88 -55.55 -57.33 -5.51
N GLU G 89 -55.93 -57.34 -6.78
CA GLU G 89 -55.05 -57.81 -7.87
C GLU G 89 -54.41 -56.65 -8.65
N ALA G 90 -53.18 -56.32 -8.25
CA ALA G 90 -52.37 -55.25 -8.84
C ALA G 90 -51.72 -55.59 -10.16
N GLU G 91 -51.82 -54.65 -11.10
CA GLU G 91 -51.29 -54.80 -12.46
C GLU G 91 -50.17 -53.82 -12.80
N VAL G 92 -49.17 -54.26 -13.57
CA VAL G 92 -48.09 -53.35 -13.95
C VAL G 92 -48.31 -52.94 -15.41
N GLU G 93 -47.98 -51.70 -15.76
CA GLU G 93 -48.16 -51.20 -17.13
C GLU G 93 -47.05 -50.20 -17.43
N ASN G 94 -46.96 -49.76 -18.70
CA ASN G 94 -45.93 -48.83 -19.18
C ASN G 94 -46.38 -47.46 -19.71
N VAL G 95 -45.83 -46.39 -19.14
CA VAL G 95 -46.17 -45.04 -19.54
C VAL G 95 -45.00 -44.12 -19.31
N TRP G 96 -44.88 -43.11 -20.18
CA TRP G 96 -43.81 -42.13 -20.09
C TRP G 96 -43.36 -41.84 -18.68
N GLY G 97 -42.06 -41.93 -18.45
CA GLY G 97 -41.50 -41.66 -17.14
C GLY G 97 -41.07 -42.94 -16.46
N SER G 98 -41.51 -44.06 -17.01
CA SER G 98 -41.23 -45.41 -16.50
C SER G 98 -42.44 -46.31 -16.77
N LYS G 99 -42.80 -47.10 -15.77
CA LYS G 99 -43.94 -48.01 -15.88
C LYS G 99 -44.70 -47.91 -14.55
N VAL G 100 -45.91 -47.38 -14.56
CA VAL G 100 -46.71 -47.26 -13.33
C VAL G 100 -47.68 -48.44 -13.22
N PRO G 101 -47.96 -48.90 -12.00
CA PRO G 101 -48.86 -50.02 -11.76
C PRO G 101 -50.30 -49.62 -11.38
N ARG G 102 -51.27 -50.43 -11.80
CA ARG G 102 -52.69 -50.23 -11.51
C ARG G 102 -53.16 -51.52 -10.82
N LEU G 103 -54.47 -51.66 -10.60
CA LEU G 103 -55.05 -52.84 -9.95
C LEU G 103 -56.46 -52.59 -9.57
N LYS G 104 -57.16 -53.67 -9.33
CA LYS G 104 -58.53 -53.59 -8.91
C LYS G 104 -58.71 -54.54 -7.74
N ALA G 105 -59.50 -54.13 -6.75
CA ALA G 105 -59.78 -54.98 -5.60
C ALA G 105 -61.03 -55.77 -5.93
N THR G 106 -60.81 -56.98 -6.40
CA THR G 106 -61.92 -57.82 -6.74
C THR G 106 -61.72 -59.08 -5.93
N PHE G 107 -62.63 -59.32 -5.01
CA PHE G 107 -62.56 -60.48 -4.16
C PHE G 107 -63.89 -60.72 -3.47
N PRO G 108 -64.27 -62.00 -3.28
CA PRO G 108 -65.57 -62.30 -2.64
C PRO G 108 -65.50 -62.01 -1.13
N ASP G 109 -66.18 -60.95 -0.69
CA ASP G 109 -66.15 -60.51 0.71
C ASP G 109 -67.34 -59.60 1.10
N GLY G 110 -67.45 -58.45 0.42
CA GLY G 110 -68.54 -57.53 0.71
C GLY G 110 -69.82 -58.16 0.19
N ALA G 111 -69.63 -59.34 -0.40
CA ALA G 111 -70.66 -60.20 -1.01
C ALA G 111 -71.60 -60.94 -0.06
N LEU G 112 -72.03 -60.29 1.02
CA LEU G 112 -72.95 -60.85 2.04
C LEU G 112 -72.27 -61.89 2.94
N LEU G 113 -71.16 -61.48 3.55
CA LEU G 113 -70.41 -62.43 4.37
C LEU G 113 -70.32 -62.15 5.85
N SER G 114 -70.61 -60.92 6.25
CA SER G 114 -70.58 -60.60 7.68
C SER G 114 -71.89 -61.17 8.21
N PRO G 115 -71.81 -62.22 9.08
CA PRO G 115 -72.88 -62.98 9.75
C PRO G 115 -73.71 -62.28 10.83
N VAL G 116 -73.43 -62.63 12.09
CA VAL G 116 -74.11 -62.09 13.27
C VAL G 116 -75.63 -62.09 13.11
N GLY G 117 -76.13 -62.92 12.19
CA GLY G 117 -77.57 -63.00 11.96
C GLY G 117 -78.14 -61.64 11.58
N THR G 118 -78.48 -60.84 12.60
CA THR G 118 -78.98 -59.47 12.45
C THR G 118 -80.41 -59.27 11.90
N PRO G 119 -80.91 -58.00 11.90
CA PRO G 119 -82.26 -57.78 11.38
C PRO G 119 -82.43 -57.85 9.88
N ALA G 120 -83.20 -56.90 9.36
CA ALA G 120 -83.50 -56.82 7.95
C ALA G 120 -82.62 -55.83 7.20
N TYR G 121 -82.42 -54.66 7.81
CA TYR G 121 -81.63 -53.58 7.23
C TYR G 121 -80.20 -53.96 6.94
N THR G 122 -79.61 -54.65 7.88
CA THR G 122 -78.23 -55.09 7.79
C THR G 122 -77.87 -55.61 6.44
N LEU G 123 -78.34 -56.83 6.20
CA LEU G 123 -78.08 -57.52 4.95
C LEU G 123 -78.30 -56.58 3.74
N GLU G 124 -79.33 -55.74 3.77
CA GLU G 124 -79.56 -54.83 2.66
C GLU G 124 -78.50 -53.72 2.71
N ALA G 125 -78.17 -53.31 3.94
CA ALA G 125 -77.18 -52.27 4.17
C ALA G 125 -75.77 -52.74 3.88
N SER G 126 -75.45 -53.96 4.29
CA SER G 126 -74.10 -54.45 4.01
C SER G 126 -73.91 -54.60 2.50
N ARG G 127 -74.99 -54.92 1.80
CA ARG G 127 -74.91 -55.07 0.36
C ARG G 127 -74.42 -53.78 -0.29
N ALA G 128 -74.82 -52.66 0.29
CA ALA G 128 -74.44 -51.34 -0.18
C ALA G 128 -72.96 -51.15 -0.29
N PHE G 129 -72.22 -51.84 0.56
CA PHE G 129 -70.80 -51.67 0.51
C PHE G 129 -70.30 -51.94 -0.86
N ARG G 130 -70.97 -52.86 -1.51
CA ARG G 130 -70.64 -53.25 -2.87
C ARG G 130 -70.36 -52.08 -3.83
N ARG G 131 -71.18 -51.04 -3.74
CA ARG G 131 -71.05 -49.84 -4.59
C ARG G 131 -69.84 -48.97 -4.22
N TYR G 132 -69.17 -49.32 -3.14
CA TYR G 132 -68.01 -48.55 -2.76
C TYR G 132 -66.88 -49.39 -3.29
N ALA G 133 -66.65 -50.48 -2.58
CA ALA G 133 -65.60 -51.41 -3.00
C ALA G 133 -65.71 -51.64 -4.49
N GLU G 134 -66.56 -52.60 -4.87
CA GLU G 134 -66.76 -52.96 -6.26
C GLU G 134 -66.63 -51.73 -7.15
N ALA G 135 -67.51 -50.75 -6.99
CA ALA G 135 -67.40 -49.53 -7.78
C ALA G 135 -66.06 -48.79 -7.62
N LEU G 136 -65.64 -48.48 -6.40
CA LEU G 136 -64.40 -47.73 -6.18
C LEU G 136 -63.25 -48.24 -7.02
N ILE G 137 -63.46 -49.46 -7.52
CA ILE G 137 -62.54 -50.18 -8.41
C ILE G 137 -62.45 -49.57 -9.81
N ARG G 138 -63.62 -49.24 -10.38
CA ARG G 138 -63.65 -48.67 -11.71
C ARG G 138 -62.60 -47.59 -11.80
N VAL G 139 -62.47 -46.76 -10.77
CA VAL G 139 -61.49 -45.65 -10.71
C VAL G 139 -60.03 -45.90 -10.39
N ALA G 140 -59.72 -47.06 -9.82
CA ALA G 140 -58.34 -47.32 -9.42
C ALA G 140 -57.41 -47.57 -10.56
N ASN G 141 -57.98 -47.96 -11.67
CA ASN G 141 -57.17 -48.26 -12.80
C ASN G 141 -57.64 -47.34 -13.90
N THR G 142 -58.89 -46.87 -13.83
CA THR G 142 -59.32 -45.94 -14.88
C THR G 142 -59.00 -44.53 -14.39
N GLU G 143 -59.35 -44.20 -13.15
CA GLU G 143 -59.07 -42.87 -12.65
C GLU G 143 -57.60 -42.60 -12.50
N THR G 144 -56.82 -43.66 -12.38
CA THR G 144 -55.38 -43.53 -12.29
C THR G 144 -54.81 -43.40 -13.70
N ARG G 145 -55.52 -44.00 -14.66
CA ARG G 145 -55.14 -43.99 -16.07
C ARG G 145 -55.03 -42.58 -16.59
N LEU G 146 -55.94 -41.74 -16.13
CA LEU G 146 -55.97 -40.35 -16.54
C LEU G 146 -54.65 -39.65 -16.24
N LYS G 147 -54.19 -39.76 -15.01
CA LYS G 147 -52.94 -39.10 -14.59
C LYS G 147 -51.81 -39.61 -15.43
N LYS G 148 -51.84 -40.93 -15.64
CA LYS G 148 -50.84 -41.59 -16.45
C LYS G 148 -50.80 -40.88 -17.80
N ILE G 149 -51.98 -40.72 -18.39
CA ILE G 149 -52.07 -40.07 -19.69
C ILE G 149 -51.65 -38.60 -19.63
N GLY G 150 -51.66 -38.05 -18.42
CA GLY G 150 -51.26 -36.67 -18.25
C GLY G 150 -49.79 -36.51 -18.58
N GLU G 151 -48.94 -37.24 -17.85
CA GLU G 151 -47.50 -37.20 -18.06
C GLU G 151 -47.17 -37.30 -19.55
N GLU G 152 -47.48 -38.46 -20.13
CA GLU G 152 -47.23 -38.69 -21.54
C GLU G 152 -47.66 -37.48 -22.31
N ILE G 153 -48.97 -37.30 -22.43
CA ILE G 153 -49.49 -36.17 -23.15
C ILE G 153 -48.57 -34.95 -23.04
N LYS G 154 -48.35 -34.47 -21.82
CA LYS G 154 -47.48 -33.32 -21.59
C LYS G 154 -46.02 -33.48 -22.01
N LYS G 155 -45.32 -34.42 -21.39
CA LYS G 155 -43.91 -34.60 -21.69
C LYS G 155 -43.65 -34.76 -23.16
N THR G 156 -44.49 -35.55 -23.80
CA THR G 156 -44.40 -35.82 -25.22
C THR G 156 -44.51 -34.54 -26.03
N THR G 157 -45.70 -33.94 -26.00
CA THR G 157 -45.98 -32.72 -26.73
C THR G 157 -45.03 -31.57 -26.40
N ARG G 158 -44.61 -31.48 -25.13
CA ARG G 158 -43.68 -30.44 -24.68
C ARG G 158 -42.55 -30.29 -25.69
N ARG G 159 -41.99 -31.45 -26.07
CA ARG G 159 -40.88 -31.51 -27.01
C ARG G 159 -41.28 -31.07 -28.40
N VAL G 160 -42.49 -31.46 -28.81
CA VAL G 160 -42.99 -31.08 -30.11
C VAL G 160 -42.71 -29.60 -30.35
N ASN G 161 -43.31 -28.77 -29.51
CA ASN G 161 -43.18 -27.32 -29.56
C ASN G 161 -41.70 -26.96 -29.64
N ALA G 162 -40.98 -27.24 -28.57
CA ALA G 162 -39.55 -26.96 -28.49
C ALA G 162 -38.88 -27.44 -29.78
N LEU G 163 -38.93 -28.75 -29.95
CA LEU G 163 -38.35 -29.32 -31.12
C LEU G 163 -38.61 -28.35 -32.25
N GLU G 164 -39.86 -27.94 -32.37
CA GLU G 164 -40.28 -27.04 -33.41
C GLU G 164 -39.75 -25.63 -33.33
N GLN G 165 -39.21 -25.19 -32.20
CA GLN G 165 -38.68 -23.84 -32.21
C GLN G 165 -37.23 -23.78 -31.80
N VAL G 166 -36.72 -24.87 -31.26
CA VAL G 166 -35.32 -24.88 -30.90
C VAL G 166 -34.69 -25.99 -31.68
N VAL G 167 -35.34 -27.14 -31.70
CA VAL G 167 -34.77 -28.23 -32.44
C VAL G 167 -34.79 -27.77 -33.88
N ILE G 168 -35.93 -27.97 -34.53
CA ILE G 168 -36.03 -27.59 -35.92
C ILE G 168 -35.26 -26.31 -36.17
N PRO G 169 -35.72 -25.21 -35.61
CA PRO G 169 -35.02 -23.92 -35.82
C PRO G 169 -33.60 -23.87 -35.30
N GLY G 170 -33.23 -24.77 -34.40
CA GLY G 170 -31.88 -24.74 -33.91
C GLY G 170 -30.96 -25.21 -35.02
N ILE G 171 -31.33 -26.32 -35.65
CA ILE G 171 -30.51 -26.84 -36.72
C ILE G 171 -30.73 -26.08 -38.03
N ARG G 172 -31.86 -25.41 -38.16
CA ARG G 172 -32.08 -24.65 -39.37
C ARG G 172 -30.95 -23.66 -39.38
N ALA G 173 -31.11 -22.64 -38.55
CA ALA G 173 -30.15 -21.55 -38.39
C ALA G 173 -28.67 -21.91 -38.48
N GLN G 174 -28.36 -23.16 -38.25
CA GLN G 174 -26.97 -23.59 -38.32
C GLN G 174 -26.56 -23.48 -39.77
N ILE G 175 -27.25 -24.28 -40.56
CA ILE G 175 -27.05 -24.42 -41.99
C ILE G 175 -26.80 -23.12 -42.70
N ARG G 176 -27.60 -22.11 -42.41
CA ARG G 176 -27.42 -20.82 -43.08
C ARG G 176 -25.98 -20.33 -42.92
N PHE G 177 -25.53 -20.23 -41.67
CA PHE G 177 -24.19 -19.71 -41.35
C PHE G 177 -23.10 -20.44 -42.12
N ILE G 178 -23.22 -21.76 -42.08
CA ILE G 178 -22.32 -22.68 -42.73
C ILE G 178 -22.32 -22.21 -44.18
N GLN G 179 -23.43 -22.58 -44.82
CA GLN G 179 -23.74 -22.29 -46.21
C GLN G 179 -23.04 -21.01 -46.67
N GLN G 180 -23.63 -19.87 -46.33
CA GLN G 180 -23.08 -18.56 -46.71
C GLN G 180 -21.53 -18.52 -46.63
N VAL G 181 -20.95 -19.26 -45.70
CA VAL G 181 -19.50 -19.28 -45.61
C VAL G 181 -19.02 -20.25 -46.66
N LEU G 182 -19.73 -21.37 -46.81
CA LEU G 182 -19.41 -22.41 -47.78
C LEU G 182 -19.43 -21.97 -49.24
N GLU G 183 -20.47 -21.24 -49.61
CA GLU G 183 -20.65 -20.71 -50.97
C GLU G 183 -19.66 -19.62 -51.26
N GLN G 184 -19.55 -18.66 -50.35
CA GLN G 184 -18.60 -17.59 -50.55
C GLN G 184 -17.23 -18.24 -50.51
N ARG G 185 -17.08 -19.28 -49.69
CA ARG G 185 -15.81 -19.98 -49.57
C ARG G 185 -15.12 -20.00 -50.90
N GLU G 186 -15.92 -20.02 -51.96
CA GLU G 186 -15.38 -20.02 -53.28
C GLU G 186 -14.83 -18.64 -53.57
N ARG G 187 -14.42 -17.96 -52.50
CA ARG G 187 -13.85 -16.64 -52.66
C ARG G 187 -12.54 -16.87 -53.38
N GLU G 188 -11.69 -17.66 -52.75
CA GLU G 188 -10.38 -17.99 -53.28
C GLU G 188 -10.47 -18.44 -54.73
N ASP G 189 -11.53 -19.14 -55.07
CA ASP G 189 -11.70 -19.58 -56.45
C ASP G 189 -11.50 -18.39 -57.37
N THR G 190 -12.38 -17.39 -57.27
CA THR G 190 -12.29 -16.20 -58.11
C THR G 190 -11.07 -15.35 -57.79
N PHE G 191 -10.90 -14.98 -56.52
CA PHE G 191 -9.77 -14.15 -56.14
C PHE G 191 -8.40 -14.75 -56.47
N ARG G 192 -8.25 -16.04 -56.20
CA ARG G 192 -7.00 -16.72 -56.49
C ARG G 192 -6.83 -16.81 -57.98
N LEU G 193 -7.84 -17.39 -58.64
CA LEU G 193 -7.77 -17.53 -60.08
C LEU G 193 -7.67 -16.17 -60.80
N LYS G 194 -8.44 -15.17 -60.36
CA LYS G 194 -8.38 -13.85 -61.00
C LYS G 194 -6.91 -13.47 -61.17
N ARG G 195 -6.20 -13.45 -60.05
CA ARG G 195 -4.79 -13.12 -60.06
C ARG G 195 -4.05 -14.11 -60.97
N ILE G 196 -4.50 -15.36 -60.97
CA ILE G 196 -3.87 -16.41 -61.78
C ILE G 196 -3.83 -16.08 -63.26
N LYS G 197 -4.94 -15.61 -63.82
CA LYS G 197 -4.99 -15.26 -65.23
C LYS G 197 -3.89 -14.23 -65.53
N GLY G 198 -3.88 -13.13 -64.77
CA GLY G 198 -2.88 -12.08 -64.95
C GLY G 198 -1.46 -12.59 -65.11
N LYS G 199 -1.11 -13.60 -64.33
CA LYS G 199 0.23 -14.18 -64.37
C LYS G 199 0.42 -15.01 -65.64
N ILE G 200 -0.33 -16.11 -65.77
CA ILE G 200 -0.23 -16.98 -66.95
C ILE G 200 -0.23 -16.12 -68.21
N GLU G 201 -1.09 -15.11 -68.26
CA GLU G 201 -1.14 -14.26 -69.43
C GLU G 201 -0.05 -13.19 -69.40
N ALA G 202 0.17 -12.53 -68.26
CA ALA G 202 1.22 -11.51 -68.21
C ALA G 202 2.48 -12.13 -68.76
N ARG G 203 2.73 -13.38 -68.39
CA ARG G 203 3.91 -14.10 -68.84
C ARG G 203 3.84 -14.27 -70.35
N GLU G 204 2.66 -14.60 -70.85
CA GLU G 204 2.42 -14.80 -72.28
C GLU G 204 2.00 -13.45 -72.91
N ALA G 205 1.91 -12.43 -72.07
CA ALA G 205 1.51 -11.08 -72.49
C ALA G 205 2.77 -10.23 -72.61
N GLU G 206 3.80 -10.63 -71.86
CA GLU G 206 5.07 -9.92 -71.89
C GLU G 206 6.06 -10.74 -72.71
N GLU G 207 5.62 -11.90 -73.20
CA GLU G 207 6.47 -12.76 -74.02
C GLU G 207 6.28 -12.38 -75.49
N GLU G 208 5.21 -11.65 -75.76
CA GLU G 208 4.89 -11.19 -77.10
C GLU G 208 5.30 -9.72 -77.23
N GLY G 209 5.94 -9.21 -76.19
CA GLY G 209 6.42 -7.84 -76.16
C GLY G 209 7.89 -7.88 -75.80
N GLY G 210 8.44 -9.10 -75.85
CA GLY G 210 9.84 -9.31 -75.53
C GLY G 210 10.25 -10.75 -75.81
N MET H 1 -56.29 -52.34 3.05
CA MET H 1 -57.26 -51.26 2.78
C MET H 1 -58.03 -50.86 4.02
N ALA H 2 -57.69 -49.68 4.52
CA ALA H 2 -58.32 -49.12 5.69
C ALA H 2 -58.35 -47.64 5.31
N VAL H 3 -59.54 -47.11 5.00
CA VAL H 3 -59.70 -45.71 4.56
C VAL H 3 -60.82 -44.99 5.30
N ILE H 4 -60.76 -43.66 5.37
CA ILE H 4 -61.79 -42.95 6.09
C ILE H 4 -62.28 -41.75 5.33
N ALA H 5 -63.33 -41.12 5.85
CA ALA H 5 -63.88 -39.93 5.21
C ALA H 5 -64.75 -39.15 6.17
N ASP H 6 -65.97 -39.64 6.35
CA ASP H 6 -66.89 -38.99 7.21
C ASP H 6 -67.41 -40.01 8.23
N PRO H 7 -67.56 -39.60 9.50
CA PRO H 7 -68.03 -40.44 10.60
C PRO H 7 -69.42 -40.99 10.37
N GLU H 8 -70.30 -40.07 10.04
CA GLU H 8 -71.71 -40.35 9.79
C GLU H 8 -71.91 -41.24 8.58
N THR H 9 -71.07 -41.07 7.57
CA THR H 9 -71.19 -41.86 6.35
C THR H 9 -70.13 -42.97 6.37
N ALA H 10 -69.12 -42.83 7.20
CA ALA H 10 -68.10 -43.85 7.21
C ALA H 10 -68.60 -45.15 7.79
N GLN H 11 -69.42 -45.01 8.83
CA GLN H 11 -69.94 -46.13 9.61
C GLN H 11 -70.11 -47.38 8.83
N GLY H 12 -70.69 -47.25 7.66
CA GLY H 12 -70.86 -48.44 6.87
C GLY H 12 -69.51 -49.09 6.59
N PHE H 13 -68.56 -48.29 6.16
CA PHE H 13 -67.26 -48.82 5.88
C PHE H 13 -66.86 -49.91 6.87
N ARG H 14 -66.73 -49.51 8.13
CA ARG H 14 -66.36 -50.46 9.16
C ARG H 14 -67.32 -51.66 9.14
N LEU H 15 -68.56 -51.44 8.70
CA LEU H 15 -69.55 -52.53 8.63
C LEU H 15 -69.05 -53.63 7.72
N ALA H 16 -69.29 -53.48 6.43
CA ALA H 16 -68.80 -54.49 5.52
C ALA H 16 -67.44 -54.06 5.01
N GLY H 17 -66.94 -54.83 4.06
CA GLY H 17 -65.63 -54.56 3.48
C GLY H 17 -64.59 -53.96 4.40
N LEU H 18 -64.19 -52.76 4.05
CA LEU H 18 -63.19 -52.06 4.80
C LEU H 18 -63.75 -51.61 6.11
N GLU H 19 -63.07 -50.61 6.64
CA GLU H 19 -63.40 -50.01 7.90
C GLU H 19 -63.02 -48.56 7.72
N GLY H 20 -64.03 -47.71 7.56
CA GLY H 20 -63.74 -46.29 7.40
C GLY H 20 -63.92 -45.67 8.77
N TYR H 21 -63.10 -44.67 9.11
CA TYR H 21 -63.22 -44.00 10.39
C TYR H 21 -62.73 -42.56 10.34
N GLY H 22 -63.63 -41.68 9.90
CA GLY H 22 -63.29 -40.28 9.80
C GLY H 22 -64.34 -39.38 10.41
N ALA H 23 -64.03 -38.09 10.43
CA ALA H 23 -64.90 -37.07 10.99
C ALA H 23 -65.47 -36.24 9.85
N SER H 24 -66.58 -35.57 10.14
CA SER H 24 -67.25 -34.72 9.17
C SER H 24 -66.90 -33.27 9.51
N SER H 25 -66.35 -33.07 10.71
CA SER H 25 -65.93 -31.75 11.20
C SER H 25 -64.41 -31.65 11.26
N ALA H 26 -63.74 -32.77 10.98
CA ALA H 26 -62.30 -32.83 10.99
C ALA H 26 -61.81 -32.38 9.63
N GLU H 27 -62.29 -31.20 9.21
CA GLU H 27 -61.93 -30.63 7.92
C GLU H 27 -60.45 -30.87 7.68
N GLU H 28 -59.64 -30.78 8.74
CA GLU H 28 -58.21 -30.98 8.61
C GLU H 28 -57.92 -32.46 8.32
N ALA H 29 -58.39 -33.34 9.19
CA ALA H 29 -58.16 -34.75 8.95
C ALA H 29 -56.66 -35.00 8.82
N GLN H 30 -55.88 -33.95 8.67
CA GLN H 30 -54.45 -34.12 8.52
C GLN H 30 -54.01 -34.98 9.67
N SER H 31 -54.54 -34.67 10.86
CA SER H 31 -54.22 -35.41 12.07
C SER H 31 -54.10 -36.90 11.77
N LEU H 32 -54.97 -37.36 10.90
CA LEU H 32 -55.01 -38.75 10.49
C LEU H 32 -54.24 -38.95 9.20
N LEU H 33 -54.59 -38.18 8.18
CA LEU H 33 -53.93 -38.27 6.89
C LEU H 33 -52.52 -38.84 6.98
N GLU H 34 -51.67 -38.17 7.75
CA GLU H 34 -50.27 -38.58 7.92
C GLU H 34 -50.13 -39.92 8.65
N THR H 35 -50.67 -39.96 9.86
CA THR H 35 -50.61 -41.16 10.68
C THR H 35 -50.98 -42.34 9.78
N LEU H 36 -52.09 -42.20 9.08
CA LEU H 36 -52.55 -43.26 8.20
C LEU H 36 -51.39 -43.78 7.40
N VAL H 37 -50.70 -42.85 6.74
CA VAL H 37 -49.59 -43.20 5.87
C VAL H 37 -48.37 -43.73 6.60
N GLU H 38 -48.33 -43.55 7.92
CA GLU H 38 -47.22 -44.04 8.70
C GLU H 38 -46.91 -45.46 8.25
N ARG H 39 -47.97 -46.21 7.92
CA ARG H 39 -47.84 -47.60 7.44
C ARG H 39 -48.16 -47.69 5.94
N GLY H 40 -49.31 -47.15 5.55
CA GLY H 40 -49.72 -47.21 4.15
C GLY H 40 -49.59 -48.60 3.53
N GLY H 41 -50.03 -49.63 4.25
CA GLY H 41 -49.92 -51.01 3.76
C GLY H 41 -51.20 -51.58 3.19
N TYR H 42 -51.95 -50.73 2.54
CA TYR H 42 -53.19 -51.12 1.92
C TYR H 42 -53.05 -50.65 0.48
N ALA H 43 -54.11 -50.72 -0.30
CA ALA H 43 -54.04 -50.35 -1.72
C ALA H 43 -53.91 -48.88 -2.06
N LEU H 44 -54.98 -48.14 -1.84
CA LEU H 44 -55.02 -46.73 -2.14
C LEU H 44 -56.15 -46.16 -1.32
N VAL H 45 -55.78 -45.54 -0.22
CA VAL H 45 -56.73 -44.96 0.69
C VAL H 45 -57.22 -43.62 0.14
N ALA H 46 -58.54 -43.43 0.11
CA ALA H 46 -59.12 -42.19 -0.41
C ALA H 46 -60.04 -41.51 0.59
N VAL H 47 -60.45 -40.28 0.26
CA VAL H 47 -61.32 -39.49 1.13
C VAL H 47 -62.23 -38.49 0.38
N ASP H 48 -63.32 -38.09 1.03
CA ASP H 48 -64.29 -37.17 0.48
C ASP H 48 -63.64 -35.88 0.06
N GLU H 49 -64.29 -35.14 -0.83
CA GLU H 49 -63.74 -33.87 -1.32
C GLU H 49 -64.01 -32.69 -0.39
N ALA H 50 -64.61 -32.97 0.76
CA ALA H 50 -64.92 -31.90 1.69
C ALA H 50 -63.77 -31.65 2.62
N LEU H 51 -62.73 -32.45 2.49
CA LEU H 51 -61.59 -32.30 3.36
C LEU H 51 -60.41 -31.86 2.50
N LEU H 52 -59.36 -32.67 2.44
CA LEU H 52 -58.22 -32.33 1.60
C LEU H 52 -58.33 -33.23 0.39
N PRO H 53 -59.30 -32.94 -0.46
CA PRO H 53 -59.27 -33.93 -1.53
C PRO H 53 -58.97 -33.24 -2.84
N ASP H 54 -59.11 -31.92 -2.81
CA ASP H 54 -58.83 -31.16 -4.01
C ASP H 54 -57.30 -31.08 -4.05
N PRO H 55 -56.66 -30.62 -2.95
CA PRO H 55 -55.19 -30.52 -2.88
C PRO H 55 -54.54 -31.86 -2.57
N GLU H 56 -54.11 -32.59 -3.60
CA GLU H 56 -53.47 -33.87 -3.35
C GLU H 56 -52.14 -33.62 -2.69
N ARG H 57 -51.72 -32.37 -2.72
CA ARG H 57 -50.46 -31.92 -2.13
C ARG H 57 -50.32 -32.47 -0.72
N ALA H 58 -51.44 -32.85 -0.13
CA ALA H 58 -51.38 -33.36 1.21
C ALA H 58 -50.57 -34.62 1.23
N VAL H 59 -50.98 -35.59 0.42
CA VAL H 59 -50.29 -36.87 0.34
C VAL H 59 -48.82 -36.68 -0.10
N GLU H 60 -48.59 -35.77 -1.05
CA GLU H 60 -47.23 -35.55 -1.53
C GLU H 60 -46.35 -34.76 -0.59
N ARG H 61 -46.95 -33.87 0.16
CA ARG H 61 -46.21 -33.06 1.10
C ARG H 61 -45.80 -33.96 2.25
N LEU H 62 -46.47 -35.08 2.38
CA LEU H 62 -46.15 -36.03 3.45
C LEU H 62 -45.33 -37.24 2.96
N MET H 63 -45.75 -37.86 1.86
CA MET H 63 -45.02 -39.02 1.34
C MET H 63 -43.61 -38.67 0.96
N ARG H 64 -43.47 -37.50 0.36
CA ARG H 64 -42.20 -36.95 -0.11
C ARG H 64 -41.84 -37.35 -1.55
N GLY H 65 -42.85 -37.37 -2.42
CA GLY H 65 -42.64 -37.72 -3.81
C GLY H 65 -42.53 -39.20 -4.09
N ARG H 66 -42.93 -40.02 -3.12
CA ARG H 66 -42.87 -41.47 -3.25
C ARG H 66 -44.19 -42.05 -3.76
N ASP H 67 -44.17 -43.28 -4.25
CA ASP H 67 -45.40 -43.89 -4.75
C ASP H 67 -46.17 -44.55 -3.61
N LEU H 68 -47.09 -43.78 -3.03
CA LEU H 68 -47.92 -44.28 -1.93
C LEU H 68 -49.39 -44.22 -2.31
N PRO H 69 -50.23 -45.01 -1.64
CA PRO H 69 -51.67 -45.00 -1.94
C PRO H 69 -52.18 -43.61 -2.25
N VAL H 70 -52.88 -43.48 -3.36
CA VAL H 70 -53.41 -42.20 -3.80
C VAL H 70 -54.77 -41.86 -3.23
N LEU H 71 -55.16 -40.61 -3.42
CA LEU H 71 -56.42 -40.02 -2.94
C LEU H 71 -57.55 -39.94 -3.97
N LEU H 72 -58.79 -40.11 -3.52
CA LEU H 72 -59.95 -40.01 -4.40
C LEU H 72 -61.07 -39.19 -3.77
N PRO H 73 -61.30 -37.99 -4.32
CA PRO H 73 -62.31 -37.01 -3.91
C PRO H 73 -63.77 -37.30 -4.30
N ILE H 74 -64.68 -37.09 -3.34
CA ILE H 74 -66.11 -37.28 -3.59
C ILE H 74 -66.89 -36.08 -3.05
N ALA H 75 -67.74 -36.28 -2.04
CA ALA H 75 -68.54 -35.16 -1.48
C ALA H 75 -69.38 -35.44 -0.22
N GLY H 76 -69.71 -36.69 0.06
CA GLY H 76 -70.52 -36.98 1.23
C GLY H 76 -71.96 -36.72 0.89
N LEU H 77 -72.32 -35.45 0.69
CA LEU H 77 -73.68 -35.11 0.31
C LEU H 77 -73.79 -34.88 -1.21
N LYS H 78 -74.63 -35.68 -1.83
CA LYS H 78 -74.87 -35.68 -3.26
C LYS H 78 -76.05 -34.80 -3.64
N GLU H 79 -76.20 -34.54 -4.94
CA GLU H 79 -77.31 -33.73 -5.45
C GLU H 79 -77.32 -33.73 -6.98
N ALA H 80 -76.32 -33.10 -7.57
CA ALA H 80 -76.27 -33.04 -9.01
C ALA H 80 -74.87 -33.51 -9.26
N PHE H 81 -74.70 -34.56 -10.05
CA PHE H 81 -73.37 -35.06 -10.38
C PHE H 81 -73.12 -34.83 -11.88
N GLN H 82 -73.80 -33.84 -12.45
CA GLN H 82 -73.66 -33.51 -13.88
C GLN H 82 -72.98 -32.15 -13.95
N GLY H 83 -72.38 -31.76 -12.83
CA GLY H 83 -71.70 -30.50 -12.75
C GLY H 83 -70.20 -30.71 -12.71
N HIS H 84 -69.67 -31.03 -11.55
CA HIS H 84 -68.23 -31.24 -11.47
C HIS H 84 -67.78 -32.57 -12.05
N ASP H 85 -68.66 -33.16 -12.85
CA ASP H 85 -68.37 -34.42 -13.55
C ASP H 85 -67.68 -34.00 -14.82
N VAL H 86 -68.40 -33.36 -15.73
CA VAL H 86 -67.84 -32.87 -16.99
C VAL H 86 -66.66 -31.95 -16.69
N GLU H 87 -66.58 -31.53 -15.42
CA GLU H 87 -65.52 -30.68 -14.88
C GLU H 87 -64.23 -31.46 -14.54
N GLY H 88 -64.34 -32.54 -13.75
CA GLY H 88 -63.16 -33.34 -13.41
C GLY H 88 -62.49 -33.79 -14.69
N TYR H 89 -63.33 -34.05 -15.68
CA TYR H 89 -62.88 -34.44 -17.01
C TYR H 89 -62.00 -33.30 -17.49
N MET H 90 -62.51 -32.09 -17.30
CA MET H 90 -61.78 -30.94 -17.75
C MET H 90 -60.58 -30.56 -16.91
N ARG H 91 -60.64 -30.92 -15.64
CA ARG H 91 -59.61 -30.60 -14.66
C ARG H 91 -58.35 -31.38 -14.84
N GLU H 92 -58.46 -32.58 -15.40
CA GLU H 92 -57.24 -33.35 -15.57
C GLU H 92 -56.63 -32.99 -16.88
N LEU H 93 -57.50 -33.11 -17.89
CA LEU H 93 -57.29 -32.91 -19.29
C LEU H 93 -56.86 -31.62 -19.87
N VAL H 94 -57.12 -30.49 -19.22
CA VAL H 94 -56.80 -29.18 -19.80
C VAL H 94 -55.43 -28.63 -19.76
N ARG H 95 -54.79 -28.86 -18.61
CA ARG H 95 -53.41 -28.49 -18.23
C ARG H 95 -52.47 -29.43 -18.96
N LYS H 96 -53.03 -30.07 -19.99
CA LYS H 96 -52.31 -31.00 -20.83
C LYS H 96 -53.01 -31.19 -22.17
N THR H 97 -53.58 -32.39 -22.27
CA THR H 97 -54.38 -32.96 -23.34
C THR H 97 -55.23 -31.84 -23.87
N ILE H 98 -56.46 -31.73 -23.40
CA ILE H 98 -57.29 -30.73 -23.97
C ILE H 98 -57.32 -29.28 -23.48
N GLY H 99 -56.64 -28.42 -24.25
CA GLY H 99 -56.57 -26.96 -24.03
C GLY H 99 -57.67 -26.33 -24.88
N PHE H 100 -57.73 -25.00 -24.96
CA PHE H 100 -58.78 -24.35 -25.72
C PHE H 100 -58.95 -22.84 -25.41
N MET I 1 68.26 1.45 26.29
CA MET I 1 66.85 1.14 26.62
C MET I 1 66.63 -0.36 26.88
N ILE I 2 65.37 -0.74 27.06
CA ILE I 2 65.00 -2.14 27.30
C ILE I 2 64.49 -2.76 26.00
N GLN I 3 64.70 -4.06 25.86
CA GLN I 3 64.32 -4.77 24.66
C GLN I 3 63.33 -5.89 24.92
N GLY I 4 62.10 -5.71 24.43
CA GLY I 4 61.06 -6.70 24.62
C GLY I 4 59.89 -6.51 23.68
N VAL I 5 58.79 -7.20 23.95
CA VAL I 5 57.60 -7.11 23.10
C VAL I 5 56.33 -6.99 23.93
N ILE I 6 55.19 -6.91 23.22
CA ILE I 6 53.90 -6.80 23.87
C ILE I 6 53.62 -8.08 24.63
N GLN I 7 53.32 -7.93 25.93
CA GLN I 7 53.03 -9.07 26.78
C GLN I 7 51.54 -9.33 26.79
N LYS I 8 50.75 -8.30 27.12
CA LYS I 8 49.30 -8.45 27.16
C LYS I 8 48.57 -7.35 26.43
N ILE I 9 48.02 -7.72 25.27
CA ILE I 9 47.29 -6.80 24.43
C ILE I 9 46.06 -6.22 25.12
N ALA I 10 45.83 -4.93 24.92
CA ALA I 10 44.69 -4.25 25.52
C ALA I 10 44.25 -3.10 24.60
N GLY I 11 42.98 -2.68 24.71
CA GLY I 11 42.46 -1.58 23.88
C GLY I 11 43.53 -0.68 23.28
N PRO I 12 43.63 0.59 23.75
CA PRO I 12 44.67 1.49 23.20
C PRO I 12 45.97 1.56 24.03
N ALA I 13 45.99 0.86 25.17
CA ALA I 13 47.18 0.79 26.04
C ALA I 13 47.36 -0.69 26.36
N VAL I 14 48.52 -1.22 26.02
CA VAL I 14 48.79 -2.63 26.25
C VAL I 14 49.73 -2.83 27.41
N ILE I 15 50.18 -4.06 27.60
CA ILE I 15 51.10 -4.39 28.67
C ILE I 15 52.32 -5.11 28.11
N ALA I 16 53.49 -4.51 28.27
CA ALA I 16 54.74 -5.11 27.80
C ALA I 16 55.35 -5.93 28.90
N LYS I 17 56.37 -6.70 28.55
CA LYS I 17 57.04 -7.54 29.54
C LYS I 17 58.55 -7.57 29.32
N GLY I 18 59.26 -8.23 30.24
CA GLY I 18 60.71 -8.31 30.12
C GLY I 18 61.34 -6.95 30.39
N MET I 19 60.56 -6.06 31.00
CA MET I 19 61.03 -4.71 31.32
C MET I 19 61.78 -4.67 32.63
N LEU I 20 63.01 -4.19 32.56
CA LEU I 20 63.91 -4.10 33.70
C LEU I 20 64.38 -2.68 33.96
N GLY I 21 64.04 -2.14 35.13
CA GLY I 21 64.47 -0.79 35.46
C GLY I 21 63.75 0.22 34.60
N ALA I 22 62.55 -0.15 34.16
CA ALA I 22 61.76 0.74 33.33
C ALA I 22 61.29 1.91 34.18
N ARG I 23 62.20 2.84 34.48
CA ARG I 23 61.87 4.00 35.31
C ARG I 23 60.64 4.80 34.85
N MET I 24 59.89 5.26 35.84
CA MET I 24 58.66 6.03 35.62
C MET I 24 58.92 7.24 34.76
N TYR I 25 58.04 7.42 33.78
CA TYR I 25 58.15 8.54 32.87
C TYR I 25 59.36 8.41 31.97
N ASP I 26 59.27 7.49 31.02
CA ASP I 26 60.35 7.24 30.06
C ASP I 26 59.79 6.91 28.67
N ILE I 27 60.38 7.56 27.66
CA ILE I 27 59.97 7.34 26.27
C ILE I 27 60.38 5.95 25.86
N CYS I 28 59.60 5.35 24.97
CA CYS I 28 59.93 4.01 24.53
C CYS I 28 59.40 3.78 23.12
N LYS I 29 59.52 2.53 22.65
CA LYS I 29 59.04 2.17 21.33
C LYS I 29 58.12 0.96 21.40
N VAL I 30 56.94 1.10 20.81
CA VAL I 30 55.95 0.02 20.76
C VAL I 30 55.33 -0.09 19.38
N GLY I 31 54.95 -1.29 19.02
CA GLY I 31 54.35 -1.50 17.72
C GLY I 31 55.38 -1.38 16.62
N GLU I 32 55.34 -2.32 15.69
CA GLU I 32 56.27 -2.35 14.56
C GLU I 32 56.13 -1.16 13.63
N GLU I 33 55.78 -0.01 14.19
CA GLU I 33 55.62 1.19 13.38
C GLU I 33 56.42 2.36 13.97
N GLY I 34 56.04 2.79 15.16
CA GLY I 34 56.74 3.88 15.81
C GLY I 34 55.84 4.60 16.82
N LEU I 35 54.78 3.93 17.25
CA LEU I 35 53.84 4.50 18.21
C LEU I 35 54.52 4.70 19.57
N VAL I 36 55.70 5.29 19.54
CA VAL I 36 56.49 5.56 20.74
C VAL I 36 55.67 5.50 22.02
N GLY I 37 56.16 4.77 23.01
CA GLY I 37 55.44 4.64 24.27
C GLY I 37 56.17 5.26 25.44
N GLU I 38 55.57 5.19 26.62
CA GLU I 38 56.15 5.77 27.82
C GLU I 38 55.89 4.94 29.07
N ILE I 39 56.92 4.80 29.90
CA ILE I 39 56.76 4.05 31.12
C ILE I 39 56.00 4.94 32.06
N ILE I 40 54.77 4.56 32.30
CA ILE I 40 53.90 5.34 33.16
C ILE I 40 53.39 4.55 34.38
N ARG I 41 54.08 3.46 34.70
CA ARG I 41 53.73 2.62 35.85
C ARG I 41 54.61 1.38 35.79
N LEU I 42 54.82 0.76 36.93
CA LEU I 42 55.67 -0.42 37.02
C LEU I 42 55.09 -1.54 37.86
N ASP I 43 55.49 -2.77 37.55
CA ASP I 43 55.00 -3.95 38.26
C ASP I 43 55.99 -5.11 38.19
N GLY I 44 57.19 -4.92 38.72
CA GLY I 44 58.19 -5.98 38.67
C GLY I 44 58.96 -5.99 37.36
N ASP I 45 58.46 -6.71 36.37
CA ASP I 45 59.12 -6.78 35.07
C ASP I 45 58.24 -6.11 34.02
N THR I 46 56.95 -5.99 34.30
CA THR I 46 56.04 -5.38 33.33
C THR I 46 55.74 -3.94 33.72
N ALA I 47 55.55 -3.08 32.73
CA ALA I 47 55.24 -1.68 32.96
C ALA I 47 54.08 -1.22 32.08
N PHE I 48 53.16 -0.43 32.66
CA PHE I 48 51.99 0.05 31.93
C PHE I 48 52.30 0.80 30.64
N VAL I 49 52.02 0.10 29.55
CA VAL I 49 52.25 0.63 28.22
C VAL I 49 51.50 1.90 28.00
N GLN I 50 52.25 2.92 27.62
CA GLN I 50 51.65 4.21 27.33
C GLN I 50 51.64 4.42 25.82
N VAL I 51 50.50 4.81 25.28
CA VAL I 51 50.36 5.04 23.84
C VAL I 51 49.90 6.46 23.58
N TYR I 52 50.78 7.24 22.96
CA TYR I 52 50.50 8.63 22.64
C TYR I 52 49.36 8.75 21.61
N GLU I 53 49.65 8.40 20.37
CA GLU I 53 48.66 8.49 19.30
C GLU I 53 47.71 7.30 19.36
N ASP I 54 46.51 7.51 18.83
CA ASP I 54 45.50 6.47 18.81
C ASP I 54 46.04 5.26 18.07
N THR I 55 45.75 4.08 18.59
CA THR I 55 46.23 2.86 18.00
C THR I 55 45.13 1.99 17.39
N SER I 56 45.15 1.87 16.06
CA SER I 56 44.15 1.06 15.36
C SER I 56 44.84 0.07 14.43
N GLY I 57 46.17 0.01 14.54
CA GLY I 57 46.96 -0.89 13.70
C GLY I 57 48.18 -1.44 14.43
N LEU I 58 47.93 -2.43 15.29
CA LEU I 58 48.99 -3.03 16.09
C LEU I 58 48.49 -4.41 16.48
N LYS I 59 49.40 -5.33 16.83
CA LYS I 59 49.04 -6.68 17.23
C LYS I 59 49.58 -7.05 18.61
N VAL I 60 49.12 -8.18 19.10
CA VAL I 60 49.51 -8.70 20.39
C VAL I 60 50.96 -9.18 20.38
N GLY I 61 51.91 -8.30 20.68
CA GLY I 61 53.31 -8.70 20.68
C GLY I 61 54.08 -7.84 19.71
N GLU I 62 54.40 -6.62 20.11
CA GLU I 62 55.11 -5.71 19.24
C GLU I 62 56.06 -4.80 20.02
N PRO I 63 56.93 -4.05 19.31
CA PRO I 63 57.90 -3.14 19.92
C PRO I 63 57.64 -2.72 21.34
N VAL I 64 58.72 -2.66 22.10
CA VAL I 64 58.69 -2.29 23.51
C VAL I 64 60.11 -1.88 23.88
N VAL I 65 60.50 -0.65 23.55
CA VAL I 65 61.84 -0.20 23.89
C VAL I 65 61.92 1.20 24.51
N SER I 66 62.44 1.27 25.73
CA SER I 66 62.54 2.52 26.50
C SER I 66 63.65 3.53 26.12
N THR I 67 64.48 3.89 27.11
CA THR I 67 65.56 4.87 26.96
C THR I 67 66.54 4.75 28.13
N GLY I 68 65.98 4.65 29.32
CA GLY I 68 66.80 4.56 30.51
C GLY I 68 66.78 5.89 31.24
N LEU I 69 66.49 6.95 30.49
CA LEU I 69 66.42 8.29 31.03
C LEU I 69 65.05 8.90 30.78
N PRO I 70 64.75 10.05 31.43
CA PRO I 70 63.48 10.76 31.30
C PRO I 70 63.31 11.45 29.95
N LEU I 71 62.87 10.70 28.95
CA LEU I 71 62.63 11.23 27.63
C LEU I 71 63.87 11.88 27.02
N ALA I 72 63.65 12.80 26.09
CA ALA I 72 64.73 13.51 25.41
C ALA I 72 64.24 14.32 24.22
N VAL I 73 64.03 15.62 24.42
CA VAL I 73 63.61 16.51 23.36
C VAL I 73 64.87 17.13 22.76
N GLU I 74 64.98 17.12 21.43
CA GLU I 74 66.16 17.64 20.76
C GLU I 74 66.01 19.14 20.45
N LEU I 75 66.68 19.98 21.25
CA LEU I 75 66.62 21.43 21.10
C LEU I 75 67.80 21.99 20.33
N GLY I 76 67.52 22.89 19.39
CA GLY I 76 68.57 23.50 18.60
C GLY I 76 68.04 24.30 17.43
N PRO I 77 68.86 25.19 16.83
CA PRO I 77 68.43 26.01 15.70
C PRO I 77 67.73 25.22 14.60
N GLY I 78 66.86 25.89 13.86
CA GLY I 78 66.12 25.25 12.79
C GLY I 78 64.72 24.86 13.20
N MET I 79 64.36 25.24 14.43
CA MET I 79 63.05 24.92 14.95
C MET I 79 62.09 26.04 14.61
N LEU I 80 62.63 27.20 14.29
CA LEU I 80 61.82 28.35 13.99
C LEU I 80 61.16 28.30 12.62
N ASN I 81 60.06 29.03 12.49
CA ASN I 81 59.28 29.10 11.26
C ASN I 81 58.98 27.69 10.76
N GLY I 82 57.86 27.15 11.21
CA GLY I 82 57.45 25.81 10.83
C GLY I 82 56.50 25.22 11.85
N ILE I 83 55.53 24.42 11.40
CA ILE I 83 54.57 23.80 12.30
C ILE I 83 55.21 22.63 13.03
N TYR I 84 54.86 22.45 14.30
CA TYR I 84 55.41 21.37 15.10
C TYR I 84 54.39 20.92 16.15
N ASP I 85 54.10 19.61 16.15
CA ASP I 85 53.13 19.02 17.06
C ASP I 85 53.53 19.14 18.52
N GLY I 86 52.67 18.64 19.40
CA GLY I 86 52.98 18.68 20.81
C GLY I 86 54.11 17.73 21.13
N ILE I 87 54.82 17.28 20.09
CA ILE I 87 55.94 16.35 20.25
C ILE I 87 57.18 16.84 19.52
N GLN I 88 57.18 18.13 19.20
CA GLN I 88 58.31 18.73 18.51
C GLN I 88 58.46 18.15 17.12
N ARG I 89 57.37 17.59 16.59
CA ARG I 89 57.41 17.01 15.26
C ARG I 89 56.82 17.97 14.24
N PRO I 90 57.60 18.35 13.23
CA PRO I 90 57.17 19.26 12.17
C PRO I 90 56.13 18.65 11.24
N LEU I 91 54.89 19.08 11.36
CA LEU I 91 53.83 18.55 10.51
C LEU I 91 54.05 18.95 9.05
N GLU I 92 54.92 19.93 8.85
CA GLU I 92 55.25 20.39 7.51
C GLU I 92 55.78 19.19 6.76
N ARG I 93 56.81 18.58 7.35
CA ARG I 93 57.44 17.41 6.76
C ARG I 93 56.43 16.30 6.54
N ILE I 94 55.39 16.26 7.36
CA ILE I 94 54.35 15.23 7.24
C ILE I 94 53.51 15.46 6.01
N ARG I 95 52.98 16.66 5.91
CA ARG I 95 52.13 17.02 4.79
C ARG I 95 52.92 16.87 3.50
N GLU I 96 54.24 17.10 3.59
CA GLU I 96 55.12 17.04 2.41
C GLU I 96 55.48 15.62 1.96
N LYS I 97 55.51 14.69 2.91
CA LYS I 97 55.88 13.30 2.63
C LYS I 97 54.67 12.36 2.59
N THR I 98 53.55 12.82 3.12
CA THR I 98 52.35 12.00 3.12
C THR I 98 51.37 12.54 2.08
N GLY I 99 50.48 13.43 2.51
CA GLY I 99 49.52 14.00 1.58
C GLY I 99 48.70 15.08 2.25
N ILE I 100 47.39 15.04 2.00
CA ILE I 100 46.46 15.99 2.57
C ILE I 100 46.09 15.67 4.01
N TYR I 101 46.06 14.39 4.35
CA TYR I 101 45.72 13.98 5.71
C TYR I 101 47.02 13.76 6.49
N ILE I 102 46.91 13.53 7.80
CA ILE I 102 48.08 13.30 8.64
C ILE I 102 48.33 11.81 8.85
N THR I 103 49.36 11.29 8.19
CA THR I 103 49.72 9.89 8.30
C THR I 103 50.65 9.69 9.50
N ARG I 104 50.43 8.63 10.25
CA ARG I 104 51.21 8.29 11.44
C ARG I 104 52.47 7.55 11.02
N GLY I 105 53.32 7.24 12.01
CA GLY I 105 54.54 6.50 11.74
C GLY I 105 55.65 7.34 11.16
N VAL I 106 55.27 8.48 10.59
CA VAL I 106 56.23 9.39 9.98
C VAL I 106 56.80 10.34 11.04
N VAL I 107 58.11 10.21 11.29
CA VAL I 107 58.78 11.04 12.27
C VAL I 107 60.20 11.41 11.80
N VAL I 108 60.45 12.72 11.67
CA VAL I 108 61.77 13.20 11.24
C VAL I 108 62.40 14.07 12.32
N HIS I 109 63.69 14.37 12.16
CA HIS I 109 64.39 15.21 13.13
C HIS I 109 63.68 16.54 13.31
N ALA I 110 63.65 17.02 14.55
CA ALA I 110 62.98 18.28 14.85
C ALA I 110 63.94 19.46 14.60
N LEU I 111 65.20 19.13 14.39
CA LEU I 111 66.21 20.15 14.15
C LEU I 111 66.70 20.04 12.70
N ASP I 112 67.34 21.09 12.21
CA ASP I 112 67.82 21.09 10.83
C ASP I 112 69.22 20.49 10.64
N ARG I 113 69.27 19.18 10.40
CA ARG I 113 70.54 18.49 10.19
C ARG I 113 71.03 18.80 8.79
N GLU I 114 70.08 18.81 7.85
CA GLU I 114 70.35 19.09 6.45
C GLU I 114 70.86 20.51 6.27
N LYS I 115 69.99 21.47 6.56
CA LYS I 115 70.31 22.89 6.43
C LYS I 115 71.59 23.25 7.17
N LYS I 116 72.35 24.18 6.60
CA LYS I 116 73.60 24.63 7.19
C LYS I 116 73.47 26.07 7.73
N TRP I 117 73.37 26.19 9.05
CA TRP I 117 73.26 27.49 9.72
C TRP I 117 74.66 28.02 10.05
N ALA I 118 74.95 29.23 9.56
CA ALA I 118 76.25 29.85 9.78
C ALA I 118 76.56 29.87 11.26
N TRP I 119 77.39 28.94 11.68
CA TRP I 119 77.76 28.85 13.08
C TRP I 119 79.01 29.67 13.37
N THR I 120 79.06 30.26 14.56
CA THR I 120 80.19 31.07 14.97
C THR I 120 80.70 30.73 16.37
N PRO I 121 81.73 29.90 16.44
CA PRO I 121 82.37 29.44 17.67
C PRO I 121 83.35 30.47 18.22
N MET I 122 83.16 30.82 19.48
CA MET I 122 84.03 31.77 20.14
C MET I 122 84.51 31.21 21.47
N VAL I 123 84.57 29.89 21.53
CA VAL I 123 85.01 29.18 22.73
C VAL I 123 86.52 28.95 22.71
N LYS I 124 87.22 29.67 23.58
CA LYS I 124 88.68 29.55 23.69
C LYS I 124 89.12 28.13 24.03
N PRO I 125 89.68 27.41 23.07
CA PRO I 125 90.16 26.03 23.27
C PRO I 125 91.25 25.94 24.35
N GLY I 126 90.86 25.63 25.58
CA GLY I 126 91.84 25.52 26.66
C GLY I 126 91.18 25.85 27.98
N ASP I 127 89.85 25.94 27.95
CA ASP I 127 89.08 26.27 29.14
C ASP I 127 87.96 25.23 29.35
N GLU I 128 87.16 25.43 30.39
CA GLU I 128 86.05 24.53 30.73
C GLU I 128 84.68 25.20 30.54
N VAL I 129 83.74 24.48 29.94
CA VAL I 129 82.39 25.02 29.71
C VAL I 129 81.40 24.44 30.70
N ARG I 130 80.25 25.09 30.85
CA ARG I 130 79.23 24.61 31.77
C ARG I 130 77.87 24.68 31.12
N GLY I 131 77.08 23.64 31.31
CA GLY I 131 75.76 23.62 30.72
C GLY I 131 74.95 24.85 31.09
N GLY I 132 74.71 25.70 30.10
CA GLY I 132 73.96 26.92 30.34
C GLY I 132 74.70 28.15 29.87
N MET I 133 75.97 27.97 29.53
CA MET I 133 76.79 29.09 29.06
C MET I 133 76.69 29.25 27.54
N VAL I 134 76.88 30.49 27.08
CA VAL I 134 76.81 30.80 25.65
C VAL I 134 77.95 30.14 24.89
N LEU I 135 77.70 29.81 23.63
CA LEU I 135 78.69 29.18 22.77
C LEU I 135 79.08 30.03 21.55
N GLY I 136 78.36 31.11 21.33
CA GLY I 136 78.65 31.98 20.20
C GLY I 136 77.43 32.75 19.75
N THR I 137 77.50 33.36 18.58
CA THR I 137 76.38 34.12 18.05
C THR I 137 75.90 33.56 16.71
N VAL I 138 74.71 32.96 16.71
CA VAL I 138 74.12 32.37 15.51
C VAL I 138 73.15 33.31 14.80
N PRO I 139 73.28 33.41 13.46
CA PRO I 139 72.44 34.26 12.62
C PRO I 139 71.05 33.65 12.53
N GLU I 140 70.02 34.45 12.80
CA GLU I 140 68.66 33.95 12.76
C GLU I 140 67.69 35.14 12.78
N PHE I 141 67.76 35.93 11.72
CA PHE I 141 66.92 37.13 11.57
C PHE I 141 67.33 38.29 12.45
N GLY I 142 66.39 39.21 12.67
CA GLY I 142 66.68 40.39 13.46
C GLY I 142 66.92 40.18 14.95
N PHE I 143 66.94 38.92 15.39
CA PHE I 143 67.17 38.61 16.80
C PHE I 143 68.45 37.80 17.01
N THR I 144 68.78 37.55 18.28
CA THR I 144 69.97 36.80 18.65
C THR I 144 69.65 35.42 19.26
N HIS I 145 70.18 34.36 18.63
CA HIS I 145 69.93 32.98 19.07
C HIS I 145 71.22 32.22 19.38
N LYS I 146 71.66 32.28 20.64
CA LYS I 146 72.88 31.59 21.04
C LYS I 146 72.67 30.09 21.10
N ILE I 147 73.70 29.36 21.50
CA ILE I 147 73.62 27.92 21.62
C ILE I 147 74.17 27.47 22.97
N LEU I 148 73.29 27.16 23.90
CA LEU I 148 73.72 26.74 25.22
C LEU I 148 74.34 25.36 25.26
N VAL I 149 75.44 25.26 25.98
CA VAL I 149 76.17 24.02 26.18
C VAL I 149 75.22 23.10 26.91
N PRO I 150 74.98 21.88 26.42
CA PRO I 150 74.05 21.06 27.21
C PRO I 150 74.53 20.94 28.64
N PRO I 151 73.66 21.26 29.60
CA PRO I 151 73.99 21.18 31.02
C PRO I 151 74.66 19.89 31.45
N ASP I 152 75.61 20.01 32.37
CA ASP I 152 76.37 18.88 32.90
C ASP I 152 77.38 18.33 31.89
N VAL I 153 77.37 18.87 30.69
CA VAL I 153 78.31 18.45 29.66
C VAL I 153 79.54 19.36 29.78
N ARG I 154 79.83 19.77 31.01
CA ARG I 154 80.95 20.64 31.29
C ARG I 154 82.27 19.88 31.19
N GLY I 155 83.06 20.20 30.16
CA GLY I 155 84.33 19.54 29.96
C GLY I 155 85.48 20.51 29.75
N ARG I 156 86.11 20.46 28.59
CA ARG I 156 87.22 21.34 28.27
C ARG I 156 87.34 21.49 26.75
N VAL I 157 87.05 22.68 26.20
CA VAL I 157 87.15 22.87 24.77
C VAL I 157 88.57 22.55 24.32
N LYS I 158 88.76 22.32 23.01
CA LYS I 158 90.09 22.04 22.51
C LYS I 158 90.29 22.59 21.11
N GLU I 159 89.19 22.89 20.42
CA GLU I 159 89.26 23.44 19.08
C GLU I 159 88.04 24.28 18.76
N VAL I 160 88.11 24.99 17.64
CA VAL I 160 87.03 25.87 17.19
C VAL I 160 87.07 26.06 15.67
N LYS I 161 86.09 25.49 14.97
CA LYS I 161 85.99 25.59 13.51
C LYS I 161 85.84 27.04 13.03
N PRO I 162 86.03 27.27 11.71
CA PRO I 162 85.91 28.61 11.13
C PRO I 162 84.47 29.09 11.10
N ALA I 163 84.28 30.40 10.99
CA ALA I 163 82.94 30.97 10.95
C ALA I 163 82.36 30.88 9.54
N GLY I 164 81.71 29.76 9.24
CA GLY I 164 81.13 29.59 7.93
C GLY I 164 79.69 29.15 8.02
N GLU I 165 79.45 27.89 7.68
CA GLU I 165 78.11 27.35 7.71
C GLU I 165 78.18 25.93 8.25
N TYR I 166 77.58 25.72 9.41
CA TYR I 166 77.60 24.41 10.02
C TYR I 166 76.22 24.00 10.51
N THR I 167 75.75 22.84 10.07
CA THR I 167 74.43 22.34 10.45
C THR I 167 74.40 22.04 11.94
N VAL I 168 73.22 21.69 12.46
CA VAL I 168 73.07 21.37 13.86
C VAL I 168 73.60 19.96 14.15
N GLU I 169 74.17 19.35 13.12
CA GLU I 169 74.74 18.01 13.27
C GLU I 169 76.25 18.05 13.10
N GLU I 170 76.72 18.97 12.27
CA GLU I 170 78.15 19.13 12.02
C GLU I 170 78.88 19.62 13.27
N PRO I 171 80.20 19.42 13.33
CA PRO I 171 81.00 19.85 14.48
C PRO I 171 81.17 21.37 14.52
N VAL I 172 80.56 22.01 15.51
CA VAL I 172 80.65 23.46 15.65
C VAL I 172 81.58 23.86 16.78
N VAL I 173 81.66 23.02 17.81
CA VAL I 173 82.54 23.24 18.94
C VAL I 173 82.94 21.89 19.52
N VAL I 174 84.20 21.76 19.92
CA VAL I 174 84.66 20.50 20.47
C VAL I 174 85.28 20.67 21.85
N LEU I 175 85.28 19.58 22.61
CA LEU I 175 85.85 19.58 23.95
C LEU I 175 86.72 18.35 24.15
N GLU I 176 87.56 18.37 25.17
CA GLU I 176 88.46 17.27 25.47
C GLU I 176 87.71 16.15 26.17
N ASP I 177 87.01 15.33 25.39
CA ASP I 177 86.25 14.22 25.96
C ASP I 177 85.65 13.38 24.85
N GLY I 178 85.85 13.80 23.61
CA GLY I 178 85.30 13.06 22.49
C GLY I 178 83.89 13.54 22.19
N THR I 179 83.53 14.66 22.79
CA THR I 179 82.21 15.24 22.61
C THR I 179 82.27 16.40 21.63
N GLU I 180 81.11 16.89 21.23
CA GLU I 180 81.01 18.01 20.31
C GLU I 180 79.79 18.87 20.64
N LEU I 181 80.03 20.16 20.94
CA LEU I 181 78.96 21.09 21.27
C LEU I 181 78.29 21.69 20.04
N LYS I 182 77.56 20.86 19.31
CA LYS I 182 76.85 21.29 18.10
C LYS I 182 75.89 22.44 18.36
N MET I 183 75.22 22.91 17.31
CA MET I 183 74.27 24.01 17.43
C MET I 183 73.08 23.56 18.28
N TYR I 184 73.00 22.26 18.54
CA TYR I 184 71.92 21.70 19.33
C TYR I 184 72.44 21.00 20.58
N HIS I 185 71.55 20.73 21.52
CA HIS I 185 71.95 20.04 22.73
C HIS I 185 70.76 19.28 23.32
N THR I 186 71.00 18.02 23.64
CA THR I 186 69.96 17.15 24.20
C THR I 186 69.60 17.54 25.63
N TRP I 187 68.30 17.64 25.89
CA TRP I 187 67.80 18.00 27.21
C TRP I 187 66.42 17.41 27.44
N PRO I 188 66.19 16.78 28.61
CA PRO I 188 64.88 16.19 28.93
C PRO I 188 63.82 17.25 29.15
N VAL I 189 62.56 16.91 28.89
CA VAL I 189 61.49 17.87 29.10
C VAL I 189 60.96 17.84 30.51
N ARG I 190 60.85 16.65 31.10
CA ARG I 190 60.34 16.53 32.45
C ARG I 190 61.24 17.24 33.45
N ARG I 191 62.39 17.70 33.00
CA ARG I 191 63.33 18.40 33.86
C ARG I 191 63.59 19.83 33.38
N ALA I 192 63.60 20.76 34.31
CA ALA I 192 63.83 22.18 34.00
C ALA I 192 65.30 22.51 33.79
N ARG I 193 65.57 23.76 33.45
CA ARG I 193 66.94 24.16 33.21
C ARG I 193 67.59 24.93 34.33
N PRO I 194 68.64 24.34 34.92
CA PRO I 194 69.37 24.95 36.02
C PRO I 194 69.90 26.29 35.55
N VAL I 195 69.28 27.35 36.03
CA VAL I 195 69.69 28.69 35.66
C VAL I 195 70.65 29.19 36.73
N GLN I 196 71.17 30.41 36.56
CA GLN I 196 72.12 30.99 37.52
C GLN I 196 71.51 31.30 38.90
N ARG I 197 70.36 31.95 38.93
CA ARG I 197 69.69 32.27 40.19
C ARG I 197 68.28 32.84 40.03
N LYS I 198 67.51 32.85 41.13
CA LYS I 198 66.12 33.34 41.12
C LYS I 198 65.98 34.86 41.23
N LEU I 199 65.10 35.45 40.42
CA LEU I 199 64.92 36.90 40.45
C LEU I 199 63.49 37.40 40.66
N ASP I 200 63.39 38.56 41.31
CA ASP I 200 62.12 39.20 41.63
C ASP I 200 61.47 39.89 40.44
N PRO I 201 60.15 39.78 40.34
CA PRO I 201 59.40 40.40 39.25
C PRO I 201 58.93 41.83 39.59
N ASN I 202 59.59 42.82 39.01
CA ASN I 202 59.25 44.22 39.27
C ASN I 202 58.92 44.97 37.97
N THR I 203 59.08 44.27 36.84
CA THR I 203 58.84 44.86 35.52
C THR I 203 57.54 44.35 34.89
N PRO I 204 56.56 45.25 34.69
CA PRO I 204 55.26 44.92 34.08
C PRO I 204 55.38 44.51 32.61
N PHE I 205 54.45 43.66 32.15
CA PHE I 205 54.45 43.19 30.77
C PHE I 205 53.32 43.84 29.96
N LEU I 206 53.62 44.20 28.72
CA LEU I 206 52.67 44.86 27.84
C LEU I 206 52.32 44.04 26.60
N THR I 207 51.04 44.08 26.22
CA THR I 207 50.56 43.35 25.06
C THR I 207 49.52 44.14 24.27
N GLY I 208 49.26 45.37 24.69
CA GLY I 208 48.29 46.19 24.00
C GLY I 208 46.97 46.23 24.74
N MET I 209 46.74 45.22 25.58
CA MET I 209 45.52 45.13 26.35
C MET I 209 45.49 46.20 27.42
N ARG I 210 44.51 47.08 27.32
CA ARG I 210 44.35 48.19 28.23
C ARG I 210 43.70 47.74 29.55
N ILE I 211 43.52 46.44 29.69
CA ILE I 211 42.90 45.92 30.89
C ILE I 211 43.93 45.17 31.73
N LEU I 212 45.11 44.97 31.16
CA LEU I 212 46.19 44.28 31.86
C LEU I 212 47.22 45.29 32.29
N ASP I 213 48.11 45.60 31.36
CA ASP I 213 49.18 46.55 31.59
C ASP I 213 48.68 47.86 32.21
N VAL I 214 47.42 48.18 32.02
CA VAL I 214 46.88 49.42 32.55
C VAL I 214 46.73 49.36 34.05
N LEU I 215 45.95 48.40 34.54
CA LEU I 215 45.75 48.27 35.97
C LEU I 215 45.95 46.83 36.40
N PHE I 216 45.53 45.93 35.52
CA PHE I 216 45.63 44.51 35.81
C PHE I 216 46.80 43.84 35.14
N PRO I 217 48.01 44.28 35.44
CA PRO I 217 49.15 43.64 34.81
C PRO I 217 49.81 42.67 35.77
N VAL I 218 50.70 41.84 35.22
CA VAL I 218 51.43 40.84 35.99
C VAL I 218 52.94 41.13 36.07
N ALA I 219 53.75 40.19 35.59
CA ALA I 219 55.20 40.33 35.65
C ALA I 219 55.88 40.09 34.31
N MET I 220 57.16 40.47 34.24
CA MET I 220 57.96 40.30 33.04
C MET I 220 58.30 38.81 32.91
N GLY I 221 57.42 37.97 33.46
CA GLY I 221 57.62 36.53 33.41
C GLY I 221 57.02 35.85 34.63
N GLY I 222 55.98 36.45 35.20
CA GLY I 222 55.34 35.88 36.37
C GLY I 222 54.48 34.67 36.06
N THR I 223 53.22 34.72 36.50
CA THR I 223 52.27 33.64 36.26
C THR I 223 50.85 34.22 36.28
N ALA I 224 49.96 33.65 35.46
CA ALA I 224 48.59 34.12 35.38
C ALA I 224 47.64 33.08 34.79
N ALA I 225 46.35 33.41 34.71
CA ALA I 225 45.34 32.49 34.17
C ALA I 225 44.01 33.18 33.86
N ILE I 226 43.28 32.65 32.87
CA ILE I 226 41.97 33.18 32.46
C ILE I 226 41.07 32.12 31.81
N PRO I 227 39.90 31.85 32.44
CA PRO I 227 38.90 30.88 31.99
C PRO I 227 38.41 31.10 30.56
N GLY I 228 37.15 30.76 30.30
CA GLY I 228 36.62 30.95 28.97
C GLY I 228 35.59 29.90 28.62
N PRO I 229 34.31 30.24 28.66
CA PRO I 229 33.27 29.26 28.32
C PRO I 229 33.41 28.74 26.91
N PHE I 230 32.55 27.79 26.57
CA PHE I 230 32.50 27.18 25.24
C PHE I 230 32.45 28.21 24.10
N GLY I 231 33.64 28.59 23.64
CA GLY I 231 33.72 29.60 22.58
C GLY I 231 33.71 30.97 23.20
N SER I 232 34.83 31.36 23.81
CA SER I 232 34.96 32.66 24.46
C SER I 232 36.19 33.42 23.97
N GLY I 233 36.53 33.23 22.71
CA GLY I 233 37.65 33.91 22.11
C GLY I 233 38.98 33.68 22.80
N LYS I 234 38.96 32.83 23.82
CA LYS I 234 40.17 32.53 24.54
C LYS I 234 41.23 31.92 23.62
N THR I 235 40.79 31.18 22.62
CA THR I 235 41.69 30.55 21.65
C THR I 235 42.36 31.59 20.77
N VAL I 236 41.55 32.36 20.05
CA VAL I 236 42.05 33.38 19.16
C VAL I 236 42.62 34.55 19.94
N THR I 237 42.21 34.68 21.20
CA THR I 237 42.70 35.81 21.98
C THR I 237 44.19 35.75 22.25
N GLN I 238 44.85 34.82 21.57
CA GLN I 238 46.29 34.61 21.69
C GLN I 238 47.03 35.14 20.45
N GLN I 239 46.27 35.71 19.53
CA GLN I 239 46.81 36.27 18.30
C GLN I 239 47.59 37.55 18.62
N SER I 240 46.83 38.60 18.93
CA SER I 240 47.36 39.92 19.25
C SER I 240 48.12 39.99 20.58
N LEU I 241 48.46 38.82 21.12
CA LEU I 241 49.17 38.78 22.38
C LEU I 241 50.68 38.83 22.14
N ALA I 242 51.21 37.85 21.42
CA ALA I 242 52.63 37.81 21.14
C ALA I 242 52.98 38.58 19.87
N LYS I 243 52.02 38.68 18.96
CA LYS I 243 52.26 39.39 17.71
C LYS I 243 52.46 40.86 17.99
N TRP I 244 51.43 41.50 18.52
CA TRP I 244 51.50 42.91 18.82
C TRP I 244 52.46 43.25 19.95
N SER I 245 52.33 42.56 21.07
CA SER I 245 53.21 42.81 22.21
C SER I 245 54.61 42.32 21.99
N ASN I 246 55.54 42.86 22.77
CA ASN I 246 56.93 42.46 22.68
C ASN I 246 57.13 41.16 23.42
N ALA I 247 57.87 40.23 22.81
CA ALA I 247 58.12 38.94 23.41
C ALA I 247 59.47 38.40 22.93
N ASP I 248 60.51 38.54 23.76
CA ASP I 248 61.84 38.05 23.41
C ASP I 248 61.71 36.82 22.52
N VAL I 249 60.85 35.89 22.92
CA VAL I 249 60.64 34.68 22.13
C VAL I 249 59.21 34.20 22.30
N VAL I 250 58.49 34.05 21.19
CA VAL I 250 57.10 33.59 21.21
C VAL I 250 57.02 32.07 21.17
N VAL I 251 56.07 31.47 21.88
CA VAL I 251 55.92 30.02 21.90
C VAL I 251 54.46 29.62 22.11
N TYR I 252 53.75 29.38 21.01
CA TYR I 252 52.35 28.99 21.08
C TYR I 252 52.16 27.48 21.08
N VAL I 253 51.41 26.99 22.06
CA VAL I 253 51.10 25.58 22.18
C VAL I 253 49.69 25.42 22.81
N GLY I 254 48.87 24.54 22.25
CA GLY I 254 47.53 24.34 22.77
C GLY I 254 47.20 22.87 22.93
N CYS I 255 46.47 22.53 23.98
CA CYS I 255 46.09 21.14 24.24
C CYS I 255 44.81 20.79 23.51
N GLY I 256 44.88 19.78 22.66
CA GLY I 256 43.72 19.38 21.90
C GLY I 256 42.81 20.50 21.50
N GLU I 257 43.35 21.46 20.76
CA GLU I 257 42.55 22.58 20.31
C GLU I 257 41.81 22.27 19.04
N ARG I 258 40.51 22.16 19.19
CA ARG I 258 39.59 21.89 18.09
C ARG I 258 40.18 22.39 16.77
N GLY I 259 40.42 21.47 15.83
CA GLY I 259 40.99 21.85 14.53
C GLY I 259 40.53 23.20 14.06
N ASN I 260 39.23 23.45 14.19
CA ASN I 260 38.65 24.71 13.79
C ASN I 260 39.06 25.83 14.74
N GLU I 261 39.23 25.53 16.02
CA GLU I 261 39.63 26.55 17.00
C GLU I 261 41.14 26.70 16.98
N MET I 262 41.79 25.82 16.24
CA MET I 262 43.24 25.85 16.12
C MET I 262 43.66 26.49 14.82
N THR I 263 42.78 26.47 13.83
CA THR I 263 43.12 27.08 12.56
C THR I 263 42.81 28.56 12.60
N ASP I 264 42.74 29.10 13.81
CA ASP I 264 42.45 30.51 13.96
C ASP I 264 43.71 31.36 13.98
N VAL I 265 44.87 30.75 14.25
CA VAL I 265 46.14 31.46 14.29
C VAL I 265 47.13 30.76 13.38
N LEU I 266 46.74 29.61 12.86
CA LEU I 266 47.62 28.86 12.00
C LEU I 266 48.15 29.62 10.78
N VAL I 267 47.24 30.30 10.09
CA VAL I 267 47.61 31.02 8.88
C VAL I 267 47.59 32.51 9.07
N GLU I 268 46.99 32.97 10.15
CA GLU I 268 46.97 34.40 10.36
C GLU I 268 48.32 34.88 10.88
N PHE I 269 48.84 34.24 11.92
CA PHE I 269 50.13 34.62 12.49
C PHE I 269 51.20 34.79 11.43
N PRO I 270 51.07 34.07 10.30
CA PRO I 270 52.06 34.21 9.23
C PRO I 270 52.20 35.62 8.63
N GLU I 271 51.13 36.41 8.52
CA GLU I 271 51.29 37.74 7.94
C GLU I 271 51.43 38.84 8.99
N LEU I 272 52.01 38.51 10.12
CA LEU I 272 52.14 39.49 11.17
C LEU I 272 53.34 40.42 11.15
N THR I 273 53.02 41.71 11.12
CA THR I 273 54.04 42.74 11.12
C THR I 273 54.92 42.53 12.35
N ASP I 274 56.23 42.59 12.16
CA ASP I 274 57.15 42.41 13.28
C ASP I 274 57.99 43.68 13.41
N PRO I 275 57.88 44.35 14.57
CA PRO I 275 58.63 45.59 14.80
C PRO I 275 60.15 45.47 15.06
N LYS I 276 60.70 44.26 14.97
CA LYS I 276 62.13 44.07 15.21
C LYS I 276 62.80 43.45 14.00
N THR I 277 62.27 42.32 13.56
CA THR I 277 62.83 41.62 12.41
C THR I 277 62.17 42.15 11.14
N GLY I 278 60.91 42.55 11.25
CA GLY I 278 60.22 43.09 10.08
C GLY I 278 59.00 42.33 9.58
N GLY I 279 59.25 41.28 8.79
CA GLY I 279 58.14 40.52 8.26
C GLY I 279 57.32 39.77 9.28
N PRO I 280 56.66 38.69 8.86
CA PRO I 280 55.84 37.83 9.71
C PRO I 280 56.40 37.62 11.10
N LEU I 281 55.54 37.50 12.11
CA LEU I 281 56.05 37.26 13.45
C LEU I 281 56.65 35.87 13.39
N MET I 282 56.22 35.11 12.39
CA MET I 282 56.69 33.75 12.17
C MET I 282 58.22 33.66 12.19
N HIS I 283 58.88 34.78 12.50
CA HIS I 283 60.34 34.83 12.55
C HIS I 283 60.90 34.25 13.87
N ARG I 284 60.22 34.53 14.98
CA ARG I 284 60.64 34.00 16.28
C ARG I 284 59.64 32.98 16.82
N THR I 285 58.40 33.08 16.34
CA THR I 285 57.33 32.18 16.76
C THR I 285 57.63 30.72 16.44
N VAL I 286 57.23 29.83 17.34
CA VAL I 286 57.47 28.39 17.19
C VAL I 286 56.25 27.62 16.67
N LEU I 287 55.06 27.96 17.20
CA LEU I 287 53.82 27.29 16.79
C LEU I 287 53.84 25.81 17.17
N ILE I 288 53.19 25.49 18.29
CA ILE I 288 53.14 24.12 18.82
C ILE I 288 51.68 23.68 19.00
N ALA I 289 50.78 24.30 18.25
CA ALA I 289 49.35 24.05 18.31
C ALA I 289 48.99 22.55 18.25
N ASN I 290 47.99 22.13 19.02
CA ASN I 290 47.59 20.73 19.00
C ASN I 290 46.08 20.54 18.94
N THR I 291 45.58 20.20 17.76
CA THR I 291 44.14 20.00 17.60
C THR I 291 43.63 18.96 18.57
N SER I 292 42.39 19.13 19.01
CA SER I 292 41.75 18.21 19.92
C SER I 292 41.82 16.79 19.36
N ASN I 293 41.11 16.55 18.25
CA ASN I 293 41.07 15.22 17.64
C ASN I 293 42.46 14.60 17.52
N MET I 294 43.49 15.39 17.82
CA MET I 294 44.88 14.94 17.82
C MET I 294 44.96 13.82 18.84
N PRO I 295 46.01 12.98 18.75
CA PRO I 295 46.12 11.89 19.72
C PRO I 295 45.80 12.40 21.13
N VAL I 296 44.79 11.79 21.76
CA VAL I 296 44.37 12.23 23.08
C VAL I 296 45.57 12.44 23.99
N ALA I 297 46.63 11.63 23.83
CA ALA I 297 47.83 11.76 24.66
C ALA I 297 48.78 12.82 24.13
N ALA I 298 48.64 13.13 22.85
CA ALA I 298 49.47 14.16 22.26
C ALA I 298 49.08 15.42 23.01
N ARG I 299 47.79 15.53 23.28
CA ARG I 299 47.24 16.66 24.00
C ARG I 299 48.11 16.94 25.24
N GLU I 300 48.79 15.90 25.73
CA GLU I 300 49.63 16.04 26.91
C GLU I 300 51.02 16.49 26.51
N ALA I 301 51.56 15.88 25.47
CA ALA I 301 52.89 16.23 25.01
C ALA I 301 52.98 17.76 24.89
N SER I 302 52.17 18.30 24.00
CA SER I 302 52.03 19.72 23.72
C SER I 302 52.61 20.59 24.83
N ILE I 303 52.08 20.40 26.03
CA ILE I 303 52.49 21.17 27.20
C ILE I 303 53.95 20.96 27.56
N TYR I 304 54.24 19.82 28.17
CA TYR I 304 55.60 19.49 28.60
C TYR I 304 56.55 19.66 27.45
N VAL I 305 56.01 20.07 26.31
CA VAL I 305 56.81 20.26 25.12
C VAL I 305 57.18 21.72 24.90
N GLY I 306 56.27 22.63 25.22
CA GLY I 306 56.57 24.04 25.05
C GLY I 306 57.20 24.65 26.29
N VAL I 307 57.15 23.91 27.40
CA VAL I 307 57.71 24.38 28.65
C VAL I 307 59.24 24.49 28.59
N THR I 308 59.88 23.46 28.08
CA THR I 308 61.34 23.45 28.00
C THR I 308 61.86 24.43 26.89
N ILE I 309 61.21 24.51 25.74
CA ILE I 309 61.65 25.43 24.69
C ILE I 309 61.65 26.85 25.24
N ALA I 310 60.66 27.14 26.07
CA ALA I 310 60.56 28.45 26.66
C ALA I 310 61.77 28.69 27.53
N GLU I 311 62.28 27.62 28.12
CA GLU I 311 63.44 27.69 29.02
C GLU I 311 64.75 27.81 28.26
N TYR I 312 64.96 26.88 27.32
CA TYR I 312 66.16 26.87 26.53
C TYR I 312 66.54 28.26 26.05
N PHE I 313 65.53 29.11 25.86
CA PHE I 313 65.76 30.48 25.42
C PHE I 313 65.89 31.43 26.62
N ARG I 314 65.00 31.28 27.60
CA ARG I 314 64.97 32.08 28.83
C ARG I 314 66.29 32.10 29.58
N ASP I 315 66.87 30.93 29.80
CA ASP I 315 68.11 30.88 30.52
C ASP I 315 69.05 31.94 29.95
N GLN I 316 69.33 31.85 28.66
CA GLN I 316 70.22 32.79 27.99
C GLN I 316 69.83 34.23 28.29
N GLY I 317 68.77 34.40 29.07
CA GLY I 317 68.30 35.73 29.40
C GLY I 317 67.22 36.21 28.43
N PHE I 318 66.38 35.27 27.98
CA PHE I 318 65.30 35.59 27.04
C PHE I 318 63.95 35.46 27.71
N SER I 319 63.29 36.59 27.89
CA SER I 319 61.98 36.63 28.51
C SER I 319 60.93 35.92 27.68
N VAL I 320 61.13 34.62 27.46
CA VAL I 320 60.20 33.80 26.69
C VAL I 320 58.76 34.01 27.12
N ALA I 321 57.88 34.20 26.14
CA ALA I 321 56.46 34.40 26.41
C ALA I 321 55.69 33.25 25.78
N LEU I 322 55.23 32.34 26.62
CA LEU I 322 54.50 31.19 26.15
C LEU I 322 53.04 31.31 26.53
N MET I 323 52.15 30.87 25.65
CA MET I 323 50.73 30.90 25.94
C MET I 323 50.05 29.63 25.45
N ALA I 324 49.34 28.99 26.36
CA ALA I 324 48.66 27.73 26.07
C ALA I 324 47.23 27.91 25.59
N ASP I 325 46.93 27.39 24.40
CA ASP I 325 45.59 27.51 23.86
C ASP I 325 44.70 26.54 24.64
N SER I 326 43.85 27.09 25.49
CA SER I 326 42.95 26.32 26.34
C SER I 326 43.64 25.21 27.09
N THR I 327 44.22 25.58 28.24
CA THR I 327 44.92 24.62 29.08
C THR I 327 44.01 23.54 29.64
N SER I 328 42.70 23.74 29.53
CA SER I 328 41.74 22.78 30.06
C SER I 328 41.68 21.45 29.36
N ARG I 329 41.95 21.44 28.07
CA ARG I 329 41.92 20.20 27.33
C ARG I 329 42.98 19.21 27.82
N TRP I 330 44.11 19.71 28.32
CA TRP I 330 45.17 18.87 28.86
C TRP I 330 44.52 18.01 29.93
N ALA I 331 43.70 18.65 30.75
CA ALA I 331 43.00 17.99 31.84
C ALA I 331 42.10 16.84 31.38
N GLU I 332 41.26 17.10 30.38
CA GLU I 332 40.36 16.05 29.89
C GLU I 332 41.19 14.86 29.48
N ALA I 333 42.43 15.10 29.08
CA ALA I 333 43.35 14.03 28.69
C ALA I 333 44.03 13.42 29.92
N LEU I 334 44.51 14.29 30.80
CA LEU I 334 45.19 13.88 32.01
C LEU I 334 44.31 13.00 32.91
N ARG I 335 43.05 13.39 33.06
CA ARG I 335 42.15 12.60 33.89
C ARG I 335 41.65 11.39 33.12
N GLU I 336 41.80 11.43 31.79
CA GLU I 336 41.37 10.32 30.93
C GLU I 336 42.29 9.13 31.19
N ILE I 337 43.43 9.43 31.81
CA ILE I 337 44.39 8.42 32.16
C ILE I 337 43.68 7.39 33.00
N SER I 338 42.95 7.89 33.98
CA SER I 338 42.22 7.05 34.88
C SER I 338 41.37 5.98 34.15
N SER I 339 40.49 6.42 33.25
CA SER I 339 39.62 5.48 32.53
C SER I 339 40.38 4.32 31.91
N ARG I 340 41.49 4.65 31.27
CA ARG I 340 42.30 3.63 30.63
C ARG I 340 43.21 2.92 31.62
N LEU I 341 43.44 3.54 32.78
CA LEU I 341 44.32 2.93 33.78
C LEU I 341 43.60 2.40 35.02
N GLU I 342 42.28 2.61 35.08
CA GLU I 342 41.47 2.14 36.19
C GLU I 342 42.14 2.47 37.52
N GLU I 343 42.78 3.63 37.55
CA GLU I 343 43.46 4.09 38.75
C GLU I 343 42.42 4.58 39.74
N MET I 344 42.73 4.44 41.03
CA MET I 344 41.80 4.87 42.08
C MET I 344 41.53 6.37 41.97
N PRO I 345 40.35 6.72 41.45
CA PRO I 345 39.91 8.11 41.27
C PRO I 345 40.31 9.00 42.41
N ALA I 346 40.91 10.14 42.08
CA ALA I 346 41.32 11.10 43.07
C ALA I 346 40.11 11.94 43.43
N GLU I 347 40.31 12.99 44.20
CA GLU I 347 39.19 13.84 44.61
C GLU I 347 38.72 14.78 43.49
N GLU I 348 37.48 15.26 43.62
CA GLU I 348 36.86 16.14 42.62
C GLU I 348 36.72 15.45 41.26
N GLY I 349 36.66 14.13 41.30
CA GLY I 349 36.50 13.34 40.09
C GLY I 349 37.67 13.38 39.16
N TYR I 350 38.69 14.13 39.55
CA TYR I 350 39.87 14.28 38.73
C TYR I 350 41.07 13.55 39.31
N PRO I 351 42.22 13.56 38.60
CA PRO I 351 43.43 12.88 39.05
C PRO I 351 44.04 13.58 40.26
N PRO I 352 44.81 12.84 41.05
CA PRO I 352 45.49 13.31 42.26
C PRO I 352 46.64 14.26 42.02
N TYR I 353 47.31 14.09 40.89
CA TYR I 353 48.45 14.91 40.53
C TYR I 353 48.02 16.39 40.36
N LEU I 354 47.18 16.87 41.28
CA LEU I 354 46.72 18.25 41.22
C LEU I 354 47.89 19.20 41.36
N ALA I 355 48.34 19.41 42.60
CA ALA I 355 49.45 20.29 42.83
C ALA I 355 50.72 19.77 42.15
N ALA I 356 51.03 18.49 42.35
CA ALA I 356 52.24 17.91 41.77
C ALA I 356 52.51 18.43 40.35
N ARG I 357 51.52 18.35 39.48
CA ARG I 357 51.67 18.77 38.08
C ARG I 357 51.02 20.10 37.71
N LEU I 358 50.40 20.72 38.69
CA LEU I 358 49.75 21.98 38.45
C LEU I 358 50.71 23.05 38.82
N ALA I 359 51.09 23.08 40.09
CA ALA I 359 51.98 24.13 40.55
C ALA I 359 53.39 23.96 39.98
N ALA I 360 53.85 22.72 39.95
CA ALA I 360 55.17 22.43 39.43
C ALA I 360 55.25 22.87 37.99
N PHE I 361 54.24 22.52 37.22
CA PHE I 361 54.20 22.87 35.81
C PHE I 361 53.86 24.32 35.58
N TYR I 362 53.03 24.86 36.47
CA TYR I 362 52.60 26.24 36.37
C TYR I 362 53.60 27.18 37.01
N GLU I 363 54.77 26.66 37.34
CA GLU I 363 55.78 27.51 37.93
C GLU I 363 57.14 27.05 37.49
N ARG I 364 57.15 26.11 36.56
CA ARG I 364 58.40 25.56 36.03
C ARG I 364 59.37 26.68 35.74
N ALA I 365 58.96 27.57 34.84
CA ALA I 365 59.80 28.69 34.46
C ALA I 365 59.09 30.03 34.66
N GLY I 366 59.80 30.99 35.25
CA GLY I 366 59.21 32.30 35.48
C GLY I 366 60.21 33.34 35.93
N LYS I 367 60.54 34.26 35.04
CA LYS I 367 61.48 35.31 35.35
C LYS I 367 62.69 34.82 36.13
N VAL I 368 63.63 34.22 35.42
CA VAL I 368 64.84 33.72 36.04
C VAL I 368 66.12 34.02 35.23
N ILE I 369 67.08 34.68 35.88
CA ILE I 369 68.35 34.99 35.22
C ILE I 369 69.16 33.71 35.20
N THR I 370 69.97 33.54 34.15
CA THR I 370 70.78 32.35 34.07
C THR I 370 72.13 32.67 33.46
N LEU I 371 72.97 31.64 33.33
CA LEU I 371 74.32 31.78 32.81
C LEU I 371 74.42 32.59 31.52
N GLY I 372 73.32 32.64 30.77
CA GLY I 372 73.30 33.37 29.52
C GLY I 372 73.93 34.75 29.53
N GLY I 373 73.62 35.53 30.55
CA GLY I 373 74.15 36.88 30.65
C GLY I 373 73.00 37.82 30.92
N GLU I 374 71.93 37.68 30.14
CA GLU I 374 70.72 38.49 30.28
C GLU I 374 69.80 37.83 31.31
N GLU I 375 68.65 38.44 31.54
CA GLU I 375 67.66 37.92 32.50
C GLU I 375 66.48 37.30 31.75
N GLY I 376 66.40 35.97 31.74
CA GLY I 376 65.32 35.29 31.06
C GLY I 376 64.13 34.99 31.95
N ALA I 377 62.97 35.53 31.60
CA ALA I 377 61.78 35.31 32.40
C ALA I 377 60.77 34.47 31.66
N VAL I 378 59.71 34.06 32.35
CA VAL I 378 58.69 33.26 31.69
C VAL I 378 57.28 33.64 32.08
N THR I 379 56.53 34.12 31.10
CA THR I 379 55.14 34.55 31.26
C THR I 379 54.20 33.64 30.45
N ILE I 380 53.39 32.84 31.15
CA ILE I 380 52.46 31.94 30.48
C ILE I 380 51.09 31.95 31.15
N VAL I 381 50.04 31.89 30.34
CA VAL I 381 48.69 31.92 30.88
C VAL I 381 47.75 30.90 30.24
N GLY I 382 47.50 29.82 30.97
CA GLY I 382 46.61 28.77 30.49
C GLY I 382 45.15 29.14 30.67
N ALA I 383 44.42 29.20 29.54
CA ALA I 383 43.00 29.55 29.59
C ALA I 383 42.09 28.35 29.84
N VAL I 384 41.70 28.19 31.11
CA VAL I 384 40.84 27.10 31.51
C VAL I 384 39.53 27.18 30.73
N SER I 385 39.07 26.00 30.34
CA SER I 385 37.84 25.80 29.57
C SER I 385 36.83 24.99 30.38
N PRO I 386 36.11 25.63 31.31
CA PRO I 386 35.11 24.90 32.11
C PRO I 386 33.90 24.46 31.29
N PRO I 387 33.76 23.16 31.05
CA PRO I 387 32.65 22.63 30.28
C PRO I 387 31.35 23.43 30.44
N GLY I 388 30.74 23.39 31.62
CA GLY I 388 29.52 24.14 31.81
C GLY I 388 29.86 25.60 31.96
N GLY I 389 31.16 25.85 32.09
CA GLY I 389 31.60 27.21 32.27
C GLY I 389 31.66 27.50 33.75
N ASP I 390 31.32 26.51 34.57
CA ASP I 390 31.34 26.62 36.03
C ASP I 390 32.68 27.08 36.52
N MET I 391 32.69 28.19 37.24
CA MET I 391 33.92 28.76 37.75
C MET I 391 34.47 27.97 38.91
N SER I 392 33.71 26.98 39.36
CA SER I 392 34.17 26.20 40.48
C SER I 392 34.58 24.83 40.00
N GLU I 393 34.96 24.73 38.72
CA GLU I 393 35.38 23.44 38.18
C GLU I 393 36.78 23.12 38.66
N PRO I 394 37.09 21.82 38.72
CA PRO I 394 38.42 21.43 39.17
C PRO I 394 39.52 22.34 38.61
N VAL I 395 39.45 22.61 37.31
CA VAL I 395 40.45 23.41 36.64
C VAL I 395 40.47 24.84 37.09
N THR I 396 39.35 25.32 37.59
CA THR I 396 39.29 26.71 38.03
C THR I 396 40.07 26.91 39.31
N GLN I 397 39.71 26.15 40.33
CA GLN I 397 40.39 26.27 41.60
C GLN I 397 41.79 25.71 41.47
N SER I 398 41.90 24.58 40.78
CA SER I 398 43.21 23.94 40.59
C SER I 398 44.32 24.90 40.13
N THR I 399 43.92 26.04 39.58
CA THR I 399 44.93 26.95 39.09
C THR I 399 45.05 28.07 40.11
N LEU I 400 44.09 28.09 41.02
CA LEU I 400 44.03 29.15 42.03
C LEU I 400 45.11 29.08 43.10
N ARG I 401 45.46 30.25 43.64
CA ARG I 401 46.49 30.37 44.67
C ARG I 401 47.86 30.16 44.02
N ILE I 402 47.84 29.58 42.81
CA ILE I 402 49.06 29.31 42.08
C ILE I 402 49.45 30.50 41.20
N VAL I 403 48.49 31.05 40.48
CA VAL I 403 48.73 32.19 39.59
C VAL I 403 47.90 33.42 39.91
N GLY I 404 48.57 34.52 40.23
CA GLY I 404 47.87 35.74 40.56
C GLY I 404 47.22 36.46 39.40
N ALA I 405 46.58 37.59 39.70
CA ALA I 405 45.90 38.37 38.69
C ALA I 405 44.99 37.43 37.91
N PHE I 406 44.00 36.88 38.59
CA PHE I 406 43.06 35.97 37.94
C PHE I 406 42.01 36.81 37.18
N TRP I 407 41.39 36.22 36.14
CA TRP I 407 40.37 36.91 35.37
C TRP I 407 39.25 35.97 35.00
N ARG I 408 38.08 36.54 34.73
CA ARG I 408 36.89 35.74 34.41
C ARG I 408 36.33 36.10 33.03
N LEU I 409 35.68 35.13 32.40
CA LEU I 409 35.08 35.33 31.08
C LEU I 409 33.56 35.12 31.16
N ASP I 410 32.79 36.20 31.04
CA ASP I 410 31.33 36.13 31.06
C ASP I 410 30.85 35.65 29.68
N ALA I 411 29.55 35.39 29.51
CA ALA I 411 29.02 34.89 28.22
C ALA I 411 28.45 35.92 27.25
N SER I 412 27.79 36.92 27.80
CA SER I 412 27.22 37.95 26.98
C SER I 412 28.22 39.07 26.82
N LEU I 413 29.34 38.98 27.55
CA LEU I 413 30.39 39.99 27.49
C LEU I 413 30.91 40.24 26.07
N ALA I 414 31.50 39.22 25.47
CA ALA I 414 32.05 39.30 24.10
C ALA I 414 30.95 39.18 23.04
N PHE I 415 29.88 38.48 23.39
CA PHE I 415 28.76 38.31 22.48
C PHE I 415 28.14 39.69 22.26
N ARG I 416 28.15 40.49 23.31
CA ARG I 416 27.62 41.85 23.26
C ARG I 416 28.67 42.76 22.60
N ARG I 417 29.10 43.79 23.30
CA ARG I 417 30.09 44.68 22.72
C ARG I 417 31.33 44.80 23.58
N HIS I 418 31.41 44.00 24.64
CA HIS I 418 32.55 44.06 25.55
C HIS I 418 33.76 43.22 25.16
N PHE I 419 34.88 43.89 24.90
CA PHE I 419 36.13 43.22 24.55
C PHE I 419 37.32 43.96 25.12
N PRO I 420 38.15 43.27 25.90
CA PRO I 420 37.94 41.85 26.20
C PRO I 420 36.68 41.59 27.03
N ALA I 421 36.15 40.38 26.92
CA ALA I 421 34.95 39.98 27.64
C ALA I 421 35.29 39.28 28.94
N ILE I 422 35.68 40.06 29.95
CA ILE I 422 36.05 39.51 31.25
C ILE I 422 35.21 40.07 32.39
N ASN I 423 35.33 39.47 33.57
CA ASN I 423 34.56 39.97 34.69
C ASN I 423 35.19 41.23 35.24
N TRP I 424 34.35 42.24 35.45
CA TRP I 424 34.78 43.53 35.96
C TRP I 424 35.46 43.36 37.31
N ASN I 425 34.67 43.06 38.32
CA ASN I 425 35.17 42.87 39.68
C ASN I 425 35.87 41.52 39.84
N GLY I 426 35.18 40.46 39.43
CA GLY I 426 35.71 39.11 39.53
C GLY I 426 37.16 39.00 39.12
N SER I 427 37.65 40.02 38.43
CA SER I 427 39.03 40.11 37.94
C SER I 427 39.79 41.18 38.71
N TYR I 428 40.66 40.75 39.62
CA TYR I 428 41.47 41.67 40.40
C TYR I 428 42.94 41.34 40.12
N SER I 429 43.85 42.18 40.61
CA SER I 429 45.28 41.94 40.40
C SER I 429 46.10 42.41 41.60
N LEU I 430 47.11 41.62 41.96
CA LEU I 430 47.97 41.92 43.10
C LEU I 430 49.40 42.26 42.67
N PHE I 431 49.73 41.95 41.42
CA PHE I 431 51.06 42.24 40.92
C PHE I 431 51.20 43.73 40.61
N THR I 432 50.09 44.35 40.22
CA THR I 432 50.07 45.79 39.93
C THR I 432 50.64 46.62 41.08
N SER I 433 50.68 46.07 42.29
CA SER I 433 51.20 46.82 43.44
C SER I 433 52.68 47.10 43.24
N ALA I 434 53.46 46.04 43.03
CA ALA I 434 54.90 46.20 42.82
C ALA I 434 55.23 46.46 41.36
N LEU I 435 54.19 46.65 40.55
CA LEU I 435 54.39 46.92 39.13
C LEU I 435 54.44 48.39 38.87
N ASP I 436 54.37 49.16 39.96
CA ASP I 436 54.38 50.60 39.87
C ASP I 436 55.77 51.17 39.51
N PRO I 437 56.85 50.64 40.09
CA PRO I 437 58.18 51.15 39.77
C PRO I 437 58.34 51.49 38.28
N TRP I 438 58.27 50.48 37.43
CA TRP I 438 58.42 50.67 35.99
C TRP I 438 57.43 51.70 35.43
N TYR I 439 56.18 51.61 35.91
CA TYR I 439 55.13 52.53 35.48
C TYR I 439 55.44 53.96 35.89
N ARG I 440 55.75 54.15 37.16
CA ARG I 440 56.05 55.49 37.68
C ARG I 440 57.00 56.23 36.74
N GLU I 441 58.14 55.64 36.43
CA GLU I 441 59.09 56.31 35.56
C GLU I 441 58.59 56.36 34.13
N ASN I 442 58.35 55.21 33.51
CA ASN I 442 57.88 55.18 32.14
C ASN I 442 56.64 56.02 31.94
N VAL I 443 55.60 55.70 32.70
CA VAL I 443 54.37 56.47 32.58
C VAL I 443 54.58 57.83 33.23
N ALA I 444 54.51 57.89 34.55
CA ALA I 444 54.71 59.16 35.28
C ALA I 444 54.89 58.86 36.76
N GLU I 445 55.45 59.81 37.49
CA GLU I 445 55.68 59.64 38.92
C GLU I 445 54.37 59.62 39.71
N ASP I 446 53.28 60.03 39.06
CA ASP I 446 51.98 60.03 39.72
C ASP I 446 50.97 59.20 38.92
N TYR I 447 51.47 58.38 37.99
CA TYR I 447 50.62 57.55 37.18
C TYR I 447 49.82 56.53 38.00
N PRO I 448 50.48 55.85 38.96
CA PRO I 448 49.76 54.86 39.77
C PRO I 448 48.67 55.56 40.55
N GLU I 449 48.71 56.89 40.55
CA GLU I 449 47.72 57.71 41.25
C GLU I 449 46.49 57.95 40.38
N LEU I 450 46.71 58.29 39.12
CA LEU I 450 45.60 58.55 38.20
C LEU I 450 44.94 57.23 37.81
N ARG I 451 45.64 56.14 38.06
CA ARG I 451 45.08 54.86 37.72
C ARG I 451 44.40 54.18 38.90
N ASP I 452 44.88 54.45 40.11
CA ASP I 452 44.28 53.86 41.32
C ASP I 452 43.01 54.63 41.72
N ALA I 453 42.97 55.94 41.47
CA ALA I 453 41.81 56.74 41.81
C ALA I 453 40.64 56.45 40.87
N ILE I 454 40.95 55.95 39.67
CA ILE I 454 39.93 55.63 38.69
C ILE I 454 39.31 54.28 39.05
N SER I 455 40.17 53.31 39.35
CA SER I 455 39.72 51.98 39.72
C SER I 455 38.86 52.16 40.95
N GLU I 456 39.09 53.28 41.62
CA GLU I 456 38.35 53.65 42.81
C GLU I 456 36.88 53.68 42.42
N LEU I 457 36.59 54.24 41.24
CA LEU I 457 35.21 54.36 40.73
C LEU I 457 34.72 53.06 40.08
N LEU I 458 35.53 52.52 39.19
CA LEU I 458 35.20 51.30 38.49
C LEU I 458 34.73 50.20 39.44
N GLN I 459 35.26 50.20 40.66
CA GLN I 459 34.90 49.22 41.70
C GLN I 459 33.99 49.82 42.81
N ARG I 460 34.00 51.13 42.95
CA ARG I 460 33.16 51.76 43.96
C ARG I 460 31.80 52.07 43.35
N GLU I 461 31.80 52.35 42.04
CA GLU I 461 30.58 52.65 41.29
C GLU I 461 29.51 51.62 41.60
N ALA I 462 29.98 50.41 41.92
CA ALA I 462 29.08 49.32 42.25
C ALA I 462 28.18 49.74 43.40
N GLY I 463 28.69 50.63 44.24
CA GLY I 463 27.91 51.11 45.37
C GLY I 463 26.50 51.43 44.91
N LEU I 464 26.38 52.01 43.71
CA LEU I 464 25.09 52.39 43.13
C LEU I 464 24.53 51.25 42.24
N GLN I 465 25.44 50.65 41.47
CA GLN I 465 25.12 49.52 40.61
C GLN I 465 24.14 48.63 41.36
N GLU I 466 24.50 48.31 42.61
CA GLU I 466 23.65 47.42 43.38
C GLU I 466 22.27 47.98 43.60
N ILE I 467 22.17 49.21 44.08
CA ILE I 467 20.88 49.82 44.27
C ILE I 467 20.17 49.93 42.93
N VAL I 468 20.95 50.00 41.86
CA VAL I 468 20.35 50.10 40.54
C VAL I 468 19.48 48.87 40.33
N GLN I 469 20.08 47.71 40.58
CA GLN I 469 19.35 46.45 40.42
C GLN I 469 18.34 46.31 41.54
N LEU I 470 18.21 47.35 42.34
CA LEU I 470 17.27 47.35 43.44
C LEU I 470 16.14 48.33 43.17
N VAL I 471 16.31 49.17 42.16
CA VAL I 471 15.27 50.15 41.85
C VAL I 471 15.44 50.77 40.47
N GLY I 472 16.64 51.24 40.16
CA GLY I 472 16.87 51.85 38.87
C GLY I 472 17.06 53.35 38.96
N PRO I 473 17.00 54.06 37.82
CA PRO I 473 17.19 55.51 37.80
C PRO I 473 16.06 56.31 38.46
N ASP I 474 15.02 55.62 38.90
CA ASP I 474 13.89 56.26 39.54
C ASP I 474 14.33 57.22 40.64
N ALA I 475 14.78 56.66 41.74
CA ALA I 475 15.20 57.46 42.89
C ALA I 475 16.63 57.93 42.75
N LEU I 476 17.01 58.39 41.56
CA LEU I 476 18.35 58.88 41.37
C LEU I 476 18.45 60.30 41.84
N GLN I 477 19.59 60.60 42.43
CA GLN I 477 19.90 61.92 42.96
C GLN I 477 20.96 62.49 42.03
N ASP I 478 21.68 63.50 42.49
CA ASP I 478 22.70 64.12 41.68
C ASP I 478 24.03 63.37 41.53
N ALA I 479 24.50 62.70 42.56
CA ALA I 479 25.73 61.95 42.39
C ALA I 479 25.34 60.69 41.61
N GLU I 480 24.04 60.40 41.57
CA GLU I 480 23.56 59.15 40.94
C GLU I 480 24.08 58.84 39.53
N ARG I 481 23.40 59.26 38.46
CA ARG I 481 23.94 58.96 37.14
C ARG I 481 25.37 59.49 37.00
N LEU I 482 25.89 60.20 38.01
CA LEU I 482 27.26 60.73 37.98
C LEU I 482 28.18 59.56 37.66
N VAL I 483 28.20 58.60 38.58
CA VAL I 483 29.02 57.42 38.45
C VAL I 483 28.46 56.40 37.43
N ILE I 484 27.22 55.96 37.62
CA ILE I 484 26.57 54.98 36.74
C ILE I 484 27.01 55.09 35.30
N GLU I 485 26.65 56.22 34.69
CA GLU I 485 27.02 56.45 33.32
C GLU I 485 28.54 56.53 33.19
N VAL I 486 29.20 57.31 34.05
CA VAL I 486 30.65 57.42 33.98
C VAL I 486 31.22 56.04 33.72
N GLY I 487 31.11 55.16 34.72
CA GLY I 487 31.61 53.81 34.60
C GLY I 487 31.09 53.22 33.32
N ARG I 488 29.85 53.57 32.95
CA ARG I 488 29.20 53.06 31.72
C ARG I 488 30.01 53.33 30.43
N ILE I 489 30.21 54.61 30.11
CA ILE I 489 30.96 54.93 28.92
C ILE I 489 32.31 54.24 29.11
N ILE I 490 32.86 54.38 30.32
CA ILE I 490 34.15 53.81 30.69
C ILE I 490 34.34 52.37 30.20
N ARG I 491 33.23 51.65 29.94
CA ARG I 491 33.33 50.27 29.49
C ARG I 491 32.96 50.11 28.02
N GLU I 492 32.24 51.08 27.47
CA GLU I 492 31.84 51.02 26.07
C GLU I 492 32.95 51.48 25.12
N ASP I 493 33.72 52.49 25.55
CA ASP I 493 34.80 53.05 24.73
C ASP I 493 36.13 53.07 25.48
N PHE I 494 36.05 53.14 26.80
CA PHE I 494 37.24 53.19 27.67
C PHE I 494 37.82 51.78 27.91
N LEU I 495 36.97 50.81 28.26
CA LEU I 495 37.43 49.45 28.54
C LEU I 495 37.45 48.54 27.31
N GLN I 496 36.33 48.48 26.61
CA GLN I 496 36.25 47.66 25.42
C GLN I 496 37.24 48.20 24.42
N GLN I 497 38.11 47.30 23.98
CA GLN I 497 39.16 47.64 23.04
C GLN I 497 39.01 46.72 21.83
N ASN I 498 38.76 47.28 20.66
CA ASN I 498 38.61 46.44 19.48
C ASN I 498 39.98 45.93 19.04
N ALA I 499 40.35 44.77 19.55
CA ALA I 499 41.63 44.15 19.23
C ALA I 499 41.67 43.77 17.76
N TYR I 500 40.51 43.91 17.11
CA TYR I 500 40.36 43.62 15.70
C TYR I 500 40.27 44.89 14.87
N HIS I 501 40.76 46.00 15.42
CA HIS I 501 40.73 47.29 14.71
C HIS I 501 42.10 47.61 14.13
N GLU I 502 42.18 48.70 13.38
CA GLU I 502 43.45 49.10 12.77
C GLU I 502 44.59 49.15 13.81
N VAL I 503 44.60 50.21 14.61
CA VAL I 503 45.64 50.39 15.62
C VAL I 503 45.19 50.12 17.05
N ASP I 504 43.95 50.48 17.37
CA ASP I 504 43.44 50.29 18.72
C ASP I 504 43.83 48.94 19.29
N ALA I 505 44.12 47.99 18.41
CA ALA I 505 44.51 46.66 18.83
C ALA I 505 45.60 46.76 19.88
N TYR I 506 46.28 47.92 19.91
CA TYR I 506 47.37 48.16 20.85
C TYR I 506 47.37 49.60 21.35
N CYS I 507 47.77 49.78 22.61
CA CYS I 507 47.83 51.11 23.19
C CYS I 507 49.01 51.18 24.17
N SER I 508 49.83 52.22 24.03
CA SER I 508 50.98 52.38 24.91
C SER I 508 50.57 53.17 26.15
N MET I 509 51.57 53.53 26.96
CA MET I 509 51.35 54.30 28.20
C MET I 509 50.62 55.58 27.85
N LYS I 510 51.35 56.47 27.19
CA LYS I 510 50.82 57.77 26.77
C LYS I 510 49.42 57.63 26.17
N LYS I 511 49.11 56.42 25.70
CA LYS I 511 47.80 56.09 25.12
C LYS I 511 46.86 55.66 26.24
N ALA I 512 47.30 54.66 26.98
CA ALA I 512 46.54 54.14 28.11
C ALA I 512 46.41 55.26 29.12
N TYR I 513 47.55 55.82 29.50
CA TYR I 513 47.64 56.92 30.46
C TYR I 513 46.76 58.14 30.19
N GLY I 514 46.88 58.72 28.99
CA GLY I 514 46.10 59.90 28.66
C GLY I 514 44.60 59.68 28.83
N ILE I 515 44.03 58.88 27.94
CA ILE I 515 42.61 58.57 27.96
C ILE I 515 42.07 58.55 29.39
N MET I 516 42.70 57.75 30.25
CA MET I 516 42.28 57.61 31.64
C MET I 516 42.10 58.99 32.30
N LYS I 517 42.46 60.04 31.56
CA LYS I 517 42.32 61.41 32.03
C LYS I 517 41.23 62.15 31.26
N MET I 518 41.08 61.82 29.98
CA MET I 518 40.05 62.44 29.14
C MET I 518 38.74 62.59 29.90
N ILE I 519 38.20 61.47 30.38
CA ILE I 519 36.95 61.50 31.12
C ILE I 519 37.13 62.26 32.43
N LEU I 520 38.17 61.89 33.20
CA LEU I 520 38.51 62.50 34.49
C LEU I 520 38.21 64.00 34.53
N ALA I 521 38.64 64.71 33.50
CA ALA I 521 38.39 66.15 33.41
C ALA I 521 36.89 66.41 33.51
N PHE I 522 36.14 65.84 32.58
CA PHE I 522 34.69 65.99 32.57
C PHE I 522 34.20 65.71 33.98
N TYR I 523 34.74 64.65 34.59
CA TYR I 523 34.38 64.28 35.97
C TYR I 523 34.63 65.48 36.86
N LYS I 524 35.85 66.01 36.78
CA LYS I 524 36.23 67.16 37.58
C LYS I 524 35.22 68.27 37.33
N GLU I 525 35.05 68.65 36.06
CA GLU I 525 34.11 69.71 35.71
C GLU I 525 32.66 69.31 35.97
N ALA I 526 32.42 67.99 36.00
CA ALA I 526 31.09 67.49 36.28
C ALA I 526 30.78 67.74 37.75
N GLU I 527 31.81 67.61 38.58
CA GLU I 527 31.70 67.81 40.04
C GLU I 527 31.24 69.21 40.46
N ALA I 528 31.58 70.22 39.66
CA ALA I 528 31.18 71.60 39.98
C ALA I 528 30.06 72.07 39.07
N ALA I 529 29.75 71.28 38.04
CA ALA I 529 28.67 71.60 37.14
C ALA I 529 27.35 71.28 37.86
N ILE I 530 27.16 70.01 38.21
CA ILE I 530 25.96 69.59 38.91
C ILE I 530 25.89 70.14 40.34
N LYS I 531 27.02 70.15 41.04
CA LYS I 531 27.07 70.65 42.42
C LYS I 531 26.73 72.14 42.49
N ARG I 532 27.15 72.89 41.47
CA ARG I 532 26.88 74.32 41.38
C ARG I 532 25.37 74.43 41.20
N GLY I 533 24.80 73.42 40.55
CA GLY I 533 23.37 73.40 40.30
C GLY I 533 23.06 72.84 38.94
N VAL I 534 24.05 72.88 38.04
CA VAL I 534 23.84 72.37 36.69
C VAL I 534 23.14 71.03 36.71
N SER I 535 22.11 70.93 35.88
CA SER I 535 21.33 69.72 35.78
C SER I 535 22.09 68.74 34.91
N ILE I 536 22.22 67.52 35.40
CA ILE I 536 22.92 66.50 34.68
C ILE I 536 22.27 66.28 33.31
N ASP I 537 21.03 66.74 33.16
CA ASP I 537 20.27 66.58 31.94
C ASP I 537 20.89 67.17 30.67
N GLU I 538 21.46 68.36 30.76
CA GLU I 538 22.13 68.99 29.62
C GLU I 538 23.56 68.43 29.58
N ILE I 539 24.04 68.04 30.76
CA ILE I 539 25.36 67.47 30.96
C ILE I 539 25.44 66.17 30.19
N LEU I 540 24.30 65.48 30.14
CA LEU I 540 24.17 64.21 29.45
C LEU I 540 24.44 64.33 27.96
N GLN I 541 23.71 65.19 27.26
CA GLN I 541 23.88 65.34 25.83
C GLN I 541 25.00 66.26 25.41
N LEU I 542 26.02 66.40 26.24
CA LEU I 542 27.14 67.26 25.88
C LEU I 542 27.76 66.63 24.64
N PRO I 543 27.95 67.42 23.56
CA PRO I 543 28.54 66.94 22.30
C PRO I 543 30.00 66.49 22.46
N VAL I 544 30.72 67.15 23.37
CA VAL I 544 32.11 66.84 23.62
C VAL I 544 32.24 65.48 24.30
N LEU I 545 31.15 65.03 24.90
CA LEU I 545 31.15 63.72 25.54
C LEU I 545 31.36 62.67 24.47
N GLU I 546 30.80 62.92 23.29
CA GLU I 546 30.91 62.00 22.17
C GLU I 546 32.35 61.98 21.64
N ARG I 547 33.13 63.00 22.01
CA ARG I 547 34.53 63.13 21.61
C ARG I 547 35.43 62.25 22.48
N ILE I 548 35.07 62.12 23.77
CA ILE I 548 35.84 61.31 24.70
C ILE I 548 35.79 59.83 24.34
N GLY I 549 34.82 59.44 23.52
CA GLY I 549 34.68 58.04 23.13
C GLY I 549 35.20 57.68 21.75
N ARG I 550 35.88 58.62 21.10
CA ARG I 550 36.45 58.35 19.80
C ARG I 550 37.97 58.40 19.96
N ALA I 551 38.40 58.32 21.23
CA ALA I 551 39.82 58.36 21.59
C ALA I 551 40.48 56.99 21.52
N ARG I 552 39.70 55.93 21.73
CA ARG I 552 40.24 54.57 21.68
C ARG I 552 40.79 54.21 20.31
N TYR I 553 40.10 54.63 19.25
CA TYR I 553 40.50 54.33 17.87
C TYR I 553 41.73 55.07 17.36
N VAL I 554 42.16 56.10 18.10
CA VAL I 554 43.31 56.88 17.69
C VAL I 554 44.63 56.14 17.91
N SER I 555 45.61 56.45 17.07
CA SER I 555 46.93 55.81 17.17
C SER I 555 47.85 56.61 18.09
N GLU I 556 48.98 56.02 18.48
CA GLU I 556 49.95 56.66 19.37
C GLU I 556 50.50 57.93 18.70
N GLU I 557 50.42 57.98 17.38
CA GLU I 557 50.91 59.13 16.65
C GLU I 557 49.96 60.30 16.78
N GLU I 558 48.73 60.13 16.28
CA GLU I 558 47.68 61.17 16.31
C GLU I 558 47.12 61.46 17.69
N PHE I 559 47.10 60.43 18.55
CA PHE I 559 46.57 60.53 19.90
C PHE I 559 47.03 61.75 20.70
N PRO I 560 48.34 61.87 20.95
CA PRO I 560 48.91 62.99 21.72
C PRO I 560 48.19 64.33 21.52
N ALA I 561 48.30 64.87 20.31
CA ALA I 561 47.67 66.14 19.98
C ALA I 561 46.16 66.00 19.85
N TYR I 562 45.69 64.85 19.38
CA TYR I 562 44.25 64.64 19.21
C TYR I 562 43.42 64.94 20.46
N PHE I 563 43.78 64.32 21.58
CA PHE I 563 43.05 64.51 22.83
C PHE I 563 43.20 65.91 23.41
N GLU I 564 44.41 66.44 23.33
CA GLU I 564 44.70 67.75 23.86
C GLU I 564 43.80 68.81 23.24
N GLU I 565 43.25 68.52 22.08
CA GLU I 565 42.41 69.53 21.47
C GLU I 565 41.04 69.52 22.10
N ALA I 566 40.61 68.34 22.56
CA ALA I 566 39.30 68.23 23.21
C ALA I 566 39.41 68.59 24.69
N MET I 567 40.60 68.43 25.26
CA MET I 567 40.79 68.76 26.66
C MET I 567 40.41 70.20 26.91
N LYS I 568 40.38 71.00 25.84
CA LYS I 568 40.02 72.40 25.94
C LYS I 568 38.53 72.56 25.75
N GLU I 569 38.00 71.90 24.72
CA GLU I 569 36.58 71.98 24.42
C GLU I 569 35.77 71.51 25.60
N ILE I 570 36.38 70.68 26.45
CA ILE I 570 35.74 70.14 27.65
C ILE I 570 35.35 71.24 28.64
N GLN I 571 36.35 71.77 29.35
CA GLN I 571 36.12 72.83 30.32
C GLN I 571 35.29 73.93 29.67
N GLY I 572 35.25 73.96 28.34
CA GLY I 572 34.50 74.97 27.62
C GLY I 572 33.06 74.60 27.28
N ALA I 573 32.82 73.35 26.91
CA ALA I 573 31.47 72.91 26.56
C ALA I 573 30.78 72.26 27.77
N PHE I 574 31.18 72.67 28.97
CA PHE I 574 30.60 72.14 30.21
C PHE I 574 30.46 73.24 31.26
N LYS I 575 31.57 73.76 31.75
CA LYS I 575 31.58 74.83 32.74
C LYS I 575 30.57 75.89 32.29
N ALA I 576 30.45 76.03 30.97
CA ALA I 576 29.56 76.98 30.37
C ALA I 576 28.09 76.63 30.64
N LEU I 577 27.70 75.41 30.31
CA LEU I 577 26.32 74.97 30.55
C LEU I 577 26.14 74.52 32.00
N MET J 1 38.61 -11.80 77.78
CA MET J 1 39.95 -11.26 77.38
C MET J 1 40.47 -11.97 76.14
N ILE J 2 39.91 -11.57 74.99
CA ILE J 2 40.27 -12.14 73.68
C ILE J 2 41.53 -11.45 73.10
N GLN J 3 42.55 -12.24 72.79
CA GLN J 3 43.81 -11.72 72.23
C GLN J 3 43.93 -11.96 70.72
N GLY J 4 45.01 -11.47 70.11
CA GLY J 4 45.19 -11.65 68.67
C GLY J 4 46.44 -11.05 68.02
N VAL J 5 46.49 -11.12 66.68
CA VAL J 5 47.62 -10.64 65.88
C VAL J 5 47.24 -9.75 64.68
N ILE J 6 48.00 -8.68 64.46
CA ILE J 6 47.73 -7.77 63.37
C ILE J 6 48.08 -8.34 62.01
N GLN J 7 47.25 -8.01 61.03
CA GLN J 7 47.45 -8.48 59.67
C GLN J 7 47.76 -7.30 58.78
N LYS J 8 47.00 -6.22 58.94
CA LYS J 8 47.24 -5.04 58.13
C LYS J 8 47.18 -3.77 58.94
N ILE J 9 47.71 -2.71 58.36
CA ILE J 9 47.74 -1.38 58.99
C ILE J 9 47.49 -0.26 57.98
N ALA J 10 46.26 0.26 57.96
CA ALA J 10 45.84 1.34 57.04
C ALA J 10 45.59 2.64 57.77
N GLY J 11 46.67 3.31 58.14
CA GLY J 11 46.55 4.57 58.83
C GLY J 11 45.73 4.33 60.06
N PRO J 12 44.55 4.93 60.15
CA PRO J 12 43.65 4.79 61.29
C PRO J 12 42.97 3.42 61.45
N ALA J 13 42.45 2.87 60.36
CA ALA J 13 41.77 1.58 60.42
C ALA J 13 42.76 0.41 60.53
N VAL J 14 42.39 -0.67 61.23
CA VAL J 14 43.26 -1.84 61.41
C VAL J 14 42.54 -3.16 61.19
N ILE J 15 43.31 -4.20 60.95
CA ILE J 15 42.80 -5.54 60.73
C ILE J 15 43.73 -6.51 61.45
N ALA J 16 43.18 -7.55 62.06
CA ALA J 16 44.00 -8.54 62.76
C ALA J 16 43.32 -9.89 62.90
N LYS J 17 44.08 -10.95 62.69
CA LYS J 17 43.52 -12.29 62.78
C LYS J 17 43.90 -12.96 64.08
N GLY J 18 43.64 -14.26 64.15
CA GLY J 18 43.92 -15.02 65.35
C GLY J 18 42.90 -14.77 66.45
N MET J 19 41.80 -14.13 66.10
CA MET J 19 40.73 -13.81 67.07
C MET J 19 39.42 -14.11 66.37
N LEU J 20 38.73 -15.16 66.78
CA LEU J 20 37.51 -15.56 66.10
C LEU J 20 36.30 -15.87 66.96
N GLY J 21 35.22 -15.15 66.72
CA GLY J 21 34.02 -15.37 67.48
C GLY J 21 33.81 -14.23 68.49
N ALA J 22 34.54 -13.13 68.33
CA ALA J 22 34.42 -11.97 69.23
C ALA J 22 33.21 -11.09 68.89
N ARG J 23 32.62 -10.46 69.89
CA ARG J 23 31.45 -9.63 69.64
C ARG J 23 31.81 -8.43 68.77
N MET J 24 30.80 -7.65 68.41
CA MET J 24 31.03 -6.49 67.55
C MET J 24 31.18 -5.26 68.41
N TYR J 25 32.11 -4.37 68.05
CA TYR J 25 32.29 -3.15 68.82
C TYR J 25 32.56 -3.57 70.26
N ASP J 26 33.82 -3.54 70.68
CA ASP J 26 34.09 -3.95 72.03
C ASP J 26 35.22 -3.18 72.68
N ILE J 27 36.22 -3.86 73.22
CA ILE J 27 37.29 -3.12 73.84
C ILE J 27 38.31 -2.76 72.78
N CYS J 28 38.65 -3.74 71.97
CA CYS J 28 39.58 -3.54 70.88
C CYS J 28 40.81 -2.74 71.29
N LYS J 29 41.72 -3.42 72.00
CA LYS J 29 43.01 -2.81 72.42
C LYS J 29 44.25 -3.21 71.58
N VAL J 30 44.33 -2.74 70.33
CA VAL J 30 45.44 -3.05 69.43
C VAL J 30 46.70 -2.30 69.86
N GLY J 31 47.74 -2.39 69.05
CA GLY J 31 48.99 -1.72 69.35
C GLY J 31 49.71 -2.29 70.56
N GLU J 32 50.99 -2.60 70.39
CA GLU J 32 51.83 -3.12 71.47
C GLU J 32 51.42 -2.45 72.76
N GLU J 33 51.25 -1.14 72.66
CA GLU J 33 50.90 -0.30 73.79
C GLU J 33 49.41 -0.27 74.10
N GLY J 34 48.72 -1.36 73.79
CA GLY J 34 47.28 -1.47 74.02
C GLY J 34 46.57 -0.19 73.70
N LEU J 35 46.45 0.13 72.41
CA LEU J 35 45.80 1.36 72.02
C LEU J 35 44.28 1.33 71.96
N VAL J 36 43.71 2.48 71.62
CA VAL J 36 42.27 2.70 71.54
C VAL J 36 41.64 2.23 70.24
N GLY J 37 40.72 1.27 70.31
CA GLY J 37 40.08 0.78 69.10
C GLY J 37 38.65 0.26 69.22
N GLU J 38 38.13 -0.33 68.15
CA GLU J 38 36.76 -0.86 68.16
C GLU J 38 36.56 -2.00 67.15
N ILE J 39 35.88 -3.06 67.56
CA ILE J 39 35.64 -4.19 66.69
C ILE J 39 34.47 -3.95 65.75
N ILE J 40 34.66 -4.26 64.48
CA ILE J 40 33.62 -4.01 63.51
C ILE J 40 33.34 -5.23 62.66
N ARG J 41 33.04 -4.99 61.40
CA ARG J 41 32.73 -6.04 60.43
C ARG J 41 33.85 -7.09 60.38
N LEU J 42 33.57 -8.28 60.90
CA LEU J 42 34.58 -9.34 60.90
C LEU J 42 34.65 -10.04 59.57
N ASP J 43 35.74 -10.80 59.39
CA ASP J 43 35.96 -11.57 58.18
C ASP J 43 36.81 -12.81 58.48
N GLY J 44 36.26 -13.98 58.21
CA GLY J 44 36.99 -15.20 58.44
C GLY J 44 37.55 -15.26 59.85
N ASP J 45 38.86 -15.47 59.98
CA ASP J 45 39.49 -15.54 61.30
C ASP J 45 39.93 -14.17 61.83
N THR J 46 39.61 -13.13 61.09
CA THR J 46 39.99 -11.79 61.50
C THR J 46 38.79 -10.86 61.41
N ALA J 47 38.95 -9.63 61.91
CA ALA J 47 37.91 -8.62 61.88
C ALA J 47 38.49 -7.23 61.72
N PHE J 48 37.63 -6.27 61.43
CA PHE J 48 38.06 -4.90 61.22
C PHE J 48 38.10 -4.12 62.51
N VAL J 49 39.16 -3.36 62.70
CA VAL J 49 39.31 -2.53 63.89
C VAL J 49 39.54 -1.06 63.53
N GLN J 50 38.82 -0.19 64.19
CA GLN J 50 38.99 1.22 63.91
C GLN J 50 39.84 1.88 64.95
N VAL J 51 41.03 2.28 64.54
CA VAL J 51 41.96 2.91 65.46
C VAL J 51 42.07 4.40 65.27
N TYR J 52 41.51 5.09 66.23
CA TYR J 52 41.48 6.53 66.21
C TYR J 52 42.88 7.02 66.54
N GLU J 53 43.42 6.61 67.69
CA GLU J 53 44.76 6.98 68.11
C GLU J 53 45.73 7.11 66.94
N ASP J 54 46.75 7.94 67.10
CA ASP J 54 47.73 8.12 66.03
C ASP J 54 48.19 6.75 65.60
N THR J 55 47.89 6.42 64.36
CA THR J 55 48.26 5.14 63.85
C THR J 55 49.69 5.09 63.34
N SER J 56 50.51 6.00 63.85
CA SER J 56 51.89 6.07 63.44
C SER J 56 52.73 5.04 64.19
N GLY J 57 53.67 4.43 63.48
CA GLY J 57 54.53 3.44 64.09
C GLY J 57 53.78 2.20 64.52
N LEU J 58 53.21 1.50 63.56
CA LEU J 58 52.46 0.27 63.82
C LEU J 58 52.97 -0.90 62.99
N LYS J 59 53.62 -1.88 63.63
CA LYS J 59 54.17 -3.07 62.94
C LYS J 59 53.11 -4.16 62.81
N VAL J 60 52.79 -4.57 61.58
CA VAL J 60 51.76 -5.58 61.40
C VAL J 60 51.97 -6.67 62.41
N GLY J 61 50.85 -7.21 62.87
CA GLY J 61 50.86 -8.26 63.85
C GLY J 61 51.23 -7.76 65.22
N GLU J 62 50.72 -6.61 65.66
CA GLU J 62 51.14 -6.22 66.99
C GLU J 62 50.24 -6.81 68.07
N PRO J 63 50.44 -6.40 69.34
CA PRO J 63 49.65 -6.90 70.47
C PRO J 63 48.15 -6.65 70.34
N VAL J 64 47.57 -7.37 69.39
CA VAL J 64 46.17 -7.28 69.08
C VAL J 64 45.35 -7.90 70.20
N VAL J 65 44.92 -7.08 71.16
CA VAL J 65 44.14 -7.59 72.28
C VAL J 65 42.81 -6.87 72.53
N SER J 66 41.71 -7.59 72.42
CA SER J 66 40.42 -6.98 72.71
C SER J 66 39.74 -7.81 73.78
N THR J 67 38.53 -7.40 74.15
CA THR J 67 37.78 -8.15 75.12
C THR J 67 36.51 -8.70 74.46
N GLY J 68 36.21 -8.27 73.24
CA GLY J 68 35.01 -8.75 72.59
C GLY J 68 33.86 -8.39 73.50
N LEU J 69 34.08 -7.32 74.25
CA LEU J 69 33.15 -6.77 75.23
C LEU J 69 32.95 -5.30 74.91
N PRO J 70 31.71 -4.90 74.55
CA PRO J 70 31.32 -3.52 74.19
C PRO J 70 31.93 -2.42 75.04
N LEU J 71 31.96 -1.19 74.52
CA LEU J 71 32.51 -0.13 75.33
C LEU J 71 31.40 0.30 76.23
N ALA J 72 31.64 0.09 77.51
CA ALA J 72 30.68 0.42 78.52
C ALA J 72 31.30 1.22 79.64
N VAL J 73 30.42 1.71 80.49
CA VAL J 73 30.78 2.55 81.61
C VAL J 73 31.02 1.89 82.96
N GLU J 74 31.97 2.45 83.69
CA GLU J 74 32.30 1.94 84.99
C GLU J 74 31.30 2.46 85.99
N LEU J 75 30.26 1.68 86.27
CA LEU J 75 29.23 2.02 87.25
C LEU J 75 29.75 2.01 88.68
N GLY J 76 28.99 2.61 89.60
CA GLY J 76 29.39 2.65 91.00
C GLY J 76 29.52 4.06 91.57
N PRO J 77 29.54 4.22 92.90
CA PRO J 77 29.66 5.56 93.45
C PRO J 77 30.79 6.35 92.82
N GLY J 78 31.28 7.33 93.55
CA GLY J 78 32.43 8.12 93.15
C GLY J 78 32.46 9.14 92.05
N MET J 79 32.06 8.69 90.88
CA MET J 79 32.09 9.55 89.75
C MET J 79 31.82 11.01 90.14
N LEU J 80 30.83 11.26 91.00
CA LEU J 80 30.54 12.63 91.39
C LEU J 80 31.80 13.36 91.80
N ASN J 81 31.84 14.66 91.55
CA ASN J 81 33.00 15.49 91.84
C ASN J 81 34.16 14.95 91.01
N GLY J 82 34.00 13.72 90.52
CA GLY J 82 35.02 13.08 89.70
C GLY J 82 35.17 13.66 88.30
N ILE J 83 36.40 13.67 87.83
CA ILE J 83 36.73 14.23 86.54
C ILE J 83 36.85 13.15 85.49
N TYR J 84 36.15 13.34 84.38
CA TYR J 84 36.21 12.39 83.27
C TYR J 84 36.11 13.05 81.89
N ASP J 85 36.42 12.27 80.85
CA ASP J 85 36.46 12.76 79.47
C ASP J 85 35.51 12.12 78.50
N GLY J 86 35.80 12.36 77.22
CA GLY J 86 35.03 11.81 76.13
C GLY J 86 34.46 10.42 76.40
N ILE J 87 35.32 9.44 76.64
CA ILE J 87 34.87 8.09 76.91
C ILE J 87 34.53 7.91 78.39
N GLN J 88 35.50 8.07 79.26
CA GLN J 88 35.25 7.92 80.69
C GLN J 88 36.56 8.01 81.37
N ARG J 89 37.47 8.75 80.77
CA ARG J 89 38.79 8.83 81.37
C ARG J 89 39.01 10.06 82.24
N PRO J 90 39.29 9.86 83.54
CA PRO J 90 39.54 10.92 84.52
C PRO J 90 40.69 11.85 84.16
N LEU J 91 40.36 12.84 83.34
CA LEU J 91 41.35 13.80 82.86
C LEU J 91 42.26 14.35 83.91
N GLU J 92 41.88 14.15 85.16
CA GLU J 92 42.73 14.64 86.20
C GLU J 92 43.71 13.58 86.69
N ARG J 93 43.27 12.32 86.71
CA ARG J 93 44.17 11.26 87.14
C ARG J 93 45.17 11.25 86.01
N ILE J 94 44.82 11.96 84.95
CA ILE J 94 45.63 12.06 83.77
C ILE J 94 46.72 13.11 83.95
N ARG J 95 46.32 14.31 84.32
CA ARG J 95 47.26 15.40 84.51
C ARG J 95 48.34 15.00 85.50
N GLU J 96 47.91 14.19 86.47
CA GLU J 96 48.76 13.68 87.56
C GLU J 96 49.74 12.60 87.12
N LYS J 97 49.39 11.90 86.04
CA LYS J 97 50.25 10.85 85.52
C LYS J 97 50.99 11.28 84.23
N THR J 98 50.40 12.20 83.46
CA THR J 98 51.02 12.71 82.23
C THR J 98 51.90 13.87 82.68
N GLY J 99 51.36 14.61 83.64
CA GLY J 99 52.06 15.75 84.17
C GLY J 99 51.49 16.94 83.45
N ILE J 100 52.00 17.16 82.24
CA ILE J 100 51.60 18.28 81.38
C ILE J 100 50.86 17.82 80.10
N TYR J 101 51.56 17.11 79.22
CA TYR J 101 50.93 16.66 77.96
C TYR J 101 49.96 15.49 78.08
N ILE J 102 49.48 15.04 76.93
CA ILE J 102 48.54 13.93 76.86
C ILE J 102 49.21 12.66 76.35
N THR J 103 49.33 11.64 77.20
CA THR J 103 49.96 10.38 76.79
C THR J 103 48.92 9.45 76.15
N ARG J 104 49.33 8.71 75.14
CA ARG J 104 48.43 7.81 74.43
C ARG J 104 48.37 6.42 75.01
N GLY J 105 47.36 5.67 74.61
CA GLY J 105 47.20 4.30 75.08
C GLY J 105 47.29 4.16 76.59
N VAL J 106 47.34 5.28 77.27
CA VAL J 106 47.42 5.24 78.71
C VAL J 106 46.07 4.83 79.26
N VAL J 107 46.00 4.50 80.55
CA VAL J 107 44.74 4.13 81.20
C VAL J 107 44.77 4.17 82.73
N VAL J 108 43.64 4.58 83.30
CA VAL J 108 43.48 4.68 84.74
C VAL J 108 42.02 4.47 85.07
N HIS J 109 41.81 3.59 86.03
CA HIS J 109 40.46 3.26 86.45
C HIS J 109 39.67 4.46 86.94
N ALA J 110 38.41 4.52 86.51
CA ALA J 110 37.50 5.59 86.87
C ALA J 110 37.52 5.81 88.38
N LEU J 111 37.72 4.73 89.12
CA LEU J 111 37.75 4.81 90.57
C LEU J 111 38.80 3.92 91.17
N ASP J 112 40.04 4.39 91.20
CA ASP J 112 41.14 3.62 91.76
C ASP J 112 40.69 3.09 93.13
N ARG J 113 41.12 1.88 93.46
CA ARG J 113 40.77 1.27 94.73
C ARG J 113 41.34 2.11 95.85
N GLU J 114 42.14 3.10 95.49
CA GLU J 114 42.77 4.01 96.44
C GLU J 114 41.70 4.73 97.23
N LYS J 115 40.48 4.63 96.73
CA LYS J 115 39.37 5.28 97.37
C LYS J 115 38.76 4.31 98.38
N LYS J 116 38.76 4.70 99.66
CA LYS J 116 38.19 3.85 100.68
C LYS J 116 36.78 4.31 101.08
N TRP J 117 35.80 3.45 100.78
CA TRP J 117 34.39 3.73 101.06
C TRP J 117 33.89 3.04 102.33
N ALA J 118 32.91 3.62 102.99
CA ALA J 118 32.35 3.04 104.22
C ALA J 118 30.87 2.70 104.04
N TRP J 119 30.59 1.60 103.36
CA TRP J 119 29.19 1.30 103.16
C TRP J 119 28.55 0.81 104.43
N THR J 120 27.35 0.29 104.28
CA THR J 120 26.59 -0.25 105.38
C THR J 120 25.82 -1.36 104.69
N PRO J 121 25.93 -2.59 105.21
CA PRO J 121 25.27 -3.80 104.70
C PRO J 121 23.79 -3.92 105.07
N MET J 122 22.96 -3.14 104.38
CA MET J 122 21.52 -3.12 104.65
C MET J 122 20.82 -4.38 104.23
N VAL J 123 21.62 -5.38 103.89
CA VAL J 123 21.09 -6.65 103.46
C VAL J 123 21.47 -7.76 104.39
N LYS J 124 21.33 -8.98 103.90
CA LYS J 124 21.61 -10.13 104.70
C LYS J 124 21.97 -11.29 103.80
N PRO J 125 22.78 -12.25 104.30
CA PRO J 125 23.12 -13.38 103.43
C PRO J 125 21.95 -14.35 103.43
N GLY J 126 21.61 -14.90 102.26
CA GLY J 126 20.51 -15.84 102.19
C GLY J 126 19.17 -15.18 101.94
N ASP J 127 19.19 -13.99 101.35
CA ASP J 127 17.97 -13.27 101.05
C ASP J 127 17.59 -13.38 99.59
N GLU J 128 16.47 -12.79 99.25
CA GLU J 128 15.96 -12.80 97.89
C GLU J 128 16.47 -11.61 97.10
N VAL J 129 16.98 -11.85 95.89
CA VAL J 129 17.46 -10.74 95.08
C VAL J 129 16.61 -10.56 93.86
N ARG J 130 16.55 -9.33 93.38
CA ARG J 130 15.78 -9.03 92.18
C ARG J 130 16.69 -8.23 91.26
N GLY J 131 16.72 -8.64 89.98
CA GLY J 131 17.54 -8.00 88.96
C GLY J 131 18.03 -6.66 89.46
N GLY J 132 19.16 -6.66 90.16
CA GLY J 132 19.63 -5.40 90.69
C GLY J 132 18.58 -5.00 91.70
N MET J 133 18.94 -4.86 92.96
CA MET J 133 17.95 -4.52 93.95
C MET J 133 18.61 -3.69 95.02
N VAL J 134 18.12 -3.84 96.25
CA VAL J 134 18.68 -3.16 97.43
C VAL J 134 20.10 -3.73 97.63
N LEU J 135 21.00 -3.01 98.30
CA LEU J 135 22.35 -3.50 98.48
C LEU J 135 23.04 -2.90 99.70
N GLY J 136 23.58 -1.70 99.54
CA GLY J 136 24.23 -1.06 100.66
C GLY J 136 24.47 0.40 100.35
N THR J 137 24.68 1.22 101.38
CA THR J 137 24.90 2.64 101.18
C THR J 137 26.25 3.12 101.68
N VAL J 138 26.64 4.25 101.13
CA VAL J 138 27.91 4.87 101.46
C VAL J 138 27.75 6.35 101.71
N PRO J 139 28.51 6.85 102.65
CA PRO J 139 28.43 8.27 102.96
C PRO J 139 29.12 9.07 101.88
N GLU J 140 28.41 9.38 100.80
CA GLU J 140 29.02 10.16 99.72
C GLU J 140 28.87 11.64 100.07
N PHE J 141 29.89 12.41 99.70
CA PHE J 141 30.00 13.86 99.94
C PHE J 141 28.98 14.49 100.86
N GLY J 142 27.82 14.78 100.29
CA GLY J 142 26.74 15.36 101.06
C GLY J 142 25.64 14.33 101.09
N PHE J 143 25.47 13.62 99.99
CA PHE J 143 24.43 12.62 99.89
C PHE J 143 24.92 11.22 100.09
N THR J 144 24.14 10.40 100.80
CA THR J 144 24.50 9.01 101.08
C THR J 144 24.29 8.15 99.85
N HIS J 145 25.35 7.96 99.06
CA HIS J 145 25.25 7.13 97.85
C HIS J 145 24.60 5.79 98.16
N LYS J 146 23.55 5.46 97.43
CA LYS J 146 22.88 4.19 97.63
C LYS J 146 23.48 3.21 96.62
N ILE J 147 24.22 2.21 97.09
CA ILE J 147 24.84 1.22 96.20
C ILE J 147 23.95 0.01 96.04
N LEU J 148 23.43 -0.17 94.84
CA LEU J 148 22.50 -1.26 94.63
C LEU J 148 22.94 -2.24 93.57
N VAL J 149 22.46 -3.46 93.69
CA VAL J 149 22.83 -4.46 92.73
C VAL J 149 22.23 -4.22 91.36
N PRO J 150 23.00 -4.54 90.32
CA PRO J 150 22.63 -4.43 88.91
C PRO J 150 21.81 -5.64 88.52
N PRO J 151 21.44 -5.72 87.25
CA PRO J 151 20.63 -6.79 86.71
C PRO J 151 21.05 -8.23 86.72
N ASP J 152 20.12 -9.04 86.21
CA ASP J 152 20.29 -10.46 86.04
C ASP J 152 20.42 -11.13 87.40
N VAL J 153 20.43 -10.33 88.45
CA VAL J 153 20.61 -10.82 89.80
C VAL J 153 19.37 -11.33 90.58
N ARG J 154 18.99 -12.60 90.38
CA ARG J 154 17.82 -13.11 91.08
C ARG J 154 18.12 -14.40 91.81
N GLY J 155 17.99 -14.40 93.15
CA GLY J 155 18.25 -15.60 93.92
C GLY J 155 18.67 -15.50 95.39
N ARG J 156 19.81 -16.10 95.71
CA ARG J 156 20.39 -16.15 97.06
C ARG J 156 21.66 -15.32 97.25
N VAL J 157 21.83 -14.76 98.46
CA VAL J 157 23.00 -13.96 98.81
C VAL J 157 23.87 -14.75 99.77
N LYS J 158 25.17 -14.62 99.68
CA LYS J 158 25.96 -15.36 100.63
C LYS J 158 26.99 -14.37 101.15
N GLU J 159 27.45 -14.55 102.40
CA GLU J 159 28.47 -13.68 103.02
C GLU J 159 28.36 -12.17 102.83
N VAL J 160 28.07 -11.49 103.92
CA VAL J 160 27.89 -10.05 103.88
C VAL J 160 28.86 -9.33 104.75
N LYS J 161 29.83 -8.68 104.13
CA LYS J 161 30.79 -7.95 104.95
C LYS J 161 30.12 -6.76 105.63
N PRO J 162 30.02 -6.79 106.97
CA PRO J 162 29.40 -5.71 107.75
C PRO J 162 30.11 -4.37 107.52
N ALA J 163 29.68 -3.35 108.27
CA ALA J 163 30.27 -2.03 108.12
C ALA J 163 31.80 -2.09 108.16
N GLY J 164 32.42 -0.96 107.85
CA GLY J 164 33.87 -0.90 107.87
C GLY J 164 34.37 -0.18 106.63
N GLU J 165 35.65 0.21 106.64
CA GLU J 165 36.24 0.90 105.50
C GLU J 165 36.59 -0.15 104.43
N TYR J 166 36.08 0.07 103.22
CA TYR J 166 36.29 -0.83 102.09
C TYR J 166 36.21 0.00 100.82
N THR J 167 37.06 -0.26 99.85
CA THR J 167 37.01 0.52 98.62
C THR J 167 35.97 -0.05 97.70
N VAL J 168 35.67 0.68 96.64
CA VAL J 168 34.68 0.23 95.65
C VAL J 168 34.99 -1.16 95.08
N GLU J 169 36.22 -1.63 95.30
CA GLU J 169 36.62 -2.94 94.80
C GLU J 169 36.31 -4.04 95.78
N GLU J 170 36.38 -3.70 97.05
CA GLU J 170 36.12 -4.63 98.11
C GLU J 170 34.80 -5.35 97.89
N PRO J 171 34.86 -6.63 97.56
CA PRO J 171 33.61 -7.34 97.33
C PRO J 171 32.75 -7.52 98.58
N VAL J 172 31.98 -6.49 98.92
CA VAL J 172 31.13 -6.50 100.10
C VAL J 172 30.35 -7.77 100.34
N VAL J 173 29.61 -8.15 99.30
CA VAL J 173 28.75 -9.31 99.36
C VAL J 173 29.08 -10.26 98.22
N VAL J 174 28.35 -11.36 98.14
CA VAL J 174 28.50 -12.40 97.13
C VAL J 174 27.20 -13.16 97.02
N LEU J 175 27.05 -13.87 95.93
CA LEU J 175 25.84 -14.66 95.74
C LEU J 175 26.10 -16.11 95.99
N GLU J 176 25.08 -16.78 96.52
CA GLU J 176 25.12 -18.20 96.81
C GLU J 176 24.91 -19.00 95.52
N ASP J 177 25.67 -18.57 94.52
CA ASP J 177 25.66 -19.16 93.21
C ASP J 177 27.01 -18.90 92.56
N GLY J 178 27.80 -18.01 93.15
CA GLY J 178 29.11 -17.73 92.59
C GLY J 178 29.35 -16.25 92.46
N THR J 179 30.57 -15.83 92.12
CA THR J 179 30.87 -14.40 91.95
C THR J 179 30.46 -13.54 93.12
N GLU J 180 31.03 -12.39 93.29
CA GLU J 180 30.71 -11.55 94.40
C GLU J 180 30.00 -10.33 93.89
N LEU J 181 30.11 -9.24 94.61
CA LEU J 181 29.54 -7.98 94.20
C LEU J 181 30.26 -6.83 94.89
N LYS J 182 30.46 -5.75 94.13
CA LYS J 182 31.15 -4.59 94.66
C LYS J 182 30.29 -3.35 94.57
N MET J 183 30.80 -2.23 95.02
CA MET J 183 30.09 -0.95 95.02
C MET J 183 29.84 -0.43 93.62
N TYR J 184 30.89 -0.44 92.83
CA TYR J 184 30.81 0.04 91.47
C TYR J 184 30.61 -1.13 90.50
N HIS J 185 30.26 -0.83 89.26
CA HIS J 185 30.06 -1.85 88.24
C HIS J 185 30.40 -1.31 86.88
N THR J 186 30.07 -2.06 85.85
CA THR J 186 30.41 -1.64 84.52
C THR J 186 29.21 -1.82 83.64
N TRP J 187 28.81 -0.79 82.90
CA TRP J 187 27.64 -0.88 82.02
C TRP J 187 27.84 -0.24 80.64
N PRO J 188 27.40 -0.92 79.58
CA PRO J 188 27.53 -0.43 78.21
C PRO J 188 26.72 0.81 77.91
N VAL J 189 27.36 1.77 77.26
CA VAL J 189 26.67 3.00 76.91
C VAL J 189 25.49 2.77 75.99
N ARG J 190 25.71 1.98 74.96
CA ARG J 190 24.65 1.70 73.99
C ARG J 190 23.32 1.32 74.64
N ARG J 191 23.36 0.79 75.86
CA ARG J 191 22.12 0.41 76.53
C ARG J 191 21.77 1.30 77.72
N ALA J 192 20.47 1.37 78.00
CA ALA J 192 19.90 2.18 79.08
C ALA J 192 19.71 1.30 80.30
N ARG J 193 19.49 1.92 81.45
CA ARG J 193 19.29 1.16 82.67
C ARG J 193 17.83 1.01 83.05
N PRO J 194 17.17 -0.03 82.53
CA PRO J 194 15.76 -0.30 82.81
C PRO J 194 15.45 -0.19 84.30
N VAL J 195 14.37 0.50 84.65
CA VAL J 195 14.01 0.69 86.04
C VAL J 195 12.84 -0.19 86.46
N GLN J 196 11.82 -0.17 85.62
CA GLN J 196 10.58 -0.94 85.81
C GLN J 196 9.52 -0.19 85.01
N ARG J 197 9.09 0.97 85.51
CA ARG J 197 8.08 1.76 84.80
C ARG J 197 8.39 3.27 84.72
N LYS J 198 8.10 3.80 83.53
CA LYS J 198 8.32 5.20 83.18
C LYS J 198 7.28 6.13 83.78
N LEU J 199 6.10 5.58 84.05
CA LEU J 199 5.05 6.36 84.68
C LEU J 199 4.57 7.60 83.89
N ASP J 200 3.55 8.29 84.42
CA ASP J 200 2.96 9.47 83.80
C ASP J 200 3.61 10.77 84.22
N PRO J 201 4.31 11.42 83.27
CA PRO J 201 5.02 12.69 83.51
C PRO J 201 4.16 13.77 84.13
N ASN J 202 3.57 13.46 85.27
CA ASN J 202 2.72 14.40 85.95
C ASN J 202 3.49 15.35 86.87
N THR J 203 4.36 14.79 87.70
CA THR J 203 5.14 15.59 88.63
C THR J 203 5.90 16.67 87.89
N PRO J 204 5.56 17.94 88.12
CA PRO J 204 6.16 19.13 87.50
C PRO J 204 7.57 19.45 88.00
N PHE J 205 8.46 19.85 87.11
CA PHE J 205 9.85 20.18 87.40
C PHE J 205 10.15 21.64 87.51
N LEU J 206 10.58 22.06 88.68
CA LEU J 206 10.91 23.45 88.88
C LEU J 206 12.38 23.75 88.69
N THR J 207 12.76 24.02 87.45
CA THR J 207 14.14 24.34 87.15
C THR J 207 14.54 25.67 87.78
N GLY J 208 13.62 26.23 88.57
CA GLY J 208 13.87 27.49 89.26
C GLY J 208 14.04 28.67 88.34
N MET J 209 14.36 28.41 87.08
CA MET J 209 14.55 29.52 86.16
C MET J 209 13.20 29.98 85.72
N ARG J 210 12.89 31.22 86.04
CA ARG J 210 11.59 31.83 85.71
C ARG J 210 10.98 31.48 84.34
N ILE J 211 11.42 32.21 83.34
CA ILE J 211 10.98 32.03 81.98
C ILE J 211 10.98 30.56 81.63
N LEU J 212 12.01 29.92 82.11
CA LEU J 212 12.18 28.53 81.82
C LEU J 212 11.01 27.66 82.17
N ASP J 213 10.68 27.64 83.45
CA ASP J 213 9.63 26.75 83.93
C ASP J 213 8.26 27.33 84.06
N VAL J 214 8.19 28.62 84.36
CA VAL J 214 6.89 29.22 84.58
C VAL J 214 6.09 29.22 83.29
N LEU J 215 6.83 29.35 82.22
CA LEU J 215 6.30 29.43 80.91
C LEU J 215 6.14 28.09 80.32
N PHE J 216 7.18 27.30 80.42
CA PHE J 216 7.15 25.95 79.89
C PHE J 216 8.10 25.11 80.77
N PRO J 217 7.60 24.06 81.42
CA PRO J 217 8.49 23.27 82.26
C PRO J 217 8.60 21.86 81.74
N VAL J 218 9.05 20.98 82.62
CA VAL J 218 9.22 19.57 82.29
C VAL J 218 9.09 18.64 83.52
N ALA J 219 7.94 17.96 83.65
CA ALA J 219 7.62 17.03 84.75
C ALA J 219 8.87 16.83 85.54
N MET J 220 9.69 15.93 85.02
CA MET J 220 10.98 15.63 85.57
C MET J 220 11.55 14.64 84.60
N GLY J 221 12.80 14.87 84.27
CA GLY J 221 13.41 13.97 83.36
C GLY J 221 12.80 14.05 82.00
N GLY J 222 12.37 15.24 81.59
CA GLY J 222 11.79 15.39 80.28
C GLY J 222 12.90 15.42 79.26
N THR J 223 12.72 16.20 78.19
CA THR J 223 13.73 16.32 77.15
C THR J 223 13.53 17.65 76.49
N ALA J 224 14.54 18.50 76.51
CA ALA J 224 14.39 19.82 75.93
C ALA J 224 15.46 20.15 74.90
N ALA J 225 15.52 21.42 74.46
CA ALA J 225 16.53 21.84 73.47
C ALA J 225 16.53 23.38 73.26
N ILE J 226 17.66 23.94 72.83
CA ILE J 226 17.79 25.38 72.61
C ILE J 226 18.82 25.72 71.51
N PRO J 227 18.70 26.92 70.93
CA PRO J 227 19.59 27.39 69.87
C PRO J 227 20.72 28.25 70.39
N GLY J 228 20.65 29.55 70.09
CA GLY J 228 21.68 30.48 70.52
C GLY J 228 22.86 30.43 69.60
N PRO J 229 23.63 31.53 69.45
CA PRO J 229 24.78 31.43 68.55
C PRO J 229 25.79 30.51 69.20
N PHE J 230 27.00 30.47 68.68
CA PHE J 230 28.00 29.65 69.32
C PHE J 230 28.61 30.48 70.44
N GLY J 231 28.59 29.95 71.66
CA GLY J 231 29.18 30.64 72.79
C GLY J 231 28.20 31.55 73.51
N SER J 232 28.19 32.83 73.13
CA SER J 232 27.32 33.84 73.73
C SER J 232 26.88 33.52 75.17
N GLY J 233 27.86 33.21 76.01
CA GLY J 233 27.58 32.89 77.39
C GLY J 233 26.37 32.02 77.37
N LYS J 234 26.34 31.11 76.40
CA LYS J 234 25.21 30.23 76.28
C LYS J 234 25.22 29.38 77.52
N THR J 235 26.42 29.17 78.02
CA THR J 235 26.66 28.38 79.19
C THR J 235 25.83 28.86 80.40
N VAL J 236 25.48 30.13 80.40
CA VAL J 236 24.67 30.76 81.46
C VAL J 236 23.54 29.83 81.91
N THR J 237 22.56 29.73 81.04
CA THR J 237 21.39 28.91 81.26
C THR J 237 21.75 27.55 81.88
N GLN J 238 22.41 26.71 81.09
CA GLN J 238 22.76 25.39 81.57
C GLN J 238 23.42 25.44 82.93
N GLN J 239 24.21 26.48 83.16
CA GLN J 239 24.88 26.60 84.43
C GLN J 239 23.87 26.83 85.51
N SER J 240 23.29 28.00 85.50
CA SER J 240 22.30 28.31 86.50
C SER J 240 21.35 27.14 86.64
N LEU J 241 21.06 26.51 85.52
CA LEU J 241 20.14 25.41 85.56
C LEU J 241 20.29 24.55 86.84
N ALA J 242 21.42 23.88 86.95
CA ALA J 242 21.64 22.98 88.06
C ALA J 242 21.55 23.66 89.38
N LYS J 243 21.98 24.91 89.38
CA LYS J 243 22.02 25.73 90.56
C LYS J 243 20.66 25.78 91.17
N TRP J 244 19.73 26.27 90.39
CA TRP J 244 18.41 26.32 90.93
C TRP J 244 17.85 24.93 90.76
N SER J 245 17.76 24.48 89.51
CA SER J 245 17.19 23.18 89.17
C SER J 245 16.80 22.34 90.33
N ASN J 246 15.61 21.76 90.28
CA ASN J 246 15.15 20.91 91.35
C ASN J 246 15.68 19.49 91.19
N ALA J 247 16.86 19.37 90.58
CA ALA J 247 17.47 18.06 90.42
C ALA J 247 18.70 18.02 91.32
N ASP J 248 18.82 16.94 92.10
CA ASP J 248 19.96 16.81 92.99
C ASP J 248 21.19 16.38 92.18
N VAL J 249 20.93 15.83 91.00
CA VAL J 249 22.00 15.35 90.13
C VAL J 249 22.36 16.17 88.90
N VAL J 250 23.63 16.53 88.84
CA VAL J 250 24.14 17.32 87.76
C VAL J 250 25.08 16.54 86.90
N VAL J 251 24.77 16.52 85.63
CA VAL J 251 25.59 15.82 84.69
C VAL J 251 26.20 16.96 83.91
N TYR J 252 26.79 16.64 82.76
CA TYR J 252 27.38 17.60 81.87
C TYR J 252 28.38 16.97 80.93
N VAL J 253 28.05 16.97 79.63
CA VAL J 253 28.92 16.37 78.61
C VAL J 253 29.40 17.27 77.47
N GLY J 254 30.09 18.34 77.82
CA GLY J 254 30.63 19.19 76.77
C GLY J 254 31.25 18.23 75.78
N CYS J 255 31.10 18.48 74.49
CA CYS J 255 31.66 17.58 73.50
C CYS J 255 32.31 18.33 72.36
N GLY J 256 33.29 17.71 71.72
CA GLY J 256 33.99 18.35 70.62
C GLY J 256 33.92 19.87 70.74
N GLU J 257 34.35 20.40 71.87
CA GLU J 257 34.31 21.85 72.10
C GLU J 257 35.56 22.60 71.74
N ARG J 258 35.36 23.87 71.36
CA ARG J 258 36.47 24.72 70.95
C ARG J 258 37.50 24.75 72.05
N GLY J 259 38.63 24.15 71.76
CA GLY J 259 39.72 24.10 72.70
C GLY J 259 39.47 24.91 73.96
N ASN J 260 40.02 26.12 73.98
CA ASN J 260 39.88 26.97 75.15
C ASN J 260 38.43 27.23 75.54
N GLU J 261 37.53 27.24 74.56
CA GLU J 261 36.11 27.49 74.83
C GLU J 261 35.56 26.29 75.57
N MET J 262 36.22 25.18 75.33
CA MET J 262 35.88 23.93 75.96
C MET J 262 36.34 24.07 77.42
N THR J 263 36.99 25.16 77.79
CA THR J 263 37.46 25.19 79.13
C THR J 263 36.97 26.22 80.07
N ASP J 264 36.60 27.38 79.53
CA ASP J 264 36.07 28.48 80.32
C ASP J 264 35.06 27.90 81.29
N VAL J 265 34.27 26.96 80.81
CA VAL J 265 33.28 26.35 81.67
C VAL J 265 34.03 25.71 82.84
N LEU J 266 34.94 24.82 82.47
CA LEU J 266 35.75 24.05 83.40
C LEU J 266 36.33 24.84 84.56
N VAL J 267 36.80 26.04 84.29
CA VAL J 267 37.39 26.88 85.33
C VAL J 267 36.35 27.60 86.20
N GLU J 268 35.26 28.01 85.57
CA GLU J 268 34.18 28.73 86.24
C GLU J 268 33.18 27.75 86.83
N PHE J 269 33.24 26.51 86.38
CA PHE J 269 32.31 25.53 86.86
C PHE J 269 32.37 25.33 88.35
N PRO J 270 33.57 25.02 88.87
CA PRO J 270 33.82 24.79 90.31
C PRO J 270 33.17 25.84 91.20
N GLU J 271 33.09 27.04 90.66
CA GLU J 271 32.50 28.11 91.41
C GLU J 271 31.00 27.90 91.52
N LEU J 272 30.61 27.01 92.41
CA LEU J 272 29.20 26.70 92.65
C LEU J 272 28.65 27.51 93.83
N THR J 273 27.40 27.93 93.74
CA THR J 273 26.82 28.69 94.83
C THR J 273 25.62 27.92 95.39
N ASP J 274 25.69 26.59 95.24
CA ASP J 274 24.64 25.69 95.70
C ASP J 274 23.74 26.34 96.74
N PRO J 275 22.44 26.45 96.42
CA PRO J 275 21.40 27.02 97.27
C PRO J 275 20.82 26.06 98.31
N LYS J 276 21.09 24.77 98.18
CA LYS J 276 20.59 23.79 99.14
C LYS J 276 21.61 23.56 100.25
N THR J 277 22.81 23.13 99.87
CA THR J 277 23.87 22.88 100.82
C THR J 277 24.54 24.20 101.15
N GLY J 278 24.14 25.24 100.45
CA GLY J 278 24.72 26.53 100.69
C GLY J 278 26.22 26.42 100.61
N GLY J 279 26.76 26.36 99.40
CA GLY J 279 28.20 26.26 99.19
C GLY J 279 28.56 25.59 97.87
N PRO J 280 29.77 24.99 97.76
CA PRO J 280 30.08 24.35 96.48
C PRO J 280 29.08 23.27 96.17
N LEU J 281 28.35 23.52 95.10
CA LEU J 281 27.37 22.58 94.64
C LEU J 281 28.17 21.44 94.06
N MET J 282 29.47 21.60 94.01
CA MET J 282 30.32 20.58 93.42
C MET J 282 30.00 19.20 93.97
N HIS J 283 29.39 19.16 95.15
CA HIS J 283 29.01 17.89 95.77
C HIS J 283 28.17 16.93 94.92
N ARG J 284 27.12 17.46 94.31
CA ARG J 284 26.24 16.66 93.48
C ARG J 284 26.42 17.03 92.00
N THR J 285 27.65 16.86 91.52
CA THR J 285 28.04 17.21 90.16
C THR J 285 28.95 16.20 89.44
N VAL J 286 28.80 16.11 88.12
CA VAL J 286 29.57 15.20 87.28
C VAL J 286 30.21 15.93 86.11
N LEU J 287 31.47 15.64 85.87
CA LEU J 287 32.19 16.31 84.82
C LEU J 287 32.56 15.38 83.70
N ILE J 288 32.57 15.88 82.48
CA ILE J 288 32.94 15.07 81.34
C ILE J 288 33.56 15.81 80.17
N ALA J 289 33.29 17.11 80.09
CA ALA J 289 33.80 17.99 79.03
C ALA J 289 34.83 17.33 78.14
N ASN J 290 34.73 17.61 76.85
CA ASN J 290 35.62 16.98 75.91
C ASN J 290 36.00 17.89 74.75
N THR J 291 37.27 18.27 74.68
CA THR J 291 37.70 19.15 73.61
C THR J 291 37.28 18.62 72.27
N SER J 292 37.27 19.50 71.27
CA SER J 292 36.87 19.06 69.94
C SER J 292 37.87 18.11 69.35
N ASN J 293 39.08 18.57 69.15
CA ASN J 293 40.11 17.73 68.58
C ASN J 293 40.35 16.48 69.36
N MET J 294 39.47 16.11 70.27
CA MET J 294 39.73 14.91 71.03
C MET J 294 39.59 13.68 70.14
N PRO J 295 39.93 12.49 70.67
CA PRO J 295 39.83 11.25 69.90
C PRO J 295 38.61 11.14 68.94
N VAL J 296 38.78 10.39 67.84
CA VAL J 296 37.71 10.22 66.88
C VAL J 296 36.37 10.03 67.58
N ALA J 297 36.11 8.86 68.16
CA ALA J 297 34.84 8.61 68.85
C ALA J 297 34.76 9.22 70.25
N ALA J 298 35.82 9.90 70.63
CA ALA J 298 35.86 10.53 71.92
C ALA J 298 34.61 11.34 72.02
N ARG J 299 34.52 12.34 71.16
CA ARG J 299 33.37 13.24 71.14
C ARG J 299 32.05 12.52 70.94
N GLU J 300 32.10 11.43 70.20
CA GLU J 300 30.90 10.69 69.90
C GLU J 300 30.36 9.91 71.07
N ALA J 301 31.24 9.60 72.02
CA ALA J 301 30.83 8.85 73.19
C ALA J 301 30.41 9.84 74.23
N SER J 302 31.14 10.94 74.25
CA SER J 302 30.84 12.01 75.19
C SER J 302 29.41 11.90 75.71
N ILE J 303 28.48 12.32 74.87
CA ILE J 303 27.09 12.27 75.21
C ILE J 303 26.85 10.97 75.96
N TYR J 304 26.60 9.92 75.21
CA TYR J 304 26.33 8.63 75.78
C TYR J 304 26.74 8.57 77.23
N VAL J 305 27.88 9.17 77.46
CA VAL J 305 28.44 9.21 78.79
C VAL J 305 27.39 9.63 79.78
N GLY J 306 27.25 10.92 79.97
CA GLY J 306 26.27 11.35 80.95
C GLY J 306 24.99 10.55 80.94
N VAL J 307 24.43 10.41 79.75
CA VAL J 307 23.16 9.71 79.65
C VAL J 307 23.25 8.38 80.29
N THR J 308 24.04 7.54 79.69
CA THR J 308 24.18 6.25 80.25
C THR J 308 24.20 6.39 81.77
N ILE J 309 25.32 6.90 82.25
CA ILE J 309 25.54 7.04 83.66
C ILE J 309 24.38 7.60 84.43
N ALA J 310 23.80 8.66 83.92
CA ALA J 310 22.69 9.25 84.61
C ALA J 310 21.82 8.13 85.12
N GLU J 311 21.71 7.11 84.30
CA GLU J 311 20.86 5.98 84.58
C GLU J 311 21.14 5.26 85.89
N TYR J 312 22.43 5.17 86.20
CA TYR J 312 22.90 4.47 87.38
C TYR J 312 22.22 5.08 88.57
N PHE J 313 22.58 6.32 88.80
CA PHE J 313 22.01 7.04 89.91
C PHE J 313 20.51 7.17 89.81
N ARG J 314 20.06 7.61 88.65
CA ARG J 314 18.66 7.76 88.47
C ARG J 314 18.05 6.48 88.98
N ASP J 315 18.41 5.33 88.40
CA ASP J 315 17.83 4.07 88.83
C ASP J 315 17.69 3.89 90.34
N GLN J 316 18.41 4.70 91.07
CA GLN J 316 18.37 4.66 92.51
C GLN J 316 17.33 5.62 93.06
N GLY J 317 16.69 6.35 92.15
CA GLY J 317 15.69 7.32 92.55
C GLY J 317 16.38 8.66 92.74
N PHE J 318 17.18 9.07 91.76
CA PHE J 318 17.87 10.35 91.89
C PHE J 318 17.47 11.25 90.76
N SER J 319 17.48 12.55 91.03
CA SER J 319 17.09 13.58 90.08
C SER J 319 18.17 14.03 89.12
N VAL J 320 18.64 13.14 88.26
CA VAL J 320 19.69 13.43 87.28
C VAL J 320 19.33 14.59 86.35
N ALA J 321 20.32 15.34 85.89
CA ALA J 321 20.06 16.45 84.99
C ALA J 321 21.19 16.67 84.02
N LEU J 322 21.14 15.98 82.89
CA LEU J 322 22.20 16.14 81.92
C LEU J 322 21.96 17.23 80.91
N MET J 323 23.07 17.84 80.50
CA MET J 323 23.07 18.91 79.51
C MET J 323 24.09 18.78 78.39
N ALA J 324 25.27 19.35 78.59
CA ALA J 324 26.36 19.31 77.65
C ALA J 324 26.23 20.32 76.54
N ASP J 325 26.81 21.50 76.74
CA ASP J 325 26.83 22.60 75.76
C ASP J 325 27.58 22.02 74.58
N SER J 326 27.58 22.73 73.45
CA SER J 326 28.30 22.28 72.25
C SER J 326 27.87 20.91 71.75
N THR J 327 26.63 20.57 72.03
CA THR J 327 26.13 19.29 71.61
C THR J 327 25.97 19.30 70.12
N SER J 328 25.37 20.38 69.65
CA SER J 328 25.10 20.57 68.24
C SER J 328 26.26 20.19 67.39
N ARG J 329 27.46 20.42 67.90
CA ARG J 329 28.63 20.08 67.12
C ARG J 329 28.89 18.58 67.27
N TRP J 330 28.38 18.05 68.37
CA TRP J 330 28.53 16.65 68.70
C TRP J 330 28.47 15.74 67.49
N ALA J 331 27.54 16.03 66.62
CA ALA J 331 27.34 15.18 65.45
C ALA J 331 28.57 15.11 64.60
N GLU J 332 29.31 16.20 64.66
CA GLU J 332 30.52 16.33 63.90
C GLU J 332 31.22 14.99 63.82
N ALA J 333 31.44 14.41 64.99
CA ALA J 333 32.15 13.16 65.08
C ALA J 333 31.41 12.12 64.32
N LEU J 334 30.10 12.03 64.54
CA LEU J 334 29.37 11.00 63.86
C LEU J 334 29.62 10.99 62.36
N ARG J 335 29.69 12.16 61.77
CA ARG J 335 29.95 12.25 60.35
C ARG J 335 31.31 11.56 60.15
N GLU J 336 32.34 12.04 60.85
CA GLU J 336 33.71 11.50 60.74
C GLU J 336 33.75 9.97 60.74
N ILE J 337 33.10 9.39 61.75
CA ILE J 337 33.08 7.95 61.91
C ILE J 337 32.32 7.27 60.79
N SER J 338 31.04 7.63 60.62
CA SER J 338 30.22 7.03 59.59
C SER J 338 30.70 7.42 58.19
N SER J 339 31.50 8.49 58.16
CA SER J 339 32.03 8.95 56.89
C SER J 339 32.90 7.83 56.38
N ARG J 340 34.03 7.60 57.07
CA ARG J 340 34.99 6.58 56.68
C ARG J 340 34.36 5.23 56.45
N LEU J 341 33.03 5.18 56.55
CA LEU J 341 32.35 3.96 56.31
C LEU J 341 31.31 4.11 55.23
N GLU J 342 31.19 3.04 54.45
CA GLU J 342 30.26 2.98 53.35
C GLU J 342 28.93 3.53 53.83
N GLU J 343 28.84 4.85 53.78
CA GLU J 343 27.65 5.57 54.21
C GLU J 343 27.52 6.91 53.48
N MET J 344 26.38 7.12 52.83
CA MET J 344 26.16 8.37 52.12
C MET J 344 25.37 9.33 52.99
N PRO J 345 26.05 10.40 53.44
CA PRO J 345 25.40 11.40 54.29
C PRO J 345 24.01 11.78 53.80
N ALA J 346 23.01 11.06 54.33
CA ALA J 346 21.62 11.27 53.97
C ALA J 346 21.12 12.67 54.31
N GLU J 347 19.82 12.89 54.13
CA GLU J 347 19.19 14.18 54.37
C GLU J 347 20.22 15.25 54.08
N GLU J 348 20.44 16.18 55.01
CA GLU J 348 21.42 17.23 54.79
C GLU J 348 22.82 16.73 55.07
N GLY J 349 23.63 16.58 54.02
CA GLY J 349 24.99 16.11 54.17
C GLY J 349 25.36 15.71 55.58
N TYR J 350 24.91 14.54 55.99
CA TYR J 350 25.19 13.99 57.30
C TYR J 350 24.71 12.55 57.36
N PRO J 351 25.33 11.73 58.21
CA PRO J 351 24.87 10.35 58.28
C PRO J 351 23.35 10.28 58.50
N PRO J 352 22.71 9.32 57.85
CA PRO J 352 21.27 9.12 57.94
C PRO J 352 20.79 8.98 59.37
N TYR J 353 21.66 8.48 60.23
CA TYR J 353 21.31 8.28 61.62
C TYR J 353 20.75 9.56 62.25
N LEU J 354 19.54 9.48 62.74
CA LEU J 354 18.87 10.61 63.36
C LEU J 354 17.91 10.12 64.43
N ALA J 355 16.69 9.76 64.03
CA ALA J 355 15.70 9.24 64.97
C ALA J 355 16.37 7.96 65.44
N ALA J 356 17.63 7.89 65.04
CA ALA J 356 18.51 6.82 65.35
C ALA J 356 18.79 6.89 66.84
N ARG J 357 20.07 7.05 67.17
CA ARG J 357 20.50 7.10 68.56
C ARG J 357 19.97 8.33 69.24
N LEU J 358 19.64 9.33 68.45
CA LEU J 358 19.13 10.56 68.97
C LEU J 358 17.78 10.31 69.62
N ALA J 359 16.91 9.65 68.87
CA ALA J 359 15.58 9.34 69.33
C ALA J 359 15.72 8.67 70.67
N ALA J 360 16.08 7.40 70.63
CA ALA J 360 16.23 6.64 71.86
C ALA J 360 16.97 7.44 72.93
N PHE J 361 17.92 8.26 72.47
CA PHE J 361 18.72 9.06 73.36
C PHE J 361 17.84 9.78 74.38
N TYR J 362 16.58 9.96 74.05
CA TYR J 362 15.76 10.63 74.99
C TYR J 362 14.92 9.68 75.78
N GLU J 363 14.45 8.64 75.12
CA GLU J 363 13.59 7.67 75.77
C GLU J 363 14.05 7.22 77.15
N ARG J 364 15.27 7.58 77.46
CA ARG J 364 15.81 7.23 78.74
C ARG J 364 15.40 8.29 79.74
N ALA J 365 14.33 9.00 79.44
CA ALA J 365 13.89 10.07 80.32
C ALA J 365 12.49 9.93 80.91
N GLY J 366 12.05 11.02 81.55
CA GLY J 366 10.75 11.09 82.16
C GLY J 366 10.69 10.69 83.63
N LYS J 367 9.60 10.01 83.99
CA LYS J 367 9.36 9.55 85.36
C LYS J 367 9.74 8.09 85.52
N VAL J 368 11.01 7.83 85.37
CA VAL J 368 11.53 6.51 85.52
C VAL J 368 11.14 6.02 86.90
N ILE J 369 11.03 4.71 87.08
CA ILE J 369 10.74 4.18 88.40
C ILE J 369 12.13 3.76 88.87
N THR J 370 12.28 2.82 89.81
CA THR J 370 13.63 2.41 90.18
C THR J 370 13.65 0.91 90.29
N LEU J 371 14.85 0.37 90.49
CA LEU J 371 15.02 -1.06 90.65
C LEU J 371 14.22 -1.40 91.89
N GLY J 372 14.36 -0.54 92.90
CA GLY J 372 13.67 -0.72 94.16
C GLY J 372 12.29 -0.11 94.14
N GLY J 373 11.97 0.55 93.03
CA GLY J 373 10.65 1.16 92.89
C GLY J 373 10.52 2.56 93.49
N GLU J 374 11.05 3.55 92.77
CA GLU J 374 11.00 4.95 93.19
C GLU J 374 11.07 5.88 91.99
N GLU J 375 10.73 7.16 92.21
CA GLU J 375 10.71 8.18 91.17
C GLU J 375 12.13 8.71 90.97
N GLY J 376 12.52 9.00 89.72
CA GLY J 376 13.86 9.51 89.48
C GLY J 376 13.94 10.52 88.33
N ALA J 377 14.29 11.77 88.65
CA ALA J 377 14.40 12.82 87.65
C ALA J 377 15.50 12.54 86.65
N VAL J 378 15.12 12.43 85.39
CA VAL J 378 16.06 12.17 84.30
C VAL J 378 15.89 13.20 83.19
N THR J 379 15.98 14.47 83.55
CA THR J 379 15.81 15.48 82.55
C THR J 379 17.04 15.56 81.65
N ILE J 380 16.76 15.76 80.37
CA ILE J 380 17.73 15.85 79.30
C ILE J 380 17.56 17.25 78.71
N VAL J 381 18.66 17.89 78.36
CA VAL J 381 18.61 19.16 77.68
C VAL J 381 19.55 19.10 76.48
N GLY J 382 19.01 19.35 75.29
CA GLY J 382 19.82 19.33 74.10
C GLY J 382 20.57 20.64 74.02
N ALA J 383 21.70 20.73 74.71
CA ALA J 383 22.46 21.96 74.63
C ALA J 383 22.91 22.00 73.17
N VAL J 384 21.99 21.81 72.28
CA VAL J 384 22.36 21.79 70.90
C VAL J 384 22.23 23.22 70.34
N SER J 385 23.38 23.87 70.14
CA SER J 385 23.36 25.25 69.65
C SER J 385 24.22 25.51 68.41
N PRO J 386 23.63 25.41 67.23
CA PRO J 386 24.48 25.66 66.08
C PRO J 386 25.22 26.99 66.12
N PRO J 387 26.55 26.94 65.99
CA PRO J 387 27.52 28.05 65.99
C PRO J 387 27.39 28.99 64.81
N GLY J 388 26.33 28.81 64.02
CA GLY J 388 26.10 29.64 62.83
C GLY J 388 24.68 30.18 62.75
N GLY J 389 24.00 30.16 63.88
CA GLY J 389 22.63 30.63 64.01
C GLY J 389 21.64 30.13 62.97
N ASP J 390 21.57 28.80 62.80
CA ASP J 390 20.68 28.20 61.81
C ASP J 390 19.35 27.75 62.39
N MET J 391 18.32 27.86 61.55
CA MET J 391 16.95 27.49 61.88
C MET J 391 16.57 26.16 61.31
N SER J 392 16.96 25.93 60.07
CA SER J 392 16.67 24.66 59.48
C SER J 392 18.03 24.10 59.24
N GLU J 393 18.23 22.86 59.70
CA GLU J 393 19.50 22.10 59.62
C GLU J 393 19.25 20.73 60.25
N PRO J 394 20.01 19.72 59.83
CA PRO J 394 19.78 18.42 60.44
C PRO J 394 19.66 18.55 61.93
N VAL J 395 20.79 18.77 62.56
CA VAL J 395 20.83 18.91 63.97
C VAL J 395 19.49 19.40 64.48
N THR J 396 19.03 20.54 63.96
CA THR J 396 17.80 21.09 64.50
C THR J 396 16.48 20.43 64.13
N GLN J 397 16.01 20.66 62.92
CA GLN J 397 14.74 20.10 62.45
C GLN J 397 14.66 18.63 62.78
N SER J 398 15.74 18.10 63.30
CA SER J 398 15.77 16.71 63.63
C SER J 398 15.32 16.68 65.07
N THR J 399 16.08 17.35 65.92
CA THR J 399 15.75 17.36 67.33
C THR J 399 14.26 17.61 67.46
N LEU J 400 13.84 18.71 66.86
CA LEU J 400 12.45 19.03 66.91
C LEU J 400 11.69 17.73 66.71
N ARG J 401 12.17 16.87 65.81
CA ARG J 401 11.46 15.62 65.54
C ARG J 401 10.90 15.07 66.84
N ILE J 402 11.75 15.04 67.86
CA ILE J 402 11.31 14.57 69.15
C ILE J 402 12.03 15.31 70.23
N VAL J 403 11.25 15.77 71.20
CA VAL J 403 11.74 16.51 72.36
C VAL J 403 10.60 16.53 73.34
N GLY J 404 10.36 17.70 73.90
CA GLY J 404 9.29 17.90 74.86
C GLY J 404 9.15 19.39 75.05
N ALA J 405 10.29 20.05 75.21
CA ALA J 405 10.32 21.48 75.42
C ALA J 405 11.40 22.13 74.58
N PHE J 406 11.11 23.32 74.06
CA PHE J 406 12.09 24.05 73.29
C PHE J 406 12.25 25.46 73.80
N TRP J 407 13.47 25.80 74.17
CA TRP J 407 13.76 27.10 74.71
C TRP J 407 14.66 27.94 73.82
N ARG J 408 14.06 28.42 72.74
CA ARG J 408 14.79 29.23 71.79
C ARG J 408 15.30 30.53 72.35
N LEU J 409 16.54 30.83 71.99
CA LEU J 409 17.17 32.07 72.38
C LEU J 409 17.27 32.84 71.06
N ASP J 410 16.99 34.13 71.10
CA ASP J 410 17.07 34.97 69.91
C ASP J 410 18.34 35.83 70.04
N ALA J 411 19.18 35.78 69.00
CA ALA J 411 20.45 36.52 68.92
C ALA J 411 20.27 38.03 69.09
N SER J 412 19.18 38.54 68.54
CA SER J 412 18.87 39.95 68.65
C SER J 412 18.48 40.22 70.13
N LEU J 413 17.37 39.63 70.59
CA LEU J 413 16.86 39.79 71.96
C LEU J 413 18.00 39.79 72.97
N ALA J 414 19.10 39.18 72.57
CA ALA J 414 20.23 39.13 73.43
C ALA J 414 21.13 40.29 73.07
N PHE J 415 21.41 40.43 71.79
CA PHE J 415 22.28 41.48 71.27
C PHE J 415 21.99 42.80 71.96
N ARG J 416 20.78 42.90 72.51
CA ARG J 416 20.33 44.09 73.21
C ARG J 416 20.86 44.12 74.62
N ARG J 417 21.44 43.01 75.05
CA ARG J 417 21.95 42.84 76.39
C ARG J 417 20.78 42.41 77.25
N HIS J 418 19.90 41.60 76.67
CA HIS J 418 18.76 41.15 77.44
C HIS J 418 18.98 39.75 77.97
N PHE J 419 18.80 39.57 79.27
CA PHE J 419 18.97 38.26 79.92
C PHE J 419 17.81 38.10 80.92
N PRO J 420 17.01 37.06 80.74
CA PRO J 420 17.20 36.11 79.65
C PRO J 420 16.65 36.76 78.41
N ALA J 421 17.28 36.49 77.28
CA ALA J 421 16.82 37.03 76.01
C ALA J 421 16.22 35.86 75.19
N ILE J 422 15.60 34.93 75.93
CA ILE J 422 14.94 33.76 75.35
C ILE J 422 13.80 34.21 74.42
N ASN J 423 13.88 33.94 73.12
CA ASN J 423 12.81 34.32 72.19
C ASN J 423 11.66 33.30 72.24
N TRP J 424 10.54 33.72 72.81
CA TRP J 424 9.34 32.91 73.02
C TRP J 424 8.48 32.55 71.83
N ASN J 425 8.26 33.54 70.95
CA ASN J 425 7.43 33.28 69.77
C ASN J 425 8.10 32.11 69.11
N GLY J 426 9.31 31.81 69.58
CA GLY J 426 10.08 30.70 69.07
C GLY J 426 10.35 29.58 70.06
N SER J 427 9.63 29.57 71.18
CA SER J 427 9.82 28.54 72.19
C SER J 427 8.57 27.74 72.48
N TYR J 428 8.75 26.52 72.99
CA TYR J 428 7.60 25.66 73.29
C TYR J 428 7.95 24.57 74.27
N SER J 429 6.91 23.98 74.86
CA SER J 429 7.00 22.83 75.81
C SER J 429 5.66 22.05 75.91
N LEU J 430 5.61 20.86 75.31
CA LEU J 430 4.39 20.05 75.32
C LEU J 430 4.02 19.58 76.68
N PHE J 431 5.01 19.58 77.57
CA PHE J 431 4.78 19.16 78.94
C PHE J 431 3.62 19.94 79.58
N THR J 432 3.73 21.27 79.55
CA THR J 432 2.68 22.10 80.16
C THR J 432 1.30 21.51 80.07
N SER J 433 0.96 20.97 78.91
CA SER J 433 -0.35 20.38 78.70
C SER J 433 -0.85 19.58 79.91
N ALA J 434 -0.14 18.50 80.21
CA ALA J 434 -0.51 17.61 81.30
C ALA J 434 -0.01 18.06 82.65
N LEU J 435 0.88 19.04 82.64
CA LEU J 435 1.42 19.55 83.89
C LEU J 435 0.52 20.65 84.41
N ASP J 436 -0.29 21.23 83.52
CA ASP J 436 -1.22 22.27 83.91
C ASP J 436 -2.12 21.70 85.00
N PRO J 437 -2.66 20.48 84.77
CA PRO J 437 -3.53 19.86 85.77
C PRO J 437 -3.01 20.04 87.22
N TRP J 438 -1.81 19.55 87.46
CA TRP J 438 -1.19 19.64 88.76
C TRP J 438 -0.93 21.09 89.15
N TYR J 439 -0.72 21.95 88.18
CA TYR J 439 -0.42 23.34 88.44
C TYR J 439 -1.27 24.01 89.49
N ARG J 440 -2.58 24.06 89.23
CA ARG J 440 -3.57 24.65 90.12
C ARG J 440 -3.85 23.70 91.28
N GLU J 441 -3.61 22.43 91.01
CA GLU J 441 -3.83 21.36 92.00
C GLU J 441 -3.04 21.65 93.27
N ASN J 442 -1.73 21.66 93.11
CA ASN J 442 -0.87 21.91 94.24
C ASN J 442 -0.55 23.39 94.41
N VAL J 443 -0.11 24.07 93.35
CA VAL J 443 0.21 25.48 93.53
C VAL J 443 -1.05 26.25 93.86
N ALA J 444 -1.78 26.70 92.85
CA ALA J 444 -3.02 27.44 93.09
C ALA J 444 -4.04 27.13 91.99
N GLU J 445 -5.26 26.82 92.38
CA GLU J 445 -6.31 26.53 91.42
C GLU J 445 -6.36 27.55 90.27
N ASP J 446 -6.15 28.81 90.59
CA ASP J 446 -6.19 29.89 89.59
C ASP J 446 -4.83 30.23 89.03
N TYR J 447 -3.84 29.42 89.35
CA TYR J 447 -2.48 29.69 88.87
C TYR J 447 -2.36 29.70 87.36
N PRO J 448 -2.60 28.55 86.71
CA PRO J 448 -2.49 28.47 85.25
C PRO J 448 -3.33 29.51 84.57
N GLU J 449 -4.57 29.66 85.02
CA GLU J 449 -5.45 30.60 84.40
C GLU J 449 -4.76 31.95 84.26
N LEU J 450 -3.75 32.25 85.08
CA LEU J 450 -3.06 33.54 84.95
C LEU J 450 -2.09 33.53 83.77
N ARG J 451 -1.21 32.54 83.78
CA ARG J 451 -0.19 32.34 82.76
C ARG J 451 -0.75 32.24 81.35
N ASP J 452 -1.69 31.30 81.17
CA ASP J 452 -2.28 31.13 79.85
C ASP J 452 -2.95 32.44 79.51
N ALA J 453 -3.42 33.09 80.54
CA ALA J 453 -4.12 34.34 80.46
C ALA J 453 -3.23 35.48 80.01
N ILE J 454 -2.17 35.70 80.75
CA ILE J 454 -1.29 36.78 80.41
C ILE J 454 -0.68 36.57 79.05
N SER J 455 -0.52 35.31 78.67
CA SER J 455 0.08 34.98 77.40
C SER J 455 -0.49 35.79 76.23
N GLU J 456 -1.70 36.31 76.38
CA GLU J 456 -2.30 37.07 75.29
C GLU J 456 -1.40 38.17 74.77
N LEU J 457 -0.45 38.59 75.59
CA LEU J 457 0.52 39.61 75.25
C LEU J 457 0.97 39.32 73.84
N LEU J 458 1.65 38.19 73.69
CA LEU J 458 2.12 37.77 72.38
C LEU J 458 0.96 37.73 71.39
N GLN J 459 -0.16 37.15 71.79
CA GLN J 459 -1.30 37.03 70.90
C GLN J 459 -1.69 38.40 70.34
N ARG J 460 -1.87 39.35 71.24
CA ARG J 460 -2.23 40.70 70.84
C ARG J 460 -1.00 41.58 70.62
N GLU J 461 0.18 40.95 70.64
CA GLU J 461 1.44 41.66 70.42
C GLU J 461 2.09 41.25 69.10
N ALA J 462 2.13 39.95 68.83
CA ALA J 462 2.73 39.46 67.59
C ALA J 462 2.29 40.29 66.37
N GLY J 463 0.98 40.39 66.16
CA GLY J 463 0.45 41.15 65.03
C GLY J 463 0.17 42.60 65.37
N LEU J 464 0.53 43.00 66.58
CA LEU J 464 0.31 44.37 67.01
C LEU J 464 1.59 45.14 66.77
N GLN J 465 2.70 44.57 67.22
CA GLN J 465 3.96 45.24 67.02
C GLN J 465 4.06 45.38 65.52
N GLU J 466 4.12 44.24 64.83
CA GLU J 466 4.24 44.21 63.39
C GLU J 466 4.15 45.57 62.71
N ILE J 467 2.94 46.05 62.46
CA ILE J 467 2.75 47.34 61.80
C ILE J 467 3.12 48.48 62.74
N VAL J 468 2.66 48.35 63.97
CA VAL J 468 2.90 49.37 64.94
C VAL J 468 4.35 49.51 65.38
N GLN J 469 5.26 48.69 64.87
CA GLN J 469 6.64 48.81 65.31
C GLN J 469 7.30 50.13 64.87
N LEU J 470 7.09 50.47 63.62
CA LEU J 470 7.64 51.70 63.09
C LEU J 470 6.81 52.86 63.53
N VAL J 471 5.55 52.84 63.12
CA VAL J 471 4.60 53.91 63.43
C VAL J 471 4.62 54.27 64.91
N GLY J 472 4.37 53.29 65.77
CA GLY J 472 4.40 53.54 67.20
C GLY J 472 3.22 54.30 67.80
N PRO J 473 3.34 54.76 69.07
CA PRO J 473 2.27 55.50 69.78
C PRO J 473 1.89 56.72 68.96
N ASP J 474 0.93 56.58 68.04
CA ASP J 474 0.53 57.71 67.21
C ASP J 474 -0.95 57.75 66.79
N ALA J 475 -1.28 57.15 65.65
CA ALA J 475 -2.69 57.14 65.19
C ALA J 475 -3.52 56.26 66.07
N LEU J 476 -2.86 55.67 67.06
CA LEU J 476 -3.50 54.78 68.01
C LEU J 476 -4.58 55.49 68.79
N GLN J 477 -5.70 54.79 68.99
CA GLN J 477 -6.80 55.34 69.76
C GLN J 477 -6.20 55.73 71.10
N ASP J 478 -5.91 54.73 71.92
CA ASP J 478 -5.32 54.90 73.23
C ASP J 478 -5.00 53.51 73.77
N ALA J 479 -6.04 52.71 73.96
CA ALA J 479 -5.89 51.34 74.46
C ALA J 479 -4.84 50.65 73.62
N GLU J 480 -4.58 51.21 72.46
CA GLU J 480 -3.60 50.67 71.54
C GLU J 480 -2.27 50.50 72.24
N ARG J 481 -1.77 51.59 72.82
CA ARG J 481 -0.49 51.56 73.50
C ARG J 481 -0.51 50.67 74.74
N LEU J 482 -1.51 50.88 75.59
CA LEU J 482 -1.65 50.10 76.81
C LEU J 482 -1.31 48.62 76.61
N VAL J 483 -1.62 48.07 75.44
CA VAL J 483 -1.33 46.67 75.13
C VAL J 483 0.16 46.33 75.06
N ILE J 484 0.95 47.23 74.47
CA ILE J 484 2.39 47.04 74.35
C ILE J 484 3.13 47.70 75.51
N GLU J 485 2.41 48.56 76.24
CA GLU J 485 3.01 49.22 77.37
C GLU J 485 3.26 48.15 78.42
N VAL J 486 2.24 47.33 78.66
CA VAL J 486 2.30 46.25 79.64
C VAL J 486 3.38 45.25 79.25
N GLY J 487 3.36 44.86 77.99
CA GLY J 487 4.37 43.94 77.53
C GLY J 487 5.69 44.49 77.99
N ARG J 488 5.90 45.80 77.83
CA ARG J 488 7.14 46.44 78.23
C ARG J 488 7.61 46.01 79.61
N ILE J 489 6.69 46.03 80.58
CA ILE J 489 6.97 45.64 81.97
C ILE J 489 7.11 44.12 82.03
N ILE J 490 6.20 43.44 81.34
CA ILE J 490 6.20 42.00 81.31
C ILE J 490 7.48 41.50 80.70
N ARG J 491 8.12 42.36 79.91
CA ARG J 491 9.34 42.00 79.20
C ARG J 491 10.59 42.67 79.76
N GLU J 492 10.41 43.76 80.48
CA GLU J 492 11.58 44.40 81.03
C GLU J 492 11.61 44.13 82.52
N ASP J 493 10.48 43.68 83.05
CA ASP J 493 10.37 43.36 84.46
C ASP J 493 10.10 41.88 84.66
N PHE J 494 8.95 41.43 84.20
CA PHE J 494 8.58 40.03 84.37
C PHE J 494 9.40 39.08 83.53
N LEU J 495 9.48 39.34 82.24
CA LEU J 495 10.24 38.48 81.35
C LEU J 495 11.69 38.40 81.76
N GLN J 496 12.40 39.52 81.63
CA GLN J 496 13.80 39.57 81.98
C GLN J 496 13.92 39.13 83.43
N GLN J 497 14.83 38.20 83.68
CA GLN J 497 15.07 37.67 85.02
C GLN J 497 16.58 37.54 85.26
N ASN J 498 17.35 38.51 84.77
CA ASN J 498 18.82 38.48 84.92
C ASN J 498 19.24 37.38 85.87
N ALA J 499 19.36 36.17 85.34
CA ALA J 499 19.75 34.98 86.09
C ALA J 499 21.14 35.17 86.71
N TYR J 500 21.74 36.31 86.41
CA TYR J 500 23.06 36.67 86.91
C TYR J 500 23.00 37.11 88.38
N HIS J 501 22.09 38.04 88.69
CA HIS J 501 21.97 38.54 90.06
C HIS J 501 21.36 37.52 91.01
N GLU J 502 21.68 37.65 92.29
CA GLU J 502 21.19 36.74 93.32
C GLU J 502 19.75 37.01 93.71
N VAL J 503 19.33 38.27 93.61
CA VAL J 503 17.97 38.66 93.97
C VAL J 503 16.88 37.93 93.19
N ASP J 504 16.80 38.22 91.89
CA ASP J 504 15.79 37.61 91.02
C ASP J 504 16.29 36.32 90.40
N ALA J 505 17.53 35.96 90.71
CA ALA J 505 18.06 34.74 90.16
C ALA J 505 17.18 33.59 90.59
N TYR J 506 17.31 33.20 91.86
CA TYR J 506 16.53 32.09 92.43
C TYR J 506 15.08 32.52 92.62
N CYS J 507 14.16 31.63 92.28
CA CYS J 507 12.75 31.90 92.42
C CYS J 507 11.90 30.67 92.28
N SER J 508 10.80 30.65 93.02
CA SER J 508 9.92 29.52 92.95
C SER J 508 8.65 30.01 92.31
N MET J 509 7.87 29.06 91.79
CA MET J 509 6.61 29.38 91.13
C MET J 509 5.83 30.44 91.92
N LYS J 510 5.26 30.03 93.05
CA LYS J 510 4.44 30.93 93.90
C LYS J 510 5.00 32.35 94.05
N LYS J 511 6.25 32.53 93.62
CA LYS J 511 6.93 33.82 93.66
C LYS J 511 6.61 34.50 92.35
N ALA J 512 7.10 33.92 91.27
CA ALA J 512 6.85 34.49 89.98
C ALA J 512 5.35 34.81 89.80
N TYR J 513 4.51 33.92 90.31
CA TYR J 513 3.05 34.03 90.19
C TYR J 513 2.49 35.34 90.64
N GLY J 514 3.00 35.82 91.76
CA GLY J 514 2.54 37.08 92.28
C GLY J 514 2.97 38.16 91.33
N ILE J 515 4.20 38.05 90.86
CA ILE J 515 4.76 39.00 89.93
C ILE J 515 3.78 39.15 88.79
N MET J 516 3.62 38.09 88.01
CA MET J 516 2.70 38.13 86.87
C MET J 516 1.35 38.69 87.33
N LYS J 517 0.90 38.29 88.53
CA LYS J 517 -0.38 38.77 89.05
C LYS J 517 -0.38 40.28 89.23
N MET J 518 0.56 40.78 90.03
CA MET J 518 0.66 42.20 90.29
C MET J 518 0.53 43.06 89.03
N ILE J 519 0.89 42.51 87.88
CA ILE J 519 0.78 43.25 86.62
C ILE J 519 -0.61 43.05 86.02
N LEU J 520 -1.27 41.98 86.44
CA LEU J 520 -2.63 41.65 85.96
C LEU J 520 -3.70 42.49 86.66
N ALA J 521 -3.81 42.34 87.97
CA ALA J 521 -4.79 43.06 88.77
C ALA J 521 -4.68 44.58 88.58
N PHE J 522 -3.56 45.00 88.01
CA PHE J 522 -3.29 46.40 87.72
C PHE J 522 -3.69 46.64 86.29
N TYR J 523 -3.84 45.57 85.52
CA TYR J 523 -4.23 45.72 84.13
C TYR J 523 -5.74 45.69 83.92
N LYS J 524 -6.45 44.80 84.63
CA LYS J 524 -7.92 44.64 84.51
C LYS J 524 -8.65 45.95 84.81
N GLU J 525 -7.94 46.85 85.50
CA GLU J 525 -8.45 48.15 85.88
C GLU J 525 -7.76 49.27 85.08
N ALA J 526 -6.53 49.02 84.64
CA ALA J 526 -5.76 50.00 83.86
C ALA J 526 -6.42 50.32 82.54
N GLU J 527 -6.94 49.26 81.90
CA GLU J 527 -7.63 49.42 80.62
C GLU J 527 -9.04 49.91 80.87
N ALA J 528 -9.57 49.60 82.05
CA ALA J 528 -10.93 50.02 82.40
C ALA J 528 -10.90 51.52 82.69
N ALA J 529 -9.69 52.04 82.87
CA ALA J 529 -9.45 53.45 83.17
C ALA J 529 -9.48 54.33 81.92
N ILE J 530 -8.62 54.02 80.97
CA ILE J 530 -8.57 54.79 79.73
C ILE J 530 -9.86 54.62 78.93
N LYS J 531 -10.62 53.56 79.24
CA LYS J 531 -11.88 53.26 78.57
C LYS J 531 -13.04 54.00 79.25
N ARG J 532 -12.82 54.40 80.49
CA ARG J 532 -13.83 55.11 81.26
C ARG J 532 -13.52 56.59 81.16
N GLY J 533 -12.27 56.92 80.88
CA GLY J 533 -11.90 58.32 80.75
C GLY J 533 -10.53 58.76 81.23
N VAL J 534 -9.78 57.87 81.87
CA VAL J 534 -8.48 58.24 82.40
C VAL J 534 -7.40 58.31 81.32
N SER J 535 -6.42 59.17 81.56
CA SER J 535 -5.30 59.40 80.65
C SER J 535 -4.46 58.15 80.39
N ILE J 536 -3.70 58.17 79.28
CA ILE J 536 -2.82 57.07 78.88
C ILE J 536 -1.42 57.41 79.37
N ASP J 537 -0.85 58.47 78.81
CA ASP J 537 0.49 58.91 79.16
C ASP J 537 0.53 59.51 80.56
N GLU J 538 -0.41 59.07 81.39
CA GLU J 538 -0.49 59.51 82.78
C GLU J 538 -0.41 58.27 83.66
N ILE J 539 -1.36 57.35 83.49
CA ILE J 539 -1.36 56.12 84.28
C ILE J 539 0.11 55.69 84.34
N LEU J 540 0.76 55.82 83.19
CA LEU J 540 2.14 55.41 83.01
C LEU J 540 3.19 56.20 83.80
N GLN J 541 2.78 56.99 84.76
CA GLN J 541 3.79 57.74 85.49
C GLN J 541 3.63 57.48 86.96
N LEU J 542 2.90 56.40 87.26
CA LEU J 542 2.63 56.01 88.63
C LEU J 542 3.75 55.16 89.22
N PRO J 543 4.42 55.64 90.29
CA PRO J 543 5.50 54.90 90.94
C PRO J 543 5.03 53.59 91.56
N VAL J 544 3.71 53.46 91.73
CA VAL J 544 3.14 52.24 92.30
C VAL J 544 3.46 51.05 91.40
N LEU J 545 3.38 51.25 90.09
CA LEU J 545 3.66 50.22 89.08
C LEU J 545 5.15 49.87 88.99
N GLU J 546 5.99 50.87 89.23
CA GLU J 546 7.41 50.63 89.16
C GLU J 546 7.83 49.63 90.23
N ARG J 547 7.06 49.56 91.31
CA ARG J 547 7.35 48.63 92.40
C ARG J 547 7.18 47.20 91.90
N ILE J 548 6.59 47.05 90.72
CA ILE J 548 6.35 45.75 90.11
C ILE J 548 7.62 45.24 89.46
N GLY J 549 8.29 46.14 88.75
CA GLY J 549 9.52 45.79 88.07
C GLY J 549 10.47 45.06 88.98
N ARG J 550 10.41 45.38 90.26
CA ARG J 550 11.29 44.75 91.24
C ARG J 550 10.73 43.49 91.88
N ALA J 551 9.43 43.26 91.72
CA ALA J 551 8.77 42.08 92.30
C ALA J 551 9.59 40.81 92.09
N ARG J 552 10.24 40.73 90.93
CA ARG J 552 11.09 39.60 90.58
C ARG J 552 12.33 39.64 91.48
N TYR J 553 12.92 40.84 91.59
CA TYR J 553 14.11 41.11 92.41
C TYR J 553 13.81 40.90 93.89
N VAL J 554 12.52 40.90 94.23
CA VAL J 554 12.09 40.74 95.60
C VAL J 554 12.48 39.38 96.14
N SER J 555 12.80 39.33 97.42
CA SER J 555 13.18 38.07 98.05
C SER J 555 11.91 37.23 98.17
N GLU J 556 12.04 35.96 97.78
CA GLU J 556 10.97 34.97 97.82
C GLU J 556 10.18 34.92 99.13
N GLU J 557 10.76 35.48 100.19
CA GLU J 557 10.15 35.47 101.52
C GLU J 557 9.36 36.74 101.81
N GLU J 558 9.87 37.86 101.34
CA GLU J 558 9.22 39.13 101.54
C GLU J 558 8.22 39.34 100.40
N PHE J 559 8.43 38.59 99.33
CA PHE J 559 7.53 38.67 98.19
C PHE J 559 6.09 38.68 98.70
N PRO J 560 5.72 37.71 99.57
CA PRO J 560 4.36 37.63 100.12
C PRO J 560 3.97 38.93 100.80
N ALA J 561 4.75 39.31 101.80
CA ALA J 561 4.51 40.55 102.53
C ALA J 561 4.55 41.75 101.58
N TYR J 562 5.46 41.66 100.60
CA TYR J 562 5.65 42.72 99.62
C TYR J 562 4.45 42.75 98.68
N PHE J 563 3.72 41.65 98.68
CA PHE J 563 2.55 41.47 97.86
C PHE J 563 1.35 42.10 98.56
N GLU J 564 1.19 41.77 99.84
CA GLU J 564 0.08 42.30 100.62
C GLU J 564 -0.13 43.78 100.39
N GLU J 565 0.91 44.59 100.62
CA GLU J 565 0.83 46.05 100.43
C GLU J 565 0.79 46.46 98.96
N ALA J 566 1.84 46.09 98.24
CA ALA J 566 1.96 46.40 96.83
C ALA J 566 0.64 46.18 96.08
N MET J 567 0.11 44.95 96.15
CA MET J 567 -1.13 44.62 95.46
C MET J 567 -2.21 45.62 95.84
N LYS J 568 -2.69 45.52 97.07
CA LYS J 568 -3.72 46.42 97.56
C LYS J 568 -3.32 47.86 97.34
N GLU J 569 -2.03 48.08 97.17
CA GLU J 569 -1.52 49.43 96.96
C GLU J 569 -2.07 49.94 95.63
N ILE J 570 -2.31 49.03 94.70
CA ILE J 570 -2.84 49.40 93.39
C ILE J 570 -4.28 49.87 93.52
N GLN J 571 -5.10 49.04 94.13
CA GLN J 571 -6.51 49.34 94.32
C GLN J 571 -6.69 50.80 94.74
N GLY J 572 -5.73 51.33 95.50
CA GLY J 572 -5.83 52.72 95.94
C GLY J 572 -4.89 53.66 95.23
N ALA J 573 -3.88 53.10 94.54
CA ALA J 573 -2.93 53.93 93.82
C ALA J 573 -3.53 54.27 92.47
N PHE J 574 -4.61 53.60 92.14
CA PHE J 574 -5.29 53.81 90.87
C PHE J 574 -6.48 54.76 91.08
N LYS J 575 -7.03 54.77 92.29
CA LYS J 575 -8.17 55.65 92.58
C LYS J 575 -7.72 57.09 92.68
N ALA J 576 -7.65 57.76 91.54
CA ALA J 576 -7.22 59.16 91.48
C ALA J 576 -7.76 59.83 90.22
N LEU J 577 -8.48 59.07 89.41
CA LEU J 577 -9.05 59.61 88.18
C LEU J 577 -10.39 58.97 87.85
N MET K 1 15.89 -28.06 24.02
CA MET K 1 15.60 -27.33 25.28
C MET K 1 16.79 -27.36 26.23
N ILE K 2 17.26 -26.16 26.61
CA ILE K 2 18.41 -25.97 27.50
C ILE K 2 18.07 -26.03 28.98
N GLN K 3 18.05 -27.24 29.54
CA GLN K 3 17.71 -27.43 30.94
C GLN K 3 18.70 -26.85 31.96
N GLY K 4 18.44 -27.08 33.24
CA GLY K 4 19.28 -26.56 34.30
C GLY K 4 18.45 -26.33 35.56
N VAL K 5 19.01 -25.68 36.56
CA VAL K 5 18.24 -25.43 37.76
C VAL K 5 18.71 -24.14 38.35
N ILE K 6 18.51 -24.00 39.65
CA ILE K 6 18.87 -22.81 40.40
C ILE K 6 20.23 -22.86 41.05
N GLN K 7 20.78 -21.69 41.39
CA GLN K 7 22.10 -21.55 42.04
C GLN K 7 22.04 -20.62 43.23
N LYS K 8 21.60 -19.40 42.96
CA LYS K 8 21.51 -18.40 43.99
C LYS K 8 20.23 -17.63 43.86
N ILE K 9 19.96 -16.80 44.85
CA ILE K 9 18.77 -15.99 44.80
C ILE K 9 19.18 -14.57 45.12
N ALA K 10 18.46 -13.62 44.52
CA ALA K 10 18.73 -12.20 44.72
C ALA K 10 17.41 -11.42 44.85
N GLY K 11 16.89 -11.35 46.06
CA GLY K 11 15.63 -10.64 46.31
C GLY K 11 14.67 -11.12 45.25
N PRO K 12 14.04 -10.20 44.51
CA PRO K 12 13.08 -10.52 43.46
C PRO K 12 13.77 -11.16 42.27
N ALA K 13 15.04 -10.84 42.06
CA ALA K 13 15.77 -11.42 40.93
C ALA K 13 16.23 -12.81 41.33
N VAL K 14 16.57 -13.64 40.36
CA VAL K 14 17.03 -15.00 40.65
C VAL K 14 17.99 -15.51 39.60
N ILE K 15 18.92 -16.36 40.01
CA ILE K 15 19.90 -16.90 39.08
C ILE K 15 19.73 -18.41 38.97
N ALA K 16 20.37 -19.01 37.95
CA ALA K 16 20.30 -20.45 37.70
C ALA K 16 21.56 -21.06 37.04
N LYS K 17 21.77 -22.36 37.23
CA LYS K 17 22.96 -23.04 36.68
C LYS K 17 22.69 -24.28 35.85
N GLY K 18 23.73 -24.71 35.15
CA GLY K 18 23.68 -25.90 34.32
C GLY K 18 22.92 -25.59 33.04
N MET K 19 22.93 -24.32 32.70
CA MET K 19 22.21 -23.86 31.54
C MET K 19 23.14 -23.14 30.55
N LEU K 20 24.04 -23.92 29.95
CA LEU K 20 25.03 -23.44 28.99
C LEU K 20 24.44 -23.17 27.60
N GLY K 21 25.12 -22.31 26.84
CA GLY K 21 24.69 -22.00 25.49
C GLY K 21 23.21 -21.78 25.35
N ALA K 22 22.58 -21.38 26.45
CA ALA K 22 21.15 -21.12 26.45
C ALA K 22 20.93 -19.85 25.65
N ARG K 23 19.74 -19.69 25.06
CA ARG K 23 19.43 -18.50 24.28
C ARG K 23 19.29 -17.30 25.24
N MET K 24 19.25 -16.08 24.71
CA MET K 24 19.19 -14.91 25.59
C MET K 24 17.81 -14.29 25.74
N TYR K 25 17.47 -13.93 26.98
CA TYR K 25 16.19 -13.32 27.28
C TYR K 25 15.05 -14.17 26.72
N ASP K 26 14.58 -15.13 27.51
CA ASP K 26 13.49 -16.01 27.07
C ASP K 26 12.59 -16.44 28.21
N ILE K 27 11.61 -17.27 27.88
CA ILE K 27 10.65 -17.78 28.88
C ILE K 27 11.41 -18.67 29.88
N CYS K 28 11.50 -18.24 31.15
CA CYS K 28 12.21 -19.04 32.15
C CYS K 28 11.36 -19.36 33.39
N LYS K 29 10.88 -20.60 33.47
CA LYS K 29 10.04 -21.03 34.58
C LYS K 29 10.87 -21.65 35.70
N VAL K 30 11.54 -20.79 36.45
CA VAL K 30 12.40 -21.19 37.54
C VAL K 30 11.57 -21.58 38.76
N GLY K 31 12.23 -22.16 39.76
CA GLY K 31 11.53 -22.57 40.96
C GLY K 31 10.73 -23.81 40.64
N GLU K 32 10.27 -24.52 41.66
CA GLU K 32 9.48 -25.72 41.46
C GLU K 32 8.09 -25.37 40.95
N GLU K 33 7.86 -24.09 40.67
CA GLU K 33 6.56 -23.64 40.19
C GLU K 33 6.66 -22.90 38.86
N GLY K 34 7.85 -22.38 38.55
CA GLY K 34 8.05 -21.67 37.30
C GLY K 34 7.34 -20.32 37.20
N LEU K 35 7.67 -19.42 38.11
CA LEU K 35 7.04 -18.10 38.15
C LEU K 35 7.46 -17.27 36.96
N VAL K 36 8.15 -17.91 36.02
CA VAL K 36 8.61 -17.27 34.81
C VAL K 36 9.59 -16.12 35.07
N GLY K 37 10.85 -16.40 34.75
CA GLY K 37 11.90 -15.41 34.92
C GLY K 37 12.38 -14.91 33.59
N GLU K 38 13.65 -14.60 33.46
CA GLU K 38 14.19 -14.07 32.21
C GLU K 38 15.70 -14.24 32.11
N ILE K 39 16.21 -14.65 30.95
CA ILE K 39 17.66 -14.84 30.77
C ILE K 39 18.35 -13.52 30.55
N ILE K 40 18.96 -13.01 31.62
CA ILE K 40 19.65 -11.74 31.60
C ILE K 40 21.04 -11.88 30.99
N ARG K 41 22.03 -11.85 31.87
CA ARG K 41 23.45 -11.97 31.55
C ARG K 41 23.84 -13.44 31.44
N LEU K 42 24.67 -13.81 30.47
CA LEU K 42 25.08 -15.20 30.32
C LEU K 42 26.58 -15.39 30.53
N ASP K 43 26.97 -16.03 31.62
CA ASP K 43 28.39 -16.29 31.91
C ASP K 43 28.57 -17.78 32.21
N GLY K 44 29.39 -18.44 31.40
CA GLY K 44 29.64 -19.87 31.58
C GLY K 44 28.41 -20.73 31.39
N ASP K 45 27.90 -21.30 32.48
CA ASP K 45 26.73 -22.16 32.46
C ASP K 45 25.62 -21.61 33.34
N THR K 46 25.82 -20.40 33.83
CA THR K 46 24.85 -19.75 34.69
C THR K 46 24.29 -18.52 34.02
N ALA K 47 23.04 -18.60 33.58
CA ALA K 47 22.39 -17.46 32.93
C ALA K 47 21.50 -16.74 33.93
N PHE K 48 21.80 -15.47 34.19
CA PHE K 48 21.02 -14.72 35.15
C PHE K 48 19.57 -14.64 34.74
N VAL K 49 18.74 -15.28 35.56
CA VAL K 49 17.31 -15.32 35.32
C VAL K 49 16.67 -14.10 35.92
N GLN K 50 15.48 -13.79 35.44
CA GLN K 50 14.76 -12.67 35.97
C GLN K 50 13.29 -12.95 36.17
N VAL K 51 12.99 -13.43 37.36
CA VAL K 51 11.67 -13.79 37.80
C VAL K 51 10.66 -12.71 37.52
N TYR K 52 9.41 -13.09 37.39
CA TYR K 52 8.40 -12.10 37.14
C TYR K 52 7.41 -12.03 38.30
N GLU K 53 7.53 -12.97 39.23
CA GLU K 53 6.66 -12.97 40.40
C GLU K 53 7.54 -12.83 41.64
N ASP K 54 6.94 -12.81 42.83
CA ASP K 54 7.71 -12.64 44.08
C ASP K 54 8.60 -13.84 44.36
N THR K 55 9.90 -13.62 44.23
CA THR K 55 10.88 -14.66 44.45
C THR K 55 10.87 -15.07 45.89
N SER K 56 10.59 -14.09 46.74
CA SER K 56 10.57 -14.32 48.16
C SER K 56 9.71 -15.52 48.50
N GLY K 57 10.33 -16.57 49.04
CA GLY K 57 9.59 -17.76 49.42
C GLY K 57 10.05 -19.02 48.73
N LEU K 58 11.17 -18.93 48.01
CA LEU K 58 11.69 -20.08 47.30
C LEU K 58 13.17 -20.33 47.58
N LYS K 59 13.49 -21.59 47.89
CA LYS K 59 14.84 -21.98 48.21
C LYS K 59 15.78 -21.95 47.01
N VAL K 60 16.92 -22.62 47.16
CA VAL K 60 17.91 -22.63 46.11
C VAL K 60 17.90 -23.92 45.31
N GLY K 61 18.36 -23.81 44.07
CA GLY K 61 18.48 -24.98 43.20
C GLY K 61 17.27 -25.51 42.48
N GLU K 62 16.10 -24.98 42.79
CA GLU K 62 14.91 -25.49 42.13
C GLU K 62 15.01 -25.58 40.62
N PRO K 63 13.98 -26.20 39.98
CA PRO K 63 13.92 -26.39 38.54
C PRO K 63 13.84 -25.11 37.71
N VAL K 64 14.80 -24.91 36.83
CA VAL K 64 14.84 -23.74 35.96
C VAL K 64 14.72 -24.24 34.52
N VAL K 65 14.31 -23.35 33.61
CA VAL K 65 14.17 -23.73 32.20
C VAL K 65 14.43 -22.51 31.29
N SER K 66 15.01 -22.72 30.12
CA SER K 66 15.35 -21.65 29.16
C SER K 66 14.79 -21.83 27.74
N THR K 67 13.54 -21.38 27.51
CA THR K 67 12.88 -21.53 26.22
C THR K 67 13.77 -21.17 25.04
N GLY K 68 14.61 -20.18 25.20
CA GLY K 68 15.46 -19.83 24.09
C GLY K 68 14.82 -18.67 23.34
N LEU K 69 13.61 -18.30 23.77
CA LEU K 69 12.86 -17.19 23.17
C LEU K 69 12.05 -16.49 24.26
N PRO K 70 11.96 -15.14 24.22
CA PRO K 70 11.20 -14.37 25.23
C PRO K 70 9.77 -14.90 25.38
N LEU K 71 8.96 -14.27 26.23
CA LEU K 71 7.59 -14.72 26.40
C LEU K 71 6.69 -14.02 25.39
N ALA K 72 5.53 -14.60 25.14
CA ALA K 72 4.58 -14.05 24.19
C ALA K 72 3.15 -14.24 24.70
N VAL K 73 2.31 -13.22 24.52
CA VAL K 73 0.93 -13.34 24.96
C VAL K 73 0.07 -13.79 23.80
N GLU K 74 -0.77 -14.78 24.07
CA GLU K 74 -1.67 -15.32 23.06
C GLU K 74 -2.61 -14.27 22.51
N LEU K 75 -2.60 -14.10 21.18
CA LEU K 75 -3.45 -13.11 20.51
C LEU K 75 -4.50 -13.78 19.63
N GLY K 76 -5.65 -13.13 19.50
CA GLY K 76 -6.71 -13.68 18.67
C GLY K 76 -8.09 -13.34 19.19
N PRO K 77 -9.12 -14.06 18.73
CA PRO K 77 -10.50 -13.83 19.16
C PRO K 77 -10.73 -14.26 20.59
N GLY K 78 -11.35 -13.39 21.39
CA GLY K 78 -11.62 -13.76 22.77
C GLY K 78 -10.99 -12.87 23.83
N MET K 79 -10.64 -11.65 23.45
CA MET K 79 -10.04 -10.73 24.38
C MET K 79 -11.04 -9.73 24.92
N LEU K 80 -11.83 -9.14 24.04
CA LEU K 80 -12.84 -8.17 24.44
C LEU K 80 -13.60 -8.69 25.67
N ASN K 81 -14.11 -7.77 26.47
CA ASN K 81 -14.85 -8.12 27.69
C ASN K 81 -14.20 -9.28 28.41
N GLY K 82 -12.97 -9.06 28.89
CA GLY K 82 -12.25 -10.10 29.60
C GLY K 82 -10.91 -9.62 30.12
N ILE K 83 -10.77 -9.43 31.44
CA ILE K 83 -9.51 -8.94 32.01
C ILE K 83 -8.32 -9.85 31.76
N TYR K 84 -7.52 -9.46 30.77
CA TYR K 84 -6.35 -10.20 30.35
C TYR K 84 -5.05 -9.72 30.96
N ASP K 85 -5.13 -8.82 31.95
CA ASP K 85 -3.91 -8.32 32.58
C ASP K 85 -2.84 -7.89 31.59
N GLY K 86 -1.64 -7.60 32.09
CA GLY K 86 -0.55 -7.20 31.22
C GLY K 86 0.56 -8.22 31.33
N ILE K 87 0.20 -9.48 31.36
CA ILE K 87 1.17 -10.54 31.46
C ILE K 87 0.59 -11.91 31.12
N GLN K 88 -0.27 -11.95 30.11
CA GLN K 88 -0.88 -13.21 29.67
C GLN K 88 -1.51 -13.99 30.83
N ARG K 89 -2.10 -13.28 31.81
CA ARG K 89 -2.71 -13.94 32.97
C ARG K 89 -4.12 -13.44 33.26
N PRO K 90 -5.05 -13.67 32.33
CA PRO K 90 -6.43 -13.24 32.50
C PRO K 90 -6.88 -13.38 33.93
N LEU K 91 -6.89 -12.27 34.64
CA LEU K 91 -7.29 -12.35 36.04
C LEU K 91 -8.66 -13.00 36.23
N GLU K 92 -9.52 -12.90 35.22
CA GLU K 92 -10.86 -13.50 35.31
C GLU K 92 -10.80 -14.89 35.94
N ARG K 93 -10.13 -15.82 35.25
CA ARG K 93 -9.99 -17.20 35.74
C ARG K 93 -9.13 -17.24 36.99
N ILE K 94 -8.04 -16.47 36.98
CA ILE K 94 -7.15 -16.41 38.13
C ILE K 94 -8.00 -16.09 39.36
N ARG K 95 -8.78 -15.03 39.23
CA ARG K 95 -9.67 -14.58 40.28
C ARG K 95 -10.35 -15.74 40.99
N GLU K 96 -10.78 -16.72 40.21
CA GLU K 96 -11.48 -17.88 40.75
C GLU K 96 -10.58 -19.00 41.26
N LYS K 97 -9.70 -19.49 40.39
CA LYS K 97 -8.79 -20.58 40.76
C LYS K 97 -7.78 -20.17 41.81
N THR K 98 -7.30 -18.94 41.73
CA THR K 98 -6.33 -18.44 42.70
C THR K 98 -7.06 -17.81 43.88
N GLY K 99 -7.95 -18.60 44.48
CA GLY K 99 -8.72 -18.18 45.62
C GLY K 99 -9.45 -16.88 45.40
N ILE K 100 -8.80 -15.80 45.81
CA ILE K 100 -9.37 -14.47 45.66
C ILE K 100 -8.28 -13.40 45.65
N TYR K 101 -7.06 -13.76 45.97
CA TYR K 101 -6.00 -12.76 45.98
C TYR K 101 -5.00 -12.98 44.86
N ILE K 102 -4.16 -11.99 44.61
CA ILE K 102 -3.13 -12.07 43.57
C ILE K 102 -2.15 -13.18 43.90
N THR K 103 -2.45 -14.39 43.46
CA THR K 103 -1.58 -15.51 43.74
C THR K 103 -0.32 -15.45 42.88
N ARG K 104 0.71 -16.15 43.31
CA ARG K 104 1.97 -16.16 42.59
C ARG K 104 2.26 -17.61 42.22
N GLY K 105 2.75 -17.81 41.01
CA GLY K 105 3.07 -19.16 40.58
C GLY K 105 1.95 -19.73 39.75
N VAL K 106 0.76 -19.80 40.33
CA VAL K 106 -0.39 -20.35 39.62
C VAL K 106 -0.62 -19.55 38.35
N VAL K 107 -0.78 -20.28 37.24
CA VAL K 107 -1.02 -19.70 35.93
C VAL K 107 -2.22 -20.39 35.30
N VAL K 108 -3.31 -19.64 35.09
CA VAL K 108 -4.51 -20.20 34.49
C VAL K 108 -4.46 -20.14 32.96
N HIS K 109 -5.40 -20.82 32.32
CA HIS K 109 -5.46 -20.88 30.86
C HIS K 109 -5.18 -19.54 30.19
N ALA K 110 -3.94 -19.38 29.73
CA ALA K 110 -3.51 -18.15 29.06
C ALA K 110 -4.62 -17.60 28.17
N LEU K 111 -5.08 -18.43 27.24
CA LEU K 111 -6.16 -18.01 26.35
C LEU K 111 -7.06 -19.21 26.12
N ASP K 112 -8.34 -18.93 25.95
CA ASP K 112 -9.31 -19.98 25.72
C ASP K 112 -8.91 -20.74 24.46
N ARG K 113 -8.79 -22.06 24.59
CA ARG K 113 -8.40 -22.94 23.49
C ARG K 113 -9.62 -23.81 23.06
N GLU K 114 -10.65 -23.85 23.90
CA GLU K 114 -11.86 -24.64 23.61
C GLU K 114 -13.08 -23.75 23.45
N LYS K 115 -12.84 -22.44 23.41
CA LYS K 115 -13.91 -21.45 23.31
C LYS K 115 -14.38 -21.17 21.89
N LYS K 116 -15.63 -21.54 21.63
CA LYS K 116 -16.22 -21.35 20.31
C LYS K 116 -16.33 -19.90 19.88
N TRP K 117 -15.79 -19.58 18.69
CA TRP K 117 -15.85 -18.23 18.14
C TRP K 117 -16.19 -18.25 16.65
N ALA K 118 -17.05 -17.34 16.22
CA ALA K 118 -17.47 -17.27 14.83
C ALA K 118 -16.29 -16.95 13.92
N TRP K 119 -16.27 -17.58 12.74
CA TRP K 119 -15.20 -17.36 11.78
C TRP K 119 -15.71 -17.55 10.35
N THR K 120 -15.34 -16.63 9.47
CA THR K 120 -15.75 -16.67 8.08
C THR K 120 -14.53 -16.96 7.22
N PRO K 121 -14.36 -18.21 6.79
CA PRO K 121 -13.22 -18.59 5.95
C PRO K 121 -13.23 -17.91 4.58
N MET K 122 -12.06 -17.47 4.13
CA MET K 122 -11.94 -16.79 2.85
C MET K 122 -10.80 -17.35 1.99
N VAL K 123 -10.39 -18.57 2.29
CA VAL K 123 -9.30 -19.22 1.56
C VAL K 123 -9.56 -20.73 1.38
N LYS K 124 -8.75 -21.40 0.55
CA LYS K 124 -8.89 -22.83 0.29
C LYS K 124 -7.62 -23.45 -0.30
N PRO K 125 -7.57 -24.79 -0.42
CA PRO K 125 -6.40 -25.47 -0.97
C PRO K 125 -5.83 -24.78 -2.20
N GLY K 126 -4.61 -24.29 -2.09
CA GLY K 126 -3.99 -23.59 -3.19
C GLY K 126 -4.29 -22.10 -3.18
N ASP K 127 -4.52 -21.56 -1.99
CA ASP K 127 -4.81 -20.13 -1.85
C ASP K 127 -3.61 -19.34 -1.35
N GLU K 128 -3.47 -18.13 -1.89
CA GLU K 128 -2.36 -17.26 -1.52
C GLU K 128 -2.67 -16.45 -0.27
N VAL K 129 -1.66 -16.29 0.58
CA VAL K 129 -1.82 -15.54 1.82
C VAL K 129 -0.50 -14.88 2.23
N ARG K 130 -0.44 -13.56 2.13
CA ARG K 130 0.76 -12.82 2.49
C ARG K 130 0.91 -12.66 3.99
N GLY K 131 2.14 -12.69 4.47
CA GLY K 131 2.41 -12.56 5.89
C GLY K 131 1.84 -11.28 6.47
N GLY K 132 0.88 -11.43 7.37
CA GLY K 132 0.26 -10.27 8.00
C GLY K 132 -1.20 -10.08 7.65
N MET K 133 -1.64 -10.65 6.53
CA MET K 133 -3.02 -10.52 6.06
C MET K 133 -4.03 -11.34 6.86
N VAL K 134 -5.31 -11.17 6.55
CA VAL K 134 -6.35 -11.91 7.25
C VAL K 134 -6.88 -13.08 6.45
N LEU K 135 -7.18 -14.15 7.17
CA LEU K 135 -7.71 -15.38 6.59
C LEU K 135 -9.22 -15.45 6.78
N GLY K 136 -9.70 -14.85 7.86
CA GLY K 136 -11.12 -14.86 8.14
C GLY K 136 -11.52 -13.82 9.16
N THR K 137 -12.81 -13.48 9.17
CA THR K 137 -13.32 -12.48 10.08
C THR K 137 -14.06 -13.10 11.23
N VAL K 138 -14.36 -12.29 12.23
CA VAL K 138 -15.07 -12.76 13.38
C VAL K 138 -15.87 -11.67 14.02
N PRO K 139 -17.19 -11.79 13.96
CA PRO K 139 -18.10 -10.81 14.54
C PRO K 139 -17.80 -11.00 16.01
N GLU K 140 -18.21 -10.10 16.89
CA GLU K 140 -18.00 -10.18 18.32
C GLU K 140 -18.42 -8.79 18.75
N PHE K 141 -19.67 -8.68 19.19
CA PHE K 141 -20.26 -7.42 19.61
C PHE K 141 -20.53 -6.48 18.46
N GLY K 142 -19.54 -6.24 17.63
CA GLY K 142 -19.77 -5.33 16.53
C GLY K 142 -18.47 -4.92 15.87
N PHE K 143 -17.45 -5.76 16.04
CA PHE K 143 -16.18 -5.45 15.39
C PHE K 143 -15.72 -6.51 14.43
N THR K 144 -15.35 -6.08 13.23
CA THR K 144 -14.88 -7.03 12.23
C THR K 144 -13.56 -7.60 12.69
N HIS K 145 -13.63 -8.39 13.75
CA HIS K 145 -12.48 -9.03 14.34
C HIS K 145 -11.95 -10.09 13.39
N LYS K 146 -11.15 -9.64 12.43
CA LYS K 146 -10.57 -10.54 11.45
C LYS K 146 -9.50 -11.40 12.10
N ILE K 147 -9.04 -12.40 11.37
CA ILE K 147 -8.00 -13.31 11.84
C ILE K 147 -6.69 -13.03 11.12
N LEU K 148 -5.76 -12.32 11.76
CA LEU K 148 -4.49 -12.00 11.11
C LEU K 148 -3.54 -13.19 11.02
N VAL K 149 -3.14 -13.49 9.79
CA VAL K 149 -2.21 -14.59 9.52
C VAL K 149 -0.85 -14.21 10.07
N PRO K 150 -0.12 -15.18 10.65
CA PRO K 150 1.21 -14.89 11.19
C PRO K 150 2.12 -14.28 10.12
N PRO K 151 2.35 -12.96 10.20
CA PRO K 151 3.19 -12.20 9.26
C PRO K 151 4.59 -12.75 9.07
N ASP K 152 5.37 -12.06 8.23
CA ASP K 152 6.74 -12.44 7.93
C ASP K 152 6.90 -13.84 7.38
N VAL K 153 5.79 -14.55 7.24
CA VAL K 153 5.84 -15.91 6.73
C VAL K 153 4.89 -16.08 5.56
N ARG K 154 5.31 -16.92 4.60
CA ARG K 154 4.50 -17.20 3.41
C ARG K 154 4.65 -18.63 2.90
N GLY K 155 3.54 -19.24 2.49
CA GLY K 155 3.56 -20.61 1.99
C GLY K 155 2.24 -21.03 1.37
N ARG K 156 2.21 -22.22 0.80
CA ARG K 156 1.01 -22.73 0.15
C ARG K 156 -0.08 -23.06 1.17
N VAL K 157 -1.25 -23.44 0.66
CA VAL K 157 -2.39 -23.77 1.51
C VAL K 157 -2.81 -25.21 1.30
N LYS K 158 -2.98 -25.95 2.40
CA LYS K 158 -3.39 -27.35 2.31
C LYS K 158 -4.89 -27.56 2.38
N GLU K 159 -5.53 -26.97 3.38
CA GLU K 159 -6.96 -27.13 3.54
C GLU K 159 -7.58 -25.89 4.17
N VAL K 160 -8.91 -25.89 4.27
CA VAL K 160 -9.67 -24.79 4.84
C VAL K 160 -11.02 -25.21 5.42
N LYS K 161 -11.16 -25.06 6.74
CA LYS K 161 -12.37 -25.41 7.45
C LYS K 161 -13.57 -24.54 7.05
N PRO K 162 -14.78 -25.10 7.12
CA PRO K 162 -16.00 -24.37 6.75
C PRO K 162 -16.33 -23.21 7.68
N ALA K 163 -17.54 -22.70 7.55
CA ALA K 163 -18.02 -21.62 8.39
C ALA K 163 -18.81 -22.33 9.46
N GLY K 164 -18.11 -22.83 10.47
CA GLY K 164 -18.78 -23.53 11.55
C GLY K 164 -18.60 -22.74 12.84
N GLU K 165 -17.91 -23.35 13.80
CA GLU K 165 -17.65 -22.72 15.10
C GLU K 165 -16.29 -23.14 15.71
N TYR K 166 -15.25 -23.12 14.89
CA TYR K 166 -13.91 -23.48 15.30
C TYR K 166 -13.27 -22.42 16.19
N THR K 167 -13.16 -22.73 17.48
CA THR K 167 -12.57 -21.81 18.45
C THR K 167 -11.22 -21.32 17.94
N VAL K 168 -10.56 -20.48 18.73
CA VAL K 168 -9.25 -19.93 18.37
C VAL K 168 -8.20 -21.02 18.23
N GLU K 169 -8.28 -22.02 19.09
CA GLU K 169 -7.32 -23.12 19.08
C GLU K 169 -7.49 -23.94 17.82
N GLU K 170 -8.73 -24.29 17.53
CA GLU K 170 -9.03 -25.09 16.38
C GLU K 170 -8.58 -24.32 15.15
N PRO K 171 -7.72 -24.93 14.33
CA PRO K 171 -7.20 -24.33 13.10
C PRO K 171 -8.27 -24.37 12.00
N VAL K 172 -8.58 -23.21 11.40
CA VAL K 172 -9.58 -23.11 10.31
C VAL K 172 -8.92 -23.18 8.93
N VAL K 173 -7.65 -22.76 8.87
CA VAL K 173 -6.90 -22.76 7.63
C VAL K 173 -5.51 -23.38 7.82
N VAL K 174 -5.32 -24.55 7.23
CA VAL K 174 -4.03 -25.22 7.36
C VAL K 174 -3.23 -25.02 6.08
N LEU K 175 -1.98 -24.62 6.24
CA LEU K 175 -1.11 -24.37 5.10
C LEU K 175 -0.59 -25.66 4.50
N GLU K 176 -0.30 -25.64 3.21
CA GLU K 176 0.22 -26.81 2.51
C GLU K 176 1.57 -27.18 3.13
N ASP K 177 2.18 -26.19 3.79
CA ASP K 177 3.48 -26.37 4.42
C ASP K 177 3.32 -27.13 5.74
N GLY K 178 2.12 -27.65 5.98
CA GLY K 178 1.87 -28.39 7.20
C GLY K 178 1.83 -27.47 8.39
N THR K 179 1.07 -26.39 8.26
CA THR K 179 0.96 -25.40 9.32
C THR K 179 -0.49 -25.00 9.58
N GLU K 180 -1.03 -25.47 10.69
CA GLU K 180 -2.41 -25.17 11.06
C GLU K 180 -2.50 -23.78 11.68
N LEU K 181 -2.61 -22.76 10.84
CA LEU K 181 -2.70 -21.39 11.32
C LEU K 181 -3.97 -21.14 12.12
N LYS K 182 -3.88 -21.36 13.43
CA LYS K 182 -5.02 -21.17 14.32
C LYS K 182 -5.37 -19.70 14.45
N MET K 183 -6.60 -19.43 14.86
CA MET K 183 -7.08 -18.06 15.00
C MET K 183 -6.07 -17.21 15.74
N TYR K 184 -5.39 -17.83 16.69
CA TYR K 184 -4.38 -17.13 17.47
C TYR K 184 -3.03 -17.33 16.80
N HIS K 185 -2.06 -16.51 17.15
CA HIS K 185 -0.72 -16.63 16.59
C HIS K 185 0.36 -16.25 17.60
N THR K 186 1.58 -16.76 17.37
CA THR K 186 2.72 -16.50 18.24
C THR K 186 3.13 -15.03 18.17
N TRP K 187 2.80 -14.25 19.20
CA TRP K 187 3.15 -12.83 19.21
C TRP K 187 3.56 -12.30 20.59
N PRO K 188 4.88 -12.10 20.80
CA PRO K 188 5.39 -11.58 22.07
C PRO K 188 5.08 -10.11 22.25
N VAL K 189 6.13 -9.31 22.39
CA VAL K 189 5.99 -7.86 22.58
C VAL K 189 7.29 -7.16 22.24
N ARG K 190 8.39 -7.91 22.24
CA ARG K 190 9.71 -7.34 21.94
C ARG K 190 9.93 -7.16 20.45
N ARG K 191 8.83 -7.00 19.71
CA ARG K 191 8.88 -6.78 18.27
C ARG K 191 7.58 -6.16 17.77
N ALA K 192 7.71 -5.06 17.03
CA ALA K 192 6.57 -4.35 16.47
C ALA K 192 5.79 -5.28 15.56
N ARG K 193 4.50 -5.00 15.39
CA ARG K 193 3.69 -5.84 14.52
C ARG K 193 3.90 -5.48 13.05
N PRO K 194 4.31 -6.48 12.25
CA PRO K 194 4.56 -6.28 10.82
C PRO K 194 3.59 -5.30 10.18
N VAL K 195 4.17 -4.33 9.47
CA VAL K 195 3.41 -3.29 8.79
C VAL K 195 4.00 -2.97 7.43
N GLN K 196 3.24 -3.32 6.39
CA GLN K 196 3.66 -3.12 5.01
C GLN K 196 4.62 -1.95 4.98
N ARG K 197 4.13 -0.77 5.33
CA ARG K 197 4.98 0.38 5.39
C ARG K 197 4.43 1.38 6.38
N LYS K 198 5.32 2.23 6.87
CA LYS K 198 4.96 3.24 7.83
C LYS K 198 4.21 4.32 7.09
N LEU K 199 3.46 5.13 7.82
CA LEU K 199 2.67 6.19 7.23
C LEU K 199 2.61 7.41 8.15
N ASP K 200 2.71 8.61 7.58
CA ASP K 200 2.67 9.85 8.34
C ASP K 200 1.31 10.11 8.99
N PRO K 201 1.21 11.21 9.74
CA PRO K 201 -0.02 11.63 10.43
C PRO K 201 -1.15 11.91 9.44
N ASN K 202 -2.39 11.63 9.83
CA ASN K 202 -3.54 11.86 8.96
C ASN K 202 -4.87 12.17 9.64
N THR K 203 -5.42 11.22 10.40
CA THR K 203 -6.67 11.43 11.10
C THR K 203 -6.42 12.09 12.46
N PRO K 204 -7.22 13.11 12.81
CA PRO K 204 -7.08 13.81 14.08
C PRO K 204 -7.53 12.94 15.25
N PHE K 205 -7.08 13.25 16.45
CA PHE K 205 -7.48 12.47 17.61
C PHE K 205 -7.94 13.41 18.69
N LEU K 206 -9.21 13.31 19.04
CA LEU K 206 -9.77 14.17 20.05
C LEU K 206 -10.69 13.40 20.98
N THR K 207 -10.27 13.31 22.25
CA THR K 207 -11.02 12.59 23.26
C THR K 207 -12.35 13.19 23.64
N GLY K 208 -12.57 14.43 23.27
CA GLY K 208 -13.82 15.05 23.64
C GLY K 208 -13.57 16.07 24.73
N MET K 209 -12.32 16.53 24.81
CA MET K 209 -12.01 17.53 25.81
C MET K 209 -11.85 18.88 25.17
N ARG K 210 -12.53 19.84 25.79
CA ARG K 210 -12.50 21.18 25.28
C ARG K 210 -11.08 21.54 24.95
N ILE K 211 -10.33 21.99 25.92
CA ILE K 211 -8.94 22.39 25.74
C ILE K 211 -7.99 21.29 25.29
N LEU K 212 -7.90 20.23 26.09
CA LEU K 212 -7.02 19.11 25.80
C LEU K 212 -6.96 18.83 24.33
N ASP K 213 -8.10 18.86 23.72
CA ASP K 213 -8.18 18.57 22.34
C ASP K 213 -7.92 19.78 21.52
N VAL K 214 -8.67 20.83 21.84
CA VAL K 214 -8.60 22.09 21.12
C VAL K 214 -7.22 22.74 21.01
N LEU K 215 -6.40 22.62 22.05
CA LEU K 215 -5.07 23.22 22.02
C LEU K 215 -3.99 22.26 21.52
N PHE K 216 -3.94 21.09 22.12
CA PHE K 216 -2.93 20.13 21.72
C PHE K 216 -3.56 18.85 21.23
N PRO K 217 -4.11 18.87 20.01
CA PRO K 217 -4.70 17.63 19.55
C PRO K 217 -3.57 16.80 18.97
N VAL K 218 -3.84 15.53 18.74
CA VAL K 218 -2.84 14.66 18.19
C VAL K 218 -3.46 13.71 17.19
N ALA K 219 -2.61 13.10 16.38
CA ALA K 219 -3.08 12.17 15.38
C ALA K 219 -2.82 10.74 15.81
N MET K 220 -3.15 9.80 14.93
CA MET K 220 -2.96 8.40 15.24
C MET K 220 -1.46 8.07 15.23
N GLY K 221 -0.72 8.80 14.39
CA GLY K 221 0.72 8.60 14.33
C GLY K 221 1.42 9.55 15.28
N GLY K 222 1.90 9.03 16.40
CA GLY K 222 2.57 9.86 17.37
C GLY K 222 2.12 9.65 18.81
N THR K 223 2.88 10.17 19.77
CA THR K 223 2.56 10.02 21.18
C THR K 223 2.86 11.28 21.98
N ALA K 224 2.51 11.25 23.27
CA ALA K 224 2.74 12.37 24.16
C ALA K 224 2.74 11.88 25.60
N ALA K 225 3.44 12.59 26.48
CA ALA K 225 3.51 12.20 27.88
C ALA K 225 2.53 12.96 28.76
N ILE K 226 2.23 12.43 29.96
CA ILE K 226 1.30 13.06 30.91
C ILE K 226 2.03 13.50 32.20
N PRO K 227 2.59 14.72 32.22
CA PRO K 227 3.29 15.23 33.41
C PRO K 227 2.31 15.27 34.59
N GLY K 228 2.78 15.73 35.74
CA GLY K 228 1.90 15.79 36.90
C GLY K 228 2.38 15.04 38.11
N PRO K 229 2.65 15.77 39.19
CA PRO K 229 3.12 15.11 40.40
C PRO K 229 2.01 14.19 40.86
N PHE K 230 1.89 14.12 42.16
CA PHE K 230 0.90 13.34 42.89
C PHE K 230 -0.48 13.97 42.67
N GLY K 231 -1.54 13.17 42.77
CA GLY K 231 -2.89 13.68 42.61
C GLY K 231 -3.16 14.31 41.25
N SER K 232 -2.09 14.46 40.46
CA SER K 232 -2.17 15.03 39.12
C SER K 232 -3.02 14.19 38.23
N GLY K 233 -4.10 14.77 37.76
CA GLY K 233 -5.04 14.08 36.90
C GLY K 233 -4.61 12.77 36.26
N LYS K 234 -3.37 12.73 35.82
CA LYS K 234 -2.80 11.55 35.19
C LYS K 234 -3.33 10.17 35.62
N THR K 235 -3.19 9.82 36.90
CA THR K 235 -3.60 8.48 37.35
C THR K 235 -5.02 8.00 37.06
N VAL K 236 -5.92 8.94 36.86
CA VAL K 236 -7.28 8.61 36.58
C VAL K 236 -7.76 9.39 35.36
N THR K 237 -6.88 10.22 34.79
CA THR K 237 -7.26 10.96 33.58
C THR K 237 -7.55 9.90 32.54
N GLN K 238 -6.88 8.77 32.68
CA GLN K 238 -7.09 7.68 31.74
C GLN K 238 -8.56 7.23 31.85
N GLN K 239 -9.22 7.62 32.94
CA GLN K 239 -10.63 7.32 33.22
C GLN K 239 -11.48 8.44 32.60
N SER K 240 -10.78 9.42 32.01
CA SER K 240 -11.41 10.56 31.36
C SER K 240 -11.13 10.54 29.85
N LEU K 241 -10.23 9.64 29.44
CA LEU K 241 -9.84 9.50 28.03
C LEU K 241 -10.26 8.19 27.41
N ALA K 242 -10.85 7.31 28.22
CA ALA K 242 -11.30 6.02 27.72
C ALA K 242 -12.81 6.00 27.62
N LYS K 243 -13.48 6.68 28.54
CA LYS K 243 -14.95 6.76 28.58
C LYS K 243 -15.51 7.12 27.21
N TRP K 244 -15.13 8.29 26.71
CA TRP K 244 -15.57 8.76 25.40
C TRP K 244 -14.45 9.49 24.69
N SER K 245 -14.08 8.99 23.51
CA SER K 245 -13.00 9.60 22.72
C SER K 245 -13.00 9.03 21.31
N ASN K 246 -11.91 9.30 20.58
CA ASN K 246 -11.75 8.84 19.21
C ASN K 246 -10.96 7.52 19.16
N ALA K 247 -11.59 6.48 18.61
CA ALA K 247 -10.99 5.15 18.45
C ALA K 247 -12.05 4.06 18.49
N ASP K 248 -11.72 2.88 17.98
CA ASP K 248 -12.65 1.76 17.98
C ASP K 248 -12.36 0.83 19.16
N VAL K 249 -11.16 0.29 19.23
CA VAL K 249 -10.79 -0.61 20.32
C VAL K 249 -10.37 0.21 21.54
N VAL K 250 -10.33 -0.44 22.70
CA VAL K 250 -9.93 0.24 23.91
C VAL K 250 -8.96 -0.65 24.68
N VAL K 251 -7.71 -0.24 24.78
CA VAL K 251 -6.70 -1.01 25.49
C VAL K 251 -5.95 -0.12 26.49
N TYR K 252 -5.99 -0.51 27.76
CA TYR K 252 -5.31 0.24 28.84
C TYR K 252 -4.37 -0.63 29.67
N VAL K 253 -3.10 -0.24 29.69
CA VAL K 253 -2.08 -0.95 30.47
C VAL K 253 -1.46 0.01 31.45
N GLY K 254 -1.94 0.01 32.68
CA GLY K 254 -1.40 0.91 33.69
C GLY K 254 -0.11 0.42 34.32
N CYS K 255 1.02 0.72 33.69
CA CYS K 255 2.34 0.32 34.18
C CYS K 255 2.53 0.64 35.64
N GLY K 256 3.16 -0.28 36.37
CA GLY K 256 3.42 -0.09 37.78
C GLY K 256 2.40 0.70 38.53
N GLU K 257 1.15 0.65 38.12
CA GLU K 257 0.08 1.38 38.79
C GLU K 257 -0.25 0.72 40.12
N ARG K 258 -0.37 1.52 41.16
CA ARG K 258 -0.68 1.02 42.49
C ARG K 258 -2.07 0.39 42.54
N GLY K 259 -2.41 -0.15 43.70
CA GLY K 259 -3.71 -0.77 43.86
C GLY K 259 -4.81 0.23 43.68
N ASN K 260 -4.94 1.14 44.63
CA ASN K 260 -5.99 2.15 44.58
C ASN K 260 -5.87 3.17 43.45
N GLU K 261 -4.65 3.41 42.98
CA GLU K 261 -4.40 4.33 41.87
C GLU K 261 -5.11 3.76 40.65
N MET K 262 -5.82 2.65 40.85
CA MET K 262 -6.49 1.99 39.76
C MET K 262 -7.65 1.09 40.24
N THR K 263 -7.84 1.02 41.56
CA THR K 263 -8.90 0.20 42.13
C THR K 263 -10.21 0.50 41.42
N ASP K 264 -10.79 1.64 41.73
CA ASP K 264 -12.02 2.03 41.11
C ASP K 264 -11.83 2.09 39.62
N VAL K 265 -10.74 2.72 39.17
CA VAL K 265 -10.46 2.84 37.74
C VAL K 265 -10.85 1.54 37.04
N LEU K 266 -10.17 0.47 37.39
CA LEU K 266 -10.41 -0.83 36.78
C LEU K 266 -11.85 -1.33 36.94
N VAL K 267 -12.33 -1.36 38.18
CA VAL K 267 -13.69 -1.81 38.46
C VAL K 267 -14.75 -0.85 37.91
N GLU K 268 -14.35 0.40 37.68
CA GLU K 268 -15.26 1.42 37.16
C GLU K 268 -15.54 1.20 35.69
N PHE K 269 -14.54 0.69 34.97
CA PHE K 269 -14.70 0.42 33.55
C PHE K 269 -15.97 -0.38 33.32
N PRO K 270 -16.17 -1.47 34.08
CA PRO K 270 -17.34 -2.34 33.98
C PRO K 270 -18.66 -1.56 34.10
N GLU K 271 -18.56 -0.25 34.27
CA GLU K 271 -19.75 0.57 34.41
C GLU K 271 -19.87 1.49 33.19
N LEU K 272 -18.75 1.71 32.52
CA LEU K 272 -18.68 2.58 31.35
C LEU K 272 -19.74 2.29 30.29
N THR K 273 -19.84 3.18 29.31
CA THR K 273 -20.83 3.02 28.24
C THR K 273 -20.13 2.64 26.95
N ASP K 274 -20.74 1.71 26.24
CA ASP K 274 -20.19 1.24 24.97
C ASP K 274 -20.94 1.86 23.79
N PRO K 275 -20.22 2.68 23.00
CA PRO K 275 -20.80 3.34 21.83
C PRO K 275 -21.43 2.33 20.87
N LYS K 276 -20.92 1.10 20.92
CA LYS K 276 -21.45 0.05 20.05
C LYS K 276 -22.71 -0.59 20.58
N THR K 277 -22.67 -1.07 21.83
CA THR K 277 -23.84 -1.70 22.44
C THR K 277 -24.52 -0.75 23.44
N GLY K 278 -23.76 -0.23 24.39
CA GLY K 278 -24.33 0.67 25.38
C GLY K 278 -23.83 0.41 26.78
N GLY K 279 -23.59 -0.87 27.10
CA GLY K 279 -23.10 -1.23 28.43
C GLY K 279 -21.65 -0.85 28.68
N PRO K 280 -21.06 -1.35 29.78
CA PRO K 280 -19.67 -1.02 30.07
C PRO K 280 -18.81 -1.12 28.85
N LEU K 281 -17.74 -0.36 28.84
CA LEU K 281 -16.83 -0.36 27.72
C LEU K 281 -16.20 -1.73 27.47
N MET K 282 -16.38 -2.65 28.43
CA MET K 282 -15.85 -4.01 28.34
C MET K 282 -16.42 -4.78 27.17
N HIS K 283 -17.52 -4.26 26.63
CA HIS K 283 -18.20 -4.90 25.52
C HIS K 283 -17.39 -4.74 24.22
N ARG K 284 -16.12 -4.38 24.35
CA ARG K 284 -15.23 -4.21 23.19
C ARG K 284 -13.88 -3.76 23.69
N THR K 285 -13.67 -3.88 24.98
CA THR K 285 -12.42 -3.45 25.56
C THR K 285 -11.77 -4.58 26.38
N VAL K 286 -10.47 -4.42 26.62
CA VAL K 286 -9.68 -5.37 27.39
C VAL K 286 -8.69 -4.62 28.29
N LEU K 287 -8.70 -4.99 29.57
CA LEU K 287 -7.86 -4.37 30.61
C LEU K 287 -6.46 -4.96 30.75
N ILE K 288 -5.44 -4.15 30.44
CA ILE K 288 -4.03 -4.58 30.54
C ILE K 288 -3.34 -3.81 31.67
N ALA K 289 -4.08 -3.49 32.72
CA ALA K 289 -3.50 -2.75 33.83
C ALA K 289 -2.34 -3.49 34.49
N ASN K 290 -1.49 -2.75 35.22
CA ASN K 290 -0.33 -3.29 35.95
C ASN K 290 -0.39 -2.81 37.41
N THR K 291 -0.43 -3.74 38.36
CA THR K 291 -0.52 -3.33 39.75
C THR K 291 0.84 -2.94 40.28
N SER K 292 0.84 -1.96 41.17
CA SER K 292 2.07 -1.48 41.76
C SER K 292 2.86 -2.66 42.31
N ASN K 293 2.18 -3.51 43.07
CA ASN K 293 2.83 -4.65 43.69
C ASN K 293 3.37 -5.68 42.70
N MET K 294 3.07 -5.52 41.41
CA MET K 294 3.58 -6.47 40.44
C MET K 294 5.08 -6.37 40.50
N PRO K 295 5.78 -7.51 40.54
CA PRO K 295 7.24 -7.43 40.61
C PRO K 295 7.80 -6.51 39.53
N VAL K 296 9.03 -6.06 39.74
CA VAL K 296 9.70 -5.18 38.78
C VAL K 296 9.58 -5.68 37.34
N ALA K 297 9.78 -6.97 37.15
CA ALA K 297 9.72 -7.58 35.81
C ALA K 297 8.29 -7.76 35.33
N ALA K 298 7.35 -7.84 36.27
CA ALA K 298 5.93 -8.01 35.93
C ALA K 298 5.39 -6.69 35.41
N ARG K 299 6.21 -5.65 35.52
CA ARG K 299 5.82 -4.31 35.11
C ARG K 299 6.63 -3.80 33.91
N GLU K 300 7.86 -4.28 33.77
CA GLU K 300 8.75 -3.88 32.69
C GLU K 300 8.36 -4.55 31.38
N ALA K 301 7.23 -5.24 31.37
CA ALA K 301 6.79 -5.94 30.17
C ALA K 301 5.30 -5.81 30.04
N SER K 302 4.64 -5.80 31.19
CA SER K 302 3.21 -5.66 31.27
C SER K 302 2.75 -4.68 30.20
N ILE K 303 3.58 -3.67 29.94
CA ILE K 303 3.28 -2.65 28.96
C ILE K 303 3.41 -3.10 27.51
N TYR K 304 4.53 -3.76 27.18
CA TYR K 304 4.75 -4.24 25.82
C TYR K 304 3.57 -5.04 25.29
N VAL K 305 2.76 -5.55 26.20
CA VAL K 305 1.57 -6.33 25.88
C VAL K 305 0.54 -5.44 25.18
N GLY K 306 0.37 -4.23 25.71
CA GLY K 306 -0.58 -3.28 25.16
C GLY K 306 -0.35 -2.92 23.70
N VAL K 307 0.77 -2.24 23.41
CA VAL K 307 1.12 -1.81 22.06
C VAL K 307 1.10 -2.94 21.03
N THR K 308 1.42 -4.14 21.48
CA THR K 308 1.43 -5.25 20.57
C THR K 308 0.03 -5.78 20.31
N ILE K 309 -0.89 -5.37 21.16
CA ILE K 309 -2.30 -5.73 21.02
C ILE K 309 -2.89 -4.75 20.01
N ALA K 310 -2.58 -3.47 20.19
CA ALA K 310 -3.08 -2.41 19.31
C ALA K 310 -2.80 -2.72 17.84
N GLU K 311 -1.59 -3.21 17.57
CA GLU K 311 -1.20 -3.54 16.22
C GLU K 311 -2.09 -4.62 15.63
N TYR K 312 -2.27 -5.71 16.35
CA TYR K 312 -3.11 -6.79 15.86
C TYR K 312 -4.43 -6.22 15.35
N PHE K 313 -5.13 -5.47 16.19
CA PHE K 313 -6.40 -4.89 15.79
C PHE K 313 -6.16 -3.87 14.69
N ARG K 314 -5.06 -3.15 14.84
CA ARG K 314 -4.70 -2.15 13.88
C ARG K 314 -4.38 -2.84 12.58
N ASP K 315 -3.68 -3.95 12.67
CA ASP K 315 -3.29 -4.72 11.50
C ASP K 315 -4.48 -5.18 10.67
N GLN K 316 -5.67 -5.11 11.26
CA GLN K 316 -6.91 -5.53 10.58
C GLN K 316 -7.65 -4.36 9.92
N GLY K 317 -7.21 -3.14 10.23
CA GLY K 317 -7.82 -1.94 9.68
C GLY K 317 -8.65 -1.15 10.68
N PHE K 318 -8.31 -1.29 11.96
CA PHE K 318 -9.03 -0.61 13.03
C PHE K 318 -8.09 0.28 13.85
N SER K 319 -8.49 1.52 14.07
CA SER K 319 -7.66 2.44 14.84
C SER K 319 -7.65 2.06 16.30
N VAL K 320 -6.46 1.81 16.84
CA VAL K 320 -6.32 1.41 18.23
C VAL K 320 -5.64 2.45 19.11
N ALA K 321 -6.19 2.65 20.30
CA ALA K 321 -5.67 3.62 21.25
C ALA K 321 -5.09 3.01 22.53
N LEU K 322 -3.88 3.44 22.88
CA LEU K 322 -3.20 2.94 24.08
C LEU K 322 -2.78 4.14 24.95
N MET K 323 -3.12 4.10 26.23
CA MET K 323 -2.72 5.20 27.11
C MET K 323 -2.30 4.73 28.50
N ALA K 324 -0.99 4.53 28.67
CA ALA K 324 -0.38 4.06 29.92
C ALA K 324 -0.26 5.16 30.99
N ASP K 325 -0.89 4.96 32.15
CA ASP K 325 -0.82 5.94 33.26
C ASP K 325 0.61 6.04 33.78
N SER K 326 0.78 6.73 34.90
CA SER K 326 2.09 6.92 35.51
C SER K 326 3.13 5.94 35.00
N THR K 327 3.88 6.34 33.98
CA THR K 327 4.88 5.43 33.46
C THR K 327 6.07 5.48 34.35
N SER K 328 6.02 6.31 35.39
CA SER K 328 7.14 6.42 36.32
C SER K 328 7.33 5.13 37.15
N ARG K 329 6.29 4.30 37.22
CA ARG K 329 6.30 3.03 37.95
C ARG K 329 7.25 2.07 37.20
N TRP K 330 6.81 1.71 36.02
CA TRP K 330 7.54 0.84 35.10
C TRP K 330 9.01 1.23 35.07
N ALA K 331 9.24 2.50 34.76
CA ALA K 331 10.60 3.03 34.68
C ALA K 331 11.35 2.43 35.81
N GLU K 332 11.03 2.92 36.97
CA GLU K 332 11.66 2.45 38.18
C GLU K 332 11.95 0.98 38.05
N ALA K 333 11.04 0.23 37.47
CA ALA K 333 11.28 -1.19 37.33
C ALA K 333 12.66 -1.42 36.75
N LEU K 334 12.84 -1.02 35.50
CA LEU K 334 14.13 -1.21 34.87
C LEU K 334 15.13 -0.23 35.48
N ARG K 335 14.64 0.94 35.82
CA ARG K 335 15.42 2.02 36.42
C ARG K 335 16.17 1.49 37.66
N GLU K 336 15.68 0.37 38.16
CA GLU K 336 16.24 -0.26 39.34
C GLU K 336 17.08 -1.47 38.98
N ILE K 337 16.55 -2.41 38.21
CA ILE K 337 17.34 -3.59 37.87
C ILE K 337 18.78 -3.25 37.58
N SER K 338 19.02 -2.03 37.11
CA SER K 338 20.36 -1.56 36.80
C SER K 338 21.28 -1.79 38.01
N SER K 339 20.77 -1.45 39.18
CA SER K 339 21.52 -1.61 40.41
C SER K 339 21.71 -3.10 40.66
N ARG K 340 20.61 -3.84 40.57
CA ARG K 340 20.62 -5.28 40.83
C ARG K 340 21.78 -6.04 40.23
N LEU K 341 21.83 -6.08 38.90
CA LEU K 341 22.89 -6.83 38.23
C LEU K 341 24.21 -6.08 38.11
N GLU K 342 24.27 -4.91 38.76
CA GLU K 342 25.46 -4.05 38.82
C GLU K 342 25.64 -3.13 37.61
N GLU K 343 24.54 -2.86 36.91
CA GLU K 343 24.61 -2.01 35.74
C GLU K 343 25.35 -0.74 36.12
N MET K 344 25.84 0.00 35.13
CA MET K 344 26.58 1.22 35.41
C MET K 344 25.75 2.46 35.06
N PRO K 345 25.26 3.16 36.09
CA PRO K 345 24.43 4.37 36.04
C PRO K 345 24.99 5.49 35.18
N ALA K 346 24.11 6.39 34.76
CA ALA K 346 24.49 7.52 33.93
C ALA K 346 24.25 8.86 34.64
N GLU K 347 23.46 9.70 33.99
CA GLU K 347 23.13 11.01 34.52
C GLU K 347 22.13 10.87 35.66
N GLU K 348 22.23 11.77 36.61
CA GLU K 348 21.32 11.84 37.75
C GLU K 348 20.95 10.53 38.48
N GLY K 349 21.96 9.72 38.77
CA GLY K 349 21.74 8.48 39.47
C GLY K 349 20.68 7.57 38.88
N TYR K 350 20.79 7.28 37.60
CA TYR K 350 19.82 6.39 36.96
C TYR K 350 20.51 5.41 36.04
N PRO K 351 19.76 4.42 35.57
CA PRO K 351 20.35 3.42 34.68
C PRO K 351 20.67 4.04 33.35
N PRO K 352 21.62 3.44 32.61
CA PRO K 352 22.07 3.90 31.30
C PRO K 352 21.07 3.67 30.17
N TYR K 353 20.24 2.66 30.33
CA TYR K 353 19.25 2.33 29.32
C TYR K 353 18.04 3.22 29.53
N LEU K 354 18.14 4.48 29.12
CA LEU K 354 17.03 5.40 29.29
C LEU K 354 16.04 5.25 28.14
N ALA K 355 15.97 6.25 27.29
CA ALA K 355 15.07 6.22 26.18
C ALA K 355 15.47 5.12 25.22
N ALA K 356 16.41 4.29 25.64
CA ALA K 356 16.88 3.21 24.80
C ALA K 356 15.76 2.44 24.10
N ARG K 357 14.78 1.96 24.86
CA ARG K 357 13.66 1.20 24.30
C ARG K 357 12.49 2.15 24.01
N LEU K 358 12.31 3.10 24.91
CA LEU K 358 11.25 4.07 24.78
C LEU K 358 11.23 4.67 23.37
N ALA K 359 12.35 5.26 22.99
CA ALA K 359 12.49 5.89 21.67
C ALA K 359 11.86 5.07 20.56
N ALA K 360 12.18 3.79 20.51
CA ALA K 360 11.67 2.89 19.49
C ALA K 360 10.20 2.63 19.70
N PHE K 361 9.78 2.59 20.96
CA PHE K 361 8.39 2.37 21.28
C PHE K 361 7.53 3.42 20.59
N TYR K 362 8.06 4.64 20.50
CA TYR K 362 7.35 5.76 19.87
C TYR K 362 7.29 5.65 18.33
N GLU K 363 8.33 5.09 17.74
CA GLU K 363 8.37 4.92 16.29
C GLU K 363 7.24 3.99 15.82
N ARG K 364 7.22 2.77 16.36
CA ARG K 364 6.19 1.78 16.04
C ARG K 364 4.80 2.42 16.10
N ALA K 365 4.63 3.32 17.06
CA ALA K 365 3.37 4.02 17.23
C ALA K 365 3.08 4.75 15.93
N GLY K 366 1.79 4.99 15.68
CA GLY K 366 1.41 5.70 14.48
C GLY K 366 0.58 4.89 13.51
N LYS K 367 -0.27 5.56 12.73
CA LYS K 367 -1.09 4.88 11.74
C LYS K 367 -0.15 4.43 10.62
N VAL K 368 0.00 3.10 10.47
CA VAL K 368 0.89 2.50 9.49
C VAL K 368 0.31 1.30 8.72
N ILE K 369 0.25 1.44 7.41
CA ILE K 369 -0.32 0.40 6.58
C ILE K 369 0.42 -0.88 6.83
N THR K 370 -0.31 -1.84 7.40
CA THR K 370 0.25 -3.15 7.74
C THR K 370 0.39 -4.05 6.50
N LEU K 371 1.38 -4.94 6.55
CA LEU K 371 1.63 -5.90 5.47
C LEU K 371 0.60 -7.00 5.64
N GLY K 372 -0.53 -6.59 6.22
CA GLY K 372 -1.65 -7.47 6.46
C GLY K 372 -2.79 -7.10 5.52
N GLY K 373 -2.43 -6.53 4.37
CA GLY K 373 -3.43 -6.11 3.40
C GLY K 373 -4.08 -4.81 3.80
N GLU K 374 -4.64 -4.78 5.01
CA GLU K 374 -5.30 -3.60 5.53
C GLU K 374 -4.35 -2.74 6.33
N GLU K 375 -4.33 -1.46 6.02
CA GLU K 375 -3.48 -0.52 6.72
C GLU K 375 -3.63 -0.53 8.24
N GLY K 376 -4.82 -0.15 8.72
CA GLY K 376 -5.10 -0.09 10.15
C GLY K 376 -4.99 1.31 10.73
N ALA K 377 -4.58 1.40 12.01
CA ALA K 377 -4.40 2.69 12.68
C ALA K 377 -4.01 2.56 14.16
N VAL K 378 -2.73 2.29 14.44
CA VAL K 378 -2.28 2.17 15.83
C VAL K 378 -1.84 3.51 16.37
N THR K 379 -2.53 3.94 17.40
CA THR K 379 -2.26 5.22 18.04
C THR K 379 -1.63 4.93 19.39
N ILE K 380 -0.65 5.74 19.82
CA ILE K 380 0.01 5.56 21.11
C ILE K 380 0.09 6.87 21.93
N VAL K 381 -0.08 6.74 23.25
CA VAL K 381 -0.07 7.90 24.14
C VAL K 381 0.35 7.48 25.55
N GLY K 382 1.61 7.70 25.89
CA GLY K 382 2.09 7.30 27.20
C GLY K 382 2.01 8.39 28.26
N ALA K 383 1.69 8.00 29.50
CA ALA K 383 1.58 8.94 30.61
C ALA K 383 2.77 8.85 31.57
N VAL K 384 3.74 9.76 31.40
CA VAL K 384 4.93 9.83 32.24
C VAL K 384 4.57 10.66 33.47
N SER K 385 4.51 10.04 34.64
CA SER K 385 4.14 10.76 35.83
C SER K 385 5.34 11.19 36.63
N PRO K 386 5.60 12.50 36.71
CA PRO K 386 6.77 12.89 37.49
C PRO K 386 6.45 12.83 38.94
N PRO K 387 7.01 11.83 39.63
CA PRO K 387 6.80 11.62 41.06
C PRO K 387 6.62 12.90 41.89
N GLY K 388 7.72 13.50 42.32
CA GLY K 388 7.61 14.71 43.13
C GLY K 388 7.50 16.06 42.41
N GLY K 389 6.88 16.08 41.24
CA GLY K 389 6.78 17.34 40.52
C GLY K 389 8.13 17.68 39.90
N ASP K 390 8.90 16.62 39.68
CA ASP K 390 10.23 16.72 39.11
C ASP K 390 10.20 16.90 37.59
N MET K 391 10.38 18.13 37.15
CA MET K 391 10.38 18.39 35.74
C MET K 391 11.70 17.91 35.22
N SER K 392 12.78 18.29 35.91
CA SER K 392 14.15 17.92 35.56
C SER K 392 14.25 16.41 35.30
N GLU K 393 13.15 15.72 35.57
CA GLU K 393 13.07 14.27 35.37
C GLU K 393 13.40 13.86 33.97
N PRO K 394 14.25 12.85 33.86
CA PRO K 394 14.67 12.33 32.56
C PRO K 394 13.58 11.64 31.79
N VAL K 395 12.70 10.95 32.52
CA VAL K 395 11.60 10.24 31.91
C VAL K 395 10.70 11.27 31.29
N THR K 396 11.03 12.52 31.56
CA THR K 396 10.24 13.62 31.05
C THR K 396 11.07 14.45 30.07
N GLN K 397 12.38 14.48 30.30
CA GLN K 397 13.29 15.27 29.46
C GLN K 397 13.68 14.55 28.18
N SER K 398 13.79 13.24 28.28
CA SER K 398 14.17 12.48 27.10
C SER K 398 12.94 11.94 26.39
N THR K 399 11.81 11.86 27.10
CA THR K 399 10.57 11.37 26.50
C THR K 399 10.15 12.20 25.31
N LEU K 400 10.30 13.50 25.40
CA LEU K 400 9.90 14.32 24.28
C LEU K 400 11.13 14.65 23.45
N ARG K 401 12.07 13.72 23.42
CA ARG K 401 13.26 13.97 22.63
C ARG K 401 13.00 13.49 21.23
N ILE K 402 12.28 12.36 21.11
CA ILE K 402 11.97 11.75 19.83
C ILE K 402 10.46 11.57 19.61
N VAL K 403 9.66 12.13 20.50
CA VAL K 403 8.21 11.99 20.34
C VAL K 403 7.51 13.20 19.76
N GLY K 404 6.19 13.09 19.63
CA GLY K 404 5.43 14.19 19.07
C GLY K 404 5.39 15.35 20.05
N ALA K 405 4.22 15.57 20.65
CA ALA K 405 4.08 16.66 21.61
C ALA K 405 3.82 16.13 23.01
N PHE K 406 3.66 17.06 23.95
CA PHE K 406 3.42 16.68 25.34
C PHE K 406 2.43 17.62 26.00
N TRP K 407 1.84 17.17 27.09
CA TRP K 407 0.87 17.98 27.78
C TRP K 407 1.24 18.20 29.23
N ARG K 408 1.62 19.41 29.58
CA ARG K 408 2.01 19.77 30.93
C ARG K 408 0.82 20.08 31.84
N LEU K 409 0.74 19.36 32.96
CA LEU K 409 -0.34 19.53 33.93
C LEU K 409 0.14 20.26 35.16
N ASP K 410 -0.30 21.51 35.36
CA ASP K 410 0.13 22.26 36.54
C ASP K 410 -0.42 21.68 37.83
N ALA K 411 0.46 21.44 38.79
CA ALA K 411 0.05 20.89 40.07
C ALA K 411 -0.96 21.83 40.74
N SER K 412 -0.65 23.11 40.74
CA SER K 412 -1.51 24.12 41.35
C SER K 412 -2.84 24.30 40.68
N LEU K 413 -2.83 24.30 39.35
CA LEU K 413 -4.05 24.49 38.60
C LEU K 413 -5.09 23.44 38.92
N ALA K 414 -4.62 22.25 39.25
CA ALA K 414 -5.49 21.15 39.60
C ALA K 414 -6.47 21.47 40.73
N PHE K 415 -6.17 22.52 41.47
CA PHE K 415 -6.98 22.91 42.62
C PHE K 415 -8.37 23.45 42.35
N ARG K 416 -8.47 24.43 41.45
CA ARG K 416 -9.75 25.02 41.10
C ARG K 416 -10.48 24.18 40.05
N ARG K 417 -10.61 22.89 40.34
CA ARG K 417 -11.30 21.98 39.44
C ARG K 417 -10.88 22.23 38.01
N HIS K 418 -9.60 22.53 37.80
CA HIS K 418 -9.13 22.74 36.46
C HIS K 418 -8.95 21.36 35.86
N PHE K 419 -10.03 20.59 35.74
CA PHE K 419 -9.93 19.25 35.16
C PHE K 419 -10.10 19.46 33.66
N PRO K 420 -9.07 19.15 32.87
CA PRO K 420 -7.78 18.59 33.31
C PRO K 420 -6.78 19.60 33.86
N ALA K 421 -5.95 19.14 34.79
CA ALA K 421 -4.94 19.97 35.42
C ALA K 421 -3.85 20.34 34.44
N ILE K 422 -4.23 20.59 33.20
CA ILE K 422 -3.29 20.94 32.17
C ILE K 422 -2.79 22.37 32.35
N ASN K 423 -1.81 22.78 31.54
CA ASN K 423 -1.29 24.14 31.56
C ASN K 423 -0.68 24.56 30.25
N TRP K 424 -0.98 25.79 29.85
CA TRP K 424 -0.49 26.37 28.59
C TRP K 424 0.88 27.00 28.71
N ASN K 425 1.19 27.48 29.92
CA ASN K 425 2.48 28.10 30.17
C ASN K 425 3.55 27.35 29.42
N GLY K 426 3.65 26.06 29.71
CA GLY K 426 4.68 25.25 29.05
C GLY K 426 4.16 24.03 28.34
N SER K 427 3.12 24.23 27.53
CA SER K 427 2.56 23.13 26.78
C SER K 427 2.42 23.53 25.32
N TYR K 428 3.04 22.74 24.44
CA TYR K 428 3.00 22.96 22.99
C TYR K 428 2.59 21.68 22.23
N SER K 429 2.13 21.83 20.98
CA SER K 429 1.64 20.70 20.20
C SER K 429 2.11 20.78 18.75
N LEU K 430 2.76 19.73 18.28
CA LEU K 430 3.22 19.71 16.90
C LEU K 430 2.23 19.00 15.97
N PHE K 431 1.38 18.15 16.53
CA PHE K 431 0.39 17.43 15.72
C PHE K 431 -0.82 18.27 15.43
N THR K 432 -0.68 19.58 15.62
CA THR K 432 -1.78 20.50 15.37
C THR K 432 -1.67 21.13 13.98
N SER K 433 -0.86 20.50 13.14
CA SER K 433 -0.64 21.00 11.78
C SER K 433 -1.10 19.98 10.75
N ALA K 434 -1.38 18.77 11.22
CA ALA K 434 -1.83 17.70 10.32
C ALA K 434 -3.29 17.35 10.55
N LEU K 435 -3.95 18.14 11.40
CA LEU K 435 -5.37 17.93 11.71
C LEU K 435 -6.28 19.03 11.14
N ASP K 436 -5.66 20.04 10.54
CA ASP K 436 -6.42 21.12 9.97
C ASP K 436 -7.34 20.64 8.85
N PRO K 437 -6.91 19.62 8.07
CA PRO K 437 -7.75 19.10 6.99
C PRO K 437 -9.16 18.72 7.44
N TRP K 438 -9.25 17.89 8.49
CA TRP K 438 -10.55 17.47 9.03
C TRP K 438 -11.16 18.61 9.84
N TYR K 439 -10.32 19.55 10.26
CA TYR K 439 -10.78 20.68 11.04
C TYR K 439 -11.75 21.53 10.23
N ARG K 440 -11.19 22.31 9.33
CA ARG K 440 -11.98 23.17 8.47
C ARG K 440 -12.73 22.33 7.46
N GLU K 441 -12.84 21.03 7.69
CA GLU K 441 -13.54 20.19 6.73
C GLU K 441 -14.93 19.82 7.22
N ASN K 442 -15.08 19.58 8.51
CA ASN K 442 -16.38 19.22 9.03
C ASN K 442 -16.93 20.32 9.92
N VAL K 443 -16.11 20.76 10.86
CA VAL K 443 -16.52 21.81 11.78
C VAL K 443 -16.83 23.08 11.01
N ALA K 444 -15.77 23.83 10.72
CA ALA K 444 -15.91 25.08 9.98
C ALA K 444 -14.53 25.58 9.57
N GLU K 445 -14.54 26.57 8.67
CA GLU K 445 -13.31 27.18 8.17
C GLU K 445 -12.86 28.34 9.04
N ASP K 446 -13.81 29.09 9.58
CA ASP K 446 -13.48 30.23 10.44
C ASP K 446 -13.26 29.78 11.88
N TYR K 447 -12.93 28.49 12.06
CA TYR K 447 -12.67 27.91 13.37
C TYR K 447 -11.18 27.67 13.61
N PRO K 448 -10.50 27.01 12.66
CA PRO K 448 -9.06 26.74 12.82
C PRO K 448 -8.24 28.02 12.94
N GLU K 449 -8.90 29.15 12.79
CA GLU K 449 -8.19 30.41 12.89
C GLU K 449 -8.61 31.15 14.13
N LEU K 450 -9.91 31.39 14.31
CA LEU K 450 -10.39 32.10 15.51
C LEU K 450 -9.87 31.46 16.79
N ARG K 451 -9.61 30.16 16.74
CA ARG K 451 -9.07 29.43 17.89
C ARG K 451 -7.67 29.92 18.22
N ASP K 452 -6.80 29.94 17.21
CA ASP K 452 -5.43 30.39 17.37
C ASP K 452 -5.45 31.79 17.96
N ALA K 453 -6.37 32.61 17.46
CA ALA K 453 -6.52 33.98 17.92
C ALA K 453 -7.02 34.11 19.36
N ILE K 454 -7.19 32.97 20.03
CA ILE K 454 -7.66 32.99 21.41
C ILE K 454 -6.49 32.72 22.37
N SER K 455 -5.54 31.90 21.92
CA SER K 455 -4.37 31.55 22.74
C SER K 455 -3.62 32.81 23.10
N GLU K 456 -3.60 33.75 22.17
CA GLU K 456 -2.92 34.99 22.42
C GLU K 456 -3.52 35.63 23.67
N LEU K 457 -4.83 35.47 23.85
CA LEU K 457 -5.54 36.05 25.00
C LEU K 457 -4.78 35.90 26.31
N LEU K 458 -4.51 34.67 26.68
CA LEU K 458 -3.77 34.39 27.90
C LEU K 458 -2.26 34.52 27.62
N GLN K 459 -1.91 34.50 26.34
CA GLN K 459 -0.51 34.60 25.87
C GLN K 459 0.04 35.97 26.21
N ARG K 460 -0.57 36.94 25.56
CA ARG K 460 -0.24 38.34 25.70
C ARG K 460 -0.66 38.77 27.11
N GLU K 461 -1.44 37.92 27.76
CA GLU K 461 -1.95 38.19 29.09
C GLU K 461 -0.90 38.10 30.21
N ALA K 462 0.09 37.23 30.05
CA ALA K 462 1.14 37.09 31.06
C ALA K 462 1.87 38.41 31.26
N GLY K 463 2.65 38.82 30.27
CA GLY K 463 3.39 40.07 30.39
C GLY K 463 2.69 41.17 31.18
N LEU K 464 1.37 41.13 31.22
CA LEU K 464 0.59 42.13 31.94
C LEU K 464 0.37 41.63 33.36
N GLN K 465 0.08 40.33 33.47
CA GLN K 465 -0.18 39.65 34.73
C GLN K 465 0.79 39.97 35.85
N GLU K 466 2.10 39.96 35.54
CA GLU K 466 3.14 40.24 36.54
C GLU K 466 2.83 41.53 37.29
N ILE K 467 2.71 42.63 36.54
CA ILE K 467 2.40 43.93 37.13
C ILE K 467 0.94 43.94 37.60
N VAL K 468 0.08 43.26 36.86
CA VAL K 468 -1.34 43.15 37.21
C VAL K 468 -1.44 42.75 38.67
N GLN K 469 -0.63 41.76 39.02
CA GLN K 469 -0.60 41.25 40.38
C GLN K 469 0.31 42.08 41.30
N LEU K 470 1.15 42.93 40.70
CA LEU K 470 2.08 43.77 41.45
C LEU K 470 1.47 45.07 41.99
N VAL K 471 0.47 45.57 41.29
CA VAL K 471 -0.20 46.79 41.69
C VAL K 471 -1.67 46.55 42.02
N GLY K 472 -2.54 46.68 41.03
CA GLY K 472 -3.96 46.48 41.26
C GLY K 472 -4.66 46.24 39.95
N PRO K 473 -5.68 45.38 39.92
CA PRO K 473 -6.42 45.07 38.70
C PRO K 473 -7.32 46.21 38.27
N ASP K 474 -6.79 47.43 38.25
CA ASP K 474 -7.58 48.59 37.86
C ASP K 474 -6.78 49.67 37.16
N ALA K 475 -5.46 49.67 37.35
CA ALA K 475 -4.61 50.69 36.74
C ALA K 475 -4.27 50.44 35.27
N LEU K 476 -5.29 50.50 34.42
CA LEU K 476 -5.08 50.30 32.98
C LEU K 476 -6.05 51.12 32.17
N GLN K 477 -5.70 51.31 30.91
CA GLN K 477 -6.55 52.08 30.00
C GLN K 477 -7.69 51.16 29.57
N ASP K 478 -8.61 51.69 28.78
CA ASP K 478 -9.75 50.91 28.32
C ASP K 478 -9.34 49.65 27.55
N ALA K 479 -8.57 49.82 26.47
CA ALA K 479 -8.13 48.68 25.67
C ALA K 479 -7.32 47.68 26.51
N GLU K 480 -6.80 48.16 27.64
CA GLU K 480 -6.02 47.32 28.54
C GLU K 480 -6.89 46.28 29.23
N ARG K 481 -7.93 46.75 29.92
CA ARG K 481 -8.82 45.85 30.63
C ARG K 481 -9.53 44.92 29.68
N LEU K 482 -9.38 45.20 28.39
CA LEU K 482 -10.02 44.37 27.37
C LEU K 482 -9.73 42.93 27.74
N VAL K 483 -8.49 42.51 27.50
CA VAL K 483 -8.09 41.13 27.77
C VAL K 483 -7.84 40.88 29.25
N ILE K 484 -8.15 41.88 30.07
CA ILE K 484 -7.96 41.73 31.49
C ILE K 484 -8.78 40.59 32.06
N GLU K 485 -10.10 40.70 31.98
CA GLU K 485 -10.94 39.64 32.52
C GLU K 485 -11.42 38.73 31.40
N VAL K 486 -10.80 38.86 30.24
CA VAL K 486 -11.15 38.03 29.09
C VAL K 486 -10.68 36.60 29.31
N GLY K 487 -9.37 36.43 29.47
CA GLY K 487 -8.82 35.11 29.68
C GLY K 487 -9.54 34.30 30.74
N ARG K 488 -9.88 34.95 31.86
CA ARG K 488 -10.55 34.25 32.95
C ARG K 488 -11.68 33.38 32.40
N ILE K 489 -12.47 33.94 31.50
CA ILE K 489 -13.58 33.21 30.90
C ILE K 489 -13.02 32.22 29.85
N ILE K 490 -11.92 32.60 29.22
CA ILE K 490 -11.32 31.75 28.21
C ILE K 490 -10.98 30.44 28.89
N ARG K 491 -11.31 30.30 30.17
CA ARG K 491 -10.99 29.08 30.88
C ARG K 491 -12.18 28.67 31.72
N GLU K 492 -12.56 29.57 32.61
CA GLU K 492 -13.68 29.36 33.51
C GLU K 492 -14.78 28.60 32.80
N ASP K 493 -14.90 28.92 31.51
CA ASP K 493 -15.92 28.32 30.67
C ASP K 493 -15.29 27.70 29.43
N PHE K 494 -14.26 26.89 29.62
CA PHE K 494 -13.57 26.21 28.52
C PHE K 494 -12.55 25.18 29.03
N LEU K 495 -11.56 25.68 29.77
CA LEU K 495 -10.53 24.83 30.34
C LEU K 495 -11.13 24.05 31.50
N GLN K 496 -11.83 24.77 32.38
CA GLN K 496 -12.50 24.18 33.56
C GLN K 496 -13.75 23.35 33.20
N GLN K 497 -13.58 22.03 33.19
CA GLN K 497 -14.65 21.10 32.84
C GLN K 497 -14.68 19.89 33.79
N ASN K 498 -15.88 19.42 34.11
CA ASN K 498 -16.01 18.27 34.99
C ASN K 498 -16.09 17.00 34.15
N ALA K 499 -15.00 16.23 34.21
CA ALA K 499 -14.90 14.99 33.47
C ALA K 499 -15.98 13.98 33.88
N TYR K 500 -16.75 14.33 34.93
CA TYR K 500 -17.82 13.50 35.45
C TYR K 500 -19.24 14.00 35.13
N HIS K 501 -19.33 15.22 34.60
CA HIS K 501 -20.65 15.76 34.25
C HIS K 501 -21.19 15.31 32.89
N GLU K 502 -22.11 14.37 32.99
CA GLU K 502 -22.75 13.77 31.82
C GLU K 502 -22.70 14.69 30.62
N VAL K 503 -23.07 15.93 30.85
CA VAL K 503 -23.05 16.89 29.77
C VAL K 503 -21.61 17.30 29.54
N ASP K 504 -21.18 18.31 30.27
CA ASP K 504 -19.85 18.87 30.19
C ASP K 504 -18.72 17.87 29.98
N ALA K 505 -18.70 16.83 30.82
CA ALA K 505 -17.67 15.78 30.78
C ALA K 505 -17.35 15.37 29.34
N TYR K 506 -18.29 15.63 28.45
CA TYR K 506 -18.12 15.32 27.04
C TYR K 506 -18.36 16.55 26.18
N CYS K 507 -17.32 17.01 25.49
CA CYS K 507 -17.46 18.20 24.64
C CYS K 507 -16.68 18.00 23.37
N SER K 508 -17.37 17.62 22.30
CA SER K 508 -16.70 17.40 21.04
C SER K 508 -16.48 18.73 20.33
N MET K 509 -16.19 18.64 19.04
CA MET K 509 -15.96 19.81 18.21
C MET K 509 -17.15 20.76 18.21
N LYS K 510 -18.35 20.22 18.33
CA LYS K 510 -19.58 21.02 18.34
C LYS K 510 -19.57 21.99 19.53
N LYS K 511 -19.08 21.49 20.67
CA LYS K 511 -18.99 22.29 21.88
C LYS K 511 -17.79 23.23 21.79
N ALA K 512 -16.77 22.82 21.05
CA ALA K 512 -15.57 23.63 20.88
C ALA K 512 -15.83 24.92 20.08
N TYR K 513 -15.62 24.85 18.77
CA TYR K 513 -15.86 26.00 17.90
C TYR K 513 -17.10 26.75 18.36
N GLY K 514 -18.15 25.99 18.68
CA GLY K 514 -19.39 26.58 19.13
C GLY K 514 -19.22 27.76 20.05
N ILE K 515 -18.95 27.49 21.31
CA ILE K 515 -18.76 28.56 22.28
C ILE K 515 -17.48 29.36 21.98
N MET K 516 -16.66 28.84 21.07
CA MET K 516 -15.40 29.48 20.70
C MET K 516 -15.62 30.82 20.00
N LYS K 517 -16.85 31.03 19.56
CA LYS K 517 -17.20 32.26 18.89
C LYS K 517 -17.97 33.18 19.82
N MET K 518 -18.65 32.62 20.82
CA MET K 518 -19.45 33.44 21.72
C MET K 518 -18.66 34.59 22.38
N ILE K 519 -17.46 34.29 22.85
CA ILE K 519 -16.66 35.32 23.47
C ILE K 519 -16.11 36.28 22.42
N LEU K 520 -15.69 35.73 21.29
CA LEU K 520 -15.14 36.53 20.20
C LEU K 520 -15.91 37.83 20.11
N ALA K 521 -17.21 37.68 19.92
CA ALA K 521 -18.11 38.82 19.82
C ALA K 521 -17.74 39.89 20.83
N PHE K 522 -17.69 39.50 22.10
CA PHE K 522 -17.37 40.43 23.15
C PHE K 522 -16.16 41.25 22.81
N TYR K 523 -15.12 40.58 22.32
CA TYR K 523 -13.91 41.30 21.93
C TYR K 523 -14.32 42.47 21.05
N LYS K 524 -14.77 42.18 19.82
CA LYS K 524 -15.18 43.21 18.88
C LYS K 524 -16.26 44.19 19.40
N GLU K 525 -17.09 43.71 20.32
CA GLU K 525 -18.15 44.52 20.89
C GLU K 525 -17.66 45.44 21.99
N ALA K 526 -17.03 44.85 23.02
CA ALA K 526 -16.52 45.59 24.16
C ALA K 526 -15.44 46.63 23.79
N GLU K 527 -14.66 46.36 22.76
CA GLU K 527 -13.59 47.28 22.32
C GLU K 527 -14.11 48.64 21.91
N ALA K 528 -15.37 48.69 21.49
CA ALA K 528 -15.98 49.96 21.12
C ALA K 528 -16.99 50.35 22.19
N ALA K 529 -17.81 49.39 22.60
CA ALA K 529 -18.82 49.64 23.64
C ALA K 529 -18.27 50.38 24.85
N ILE K 530 -17.14 49.90 25.37
CA ILE K 530 -16.51 50.51 26.53
C ILE K 530 -15.66 51.70 26.05
N LYS K 531 -15.52 51.82 24.73
CA LYS K 531 -14.73 52.88 24.13
C LYS K 531 -15.65 54.05 23.77
N ARG K 532 -16.93 53.88 24.07
CA ARG K 532 -17.97 54.87 23.80
C ARG K 532 -18.15 55.77 25.02
N GLY K 533 -17.05 56.01 25.73
CA GLY K 533 -17.09 56.85 26.91
C GLY K 533 -17.41 56.05 28.16
N VAL K 534 -18.29 55.05 28.00
CA VAL K 534 -18.70 54.18 29.09
C VAL K 534 -17.52 53.35 29.59
N SER K 535 -17.49 53.08 30.88
CA SER K 535 -16.42 52.27 31.46
C SER K 535 -16.88 50.81 31.37
N ILE K 536 -15.93 49.89 31.34
CA ILE K 536 -16.25 48.47 31.21
C ILE K 536 -17.04 47.92 32.39
N ASP K 537 -16.99 48.62 33.52
CA ASP K 537 -17.72 48.17 34.70
C ASP K 537 -19.16 47.81 34.34
N GLU K 538 -19.85 48.70 33.65
CA GLU K 538 -21.24 48.44 33.26
C GLU K 538 -21.22 47.15 32.47
N ILE K 539 -20.13 46.92 31.76
CA ILE K 539 -19.96 45.72 30.95
C ILE K 539 -19.67 44.54 31.87
N LEU K 540 -19.20 44.81 33.08
CA LEU K 540 -18.87 43.75 34.04
C LEU K 540 -20.12 43.09 34.64
N GLN K 541 -21.18 43.87 34.77
CA GLN K 541 -22.46 43.38 35.31
C GLN K 541 -23.26 42.62 34.27
N LEU K 542 -22.92 42.83 32.99
CA LEU K 542 -23.60 42.19 31.87
C LEU K 542 -24.19 40.82 32.20
N PRO K 543 -25.42 40.79 32.73
CA PRO K 543 -26.03 39.51 33.06
C PRO K 543 -26.01 38.58 31.84
N VAL K 544 -25.62 39.14 30.69
CA VAL K 544 -25.53 38.40 29.44
C VAL K 544 -24.34 37.45 29.41
N LEU K 545 -23.38 37.67 30.30
CA LEU K 545 -22.20 36.84 30.39
C LEU K 545 -22.51 35.48 30.99
N GLU K 546 -23.32 35.49 32.04
CA GLU K 546 -23.75 34.26 32.73
C GLU K 546 -24.35 33.20 31.78
N ARG K 547 -25.08 33.64 30.76
CA ARG K 547 -25.72 32.74 29.79
C ARG K 547 -24.64 31.95 29.01
N ILE K 548 -23.59 32.65 28.61
CA ILE K 548 -22.47 32.06 27.89
C ILE K 548 -21.75 31.12 28.86
N GLY K 549 -22.11 31.22 30.15
CA GLY K 549 -21.46 30.40 31.16
C GLY K 549 -21.99 28.98 31.21
N ARG K 550 -22.99 28.74 30.37
CA ARG K 550 -23.59 27.43 30.27
C ARG K 550 -23.00 26.74 29.03
N ALA K 551 -21.88 27.25 28.55
CA ALA K 551 -21.19 26.70 27.39
C ALA K 551 -20.75 25.26 27.63
N ARG K 552 -20.75 24.84 28.89
CA ARG K 552 -20.35 23.50 29.29
C ARG K 552 -21.47 22.75 30.03
N TYR K 553 -22.36 23.51 30.68
CA TYR K 553 -23.49 22.92 31.43
C TYR K 553 -24.73 22.68 30.55
N VAL K 554 -24.59 22.97 29.25
CA VAL K 554 -25.67 22.79 28.28
C VAL K 554 -25.65 21.42 27.58
N SER K 555 -26.82 20.81 27.47
CA SER K 555 -26.98 19.51 26.84
C SER K 555 -26.16 19.47 25.56
N GLU K 556 -25.26 18.50 25.48
CA GLU K 556 -24.42 18.37 24.30
C GLU K 556 -25.27 18.29 23.05
N GLU K 557 -26.51 17.82 23.20
CA GLU K 557 -27.45 17.70 22.09
C GLU K 557 -28.22 18.99 21.88
N GLU K 558 -28.79 19.50 22.97
CA GLU K 558 -29.55 20.74 22.91
C GLU K 558 -28.58 21.92 22.99
N PHE K 559 -27.37 21.70 22.47
CA PHE K 559 -26.33 22.73 22.47
C PHE K 559 -26.62 23.86 21.50
N PRO K 560 -27.04 23.54 20.26
CA PRO K 560 -27.33 24.64 19.34
C PRO K 560 -28.55 25.46 19.73
N ALA K 561 -29.11 25.20 20.91
CA ALA K 561 -30.29 25.96 21.38
C ALA K 561 -29.93 27.36 21.94
N TYR K 562 -28.73 27.49 22.53
CA TYR K 562 -28.25 28.74 23.12
C TYR K 562 -27.18 29.33 22.19
N PHE K 563 -26.59 28.45 21.39
CA PHE K 563 -25.57 28.78 20.41
C PHE K 563 -26.05 30.03 19.63
N GLU K 564 -27.03 29.81 18.76
CA GLU K 564 -27.63 30.86 17.94
C GLU K 564 -28.54 31.77 18.76
N GLU K 565 -29.35 31.19 19.63
CA GLU K 565 -30.28 31.94 20.47
C GLU K 565 -29.70 33.22 21.00
N ALA K 566 -28.77 33.09 21.94
CA ALA K 566 -28.13 34.24 22.55
C ALA K 566 -27.10 34.84 21.59
N MET K 567 -26.60 34.02 20.67
CA MET K 567 -25.61 34.47 19.69
C MET K 567 -25.89 35.91 19.29
N LYS K 568 -27.15 36.19 19.00
CA LYS K 568 -27.58 37.53 18.58
C LYS K 568 -27.61 38.49 19.78
N GLU K 569 -28.08 37.98 20.92
CA GLU K 569 -28.18 38.78 22.12
C GLU K 569 -26.81 39.40 22.45
N ILE K 570 -25.75 38.91 21.82
CA ILE K 570 -24.39 39.41 22.08
C ILE K 570 -24.09 40.72 21.35
N GLN K 571 -24.38 40.72 20.06
CA GLN K 571 -24.13 41.87 19.18
C GLN K 571 -25.28 42.88 19.26
N GLY K 572 -26.38 42.46 19.88
CA GLY K 572 -27.54 43.33 19.97
C GLY K 572 -27.62 44.28 21.15
N ALA K 573 -28.11 43.78 22.28
CA ALA K 573 -28.24 44.60 23.48
C ALA K 573 -26.92 45.34 23.77
N PHE K 574 -25.79 44.67 23.49
CA PHE K 574 -24.46 45.26 23.73
C PHE K 574 -24.12 46.29 22.65
N LYS K 575 -24.96 46.42 21.63
CA LYS K 575 -24.69 47.40 20.57
C LYS K 575 -25.09 48.78 21.08
N ALA K 576 -25.35 48.87 22.38
CA ALA K 576 -25.76 50.13 22.99
C ALA K 576 -24.98 50.50 24.24
N LEU K 577 -24.34 51.67 24.21
CA LEU K 577 -23.55 52.22 25.33
C LEU K 577 -22.97 53.59 24.98
N GLU L 1 64.93 -2.17 52.99
CA GLU L 1 66.02 -1.99 51.99
C GLU L 1 65.79 -2.97 50.82
N TYR L 2 64.68 -3.72 50.90
CA TYR L 2 64.29 -4.73 49.91
C TYR L 2 64.17 -4.24 48.47
N THR L 3 63.59 -5.08 47.61
CA THR L 3 63.43 -4.74 46.20
C THR L 3 62.04 -5.04 45.61
N GLY L 4 62.02 -5.90 44.60
CA GLY L 4 60.78 -6.27 43.94
C GLY L 4 59.60 -5.37 44.19
N ILE L 5 59.52 -4.27 43.45
CA ILE L 5 58.41 -3.35 43.65
C ILE L 5 57.25 -3.57 42.70
N THR L 6 56.08 -3.81 43.26
CA THR L 6 54.90 -4.04 42.45
C THR L 6 53.85 -3.00 42.79
N TYR L 7 53.17 -2.50 41.78
CA TYR L 7 52.14 -1.51 41.96
C TYR L 7 52.79 -0.17 42.30
N ILE L 8 52.92 0.69 41.30
CA ILE L 8 53.52 2.00 41.50
C ILE L 8 52.63 3.09 40.90
N SER L 9 52.25 4.06 41.73
CA SER L 9 51.41 5.16 41.26
C SER L 9 51.98 6.51 41.64
N GLY L 10 52.36 7.29 40.63
CA GLY L 10 52.93 8.59 40.88
C GLY L 10 54.06 8.48 41.88
N PRO L 11 54.04 9.26 42.97
CA PRO L 11 55.08 9.22 44.00
C PRO L 11 54.82 8.14 45.04
N LEU L 12 54.10 7.11 44.63
CA LEU L 12 53.81 6.00 45.50
C LEU L 12 54.66 4.81 45.10
N LEU L 13 54.84 3.87 46.02
CA LEU L 13 55.62 2.67 45.75
C LEU L 13 55.32 1.59 46.75
N PHE L 14 55.08 0.38 46.27
CA PHE L 14 54.80 -0.73 47.15
C PHE L 14 56.02 -1.62 47.25
N VAL L 15 56.13 -2.34 48.36
CA VAL L 15 57.25 -3.27 48.63
C VAL L 15 56.82 -4.37 49.63
N GLU L 16 57.14 -5.63 49.32
CA GLU L 16 56.77 -6.74 50.19
C GLU L 16 57.51 -6.77 51.53
N ASN L 17 57.19 -7.78 52.33
CA ASN L 17 57.81 -7.94 53.64
C ASN L 17 57.78 -6.60 54.35
N ALA L 18 56.56 -6.14 54.64
CA ALA L 18 56.38 -4.87 55.31
C ALA L 18 56.04 -5.03 56.79
N LYS L 19 56.49 -6.13 57.38
CA LYS L 19 56.24 -6.39 58.80
C LYS L 19 57.33 -5.74 59.68
N ASP L 20 58.34 -5.14 59.04
CA ASP L 20 59.46 -4.46 59.71
C ASP L 20 59.20 -2.97 59.73
N LEU L 21 58.21 -2.58 58.93
CA LEU L 21 57.82 -1.19 58.80
C LEU L 21 56.54 -0.92 59.58
N ALA L 22 55.98 0.28 59.43
CA ALA L 22 54.77 0.64 60.14
C ALA L 22 54.21 1.98 59.65
N TYR L 23 52.91 2.03 59.40
CA TYR L 23 52.34 3.29 58.95
C TYR L 23 52.88 4.35 59.92
N GLY L 24 53.26 5.50 59.39
CA GLY L 24 53.79 6.58 60.21
C GLY L 24 55.30 6.72 60.04
N ALA L 25 55.83 5.97 59.09
CA ALA L 25 57.25 5.96 58.83
C ALA L 25 57.68 6.47 57.46
N ILE L 26 58.98 6.68 57.31
CA ILE L 26 59.53 7.16 56.04
C ILE L 26 60.98 6.73 55.90
N VAL L 27 61.37 6.41 54.67
CA VAL L 27 62.73 5.98 54.36
C VAL L 27 63.12 6.42 52.97
N ASP L 28 64.42 6.55 52.74
CA ASP L 28 64.88 6.98 51.42
C ASP L 28 65.01 5.81 50.46
N ILE L 29 64.36 5.93 49.29
CA ILE L 29 64.37 4.89 48.26
C ILE L 29 65.32 5.15 47.10
N LYS L 30 65.96 4.08 46.63
CA LYS L 30 66.91 4.17 45.53
C LYS L 30 66.58 3.24 44.36
N ASP L 31 66.31 3.85 43.21
CA ASP L 31 65.99 3.06 42.04
C ASP L 31 67.26 2.45 41.48
N GLY L 32 67.51 2.70 40.20
CA GLY L 32 68.69 2.16 39.55
C GLY L 32 69.89 3.06 39.74
N THR L 33 69.79 4.30 39.26
CA THR L 33 70.88 5.27 39.38
C THR L 33 71.37 5.37 40.82
N GLY L 34 70.58 4.83 41.75
CA GLY L 34 70.94 4.88 43.14
C GLY L 34 70.59 6.23 43.72
N ARG L 35 69.79 7.00 42.98
CA ARG L 35 69.38 8.32 43.42
C ARG L 35 68.62 8.23 44.75
N VAL L 36 68.99 9.08 45.70
CA VAL L 36 68.36 9.12 47.02
C VAL L 36 67.14 10.05 47.03
N ARG L 37 65.95 9.48 47.21
CA ARG L 37 64.72 10.27 47.23
C ARG L 37 63.97 10.16 48.55
N GLY L 38 62.98 9.27 48.63
CA GLY L 38 62.23 9.10 49.86
C GLY L 38 60.88 8.40 49.73
N GLY L 39 60.03 8.49 50.75
CA GLY L 39 58.72 7.86 50.71
C GLY L 39 58.09 7.53 52.06
N GLN L 40 56.84 7.89 52.29
CA GLN L 40 56.25 7.57 53.59
C GLN L 40 55.82 6.12 53.67
N VAL L 41 55.79 5.57 54.89
CA VAL L 41 55.40 4.16 55.16
C VAL L 41 53.91 4.03 55.46
N ILE L 42 53.18 3.47 54.50
CA ILE L 42 51.74 3.27 54.61
C ILE L 42 51.46 1.81 54.34
N GLU L 43 50.24 1.36 54.66
CA GLU L 43 49.78 -0.03 54.45
C GLU L 43 50.90 -1.09 54.44
N VAL L 44 51.35 -1.45 55.63
CA VAL L 44 52.43 -2.41 55.82
C VAL L 44 51.90 -3.84 55.93
N SER L 45 50.92 -4.18 55.10
CA SER L 45 50.38 -5.52 55.19
C SER L 45 51.40 -6.63 54.92
N GLU L 46 50.92 -7.86 54.99
CA GLU L 46 51.72 -9.07 54.79
C GLU L 46 52.33 -9.15 53.41
N GLU L 47 51.48 -9.00 52.40
CA GLU L 47 51.89 -9.04 51.01
C GLU L 47 52.89 -7.92 50.75
N TYR L 48 52.36 -6.70 50.67
CA TYR L 48 53.18 -5.54 50.42
C TYR L 48 52.88 -4.35 51.33
N ALA L 49 53.70 -3.30 51.16
CA ALA L 49 53.59 -2.07 51.92
C ALA L 49 53.25 -0.90 51.00
N VAL L 50 53.11 0.29 51.58
CA VAL L 50 52.81 1.50 50.81
C VAL L 50 53.73 2.64 51.22
N ILE L 51 54.41 3.22 50.23
CA ILE L 51 55.33 4.29 50.51
C ILE L 51 55.05 5.48 49.64
N GLN L 52 55.45 6.66 50.09
CA GLN L 52 55.18 7.83 49.29
C GLN L 52 56.42 8.65 49.07
N VAL L 53 56.98 8.53 47.87
CA VAL L 53 58.19 9.25 47.49
C VAL L 53 58.10 10.76 47.69
N PHE L 54 59.13 11.34 48.28
CA PHE L 54 59.18 12.77 48.52
C PHE L 54 58.88 13.49 47.21
N GLU L 55 59.76 13.31 46.23
CA GLU L 55 59.59 13.94 44.94
C GLU L 55 58.30 13.54 44.23
N GLU L 56 58.09 14.11 43.04
CA GLU L 56 56.92 13.82 42.24
C GLU L 56 56.82 12.33 41.92
N THR L 57 57.85 11.78 41.26
CA THR L 57 57.88 10.35 40.90
C THR L 57 59.03 9.81 40.02
N THR L 58 59.16 10.34 38.81
CA THR L 58 60.17 9.87 37.88
C THR L 58 61.50 9.49 38.53
N GLY L 59 61.79 8.20 38.52
CA GLY L 59 63.03 7.76 39.11
C GLY L 59 62.85 6.44 39.81
N LEU L 60 61.78 5.74 39.48
CA LEU L 60 61.52 4.44 40.07
C LEU L 60 61.66 3.37 39.00
N ASP L 61 62.44 2.34 39.29
CA ASP L 61 62.62 1.27 38.32
C ASP L 61 62.17 -0.08 38.83
N LEU L 62 62.04 -1.01 37.89
CA LEU L 62 61.59 -2.36 38.17
C LEU L 62 62.68 -3.23 38.78
N ALA L 63 63.88 -3.16 38.19
CA ALA L 63 65.01 -3.95 38.66
C ALA L 63 65.34 -3.65 40.11
N THR L 64 66.02 -2.53 40.36
CA THR L 64 66.39 -2.12 41.72
C THR L 64 65.37 -1.13 42.31
N THR L 65 65.27 -1.14 43.63
CA THR L 65 64.36 -0.26 44.36
C THR L 65 64.57 -0.46 45.86
N SER L 66 65.82 -0.71 46.22
CA SER L 66 66.19 -0.90 47.61
C SER L 66 65.86 0.38 48.36
N VAL L 67 65.87 0.31 49.69
CA VAL L 67 65.57 1.48 50.50
C VAL L 67 66.33 1.57 51.83
N SER L 68 66.90 2.73 52.10
CA SER L 68 67.64 2.94 53.33
C SER L 68 66.69 3.40 54.43
N LEU L 69 66.44 2.49 55.37
CA LEU L 69 65.55 2.76 56.50
C LEU L 69 66.02 3.97 57.31
N VAL L 70 65.26 5.06 57.23
CA VAL L 70 65.59 6.28 57.97
C VAL L 70 65.14 6.21 59.42
N GLU L 71 63.82 6.08 59.63
CA GLU L 71 63.26 6.00 60.96
C GLU L 71 61.75 6.10 60.89
N ASP L 72 61.08 5.07 61.39
CA ASP L 72 59.62 5.02 61.40
C ASP L 72 59.13 6.47 61.41
N VAL L 73 59.35 7.18 62.50
CA VAL L 73 58.90 8.55 62.49
C VAL L 73 60.08 9.49 62.58
N ALA L 74 60.20 10.38 61.60
CA ALA L 74 61.30 11.34 61.59
C ALA L 74 60.77 12.67 62.11
N ARG L 75 61.64 13.45 62.75
CA ARG L 75 61.27 14.76 63.28
C ARG L 75 62.51 15.63 63.30
N LEU L 76 62.37 16.86 62.81
CA LEU L 76 63.51 17.76 62.79
C LEU L 76 63.98 18.07 64.21
N GLY L 77 65.24 18.52 64.32
CA GLY L 77 65.83 18.83 65.61
C GLY L 77 65.38 20.15 66.18
N VAL L 78 64.91 20.13 67.43
CA VAL L 78 64.44 21.34 68.08
C VAL L 78 65.49 21.98 68.96
N SER L 79 65.34 23.28 69.15
CA SER L 79 66.18 24.07 70.05
C SER L 79 66.00 25.55 69.95
N LYS L 80 66.52 26.24 70.96
CA LYS L 80 66.44 27.68 71.04
C LYS L 80 67.45 28.33 70.10
N GLU L 81 68.23 27.49 69.43
CA GLU L 81 69.27 27.94 68.51
C GLU L 81 68.75 28.38 67.13
N MET L 82 67.44 28.49 67.01
CA MET L 82 66.82 28.87 65.75
C MET L 82 66.14 30.24 65.79
N LEU L 83 66.94 31.29 65.91
CA LEU L 83 66.40 32.65 65.99
C LEU L 83 66.56 33.40 64.69
N GLY L 84 66.44 32.69 63.58
CA GLY L 84 66.59 33.34 62.29
C GLY L 84 66.86 32.31 61.23
N ARG L 85 66.85 31.06 61.65
CA ARG L 85 67.10 29.96 60.74
C ARG L 85 66.02 30.01 59.65
N ARG L 86 66.19 29.22 58.58
CA ARG L 86 65.23 29.17 57.48
C ARG L 86 65.10 27.76 56.91
N PHE L 87 63.86 27.32 56.69
CA PHE L 87 63.57 25.98 56.16
C PHE L 87 62.28 25.97 55.35
N ASN L 88 62.14 25.02 54.44
CA ASN L 88 60.93 24.94 53.61
C ASN L 88 60.19 23.62 53.74
N GLY L 89 58.87 23.68 53.58
CA GLY L 89 58.07 22.47 53.70
C GLY L 89 58.58 21.61 54.84
N ILE L 90 59.21 20.50 54.50
CA ILE L 90 59.78 19.61 55.50
C ILE L 90 60.51 20.43 56.56
N GLY L 91 61.26 21.43 56.10
CA GLY L 91 62.01 22.26 57.01
C GLY L 91 63.47 21.86 57.07
N LYS L 92 64.18 22.01 55.95
CA LYS L 92 65.59 21.65 55.93
C LYS L 92 66.48 22.87 55.62
N PRO L 93 67.69 22.92 56.21
CA PRO L 93 68.67 24.01 56.04
C PRO L 93 68.83 24.59 54.63
N ILE L 94 68.20 25.74 54.40
CA ILE L 94 68.28 26.44 53.11
C ILE L 94 68.71 27.87 53.37
N ASP L 95 68.77 28.24 54.65
CA ASP L 95 69.19 29.59 55.02
C ASP L 95 70.70 29.69 54.98
N GLY L 96 71.36 28.55 54.77
CA GLY L 96 72.81 28.55 54.70
C GLY L 96 73.47 28.19 56.02
N LEU L 97 72.90 28.64 57.13
CA LEU L 97 73.45 28.36 58.46
C LEU L 97 73.47 26.85 58.74
N PRO L 98 74.34 26.43 59.68
CA PRO L 98 74.54 25.04 60.12
C PRO L 98 73.28 24.31 60.56
N PRO L 99 73.18 23.00 60.26
CA PRO L 99 72.00 22.23 60.66
C PRO L 99 71.66 22.61 62.09
N ILE L 100 70.40 22.93 62.31
CA ILE L 100 69.91 23.31 63.62
C ILE L 100 70.31 22.30 64.69
N THR L 101 70.71 22.79 65.86
CA THR L 101 71.12 21.91 66.95
C THR L 101 69.90 21.13 67.43
N PRO L 102 69.94 19.80 67.30
CA PRO L 102 68.79 19.04 67.77
C PRO L 102 68.83 18.86 69.28
N GLU L 103 67.76 19.27 69.95
CA GLU L 103 67.65 19.15 71.40
C GLU L 103 66.87 17.88 71.71
N LYS L 104 65.71 17.74 71.06
CA LYS L 104 64.83 16.58 71.22
C LYS L 104 64.06 16.35 69.91
N ARG L 105 64.13 15.13 69.40
CA ARG L 105 63.46 14.79 68.15
C ARG L 105 61.97 14.48 68.35
N LEU L 106 61.26 15.36 69.04
CA LEU L 106 59.85 15.16 69.30
C LEU L 106 59.01 14.95 68.04
N PRO L 107 57.95 14.16 68.17
CA PRO L 107 57.05 13.88 67.04
C PRO L 107 56.48 15.21 66.58
N ILE L 108 56.38 15.41 65.27
CA ILE L 108 55.83 16.66 64.75
C ILE L 108 54.38 16.85 65.15
N THR L 109 53.86 15.90 65.92
CA THR L 109 52.48 15.96 66.40
C THR L 109 52.38 15.33 67.80
N GLY L 110 52.61 16.14 68.83
CA GLY L 110 52.53 15.62 70.20
C GLY L 110 51.11 15.63 70.74
N LEU L 111 50.15 15.84 69.85
CA LEU L 111 48.74 15.91 70.22
C LEU L 111 48.54 16.86 71.39
N PRO L 112 47.28 17.28 71.62
CA PRO L 112 46.94 18.20 72.71
C PRO L 112 47.33 17.75 74.12
N LEU L 113 47.42 18.74 75.01
CA LEU L 113 47.78 18.48 76.40
C LEU L 113 46.53 18.24 77.23
N ASN L 114 46.72 17.99 78.53
CA ASN L 114 45.58 17.74 79.39
C ASN L 114 44.58 18.88 79.41
N PRO L 115 43.43 18.63 78.83
CA PRO L 115 42.35 19.60 78.75
C PRO L 115 42.04 20.25 80.08
N VAL L 116 42.44 19.61 81.19
CA VAL L 116 42.18 20.15 82.52
C VAL L 116 43.10 21.31 82.80
N ALA L 117 44.26 21.26 82.16
CA ALA L 117 45.27 22.28 82.30
C ALA L 117 44.89 23.56 81.57
N ARG L 118 44.46 23.39 80.32
CA ARG L 118 44.06 24.49 79.45
C ARG L 118 43.32 25.58 80.22
N ARG L 119 43.76 26.82 80.03
CA ARG L 119 43.13 27.96 80.69
C ARG L 119 42.72 28.96 79.62
N LYS L 120 41.87 29.91 80.01
CA LYS L 120 41.38 30.92 79.09
C LYS L 120 42.40 31.99 78.79
N PRO L 121 42.90 32.02 77.55
CA PRO L 121 43.89 33.02 77.14
C PRO L 121 43.30 34.43 77.29
N GLU L 122 43.90 35.25 78.15
CA GLU L 122 43.41 36.62 78.33
C GLU L 122 44.51 37.68 78.53
N GLN L 123 45.72 37.39 78.07
CA GLN L 123 46.81 38.34 78.18
C GLN L 123 46.77 39.25 76.96
N PHE L 124 46.33 40.50 77.15
CA PHE L 124 46.23 41.43 76.03
C PHE L 124 47.52 41.51 75.21
N ILE L 125 47.36 41.80 73.92
CA ILE L 125 48.48 41.87 72.99
C ILE L 125 48.26 42.89 71.86
N GLN L 126 49.28 43.69 71.58
CA GLN L 126 49.23 44.70 70.54
C GLN L 126 49.75 44.08 69.25
N THR L 127 49.65 44.83 68.15
CA THR L 127 50.09 44.35 66.84
C THR L 127 50.53 45.54 66.01
N GLY L 128 50.69 46.69 66.66
CA GLY L 128 51.10 47.88 65.94
C GLY L 128 49.95 48.49 65.15
N ILE L 129 48.74 48.15 65.52
CA ILE L 129 47.58 48.69 64.83
C ILE L 129 46.60 49.23 65.85
N SER L 130 45.61 49.93 65.34
CA SER L 130 44.57 50.50 66.15
C SER L 130 43.39 49.53 66.04
N THR L 131 42.65 49.60 64.93
CA THR L 131 41.46 48.77 64.71
C THR L 131 41.61 47.30 65.00
N ILE L 132 42.83 46.80 64.88
CA ILE L 132 43.03 45.40 65.11
C ILE L 132 43.61 45.17 66.46
N ASP L 133 43.42 46.13 67.34
CA ASP L 133 43.93 45.96 68.67
C ASP L 133 42.93 46.59 69.62
N VAL L 134 42.11 47.49 69.10
CA VAL L 134 41.11 48.16 69.92
C VAL L 134 39.75 47.48 69.86
N MET L 135 39.22 47.35 68.64
CA MET L 135 37.90 46.72 68.48
C MET L 135 38.03 45.23 68.51
N ASN L 136 39.21 44.76 68.16
CA ASN L 136 39.47 43.34 68.20
C ASN L 136 40.93 43.06 68.48
N THR L 137 41.23 42.80 69.75
CA THR L 137 42.60 42.50 70.10
C THR L 137 42.83 41.02 70.01
N LEU L 138 44.01 40.58 70.42
CA LEU L 138 44.30 39.16 70.39
C LEU L 138 44.97 38.73 71.70
N VAL L 139 44.33 37.80 72.40
CA VAL L 139 44.87 37.30 73.67
C VAL L 139 45.84 36.14 73.47
N ARG L 140 46.85 36.08 74.33
CA ARG L 140 47.88 35.06 74.27
C ARG L 140 47.35 33.62 74.30
N GLY L 141 47.59 32.88 73.21
CA GLY L 141 47.13 31.51 73.11
C GLY L 141 45.80 31.42 72.40
N GLN L 142 45.20 32.58 72.13
CA GLN L 142 43.91 32.63 71.46
C GLN L 142 44.07 32.33 69.99
N LYS L 143 43.42 31.26 69.55
CA LYS L 143 43.47 30.87 68.16
C LYS L 143 42.48 31.68 67.32
N LEU L 144 42.99 32.76 66.71
CA LEU L 144 42.17 33.63 65.87
C LEU L 144 42.32 33.47 64.37
N PRO L 145 41.21 33.11 63.72
CA PRO L 145 41.13 32.90 62.28
C PRO L 145 41.10 34.18 61.48
N ILE L 146 41.56 34.11 60.23
CA ILE L 146 41.56 35.29 59.38
C ILE L 146 41.05 34.99 57.99
N PHE L 147 39.76 35.23 57.79
CA PHE L 147 39.10 34.99 56.50
C PHE L 147 39.66 35.97 55.47
N SER L 148 40.52 35.46 54.60
CA SER L 148 41.14 36.29 53.57
C SER L 148 40.51 36.02 52.22
N GLY L 149 40.95 36.75 51.20
CA GLY L 149 40.45 36.53 49.86
C GLY L 149 41.51 35.83 49.03
N SER L 150 41.09 34.85 48.23
CA SER L 150 42.01 34.09 47.38
C SER L 150 42.56 34.93 46.23
N GLY L 151 43.32 35.97 46.57
CA GLY L 151 43.87 36.83 45.54
C GLY L 151 43.82 38.26 46.00
N LEU L 152 43.58 38.42 47.30
CA LEU L 152 43.51 39.71 47.95
C LEU L 152 44.89 40.03 48.49
N PRO L 153 45.09 41.28 48.95
CA PRO L 153 46.36 41.75 49.52
C PRO L 153 46.75 40.93 50.76
N ALA L 154 46.19 39.73 50.85
CA ALA L 154 46.43 38.82 51.95
C ALA L 154 47.92 38.62 52.17
N ASN L 155 48.56 37.99 51.19
CA ASN L 155 50.00 37.70 51.26
C ASN L 155 50.77 38.84 51.94
N GLU L 156 50.39 40.06 51.60
CA GLU L 156 51.03 41.24 52.17
C GLU L 156 50.56 41.53 53.58
N ILE L 157 49.30 41.95 53.69
CA ILE L 157 48.72 42.30 54.98
C ILE L 157 49.04 41.22 55.99
N ALA L 158 49.44 40.07 55.49
CA ALA L 158 49.82 38.98 56.34
C ALA L 158 51.10 39.41 57.05
N ALA L 159 52.21 39.12 56.41
CA ALA L 159 53.52 39.43 56.95
C ALA L 159 53.69 40.88 57.35
N GLN L 160 52.79 41.74 56.91
CA GLN L 160 52.86 43.16 57.23
C GLN L 160 52.77 43.39 58.74
N ILE L 161 51.63 43.00 59.31
CA ILE L 161 51.43 43.20 60.74
C ILE L 161 52.17 42.12 61.50
N ALA L 162 52.67 41.14 60.75
CA ALA L 162 53.41 40.06 61.33
C ALA L 162 54.43 40.66 62.30
N ARG L 163 55.49 41.22 61.73
CA ARG L 163 56.53 41.83 62.53
C ARG L 163 56.00 42.90 63.48
N GLN L 164 54.95 43.62 63.07
CA GLN L 164 54.37 44.70 63.88
C GLN L 164 54.02 44.28 65.30
N ALA L 165 53.49 43.07 65.40
CA ALA L 165 53.10 42.52 66.66
C ALA L 165 54.21 42.73 67.68
N THR L 166 53.81 42.99 68.93
CA THR L 166 54.76 43.17 70.02
C THR L 166 54.02 42.96 71.35
N VAL L 167 54.47 41.97 72.13
CA VAL L 167 53.87 41.65 73.43
C VAL L 167 54.25 42.68 74.50
N ARG L 168 53.25 43.22 75.19
CA ARG L 168 53.48 44.20 76.24
C ARG L 168 52.97 43.79 77.61
N PRO L 169 53.82 43.15 78.41
CA PRO L 169 53.38 42.74 79.75
C PRO L 169 53.48 43.94 80.66
N ASP L 170 54.44 44.78 80.32
CA ASP L 170 54.71 46.01 81.05
C ASP L 170 53.46 46.70 81.55
N LEU L 171 52.54 46.98 80.63
CA LEU L 171 51.29 47.67 80.96
C LEU L 171 50.45 46.91 81.98
N SER L 172 50.71 45.62 82.12
CA SER L 172 49.98 44.76 83.06
C SER L 172 50.66 44.77 84.41
N GLY L 173 51.97 44.94 84.40
CA GLY L 173 52.72 44.96 85.65
C GLY L 173 53.81 43.91 85.70
N GLU L 174 54.38 43.57 84.54
CA GLU L 174 55.43 42.56 84.47
C GLU L 174 56.51 42.91 83.45
N GLY L 175 57.60 42.16 83.45
CA GLY L 175 58.68 42.43 82.51
C GLY L 175 58.73 41.42 81.37
N GLU L 176 59.83 41.44 80.61
CA GLU L 176 60.03 40.53 79.48
C GLU L 176 60.98 39.39 79.85
N LYS L 177 61.09 39.12 81.14
CA LYS L 177 61.96 38.06 81.64
C LYS L 177 61.47 36.68 81.24
N GLU L 178 60.19 36.42 81.49
CA GLU L 178 59.57 35.15 81.16
C GLU L 178 58.75 35.30 79.88
N GLU L 179 58.57 36.55 79.46
CA GLU L 179 57.79 36.85 78.26
C GLU L 179 58.67 37.32 77.09
N PRO L 180 59.22 36.36 76.36
CA PRO L 180 60.10 36.59 75.21
C PRO L 180 59.27 36.70 73.95
N PHE L 181 59.88 37.19 72.88
CA PHE L 181 59.19 37.32 71.62
C PHE L 181 59.75 36.31 70.63
N ALA L 182 58.90 35.40 70.20
CA ALA L 182 59.29 34.37 69.24
C ALA L 182 58.31 34.40 68.07
N VAL L 183 58.84 34.68 66.88
CA VAL L 183 58.01 34.76 65.68
C VAL L 183 58.23 33.54 64.77
N VAL L 184 57.16 32.79 64.51
CA VAL L 184 57.26 31.63 63.63
C VAL L 184 56.23 31.73 62.51
N PHE L 185 56.68 31.60 61.28
CA PHE L 185 55.76 31.68 60.18
C PHE L 185 55.99 30.58 59.18
N ALA L 186 54.90 29.98 58.73
CA ALA L 186 54.98 28.88 57.79
C ALA L 186 53.87 28.88 56.75
N ALA L 187 54.25 29.03 55.48
CA ALA L 187 53.27 29.03 54.40
C ALA L 187 53.42 27.77 53.59
N MET L 188 52.77 27.75 52.44
CA MET L 188 52.81 26.62 51.54
C MET L 188 52.28 27.09 50.20
N GLY L 189 52.32 26.20 49.22
CA GLY L 189 51.84 26.50 47.89
C GLY L 189 52.07 27.91 47.44
N ILE L 190 53.29 28.40 47.64
CA ILE L 190 53.64 29.76 47.28
C ILE L 190 54.27 29.94 45.89
N THR L 191 53.89 31.01 45.20
CA THR L 191 54.42 31.36 43.87
C THR L 191 55.90 31.63 44.01
N GLN L 192 56.65 31.47 42.93
CA GLN L 192 58.07 31.74 43.02
C GLN L 192 58.22 33.23 43.37
N ARG L 193 57.31 34.04 42.88
CA ARG L 193 57.31 35.48 43.14
C ARG L 193 57.16 35.74 44.63
N GLU L 194 56.05 35.27 45.18
CA GLU L 194 55.76 35.43 46.60
C GLU L 194 56.83 34.81 47.51
N LEU L 195 57.32 33.61 47.16
CA LEU L 195 58.33 32.94 47.98
C LEU L 195 59.46 33.94 48.22
N SER L 196 59.48 34.93 47.36
CA SER L 196 60.47 35.97 47.47
C SER L 196 59.92 37.22 48.17
N TYR L 197 58.61 37.44 48.16
CA TYR L 197 58.10 38.64 48.85
C TYR L 197 58.18 38.49 50.37
N PHE L 198 58.19 37.23 50.81
CA PHE L 198 58.25 36.88 52.22
C PHE L 198 59.60 37.24 52.81
N ILE L 199 60.59 36.46 52.37
CA ILE L 199 61.97 36.60 52.77
C ILE L 199 62.35 38.07 52.97
N GLN L 200 61.59 38.98 52.34
CA GLN L 200 61.79 40.43 52.36
C GLN L 200 61.43 41.12 53.69
N GLU L 201 60.27 40.78 54.24
CA GLU L 201 59.81 41.38 55.50
C GLU L 201 60.78 41.10 56.64
N PHE L 202 61.23 39.85 56.74
CA PHE L 202 62.16 39.49 57.80
C PHE L 202 63.41 40.34 57.75
N GLU L 203 64.03 40.40 56.58
CA GLU L 203 65.28 41.15 56.37
C GLU L 203 65.10 42.64 56.62
N ARG L 204 63.86 43.08 56.52
CA ARG L 204 63.53 44.46 56.73
C ARG L 204 64.21 45.00 57.99
N THR L 205 63.56 44.85 59.14
CA THR L 205 64.16 45.33 60.40
C THR L 205 64.08 44.27 61.48
N GLY L 206 65.23 43.88 62.00
CA GLY L 206 65.31 42.88 63.05
C GLY L 206 64.07 42.00 63.11
N ALA L 207 63.80 41.31 62.00
CA ALA L 207 62.63 40.44 61.93
C ALA L 207 63.05 38.99 61.92
N LEU L 208 63.98 38.65 61.04
CA LEU L 208 64.48 37.28 60.94
C LEU L 208 65.40 36.92 62.11
N SER L 209 66.01 37.94 62.71
CA SER L 209 66.93 37.73 63.82
C SER L 209 66.19 37.31 65.10
N ARG L 210 65.18 36.46 64.94
CA ARG L 210 64.35 36.01 66.06
C ARG L 210 63.18 35.13 65.57
N SER L 211 63.35 34.48 64.42
CA SER L 211 62.29 33.65 63.85
C SER L 211 62.80 32.57 62.90
N VAL L 212 61.94 31.60 62.61
CA VAL L 212 62.30 30.55 61.68
C VAL L 212 61.23 30.41 60.61
N LEU L 213 61.71 30.09 59.41
CA LEU L 213 60.86 29.97 58.26
C LEU L 213 60.49 28.56 57.91
N PHE L 214 59.38 28.45 57.20
CA PHE L 214 58.83 27.17 56.74
C PHE L 214 57.74 27.46 55.68
N LEU L 215 57.86 26.86 54.50
CA LEU L 215 56.90 27.07 53.42
C LEU L 215 57.19 26.23 52.19
N ASN L 216 56.33 25.26 51.95
CA ASN L 216 56.50 24.39 50.81
C ASN L 216 55.72 24.88 49.60
N LYS L 217 56.42 25.47 48.64
CA LYS L 217 55.77 25.96 47.42
C LYS L 217 54.79 24.93 46.90
N ALA L 218 53.78 25.36 46.15
CA ALA L 218 52.81 24.41 45.60
C ALA L 218 53.42 23.55 44.48
N ASP L 219 54.50 24.03 43.87
CA ASP L 219 55.19 23.32 42.77
C ASP L 219 56.15 22.26 43.34
N ASP L 220 56.55 22.51 44.59
CA ASP L 220 57.45 21.64 45.30
C ASP L 220 56.73 20.31 45.45
N PRO L 221 57.20 19.45 46.37
CA PRO L 221 56.52 18.16 46.56
C PRO L 221 55.32 18.29 47.49
N THR L 222 54.25 17.63 47.11
CA THR L 222 53.00 17.67 47.85
C THR L 222 53.04 16.96 49.20
N ILE L 223 54.11 16.26 49.48
CA ILE L 223 54.19 15.51 50.72
C ILE L 223 54.52 16.34 51.94
N GLU L 224 55.65 17.01 51.89
CA GLU L 224 56.06 17.79 53.04
C GLU L 224 55.02 18.85 53.21
N ARG L 225 54.36 19.18 52.11
CA ARG L 225 53.35 20.22 52.12
C ARG L 225 52.40 20.10 53.29
N ILE L 226 51.66 19.00 53.35
CA ILE L 226 50.67 18.77 54.40
C ILE L 226 51.18 18.97 55.82
N LEU L 227 52.25 18.24 56.10
CA LEU L 227 52.88 18.24 57.41
C LEU L 227 53.60 19.55 57.63
N THR L 228 54.10 20.13 56.54
CA THR L 228 54.82 21.40 56.56
C THR L 228 54.54 22.20 57.82
N PRO L 229 53.27 22.54 58.09
CA PRO L 229 52.89 23.33 59.28
C PRO L 229 53.20 22.63 60.60
N ARG L 230 52.71 21.41 60.72
CA ARG L 230 52.91 20.64 61.91
C ARG L 230 54.33 20.77 62.39
N MET L 231 55.27 20.94 61.47
CA MET L 231 56.69 21.05 61.83
C MET L 231 56.99 22.08 62.90
N ALA L 232 57.12 23.33 62.49
CA ALA L 232 57.41 24.40 63.43
C ALA L 232 56.26 24.49 64.41
N LEU L 233 55.13 23.90 64.03
CA LEU L 233 53.96 23.94 64.89
C LEU L 233 54.32 23.22 66.16
N THR L 234 54.67 21.96 66.00
CA THR L 234 55.04 21.13 67.13
C THR L 234 56.28 21.73 67.80
N VAL L 235 57.07 22.45 67.01
CA VAL L 235 58.29 23.04 67.51
C VAL L 235 58.06 24.26 68.37
N ALA L 236 57.09 25.06 68.01
CA ALA L 236 56.83 26.23 68.81
C ALA L 236 56.62 25.79 70.25
N GLU L 237 56.01 24.62 70.43
CA GLU L 237 55.71 24.07 71.74
C GLU L 237 56.91 24.13 72.68
N TYR L 238 58.01 23.57 72.20
CA TYR L 238 59.21 23.54 73.00
C TYR L 238 59.62 24.93 73.43
N LEU L 239 59.05 25.93 72.79
CA LEU L 239 59.41 27.28 73.13
C LEU L 239 58.70 27.85 74.32
N ALA L 240 57.41 28.12 74.15
CA ALA L 240 56.63 28.70 75.23
C ALA L 240 56.14 27.65 76.20
N PHE L 241 55.87 26.46 75.68
CA PHE L 241 55.36 25.37 76.49
C PHE L 241 56.41 24.59 77.25
N GLU L 242 57.61 24.46 76.69
CA GLU L 242 58.65 23.71 77.37
C GLU L 242 59.55 24.59 78.25
N HIS L 243 59.93 25.76 77.72
CA HIS L 243 60.78 26.70 78.46
C HIS L 243 60.02 27.87 79.09
N ASP L 244 58.83 28.16 78.57
CA ASP L 244 57.95 29.24 79.00
C ASP L 244 58.11 30.53 78.27
N TYR L 245 58.53 30.40 77.02
CA TYR L 245 58.71 31.55 76.17
C TYR L 245 57.32 31.93 75.64
N HIS L 246 57.26 32.85 74.67
CA HIS L 246 55.99 33.22 74.07
C HIS L 246 56.04 33.20 72.58
N VAL L 247 55.36 32.21 72.02
CA VAL L 247 55.35 32.01 70.59
C VAL L 247 54.07 32.46 69.92
N LEU L 248 54.18 32.67 68.62
CA LEU L 248 53.06 33.09 67.81
C LEU L 248 53.02 32.25 66.54
N VAL L 249 52.03 31.35 66.47
CA VAL L 249 51.85 30.49 65.32
C VAL L 249 50.91 31.18 64.32
N ILE L 250 51.32 31.27 63.07
CA ILE L 250 50.46 31.91 62.10
C ILE L 250 50.40 31.11 60.82
N LEU L 251 49.24 30.50 60.63
CA LEU L 251 48.99 29.68 59.46
C LEU L 251 49.13 30.51 58.20
N THR L 252 48.68 29.99 57.06
CA THR L 252 48.75 30.70 55.80
C THR L 252 48.05 30.00 54.67
N ASP L 253 46.90 30.52 54.27
CA ASP L 253 46.16 29.92 53.19
C ASP L 253 46.09 28.43 53.36
N MET L 254 45.05 27.91 53.99
CA MET L 254 44.96 26.46 54.14
C MET L 254 44.63 25.75 52.81
N THR L 255 44.54 26.55 51.74
CA THR L 255 44.27 26.05 50.39
C THR L 255 45.16 24.82 50.24
N ASN L 256 46.39 24.97 50.72
CA ASN L 256 47.32 23.86 50.67
C ASN L 256 46.81 22.74 51.59
N TYR L 257 46.57 23.05 52.86
CA TYR L 257 46.11 22.04 53.81
C TYR L 257 45.12 21.09 53.20
N CYS L 258 44.31 21.55 52.24
CA CYS L 258 43.30 20.68 51.65
C CYS L 258 43.61 20.16 50.28
N GLU L 259 44.19 21.03 49.44
CA GLU L 259 44.53 20.60 48.10
C GLU L 259 45.35 19.37 48.39
N ALA L 260 46.48 19.60 49.06
CA ALA L 260 47.40 18.53 49.42
C ALA L 260 46.66 17.35 50.02
N LEU L 261 45.65 17.66 50.83
CA LEU L 261 44.85 16.62 51.46
C LEU L 261 44.28 15.65 50.44
N ARG L 262 43.45 16.19 49.58
CA ARG L 262 42.81 15.42 48.53
C ARG L 262 43.67 14.24 48.03
N GLU L 263 44.97 14.47 47.87
CA GLU L 263 45.88 13.43 47.40
C GLU L 263 45.94 12.25 48.36
N ILE L 264 46.05 12.54 49.65
CA ILE L 264 46.14 11.49 50.64
C ILE L 264 44.98 10.54 50.52
N GLY L 265 43.76 11.06 50.48
CA GLY L 265 42.62 10.17 50.34
C GLY L 265 42.47 9.67 48.92
N ALA L 266 42.69 10.57 47.96
CA ALA L 266 42.57 10.25 46.54
C ALA L 266 43.36 9.03 46.15
N ALA L 267 44.35 8.72 46.97
CA ALA L 267 45.21 7.57 46.74
C ALA L 267 44.89 6.55 47.83
N ARG L 268 44.97 7.01 49.08
CA ARG L 268 44.71 6.16 50.22
C ARG L 268 43.33 5.51 50.13
N GLU L 269 42.53 5.96 49.17
CA GLU L 269 41.19 5.42 48.99
C GLU L 269 40.26 6.14 49.95
N GLU L 270 40.81 7.08 50.70
CA GLU L 270 39.98 7.78 51.67
C GLU L 270 38.89 8.57 51.03
N ILE L 271 37.74 7.90 51.00
CA ILE L 271 36.52 8.43 50.44
C ILE L 271 36.24 9.83 50.95
N PRO L 272 36.00 10.78 50.04
CA PRO L 272 35.71 12.17 50.39
C PRO L 272 34.21 12.37 50.62
N GLY L 273 33.84 12.70 51.85
CA GLY L 273 32.43 12.91 52.16
C GLY L 273 31.85 14.14 51.49
N ARG L 274 31.70 15.21 52.27
CA ARG L 274 31.14 16.44 51.74
C ARG L 274 32.14 17.34 51.00
N ARG L 275 31.65 18.09 50.03
CA ARG L 275 32.47 19.00 49.24
C ARG L 275 33.69 18.36 48.61
N GLY L 276 33.58 17.07 48.34
CA GLY L 276 34.69 16.38 47.72
C GLY L 276 35.98 16.52 48.50
N TYR L 277 35.93 16.08 49.76
CA TYR L 277 37.07 16.11 50.66
C TYR L 277 36.86 15.07 51.76
N PRO L 278 37.96 14.52 52.31
CA PRO L 278 38.03 13.50 53.37
C PRO L 278 37.05 13.62 54.53
N GLY L 279 36.28 12.55 54.72
CA GLY L 279 35.30 12.53 55.78
C GLY L 279 35.87 12.51 57.18
N TYR L 280 37.05 13.10 57.34
CA TYR L 280 37.66 13.16 58.65
C TYR L 280 38.55 14.38 58.79
N MET L 281 38.15 15.47 58.13
CA MET L 281 38.91 16.71 58.24
C MET L 281 38.78 17.35 59.60
N TYR L 282 37.55 17.56 60.06
CA TYR L 282 37.31 18.17 61.36
C TYR L 282 38.34 17.71 62.40
N THR L 283 38.40 16.39 62.60
CA THR L 283 39.33 15.76 63.53
C THR L 283 40.77 16.21 63.23
N ASP L 284 41.35 15.66 62.16
CA ASP L 284 42.72 15.96 61.75
C ASP L 284 43.04 17.46 61.75
N LEU L 285 42.02 18.25 61.45
CA LEU L 285 42.16 19.69 61.41
C LEU L 285 42.10 20.25 62.83
N ALA L 286 41.27 19.62 63.65
CA ALA L 286 41.12 20.04 65.01
C ALA L 286 42.53 20.09 65.65
N THR L 287 43.22 18.95 65.70
CA THR L 287 44.55 18.85 66.28
C THR L 287 45.42 20.06 66.00
N ILE L 288 44.94 20.90 65.11
CA ILE L 288 45.63 22.11 64.71
C ILE L 288 45.50 23.24 65.73
N TYR L 289 44.32 23.83 65.78
CA TYR L 289 44.02 24.92 66.71
C TYR L 289 44.08 24.40 68.14
N GLU L 290 44.88 23.38 68.39
CA GLU L 290 44.97 22.85 69.72
C GLU L 290 46.28 23.16 70.35
N ARG L 291 47.26 23.48 69.52
CA ARG L 291 48.58 23.79 70.01
C ARG L 291 48.65 25.17 70.67
N ALA L 292 47.50 25.79 70.91
CA ALA L 292 47.51 27.11 71.53
C ALA L 292 46.60 27.18 72.75
N GLY L 293 47.10 27.85 73.78
CA GLY L 293 46.33 27.99 75.02
C GLY L 293 47.22 28.28 76.20
N VAL L 294 46.90 27.67 77.34
CA VAL L 294 47.68 27.85 78.56
C VAL L 294 47.41 26.76 79.57
N VAL L 295 48.41 26.45 80.38
CA VAL L 295 48.29 25.41 81.40
C VAL L 295 48.42 26.00 82.79
N GLU L 296 47.88 25.28 83.77
CA GLU L 296 47.91 25.69 85.16
C GLU L 296 49.34 25.68 85.65
N GLY L 297 49.88 26.86 85.94
CA GLY L 297 51.24 26.95 86.43
C GLY L 297 52.24 27.56 85.47
N LYS L 298 52.02 27.39 84.17
CA LYS L 298 52.95 27.96 83.19
C LYS L 298 52.40 29.26 82.62
N LYS L 299 53.23 30.31 82.67
CA LYS L 299 52.85 31.60 82.12
C LYS L 299 53.12 31.56 80.62
N GLY L 300 54.15 30.80 80.24
CA GLY L 300 54.52 30.66 78.84
C GLY L 300 53.35 30.22 78.00
N SER L 301 52.95 31.06 77.05
CA SER L 301 51.83 30.77 76.18
C SER L 301 52.03 31.19 74.72
N VAL L 302 51.75 30.24 73.83
CA VAL L 302 51.87 30.46 72.38
C VAL L 302 50.53 30.88 71.81
N THR L 303 50.52 31.93 71.00
CA THR L 303 49.25 32.37 70.41
C THR L 303 49.12 31.84 69.00
N GLN L 304 47.94 31.29 68.71
CA GLN L 304 47.65 30.69 67.41
C GLN L 304 46.79 31.55 66.48
N ILE L 305 47.15 31.58 65.20
CA ILE L 305 46.46 32.38 64.18
C ILE L 305 46.27 31.71 62.85
N PRO L 306 45.03 31.41 62.50
CA PRO L 306 44.78 30.78 61.22
C PRO L 306 44.62 31.87 60.19
N ILE L 307 44.86 31.54 58.92
CA ILE L 307 44.75 32.48 57.82
C ILE L 307 44.59 31.77 56.47
N LEU L 308 43.38 31.77 55.91
CA LEU L 308 43.14 31.09 54.63
C LEU L 308 42.16 31.81 53.72
N SER L 309 42.01 31.26 52.51
CA SER L 309 41.12 31.80 51.49
C SER L 309 40.17 30.72 51.04
N MET L 310 38.95 31.12 50.72
CA MET L 310 37.94 30.18 50.28
C MET L 310 38.11 30.03 48.79
N PRO L 311 37.27 29.19 48.18
CA PRO L 311 37.32 28.96 46.73
C PRO L 311 36.80 30.15 45.96
N ASP L 312 35.70 30.70 46.44
CA ASP L 312 35.13 31.85 45.76
C ASP L 312 34.62 32.74 46.86
N ASP L 313 35.30 32.64 48.00
CA ASP L 313 34.96 33.39 49.19
C ASP L 313 33.61 32.87 49.68
N ASP L 314 33.49 31.54 49.65
CA ASP L 314 32.28 30.89 50.10
C ASP L 314 32.54 30.28 51.48
N ARG L 315 31.71 30.68 52.45
CA ARG L 315 31.84 30.19 53.82
C ARG L 315 31.17 28.83 53.95
N THR L 316 30.54 28.37 52.88
CA THR L 316 29.88 27.07 52.91
C THR L 316 30.89 25.98 52.67
N HIS L 317 32.11 26.38 52.34
CA HIS L 317 33.13 25.39 52.07
C HIS L 317 33.77 24.95 53.38
N PRO L 318 34.57 23.89 53.33
CA PRO L 318 35.23 23.38 54.53
C PRO L 318 36.24 24.40 55.05
N ILE L 319 37.01 24.94 54.10
CA ILE L 319 38.06 25.91 54.39
C ILE L 319 37.52 26.97 55.34
N PRO L 320 36.21 27.25 55.26
CA PRO L 320 35.67 28.26 56.16
C PRO L 320 34.93 27.59 57.31
N ASP L 321 34.01 26.71 56.93
CA ASP L 321 33.20 26.05 57.92
C ASP L 321 34.06 25.55 59.09
N LEU L 322 34.96 24.61 58.80
CA LEU L 322 35.83 24.03 59.81
C LEU L 322 36.22 25.07 60.85
N THR L 323 37.01 26.03 60.38
CA THR L 323 37.50 27.10 61.19
C THR L 323 36.38 27.77 61.98
N GLY L 324 35.46 28.37 61.24
CA GLY L 324 34.33 29.08 61.86
C GLY L 324 33.61 28.24 62.88
N TYR L 325 34.20 27.09 63.16
CA TYR L 325 33.65 26.14 64.11
C TYR L 325 34.59 25.92 65.29
N ILE L 326 35.91 25.88 65.06
CA ILE L 326 36.87 25.65 66.16
C ILE L 326 37.56 26.95 66.53
N THR L 327 37.76 27.81 65.54
CA THR L 327 38.42 29.08 65.76
C THR L 327 37.60 29.96 66.66
N GLU L 328 38.27 30.74 67.50
CA GLU L 328 37.57 31.62 68.43
C GLU L 328 37.59 33.09 67.95
N GLY L 329 36.91 33.33 66.83
CA GLY L 329 36.85 34.67 66.28
C GLY L 329 36.46 34.67 64.82
N GLN L 330 36.91 35.69 64.10
CA GLN L 330 36.60 35.83 62.70
C GLN L 330 37.16 37.16 62.24
N ILE L 331 37.90 37.16 61.15
CA ILE L 331 38.49 38.39 60.61
C ILE L 331 38.68 38.27 59.09
N GLN L 332 37.71 38.76 58.31
CA GLN L 332 37.81 38.68 56.85
C GLN L 332 38.22 40.00 56.19
N LEU L 333 38.40 39.94 54.88
CA LEU L 333 38.78 41.10 54.08
C LEU L 333 37.85 41.21 52.90
N SER L 334 37.35 42.41 52.64
CA SER L 334 36.41 42.59 51.54
C SER L 334 36.99 43.35 50.37
N ARG L 335 36.52 42.98 49.17
CA ARG L 335 36.94 43.59 47.92
C ARG L 335 36.64 45.09 48.02
N GLU L 336 35.41 45.40 48.44
CA GLU L 336 34.98 46.77 48.60
C GLU L 336 36.07 47.56 49.34
N LEU L 337 36.28 47.24 50.61
CA LEU L 337 37.28 47.89 51.45
C LEU L 337 38.56 48.29 50.70
N HIS L 338 39.21 47.30 50.13
CA HIS L 338 40.44 47.54 49.42
C HIS L 338 40.32 48.32 48.10
N ARG L 339 39.19 48.14 47.40
CA ARG L 339 38.94 48.80 46.12
C ARG L 339 39.13 50.31 46.20
N LYS L 340 38.60 50.90 47.26
CA LYS L 340 38.67 52.35 47.45
C LYS L 340 40.05 52.79 47.86
N GLY L 341 40.88 51.81 48.24
CA GLY L 341 42.23 52.12 48.65
C GLY L 341 42.48 51.78 50.10
N ILE L 342 41.43 51.40 50.82
CA ILE L 342 41.58 51.05 52.22
C ILE L 342 42.58 49.94 52.35
N TYR L 343 43.56 50.16 53.23
CA TYR L 343 44.63 49.21 53.47
C TYR L 343 45.21 49.45 54.87
N PRO L 344 45.07 48.47 55.77
CA PRO L 344 44.42 47.17 55.55
C PRO L 344 42.90 47.19 55.40
N PRO L 345 42.38 46.67 54.27
CA PRO L 345 40.95 46.61 53.99
C PRO L 345 40.30 45.51 54.82
N ILE L 346 39.94 45.87 56.04
CA ILE L 346 39.30 44.95 56.99
C ILE L 346 37.96 45.53 57.46
N ASP L 347 36.88 44.78 57.24
CA ASP L 347 35.55 45.20 57.64
C ASP L 347 35.46 45.42 59.15
N PRO L 348 34.27 45.81 59.63
CA PRO L 348 34.04 46.05 61.05
C PRO L 348 33.60 44.80 61.78
N LEU L 349 32.31 44.72 62.09
CA LEU L 349 31.76 43.58 62.79
C LEU L 349 32.15 42.25 62.13
N PRO L 350 32.19 42.18 60.78
CA PRO L 350 32.56 40.88 60.22
C PRO L 350 33.84 40.26 60.80
N SER L 351 34.71 41.09 61.33
CA SER L 351 35.98 40.66 61.96
C SER L 351 35.97 40.92 63.47
N LEU L 352 36.41 39.94 64.25
CA LEU L 352 36.46 40.07 65.70
C LEU L 352 36.93 38.84 66.44
N SER L 353 37.86 39.06 67.37
CA SER L 353 38.42 38.00 68.17
C SER L 353 37.46 37.65 69.29
N ARG L 354 36.82 36.49 69.19
CA ARG L 354 35.87 36.07 70.21
C ARG L 354 36.36 36.16 71.65
N LEU L 355 37.62 35.84 71.90
CA LEU L 355 38.09 35.91 73.27
C LEU L 355 39.05 37.02 73.65
N MET L 356 38.94 38.15 72.95
CA MET L 356 39.79 39.32 73.24
C MET L 356 38.93 40.39 73.88
N ASN L 357 37.70 40.00 74.19
CA ASN L 357 36.76 40.92 74.81
C ASN L 357 36.87 40.90 76.34
N ASN L 358 37.55 39.90 76.91
CA ASN L 358 37.74 39.79 78.36
C ASN L 358 39.18 40.17 78.78
N GLY L 359 40.14 39.86 77.92
CA GLY L 359 41.53 40.15 78.21
C GLY L 359 41.90 41.58 77.86
N VAL L 360 40.95 42.50 78.06
CA VAL L 360 41.17 43.92 77.76
C VAL L 360 40.43 44.83 78.77
N GLY L 361 40.89 46.07 78.90
CA GLY L 361 40.26 47.00 79.83
C GLY L 361 41.08 47.22 81.09
N LYS L 362 40.43 47.06 82.24
CA LYS L 362 41.08 47.25 83.53
C LYS L 362 42.25 46.30 83.72
N GLY L 363 43.36 46.83 84.22
CA GLY L 363 44.52 46.00 84.44
C GLY L 363 45.21 45.61 83.15
N LYS L 364 44.46 45.00 82.23
CA LYS L 364 45.04 44.61 80.96
C LYS L 364 45.50 45.85 80.22
N THR L 365 44.76 46.25 79.19
CA THR L 365 45.09 47.40 78.38
C THR L 365 44.07 48.53 78.52
N ARG L 366 44.54 49.69 78.99
CA ARG L 366 43.70 50.87 79.19
C ARG L 366 42.42 50.49 79.92
N GLU L 367 42.32 50.86 81.19
CA GLU L 367 41.14 50.56 81.99
C GLU L 367 39.83 50.81 81.25
N ASP L 368 39.60 52.04 80.83
CA ASP L 368 38.38 52.42 80.11
C ASP L 368 38.20 51.61 78.83
N HIS L 369 39.20 50.81 78.47
CA HIS L 369 39.10 50.02 77.25
C HIS L 369 37.87 49.17 77.35
N LYS L 370 37.60 48.72 78.57
CA LYS L 370 36.45 47.85 78.81
C LYS L 370 35.25 48.29 77.96
N GLN L 371 34.77 49.50 78.17
CA GLN L 371 33.62 50.00 77.42
C GLN L 371 34.04 50.61 76.08
N VAL L 372 35.29 51.01 75.96
CA VAL L 372 35.80 51.61 74.73
C VAL L 372 35.73 50.59 73.63
N SER L 373 35.94 49.35 74.01
CA SER L 373 35.93 48.25 73.08
C SER L 373 34.56 47.95 72.46
N ASP L 374 33.48 48.25 73.18
CA ASP L 374 32.13 47.99 72.63
C ASP L 374 31.46 49.29 72.18
N GLN L 375 32.24 50.37 72.20
CA GLN L 375 31.71 51.66 71.79
C GLN L 375 31.73 51.76 70.30
N LEU L 376 32.92 52.09 69.81
CA LEU L 376 33.20 52.28 68.40
C LEU L 376 32.59 51.18 67.55
N TYR L 377 32.18 50.09 68.19
CA TYR L 377 31.59 48.98 67.45
C TYR L 377 30.18 49.34 67.00
N SER L 378 29.30 49.48 67.99
CA SER L 378 27.90 49.82 67.74
C SER L 378 27.73 51.25 67.25
N ALA L 379 28.68 52.10 67.62
CA ALA L 379 28.64 53.50 67.25
C ALA L 379 29.08 53.66 65.81
N TYR L 380 30.16 52.99 65.46
CA TYR L 380 30.63 53.08 64.11
C TYR L 380 29.64 52.53 63.13
N ALA L 381 29.38 51.22 63.19
CA ALA L 381 28.44 50.57 62.26
C ALA L 381 27.14 51.33 62.10
N ASN L 382 26.79 52.07 63.14
CA ASN L 382 25.57 52.84 63.11
C ASN L 382 25.61 53.84 61.94
N GLY L 383 26.80 54.37 61.64
CA GLY L 383 26.93 55.34 60.57
C GLY L 383 26.88 54.72 59.18
N VAL L 384 27.29 53.46 59.11
CA VAL L 384 27.31 52.73 57.86
C VAL L 384 25.93 52.62 57.21
N ASP L 385 24.92 53.23 57.83
CA ASP L 385 23.57 53.19 57.29
C ASP L 385 23.41 54.37 56.35
N ILE L 386 23.73 55.55 56.86
CA ILE L 386 23.66 56.75 56.05
C ILE L 386 24.80 56.77 55.05
N ARG L 387 25.40 55.60 54.82
CA ARG L 387 26.55 55.51 53.91
C ARG L 387 26.17 55.07 52.50
N LYS L 388 25.10 54.27 52.40
CA LYS L 388 24.62 53.82 51.10
C LYS L 388 23.30 54.51 50.77
N LEU L 389 22.84 55.37 51.66
CA LEU L 389 21.59 56.05 51.42
C LEU L 389 21.75 57.47 50.94
N VAL L 390 22.76 57.76 50.12
CA VAL L 390 22.91 59.13 49.64
C VAL L 390 21.86 59.37 48.57
N ALA L 391 21.89 58.51 47.56
CA ALA L 391 20.98 58.53 46.40
C ALA L 391 19.51 58.61 46.77
N ILE L 392 19.22 58.36 48.03
CA ILE L 392 17.85 58.41 48.48
C ILE L 392 17.39 59.86 48.57
N ILE L 393 18.02 60.60 49.47
CA ILE L 393 17.70 62.01 49.69
C ILE L 393 18.85 62.91 49.31
N GLY L 394 20.04 62.61 49.82
CA GLY L 394 21.20 63.43 49.51
C GLY L 394 22.02 63.73 50.74
N GLU L 395 22.96 64.67 50.59
CA GLU L 395 23.84 65.04 51.68
C GLU L 395 23.11 65.86 52.75
N ASP L 396 22.65 67.06 52.39
CA ASP L 396 21.93 67.93 53.31
C ASP L 396 20.46 67.54 53.48
N ALA L 397 20.02 66.53 52.73
CA ALA L 397 18.65 66.08 52.81
C ALA L 397 18.44 65.28 54.09
N LEU L 398 19.53 65.02 54.80
CA LEU L 398 19.44 64.26 56.02
C LEU L 398 19.71 65.13 57.20
N THR L 399 19.11 64.74 58.31
CA THR L 399 19.24 65.46 59.57
C THR L 399 20.70 65.65 59.96
N GLU L 400 20.95 66.60 60.87
CA GLU L 400 22.29 66.90 61.37
C GLU L 400 22.83 65.78 62.26
N ASN L 401 22.07 65.45 63.31
CA ASN L 401 22.49 64.43 64.24
C ASN L 401 22.86 63.12 63.55
N ASP L 402 22.01 62.60 62.68
CA ASP L 402 22.30 61.35 62.00
C ASP L 402 23.23 61.53 60.79
N ARG L 403 23.16 62.67 60.13
CA ARG L 403 24.01 62.92 58.98
C ARG L 403 25.45 62.93 59.50
N ARG L 404 25.63 63.46 60.70
CA ARG L 404 26.94 63.53 61.33
C ARG L 404 27.57 62.15 61.49
N TYR L 405 26.71 61.16 61.77
CA TYR L 405 27.15 59.77 61.93
C TYR L 405 27.73 59.28 60.61
N LEU L 406 27.84 60.17 59.64
CA LEU L 406 28.36 59.83 58.33
C LEU L 406 29.85 60.17 58.19
N GLN L 407 30.17 61.47 58.25
CA GLN L 407 31.55 61.94 58.12
C GLN L 407 32.49 61.04 58.89
N PHE L 408 31.95 60.42 59.93
CA PHE L 408 32.70 59.53 60.78
C PHE L 408 33.19 58.30 60.03
N ALA L 409 32.25 57.60 59.40
CA ALA L 409 32.56 56.39 58.67
C ALA L 409 33.67 56.61 57.62
N ASP L 410 33.61 57.71 56.88
CA ASP L 410 34.62 57.98 55.86
C ASP L 410 36.00 58.27 56.45
N ALA L 411 36.02 59.06 57.52
CA ALA L 411 37.25 59.41 58.21
C ALA L 411 37.69 58.18 59.01
N PHE L 412 36.77 57.24 59.13
CA PHE L 412 37.03 56.02 59.86
C PHE L 412 37.67 54.93 58.98
N GLU L 413 37.19 54.74 57.75
CA GLU L 413 37.78 53.71 56.91
C GLU L 413 39.08 54.18 56.27
N ARG L 414 39.03 55.37 55.68
CA ARG L 414 40.19 55.95 55.02
C ARG L 414 41.38 56.08 55.99
N PHE L 415 41.17 56.67 57.17
CA PHE L 415 42.27 56.87 58.12
C PHE L 415 42.35 55.87 59.24
N PHE L 416 41.23 55.56 59.85
CA PHE L 416 41.20 54.61 60.95
C PHE L 416 41.56 53.18 60.52
N ILE L 417 40.88 52.64 59.49
CA ILE L 417 41.16 51.27 59.05
C ILE L 417 42.36 51.14 58.13
N ASN L 418 42.45 52.00 57.12
CA ASN L 418 43.59 51.97 56.23
C ASN L 418 44.76 52.56 57.00
N GLN L 419 45.62 51.69 57.50
CA GLN L 419 46.79 52.11 58.26
C GLN L 419 48.07 51.56 57.63
N GLY L 420 47.95 50.95 56.44
CA GLY L 420 49.09 50.39 55.74
C GLY L 420 50.14 49.70 56.60
N GLN L 421 51.41 50.07 56.37
CA GLN L 421 52.56 49.50 57.10
C GLN L 421 52.80 50.13 58.47
N GLN L 422 52.13 51.25 58.74
CA GLN L 422 52.25 51.97 60.02
C GLN L 422 52.23 50.98 61.17
N ASN L 423 52.83 51.36 62.30
CA ASN L 423 52.82 50.52 63.47
C ASN L 423 52.39 51.37 64.65
N ARG L 424 51.13 51.26 65.05
CA ARG L 424 50.63 52.03 66.17
C ARG L 424 50.67 51.26 67.46
N SER L 425 51.45 51.75 68.40
CA SER L 425 51.58 51.10 69.70
C SER L 425 50.18 50.91 70.28
N ILE L 426 50.03 49.87 71.09
CA ILE L 426 48.75 49.54 71.71
C ILE L 426 48.10 50.78 72.30
N GLU L 427 48.92 51.73 72.71
CA GLU L 427 48.41 52.95 73.30
C GLU L 427 48.19 54.01 72.24
N GLU L 428 49.10 54.11 71.27
CA GLU L 428 48.92 55.10 70.21
C GLU L 428 47.72 54.70 69.37
N SER L 429 47.31 53.45 69.51
CA SER L 429 46.19 52.91 68.77
C SER L 429 44.86 53.20 69.42
N LEU L 430 44.82 53.22 70.75
CA LEU L 430 43.57 53.48 71.45
C LEU L 430 43.12 54.94 71.36
N GLN L 431 44.09 55.84 71.36
CA GLN L 431 43.81 57.27 71.28
C GLN L 431 42.92 57.59 70.08
N ILE L 432 43.39 57.20 68.90
CA ILE L 432 42.67 57.45 67.65
C ILE L 432 41.15 57.35 67.82
N ALA L 433 40.67 56.24 68.40
CA ALA L 433 39.24 56.01 68.63
C ALA L 433 38.62 57.25 69.24
N TRP L 434 39.15 57.63 70.39
CA TRP L 434 38.71 58.83 71.08
C TRP L 434 38.58 59.93 70.05
N ALA L 435 39.73 60.34 69.50
CA ALA L 435 39.79 61.39 68.49
C ALA L 435 38.61 61.37 67.52
N LEU L 436 38.32 60.20 66.95
CA LEU L 436 37.22 60.11 66.00
C LEU L 436 35.88 60.38 66.68
N LEU L 437 35.72 59.85 67.88
CA LEU L 437 34.49 60.01 68.66
C LEU L 437 34.11 61.48 68.92
N SER L 438 35.08 62.38 68.84
CA SER L 438 34.83 63.80 69.08
C SER L 438 33.79 64.37 68.13
N MET L 439 33.57 63.68 67.01
CA MET L 439 32.59 64.12 66.02
C MET L 439 31.30 64.49 66.74
N LEU L 440 30.79 63.52 67.49
CA LEU L 440 29.56 63.72 68.23
C LEU L 440 29.82 64.33 69.61
N PRO L 441 29.25 65.51 69.85
CA PRO L 441 29.40 66.22 71.13
C PRO L 441 29.31 65.27 72.31
N GLN L 442 30.16 65.47 73.31
CA GLN L 442 30.16 64.61 74.48
C GLN L 442 28.75 64.49 75.03
N GLY L 443 28.12 63.34 74.81
CA GLY L 443 26.77 63.13 75.28
C GLY L 443 25.92 62.30 74.33
N GLU L 444 26.46 62.04 73.14
CA GLU L 444 25.74 61.25 72.13
C GLU L 444 26.12 59.77 72.16
N LEU L 445 27.27 59.44 72.73
CA LEU L 445 27.70 58.05 72.81
C LEU L 445 26.95 57.35 73.93
N LYS L 446 26.14 56.35 73.57
CA LYS L 446 25.39 55.63 74.57
C LYS L 446 26.10 54.36 74.99
N ARG L 447 27.22 54.05 74.34
CA ARG L 447 27.97 52.86 74.66
C ARG L 447 28.85 52.95 75.91
N ILE L 448 29.84 53.84 75.89
CA ILE L 448 30.72 53.99 77.04
C ILE L 448 30.05 54.84 78.10
N SER L 449 30.61 54.85 79.31
CA SER L 449 30.06 55.62 80.41
C SER L 449 30.53 57.07 80.35
N LYS L 450 29.70 57.95 80.88
CA LYS L 450 29.99 59.38 80.90
C LYS L 450 31.32 59.59 81.59
N ASP L 451 31.60 58.70 82.53
CA ASP L 451 32.81 58.77 83.32
C ASP L 451 34.07 58.74 82.46
N HIS L 452 34.18 57.73 81.60
CA HIS L 452 35.33 57.57 80.74
C HIS L 452 35.39 58.56 79.58
N ILE L 453 34.25 58.83 78.97
CA ILE L 453 34.22 59.76 77.85
C ILE L 453 34.38 61.19 78.32
N GLY L 454 33.86 61.47 79.50
CA GLY L 454 33.97 62.80 80.05
C GLY L 454 35.41 63.14 80.38
N LYS L 455 36.31 62.19 80.10
CA LYS L 455 37.73 62.38 80.37
C LYS L 455 38.58 62.24 79.11
N TYR L 456 38.72 61.02 78.61
CA TYR L 456 39.50 60.75 77.41
C TYR L 456 38.90 61.46 76.20
N TYR L 457 37.66 61.10 75.89
CA TYR L 457 36.91 61.66 74.77
C TYR L 457 37.78 62.02 73.57
N GLU M 1 19.91 -26.31 62.13
CA GLU M 1 20.88 -25.46 62.86
C GLU M 1 22.24 -25.47 62.15
N TYR M 2 22.79 -24.31 61.82
CA TYR M 2 24.08 -24.30 61.13
C TYR M 2 24.96 -23.16 61.63
N THR M 3 26.23 -23.46 61.85
CA THR M 3 27.18 -22.46 62.32
C THR M 3 28.13 -22.06 61.21
N GLY M 4 27.54 -21.46 60.18
CA GLY M 4 28.31 -20.98 59.05
C GLY M 4 28.43 -19.48 59.21
N ILE M 5 29.52 -19.06 59.85
CA ILE M 5 29.76 -17.65 60.09
C ILE M 5 31.17 -17.31 59.67
N THR M 6 31.36 -16.74 58.49
CA THR M 6 32.71 -16.40 58.08
C THR M 6 32.90 -14.91 57.81
N TYR M 7 31.82 -14.16 57.66
CA TYR M 7 31.95 -12.71 57.48
C TYR M 7 30.95 -12.04 58.38
N ILE M 8 31.24 -10.81 58.74
CA ILE M 8 30.39 -10.12 59.66
C ILE M 8 30.33 -8.66 59.36
N SER M 9 29.11 -8.16 59.12
CA SER M 9 28.88 -6.74 58.84
C SER M 9 27.73 -6.19 59.68
N GLY M 10 27.67 -4.88 59.86
CA GLY M 10 26.62 -4.26 60.65
C GLY M 10 25.24 -4.77 60.28
N PRO M 11 25.05 -5.12 59.01
CA PRO M 11 23.78 -5.65 58.49
C PRO M 11 23.77 -7.15 58.60
N LEU M 12 23.74 -7.82 57.48
CA LEU M 12 23.75 -9.25 57.50
C LEU M 12 25.21 -9.63 57.35
N LEU M 13 25.50 -10.92 57.24
CA LEU M 13 26.87 -11.39 57.04
C LEU M 13 26.94 -12.79 56.42
N PHE M 14 28.12 -13.12 55.88
CA PHE M 14 28.38 -14.41 55.22
C PHE M 14 27.93 -15.61 56.02
N VAL M 15 27.16 -16.48 55.37
CA VAL M 15 26.61 -17.71 55.95
C VAL M 15 26.35 -18.75 54.85
N GLU M 16 27.03 -19.88 54.94
CA GLU M 16 26.89 -20.96 53.96
C GLU M 16 26.28 -22.18 54.61
N ASN M 17 26.21 -23.27 53.86
CA ASN M 17 25.65 -24.51 54.38
C ASN M 17 24.19 -24.30 54.77
N ALA M 18 23.74 -23.04 54.74
CA ALA M 18 22.37 -22.73 55.08
C ALA M 18 21.68 -22.46 53.77
N LYS M 19 22.27 -22.98 52.72
CA LYS M 19 21.76 -22.79 51.39
C LYS M 19 20.52 -23.65 51.13
N ASP M 20 20.25 -24.61 52.00
CA ASP M 20 19.08 -25.47 51.82
C ASP M 20 17.94 -24.97 52.67
N LEU M 21 18.22 -23.99 53.51
CA LEU M 21 17.21 -23.42 54.37
C LEU M 21 16.26 -22.57 53.54
N ALA M 22 15.03 -22.44 53.99
CA ALA M 22 14.04 -21.64 53.28
C ALA M 22 14.67 -20.29 52.96
N TYR M 23 14.18 -19.62 51.94
CA TYR M 23 14.72 -18.32 51.58
C TYR M 23 13.93 -17.18 52.22
N GLY M 24 14.64 -16.21 52.78
CA GLY M 24 13.98 -15.08 53.43
C GLY M 24 13.08 -15.57 54.54
N ALA M 25 13.50 -16.62 55.21
CA ALA M 25 12.71 -17.17 56.27
C ALA M 25 13.05 -16.48 57.58
N ILE M 26 12.45 -16.96 58.65
CA ILE M 26 12.69 -16.42 59.99
C ILE M 26 13.71 -17.30 60.71
N VAL M 27 14.87 -16.72 60.96
CA VAL M 27 15.92 -17.47 61.61
C VAL M 27 16.28 -16.80 62.91
N ASP M 28 16.75 -17.62 63.87
CA ASP M 28 17.16 -17.09 65.16
C ASP M 28 18.64 -17.32 65.41
N ILE M 29 19.26 -16.35 66.08
CA ILE M 29 20.68 -16.40 66.37
C ILE M 29 21.09 -16.00 67.81
N LYS M 30 21.65 -16.97 68.56
CA LYS M 30 22.14 -16.83 69.96
C LYS M 30 23.54 -16.26 69.99
N ASP M 31 23.74 -15.05 70.51
CA ASP M 31 25.06 -14.44 70.49
C ASP M 31 26.20 -15.31 71.03
N GLY M 32 25.83 -16.49 71.52
CA GLY M 32 26.86 -17.30 72.08
C GLY M 32 27.03 -16.59 73.39
N THR M 33 25.91 -16.59 74.09
CA THR M 33 25.70 -16.02 75.41
C THR M 33 24.35 -16.58 75.78
N GLY M 34 23.56 -16.81 74.74
CA GLY M 34 22.23 -17.30 74.92
C GLY M 34 21.37 -16.26 74.28
N ARG M 35 21.87 -15.03 74.30
CA ARG M 35 21.13 -13.95 73.68
C ARG M 35 20.85 -14.38 72.24
N VAL M 36 19.59 -14.26 71.80
CA VAL M 36 19.18 -14.65 70.44
C VAL M 36 18.26 -13.63 69.76
N ARG M 37 18.35 -13.53 68.44
CA ARG M 37 17.53 -12.58 67.69
C ARG M 37 17.15 -13.12 66.30
N GLY M 38 16.36 -12.33 65.55
CA GLY M 38 15.93 -12.76 64.23
C GLY M 38 16.52 -12.06 63.02
N GLY M 39 15.89 -12.27 61.88
CA GLY M 39 16.40 -11.65 60.68
C GLY M 39 15.79 -12.39 59.52
N GLN M 40 16.03 -11.92 58.31
CA GLN M 40 15.45 -12.55 57.11
C GLN M 40 16.52 -13.27 56.35
N VAL M 41 16.11 -14.13 55.42
CA VAL M 41 17.08 -14.89 54.65
C VAL M 41 17.22 -14.40 53.21
N ILE M 42 17.92 -13.29 53.05
CA ILE M 42 18.10 -12.70 51.74
C ILE M 42 19.45 -12.95 51.12
N GLU M 43 19.43 -13.37 49.85
CA GLU M 43 20.63 -13.65 49.05
C GLU M 43 21.18 -15.01 49.45
N VAL M 44 20.27 -15.99 49.54
CA VAL M 44 20.60 -17.37 49.93
C VAL M 44 21.50 -18.11 48.92
N SER M 45 22.10 -17.33 48.04
CA SER M 45 22.98 -17.84 47.01
C SER M 45 23.86 -18.94 47.56
N GLU M 46 24.13 -19.92 46.73
CA GLU M 46 25.02 -20.98 47.14
C GLU M 46 26.33 -20.27 47.45
N GLU M 47 26.65 -19.29 46.60
CA GLU M 47 27.88 -18.52 46.72
C GLU M 47 28.11 -17.99 48.13
N TYR M 48 27.02 -17.73 48.84
CA TYR M 48 27.06 -17.26 50.21
C TYR M 48 25.74 -16.62 50.61
N ALA M 49 25.05 -17.26 51.55
CA ALA M 49 23.79 -16.74 52.03
C ALA M 49 24.06 -15.60 53.04
N VAL M 50 23.18 -14.59 53.08
CA VAL M 50 23.31 -13.45 54.02
C VAL M 50 22.05 -13.18 54.84
N ILE M 51 22.25 -12.84 56.11
CA ILE M 51 21.15 -12.62 57.06
C ILE M 51 20.84 -11.28 57.67
N GLN M 52 19.55 -10.97 57.70
CA GLN M 52 19.01 -9.70 58.21
C GLN M 52 19.18 -9.33 59.67
N VAL M 53 20.15 -8.45 59.93
CA VAL M 53 20.40 -8.02 61.30
C VAL M 53 19.25 -7.19 61.81
N PHE M 54 18.65 -7.63 62.91
CA PHE M 54 17.54 -6.92 63.53
C PHE M 54 18.01 -5.67 64.24
N GLU M 55 18.89 -5.86 65.20
CA GLU M 55 19.35 -4.74 65.99
C GLU M 55 20.75 -4.99 66.50
N GLU M 56 21.13 -4.18 67.47
CA GLU M 56 22.43 -4.26 68.10
C GLU M 56 23.36 -5.16 67.29
N THR M 57 23.81 -4.60 66.17
CA THR M 57 24.71 -5.32 65.29
C THR M 57 25.81 -6.04 66.11
N THR M 58 25.95 -5.66 67.38
CA THR M 58 26.96 -6.26 68.27
C THR M 58 26.58 -7.60 68.87
N GLY M 59 27.41 -8.06 69.80
CA GLY M 59 27.16 -9.32 70.46
C GLY M 59 27.43 -10.49 69.55
N LEU M 60 27.10 -10.32 68.29
CA LEU M 60 27.29 -11.37 67.31
C LEU M 60 28.76 -11.78 67.25
N ASP M 61 29.01 -13.07 67.04
CA ASP M 61 30.39 -13.52 66.97
C ASP M 61 30.62 -14.68 66.00
N LEU M 62 31.85 -14.81 65.52
CA LEU M 62 32.21 -15.83 64.54
C LEU M 62 32.21 -17.24 65.08
N ALA M 63 32.44 -17.39 66.38
CA ALA M 63 32.47 -18.69 67.00
C ALA M 63 31.08 -19.19 67.31
N THR M 64 30.51 -18.72 68.41
CA THR M 64 29.18 -19.17 68.75
C THR M 64 28.26 -18.46 67.82
N THR M 65 27.00 -18.39 68.21
CA THR M 65 26.03 -17.71 67.38
C THR M 65 25.69 -18.60 66.19
N SER M 66 24.53 -19.23 66.24
CA SER M 66 24.10 -20.00 65.12
C SER M 66 22.64 -19.69 64.87
N VAL M 67 22.21 -19.99 63.66
CA VAL M 67 20.86 -19.71 63.24
C VAL M 67 19.91 -20.86 63.42
N SER M 68 18.63 -20.55 63.35
CA SER M 68 17.59 -21.56 63.51
C SER M 68 16.38 -21.29 62.60
N LEU M 69 16.14 -22.20 61.66
CA LEU M 69 15.01 -22.04 60.77
C LEU M 69 13.74 -22.30 61.54
N VAL M 70 12.92 -21.27 61.66
CA VAL M 70 11.67 -21.35 62.41
C VAL M 70 10.45 -21.39 61.49
N GLU M 71 10.49 -20.57 60.45
CA GLU M 71 9.43 -20.49 59.45
C GLU M 71 10.06 -20.08 58.10
N ASP M 72 9.40 -20.41 57.00
CA ASP M 72 9.96 -20.04 55.73
C ASP M 72 9.77 -18.57 55.44
N VAL M 73 8.67 -18.01 55.95
CA VAL M 73 8.42 -16.61 55.68
C VAL M 73 7.58 -15.95 56.75
N ALA M 74 7.43 -14.63 56.63
CA ALA M 74 6.65 -13.81 57.54
C ALA M 74 5.36 -14.52 57.94
N ARG M 75 5.19 -14.81 59.22
CA ARG M 75 4.01 -15.51 59.67
C ARG M 75 3.84 -15.28 61.16
N LEU M 76 2.60 -15.36 61.63
CA LEU M 76 2.21 -15.26 63.03
C LEU M 76 0.69 -15.42 63.08
N GLY M 77 0.19 -15.92 64.19
CA GLY M 77 -1.24 -16.16 64.30
C GLY M 77 -2.11 -15.00 64.74
N VAL M 78 -3.37 -15.08 64.37
CA VAL M 78 -4.30 -14.05 64.76
C VAL M 78 -5.63 -14.66 65.17
N SER M 79 -5.97 -14.52 66.44
CA SER M 79 -7.22 -15.05 66.94
C SER M 79 -8.11 -13.87 67.26
N LYS M 80 -9.35 -14.14 67.65
CA LYS M 80 -10.28 -13.06 67.96
C LYS M 80 -10.02 -12.40 69.30
N GLU M 81 -9.54 -13.17 70.26
CA GLU M 81 -9.23 -12.63 71.58
C GLU M 81 -8.43 -11.33 71.46
N MET M 82 -7.75 -11.15 70.33
CA MET M 82 -6.89 -10.00 70.04
C MET M 82 -7.56 -8.66 70.12
N LEU M 83 -8.78 -8.66 70.63
CA LEU M 83 -9.54 -7.45 70.79
C LEU M 83 -9.08 -6.71 72.02
N GLY M 84 -8.62 -5.48 71.80
CA GLY M 84 -8.17 -4.66 72.90
C GLY M 84 -6.93 -5.19 73.58
N ARG M 85 -6.10 -5.88 72.80
CA ARG M 85 -4.85 -6.43 73.33
C ARG M 85 -3.74 -5.49 72.84
N ARG M 86 -2.51 -5.72 73.29
CA ARG M 86 -1.41 -4.83 72.91
C ARG M 86 -0.07 -5.55 72.71
N PHE M 87 0.36 -5.65 71.46
CA PHE M 87 1.60 -6.39 71.14
C PHE M 87 2.72 -5.50 70.59
N ASN M 88 3.28 -4.63 71.41
CA ASN M 88 4.32 -3.75 70.89
C ASN M 88 5.39 -4.54 70.20
N GLY M 89 5.89 -3.93 69.14
CA GLY M 89 6.97 -4.48 68.35
C GLY M 89 6.80 -5.89 67.82
N ILE M 90 7.06 -6.05 66.52
CA ILE M 90 6.99 -7.34 65.85
C ILE M 90 5.71 -8.05 66.22
N GLY M 91 4.88 -7.36 66.99
CA GLY M 91 3.63 -7.94 67.40
C GLY M 91 3.76 -8.84 68.60
N LYS M 92 4.42 -8.37 69.63
CA LYS M 92 4.52 -9.19 70.81
C LYS M 92 3.80 -8.53 71.95
N PRO M 93 2.83 -9.25 72.54
CA PRO M 93 1.99 -8.82 73.67
C PRO M 93 2.88 -8.53 74.86
N ILE M 94 3.81 -7.61 74.65
CA ILE M 94 4.74 -7.23 75.69
C ILE M 94 4.01 -6.58 76.85
N ASP M 95 3.16 -5.60 76.54
CA ASP M 95 2.35 -4.89 77.54
C ASP M 95 2.60 -5.35 78.97
N GLY M 96 1.87 -6.39 79.36
CA GLY M 96 1.98 -6.98 80.69
C GLY M 96 1.01 -8.15 80.73
N LEU M 97 0.05 -8.10 79.82
CA LEU M 97 -0.99 -9.12 79.70
C LEU M 97 -0.44 -10.34 78.96
N PRO M 98 -0.60 -11.54 79.53
CA PRO M 98 -0.13 -12.79 78.94
C PRO M 98 -0.44 -12.97 77.47
N PRO M 99 0.60 -13.04 76.63
CA PRO M 99 0.47 -13.21 75.18
C PRO M 99 -0.34 -14.46 74.86
N ILE M 100 -1.63 -14.26 74.64
CA ILE M 100 -2.49 -15.40 74.34
C ILE M 100 -2.02 -16.13 73.12
N THR M 101 -2.46 -17.37 73.02
CA THR M 101 -2.12 -18.18 71.89
C THR M 101 -3.12 -17.89 70.79
N PRO M 102 -2.59 -17.47 69.64
CA PRO M 102 -3.30 -17.15 68.41
C PRO M 102 -4.15 -18.31 67.87
N GLU M 103 -5.35 -18.00 67.39
CA GLU M 103 -6.22 -19.01 66.83
C GLU M 103 -5.56 -19.59 65.59
N LYS M 104 -5.35 -18.73 64.59
CA LYS M 104 -4.76 -19.16 63.34
C LYS M 104 -3.46 -18.45 62.97
N ARG M 105 -2.41 -19.25 62.81
CA ARG M 105 -1.09 -18.73 62.46
C ARG M 105 -0.89 -18.76 60.94
N LEU M 106 -0.72 -17.56 60.39
CA LEU M 106 -0.53 -17.40 58.97
C LEU M 106 0.55 -16.37 58.74
N PRO M 107 0.92 -16.15 57.46
CA PRO M 107 1.95 -15.17 57.09
C PRO M 107 1.42 -13.73 57.23
N ILE M 108 2.31 -12.74 57.32
CA ILE M 108 1.87 -11.37 57.47
C ILE M 108 2.07 -10.52 56.23
N THR M 109 3.10 -10.83 55.48
CA THR M 109 3.39 -10.07 54.30
C THR M 109 2.14 -9.98 53.46
N GLY M 110 1.66 -11.15 53.04
CA GLY M 110 0.48 -11.20 52.21
C GLY M 110 0.53 -10.24 51.03
N LEU M 111 -0.33 -10.48 50.03
CA LEU M 111 -0.41 -9.64 48.84
C LEU M 111 -1.86 -9.28 48.57
N PRO M 112 -2.10 -8.05 48.09
CA PRO M 112 -3.45 -7.53 47.78
C PRO M 112 -4.39 -8.59 47.22
N LEU M 113 -5.67 -8.43 47.49
CA LEU M 113 -6.65 -9.39 46.98
C LEU M 113 -6.61 -9.26 45.47
N ASN M 114 -7.58 -9.86 44.79
CA ASN M 114 -7.59 -9.76 43.33
C ASN M 114 -8.22 -8.46 42.86
N PRO M 115 -7.50 -7.70 42.01
CA PRO M 115 -8.01 -6.44 41.49
C PRO M 115 -9.37 -6.63 40.80
N VAL M 116 -9.81 -7.88 40.77
CA VAL M 116 -11.07 -8.25 40.14
C VAL M 116 -12.22 -8.25 41.14
N ALA M 117 -11.99 -8.75 42.34
CA ALA M 117 -13.05 -8.79 43.33
C ALA M 117 -13.04 -7.55 44.18
N ARG M 118 -12.45 -6.47 43.69
CA ARG M 118 -12.39 -5.26 44.49
C ARG M 118 -13.53 -4.30 44.22
N ARG M 119 -14.53 -4.30 45.09
CA ARG M 119 -15.70 -3.41 44.97
C ARG M 119 -15.36 -1.92 44.96
N LYS M 120 -16.38 -1.10 44.64
CA LYS M 120 -16.26 0.36 44.62
C LYS M 120 -16.98 0.86 45.88
N PRO M 121 -16.40 1.84 46.58
CA PRO M 121 -17.00 2.36 47.80
C PRO M 121 -18.24 3.23 47.58
N GLU M 122 -19.25 2.94 48.40
CA GLU M 122 -20.53 3.63 48.36
C GLU M 122 -20.78 4.38 49.66
N GLN M 123 -20.58 3.68 50.78
CA GLN M 123 -20.79 4.23 52.13
C GLN M 123 -19.95 5.48 52.36
N PHE M 124 -20.40 6.36 53.25
CA PHE M 124 -19.69 7.59 53.54
C PHE M 124 -19.31 7.76 54.99
N ILE M 125 -18.02 7.92 55.19
CA ILE M 125 -17.51 8.12 56.52
C ILE M 125 -18.09 9.40 57.05
N GLN M 126 -19.13 9.28 57.88
CA GLN M 126 -19.76 10.46 58.48
C GLN M 126 -19.14 10.78 59.84
N THR M 127 -18.47 11.92 59.94
CA THR M 127 -17.84 12.30 61.19
C THR M 127 -18.30 13.64 61.70
N GLY M 128 -18.29 13.77 63.02
CA GLY M 128 -18.69 15.00 63.65
C GLY M 128 -17.68 16.08 63.31
N ILE M 129 -17.39 16.19 62.02
CA ILE M 129 -16.45 17.19 61.54
C ILE M 129 -16.69 17.62 60.10
N SER M 130 -17.48 18.70 59.98
CA SER M 130 -17.82 19.30 58.70
C SER M 130 -16.58 19.45 57.84
N THR M 131 -15.73 20.41 58.16
CA THR M 131 -14.50 20.64 57.43
C THR M 131 -14.06 19.47 56.54
N ILE M 132 -14.12 18.28 57.10
CA ILE M 132 -13.76 17.07 56.42
C ILE M 132 -14.77 16.61 55.40
N ASP M 133 -15.83 16.04 55.94
CA ASP M 133 -16.92 15.48 55.19
C ASP M 133 -17.56 16.45 54.19
N VAL M 134 -17.07 17.69 54.20
CA VAL M 134 -17.55 18.72 53.28
C VAL M 134 -16.77 18.70 51.96
N MET M 135 -15.55 19.23 52.00
CA MET M 135 -14.71 19.29 50.84
C MET M 135 -14.33 17.93 50.37
N ASN M 136 -13.77 17.18 51.29
CA ASN M 136 -13.27 15.89 50.94
C ASN M 136 -13.43 14.90 52.03
N THR M 137 -13.99 13.75 51.74
CA THR M 137 -14.14 12.76 52.79
C THR M 137 -13.86 11.37 52.36
N LEU M 138 -14.47 10.40 53.02
CA LEU M 138 -14.23 9.03 52.65
C LEU M 138 -15.41 8.10 52.70
N VAL M 139 -15.26 7.04 51.92
CA VAL M 139 -16.22 5.97 51.74
C VAL M 139 -15.84 4.77 52.61
N ARG M 140 -15.00 4.99 53.63
CA ARG M 140 -14.53 3.92 54.53
C ARG M 140 -13.75 2.83 53.76
N GLY M 141 -13.34 3.16 52.53
CA GLY M 141 -12.61 2.21 51.71
C GLY M 141 -11.55 2.83 50.81
N GLN M 142 -11.20 4.07 51.09
CA GLN M 142 -10.19 4.81 50.32
C GLN M 142 -9.15 5.41 51.28
N LYS M 143 -7.87 5.35 50.92
CA LYS M 143 -6.83 5.88 51.77
C LYS M 143 -6.39 7.26 51.34
N LEU M 144 -6.32 8.18 52.30
CA LEU M 144 -5.90 9.54 51.97
C LEU M 144 -4.74 9.93 52.85
N PRO M 145 -3.72 10.53 52.22
CA PRO M 145 -2.49 11.00 52.85
C PRO M 145 -2.64 12.29 53.70
N ILE M 146 -2.47 12.16 55.02
CA ILE M 146 -2.56 13.30 55.93
C ILE M 146 -1.18 13.79 56.24
N PHE M 147 -0.89 15.05 56.00
CA PHE M 147 0.43 15.54 56.29
C PHE M 147 0.35 16.53 57.43
N SER M 148 1.11 16.26 58.47
CA SER M 148 1.15 17.14 59.64
C SER M 148 2.48 17.93 59.70
N GLY M 149 3.33 17.57 60.65
CA GLY M 149 4.60 18.26 60.82
C GLY M 149 5.24 17.87 62.13
N SER M 150 6.51 18.22 62.29
CA SER M 150 7.26 17.91 63.51
C SER M 150 6.71 18.79 64.65
N GLY M 151 6.05 18.14 65.62
CA GLY M 151 5.48 18.88 66.75
C GLY M 151 4.14 19.50 66.40
N LEU M 152 3.53 19.03 65.31
CA LEU M 152 2.24 19.56 64.87
C LEU M 152 1.02 18.74 65.27
N PRO M 153 -0.11 19.43 65.49
CA PRO M 153 -1.36 18.81 65.88
C PRO M 153 -1.72 17.63 65.02
N ALA M 154 -0.92 16.60 65.01
CA ALA M 154 -1.24 15.47 64.18
C ALA M 154 -2.11 14.53 64.97
N ASN M 155 -1.90 14.50 66.27
CA ASN M 155 -2.66 13.60 67.13
C ASN M 155 -4.08 14.09 67.35
N GLU M 156 -4.19 15.31 67.82
CA GLU M 156 -5.49 15.89 68.07
C GLU M 156 -6.38 15.71 66.83
N ILE M 157 -5.85 16.12 65.70
CA ILE M 157 -6.61 16.08 64.46
C ILE M 157 -7.11 14.69 64.10
N ALA M 158 -6.21 13.73 63.98
CA ALA M 158 -6.59 12.39 63.62
C ALA M 158 -7.42 11.83 64.74
N ALA M 159 -7.23 12.43 65.91
CA ALA M 159 -7.93 11.96 67.07
C ALA M 159 -9.35 12.36 66.96
N GLN M 160 -9.54 13.65 66.94
CA GLN M 160 -10.89 14.18 66.85
C GLN M 160 -11.82 13.17 66.18
N ILE M 161 -11.69 13.06 64.86
CA ILE M 161 -12.50 12.17 64.02
C ILE M 161 -12.29 10.71 64.37
N ALA M 162 -11.31 10.44 65.22
CA ALA M 162 -11.04 9.09 65.61
C ALA M 162 -12.31 8.34 65.98
N ARG M 163 -12.99 8.81 67.02
CA ARG M 163 -14.21 8.17 67.49
C ARG M 163 -15.42 8.93 67.00
N GLN M 164 -15.27 10.26 66.88
CA GLN M 164 -16.35 11.15 66.42
C GLN M 164 -16.79 10.84 64.98
N ALA M 165 -16.35 9.70 64.46
CA ALA M 165 -16.70 9.29 63.12
C ALA M 165 -17.72 8.16 63.17
N THR M 166 -18.75 8.28 62.33
CA THR M 166 -19.81 7.27 62.25
C THR M 166 -20.16 6.99 60.78
N VAL M 167 -20.97 5.96 60.56
CA VAL M 167 -21.38 5.56 59.21
C VAL M 167 -22.88 5.71 58.99
N ARG M 168 -23.25 6.34 57.89
CA ARG M 168 -24.67 6.53 57.56
C ARG M 168 -25.09 5.77 56.32
N PRO M 169 -25.94 4.74 56.50
CA PRO M 169 -26.45 3.89 55.42
C PRO M 169 -27.79 4.35 54.85
N ASP M 170 -28.62 4.95 55.70
CA ASP M 170 -29.94 5.43 55.32
C ASP M 170 -29.99 6.13 53.97
N LEU M 171 -28.99 6.95 53.69
CA LEU M 171 -28.94 7.69 52.44
C LEU M 171 -28.12 6.88 51.44
N SER M 172 -27.22 6.06 51.97
CA SER M 172 -26.36 5.27 51.13
C SER M 172 -27.01 4.06 50.48
N GLY M 173 -27.60 3.19 51.29
CA GLY M 173 -28.25 2.01 50.74
C GLY M 173 -28.24 0.86 51.72
N GLU M 174 -27.06 0.39 52.08
CA GLU M 174 -26.93 -0.73 53.02
C GLU M 174 -27.53 -0.36 54.38
N GLY M 175 -27.67 -1.35 55.26
CA GLY M 175 -28.26 -1.07 56.56
C GLY M 175 -27.25 -1.33 57.67
N GLU M 176 -27.72 -1.37 58.92
CA GLU M 176 -26.82 -1.62 60.04
C GLU M 176 -26.97 -3.04 60.57
N LYS M 177 -26.30 -3.98 59.90
CA LYS M 177 -26.35 -5.39 60.28
C LYS M 177 -24.95 -5.97 60.52
N GLU M 178 -24.03 -5.68 59.62
CA GLU M 178 -22.66 -6.19 59.74
C GLU M 178 -21.60 -5.08 59.67
N GLU M 179 -21.58 -4.20 60.66
CA GLU M 179 -20.60 -3.10 60.68
C GLU M 179 -19.81 -2.99 61.99
N PRO M 180 -18.63 -3.62 62.05
CA PRO M 180 -17.75 -3.61 63.21
C PRO M 180 -16.60 -2.62 62.99
N PHE M 181 -16.67 -1.47 63.65
CA PHE M 181 -15.63 -0.47 63.47
C PHE M 181 -14.29 -0.83 64.07
N ALA M 182 -14.12 -2.10 64.37
CA ALA M 182 -12.87 -2.58 64.93
C ALA M 182 -11.66 -1.95 64.23
N VAL M 183 -10.83 -1.26 65.00
CA VAL M 183 -9.60 -0.63 64.50
C VAL M 183 -8.40 -0.86 65.44
N VAL M 184 -7.44 -1.64 64.96
CA VAL M 184 -6.24 -1.99 65.70
C VAL M 184 -5.36 -0.78 65.96
N PHE M 185 -4.24 -0.72 65.25
CA PHE M 185 -3.26 0.34 65.36
C PHE M 185 -1.85 -0.19 65.45
N ALA M 186 -0.93 0.46 64.73
CA ALA M 186 0.46 0.04 64.75
C ALA M 186 1.38 1.23 65.01
N ALA M 187 2.24 1.09 66.02
CA ALA M 187 3.19 2.14 66.40
C ALA M 187 4.44 2.09 65.55
N MET M 188 4.59 3.02 64.62
CA MET M 188 5.76 3.05 63.78
C MET M 188 6.64 4.21 64.24
N GLY M 189 7.70 3.85 64.96
CA GLY M 189 8.60 4.86 65.45
C GLY M 189 7.84 5.95 66.16
N ILE M 190 7.10 5.53 67.17
CA ILE M 190 6.32 6.45 67.96
C ILE M 190 7.24 7.16 68.93
N THR M 191 6.73 8.15 69.66
CA THR M 191 7.54 8.87 70.62
C THR M 191 6.90 8.79 72.01
N GLN M 192 7.47 9.51 72.97
CA GLN M 192 6.97 9.52 74.34
C GLN M 192 5.50 9.97 74.43
N ARG M 193 5.29 11.28 74.29
CA ARG M 193 3.96 11.87 74.36
C ARG M 193 3.04 11.35 73.27
N GLU M 194 3.47 11.48 72.03
CA GLU M 194 2.67 11.02 70.92
C GLU M 194 2.21 9.58 71.20
N LEU M 195 3.01 8.80 71.93
CA LEU M 195 2.60 7.41 72.23
C LEU M 195 1.59 7.37 73.38
N SER M 196 2.04 7.84 74.52
CA SER M 196 1.21 7.86 75.72
C SER M 196 -0.06 8.64 75.47
N TYR M 197 -0.11 9.31 74.31
CA TYR M 197 -1.25 10.14 73.99
C TYR M 197 -2.45 9.42 73.42
N PHE M 198 -2.27 8.61 72.40
CA PHE M 198 -3.44 7.97 71.89
C PHE M 198 -3.91 6.92 72.86
N ILE M 199 -3.14 6.77 73.92
CA ILE M 199 -3.44 5.81 74.99
C ILE M 199 -4.90 5.87 75.47
N GLN M 200 -5.24 7.02 76.05
CA GLN M 200 -6.57 7.27 76.61
C GLN M 200 -7.68 7.38 75.60
N GLU M 201 -7.39 7.95 74.45
CA GLU M 201 -8.41 8.09 73.42
C GLU M 201 -9.19 6.78 73.23
N PHE M 202 -8.66 5.69 73.71
CA PHE M 202 -9.35 4.43 73.56
C PHE M 202 -10.01 4.16 74.90
N GLU M 203 -9.17 4.12 75.95
CA GLU M 203 -9.63 3.85 77.31
C GLU M 203 -10.76 4.76 77.67
N ARG M 204 -10.93 5.78 76.85
CA ARG M 204 -11.99 6.74 77.06
C ARG M 204 -13.18 6.36 76.21
N THR M 205 -12.92 5.82 75.02
CA THR M 205 -14.02 5.40 74.15
C THR M 205 -14.19 3.90 74.22
N GLY M 206 -13.23 3.22 74.83
CA GLY M 206 -13.32 1.79 74.94
C GLY M 206 -12.67 1.14 73.73
N ALA M 207 -12.20 1.95 72.77
CA ALA M 207 -11.56 1.46 71.54
C ALA M 207 -10.45 0.46 71.83
N LEU M 208 -10.09 0.39 73.10
CA LEU M 208 -9.05 -0.49 73.57
C LEU M 208 -9.62 -1.87 73.92
N SER M 209 -10.90 -2.08 73.66
CA SER M 209 -11.56 -3.36 73.99
C SER M 209 -11.95 -4.07 72.74
N ARG M 210 -11.20 -3.85 71.69
CA ARG M 210 -11.51 -4.45 70.43
C ARG M 210 -10.46 -4.11 69.40
N SER M 211 -9.22 -3.93 69.84
CA SER M 211 -8.19 -3.56 68.90
C SER M 211 -6.86 -4.16 69.28
N VAL M 212 -5.99 -4.32 68.31
CA VAL M 212 -4.68 -4.83 68.61
C VAL M 212 -3.82 -3.58 68.76
N LEU M 213 -2.74 -3.69 69.52
CA LEU M 213 -1.87 -2.55 69.77
C LEU M 213 -0.42 -2.83 69.47
N PHE M 214 -0.08 -2.63 68.21
CA PHE M 214 1.29 -2.83 67.75
C PHE M 214 2.02 -1.57 68.08
N LEU M 215 3.26 -1.70 68.48
CA LEU M 215 4.00 -0.52 68.79
C LEU M 215 5.40 -0.64 68.25
N ASN M 216 6.16 0.43 68.31
CA ASN M 216 7.50 0.36 67.80
C ASN M 216 8.56 0.73 68.80
N LYS M 217 8.17 1.43 69.86
CA LYS M 217 9.14 1.88 70.87
C LYS M 217 10.05 2.96 70.31
N ALA M 218 10.17 3.03 68.98
CA ALA M 218 11.02 4.03 68.34
C ALA M 218 12.51 3.88 68.69
N ASP M 219 12.83 2.81 69.42
CA ASP M 219 14.20 2.54 69.84
C ASP M 219 14.39 1.04 69.88
N ASP M 220 13.27 0.33 69.81
CA ASP M 220 13.30 -1.12 69.79
C ASP M 220 14.04 -1.41 68.44
N PRO M 221 14.01 -2.67 67.93
CA PRO M 221 14.68 -3.02 66.66
C PRO M 221 14.42 -2.10 65.48
N THR M 222 15.42 -1.31 65.04
CA THR M 222 15.22 -0.39 63.93
C THR M 222 14.43 -1.11 62.88
N ILE M 223 14.84 -2.33 62.55
CA ILE M 223 14.12 -3.11 61.57
C ILE M 223 12.64 -3.31 61.97
N GLU M 224 12.36 -3.42 63.28
CA GLU M 224 10.99 -3.64 63.76
C GLU M 224 10.02 -2.71 63.08
N ARG M 225 10.49 -1.50 62.84
CA ARG M 225 9.67 -0.51 62.17
C ARG M 225 9.16 -0.99 60.80
N ILE M 226 9.88 -1.91 60.17
CA ILE M 226 9.47 -2.40 58.87
C ILE M 226 8.81 -3.74 59.01
N LEU M 227 8.60 -4.15 60.24
CA LEU M 227 8.00 -5.44 60.50
C LEU M 227 6.56 -5.29 60.88
N THR M 228 6.31 -4.45 61.87
CA THR M 228 4.93 -4.26 62.31
C THR M 228 4.08 -3.82 61.14
N PRO M 229 4.68 -3.15 60.13
CA PRO M 229 3.93 -2.69 58.95
C PRO M 229 3.16 -3.82 58.26
N ARG M 230 3.88 -4.73 57.61
CA ARG M 230 3.26 -5.84 56.87
C ARG M 230 2.50 -6.78 57.78
N MET M 231 2.76 -6.66 59.08
CA MET M 231 2.09 -7.49 60.08
C MET M 231 0.74 -6.86 60.33
N ALA M 232 0.81 -5.64 60.82
CA ALA M 232 -0.37 -4.89 61.10
C ALA M 232 -1.36 -5.12 59.98
N LEU M 233 -0.88 -5.01 58.75
CA LEU M 233 -1.74 -5.19 57.61
C LEU M 233 -2.53 -6.50 57.67
N THR M 234 -1.95 -7.58 57.19
CA THR M 234 -2.71 -8.81 57.20
C THR M 234 -3.73 -8.84 58.32
N VAL M 235 -3.34 -8.35 59.50
CA VAL M 235 -4.21 -8.32 60.67
C VAL M 235 -5.67 -8.12 60.29
N ALA M 236 -5.90 -7.03 59.60
CA ALA M 236 -7.23 -6.69 59.17
C ALA M 236 -7.75 -7.79 58.27
N GLU M 237 -6.89 -8.24 57.38
CA GLU M 237 -7.26 -9.26 56.42
C GLU M 237 -8.02 -10.43 56.99
N TYR M 238 -7.69 -10.78 58.23
CA TYR M 238 -8.36 -11.91 58.85
C TYR M 238 -9.78 -11.49 59.19
N LEU M 239 -9.90 -10.51 60.09
CA LEU M 239 -11.20 -10.04 60.58
C LEU M 239 -12.01 -9.26 59.57
N ALA M 240 -11.31 -8.66 58.63
CA ALA M 240 -11.99 -7.86 57.63
C ALA M 240 -12.77 -8.70 56.66
N PHE M 241 -12.05 -9.52 55.91
CA PHE M 241 -12.67 -10.33 54.89
C PHE M 241 -13.16 -11.66 55.38
N GLU M 242 -12.29 -12.34 56.13
CA GLU M 242 -12.63 -13.66 56.63
C GLU M 242 -13.90 -13.65 57.48
N HIS M 243 -14.01 -12.67 58.37
CA HIS M 243 -15.19 -12.58 59.19
C HIS M 243 -16.16 -11.56 58.64
N ASP M 244 -15.79 -10.99 57.50
CA ASP M 244 -16.61 -9.98 56.82
C ASP M 244 -16.63 -8.66 57.59
N TYR M 245 -15.81 -8.58 58.63
CA TYR M 245 -15.73 -7.38 59.45
C TYR M 245 -14.99 -6.26 58.71
N HIS M 246 -15.59 -5.07 58.67
CA HIS M 246 -14.97 -3.94 57.97
C HIS M 246 -13.70 -3.50 58.65
N VAL M 247 -13.25 -4.32 59.59
CA VAL M 247 -12.03 -4.01 60.32
C VAL M 247 -11.16 -2.97 59.62
N LEU M 248 -11.07 -1.77 60.19
CA LEU M 248 -10.24 -0.72 59.61
C LEU M 248 -9.08 -0.39 60.52
N VAL M 249 -7.85 -0.59 60.05
CA VAL M 249 -6.69 -0.29 60.89
C VAL M 249 -5.85 0.83 60.29
N ILE M 250 -5.60 1.84 61.11
CA ILE M 250 -4.81 2.97 60.67
C ILE M 250 -3.55 3.03 61.48
N LEU M 251 -2.41 2.90 60.83
CA LEU M 251 -1.13 2.95 61.51
C LEU M 251 -0.86 4.37 62.00
N THR M 252 0.24 4.57 62.70
CA THR M 252 0.59 5.88 63.23
C THR M 252 1.90 6.48 62.75
N ASP M 253 1.93 7.82 62.75
CA ASP M 253 3.09 8.58 62.33
C ASP M 253 4.01 7.69 61.52
N MET M 254 3.53 7.31 60.34
CA MET M 254 4.26 6.44 59.41
C MET M 254 5.57 7.08 58.99
N THR M 255 5.84 8.25 59.56
CA THR M 255 7.06 8.97 59.27
C THR M 255 8.28 8.14 59.65
N ASN M 256 8.30 7.69 60.89
CA ASN M 256 9.41 6.88 61.37
C ASN M 256 9.52 5.59 60.55
N TYR M 257 8.52 5.31 59.73
CA TYR M 257 8.56 4.11 58.89
C TYR M 257 9.48 4.42 57.73
N CYS M 258 9.10 5.39 56.91
CA CYS M 258 9.98 5.76 55.83
C CYS M 258 11.31 6.04 56.52
N GLU M 259 11.28 7.03 57.41
CA GLU M 259 12.46 7.46 58.19
C GLU M 259 13.49 6.38 58.41
N ALA M 260 13.11 5.37 59.16
CA ALA M 260 14.03 4.28 59.44
C ALA M 260 14.19 3.43 58.18
N LEU M 261 13.07 2.98 57.64
CA LEU M 261 13.10 2.12 56.47
C LEU M 261 14.10 2.56 55.40
N ARG M 262 14.21 3.86 55.18
CA ARG M 262 15.10 4.37 54.16
C ARG M 262 16.56 4.10 54.49
N GLU M 263 16.88 4.18 55.77
CA GLU M 263 18.26 3.96 56.17
C GLU M 263 18.68 2.54 55.87
N ILE M 264 17.73 1.64 55.72
CA ILE M 264 18.08 0.26 55.44
C ILE M 264 19.14 0.10 54.35
N GLY M 265 18.72 0.30 53.12
CA GLY M 265 19.65 0.15 52.02
C GLY M 265 20.95 0.87 52.23
N ALA M 266 20.99 1.81 53.17
CA ALA M 266 22.22 2.54 53.39
C ALA M 266 23.43 1.64 53.24
N ALA M 267 23.91 1.11 54.35
CA ALA M 267 25.07 0.23 54.31
C ALA M 267 24.68 -0.97 53.48
N ARG M 268 23.39 -1.06 53.18
CA ARG M 268 22.89 -2.15 52.36
C ARG M 268 23.27 -1.93 50.92
N GLU M 269 24.07 -0.90 50.67
CA GLU M 269 24.50 -0.57 49.33
C GLU M 269 23.33 -0.57 48.35
N GLU M 270 22.30 0.24 48.62
CA GLU M 270 21.15 0.28 47.73
C GLU M 270 21.30 1.37 46.67
N ILE M 271 22.35 2.17 46.81
CA ILE M 271 22.59 3.20 45.84
C ILE M 271 21.32 4.04 45.67
N PRO M 272 21.08 4.97 46.60
CA PRO M 272 19.91 5.82 46.51
C PRO M 272 19.92 6.56 45.18
N GLY M 273 18.77 7.00 44.73
CA GLY M 273 18.72 7.73 43.47
C GLY M 273 18.09 9.07 43.73
N ARG M 274 16.98 9.04 44.47
CA ARG M 274 16.23 10.27 44.79
C ARG M 274 17.02 11.21 45.69
N ARG M 275 16.32 12.07 46.41
CA ARG M 275 17.00 13.03 47.27
C ARG M 275 17.64 12.35 48.46
N GLY M 276 18.86 11.86 48.28
CA GLY M 276 19.53 11.19 49.37
C GLY M 276 18.82 9.90 49.80
N TYR M 277 17.65 9.64 49.22
CA TYR M 277 16.87 8.48 49.57
C TYR M 277 17.02 7.28 48.65
N PRO M 278 16.75 6.08 49.16
CA PRO M 278 16.83 4.82 48.43
C PRO M 278 16.23 4.85 47.02
N GLY M 279 17.05 4.48 46.03
CA GLY M 279 16.62 4.46 44.64
C GLY M 279 15.51 3.48 44.40
N TYR M 280 14.87 3.03 45.47
CA TYR M 280 13.78 2.08 45.33
C TYR M 280 12.71 2.42 46.31
N MET M 281 12.77 3.64 46.82
CA MET M 281 11.80 4.03 47.80
C MET M 281 10.40 3.53 47.44
N TYR M 282 9.84 4.03 46.36
CA TYR M 282 8.50 3.61 45.93
C TYR M 282 8.32 2.10 45.95
N THR M 283 9.40 1.42 45.58
CA THR M 283 9.39 -0.01 45.50
C THR M 283 8.74 -0.65 46.74
N ASP M 284 9.05 -0.13 47.92
CA ASP M 284 8.48 -0.68 49.15
C ASP M 284 7.06 -0.20 49.35
N LEU M 285 6.84 1.07 49.08
CA LEU M 285 5.54 1.64 49.25
C LEU M 285 4.55 0.83 48.54
N ALA M 286 5.01 -0.20 47.86
CA ALA M 286 4.10 -1.04 47.11
C ALA M 286 3.07 -1.73 48.00
N THR M 287 3.51 -2.66 48.84
CA THR M 287 2.55 -3.36 49.70
C THR M 287 1.94 -2.38 50.69
N ILE M 288 2.53 -1.20 50.76
CA ILE M 288 2.06 -0.18 51.66
C ILE M 288 0.56 -0.13 51.65
N TYR M 289 0.00 0.45 50.61
CA TYR M 289 -1.45 0.57 50.55
C TYR M 289 -2.04 -0.36 49.52
N GLU M 290 -1.18 -1.00 48.75
CA GLU M 290 -1.59 -1.91 47.69
C GLU M 290 -2.51 -2.96 48.27
N ARG M 291 -2.66 -2.94 49.59
CA ARG M 291 -3.48 -3.92 50.28
C ARG M 291 -4.81 -3.33 50.75
N ALA M 292 -4.97 -2.03 50.60
CA ALA M 292 -6.19 -1.36 51.01
C ALA M 292 -7.18 -1.37 49.86
N GLY M 293 -8.44 -1.12 50.17
CA GLY M 293 -9.49 -1.10 49.16
C GLY M 293 -10.79 -1.71 49.64
N VAL M 294 -11.64 -2.12 48.69
CA VAL M 294 -12.92 -2.77 49.00
C VAL M 294 -13.17 -3.92 48.03
N VAL M 295 -13.96 -4.92 48.46
CA VAL M 295 -14.21 -6.10 47.64
C VAL M 295 -15.60 -6.20 47.08
N GLU M 296 -15.69 -6.83 45.91
CA GLU M 296 -16.95 -7.03 45.24
C GLU M 296 -17.85 -7.99 45.99
N GLY M 297 -19.02 -7.50 46.39
CA GLY M 297 -19.96 -8.34 47.10
C GLY M 297 -19.53 -8.67 48.52
N LYS M 298 -18.23 -8.79 48.74
CA LYS M 298 -17.72 -9.11 50.07
C LYS M 298 -17.87 -7.91 51.01
N LYS M 299 -18.37 -8.17 52.22
CA LYS M 299 -18.59 -7.14 53.23
C LYS M 299 -17.33 -6.60 53.90
N GLY M 300 -16.19 -7.23 53.62
CA GLY M 300 -14.95 -6.78 54.22
C GLY M 300 -14.46 -5.51 53.56
N SER M 301 -14.19 -4.49 54.36
CA SER M 301 -13.72 -3.22 53.85
C SER M 301 -12.64 -2.61 54.74
N VAL M 302 -11.39 -2.82 54.36
CA VAL M 302 -10.24 -2.31 55.10
C VAL M 302 -9.72 -1.12 54.35
N THR M 303 -9.19 -0.17 55.09
CA THR M 303 -8.62 1.01 54.46
C THR M 303 -7.83 1.81 55.50
N GLN M 304 -6.53 1.92 55.24
CA GLN M 304 -5.53 2.61 56.07
C GLN M 304 -5.55 4.13 55.91
N ILE M 305 -5.59 4.87 57.02
CA ILE M 305 -5.60 6.31 56.92
C ILE M 305 -4.23 6.82 57.18
N PRO M 306 -3.46 7.09 56.13
CA PRO M 306 -2.10 7.61 56.24
C PRO M 306 -2.06 8.94 57.00
N ILE M 307 -1.41 8.93 58.14
CA ILE M 307 -1.28 10.13 58.91
C ILE M 307 0.16 10.21 59.39
N LEU M 308 0.97 11.04 58.74
CA LEU M 308 2.37 11.25 59.13
C LEU M 308 2.89 12.61 58.70
N SER M 309 3.68 13.21 59.58
CA SER M 309 4.24 14.53 59.36
C SER M 309 5.35 14.52 58.34
N MET M 310 5.40 15.55 57.51
CA MET M 310 6.44 15.63 56.52
C MET M 310 7.61 16.29 57.16
N PRO M 311 8.78 16.17 56.54
CA PRO M 311 10.06 16.73 56.98
C PRO M 311 9.90 18.02 57.75
N ASP M 312 10.42 19.12 57.20
CA ASP M 312 10.29 20.39 57.88
C ASP M 312 8.84 20.73 57.73
N ASP M 313 8.42 20.91 56.49
CA ASP M 313 7.04 21.24 56.19
C ASP M 313 6.86 21.30 54.66
N ASP M 314 7.80 20.75 53.91
CA ASP M 314 7.65 20.80 52.45
C ASP M 314 7.24 19.46 51.88
N ARG M 315 6.32 19.47 50.91
CA ARG M 315 5.87 18.23 50.29
C ARG M 315 6.87 17.83 49.21
N THR M 316 7.79 18.74 48.89
CA THR M 316 8.82 18.49 47.90
C THR M 316 9.42 17.12 48.17
N HIS M 317 9.61 16.83 49.44
CA HIS M 317 10.20 15.57 49.85
C HIS M 317 9.35 14.41 49.38
N PRO M 318 9.98 13.29 49.06
CA PRO M 318 9.23 12.14 48.60
C PRO M 318 8.39 11.58 49.73
N ILE M 319 8.81 11.85 50.97
CA ILE M 319 8.08 11.37 52.14
C ILE M 319 6.62 11.54 51.82
N PRO M 320 6.24 12.78 51.45
CA PRO M 320 4.86 13.05 51.11
C PRO M 320 4.59 12.86 49.62
N ASP M 321 5.60 13.19 48.80
CA ASP M 321 5.51 13.13 47.35
C ASP M 321 5.10 11.76 46.81
N LEU M 322 5.90 10.77 47.16
CA LEU M 322 5.62 9.42 46.72
C LEU M 322 4.23 9.05 47.23
N THR M 323 3.85 9.63 48.35
CA THR M 323 2.57 9.36 48.96
C THR M 323 1.43 9.77 48.05
N GLY M 324 1.62 10.91 47.40
CA GLY M 324 0.63 11.46 46.50
C GLY M 324 0.03 10.46 45.54
N TYR M 325 0.87 9.90 44.67
CA TYR M 325 0.39 8.93 43.70
C TYR M 325 -0.21 7.73 44.42
N ILE M 326 0.63 7.02 45.14
CA ILE M 326 0.17 5.85 45.84
C ILE M 326 -1.19 6.10 46.49
N THR M 327 -1.18 6.85 47.59
CA THR M 327 -2.39 7.16 48.32
C THR M 327 -3.33 7.89 47.43
N GLU M 328 -4.61 7.71 47.68
CA GLU M 328 -5.60 8.38 46.86
C GLU M 328 -5.80 9.79 47.42
N GLY M 329 -5.66 10.79 46.55
CA GLY M 329 -5.84 12.16 46.97
C GLY M 329 -4.66 12.72 47.74
N GLN M 330 -4.94 13.65 48.66
CA GLN M 330 -3.92 14.30 49.50
C GLN M 330 -4.47 15.46 50.35
N ILE M 331 -4.45 15.27 51.66
CA ILE M 331 -4.93 16.29 52.56
C ILE M 331 -3.84 16.71 53.53
N GLN M 332 -3.85 18.00 53.84
CA GLN M 332 -2.89 18.57 54.77
C GLN M 332 -3.55 19.57 55.72
N LEU M 333 -2.75 20.19 56.57
CA LEU M 333 -3.23 21.13 57.55
C LEU M 333 -2.56 22.51 57.34
N SER M 334 -1.58 22.56 56.43
CA SER M 334 -0.81 23.77 56.13
C SER M 334 -0.23 24.46 57.35
N ARG M 335 -0.26 23.77 58.49
CA ARG M 335 0.29 24.29 59.76
C ARG M 335 -0.05 25.75 59.98
N GLU M 336 -1.01 26.25 59.25
CA GLU M 336 -1.33 27.66 59.34
C GLU M 336 -2.55 27.85 60.17
N LEU M 337 -3.35 26.81 60.13
CA LEU M 337 -4.61 26.81 60.81
C LEU M 337 -4.38 26.81 62.30
N HIS M 338 -3.82 25.70 62.78
CA HIS M 338 -3.57 25.51 64.20
C HIS M 338 -2.59 26.54 64.76
N ARG M 339 -1.51 26.78 64.02
CA ARG M 339 -0.52 27.75 64.45
C ARG M 339 -1.20 29.10 64.76
N LYS M 340 -2.42 29.25 64.23
CA LYS M 340 -3.20 30.48 64.40
C LYS M 340 -4.48 30.35 65.26
N GLY M 341 -5.10 29.18 65.24
CA GLY M 341 -6.30 28.95 66.05
C GLY M 341 -7.34 28.10 65.36
N ILE M 342 -6.99 27.60 64.18
CA ILE M 342 -7.93 26.80 63.44
C ILE M 342 -7.87 25.34 63.80
N TYR M 343 -8.99 24.83 64.28
CA TYR M 343 -9.05 23.45 64.71
C TYR M 343 -10.42 22.86 64.36
N PRO M 344 -10.46 21.86 63.48
CA PRO M 344 -9.34 21.24 62.77
C PRO M 344 -8.58 22.22 61.92
N PRO M 345 -7.26 22.20 62.01
CA PRO M 345 -6.35 23.05 61.27
C PRO M 345 -6.03 22.52 59.90
N ILE M 346 -7.02 21.95 59.24
CA ILE M 346 -6.82 21.40 57.92
C ILE M 346 -7.02 22.46 56.83
N ASP M 347 -6.16 22.42 55.81
CA ASP M 347 -6.22 23.37 54.72
C ASP M 347 -6.74 22.73 53.44
N PRO M 348 -7.52 23.51 52.68
CA PRO M 348 -8.09 23.04 51.42
C PRO M 348 -7.12 23.07 50.24
N LEU M 349 -5.90 23.55 50.45
CA LEU M 349 -4.95 23.61 49.33
C LEU M 349 -4.81 22.24 48.66
N PRO M 350 -4.23 21.25 49.37
CA PRO M 350 -4.13 19.99 48.65
C PRO M 350 -5.28 19.04 48.89
N SER M 351 -6.02 19.25 49.97
CA SER M 351 -7.15 18.38 50.28
C SER M 351 -8.04 18.17 49.08
N LEU M 352 -8.32 16.89 48.78
CA LEU M 352 -9.18 16.46 47.66
C LEU M 352 -8.94 14.95 47.39
N SER M 353 -9.86 14.09 47.85
CA SER M 353 -9.69 12.64 47.69
C SER M 353 -10.00 12.02 46.31
N ARG M 354 -9.42 10.86 46.02
CA ARG M 354 -9.59 10.17 44.73
C ARG M 354 -10.84 9.28 44.64
N LEU M 355 -11.45 8.97 45.78
CA LEU M 355 -12.65 8.14 45.78
C LEU M 355 -13.81 8.92 46.36
N MET M 356 -13.65 10.24 46.44
CA MET M 356 -14.73 11.06 46.97
C MET M 356 -15.79 11.24 45.91
N ASN M 357 -15.37 11.27 44.65
CA ASN M 357 -16.27 11.44 43.52
C ASN M 357 -17.37 10.38 43.45
N ASN M 358 -16.98 9.12 43.28
CA ASN M 358 -17.96 8.03 43.20
C ASN M 358 -18.45 7.59 44.57
N GLY M 359 -19.67 7.98 44.91
CA GLY M 359 -20.23 7.63 46.20
C GLY M 359 -20.57 8.84 47.04
N VAL M 360 -20.85 9.95 46.38
CA VAL M 360 -21.23 11.20 47.07
C VAL M 360 -22.19 11.99 46.21
N GLY M 361 -22.42 13.25 46.61
CA GLY M 361 -23.32 14.12 45.87
C GLY M 361 -24.77 13.76 46.12
N LYS M 362 -25.39 13.07 45.17
CA LYS M 362 -26.78 12.68 45.35
C LYS M 362 -26.92 11.22 45.76
N GLY M 363 -28.06 10.92 46.38
CA GLY M 363 -28.32 9.57 46.85
C GLY M 363 -27.59 9.31 48.14
N LYS M 364 -26.28 9.13 48.01
CA LYS M 364 -25.41 8.88 49.15
C LYS M 364 -25.60 9.95 50.22
N THR M 365 -25.70 11.20 49.77
CA THR M 365 -25.85 12.33 50.67
C THR M 365 -26.62 13.48 50.01
N ARG M 366 -26.62 14.64 50.65
CA ARG M 366 -27.32 15.80 50.10
C ARG M 366 -26.93 16.01 48.64
N GLU M 367 -27.93 15.97 47.78
CA GLU M 367 -27.77 16.13 46.34
C GLU M 367 -27.10 17.43 45.92
N ASP M 368 -27.13 18.43 46.80
CA ASP M 368 -26.49 19.70 46.45
C ASP M 368 -25.05 19.76 46.93
N HIS M 369 -24.59 18.70 47.58
CA HIS M 369 -23.22 18.60 48.04
C HIS M 369 -22.38 18.51 46.78
N LYS M 370 -22.73 17.57 45.92
CA LYS M 370 -22.02 17.35 44.66
C LYS M 370 -21.89 18.63 43.87
N GLN M 371 -22.90 19.47 43.97
CA GLN M 371 -22.89 20.73 43.25
C GLN M 371 -22.07 21.81 43.96
N VAL M 372 -22.26 21.94 45.27
CA VAL M 372 -21.53 22.96 46.01
C VAL M 372 -20.08 22.57 46.20
N SER M 373 -19.74 21.39 45.71
CA SER M 373 -18.38 20.90 45.79
C SER M 373 -17.39 21.98 45.38
N ASP M 374 -17.36 22.21 44.08
CA ASP M 374 -16.45 23.13 43.47
C ASP M 374 -16.78 24.58 43.76
N GLN M 375 -18.06 24.89 43.86
CA GLN M 375 -18.47 26.27 44.09
C GLN M 375 -17.52 26.90 45.09
N LEU M 376 -17.49 26.32 46.28
CA LEU M 376 -16.65 26.79 47.37
C LEU M 376 -15.21 26.89 46.90
N TYR M 377 -14.76 25.89 46.14
CA TYR M 377 -13.37 25.86 45.68
C TYR M 377 -12.87 27.17 45.04
N SER M 378 -13.41 27.55 43.89
CA SER M 378 -12.96 28.78 43.22
C SER M 378 -13.28 30.04 44.00
N ALA M 379 -14.20 29.90 44.94
CA ALA M 379 -14.63 31.02 45.77
C ALA M 379 -13.62 31.36 46.86
N TYR M 380 -13.31 30.39 47.70
CA TYR M 380 -12.36 30.66 48.76
C TYR M 380 -10.99 31.03 48.20
N ALA M 381 -10.45 30.16 47.35
CA ALA M 381 -9.13 30.33 46.73
C ALA M 381 -8.82 31.75 46.31
N ASN M 382 -9.57 32.22 45.34
CA ASN M 382 -9.34 33.56 44.87
C ASN M 382 -9.60 34.51 46.04
N GLY M 383 -10.05 33.96 47.15
CA GLY M 383 -10.32 34.77 48.33
C GLY M 383 -9.03 35.26 48.94
N VAL M 384 -8.18 34.32 49.34
CA VAL M 384 -6.92 34.74 49.92
C VAL M 384 -6.08 35.47 48.87
N ASP M 385 -6.10 34.97 47.63
CA ASP M 385 -5.39 35.53 46.48
C ASP M 385 -5.40 37.03 46.67
N ILE M 386 -6.59 37.51 46.97
CA ILE M 386 -6.83 38.91 47.19
C ILE M 386 -6.01 39.43 48.36
N ARG M 387 -6.28 38.89 49.55
CA ARG M 387 -5.57 39.34 50.75
C ARG M 387 -4.08 39.50 50.51
N LYS M 388 -3.59 38.86 49.45
CA LYS M 388 -2.18 38.92 49.11
C LYS M 388 -1.73 40.31 48.64
N LEU M 389 -2.30 40.74 47.53
CA LEU M 389 -1.96 42.03 46.97
C LEU M 389 -2.51 43.17 47.85
N VAL M 390 -3.35 42.83 48.82
CA VAL M 390 -3.93 43.88 49.64
C VAL M 390 -2.87 44.68 50.38
N ALA M 391 -2.01 43.98 51.11
CA ALA M 391 -0.98 44.65 51.85
C ALA M 391 0.04 45.12 50.83
N ILE M 392 -0.22 44.83 49.56
CA ILE M 392 0.70 45.21 48.49
C ILE M 392 0.40 46.54 47.83
N ILE M 393 -0.80 47.07 48.03
CA ILE M 393 -1.18 48.35 47.42
C ILE M 393 -2.01 49.17 48.39
N GLY M 394 -2.57 48.48 49.38
CA GLY M 394 -3.41 49.14 50.36
C GLY M 394 -4.74 48.40 50.39
N GLU M 395 -5.25 48.18 51.60
CA GLU M 395 -6.50 47.48 51.81
C GLU M 395 -7.58 48.04 50.87
N ASP M 396 -7.30 49.22 50.33
CA ASP M 396 -8.23 49.87 49.42
C ASP M 396 -7.54 50.14 48.08
N ALA M 397 -8.01 49.45 47.05
CA ALA M 397 -7.49 49.57 45.69
C ALA M 397 -8.24 48.51 44.92
N LEU M 398 -9.35 48.08 45.49
CA LEU M 398 -10.19 47.03 44.91
C LEU M 398 -11.64 47.46 44.77
N THR M 399 -12.45 46.61 44.12
CA THR M 399 -13.87 46.88 43.87
C THR M 399 -14.82 45.78 44.41
N GLU M 400 -16.09 45.84 44.02
CA GLU M 400 -17.08 44.84 44.46
C GLU M 400 -16.68 43.46 43.99
N ASN M 401 -15.73 43.44 43.05
CA ASN M 401 -15.22 42.21 42.47
C ASN M 401 -14.30 41.50 43.47
N ASP M 402 -13.87 42.21 44.51
CA ASP M 402 -12.97 41.66 45.52
C ASP M 402 -13.59 41.73 46.92
N ARG M 403 -14.22 42.86 47.25
CA ARG M 403 -14.83 43.03 48.56
C ARG M 403 -15.75 41.85 48.91
N ARG M 404 -16.14 41.06 47.92
CA ARG M 404 -17.02 39.91 48.17
C ARG M 404 -16.27 38.57 48.34
N TYR M 405 -15.24 38.34 47.53
CA TYR M 405 -14.45 37.11 47.61
C TYR M 405 -13.62 37.18 48.89
N LEU M 406 -13.36 38.41 49.32
CA LEU M 406 -12.59 38.69 50.52
C LEU M 406 -13.26 38.00 51.69
N GLN M 407 -14.36 38.57 52.14
CA GLN M 407 -15.11 38.02 53.26
C GLN M 407 -15.32 36.52 53.07
N PHE M 408 -15.09 36.04 51.84
CA PHE M 408 -15.25 34.62 51.58
C PHE M 408 -14.08 33.85 52.15
N ALA M 409 -12.98 34.56 52.40
CA ALA M 409 -11.78 33.93 52.96
C ALA M 409 -11.80 33.83 54.49
N ASP M 410 -12.60 34.68 55.15
CA ASP M 410 -12.72 34.68 56.60
C ASP M 410 -13.77 33.67 57.02
N ALA M 411 -14.94 33.80 56.42
CA ALA M 411 -16.02 32.90 56.71
C ALA M 411 -15.55 31.45 56.62
N PHE M 412 -14.77 31.15 55.61
CA PHE M 412 -14.29 29.80 55.43
C PHE M 412 -13.23 29.51 56.44
N GLU M 413 -12.45 30.53 56.75
CA GLU M 413 -11.34 30.43 57.69
C GLU M 413 -11.74 29.71 58.99
N ARG M 414 -11.43 30.30 60.15
CA ARG M 414 -11.76 29.70 61.46
C ARG M 414 -13.26 29.61 61.65
N PHE M 415 -13.99 30.23 60.75
CA PHE M 415 -15.41 30.24 60.86
C PHE M 415 -15.92 28.86 60.49
N PHE M 416 -15.50 28.34 59.35
CA PHE M 416 -15.93 27.01 58.95
C PHE M 416 -14.97 25.90 59.39
N ILE M 417 -13.73 26.00 58.90
CA ILE M 417 -12.71 25.00 59.20
C ILE M 417 -12.52 24.69 60.66
N ASN M 418 -12.18 25.68 61.45
CA ASN M 418 -12.02 25.44 62.88
C ASN M 418 -13.39 25.14 63.46
N GLN M 419 -13.37 24.59 64.67
CA GLN M 419 -14.58 24.26 65.40
C GLN M 419 -14.21 23.51 66.67
N GLY M 420 -12.97 23.04 66.75
CA GLY M 420 -12.52 22.31 67.94
C GLY M 420 -12.98 20.87 67.87
N GLN M 421 -13.21 20.24 69.03
CA GLN M 421 -13.68 18.86 69.07
C GLN M 421 -15.16 18.79 68.65
N GLN M 422 -15.73 19.94 68.31
CA GLN M 422 -17.13 20.02 67.86
C GLN M 422 -17.44 18.81 67.01
N ASN M 423 -18.60 18.20 67.24
CA ASN M 423 -19.01 17.02 66.47
C ASN M 423 -20.03 17.38 65.38
N ARG M 424 -19.60 18.15 64.38
CA ARG M 424 -20.45 18.57 63.27
C ARG M 424 -20.76 17.43 62.29
N SER M 425 -22.04 17.09 62.17
CA SER M 425 -22.45 16.03 61.26
C SER M 425 -22.60 16.60 59.84
N ILE M 426 -22.75 15.70 58.88
CA ILE M 426 -22.91 16.08 57.47
C ILE M 426 -24.12 16.95 57.25
N GLU M 427 -25.06 16.85 58.18
CA GLU M 427 -26.28 17.61 58.11
C GLU M 427 -25.97 19.06 58.49
N GLU M 428 -25.64 19.22 59.76
CA GLU M 428 -25.34 20.51 60.34
C GLU M 428 -24.26 21.24 59.52
N SER M 429 -23.28 20.48 59.07
CA SER M 429 -22.20 21.02 58.27
C SER M 429 -22.74 21.78 57.07
N LEU M 430 -23.18 21.04 56.05
CA LEU M 430 -23.69 21.63 54.81
C LEU M 430 -24.86 22.60 54.96
N GLN M 431 -25.79 22.26 55.84
CA GLN M 431 -26.97 23.06 56.09
C GLN M 431 -26.59 24.53 56.08
N ILE M 432 -25.53 24.84 56.81
CA ILE M 432 -25.06 26.20 56.94
C ILE M 432 -23.95 26.47 55.94
N ALA M 433 -23.40 25.42 55.35
CA ALA M 433 -22.33 25.59 54.37
C ALA M 433 -22.77 26.60 53.33
N TRP M 434 -24.07 26.79 53.25
CA TRP M 434 -24.64 27.73 52.31
C TRP M 434 -24.73 29.11 52.94
N ALA M 435 -24.97 29.17 54.25
CA ALA M 435 -25.09 30.44 54.95
C ALA M 435 -23.87 31.33 54.69
N LEU M 436 -22.86 30.74 54.05
CA LEU M 436 -21.62 31.43 53.72
C LEU M 436 -21.69 32.04 52.32
N LEU M 437 -22.48 31.40 51.46
CA LEU M 437 -22.64 31.85 50.08
C LEU M 437 -23.83 32.81 49.96
N SER M 438 -24.37 33.21 51.12
CA SER M 438 -25.51 34.12 51.19
C SER M 438 -25.21 35.44 50.48
N MET M 439 -23.99 35.94 50.68
CA MET M 439 -23.58 37.21 50.09
C MET M 439 -23.36 37.08 48.59
N LEU M 440 -22.65 36.03 48.21
CA LEU M 440 -22.37 35.80 46.80
C LEU M 440 -23.66 35.56 46.05
N PRO M 441 -23.89 36.33 44.97
CA PRO M 441 -25.09 36.20 44.16
C PRO M 441 -25.05 34.96 43.28
N GLN M 442 -26.20 34.63 42.70
CA GLN M 442 -26.30 33.46 41.82
C GLN M 442 -25.59 33.72 40.48
N GLY M 443 -25.24 34.97 40.23
CA GLY M 443 -24.56 35.33 38.99
C GLY M 443 -23.05 35.20 39.11
N GLU M 444 -22.51 35.66 40.23
CA GLU M 444 -21.07 35.60 40.47
C GLU M 444 -20.55 34.15 40.48
N LEU M 445 -21.47 33.20 40.64
CA LEU M 445 -21.14 31.78 40.66
C LEU M 445 -21.65 31.13 39.38
N LYS M 446 -20.92 30.15 38.86
CA LYS M 446 -21.32 29.46 37.65
C LYS M 446 -21.01 27.97 37.74
N ARG M 447 -20.62 27.54 38.93
CA ARG M 447 -20.28 26.14 39.14
C ARG M 447 -21.52 25.26 39.22
N ILE M 448 -22.51 25.69 39.99
CA ILE M 448 -23.75 24.94 40.17
C ILE M 448 -24.83 25.47 39.24
N SER M 449 -25.91 24.70 39.09
CA SER M 449 -27.01 25.09 38.22
C SER M 449 -27.69 26.32 38.80
N LYS M 450 -28.94 26.50 38.39
CA LYS M 450 -29.76 27.61 38.85
C LYS M 450 -30.87 27.08 39.77
N ASP M 451 -30.92 25.75 39.95
CA ASP M 451 -31.93 25.14 40.81
C ASP M 451 -31.44 24.88 42.23
N HIS M 452 -30.24 24.33 42.34
CA HIS M 452 -29.68 24.05 43.64
C HIS M 452 -29.20 25.32 44.32
N ILE M 453 -28.92 26.36 43.55
CA ILE M 453 -28.45 27.63 44.10
C ILE M 453 -29.57 28.30 44.90
N GLY M 454 -30.80 28.04 44.49
CA GLY M 454 -31.93 28.62 45.19
C GLY M 454 -32.52 27.67 46.19
N LYS M 455 -32.00 26.44 46.22
CA LYS M 455 -32.48 25.40 47.13
C LYS M 455 -32.35 25.81 48.60
N TYR M 456 -31.10 25.98 49.04
CA TYR M 456 -30.82 26.36 50.42
C TYR M 456 -29.85 27.54 50.44
N TYR M 457 -30.32 28.66 49.89
CA TYR M 457 -29.54 29.89 49.80
C TYR M 457 -29.47 30.65 51.12
N GLU N 1 37.83 -18.17 12.28
CA GLU N 1 36.61 -18.62 13.01
C GLU N 1 36.79 -18.53 14.52
N TYR N 2 35.76 -18.03 15.21
CA TYR N 2 35.79 -17.89 16.67
C TYR N 2 34.49 -18.35 17.32
N THR N 3 34.43 -19.62 17.70
CA THR N 3 33.24 -20.16 18.35
C THR N 3 33.42 -20.23 19.85
N GLY N 4 34.67 -20.31 20.30
CA GLY N 4 34.94 -20.37 21.72
C GLY N 4 34.29 -19.20 22.45
N ILE N 5 33.02 -19.36 22.76
CA ILE N 5 32.27 -18.34 23.44
C ILE N 5 32.55 -18.27 24.92
N THR N 6 32.17 -17.16 25.56
CA THR N 6 32.42 -17.01 26.99
C THR N 6 31.37 -16.17 27.73
N TYR N 7 30.77 -15.20 27.04
CA TYR N 7 29.77 -14.32 27.65
C TYR N 7 28.90 -13.56 26.64
N ILE N 8 27.60 -13.57 26.88
CA ILE N 8 26.64 -12.86 26.02
C ILE N 8 25.55 -12.25 26.87
N SER N 9 25.19 -11.00 26.56
CA SER N 9 24.14 -10.27 27.29
C SER N 9 24.16 -8.79 26.96
N GLY N 10 23.21 -8.35 26.13
CA GLY N 10 23.15 -6.95 25.74
C GLY N 10 24.13 -6.64 24.63
N PRO N 11 24.27 -5.36 24.23
CA PRO N 11 25.19 -4.99 23.15
C PRO N 11 26.65 -5.20 23.54
N LEU N 12 26.86 -6.02 24.57
CA LEU N 12 28.19 -6.30 25.08
C LEU N 12 28.51 -7.79 24.91
N LEU N 13 29.63 -8.10 24.27
CA LEU N 13 30.01 -9.49 24.08
C LEU N 13 31.40 -9.80 24.62
N PHE N 14 31.69 -11.09 24.81
CA PHE N 14 32.98 -11.52 25.33
C PHE N 14 33.32 -12.95 24.93
N VAL N 15 34.56 -13.18 24.52
CA VAL N 15 34.96 -14.50 24.08
C VAL N 15 36.47 -14.74 24.05
N GLU N 16 36.88 -15.95 24.39
CA GLU N 16 38.30 -16.31 24.39
C GLU N 16 38.65 -17.08 23.12
N ASN N 17 39.88 -17.58 23.03
CA ASN N 17 40.36 -18.32 21.86
C ASN N 17 40.85 -17.36 20.78
N ALA N 18 41.22 -16.15 21.17
CA ALA N 18 41.71 -15.17 20.20
C ALA N 18 42.92 -14.42 20.70
N LYS N 19 44.09 -15.04 20.56
CA LYS N 19 45.35 -14.44 21.00
C LYS N 19 45.90 -13.48 19.97
N ASP N 20 45.09 -13.15 18.98
CA ASP N 20 45.55 -12.26 17.97
C ASP N 20 44.42 -11.41 17.47
N LEU N 21 44.70 -10.12 17.37
CA LEU N 21 43.75 -9.15 16.88
C LEU N 21 44.23 -7.75 17.22
N ALA N 22 43.72 -6.78 16.48
CA ALA N 22 44.07 -5.37 16.66
C ALA N 22 42.86 -4.56 17.06
N TYR N 23 43.07 -3.28 17.31
CA TYR N 23 41.98 -2.42 17.71
C TYR N 23 41.17 -2.04 16.48
N GLY N 24 39.87 -2.28 16.56
CA GLY N 24 38.97 -1.94 15.48
C GLY N 24 39.00 -2.93 14.35
N ALA N 25 38.12 -3.92 14.45
CA ALA N 25 38.01 -4.94 13.41
C ALA N 25 36.55 -5.42 13.25
N ILE N 26 36.06 -5.49 12.00
CA ILE N 26 34.70 -5.94 11.69
C ILE N 26 34.60 -7.47 11.61
N VAL N 27 33.83 -8.06 12.52
CA VAL N 27 33.63 -9.52 12.57
C VAL N 27 32.13 -9.75 12.42
N ASP N 28 31.73 -11.01 12.42
CA ASP N 28 30.32 -11.36 12.30
C ASP N 28 29.91 -12.15 13.52
N ILE N 29 28.62 -12.44 13.64
CA ILE N 29 28.14 -13.16 14.80
C ILE N 29 27.07 -14.15 14.45
N LYS N 30 27.48 -15.34 14.02
CA LYS N 30 26.50 -16.35 13.68
C LYS N 30 25.74 -16.72 14.94
N ASP N 31 24.42 -16.72 14.83
CA ASP N 31 23.53 -17.06 15.94
C ASP N 31 22.92 -18.44 15.74
N GLY N 32 22.09 -18.87 16.68
CA GLY N 32 21.46 -20.16 16.58
C GLY N 32 20.20 -20.10 15.72
N THR N 33 19.61 -18.92 15.59
CA THR N 33 18.41 -18.73 14.80
C THR N 33 18.78 -18.47 13.35
N GLY N 34 20.07 -18.56 13.04
CA GLY N 34 20.54 -18.32 11.68
C GLY N 34 20.67 -16.83 11.40
N ARG N 35 20.77 -16.03 12.47
CA ARG N 35 20.87 -14.57 12.33
C ARG N 35 22.25 -14.05 12.72
N VAL N 36 23.07 -13.70 11.72
CA VAL N 36 24.43 -13.21 11.99
C VAL N 36 24.46 -11.70 12.15
N ARG N 37 25.52 -11.23 12.81
CA ARG N 37 25.71 -9.82 13.04
C ARG N 37 27.17 -9.43 12.74
N GLY N 38 27.46 -8.13 12.81
CA GLY N 38 28.82 -7.65 12.55
C GLY N 38 29.66 -7.65 13.81
N GLY N 39 29.94 -6.46 14.36
CA GLY N 39 30.70 -6.35 15.60
C GLY N 39 32.09 -5.81 15.49
N GLN N 40 32.45 -4.79 16.26
CA GLN N 40 33.80 -4.28 16.15
C GLN N 40 34.71 -4.79 17.23
N VAL N 41 35.95 -5.07 16.83
CA VAL N 41 36.96 -5.57 17.73
C VAL N 41 37.52 -4.45 18.59
N ILE N 42 36.68 -3.98 19.52
CA ILE N 42 36.99 -2.90 20.46
C ILE N 42 38.34 -3.10 21.18
N GLU N 43 38.28 -3.29 22.50
CA GLU N 43 39.49 -3.53 23.29
C GLU N 43 39.79 -5.01 23.23
N VAL N 44 41.00 -5.34 22.80
CA VAL N 44 41.45 -6.72 22.66
C VAL N 44 42.33 -7.19 23.82
N SER N 45 42.31 -8.49 24.08
CA SER N 45 43.12 -9.07 25.15
C SER N 45 43.73 -10.35 24.61
N GLU N 46 44.66 -10.88 25.37
CA GLU N 46 45.37 -12.10 25.02
C GLU N 46 44.48 -13.31 24.92
N GLU N 47 43.95 -13.75 26.04
CA GLU N 47 43.11 -14.93 26.05
C GLU N 47 41.78 -14.67 25.34
N TYR N 48 41.21 -13.50 25.55
CA TYR N 48 39.93 -13.11 24.96
C TYR N 48 39.95 -11.64 24.64
N ALA N 49 38.77 -11.08 24.38
CA ALA N 49 38.69 -9.67 24.07
C ALA N 49 37.26 -9.15 24.12
N VAL N 50 37.11 -7.84 23.89
CA VAL N 50 35.81 -7.17 23.90
C VAL N 50 35.16 -7.00 22.54
N ILE N 51 33.91 -7.45 22.43
CA ILE N 51 33.16 -7.39 21.18
C ILE N 51 32.17 -6.26 21.15
N GLN N 52 31.88 -5.78 19.94
CA GLN N 52 30.94 -4.70 19.76
C GLN N 52 29.82 -5.03 18.79
N VAL N 53 28.68 -5.47 19.32
CA VAL N 53 27.55 -5.80 18.44
C VAL N 53 26.76 -4.55 18.07
N PHE N 54 26.20 -4.54 16.87
CA PHE N 54 25.43 -3.42 16.39
C PHE N 54 24.05 -3.38 17.00
N GLU N 55 23.30 -4.47 16.84
CA GLU N 55 21.95 -4.57 17.39
C GLU N 55 21.95 -5.40 18.68
N GLU N 56 20.88 -5.28 19.44
CA GLU N 56 20.71 -5.99 20.70
C GLU N 56 20.71 -7.52 20.53
N THR N 57 21.65 -8.19 21.21
CA THR N 57 21.77 -9.64 21.12
C THR N 57 20.50 -10.37 21.52
N THR N 58 19.49 -10.27 20.68
CA THR N 58 18.21 -10.92 20.95
C THR N 58 18.26 -12.41 20.62
N GLY N 59 17.80 -13.22 21.57
CA GLY N 59 17.76 -14.66 21.38
C GLY N 59 19.09 -15.23 20.98
N LEU N 60 20.17 -14.71 21.56
CA LEU N 60 21.50 -15.18 21.23
C LEU N 60 22.04 -16.10 22.33
N ASP N 61 22.90 -17.04 21.94
CA ASP N 61 23.50 -18.01 22.86
C ASP N 61 24.94 -18.27 22.50
N LEU N 62 25.79 -18.34 23.52
CA LEU N 62 27.21 -18.54 23.36
C LEU N 62 27.53 -19.82 22.60
N ALA N 63 27.04 -20.92 23.12
CA ALA N 63 27.30 -22.21 22.49
C ALA N 63 27.27 -22.09 20.97
N THR N 64 26.13 -21.63 20.45
CA THR N 64 25.93 -21.51 19.01
C THR N 64 26.33 -20.17 18.41
N THR N 65 27.06 -19.37 19.16
CA THR N 65 27.50 -18.07 18.68
C THR N 65 28.73 -18.22 17.79
N SER N 66 28.73 -17.53 16.66
CA SER N 66 29.88 -17.62 15.77
C SER N 66 30.30 -16.26 15.26
N VAL N 67 31.59 -15.98 15.39
CA VAL N 67 32.15 -14.72 14.93
C VAL N 67 33.14 -14.95 13.82
N SER N 68 33.39 -13.91 13.03
CA SER N 68 34.34 -14.03 11.94
C SER N 68 35.05 -12.72 11.65
N LEU N 69 36.36 -12.65 11.97
CA LEU N 69 37.10 -11.44 11.69
C LEU N 69 37.11 -11.26 10.20
N VAL N 70 36.45 -10.20 9.78
CA VAL N 70 36.33 -9.87 8.37
C VAL N 70 37.45 -8.91 7.96
N GLU N 71 37.67 -7.89 8.79
CA GLU N 71 38.68 -6.90 8.50
C GLU N 71 39.39 -6.45 9.77
N ASP N 72 40.59 -5.91 9.64
CA ASP N 72 41.35 -5.48 10.82
C ASP N 72 41.11 -4.00 11.19
N VAL N 73 40.41 -3.28 10.32
CA VAL N 73 40.07 -1.85 10.50
C VAL N 73 38.90 -1.53 9.53
N ALA N 74 37.93 -0.72 9.98
CA ALA N 74 36.75 -0.38 9.18
C ALA N 74 36.96 0.47 7.92
N ARG N 75 36.03 0.36 6.97
CA ARG N 75 36.15 1.08 5.70
C ARG N 75 34.87 1.43 4.94
N LEU N 76 34.08 0.40 4.60
CA LEU N 76 32.83 0.54 3.83
C LEU N 76 33.08 1.24 2.50
N GLY N 77 32.08 1.19 1.62
CA GLY N 77 32.19 1.84 0.33
C GLY N 77 32.62 3.29 0.51
N VAL N 78 32.80 4.02 -0.58
CA VAL N 78 33.19 5.42 -0.46
C VAL N 78 33.24 6.17 -1.79
N SER N 79 32.60 5.63 -2.83
CA SER N 79 32.58 6.29 -4.12
C SER N 79 31.36 7.20 -4.16
N LYS N 80 31.34 8.14 -5.11
CA LYS N 80 30.21 9.05 -5.25
C LYS N 80 29.18 8.40 -6.17
N GLU N 81 29.42 7.14 -6.53
CA GLU N 81 28.53 6.37 -7.41
C GLU N 81 27.09 6.38 -6.91
N MET N 82 26.91 6.04 -5.63
CA MET N 82 25.58 5.96 -5.03
C MET N 82 25.03 7.28 -4.54
N LEU N 83 24.84 8.22 -5.45
CA LEU N 83 24.31 9.52 -5.07
C LEU N 83 22.79 9.60 -5.14
N GLY N 84 22.18 9.99 -4.03
CA GLY N 84 20.74 10.11 -3.95
C GLY N 84 20.09 8.88 -3.33
N ARG N 85 20.92 7.90 -3.00
CA ARG N 85 20.46 6.64 -2.42
C ARG N 85 20.10 6.72 -0.94
N ARG N 86 19.41 5.70 -0.45
CA ARG N 86 18.99 5.62 0.96
C ARG N 86 19.73 4.49 1.68
N PHE N 87 20.28 4.78 2.86
CA PHE N 87 21.03 3.80 3.67
C PHE N 87 20.64 3.98 5.14
N ASN N 88 21.24 3.18 6.02
CA ASN N 88 20.98 3.27 7.45
C ASN N 88 22.28 3.51 8.21
N GLY N 89 22.17 3.64 9.53
CA GLY N 89 23.34 3.84 10.36
C GLY N 89 24.62 3.28 9.75
N ILE N 90 24.61 1.99 9.48
CA ILE N 90 25.77 1.34 8.88
C ILE N 90 26.15 2.03 7.58
N GLY N 91 25.33 1.83 6.56
CA GLY N 91 25.60 2.43 5.27
C GLY N 91 25.52 1.41 4.15
N LYS N 92 24.31 0.93 3.90
CA LYS N 92 24.06 -0.06 2.86
C LYS N 92 22.62 0.00 2.36
N PRO N 93 22.36 -0.56 1.16
CA PRO N 93 21.02 -0.56 0.55
C PRO N 93 19.86 -0.92 1.47
N ILE N 94 19.07 0.08 1.83
CA ILE N 94 17.91 -0.11 2.70
C ILE N 94 16.71 0.60 2.06
N ASP N 95 16.88 1.00 0.81
CA ASP N 95 15.83 1.70 0.06
C ASP N 95 15.17 0.78 -0.96
N GLY N 96 15.78 -0.37 -1.22
CA GLY N 96 15.23 -1.31 -2.18
C GLY N 96 16.06 -1.48 -3.44
N LEU N 97 16.73 -0.41 -3.86
CA LEU N 97 17.56 -0.43 -5.05
C LEU N 97 18.82 -1.26 -4.81
N PRO N 98 19.11 -2.22 -5.70
CA PRO N 98 20.27 -3.10 -5.61
C PRO N 98 21.59 -2.39 -5.26
N PRO N 99 22.51 -3.11 -4.58
CA PRO N 99 23.82 -2.60 -4.16
C PRO N 99 24.66 -2.15 -5.33
N ILE N 100 25.82 -1.59 -5.04
CA ILE N 100 26.70 -1.10 -6.08
C ILE N 100 28.14 -1.10 -5.59
N THR N 101 29.08 -1.09 -6.52
CA THR N 101 30.50 -1.09 -6.18
C THR N 101 31.09 0.31 -6.02
N PRO N 102 31.82 0.53 -4.94
CA PRO N 102 32.45 1.82 -4.65
C PRO N 102 33.86 1.93 -5.23
N GLU N 103 34.65 2.85 -4.70
CA GLU N 103 36.02 3.03 -5.17
C GLU N 103 37.02 2.24 -4.34
N LYS N 104 37.23 2.65 -3.08
CA LYS N 104 38.16 1.97 -2.17
C LYS N 104 37.64 2.13 -0.73
N ARG N 105 37.41 1.00 -0.04
CA ARG N 105 36.92 1.06 1.32
C ARG N 105 37.94 1.71 2.25
N LEU N 106 37.59 2.85 2.84
CA LEU N 106 38.50 3.56 3.73
C LEU N 106 37.83 3.84 5.07
N PRO N 107 38.63 3.94 6.14
CA PRO N 107 38.09 4.22 7.47
C PRO N 107 37.50 5.62 7.56
N ILE N 108 36.17 5.68 7.54
CA ILE N 108 35.44 6.94 7.61
C ILE N 108 35.62 7.65 8.96
N THR N 109 36.38 6.99 9.84
CA THR N 109 36.67 7.48 11.18
C THR N 109 36.80 9.01 11.24
N GLY N 110 37.57 9.56 10.31
CA GLY N 110 37.76 10.99 10.34
C GLY N 110 39.07 11.26 11.02
N LEU N 111 40.15 10.96 10.30
CA LEU N 111 41.50 11.15 10.81
C LEU N 111 41.82 12.66 10.76
N PRO N 112 42.88 13.09 11.47
CA PRO N 112 43.28 14.50 11.51
C PRO N 112 43.93 15.02 10.21
N LEU N 113 43.79 16.33 9.95
CA LEU N 113 44.36 16.94 8.75
C LEU N 113 45.46 17.95 9.04
N ASN N 114 46.36 18.08 8.06
CA ASN N 114 47.50 19.00 8.16
C ASN N 114 47.06 20.43 8.47
N PRO N 115 47.98 21.25 9.00
CA PRO N 115 47.72 22.65 9.34
C PRO N 115 47.61 23.56 8.11
N VAL N 116 48.18 23.10 7.00
CA VAL N 116 48.14 23.85 5.74
C VAL N 116 46.76 23.76 5.08
N ALA N 117 46.09 22.63 5.30
CA ALA N 117 44.77 22.39 4.74
C ALA N 117 43.70 23.18 5.49
N ARG N 118 44.03 23.63 6.71
CA ARG N 118 43.09 24.40 7.52
C ARG N 118 43.12 25.84 6.98
N ARG N 119 42.04 26.57 7.19
CA ARG N 119 41.95 27.93 6.71
C ARG N 119 40.91 28.73 7.46
N LYS N 120 40.74 29.98 7.04
CA LYS N 120 39.80 30.91 7.62
C LYS N 120 38.50 30.93 6.83
N PRO N 121 37.38 30.55 7.46
CA PRO N 121 36.07 30.53 6.80
C PRO N 121 35.61 31.92 6.36
N GLU N 122 36.22 32.45 5.30
CA GLU N 122 35.87 33.76 4.79
C GLU N 122 34.84 33.69 3.67
N GLN N 123 34.76 32.54 3.01
CA GLN N 123 33.84 32.29 1.89
C GLN N 123 32.34 32.29 2.26
N PHE N 124 31.85 33.39 2.81
CA PHE N 124 30.45 33.50 3.24
C PHE N 124 29.44 33.05 2.20
N ILE N 125 28.34 32.50 2.66
CA ILE N 125 27.31 32.02 1.77
C ILE N 125 25.99 32.63 2.19
N GLN N 126 24.98 32.49 1.32
CA GLN N 126 23.66 32.99 1.61
C GLN N 126 22.87 31.87 2.28
N THR N 127 22.40 32.19 3.48
CA THR N 127 21.65 31.28 4.32
C THR N 127 20.17 31.46 4.03
N GLY N 128 19.86 32.06 2.89
CA GLY N 128 18.47 32.27 2.54
C GLY N 128 17.68 33.04 3.58
N ILE N 129 18.39 33.56 4.57
CA ILE N 129 17.76 34.38 5.60
C ILE N 129 18.75 35.34 6.18
N SER N 130 18.21 36.42 6.74
CA SER N 130 19.00 37.48 7.33
C SER N 130 19.54 37.12 8.70
N THR N 131 18.67 36.79 9.65
CA THR N 131 19.14 36.43 10.99
C THR N 131 20.59 35.96 10.91
N ILE N 132 20.80 34.98 10.03
CA ILE N 132 22.12 34.38 9.82
C ILE N 132 23.10 35.18 9.03
N ASP N 133 22.81 35.34 7.73
CA ASP N 133 23.64 36.06 6.77
C ASP N 133 23.98 37.50 7.16
N VAL N 134 24.18 37.77 8.44
CA VAL N 134 24.53 39.11 8.87
C VAL N 134 25.28 39.06 10.20
N MET N 135 24.60 38.51 11.19
CA MET N 135 25.15 38.40 12.52
C MET N 135 26.19 37.29 12.56
N ASN N 136 25.80 36.13 12.05
CA ASN N 136 26.65 34.96 12.03
C ASN N 136 27.17 34.62 10.63
N THR N 137 26.33 34.86 9.63
CA THR N 137 26.66 34.60 8.23
C THR N 137 27.28 33.25 8.05
N LEU N 138 26.61 32.39 7.29
CA LEU N 138 27.17 31.06 7.07
C LEU N 138 28.59 31.19 6.53
N VAL N 139 29.40 30.18 6.81
CA VAL N 139 30.80 30.11 6.39
C VAL N 139 31.22 28.62 6.23
N ARG N 140 31.76 28.26 5.07
CA ARG N 140 32.19 26.89 4.83
C ARG N 140 33.54 26.65 5.51
N GLY N 141 33.55 25.71 6.47
CA GLY N 141 34.77 25.41 7.19
C GLY N 141 34.70 25.68 8.69
N GLN N 142 33.61 26.30 9.12
CA GLN N 142 33.39 26.64 10.53
C GLN N 142 32.35 25.69 11.13
N LYS N 143 31.98 25.93 12.39
CA LYS N 143 30.98 25.09 13.03
C LYS N 143 30.19 25.81 14.10
N LEU N 144 28.89 25.95 13.86
CA LEU N 144 28.02 26.64 14.79
C LEU N 144 26.78 25.82 15.11
N PRO N 145 26.93 24.79 15.94
CA PRO N 145 25.80 23.94 16.32
C PRO N 145 24.57 24.74 16.76
N ILE N 146 23.40 24.09 16.72
CA ILE N 146 22.12 24.71 17.07
C ILE N 146 21.50 24.23 18.40
N PHE N 147 21.66 25.01 19.46
CA PHE N 147 21.11 24.64 20.76
C PHE N 147 19.58 24.61 20.76
N SER N 148 19.01 23.49 21.20
CA SER N 148 17.58 23.33 21.23
C SER N 148 17.19 22.67 22.53
N GLY N 149 15.92 22.78 22.89
CA GLY N 149 15.45 22.16 24.12
C GLY N 149 14.70 20.89 23.79
N SER N 150 13.37 21.01 23.69
CA SER N 150 12.51 19.87 23.38
C SER N 150 11.35 20.35 22.51
N GLY N 151 11.14 19.69 21.38
CA GLY N 151 10.09 20.09 20.48
C GLY N 151 10.35 21.43 19.81
N LEU N 152 11.40 22.12 20.27
CA LEU N 152 11.79 23.42 19.74
C LEU N 152 11.96 23.38 18.21
N PRO N 153 11.86 24.53 17.52
CA PRO N 153 12.00 24.60 16.07
C PRO N 153 13.40 24.21 15.60
N ALA N 154 13.91 23.11 16.14
CA ALA N 154 15.22 22.62 15.79
C ALA N 154 15.17 22.02 14.38
N ASN N 155 14.08 21.31 14.10
CA ASN N 155 13.90 20.67 12.80
C ASN N 155 13.11 21.56 11.82
N GLU N 156 11.97 22.09 12.28
CA GLU N 156 11.14 22.93 11.44
C GLU N 156 11.94 24.01 10.73
N ILE N 157 12.57 24.85 11.52
CA ILE N 157 13.37 25.94 10.97
C ILE N 157 14.60 25.43 10.23
N ALA N 158 15.24 24.42 10.79
CA ALA N 158 16.42 23.84 10.17
C ALA N 158 16.19 23.68 8.68
N ALA N 159 14.96 23.40 8.31
CA ALA N 159 14.59 23.21 6.90
C ALA N 159 14.71 24.51 6.11
N GLN N 160 14.46 25.62 6.78
CA GLN N 160 14.52 26.95 6.17
C GLN N 160 15.76 27.04 5.27
N ILE N 161 16.80 26.32 5.65
CA ILE N 161 18.05 26.32 4.90
C ILE N 161 17.96 25.40 3.71
N ALA N 162 17.21 24.32 3.88
CA ALA N 162 17.04 23.34 2.83
C ALA N 162 16.42 23.99 1.59
N ARG N 163 15.90 25.20 1.76
CA ARG N 163 15.26 25.91 0.66
C ARG N 163 15.88 27.29 0.42
N GLN N 164 16.72 27.72 1.35
CA GLN N 164 17.33 29.03 1.29
C GLN N 164 18.84 28.95 1.55
N ALA N 165 19.51 27.98 0.93
CA ALA N 165 20.94 27.81 1.12
C ALA N 165 21.68 27.87 -0.21
N THR N 166 22.45 28.93 -0.40
CA THR N 166 23.21 29.09 -1.64
C THR N 166 24.31 30.13 -1.51
N VAL N 167 25.50 29.79 -1.99
CA VAL N 167 26.65 30.69 -1.94
C VAL N 167 26.38 31.93 -2.78
N ARG N 168 27.22 32.95 -2.64
CA ARG N 168 27.07 34.19 -3.38
C ARG N 168 28.38 34.60 -4.07
N PRO N 169 28.82 33.86 -5.10
CA PRO N 169 30.06 34.16 -5.83
C PRO N 169 30.12 35.57 -6.42
N ASP N 170 29.09 35.94 -7.17
CA ASP N 170 29.03 37.24 -7.83
C ASP N 170 29.60 38.40 -7.00
N LEU N 171 29.24 38.48 -5.74
CA LEU N 171 29.74 39.56 -4.91
C LEU N 171 31.24 39.51 -4.65
N SER N 172 31.79 38.31 -4.56
CA SER N 172 33.22 38.13 -4.31
C SER N 172 34.02 38.27 -5.61
N GLY N 173 34.66 37.17 -6.02
CA GLY N 173 35.47 37.18 -7.23
C GLY N 173 35.41 35.91 -8.06
N GLU N 174 35.54 34.76 -7.41
CA GLU N 174 35.51 33.48 -8.12
C GLU N 174 34.14 33.25 -8.78
N GLY N 175 34.14 32.55 -9.91
CA GLY N 175 32.89 32.29 -10.60
C GLY N 175 32.37 30.88 -10.37
N GLU N 176 31.22 30.58 -10.97
CA GLU N 176 30.59 29.26 -10.86
C GLU N 176 31.28 28.30 -11.82
N LYS N 177 32.61 28.29 -11.81
CA LYS N 177 33.37 27.42 -12.69
C LYS N 177 33.75 26.07 -12.06
N GLU N 178 34.30 26.10 -10.85
CA GLU N 178 34.70 24.89 -10.16
C GLU N 178 34.07 24.77 -8.76
N GLU N 179 32.73 24.75 -8.70
CA GLU N 179 32.05 24.62 -7.41
C GLU N 179 30.87 23.66 -7.42
N PRO N 180 31.15 22.35 -7.27
CA PRO N 180 30.08 21.34 -7.26
C PRO N 180 29.53 21.12 -5.84
N PHE N 181 28.23 20.85 -5.73
CA PHE N 181 27.59 20.60 -4.43
C PHE N 181 27.17 19.15 -4.20
N ALA N 182 27.70 18.57 -3.13
CA ALA N 182 27.41 17.18 -2.77
C ALA N 182 27.14 17.08 -1.28
N VAL N 183 25.89 16.76 -0.96
CA VAL N 183 25.47 16.65 0.42
C VAL N 183 25.58 15.23 0.96
N VAL N 184 25.97 15.10 2.23
CA VAL N 184 26.07 13.78 2.85
C VAL N 184 25.33 13.71 4.17
N PHE N 185 24.01 13.54 4.11
CA PHE N 185 23.20 13.48 5.32
C PHE N 185 23.44 12.19 6.12
N ALA N 186 23.27 12.28 7.43
CA ALA N 186 23.49 11.14 8.31
C ALA N 186 22.64 11.26 9.58
N ALA N 187 21.61 10.44 9.68
CA ALA N 187 20.72 10.46 10.84
C ALA N 187 21.20 9.49 11.90
N MET N 188 20.68 9.69 13.11
CA MET N 188 21.03 8.86 14.26
C MET N 188 19.94 8.85 15.30
N GLY N 189 18.86 8.14 14.99
CA GLY N 189 17.73 8.04 15.87
C GLY N 189 16.67 9.04 15.49
N ILE N 190 16.08 8.91 14.30
CA ILE N 190 15.02 9.84 13.87
C ILE N 190 13.64 9.23 13.98
N THR N 191 12.66 10.06 14.33
CA THR N 191 11.28 9.62 14.49
C THR N 191 10.72 9.08 13.20
N GLN N 192 9.41 8.89 13.18
CA GLN N 192 8.68 8.41 12.01
C GLN N 192 8.10 9.61 11.26
N ARG N 193 7.61 10.59 12.02
CA ARG N 193 7.04 11.81 11.45
C ARG N 193 8.17 12.63 10.82
N GLU N 194 9.32 12.62 11.50
CA GLU N 194 10.52 13.34 11.06
C GLU N 194 11.10 12.69 9.80
N LEU N 195 10.75 11.43 9.58
CA LEU N 195 11.27 10.70 8.41
C LEU N 195 10.81 11.31 7.09
N SER N 196 9.50 11.26 6.85
CA SER N 196 8.90 11.76 5.62
C SER N 196 8.96 13.26 5.42
N TYR N 197 8.79 14.04 6.49
CA TYR N 197 8.85 15.49 6.36
C TYR N 197 10.16 15.88 5.69
N PHE N 198 11.25 15.25 6.12
CA PHE N 198 12.57 15.53 5.58
C PHE N 198 12.62 15.26 4.08
N ILE N 199 12.32 14.03 3.71
CA ILE N 199 12.34 13.64 2.29
C ILE N 199 11.47 14.58 1.45
N GLN N 200 10.34 14.99 2.00
CA GLN N 200 9.44 15.87 1.26
C GLN N 200 10.08 17.24 1.06
N GLU N 201 11.20 17.47 1.73
CA GLU N 201 11.94 18.73 1.61
C GLU N 201 13.09 18.54 0.63
N PHE N 202 13.20 17.32 0.12
CA PHE N 202 14.21 16.92 -0.85
C PHE N 202 13.60 16.98 -2.26
N GLU N 203 12.28 16.85 -2.30
CA GLU N 203 11.52 16.86 -3.57
C GLU N 203 11.06 18.25 -3.95
N ARG N 204 10.98 19.14 -2.97
CA ARG N 204 10.53 20.51 -3.21
C ARG N 204 11.70 21.48 -3.38
N THR N 205 12.87 21.12 -2.88
CA THR N 205 14.07 21.96 -3.00
C THR N 205 14.98 21.40 -4.07
N GLY N 206 14.94 20.09 -4.23
CA GLY N 206 15.81 19.43 -5.19
C GLY N 206 16.98 18.90 -4.39
N ALA N 207 16.69 18.46 -3.17
CA ALA N 207 17.71 17.93 -2.28
C ALA N 207 17.86 16.43 -2.47
N LEU N 208 16.76 15.78 -2.83
CA LEU N 208 16.75 14.34 -3.05
C LEU N 208 17.78 14.00 -4.10
N SER N 209 18.41 15.03 -4.63
CA SER N 209 19.43 14.86 -5.66
C SER N 209 20.84 15.07 -5.10
N ARG N 210 21.78 14.29 -5.62
CA ARG N 210 23.19 14.32 -5.23
C ARG N 210 23.38 14.09 -3.73
N SER N 211 22.59 13.17 -3.16
CA SER N 211 22.68 12.88 -1.73
C SER N 211 23.09 11.44 -1.36
N VAL N 212 24.27 11.30 -0.73
CA VAL N 212 24.78 10.00 -0.29
C VAL N 212 24.77 9.98 1.24
N LEU N 213 23.61 9.63 1.79
CA LEU N 213 23.39 9.63 3.23
C LEU N 213 23.23 8.27 3.91
N PHE N 214 23.42 8.25 5.23
CA PHE N 214 23.27 7.02 6.04
C PHE N 214 22.24 7.27 7.14
N LEU N 215 20.97 7.28 6.76
CA LEU N 215 19.89 7.53 7.70
C LEU N 215 19.81 6.54 8.86
N ASN N 216 19.86 7.06 10.09
CA ASN N 216 19.75 6.22 11.27
C ASN N 216 18.46 6.58 11.98
N LYS N 217 17.37 5.95 11.58
CA LYS N 217 16.09 6.20 12.20
C LYS N 217 16.14 5.84 13.68
N ALA N 218 15.24 6.39 14.47
CA ALA N 218 15.22 6.12 15.90
C ALA N 218 15.11 4.64 16.21
N ASP N 219 14.31 3.90 15.44
CA ASP N 219 14.15 2.47 15.73
C ASP N 219 15.40 1.69 15.37
N ASP N 220 16.44 2.43 14.96
CA ASP N 220 17.72 1.83 14.63
C ASP N 220 18.46 1.59 15.95
N PRO N 221 19.29 0.54 16.02
CA PRO N 221 20.04 0.29 17.27
C PRO N 221 20.92 1.50 17.57
N THR N 222 21.20 1.72 18.85
CA THR N 222 22.00 2.86 19.25
C THR N 222 23.49 2.69 18.95
N ILE N 223 23.80 1.72 18.11
CA ILE N 223 25.18 1.44 17.77
C ILE N 223 25.66 2.44 16.75
N GLU N 224 24.73 2.97 15.99
CA GLU N 224 25.09 3.89 14.93
C GLU N 224 24.95 5.37 15.26
N ARG N 225 24.75 5.72 16.52
CA ARG N 225 24.59 7.15 16.85
C ARG N 225 25.90 7.96 16.80
N ILE N 226 27.03 7.29 17.06
CA ILE N 226 28.34 7.94 17.02
C ILE N 226 29.13 7.30 15.89
N LEU N 227 28.68 6.11 15.47
CA LEU N 227 29.31 5.35 14.42
C LEU N 227 29.01 5.87 13.02
N THR N 228 27.73 5.99 12.66
CA THR N 228 27.42 6.51 11.33
C THR N 228 28.17 7.81 11.04
N PRO N 229 28.20 8.76 12.00
CA PRO N 229 28.90 10.03 11.80
C PRO N 229 30.21 9.89 11.03
N ARG N 230 31.10 9.08 11.57
CA ARG N 230 32.39 8.87 10.94
C ARG N 230 32.19 8.38 9.50
N MET N 231 31.23 7.46 9.33
CA MET N 231 30.94 6.90 8.03
C MET N 231 30.67 8.00 7.00
N ALA N 232 29.72 8.87 7.32
CA ALA N 232 29.35 9.96 6.43
C ALA N 232 30.39 11.06 6.25
N LEU N 233 30.98 11.50 7.36
CA LEU N 233 31.98 12.58 7.32
C LEU N 233 33.11 12.26 6.39
N THR N 234 33.20 11.00 5.97
CA THR N 234 34.26 10.61 5.08
C THR N 234 33.83 10.48 3.62
N VAL N 235 32.53 10.33 3.37
CA VAL N 235 32.03 10.26 2.00
C VAL N 235 32.24 11.64 1.35
N ALA N 236 32.81 12.55 2.13
CA ALA N 236 33.11 13.92 1.67
C ALA N 236 34.59 14.09 1.36
N GLU N 237 35.44 13.80 2.35
CA GLU N 237 36.91 13.91 2.22
C GLU N 237 37.44 13.34 0.90
N TYR N 238 36.64 12.50 0.25
CA TYR N 238 37.05 11.86 -0.98
C TYR N 238 36.60 12.62 -2.24
N LEU N 239 35.40 13.19 -2.20
CA LEU N 239 34.85 13.95 -3.33
C LEU N 239 35.16 15.43 -3.19
N ALA N 240 35.29 15.88 -1.95
CA ALA N 240 35.55 17.28 -1.66
C ALA N 240 37.00 17.70 -1.79
N PHE N 241 37.88 16.91 -1.16
CA PHE N 241 39.31 17.20 -1.16
C PHE N 241 40.07 16.71 -2.41
N GLU N 242 39.85 15.46 -2.82
CA GLU N 242 40.55 14.94 -4.00
C GLU N 242 39.77 15.11 -5.31
N HIS N 243 38.49 15.43 -5.20
CA HIS N 243 37.65 15.64 -6.37
C HIS N 243 37.25 17.11 -6.48
N ASP N 244 37.62 17.88 -5.47
CA ASP N 244 37.36 19.33 -5.42
C ASP N 244 35.90 19.72 -5.15
N TYR N 245 35.14 18.83 -4.53
CA TYR N 245 33.74 19.12 -4.23
C TYR N 245 33.60 19.88 -2.91
N HIS N 246 33.12 21.12 -2.97
CA HIS N 246 32.93 21.89 -1.74
C HIS N 246 31.70 21.32 -1.07
N VAL N 247 31.90 20.14 -0.47
CA VAL N 247 30.86 19.39 0.21
C VAL N 247 30.56 19.80 1.65
N LEU N 248 29.35 20.29 1.89
CA LEU N 248 28.92 20.72 3.21
C LEU N 248 28.08 19.59 3.81
N VAL N 249 28.48 19.12 4.99
CA VAL N 249 27.76 18.04 5.65
C VAL N 249 27.32 18.38 7.07
N ILE N 250 26.09 17.97 7.42
CA ILE N 250 25.58 18.20 8.77
C ILE N 250 24.69 17.07 9.29
N LEU N 251 24.86 16.77 10.57
CA LEU N 251 24.13 15.69 11.23
C LEU N 251 22.84 16.15 11.92
N THR N 252 21.93 15.22 12.12
CA THR N 252 20.65 15.53 12.78
C THR N 252 20.38 14.63 13.97
N ASP N 253 19.47 15.09 14.83
CA ASP N 253 19.10 14.33 16.01
C ASP N 253 20.34 13.85 16.77
N MET N 254 21.22 14.79 17.10
CA MET N 254 22.45 14.50 17.85
C MET N 254 22.16 14.43 19.33
N THR N 255 20.87 14.46 19.64
CA THR N 255 20.41 14.41 21.02
C THR N 255 20.59 12.98 21.49
N ASN N 256 20.58 12.03 20.56
CA ASN N 256 20.73 10.63 20.91
C ASN N 256 22.20 10.25 21.00
N TYR N 257 23.09 11.02 20.36
CA TYR N 257 24.51 10.73 20.36
C TYR N 257 25.06 10.38 21.72
N CYS N 258 25.18 11.40 22.54
CA CYS N 258 25.72 11.23 23.88
C CYS N 258 25.08 10.08 24.63
N GLU N 259 23.88 9.68 24.24
CA GLU N 259 23.25 8.55 24.91
C GLU N 259 24.13 7.35 24.62
N ALA N 260 24.28 7.01 23.35
CA ALA N 260 25.11 5.85 22.98
C ALA N 260 26.51 6.07 23.53
N LEU N 261 26.94 7.32 23.49
CA LEU N 261 28.25 7.72 23.99
C LEU N 261 28.32 7.30 25.46
N ARG N 262 27.39 7.85 26.23
CA ARG N 262 27.30 7.55 27.66
C ARG N 262 27.59 6.07 27.97
N GLU N 263 26.87 5.14 27.35
CA GLU N 263 27.04 3.70 27.60
C GLU N 263 28.49 3.29 27.82
N ILE N 264 29.37 3.68 26.91
CA ILE N 264 30.77 3.32 27.02
C ILE N 264 31.43 3.90 28.29
N GLY N 265 30.99 5.09 28.69
CA GLY N 265 31.52 5.74 29.87
C GLY N 265 31.72 4.79 31.04
N ALA N 266 30.64 4.15 31.47
CA ALA N 266 30.67 3.20 32.58
C ALA N 266 30.17 1.81 32.18
N ALA N 267 29.11 1.76 31.38
CA ALA N 267 28.55 0.50 30.92
C ALA N 267 29.66 -0.40 30.37
N ARG N 268 30.85 0.18 30.25
CA ARG N 268 32.03 -0.51 29.74
C ARG N 268 32.98 -0.90 30.87
N GLU N 269 33.63 0.10 31.45
CA GLU N 269 34.56 -0.15 32.53
C GLU N 269 35.35 1.11 32.80
N GLU N 270 35.15 2.13 31.99
CA GLU N 270 35.91 3.34 32.21
C GLU N 270 35.23 4.34 33.11
N ILE N 271 35.93 5.43 33.36
CA ILE N 271 35.42 6.45 34.25
C ILE N 271 34.51 7.43 33.53
N PRO N 272 33.34 7.72 34.13
CA PRO N 272 32.38 8.66 33.55
C PRO N 272 33.09 9.97 33.25
N GLY N 273 33.49 10.69 34.29
CA GLY N 273 34.17 11.96 34.08
C GLY N 273 33.32 13.16 34.45
N ARG N 274 32.28 13.43 33.66
CA ARG N 274 31.39 14.56 33.91
C ARG N 274 29.94 14.33 33.47
N ARG N 275 29.03 14.83 34.31
CA ARG N 275 27.59 14.75 34.11
C ARG N 275 27.08 13.39 33.68
N GLY N 276 27.85 12.35 33.98
CA GLY N 276 27.43 11.01 33.61
C GLY N 276 27.71 10.71 32.17
N TYR N 277 28.89 11.10 31.71
CA TYR N 277 29.22 10.85 30.35
C TYR N 277 30.67 10.55 30.20
N PRO N 278 30.98 9.60 29.32
CA PRO N 278 32.32 9.11 28.96
C PRO N 278 33.40 10.15 29.12
N GLY N 279 34.46 9.81 29.85
CA GLY N 279 35.55 10.74 30.08
C GLY N 279 36.11 11.34 28.80
N TYR N 280 36.39 10.48 27.83
CA TYR N 280 36.94 10.94 26.56
C TYR N 280 35.95 11.64 25.63
N MET N 281 34.72 11.90 26.08
CA MET N 281 33.71 12.55 25.20
C MET N 281 34.24 13.72 24.37
N TYR N 282 35.12 14.52 24.97
CA TYR N 282 35.71 15.69 24.31
C TYR N 282 36.35 15.37 22.98
N THR N 283 37.13 14.30 23.01
CA THR N 283 37.82 13.85 21.81
C THR N 283 36.84 13.20 20.84
N ASP N 284 36.03 12.26 21.35
CA ASP N 284 35.05 11.54 20.54
C ASP N 284 34.19 12.50 19.74
N LEU N 285 34.27 13.78 20.12
CA LEU N 285 33.55 14.84 19.43
C LEU N 285 34.53 15.84 18.83
N ALA N 286 35.78 15.42 18.67
CA ALA N 286 36.79 16.29 18.09
C ALA N 286 37.11 15.80 16.68
N THR N 287 37.49 14.53 16.56
CA THR N 287 37.81 13.99 15.25
C THR N 287 36.65 14.11 14.28
N ILE N 288 35.44 14.17 14.84
CA ILE N 288 34.22 14.28 14.05
C ILE N 288 33.97 15.74 13.64
N TYR N 289 33.81 16.62 14.62
CA TYR N 289 33.57 18.03 14.35
C TYR N 289 34.83 18.69 13.75
N GLU N 290 36.02 18.30 14.20
CA GLU N 290 37.27 18.86 13.68
C GLU N 290 37.38 18.69 12.17
N ARG N 291 36.60 17.77 11.62
CA ARG N 291 36.61 17.55 10.17
C ARG N 291 35.87 18.71 9.50
N ALA N 292 36.13 19.93 9.96
CA ALA N 292 35.50 21.11 9.38
C ALA N 292 36.57 22.14 9.02
N GLY N 293 36.33 22.94 7.99
CA GLY N 293 37.30 23.92 7.61
C GLY N 293 37.60 23.81 6.14
N VAL N 294 37.88 24.94 5.49
CA VAL N 294 38.19 24.89 4.07
C VAL N 294 39.60 24.35 3.92
N VAL N 295 40.02 24.13 2.67
CA VAL N 295 41.35 23.60 2.38
C VAL N 295 42.03 24.39 1.29
N GLU N 296 43.29 24.73 1.51
CA GLU N 296 44.08 25.47 0.55
C GLU N 296 44.81 24.42 -0.27
N GLY N 297 45.10 24.72 -1.54
CA GLY N 297 45.78 23.76 -2.39
C GLY N 297 44.84 22.70 -2.95
N LYS N 298 43.60 22.73 -2.47
CA LYS N 298 42.54 21.81 -2.89
C LYS N 298 41.18 22.48 -2.63
N LYS N 299 40.42 22.74 -3.68
CA LYS N 299 39.12 23.36 -3.48
C LYS N 299 38.13 22.29 -3.01
N GLY N 300 38.20 22.01 -1.72
CA GLY N 300 37.30 21.05 -1.14
C GLY N 300 37.16 21.42 0.31
N SER N 301 35.99 21.90 0.69
CA SER N 301 35.78 22.31 2.07
C SER N 301 34.54 21.67 2.61
N VAL N 302 34.61 21.17 3.84
CA VAL N 302 33.48 20.51 4.45
C VAL N 302 33.02 21.29 5.70
N THR N 303 31.74 21.69 5.70
CA THR N 303 31.20 22.41 6.84
C THR N 303 30.31 21.52 7.68
N GLN N 304 30.71 21.34 8.93
CA GLN N 304 29.95 20.52 9.85
C GLN N 304 29.34 21.42 10.91
N ILE N 305 28.07 21.19 11.20
CA ILE N 305 27.37 21.95 12.22
C ILE N 305 26.05 21.25 12.50
N PRO N 306 26.11 20.07 13.14
CA PRO N 306 24.93 19.27 13.47
C PRO N 306 23.93 20.07 14.31
N ILE N 307 22.95 19.36 14.88
CA ILE N 307 21.92 20.01 15.70
C ILE N 307 21.57 19.17 16.94
N LEU N 308 22.14 19.53 18.10
CA LEU N 308 21.92 18.82 19.36
C LEU N 308 20.82 19.47 20.26
N SER N 309 19.88 18.66 20.73
CA SER N 309 18.79 19.15 21.58
C SER N 309 19.11 18.82 23.03
N MET N 310 18.89 19.78 23.93
CA MET N 310 19.19 19.55 25.33
C MET N 310 17.96 19.84 26.17
N PRO N 311 17.51 18.84 26.95
CA PRO N 311 16.33 19.01 27.81
C PRO N 311 16.29 20.41 28.42
N ASP N 312 15.09 20.98 28.43
CA ASP N 312 14.89 22.32 28.93
C ASP N 312 16.02 23.21 28.45
N ASP N 313 15.89 24.49 28.75
CA ASP N 313 16.90 25.45 28.35
C ASP N 313 18.11 25.11 29.21
N ASP N 314 18.92 24.16 28.75
CA ASP N 314 20.12 23.86 29.50
C ASP N 314 21.31 24.17 28.62
N ARG N 315 21.98 25.30 28.84
CA ARG N 315 23.16 25.67 28.04
C ARG N 315 24.41 24.98 28.56
N THR N 316 24.44 24.70 29.86
CA THR N 316 25.57 24.05 30.48
C THR N 316 25.35 22.56 30.37
N HIS N 317 24.45 22.13 29.50
CA HIS N 317 24.20 20.70 29.40
C HIS N 317 25.49 20.03 28.97
N PRO N 318 25.68 18.78 29.41
CA PRO N 318 26.87 18.01 29.08
C PRO N 318 27.25 18.19 27.61
N ILE N 319 26.23 18.32 26.78
CA ILE N 319 26.40 18.48 25.34
C ILE N 319 27.09 19.79 24.96
N PRO N 320 26.38 20.91 25.12
CA PRO N 320 27.01 22.16 24.74
C PRO N 320 28.36 22.42 25.35
N ASP N 321 28.63 21.83 26.51
CA ASP N 321 29.91 22.07 27.15
C ASP N 321 31.07 22.16 26.18
N LEU N 322 31.72 21.03 25.97
CA LEU N 322 32.88 20.99 25.10
C LEU N 322 32.49 21.31 23.67
N THR N 323 31.26 20.99 23.30
CA THR N 323 30.86 21.24 21.94
C THR N 323 31.10 22.67 21.56
N GLY N 324 30.79 23.55 22.50
CA GLY N 324 30.98 24.96 22.25
C GLY N 324 32.42 25.18 21.84
N TYR N 325 33.35 24.78 22.70
CA TYR N 325 34.77 24.93 22.41
C TYR N 325 35.06 24.34 21.05
N ILE N 326 34.80 23.04 20.95
CA ILE N 326 35.03 22.30 19.73
C ILE N 326 34.56 23.10 18.55
N THR N 327 33.26 23.30 18.44
CA THR N 327 32.74 24.07 17.34
C THR N 327 33.27 25.49 17.38
N GLU N 328 33.62 26.01 16.22
CA GLU N 328 34.13 27.37 16.13
C GLU N 328 33.08 28.33 16.66
N GLY N 329 31.91 28.26 16.05
CA GLY N 329 30.83 29.14 16.47
C GLY N 329 29.61 28.36 16.90
N GLN N 330 28.50 29.07 17.08
CA GLN N 330 27.27 28.43 17.49
C GLN N 330 26.05 29.31 17.28
N ILE N 331 24.88 28.70 17.43
CA ILE N 331 23.60 29.36 17.25
C ILE N 331 22.69 28.96 18.39
N GLN N 332 21.88 29.90 18.88
CA GLN N 332 20.95 29.54 19.96
C GLN N 332 19.47 29.73 19.57
N LEU N 333 18.59 28.88 20.12
CA LEU N 333 17.15 28.91 19.87
C LEU N 333 16.36 29.22 21.14
N SER N 334 15.32 30.03 21.02
CA SER N 334 14.52 30.38 22.19
C SER N 334 13.10 29.89 22.03
N ARG N 335 12.61 29.25 23.09
CA ARG N 335 11.26 28.70 23.16
C ARG N 335 10.22 29.84 23.22
N GLU N 336 10.58 30.87 23.97
CA GLU N 336 9.78 32.07 24.22
C GLU N 336 9.18 32.64 22.95
N LEU N 337 9.89 32.45 21.84
CA LEU N 337 9.49 32.95 20.53
C LEU N 337 8.83 31.86 19.68
N HIS N 338 9.16 30.60 19.94
CA HIS N 338 8.56 29.51 19.17
C HIS N 338 7.20 29.15 19.71
N ARG N 339 6.84 29.77 20.83
CA ARG N 339 5.56 29.50 21.46
C ARG N 339 4.69 30.75 21.46
N LYS N 340 5.29 31.90 21.15
CA LYS N 340 4.54 33.16 21.13
C LYS N 340 4.12 33.53 19.71
N GLY N 341 4.89 33.08 18.72
CA GLY N 341 4.58 33.36 17.34
C GLY N 341 5.79 33.53 16.44
N ILE N 342 6.71 34.38 16.87
CA ILE N 342 7.93 34.66 16.14
C ILE N 342 8.41 33.40 15.44
N TYR N 343 8.13 33.32 14.15
CA TYR N 343 8.50 32.15 13.36
C TYR N 343 9.09 32.56 12.01
N PRO N 344 10.31 32.08 11.69
CA PRO N 344 11.14 31.20 12.50
C PRO N 344 11.58 31.88 13.80
N PRO N 345 11.51 31.17 14.95
CA PRO N 345 11.93 31.70 16.27
C PRO N 345 13.39 31.33 16.54
N ILE N 346 14.30 32.19 16.12
CA ILE N 346 15.72 31.95 16.28
C ILE N 346 16.45 33.15 16.87
N ASP N 347 17.20 32.91 17.95
CA ASP N 347 17.94 33.98 18.62
C ASP N 347 19.24 33.50 19.29
N PRO N 348 20.37 34.03 18.83
CA PRO N 348 21.69 33.69 19.36
C PRO N 348 22.09 34.68 20.44
N LEU N 349 21.40 34.69 21.56
CA LEU N 349 21.75 35.63 22.62
C LEU N 349 23.23 35.45 22.95
N PRO N 350 23.71 34.21 22.91
CA PRO N 350 25.13 34.08 23.23
C PRO N 350 25.92 33.64 22.00
N SER N 351 25.21 33.03 21.04
CA SER N 351 25.84 32.55 19.81
C SER N 351 26.33 33.73 19.00
N LEU N 352 27.61 33.70 18.66
CA LEU N 352 28.23 34.76 17.88
C LEU N 352 29.39 34.11 17.13
N SER N 353 29.18 32.87 16.71
CA SER N 353 30.19 32.09 15.99
C SER N 353 31.63 32.22 16.50
N ARG N 354 32.56 32.40 15.56
CA ARG N 354 33.98 32.50 15.86
C ARG N 354 34.69 33.35 14.78
N LEU N 355 34.86 32.76 13.60
CA LEU N 355 35.49 33.47 12.50
C LEU N 355 34.48 33.98 11.46
N MET N 356 33.36 34.44 11.97
CA MET N 356 32.31 35.00 11.13
C MET N 356 32.65 36.48 10.95
N ASN N 357 33.28 37.05 11.97
CA ASN N 357 33.70 38.45 11.96
C ASN N 357 34.72 38.73 10.83
N ASN N 358 35.56 37.74 10.53
CA ASN N 358 36.55 37.89 9.47
C ASN N 358 36.19 37.00 8.26
N GLY N 359 35.71 37.63 7.20
CA GLY N 359 35.32 36.90 6.01
C GLY N 359 34.31 37.63 5.14
N VAL N 360 33.78 38.73 5.67
CA VAL N 360 32.80 39.55 4.94
C VAL N 360 32.92 41.02 5.34
N GLY N 361 32.47 41.93 4.46
CA GLY N 361 32.54 43.34 4.79
C GLY N 361 33.38 44.15 3.82
N LYS N 362 34.54 43.62 3.45
CA LYS N 362 35.41 44.29 2.50
C LYS N 362 35.60 43.39 1.27
N GLY N 363 35.18 43.90 0.12
CA GLY N 363 35.31 43.15 -1.12
C GLY N 363 34.09 42.39 -1.61
N LYS N 364 34.00 41.13 -1.21
CA LYS N 364 32.89 40.28 -1.59
C LYS N 364 31.57 40.90 -1.18
N THR N 365 31.42 41.19 0.11
CA THR N 365 30.21 41.80 0.63
C THR N 365 30.28 43.30 0.46
N ARG N 366 29.43 44.02 1.17
CA ARG N 366 29.40 45.47 1.10
C ARG N 366 30.35 46.06 2.14
N GLU N 367 30.97 47.19 1.80
CA GLU N 367 31.91 47.89 2.68
C GLU N 367 31.46 47.78 4.13
N ASP N 368 30.29 48.36 4.39
CA ASP N 368 29.70 48.34 5.72
C ASP N 368 29.21 46.95 6.05
N HIS N 369 29.68 46.44 7.18
CA HIS N 369 29.28 45.12 7.65
C HIS N 369 30.09 44.72 8.86
N LYS N 370 31.41 44.88 8.77
CA LYS N 370 32.31 44.55 9.88
C LYS N 370 31.84 45.20 11.18
N GLN N 371 31.67 46.52 11.15
CA GLN N 371 31.25 47.27 12.31
C GLN N 371 29.73 47.23 12.49
N VAL N 372 29.03 46.79 11.46
CA VAL N 372 27.57 46.69 11.49
C VAL N 372 27.10 45.61 12.46
N SER N 373 27.53 44.38 12.23
CA SER N 373 27.13 43.27 13.09
C SER N 373 27.40 43.63 14.55
N ASP N 374 28.65 43.97 14.86
CA ASP N 374 29.02 44.35 16.22
C ASP N 374 28.14 45.49 16.70
N GLN N 375 27.66 46.30 15.77
CA GLN N 375 26.79 47.42 16.09
C GLN N 375 25.45 46.88 16.61
N LEU N 376 24.73 46.16 15.75
CA LEU N 376 23.43 45.58 16.11
C LEU N 376 23.48 44.79 17.41
N TYR N 377 24.59 44.11 17.66
CA TYR N 377 24.73 43.31 18.86
C TYR N 377 24.49 44.11 20.14
N SER N 378 25.49 44.88 20.57
CA SER N 378 25.35 45.67 21.80
C SER N 378 24.20 46.65 21.70
N ALA N 379 23.94 47.11 20.49
CA ALA N 379 22.86 48.06 20.27
C ALA N 379 21.55 47.49 20.81
N TYR N 380 21.31 46.22 20.54
CA TYR N 380 20.08 45.56 20.96
C TYR N 380 20.15 45.18 22.43
N ALA N 381 21.33 44.74 22.84
CA ALA N 381 21.58 44.32 24.21
C ALA N 381 21.04 45.36 25.15
N ASN N 382 21.60 46.56 25.09
CA ASN N 382 21.13 47.61 25.97
C ASN N 382 19.61 47.63 25.97
N GLY N 383 18.99 47.25 24.86
CA GLY N 383 17.55 47.25 24.78
C GLY N 383 16.87 46.36 25.80
N VAL N 384 16.44 45.18 25.35
CA VAL N 384 15.75 44.24 26.21
C VAL N 384 16.26 44.27 27.65
N ASP N 385 17.48 44.75 27.85
CA ASP N 385 18.02 44.85 29.19
C ASP N 385 16.96 45.34 30.16
N ILE N 386 16.20 46.35 29.75
CA ILE N 386 15.17 46.89 30.63
C ILE N 386 13.93 45.99 30.63
N ARG N 387 13.96 44.95 29.82
CA ARG N 387 12.84 44.02 29.74
C ARG N 387 12.44 43.50 31.13
N LYS N 388 13.35 43.63 32.08
CA LYS N 388 13.16 43.17 33.45
C LYS N 388 12.80 44.30 34.42
N LEU N 389 13.75 45.22 34.54
CA LEU N 389 13.63 46.38 35.41
C LEU N 389 12.29 47.03 35.17
N VAL N 390 11.79 46.85 33.94
CA VAL N 390 10.51 47.40 33.51
C VAL N 390 9.38 46.70 34.23
N ALA N 391 9.45 45.38 34.26
CA ALA N 391 8.42 44.60 34.89
C ALA N 391 8.51 44.64 36.40
N ILE N 392 9.36 45.52 36.93
CA ILE N 392 9.55 45.63 38.39
C ILE N 392 9.17 46.97 39.01
N ILE N 393 9.80 48.03 38.50
CA ILE N 393 9.58 49.38 39.00
C ILE N 393 8.19 49.91 38.65
N GLY N 394 7.86 49.86 37.37
CA GLY N 394 6.57 50.33 36.91
C GLY N 394 6.41 50.06 35.42
N GLU N 395 5.66 50.92 34.74
CA GLU N 395 5.42 50.75 33.30
C GLU N 395 6.21 51.75 32.46
N ASP N 396 6.05 53.02 32.80
CA ASP N 396 6.74 54.08 32.09
C ASP N 396 7.98 54.51 32.87
N ALA N 397 8.05 54.22 34.16
CA ALA N 397 9.19 54.62 34.99
C ALA N 397 10.52 54.43 34.26
N LEU N 398 11.16 55.54 33.93
CA LEU N 398 12.46 55.52 33.24
C LEU N 398 12.69 56.85 32.51
N THR N 399 13.95 57.21 32.32
CA THR N 399 14.33 58.43 31.62
C THR N 399 13.78 58.42 30.18
N GLU N 400 13.56 59.61 29.62
CA GLU N 400 13.01 59.74 28.29
C GLU N 400 13.86 59.17 27.17
N ASN N 401 15.17 59.13 27.36
CA ASN N 401 16.09 58.61 26.35
C ASN N 401 16.11 57.09 26.26
N ASP N 402 16.46 56.43 27.36
CA ASP N 402 16.55 54.98 27.38
C ASP N 402 15.20 54.42 27.03
N ARG N 403 14.17 55.25 27.16
CA ARG N 403 12.80 54.86 26.82
C ARG N 403 12.84 54.22 25.45
N ARG N 404 13.66 54.81 24.59
CA ARG N 404 13.80 54.36 23.20
C ARG N 404 14.43 52.99 23.13
N TYR N 405 15.41 52.75 23.99
CA TYR N 405 16.07 51.47 24.03
C TYR N 405 15.04 50.34 24.04
N LEU N 406 14.20 50.31 25.08
CA LEU N 406 13.15 49.30 25.22
C LEU N 406 12.07 49.42 24.16
N GLN N 407 11.73 50.66 23.81
CA GLN N 407 10.70 50.93 22.83
C GLN N 407 11.01 50.23 21.51
N PHE N 408 12.29 49.94 21.28
CA PHE N 408 12.71 49.28 20.04
C PHE N 408 12.95 47.78 20.22
N ALA N 409 13.24 47.34 21.44
CA ALA N 409 13.47 45.93 21.70
C ALA N 409 12.42 45.10 20.96
N ASP N 410 11.18 45.16 21.45
CA ASP N 410 10.08 44.43 20.82
C ASP N 410 10.15 44.59 19.31
N ALA N 411 10.65 45.73 18.84
CA ALA N 411 10.77 46.01 17.42
C ALA N 411 11.79 45.07 16.79
N PHE N 412 13.06 45.37 17.05
CA PHE N 412 14.15 44.58 16.50
C PHE N 412 13.73 43.12 16.53
N GLU N 413 13.52 42.57 17.73
CA GLU N 413 13.13 41.17 17.87
C GLU N 413 11.90 40.75 17.05
N ARG N 414 10.74 41.33 17.38
CA ARG N 414 9.50 41.03 16.66
C ARG N 414 9.69 40.98 15.15
N PHE N 415 10.16 42.09 14.61
CA PHE N 415 10.40 42.24 13.19
C PHE N 415 11.51 41.32 12.68
N PHE N 416 12.75 41.67 13.00
CA PHE N 416 13.89 40.89 12.55
C PHE N 416 13.65 39.39 12.48
N ILE N 417 13.24 38.80 13.60
CA ILE N 417 13.01 37.37 13.62
C ILE N 417 11.71 36.95 12.97
N ASN N 418 10.90 37.92 12.58
CA ASN N 418 9.63 37.63 11.93
C ASN N 418 9.86 37.20 10.49
N GLN N 419 11.00 36.56 10.25
CA GLN N 419 11.39 36.03 8.94
C GLN N 419 10.44 34.89 8.57
N GLY N 420 10.28 34.61 7.28
CA GLY N 420 9.42 33.49 6.88
C GLY N 420 10.14 32.69 5.82
N GLN N 421 9.41 32.20 4.82
CA GLN N 421 10.04 31.46 3.73
C GLN N 421 10.96 32.43 2.98
N GLN N 422 11.07 33.65 3.54
CA GLN N 422 11.89 34.73 3.00
C GLN N 422 13.27 34.24 2.61
N ASN N 423 13.64 34.41 1.35
CA ASN N 423 14.95 33.97 0.91
C ASN N 423 16.00 34.90 1.51
N ARG N 424 15.55 36.06 1.97
CA ARG N 424 16.43 37.05 2.57
C ARG N 424 17.87 37.00 2.04
N SER N 425 18.19 37.87 1.08
CA SER N 425 19.54 37.92 0.49
C SER N 425 20.50 38.70 1.39
N ILE N 426 21.80 38.55 1.13
CA ILE N 426 22.83 39.23 1.91
C ILE N 426 22.51 40.72 2.08
N GLU N 427 21.91 41.27 1.04
CA GLU N 427 21.53 42.68 0.99
C GLU N 427 20.19 42.97 1.65
N GLU N 428 19.12 42.27 1.24
CA GLU N 428 17.79 42.47 1.82
C GLU N 428 17.96 42.60 3.33
N SER N 429 19.08 42.03 3.80
CA SER N 429 19.43 42.06 5.21
C SER N 429 19.88 43.46 5.57
N LEU N 430 21.16 43.73 5.28
CA LEU N 430 21.76 45.02 5.57
C LEU N 430 20.73 46.13 5.70
N GLN N 431 19.85 46.20 4.71
CA GLN N 431 18.78 47.20 4.67
C GLN N 431 18.04 47.28 6.00
N ILE N 432 17.22 46.27 6.27
CA ILE N 432 16.44 46.22 7.49
C ILE N 432 17.26 46.81 8.63
N ALA N 433 18.48 46.29 8.80
CA ALA N 433 19.39 46.74 9.87
C ALA N 433 19.49 48.25 9.93
N TRP N 434 19.52 48.88 8.77
CA TRP N 434 19.62 50.32 8.70
C TRP N 434 18.25 50.96 8.92
N ALA N 435 17.19 50.17 8.79
CA ALA N 435 15.82 50.65 8.99
C ALA N 435 15.40 50.64 10.46
N LEU N 436 16.05 49.81 11.27
CA LEU N 436 15.72 49.75 12.70
C LEU N 436 16.65 50.61 13.54
N LEU N 437 17.88 50.84 13.04
CA LEU N 437 18.88 51.68 13.72
C LEU N 437 18.49 53.16 13.65
N SER N 438 17.64 53.49 12.68
CA SER N 438 17.20 54.88 12.45
C SER N 438 16.38 55.45 13.61
N MET N 439 16.10 54.66 14.63
CA MET N 439 15.30 55.16 15.75
C MET N 439 16.09 56.00 16.76
N LEU N 440 17.40 56.00 16.60
CA LEU N 440 18.27 56.80 17.44
C LEU N 440 19.47 57.18 16.60
N PRO N 441 19.48 58.43 16.12
CA PRO N 441 20.56 58.94 15.28
C PRO N 441 21.93 58.67 15.89
N GLN N 442 22.97 58.89 15.10
CA GLN N 442 24.35 58.69 15.52
C GLN N 442 24.61 59.27 16.90
N GLY N 443 24.47 58.45 17.92
CA GLY N 443 24.70 58.94 19.27
C GLY N 443 25.11 57.81 20.19
N GLU N 444 24.39 56.69 20.09
CA GLU N 444 24.68 55.53 20.92
C GLU N 444 25.53 54.57 20.10
N LEU N 445 25.46 54.73 18.78
CA LEU N 445 26.22 53.90 17.84
C LEU N 445 27.71 54.22 17.96
N LYS N 446 28.35 53.64 18.96
CA LYS N 446 29.78 53.85 19.20
C LYS N 446 30.65 52.73 18.67
N ARG N 447 30.06 51.83 17.87
CA ARG N 447 30.80 50.70 17.31
C ARG N 447 31.29 51.01 15.90
N ILE N 448 30.38 51.44 15.04
CA ILE N 448 30.71 51.76 13.66
C ILE N 448 31.28 53.19 13.58
N SER N 449 31.98 53.51 12.49
CA SER N 449 32.57 54.83 12.29
C SER N 449 31.56 55.87 11.77
N LYS N 450 31.90 57.15 11.96
CA LYS N 450 31.04 58.25 11.57
C LYS N 450 30.61 58.23 10.10
N ASP N 451 31.52 57.88 9.19
CA ASP N 451 31.15 57.83 7.78
C ASP N 451 30.12 56.75 7.54
N HIS N 452 30.54 55.49 7.69
CA HIS N 452 29.66 54.35 7.49
C HIS N 452 28.33 54.51 8.23
N ILE N 453 28.42 54.97 9.49
CA ILE N 453 27.23 55.13 10.30
C ILE N 453 26.12 55.92 9.60
N GLY N 454 26.45 57.11 9.10
CA GLY N 454 25.44 57.89 8.41
C GLY N 454 25.29 57.34 7.02
N LYS N 455 26.38 56.81 6.47
CA LYS N 455 26.41 56.24 5.11
C LYS N 455 25.11 55.61 4.67
N TYR N 456 24.52 54.78 5.52
CA TYR N 456 23.25 54.14 5.20
C TYR N 456 22.22 54.60 6.24
N TYR N 457 22.15 55.91 6.47
CA TYR N 457 21.21 56.43 7.43
C TYR N 457 20.04 57.13 6.77
N SER O 1 7.91 22.72 37.07
CA SER O 1 7.59 23.36 35.76
C SER O 1 8.84 23.50 34.89
N GLN O 2 9.62 24.55 35.16
CA GLN O 2 10.85 24.84 34.43
C GLN O 2 11.44 26.19 34.89
N VAL O 3 12.49 26.15 35.72
CA VAL O 3 13.11 27.38 36.24
C VAL O 3 14.56 27.66 35.81
N SER O 4 15.52 26.99 36.44
CA SER O 4 16.93 27.21 36.13
C SER O 4 17.78 25.95 36.25
N PRO O 5 19.06 26.00 35.81
CA PRO O 5 19.97 24.85 35.89
C PRO O 5 20.13 24.40 37.33
N THR O 6 21.28 23.84 37.68
CA THR O 6 21.48 23.40 39.05
C THR O 6 22.78 23.96 39.64
N ARG O 7 23.89 23.62 39.01
CA ARG O 7 25.21 24.05 39.47
C ARG O 7 25.63 25.43 39.00
N MET O 8 26.57 26.03 39.72
CA MET O 8 27.13 27.34 39.43
C MET O 8 26.28 28.52 39.86
N ASN O 9 24.94 28.36 39.86
CA ASN O 9 23.97 29.39 40.26
C ASN O 9 24.00 29.57 41.76
N LEU O 10 24.35 28.47 42.42
CA LEU O 10 24.44 28.48 43.84
C LEU O 10 25.12 29.76 44.33
N LEU O 11 26.27 30.16 43.78
CA LEU O 11 26.99 31.36 44.22
C LEU O 11 26.37 32.71 43.82
N GLN O 12 25.71 32.72 42.65
CA GLN O 12 25.05 33.89 42.08
C GLN O 12 23.69 34.12 42.75
N ARG O 13 22.85 33.10 42.81
CA ARG O 13 21.56 33.21 43.45
C ARG O 13 21.75 33.46 44.94
N ARG O 14 23.01 33.39 45.37
CA ARG O 14 23.34 33.66 46.76
C ARG O 14 23.46 35.16 47.01
N GLY O 15 24.03 35.91 46.06
CA GLY O 15 24.18 37.36 46.18
C GLY O 15 22.89 38.17 46.04
N GLN O 16 21.81 37.42 45.88
CA GLN O 16 20.45 37.96 45.75
C GLN O 16 20.01 38.52 47.09
N LEU O 17 20.11 37.71 48.12
CA LEU O 17 19.71 38.14 49.45
C LEU O 17 20.48 39.40 49.80
N ARG O 18 21.80 39.35 49.61
CA ARG O 18 22.65 40.50 49.92
C ARG O 18 22.08 41.73 49.20
N LEU O 19 21.75 41.53 47.91
CA LEU O 19 21.19 42.58 47.07
C LEU O 19 19.75 42.93 47.50
N ALA O 20 18.85 41.95 47.44
CA ALA O 20 17.47 42.18 47.85
C ALA O 20 17.46 42.46 49.35
N GLN O 21 17.60 41.39 50.12
CA GLN O 21 17.65 41.43 51.58
C GLN O 21 18.31 42.67 52.16
N LYS O 22 19.43 43.12 51.60
CA LYS O 22 20.08 44.32 52.14
C LYS O 22 19.54 45.63 51.60
N GLY O 23 19.20 45.68 50.33
CA GLY O 23 18.64 46.91 49.80
C GLY O 23 17.44 47.35 50.61
N VAL O 24 16.52 46.41 50.86
CA VAL O 24 15.27 46.62 51.62
C VAL O 24 15.45 46.64 53.14
N ASP O 25 16.53 46.03 53.59
CA ASP O 25 16.82 45.99 55.02
C ASP O 25 16.54 47.38 55.63
N LEU O 26 17.23 48.40 55.11
CA LEU O 26 17.06 49.73 55.66
C LEU O 26 15.98 50.54 54.97
N LEU O 27 15.82 50.27 53.68
CA LEU O 27 14.84 50.93 52.86
C LEU O 27 13.48 51.03 53.55
N LYS O 28 13.30 50.27 54.64
CA LYS O 28 12.03 50.31 55.36
C LYS O 28 11.89 51.59 56.17
N LYS O 29 12.90 51.88 56.99
CA LYS O 29 12.90 53.06 57.84
C LYS O 29 13.41 54.22 57.04
N LYS O 30 13.58 53.97 55.73
CA LYS O 30 14.07 54.97 54.81
C LYS O 30 13.02 56.04 54.56
N ARG O 31 11.85 55.64 54.06
CA ARG O 31 10.77 56.59 53.83
C ARG O 31 10.13 57.01 55.16
N ASP O 32 10.20 56.12 56.15
CA ASP O 32 9.65 56.41 57.47
C ASP O 32 10.00 57.84 57.95
N ALA O 33 11.19 58.31 57.60
CA ALA O 33 11.61 59.65 58.03
C ALA O 33 10.78 60.80 57.47
N LEU O 34 10.69 60.88 56.14
CA LEU O 34 9.92 61.98 55.52
C LEU O 34 8.46 61.98 55.99
N VAL O 35 7.90 60.81 56.28
CA VAL O 35 6.52 60.73 56.73
C VAL O 35 6.41 61.21 58.18
N ALA O 36 7.41 60.89 58.99
CA ALA O 36 7.42 61.29 60.40
C ALA O 36 7.39 62.81 60.58
N GLU O 37 8.34 63.50 59.96
CA GLU O 37 8.43 64.96 60.02
C GLU O 37 7.34 65.58 59.15
N PHE O 38 6.94 64.86 58.09
CA PHE O 38 5.91 65.32 57.15
C PHE O 38 4.67 65.79 57.87
N PHE O 39 4.29 65.06 58.90
CA PHE O 39 3.12 65.44 59.69
C PHE O 39 3.24 66.87 60.16
N GLY O 40 4.44 67.26 60.60
CA GLY O 40 4.66 68.62 61.07
C GLY O 40 4.00 69.70 60.22
N LEU O 41 3.98 69.47 58.91
CA LEU O 41 3.36 70.41 57.98
C LEU O 41 1.86 70.19 57.90
N VAL O 42 1.42 68.94 58.11
CA VAL O 42 0.00 68.58 58.04
C VAL O 42 -0.84 69.14 59.19
N ARG O 43 -0.33 68.97 60.41
CA ARG O 43 -1.04 69.48 61.56
C ARG O 43 -1.33 70.94 61.26
N GLU O 44 -0.26 71.68 60.97
CA GLU O 44 -0.33 73.10 60.67
C GLU O 44 -1.29 73.41 59.52
N ALA O 45 -1.49 72.42 58.65
CA ALA O 45 -2.38 72.59 57.51
C ALA O 45 -3.67 73.24 57.96
N MET O 46 -4.29 72.67 58.97
CA MET O 46 -5.54 73.23 59.46
C MET O 46 -5.30 74.42 60.41
N GLU O 47 -4.02 74.69 60.72
CA GLU O 47 -3.63 75.82 61.54
C GLU O 47 -4.38 77.06 61.04
N ALA O 48 -4.07 77.45 59.81
CA ALA O 48 -4.68 78.61 59.17
C ALA O 48 -6.08 78.35 58.65
N ARG O 49 -6.30 77.16 58.12
CA ARG O 49 -7.60 76.75 57.59
C ARG O 49 -8.71 77.02 58.57
N LYS O 50 -8.66 76.33 59.72
CA LYS O 50 -9.67 76.52 60.73
C LYS O 50 -9.60 77.97 61.24
N ALA O 51 -8.39 78.52 61.35
CA ALA O 51 -8.17 79.89 61.85
C ALA O 51 -8.91 80.96 61.08
N LEU O 52 -8.65 80.99 59.80
CA LEU O 52 -9.28 81.97 58.93
C LEU O 52 -10.58 81.44 58.30
N ASP O 53 -10.83 80.13 58.47
CA ASP O 53 -12.04 79.49 57.93
C ASP O 53 -13.27 80.09 58.57
N GLN O 54 -13.17 80.32 59.88
CA GLN O 54 -14.29 80.88 60.62
C GLN O 54 -14.31 82.42 60.53
N ALA O 55 -13.17 83.05 60.24
CA ALA O 55 -13.14 84.51 60.12
C ALA O 55 -13.46 84.90 58.67
N ALA O 56 -13.57 83.90 57.81
CA ALA O 56 -13.86 84.10 56.40
C ALA O 56 -15.17 84.86 56.23
N LYS O 57 -16.21 84.36 56.87
CA LYS O 57 -17.52 85.00 56.80
C LYS O 57 -17.47 86.33 57.52
N GLU O 58 -16.55 86.45 58.48
CA GLU O 58 -16.36 87.65 59.28
C GLU O 58 -16.73 88.94 58.56
N ALA O 59 -16.14 89.17 57.40
CA ALA O 59 -16.46 90.38 56.67
C ALA O 59 -17.57 90.13 55.65
N TYR O 60 -17.49 89.01 54.92
CA TYR O 60 -18.48 88.64 53.90
C TYR O 60 -19.88 89.03 54.35
N ALA O 61 -20.34 88.45 55.44
CA ALA O 61 -21.64 88.81 55.97
C ALA O 61 -21.52 90.13 56.74
N ALA O 62 -20.31 90.47 57.22
CA ALA O 62 -20.08 91.68 58.00
C ALA O 62 -20.61 92.91 57.30
N LEU O 63 -20.39 92.98 56.01
CA LEU O 63 -20.86 94.14 55.29
C LEU O 63 -22.26 93.95 54.71
N LEU O 64 -22.96 92.90 55.13
CA LEU O 64 -24.30 92.63 54.63
C LEU O 64 -25.32 93.67 55.07
N LEU O 65 -24.82 94.76 55.66
CA LEU O 65 -25.66 95.83 56.15
C LEU O 65 -25.99 96.84 55.06
N ALA O 66 -24.98 97.62 54.69
CA ALA O 66 -25.14 98.63 53.66
C ALA O 66 -24.45 98.20 52.40
N GLN O 67 -23.78 97.07 52.44
CA GLN O 67 -23.11 96.61 51.25
C GLN O 67 -23.70 95.31 50.73
N ALA O 68 -24.50 94.64 51.56
CA ALA O 68 -25.11 93.35 51.18
C ALA O 68 -25.99 93.45 49.94
N PHE O 69 -26.97 94.33 49.97
CA PHE O 69 -27.88 94.53 48.87
C PHE O 69 -27.24 95.37 47.76
N ASP O 70 -26.10 95.96 48.13
CA ASP O 70 -25.29 96.83 47.28
C ASP O 70 -23.91 96.24 46.93
N GLY O 71 -23.70 94.97 47.25
CA GLY O 71 -22.44 94.31 46.93
C GLY O 71 -22.26 94.24 45.44
N PRO O 72 -23.14 93.51 44.74
CA PRO O 72 -23.05 93.39 43.29
C PRO O 72 -22.42 94.64 42.66
N GLU O 73 -22.93 95.81 43.05
CA GLU O 73 -22.48 97.11 42.54
C GLU O 73 -21.08 97.44 43.03
N VAL O 74 -20.91 97.40 44.35
CA VAL O 74 -19.60 97.70 44.90
C VAL O 74 -18.60 96.82 44.17
N VAL O 75 -19.03 95.62 43.81
CA VAL O 75 -18.15 94.66 43.15
C VAL O 75 -17.83 95.01 41.73
N ALA O 76 -18.77 95.58 41.03
CA ALA O 76 -18.51 95.92 39.67
C ALA O 76 -17.19 96.70 39.63
N GLY O 77 -17.20 97.91 40.19
CA GLY O 77 -16.04 98.80 40.21
C GLY O 77 -14.68 98.31 40.70
N ALA O 78 -14.70 97.33 41.58
CA ALA O 78 -13.49 96.75 42.14
C ALA O 78 -13.72 95.26 42.27
N ALA O 79 -13.92 94.60 41.13
CA ALA O 79 -14.15 93.16 41.09
C ALA O 79 -13.14 92.57 40.17
N LEU O 80 -12.68 91.37 40.47
CA LEU O 80 -11.63 90.78 39.66
C LEU O 80 -10.80 92.00 39.31
N GLY O 81 -10.64 92.89 40.28
CA GLY O 81 -9.90 94.11 40.07
C GLY O 81 -8.48 93.82 39.64
N VAL O 82 -7.79 93.01 40.43
CA VAL O 82 -6.43 92.63 40.14
C VAL O 82 -6.32 91.10 40.16
N PRO O 83 -7.18 90.42 39.39
CA PRO O 83 -7.20 88.96 39.30
C PRO O 83 -6.14 88.55 38.28
N PRO O 84 -4.87 88.49 38.71
CA PRO O 84 -3.75 88.12 37.83
C PRO O 84 -3.97 86.77 37.17
N LEU O 85 -4.14 85.74 37.99
CA LEU O 85 -4.36 84.37 37.54
C LEU O 85 -3.05 83.64 37.26
N GLU O 86 -2.47 83.14 38.34
CA GLU O 86 -1.21 82.40 38.40
C GLU O 86 0.04 83.24 38.65
N GLY O 87 -0.20 84.48 39.06
CA GLY O 87 0.89 85.37 39.39
C GLY O 87 1.64 84.71 40.52
N VAL O 88 0.99 83.66 41.00
CA VAL O 88 1.43 82.77 42.06
C VAL O 88 2.87 82.29 41.84
N GLU O 89 3.60 82.04 42.93
CA GLU O 89 4.96 81.58 42.86
C GLU O 89 5.04 80.07 43.05
N ALA O 90 5.13 79.35 41.93
CA ALA O 90 5.22 77.89 41.87
C ALA O 90 6.62 77.31 42.13
N GLU O 91 6.65 76.29 42.97
CA GLU O 91 7.87 75.61 43.41
C GLU O 91 8.00 74.14 42.95
N VAL O 92 9.19 73.72 42.54
CA VAL O 92 9.36 72.34 42.13
C VAL O 92 9.99 71.56 43.31
N GLU O 93 9.62 70.30 43.49
CA GLU O 93 10.18 69.49 44.58
C GLU O 93 10.28 68.06 44.12
N ASN O 94 10.94 67.21 44.91
CA ASN O 94 11.15 65.80 44.57
C ASN O 94 10.49 64.74 45.46
N VAL O 95 9.69 63.89 44.86
CA VAL O 95 9.00 62.82 45.58
C VAL O 95 8.81 61.58 44.71
N TRP O 96 8.84 60.42 45.36
CA TRP O 96 8.67 59.14 44.66
C TRP O 96 7.74 59.22 43.47
N GLY O 97 8.20 58.72 42.33
CA GLY O 97 7.38 58.75 41.13
C GLY O 97 7.78 59.83 40.15
N SER O 98 8.31 60.92 40.70
CA SER O 98 8.79 62.08 39.96
C SER O 98 9.02 63.25 40.91
N LYS O 99 8.71 64.47 40.47
CA LYS O 99 8.91 65.64 41.32
C LYS O 99 7.68 66.51 41.11
N VAL O 100 6.81 66.60 42.13
CA VAL O 100 5.60 67.43 42.00
C VAL O 100 5.88 68.84 42.54
N PRO O 101 5.33 69.85 41.86
CA PRO O 101 5.44 71.28 42.16
C PRO O 101 4.32 71.85 43.05
N ARG O 102 4.73 72.66 44.03
CA ARG O 102 3.82 73.32 44.95
C ARG O 102 3.99 74.83 44.69
N LEU O 103 3.37 75.67 45.50
CA LEU O 103 3.44 77.13 45.35
C LEU O 103 2.41 77.80 46.22
N LYS O 104 2.55 79.10 46.34
CA LYS O 104 1.64 79.88 47.14
C LYS O 104 1.43 81.20 46.41
N ALA O 105 0.24 81.78 46.57
CA ALA O 105 -0.11 83.06 45.98
C ALA O 105 0.08 84.14 47.04
N THR O 106 1.25 84.73 47.02
CA THR O 106 1.60 85.74 47.98
C THR O 106 1.99 86.97 47.17
N PHE O 107 1.15 87.99 47.27
CA PHE O 107 1.37 89.24 46.57
C PHE O 107 0.51 90.36 47.16
N PRO O 108 1.05 91.60 47.17
CA PRO O 108 0.35 92.76 47.72
C PRO O 108 -0.79 93.17 46.81
N ASP O 109 -1.98 92.64 47.08
CA ASP O 109 -3.16 92.92 46.27
C ASP O 109 -4.46 92.97 47.05
N GLY O 110 -4.90 91.86 47.62
CA GLY O 110 -6.15 91.88 48.35
C GLY O 110 -6.00 92.79 49.54
N ALA O 111 -4.77 93.26 49.73
CA ALA O 111 -4.39 94.14 50.83
C ALA O 111 -4.88 95.59 50.69
N LEU O 112 -6.19 95.77 50.64
CA LEU O 112 -6.80 97.10 50.51
C LEU O 112 -6.37 97.90 49.30
N LEU O 113 -6.48 97.28 48.13
CA LEU O 113 -6.07 97.97 46.93
C LEU O 113 -7.17 98.38 45.96
N SER O 114 -8.37 97.82 46.10
CA SER O 114 -9.44 98.23 45.22
C SER O 114 -10.01 99.53 45.79
N PRO O 115 -9.87 100.62 45.02
CA PRO O 115 -10.29 101.99 45.34
C PRO O 115 -11.79 102.31 45.36
N VAL O 116 -12.26 102.96 44.30
CA VAL O 116 -13.65 103.41 44.15
C VAL O 116 -14.20 104.05 45.43
N GLY O 117 -13.31 104.60 46.25
CA GLY O 117 -13.71 105.26 47.49
C GLY O 117 -14.62 104.39 48.30
N THR O 118 -15.91 104.44 47.99
CA THR O 118 -16.94 103.61 48.62
C THR O 118 -17.17 103.95 50.12
N PRO O 119 -17.97 103.15 50.86
CA PRO O 119 -18.29 103.37 52.28
C PRO O 119 -17.37 102.86 53.38
N ALA O 120 -18.00 102.25 54.39
CA ALA O 120 -17.32 101.72 55.55
C ALA O 120 -17.10 100.22 55.44
N TYR O 121 -18.13 99.51 55.01
CA TYR O 121 -18.11 98.05 54.87
C TYR O 121 -17.04 97.51 53.93
N THR O 122 -16.95 98.15 52.79
CA THR O 122 -15.99 97.82 51.75
C THR O 122 -14.63 97.46 52.30
N LEU O 123 -13.93 98.49 52.74
CA LEU O 123 -12.58 98.37 53.25
C LEU O 123 -12.51 97.21 54.25
N GLU O 124 -13.54 97.05 55.08
CA GLU O 124 -13.54 95.95 56.04
C GLU O 124 -13.84 94.66 55.31
N ALA O 125 -14.70 94.75 54.32
CA ALA O 125 -15.10 93.62 53.51
C ALA O 125 -14.01 93.21 52.56
N SER O 126 -13.36 94.17 51.93
CA SER O 126 -12.29 93.76 51.05
C SER O 126 -11.19 93.12 51.87
N ARG O 127 -11.00 93.57 53.11
CA ARG O 127 -9.95 92.99 53.96
C ARG O 127 -10.14 91.51 54.14
N ALA O 128 -11.40 91.09 54.16
CA ALA O 128 -11.77 89.69 54.32
C ALA O 128 -11.20 88.78 53.26
N PHE O 129 -10.93 89.32 52.08
CA PHE O 129 -10.40 88.50 51.01
C PHE O 129 -9.08 87.86 51.41
N ARG O 130 -8.42 88.55 52.33
CA ARG O 130 -7.17 88.10 52.91
C ARG O 130 -7.22 86.64 53.42
N ARG O 131 -8.31 86.23 54.07
CA ARG O 131 -8.50 84.88 54.62
C ARG O 131 -8.75 83.81 53.55
N TYR O 132 -8.91 84.25 52.32
CA TYR O 132 -9.13 83.32 51.25
C TYR O 132 -7.75 83.26 50.60
N ALA O 133 -7.40 84.29 49.85
CA ALA O 133 -6.10 84.32 49.20
C ALA O 133 -5.04 83.85 50.20
N GLU O 134 -4.61 84.78 51.04
CA GLU O 134 -3.59 84.50 52.03
C GLU O 134 -3.74 83.08 52.62
N ALA O 135 -4.86 82.79 53.28
CA ALA O 135 -5.09 81.47 53.86
C ALA O 135 -5.09 80.37 52.81
N LEU O 136 -5.91 80.51 51.78
CA LEU O 136 -5.96 79.48 50.75
C LEU O 136 -4.58 78.97 50.37
N ILE O 137 -3.57 79.79 50.72
CA ILE O 137 -2.15 79.48 50.50
C ILE O 137 -1.65 78.32 51.36
N ARG O 138 -1.99 78.37 52.63
CA ARG O 138 -1.56 77.33 53.53
C ARG O 138 -1.73 75.98 52.89
N VAL O 139 -2.87 75.76 52.25
CA VAL O 139 -3.22 74.49 51.59
C VAL O 139 -2.64 74.14 50.25
N ALA O 140 -2.05 75.11 49.56
CA ALA O 140 -1.56 74.85 48.20
C ALA O 140 -0.27 74.07 48.20
N ASN O 141 0.43 74.18 49.30
CA ASN O 141 1.68 73.49 49.38
C ASN O 141 1.56 72.51 50.53
N THR O 142 0.69 72.78 51.49
CA THR O 142 0.52 71.81 52.55
C THR O 142 -0.53 70.82 52.13
N GLU O 143 -1.68 71.31 51.67
CA GLU O 143 -2.74 70.39 51.26
C GLU O 143 -2.38 69.56 50.06
N THR O 144 -1.43 70.06 49.27
CA THR O 144 -0.94 69.34 48.10
C THR O 144 0.10 68.35 48.59
N ARG O 145 0.80 68.71 49.67
CA ARG O 145 1.84 67.86 50.26
C ARG O 145 1.28 66.51 50.65
N LEU O 146 0.05 66.49 51.14
CA LEU O 146 -0.60 65.25 51.56
C LEU O 146 -0.67 64.22 50.43
N LYS O 147 -1.19 64.64 49.28
CA LYS O 147 -1.31 63.74 48.13
C LYS O 147 0.07 63.20 47.73
N LYS O 148 1.05 64.10 47.74
CA LYS O 148 2.44 63.78 47.42
C LYS O 148 2.86 62.62 48.29
N ILE O 149 2.60 62.76 49.59
CA ILE O 149 2.93 61.73 50.56
C ILE O 149 2.12 60.44 50.35
N GLY O 150 0.99 60.54 49.65
CA GLY O 150 0.17 59.39 49.37
C GLY O 150 0.90 58.42 48.46
N GLU O 151 1.32 58.93 47.31
CA GLU O 151 2.07 58.13 46.32
C GLU O 151 3.24 57.38 46.98
N GLU O 152 4.18 58.15 47.52
CA GLU O 152 5.35 57.59 48.19
C GLU O 152 4.86 56.51 49.12
N ILE O 153 4.26 56.94 50.22
CA ILE O 153 3.72 56.00 51.19
C ILE O 153 3.24 54.71 50.53
N LYS O 154 2.28 54.81 49.62
CA LYS O 154 1.75 53.63 48.92
C LYS O 154 2.77 52.90 48.03
N LYS O 155 3.29 53.56 47.00
CA LYS O 155 4.24 52.89 46.10
C LYS O 155 5.38 52.23 46.84
N THR O 156 5.90 52.95 47.81
CA THR O 156 7.00 52.45 48.61
C THR O 156 6.63 51.16 49.30
N THR O 157 5.71 51.27 50.26
CA THR O 157 5.24 50.12 51.05
C THR O 157 4.71 48.96 50.22
N ARG O 158 4.02 49.28 49.12
CA ARG O 158 3.47 48.25 48.23
C ARG O 158 4.51 47.16 48.01
N ARG O 159 5.73 47.60 47.69
CA ARG O 159 6.86 46.71 47.44
C ARG O 159 7.27 45.93 48.68
N VAL O 160 7.23 46.59 49.83
CA VAL O 160 7.58 45.94 51.09
C VAL O 160 6.89 44.59 51.17
N ASN O 161 5.57 44.63 51.16
CA ASN O 161 4.72 43.44 51.22
C ASN O 161 5.20 42.42 50.18
N ALA O 162 5.03 42.79 48.91
CA ALA O 162 5.41 41.95 47.79
C ALA O 162 6.80 41.41 48.02
N LEU O 163 7.74 42.35 48.06
CA LEU O 163 9.12 42.01 48.29
C LEU O 163 9.06 40.86 49.30
N GLU O 164 8.31 41.10 50.38
CA GLU O 164 8.17 40.12 51.48
C GLU O 164 7.43 38.82 51.16
N GLN O 165 6.72 38.74 50.05
CA GLN O 165 6.08 37.46 49.76
C GLN O 165 6.43 36.92 48.39
N VAL O 166 7.02 37.77 47.57
CA VAL O 166 7.43 37.30 46.28
C VAL O 166 8.93 37.48 46.19
N VAL O 167 9.42 38.66 46.61
CA VAL O 167 10.86 38.90 46.53
C VAL O 167 11.52 37.94 47.49
N ILE O 168 11.52 38.32 48.75
CA ILE O 168 12.09 37.44 49.74
C ILE O 168 11.71 35.98 49.41
N PRO O 169 10.42 35.59 49.57
CA PRO O 169 10.02 34.19 49.27
C PRO O 169 10.26 33.70 47.86
N GLY O 170 10.49 34.64 46.94
CA GLY O 170 10.75 34.25 45.56
C GLY O 170 12.16 33.66 45.49
N ILE O 171 13.11 34.37 46.08
CA ILE O 171 14.50 33.92 46.12
C ILE O 171 14.76 32.83 47.17
N ARG O 172 13.89 32.77 48.18
CA ARG O 172 14.00 31.75 49.20
C ARG O 172 13.86 30.46 48.42
N ALA O 173 12.61 30.12 48.12
CA ALA O 173 12.20 28.92 47.37
C ALA O 173 13.12 28.47 46.24
N GLN O 174 13.92 29.41 45.74
CA GLN O 174 14.88 29.09 44.68
C GLN O 174 15.92 28.18 45.31
N ILE O 175 16.64 28.78 46.27
CA ILE O 175 17.70 28.09 47.01
C ILE O 175 17.40 26.61 47.41
N ARG O 176 16.22 26.31 47.95
CA ARG O 176 15.86 24.95 48.34
C ARG O 176 16.09 23.96 47.18
N PHE O 177 15.42 24.19 46.07
CA PHE O 177 15.50 23.34 44.89
C PHE O 177 16.92 23.05 44.48
N ILE O 178 17.71 24.13 44.40
CA ILE O 178 19.12 24.11 44.05
C ILE O 178 19.73 23.13 45.03
N GLN O 179 19.89 23.65 46.23
CA GLN O 179 20.44 22.93 47.38
C GLN O 179 20.22 21.42 47.27
N GLN O 180 18.99 20.99 47.57
CA GLN O 180 18.61 19.56 47.52
C GLN O 180 19.24 18.84 46.32
N VAL O 181 19.34 19.54 45.20
CA VAL O 181 19.94 18.91 44.05
C VAL O 181 21.44 18.95 44.26
N LEU O 182 21.92 20.07 44.80
CA LEU O 182 23.35 20.29 45.06
C LEU O 182 23.95 19.31 46.06
N GLU O 183 23.25 19.09 47.17
CA GLU O 183 23.69 18.16 48.20
C GLU O 183 23.60 16.72 47.73
N GLN O 184 22.47 16.36 47.13
CA GLN O 184 22.31 15.01 46.65
C GLN O 184 23.30 14.86 45.50
N ARG O 185 23.52 15.94 44.75
CA ARG O 185 24.44 15.93 43.61
C ARG O 185 25.60 15.00 43.93
N GLU O 186 25.94 14.91 45.21
CA GLU O 186 27.02 14.04 45.67
C GLU O 186 26.53 12.61 45.59
N ARG O 187 25.61 12.39 44.68
CA ARG O 187 25.10 11.06 44.47
C ARG O 187 26.29 10.31 43.89
N GLU O 188 26.78 10.79 42.75
CA GLU O 188 27.90 10.20 42.04
C GLU O 188 29.06 9.89 42.99
N ASP O 189 29.25 10.77 43.96
CA ASP O 189 30.32 10.57 44.93
C ASP O 189 30.21 9.16 45.48
N THR O 190 29.11 8.89 46.18
CA THR O 190 28.91 7.58 46.74
C THR O 190 28.71 6.53 45.67
N PHE O 191 27.73 6.74 44.80
CA PHE O 191 27.46 5.74 43.76
C PHE O 191 28.66 5.42 42.89
N ARG O 192 29.39 6.45 42.48
CA ARG O 192 30.55 6.23 41.64
C ARG O 192 31.62 5.53 42.46
N LEU O 193 31.96 6.12 43.60
CA LEU O 193 32.99 5.54 44.41
C LEU O 193 32.61 4.13 44.89
N LYS O 194 31.36 3.93 45.30
CA LYS O 194 30.94 2.61 45.76
C LYS O 194 31.45 1.56 44.79
N ARG O 195 31.07 1.71 43.54
CA ARG O 195 31.48 0.79 42.51
C ARG O 195 32.98 0.78 42.43
N ILE O 196 33.59 1.94 42.65
CA ILE O 196 35.04 2.07 42.58
C ILE O 196 35.75 1.13 43.54
N LYS O 197 35.30 1.05 44.79
CA LYS O 197 35.96 0.16 45.73
C LYS O 197 35.98 -1.26 45.20
N GLY O 198 34.80 -1.73 44.79
CA GLY O 198 34.67 -3.08 44.27
C GLY O 198 35.72 -3.43 43.25
N LYS O 199 36.01 -2.49 42.38
CA LYS O 199 37.00 -2.70 41.34
C LYS O 199 38.42 -2.74 41.91
N ILE O 200 38.89 -1.61 42.47
CA ILE O 200 40.23 -1.54 43.05
C ILE O 200 40.46 -2.76 43.92
N GLU O 201 39.45 -3.12 44.71
CA GLU O 201 39.61 -4.27 45.56
C GLU O 201 39.39 -5.57 44.81
N ALA O 202 38.35 -5.66 43.99
CA ALA O 202 38.12 -6.90 43.25
C ALA O 202 39.42 -7.28 42.56
N ARG O 203 40.11 -6.28 42.03
CA ARG O 203 41.37 -6.51 41.34
C ARG O 203 42.40 -7.03 42.33
N GLU O 204 42.40 -6.45 43.52
CA GLU O 204 43.32 -6.84 44.60
C GLU O 204 42.67 -7.95 45.43
N ALA O 205 41.43 -8.29 45.08
CA ALA O 205 40.66 -9.33 45.77
C ALA O 205 40.74 -10.61 44.96
N GLU O 206 40.97 -10.45 43.66
CA GLU O 206 41.09 -11.60 42.77
C GLU O 206 42.56 -11.82 42.46
N GLU O 207 43.43 -10.96 43.00
CA GLU O 207 44.87 -11.08 42.78
C GLU O 207 45.45 -11.95 43.89
N GLU O 208 44.68 -12.12 44.96
CA GLU O 208 45.09 -12.93 46.09
C GLU O 208 44.39 -14.30 46.01
N GLY O 209 43.69 -14.50 44.90
CA GLY O 209 43.00 -15.75 44.65
C GLY O 209 43.46 -16.25 43.29
N GLY O 210 44.50 -15.60 42.77
CA GLY O 210 45.05 -15.95 41.48
C GLY O 210 46.34 -15.19 41.21
N MET P 1 -6.24 81.68 38.27
CA MET P 1 -7.11 81.34 39.41
C MET P 1 -8.51 81.92 39.28
N ALA P 2 -9.47 81.03 39.05
CA ALA P 2 -10.86 81.39 38.91
C ALA P 2 -11.52 80.15 39.52
N VAL P 3 -12.16 80.31 40.69
CA VAL P 3 -12.75 79.16 41.40
C VAL P 3 -14.13 79.52 41.94
N ILE P 4 -14.96 78.52 42.16
CA ILE P 4 -16.31 78.79 42.64
C ILE P 4 -16.73 77.86 43.74
N ALA P 5 -17.85 78.19 44.37
CA ALA P 5 -18.34 77.32 45.42
C ALA P 5 -19.81 77.56 45.61
N ASP P 6 -20.12 78.64 46.30
CA ASP P 6 -21.48 79.00 46.59
C ASP P 6 -21.72 80.41 46.07
N PRO P 7 -22.91 80.66 45.53
CA PRO P 7 -23.31 81.95 44.98
C PRO P 7 -23.38 83.02 46.04
N GLU P 8 -24.09 82.69 47.12
CA GLU P 8 -24.31 83.57 48.25
C GLU P 8 -23.00 83.90 48.98
N THR P 9 -22.08 82.94 49.02
CA THR P 9 -20.80 83.16 49.69
C THR P 9 -19.70 83.45 48.64
N ALA P 10 -19.97 83.13 47.35
CA ALA P 10 -18.98 83.33 46.26
C ALA P 10 -18.75 84.82 45.97
N GLN P 11 -19.86 85.54 45.96
CA GLN P 11 -19.85 86.96 45.69
C GLN P 11 -18.57 87.68 46.11
N GLY P 12 -18.13 87.50 47.33
CA GLY P 12 -16.91 88.19 47.69
C GLY P 12 -15.82 87.86 46.72
N PHE P 13 -15.70 86.58 46.42
CA PHE P 13 -14.68 86.13 45.50
C PHE P 13 -14.57 87.09 44.36
N ARG P 14 -15.57 87.13 43.49
CA ARG P 14 -15.52 88.05 42.36
C ARG P 14 -15.14 89.47 42.85
N LEU P 15 -15.43 89.79 44.12
CA LEU P 15 -15.09 91.11 44.66
C LEU P 15 -13.62 91.34 44.61
N ALA P 16 -12.94 90.89 45.64
CA ALA P 16 -11.50 91.07 45.61
C ALA P 16 -10.86 89.83 45.01
N GLY P 17 -9.53 89.78 45.05
CA GLY P 17 -8.79 88.66 44.51
C GLY P 17 -9.37 87.98 43.27
N LEU P 18 -9.74 86.71 43.45
CA LEU P 18 -10.31 85.90 42.39
C LEU P 18 -11.72 86.34 42.04
N GLU P 19 -12.45 85.41 41.46
CA GLU P 19 -13.81 85.62 41.05
C GLU P 19 -14.43 84.25 41.22
N GLY P 20 -15.21 84.10 42.27
CA GLY P 20 -15.86 82.82 42.49
C GLY P 20 -17.23 82.98 41.91
N TYR P 21 -17.78 81.92 41.33
CA TYR P 21 -19.12 81.96 40.75
C TYR P 21 -19.79 80.61 40.75
N GLY P 22 -20.37 80.27 41.90
CA GLY P 22 -21.02 78.99 42.02
C GLY P 22 -22.40 79.09 42.60
N ALA P 23 -23.09 77.95 42.63
CA ALA P 23 -24.43 77.87 43.17
C ALA P 23 -24.42 77.14 44.51
N SER P 24 -25.48 77.34 45.28
CA SER P 24 -25.62 76.70 46.58
C SER P 24 -26.60 75.54 46.43
N SER P 25 -27.34 75.54 45.32
CA SER P 25 -28.32 74.51 44.99
C SER P 25 -27.82 73.62 43.84
N ALA P 26 -26.70 74.00 43.24
CA ALA P 26 -26.08 73.24 42.15
C ALA P 26 -25.25 72.12 42.76
N GLU P 27 -25.88 71.35 43.66
CA GLU P 27 -25.20 70.25 44.33
C GLU P 27 -24.31 69.54 43.33
N GLU P 28 -24.78 69.40 42.10
CA GLU P 28 -24.00 68.73 41.08
C GLU P 28 -22.77 69.55 40.75
N ALA P 29 -22.97 70.80 40.36
CA ALA P 29 -21.85 71.66 40.02
C ALA P 29 -21.02 71.01 38.92
N GLN P 30 -21.25 69.72 38.66
CA GLN P 30 -20.50 69.05 37.62
C GLN P 30 -20.57 69.89 36.34
N SER P 31 -21.78 70.38 36.06
CA SER P 31 -22.04 71.22 34.89
C SER P 31 -20.87 72.16 34.66
N LEU P 32 -20.33 72.66 35.76
CA LEU P 32 -19.22 73.58 35.72
C LEU P 32 -17.92 72.80 35.91
N LEU P 33 -17.84 72.04 36.99
CA LEU P 33 -16.65 71.26 37.31
C LEU P 33 -15.79 70.93 36.08
N GLU P 34 -16.39 70.29 35.09
CA GLU P 34 -15.69 69.90 33.87
C GLU P 34 -15.29 71.10 33.00
N THR P 35 -16.29 71.89 32.65
CA THR P 35 -16.10 73.06 31.82
C THR P 35 -14.90 73.82 32.37
N LEU P 36 -14.94 74.06 33.67
CA LEU P 36 -13.86 74.79 34.34
C LEU P 36 -12.53 74.23 33.90
N VAL P 37 -12.41 72.92 34.01
CA VAL P 37 -11.17 72.25 33.66
C VAL P 37 -10.89 72.26 32.16
N GLU P 38 -11.89 72.60 31.35
CA GLU P 38 -11.68 72.65 29.91
C GLU P 38 -10.38 73.37 29.62
N ARG P 39 -10.08 74.39 30.45
CA ARG P 39 -8.86 75.20 30.36
C ARG P 39 -7.91 74.89 31.54
N GLY P 40 -8.44 74.99 32.75
CA GLY P 40 -7.63 74.73 33.94
C GLY P 40 -6.31 75.46 33.90
N GLY P 41 -6.35 76.75 33.53
CA GLY P 41 -5.12 77.53 33.44
C GLY P 41 -4.85 78.44 34.62
N TYR P 42 -5.27 77.97 35.79
CA TYR P 42 -5.07 78.71 37.01
C TYR P 42 -4.27 77.76 37.89
N ALA P 43 -4.12 78.07 39.17
CA ALA P 43 -3.35 77.23 40.09
C ALA P 43 -3.97 75.90 40.56
N LEU P 44 -4.99 76.00 41.42
CA LEU P 44 -5.69 74.85 41.96
C LEU P 44 -7.05 75.34 42.40
N VAL P 45 -8.03 75.10 41.55
CA VAL P 45 -9.38 75.52 41.80
C VAL P 45 -10.02 74.58 42.83
N ALA P 46 -10.59 75.16 43.88
CA ALA P 46 -11.23 74.36 44.92
C ALA P 46 -12.70 74.71 45.12
N VAL P 47 -13.41 73.88 45.88
CA VAL P 47 -14.84 74.11 46.14
C VAL P 47 -15.29 73.55 47.51
N ASP P 48 -16.41 74.08 48.00
CA ASP P 48 -16.99 73.70 49.30
C ASP P 48 -17.24 72.19 49.40
N GLU P 49 -17.36 71.65 50.62
CA GLU P 49 -17.60 70.22 50.80
C GLU P 49 -19.06 69.81 50.68
N ALA P 50 -19.92 70.77 50.36
CA ALA P 50 -21.35 70.49 50.23
C ALA P 50 -21.70 70.02 48.82
N LEU P 51 -20.71 70.01 47.94
CA LEU P 51 -20.94 69.60 46.57
C LEU P 51 -20.15 68.32 46.32
N LEU P 52 -19.21 68.36 45.38
CA LEU P 52 -18.40 67.17 45.16
C LEU P 52 -17.07 67.46 45.84
N PRO P 53 -17.05 67.45 47.18
CA PRO P 53 -15.70 67.78 47.60
C PRO P 53 -15.12 66.61 48.35
N ASP P 54 -15.99 65.71 48.73
CA ASP P 54 -15.56 64.53 49.44
C ASP P 54 -14.98 63.62 48.36
N PRO P 55 -15.75 63.33 47.28
CA PRO P 55 -15.30 62.48 46.16
C PRO P 55 -14.42 63.23 45.18
N GLU P 56 -13.10 63.15 45.35
CA GLU P 56 -12.21 63.86 44.45
C GLU P 56 -12.31 63.19 43.13
N ARG P 57 -12.90 62.02 43.11
CA ARG P 57 -13.09 61.25 41.90
C ARG P 57 -13.66 62.11 40.78
N ALA P 58 -14.27 63.23 41.15
CA ALA P 58 -14.85 64.11 40.14
C ALA P 58 -13.74 64.64 39.24
N VAL P 59 -12.73 65.26 39.82
CA VAL P 59 -11.62 65.81 39.04
C VAL P 59 -10.86 64.71 38.27
N GLU P 60 -10.66 63.56 38.91
CA GLU P 60 -9.94 62.47 38.27
C GLU P 60 -10.72 61.74 37.17
N ARG P 61 -12.03 61.67 37.36
CA ARG P 61 -12.90 61.01 36.38
C ARG P 61 -12.99 61.90 35.15
N LEU P 62 -12.63 63.17 35.32
CA LEU P 62 -12.67 64.10 34.21
C LEU P 62 -11.27 64.37 33.67
N MET P 63 -10.30 64.64 34.53
CA MET P 63 -8.93 64.91 34.09
C MET P 63 -8.32 63.75 33.35
N ARG P 64 -8.58 62.55 33.88
CA ARG P 64 -8.10 61.29 33.33
C ARG P 64 -6.74 60.86 33.88
N GLY P 65 -6.54 61.13 35.17
CA GLY P 65 -5.29 60.74 35.82
C GLY P 65 -4.13 61.70 35.59
N ARG P 66 -4.45 62.88 35.09
CA ARG P 66 -3.44 63.90 34.80
C ARG P 66 -3.26 64.86 35.98
N ASP P 67 -2.15 65.59 36.00
CA ASP P 67 -1.91 66.53 37.09
C ASP P 67 -2.59 67.86 36.81
N LEU P 68 -3.83 68.00 37.27
CA LEU P 68 -4.59 69.23 37.06
C LEU P 68 -4.92 69.83 38.41
N PRO P 69 -5.21 71.14 38.44
CA PRO P 69 -5.55 71.80 39.69
C PRO P 69 -6.40 70.93 40.58
N VAL P 70 -5.99 70.82 41.84
CA VAL P 70 -6.69 69.99 42.82
C VAL P 70 -7.84 70.71 43.54
N LEU P 71 -8.67 69.90 44.20
CA LEU P 71 -9.86 70.32 44.96
C LEU P 71 -9.63 70.49 46.46
N LEU P 72 -10.31 71.46 47.07
CA LEU P 72 -10.22 71.68 48.51
C LEU P 72 -11.60 71.90 49.14
N PRO P 73 -12.05 70.91 49.94
CA PRO P 73 -13.34 70.86 50.65
C PRO P 73 -13.46 71.72 51.93
N ILE P 74 -14.60 72.39 52.07
CA ILE P 74 -14.89 73.22 53.24
C ILE P 74 -16.30 72.94 53.75
N ALA P 75 -17.19 73.93 53.69
CA ALA P 75 -18.57 73.73 54.18
C ALA P 75 -19.59 74.86 53.93
N GLY P 76 -19.11 76.10 53.73
CA GLY P 76 -20.03 77.20 53.52
C GLY P 76 -20.53 77.67 54.87
N LEU P 77 -21.33 76.85 55.54
CA LEU P 77 -21.82 77.22 56.87
C LEU P 77 -20.95 76.55 57.93
N LYS P 78 -20.33 77.39 58.77
CA LYS P 78 -19.44 76.99 59.88
C LYS P 78 -20.20 76.83 61.19
N GLU P 79 -19.54 76.22 62.19
CA GLU P 79 -20.16 76.01 63.50
C GLU P 79 -19.14 75.43 64.49
N ALA P 80 -18.74 74.22 64.22
CA ALA P 80 -17.78 73.57 65.07
C ALA P 80 -16.75 73.04 64.10
N PHE P 81 -15.51 73.50 64.23
CA PHE P 81 -14.44 73.03 63.35
C PHE P 81 -13.47 72.15 64.15
N GLN P 82 -13.96 71.57 65.25
CA GLN P 82 -13.15 70.71 66.11
C GLN P 82 -13.66 69.27 65.98
N GLY P 83 -14.45 69.05 64.92
CA GLY P 83 -15.00 67.73 64.66
C GLY P 83 -14.35 67.10 63.45
N HIS P 84 -14.70 67.58 62.27
CA HIS P 84 -14.08 66.99 61.10
C HIS P 84 -12.67 67.51 60.83
N ASP P 85 -12.07 68.18 61.82
CA ASP P 85 -10.71 68.70 61.75
C ASP P 85 -9.85 67.51 62.13
N VAL P 86 -9.95 67.13 63.40
CA VAL P 86 -9.21 65.99 63.90
C VAL P 86 -9.57 64.78 63.05
N GLU P 87 -10.65 64.88 62.26
CA GLU P 87 -11.08 63.82 61.34
C GLU P 87 -10.30 63.82 60.00
N GLY P 88 -10.19 64.98 59.33
CA GLY P 88 -9.46 65.02 58.06
C GLY P 88 -8.04 64.54 58.28
N TYR P 89 -7.56 64.87 59.46
CA TYR P 89 -6.25 64.44 59.89
C TYR P 89 -6.19 62.92 59.80
N MET P 90 -7.24 62.26 60.30
CA MET P 90 -7.33 60.79 60.32
C MET P 90 -7.61 60.16 58.94
N ARG P 91 -8.39 60.91 58.16
CA ARG P 91 -8.86 60.53 56.84
C ARG P 91 -7.76 60.36 55.82
N GLU P 92 -6.67 61.08 55.96
CA GLU P 92 -5.59 60.92 54.99
C GLU P 92 -4.73 59.75 55.45
N LEU P 93 -4.24 59.97 56.66
CA LEU P 93 -3.35 59.13 57.47
C LEU P 93 -3.59 57.62 57.78
N VAL P 94 -4.85 57.19 57.81
CA VAL P 94 -5.21 55.83 58.20
C VAL P 94 -5.11 54.68 57.26
N ARG P 95 -5.42 54.99 56.00
CA ARG P 95 -5.38 54.16 54.83
C ARG P 95 -3.92 54.17 54.39
N LYS P 96 -3.06 54.57 55.32
CA LYS P 96 -1.64 54.67 55.12
C LYS P 96 -1.01 54.91 56.48
N THR P 97 -0.46 56.11 56.63
CA THR P 97 0.22 56.51 57.82
C THR P 97 -0.32 55.89 59.09
N ILE P 98 -1.11 56.61 59.84
CA ILE P 98 -1.54 56.07 61.07
C ILE P 98 -2.82 55.26 61.07
N GLY P 99 -2.65 53.94 61.08
CA GLY P 99 -3.75 53.02 61.17
C GLY P 99 -3.93 52.83 62.66
N PHE P 100 -4.62 51.76 63.05
CA PHE P 100 -4.86 51.51 64.46
C PHE P 100 -6.01 50.55 64.75
PB ADP Q . -0.47 -39.37 -37.55
O1B ADP Q . -0.41 -40.84 -37.72
O2B ADP Q . 0.32 -38.51 -38.47
O3B ADP Q . -1.89 -38.94 -37.61
PA ADP Q . 0.48 -40.08 -35.00
O1A ADP Q . 1.60 -39.53 -34.23
O2A ADP Q . 0.56 -41.39 -35.68
O3A ADP Q . -0.11 -38.99 -36.02
O5' ADP Q . -0.79 -40.28 -34.02
C5' ADP Q . -0.90 -39.72 -32.71
C4' ADP Q . -0.90 -40.78 -31.60
O4' ADP Q . -1.73 -41.94 -31.77
C3' ADP Q . 0.46 -41.40 -31.31
O3' ADP Q . 1.13 -40.37 -30.58
C2' ADP Q . 0.11 -42.58 -30.40
O2' ADP Q . 0.14 -42.29 -29.00
C1' ADP Q . -1.30 -42.95 -30.84
N9 ADP Q . -1.45 -44.31 -31.42
C8 ADP Q . -0.79 -44.89 -32.41
N7 ADP Q . -1.24 -46.13 -32.60
C5 ADP Q . -2.20 -46.35 -31.68
C6 ADP Q . -2.99 -47.37 -31.37
N6 ADP Q . -2.85 -48.51 -32.05
N1 ADP Q . -3.89 -47.31 -30.36
C2 ADP Q . -3.99 -46.13 -29.63
N3 ADP Q . -3.16 -45.05 -29.96
C4 ADP Q . -2.30 -45.23 -30.97
PB ADP R . -24.87 1.99 -33.86
O1B ADP R . -24.80 0.71 -33.11
O2B ADP R . -23.78 2.33 -34.80
O3B ADP R . -26.11 2.02 -34.66
PA ADP R . -25.14 2.99 -31.20
O1A ADP R . -24.25 3.91 -30.44
O2A ADP R . -25.30 1.55 -30.87
O3A ADP R . -25.06 3.20 -32.80
O5' ADP R . -26.62 3.55 -30.92
C5' ADP R . -27.23 4.56 -31.73
C4' ADP R . -28.23 5.35 -30.88
O4' ADP R . -28.91 4.47 -29.97
C3' ADP R . -27.61 6.41 -29.99
O3' ADP R . -27.46 7.61 -30.77
C2' ADP R . -28.73 6.57 -28.98
O2' ADP R . -29.90 7.19 -29.55
C1' ADP R . -28.97 5.09 -28.67
N9 ADP R . -27.95 4.50 -27.77
C8 ADP R . -26.92 5.10 -27.21
N7 ADP R . -26.23 4.26 -26.44
C5 ADP R . -26.84 3.09 -26.50
C6 ADP R . -26.62 1.89 -25.95
N6 ADP R . -25.58 1.73 -25.15
N1 ADP R . -27.44 0.85 -26.20
C2 ADP R . -28.54 1.00 -27.03
N3 ADP R . -28.76 2.27 -27.61
C4 ADP R . -27.90 3.23 -27.31
PB ADP S . 38.02 29.05 23.58
O1B ADP S . 39.09 30.07 23.70
O2B ADP S . 38.39 27.62 23.57
O3B ADP S . 37.12 29.29 24.73
PA ADP S . 37.45 30.43 21.16
O1A ADP S . 37.09 30.02 19.79
O2A ADP S . 38.76 31.05 21.46
O3A ADP S . 37.08 29.37 22.31
O5' ADP S . 36.39 31.60 21.49
C5' ADP S . 35.23 31.82 20.69
C4' ADP S . 35.30 33.14 19.91
O4' ADP S . 35.77 34.29 20.62
C3' ADP S . 36.24 33.08 18.72
O3' ADP S . 35.45 32.35 17.75
C2' ADP S . 36.34 34.54 18.33
O2' ADP S . 35.36 34.99 17.38
C1' ADP S . 36.12 35.29 19.64
N9 ADP S . 37.28 36.13 20.05
C8 ADP S . 38.55 35.80 20.19
N7 ADP S . 39.26 36.86 20.57
C5 ADP S . 38.41 37.90 20.68
C6 ADP S . 38.50 39.19 21.00
N6 ADP S . 39.71 39.65 21.32
N1 ADP S . 37.45 40.01 21.02
C2 ADP S . 36.19 39.50 20.67
N3 ADP S . 36.08 38.15 20.32
C4 ADP S . 37.20 37.41 20.34
PB ADP T . -2.76 10.75 40.88
O1B ADP T . -2.37 12.03 40.25
O2B ADP T . -1.87 9.58 40.70
O3B ADP T . -2.98 11.00 42.33
PA ADP T . -5.05 11.32 39.40
O1A ADP T . -5.70 10.57 38.29
O2A ADP T . -4.36 12.62 39.21
O3A ADP T . -4.24 10.36 40.39
O5' ADP T . -6.29 11.67 40.36
C5' ADP T . -6.78 10.75 41.34
C4' ADP T . -8.27 11.00 41.52
O4' ADP T . -8.59 12.38 41.34
C3' ADP T . -9.17 10.31 40.49
O3' ADP T . -9.40 8.99 41.01
C2' ADP T . -10.42 11.15 40.63
O2' ADP T . -11.06 10.95 41.89
C1' ADP T . -9.77 12.52 40.54
N9 ADP T . -9.38 12.94 39.17
C8 ADP T . -9.53 12.23 38.05
N7 ADP T . -9.10 12.92 36.99
C5 ADP T . -8.67 14.09 37.46
C6 ADP T . -8.14 15.18 36.88
N6 ADP T . -7.94 15.15 35.57
N1 ADP T . -7.78 16.25 37.59
C2 ADP T . -7.97 16.26 38.98
N3 ADP T . -8.54 15.14 39.57
C4 ADP T . -8.85 14.10 38.77
#